data_6DRJ
#
_entry.id   6DRJ
#
_cell.length_a   1
_cell.length_b   1
_cell.length_c   1
_cell.angle_alpha   90.00
_cell.angle_beta   90.00
_cell.angle_gamma   90.00
#
_symmetry.space_group_name_H-M   'P 1'
#
loop_
_entity.id
_entity.type
_entity.pdbx_description
1 polymer 'Transient receptor potential cation channel, subfamily M, member 2'
2 non-polymer ADENOSINE-5-DIPHOSPHORIBOSE
3 non-polymer 'CALCIUM ION'
#
_entity_poly.entity_id   1
_entity_poly.type   'polypeptide(L)'
_entity_poly.pdbx_seq_one_letter_code
;MLGTSGVKIHPNGNSNQLGVQLENVKLTSLFKKLDKRCSLASWIKENIKKKECCFYVEDGREGICKCGYPKVQHCDEAIK
PEDYMGEQWDKHRHVRETPTDAFGDISFGGLGQKTGKYVRVSSDTSCENLYQLMTEQWKLRSPNLLISVTGGAKNFYIKT
HLKDKFRRGLIKVAQTTGAWILTGGTHAGVMKHVGMAVRDYTLSSGSMEGQIVVIGVAPWGVIHNRSTLIHPEGRFPAYY
SLDEQGQGRLSCLDINHTHFLLVDDGTQGHYGVEIELRARLEKLISKLSLGNRESGVTIPVVCVVLDGGPGTLNTIYNSM
LNHTPCVVLEGSGRLADVIAHVASVPVSKVTMALINRLLKRFFMQEYKNFTELQIIEWTKKIQDILRMPHLLTVFRIDED
KNYDVDVAILQALLKASRSDEHAGRHCWERQLELAVAWNRVDIAESEIFTEESQWTSSDLHPAMFSALVGDKPEFVRLLL
ENGVCVREFLEREETLCELYSHLPSCFFLRKLAKRVQGGKMRRGQEPLPGSRKVCLSHVSEEVRHLLGSFTQPLYIASRY
KPTKDDVRLKVPSKGALDLPCSGEEWSADTVWDPGRDLFLWAVVQNNRELAEIGWEQCRDCIAAALAASKILRKLAQESG
EDDSEEATEMLELANHYEKQAIGVFSECHSWDAQRAQKLLIRISPSWGRSTCLWLALEAHDKSFIAHSGVQALLTQIWCG
ELSVDNPHWKVLLCMIFFPLIYTGFLTFRRDEDIQRQAERTQQKLAMESVFAGQSDGKIKRHLRGFSQKSELKPLNCSSR
LMSFLKSPQVKFYWNIASYFGFLWLFAVVLMIDFQTSPSWRELLLYVWLTSLVCEEIRQLYHDFDGSGFRRKAKMYIKDL
WNILDVLSIVLFIAGLICRLQASDTVFYIGKVILCIDFIIFCLRLMAIFSISRTLGPKIIIVRRMMLDLFFFMFLLSIWV
VAYGVAKQGILIENEERLNWIIRGAVYEPYITIFGNFPTNIDNTLFDISSCSVNASDPLKPKCPMLNADNTPVFPEWLTI
MMLCVYLLFANILLLNLLIAIFNYTFQEVQDNTDTIWKFQRYELIKEYHSRPALPPPFILLSHLILFIRGVFLRDLPQRH
KNFRQELEQTEEEELLSWEAYMKDNYLASTRQDESQSVEHRIHDTAEKVGAMSELLEREQEMVSATMAKRLARLEEQVSE
SAKALRWIIDALKSQGCKSKVQPPLMRSKSSDRDDGDSSGQETDDEEAPHMFARQLQYPDSTVRRFPVPEEKVSWEVNFS
PYQPPVYNQQDSSESDTSALDKHRNPGGRTGIRGKGALNTLGPNHILHPIFTRWRDAEHKVLEFLAVWEDAEKRWALLGG
PAQPDEPLAQVLERILGKKLNEKTKTLLKAGEEVYKGYVDDSRNTDNAWVETSIITLHCDKNTPLMADLNHMVESSLSSH
QPLQWREVSSDACRCSYQREALRQIAHHHNTYF
;
_entity_poly.pdbx_strand_id   A,B,C,D
#
loop_
_chem_comp.id
_chem_comp.type
_chem_comp.name
_chem_comp.formula
APR non-polymer ADENOSINE-5-DIPHOSPHORIBOSE 'C15 H23 N5 O14 P2'
CA non-polymer 'CALCIUM ION' 'Ca 2'
#
# COMPACT_ATOMS: atom_id res chain seq x y z
N CYS A 38 64.70 -28.65 0.13
CA CYS A 38 65.71 -29.23 -0.74
C CYS A 38 65.56 -30.74 -0.86
N SER A 39 64.48 -31.27 -0.30
CA SER A 39 64.18 -32.69 -0.48
C SER A 39 63.49 -32.94 -1.80
N LEU A 40 62.71 -31.97 -2.28
CA LEU A 40 62.12 -32.06 -3.61
C LEU A 40 63.20 -32.07 -4.70
N ALA A 41 64.35 -31.43 -4.43
CA ALA A 41 65.42 -31.32 -5.42
C ALA A 41 66.02 -32.68 -5.79
N SER A 42 65.88 -33.68 -4.92
CA SER A 42 66.31 -35.03 -5.28
C SER A 42 65.46 -35.60 -6.40
N TRP A 43 64.14 -35.35 -6.34
CA TRP A 43 63.23 -35.86 -7.37
C TRP A 43 63.21 -34.98 -8.61
N ILE A 44 63.29 -33.65 -8.43
CA ILE A 44 63.03 -32.72 -9.52
C ILE A 44 64.18 -32.60 -10.50
N LYS A 45 65.34 -33.17 -10.20
CA LYS A 45 66.43 -33.32 -11.16
C LYS A 45 66.63 -34.78 -11.55
N GLU A 46 65.77 -35.67 -11.10
CA GLU A 46 65.88 -37.08 -11.42
C GLU A 46 64.68 -37.62 -12.17
N ASN A 47 63.62 -36.83 -12.33
CA ASN A 47 62.48 -37.29 -13.11
C ASN A 47 62.20 -36.42 -14.33
N ILE A 48 62.14 -35.10 -14.14
CA ILE A 48 61.57 -34.21 -15.14
C ILE A 48 62.65 -33.67 -16.07
N LYS A 49 62.44 -33.81 -17.37
CA LYS A 49 63.40 -33.39 -18.39
C LYS A 49 63.07 -31.99 -18.93
N LYS A 50 63.84 -31.55 -19.93
CA LYS A 50 63.64 -30.28 -20.62
C LYS A 50 64.01 -30.48 -22.08
N LYS A 51 63.81 -29.44 -22.90
CA LYS A 51 64.03 -29.52 -24.34
C LYS A 51 64.94 -28.38 -24.82
N GLU A 52 65.66 -28.65 -25.91
CA GLU A 52 66.69 -27.74 -26.41
C GLU A 52 66.83 -27.94 -27.91
N CYS A 53 67.80 -27.24 -28.47
CA CYS A 53 68.23 -27.33 -29.87
C CYS A 53 67.09 -27.02 -30.82
N VAL A 95 64.45 -31.88 -32.50
CA VAL A 95 64.89 -31.33 -31.22
C VAL A 95 65.06 -32.45 -30.19
N ARG A 96 66.08 -32.32 -29.36
CA ARG A 96 66.45 -33.34 -28.39
C ARG A 96 66.09 -32.88 -26.99
N GLU A 97 66.04 -33.84 -26.07
CA GLU A 97 65.64 -33.57 -24.71
C GLU A 97 66.80 -33.85 -23.76
N THR A 98 66.78 -33.14 -22.63
CA THR A 98 67.82 -33.26 -21.61
C THR A 98 67.19 -33.05 -20.24
N PRO A 99 67.87 -33.36 -19.12
CA PRO A 99 67.31 -33.04 -17.80
C PRO A 99 67.21 -31.54 -17.54
N THR A 100 66.17 -31.15 -16.81
CA THR A 100 65.81 -29.75 -16.64
C THR A 100 66.64 -29.07 -15.57
N ASP A 101 66.50 -27.75 -15.52
CA ASP A 101 67.10 -26.91 -14.50
C ASP A 101 66.14 -25.77 -14.21
N ALA A 102 66.63 -24.76 -13.47
CA ALA A 102 65.94 -23.48 -13.24
C ALA A 102 64.58 -23.66 -12.54
N PHE A 103 64.61 -24.24 -11.35
CA PHE A 103 63.42 -24.49 -10.56
C PHE A 103 63.64 -24.01 -9.13
N GLY A 104 62.56 -23.61 -8.46
CA GLY A 104 62.71 -23.14 -7.09
C GLY A 104 61.52 -22.42 -6.51
N ASP A 105 61.76 -21.27 -5.89
CA ASP A 105 60.72 -20.41 -5.33
C ASP A 105 61.05 -18.97 -5.69
N ILE A 106 60.17 -18.32 -6.44
CA ILE A 106 60.33 -16.91 -6.78
C ILE A 106 59.62 -16.04 -5.75
N SER A 107 60.24 -14.91 -5.43
CA SER A 107 59.63 -13.91 -4.58
C SER A 107 59.67 -12.57 -5.28
N PHE A 108 58.58 -11.81 -5.17
CA PHE A 108 58.43 -10.57 -5.89
C PHE A 108 58.96 -9.39 -5.07
N GLY A 109 58.65 -8.19 -5.57
CA GLY A 109 59.22 -6.94 -5.05
C GLY A 109 58.99 -6.73 -3.58
N GLY A 110 57.77 -6.94 -3.09
CA GLY A 110 57.58 -6.77 -1.64
C GLY A 110 58.44 -7.78 -0.92
N LEU A 111 59.17 -7.35 0.11
CA LEU A 111 60.10 -8.28 0.82
C LEU A 111 59.30 -9.40 1.49
N GLY A 112 58.14 -9.08 2.04
CA GLY A 112 57.36 -10.09 2.74
C GLY A 112 56.23 -10.63 1.91
N GLN A 113 56.14 -10.36 0.61
CA GLN A 113 54.93 -10.94 -0.01
C GLN A 113 55.25 -12.38 -0.39
N LYS A 114 54.38 -13.30 0.03
CA LYS A 114 54.67 -14.73 0.09
C LYS A 114 55.12 -15.32 -1.24
N THR A 115 56.20 -16.10 -1.19
CA THR A 115 56.85 -16.58 -2.40
C THR A 115 56.04 -17.69 -3.05
N GLY A 116 56.34 -17.94 -4.32
CA GLY A 116 55.68 -19.02 -5.02
C GLY A 116 56.55 -20.25 -5.15
N LYS A 117 56.35 -21.02 -6.22
CA LYS A 117 57.11 -22.23 -6.51
C LYS A 117 57.07 -22.43 -8.01
N TYR A 118 58.22 -22.39 -8.66
CA TYR A 118 58.28 -22.48 -10.11
C TYR A 118 59.10 -23.70 -10.54
N VAL A 119 58.59 -24.44 -11.52
CA VAL A 119 59.26 -25.57 -12.15
C VAL A 119 58.99 -25.49 -13.64
N ARG A 120 60.04 -25.55 -14.46
CA ARG A 120 59.84 -25.65 -15.90
C ARG A 120 59.69 -27.12 -16.29
N VAL A 121 58.69 -27.40 -17.13
CA VAL A 121 58.44 -28.73 -17.70
C VAL A 121 58.22 -28.55 -19.17
N SER A 122 59.06 -29.15 -20.01
CA SER A 122 59.13 -28.74 -21.42
C SER A 122 58.18 -29.56 -22.29
N SER A 123 56.88 -29.28 -22.12
CA SER A 123 55.79 -29.54 -23.08
C SER A 123 55.52 -31.01 -23.36
N ASP A 124 56.26 -31.95 -22.78
CA ASP A 124 56.06 -33.36 -23.07
C ASP A 124 56.60 -34.13 -21.88
N THR A 125 55.71 -34.66 -21.05
CA THR A 125 56.13 -35.37 -19.85
C THR A 125 55.13 -36.47 -19.56
N SER A 126 55.56 -37.41 -18.71
CA SER A 126 54.68 -38.48 -18.30
C SER A 126 53.61 -37.97 -17.36
N CYS A 127 52.44 -38.62 -17.40
CA CYS A 127 51.38 -38.27 -16.47
C CYS A 127 51.71 -38.70 -15.05
N GLU A 128 52.47 -39.78 -14.89
CA GLU A 128 52.82 -40.26 -13.56
C GLU A 128 53.82 -39.34 -12.88
N ASN A 129 54.80 -38.83 -13.63
CA ASN A 129 55.80 -37.93 -13.06
C ASN A 129 55.16 -36.59 -12.71
N LEU A 130 54.28 -36.09 -13.56
CA LEU A 130 53.56 -34.86 -13.28
C LEU A 130 52.60 -35.04 -12.10
N TYR A 131 52.02 -36.24 -11.98
CA TYR A 131 51.15 -36.55 -10.86
C TYR A 131 51.92 -36.58 -9.55
N GLN A 132 53.12 -37.18 -9.56
CA GLN A 132 53.96 -37.19 -8.37
C GLN A 132 54.46 -35.81 -8.01
N LEU A 133 54.73 -34.97 -9.00
CA LEU A 133 55.04 -33.57 -8.74
C LEU A 133 53.85 -32.82 -8.17
N MET A 134 52.64 -33.21 -8.57
CA MET A 134 51.46 -32.41 -8.27
C MET A 134 51.01 -32.57 -6.83
N THR A 135 51.04 -33.79 -6.29
CA THR A 135 50.46 -34.05 -5.00
C THR A 135 51.44 -34.51 -3.93
N GLU A 136 52.68 -34.85 -4.28
CA GLU A 136 53.63 -35.36 -3.31
C GLU A 136 54.76 -34.38 -3.03
N GLN A 137 55.46 -33.93 -4.08
CA GLN A 137 56.65 -33.11 -3.88
C GLN A 137 56.33 -31.64 -3.70
N TRP A 138 55.07 -31.23 -3.88
CA TRP A 138 54.65 -29.87 -3.56
C TRP A 138 53.75 -29.81 -2.33
N LYS A 139 53.45 -30.97 -1.73
CA LYS A 139 52.60 -31.11 -0.54
C LYS A 139 51.27 -30.37 -0.70
N LEU A 140 50.49 -30.81 -1.67
CA LEU A 140 49.27 -30.11 -2.07
C LEU A 140 48.10 -31.06 -1.94
N ARG A 141 47.09 -30.65 -1.17
CA ARG A 141 45.98 -31.52 -0.81
C ARG A 141 45.03 -31.72 -2.00
N SER A 142 44.08 -32.62 -1.80
CA SER A 142 43.11 -32.97 -2.81
C SER A 142 42.13 -31.80 -3.08
N PRO A 143 41.66 -31.66 -4.32
CA PRO A 143 40.76 -30.56 -4.66
C PRO A 143 39.30 -30.90 -4.50
N ASN A 144 38.45 -29.88 -4.52
CA ASN A 144 37.01 -30.06 -4.46
C ASN A 144 36.28 -29.54 -5.70
N LEU A 145 36.81 -28.52 -6.36
CA LEU A 145 36.19 -27.93 -7.55
C LEU A 145 37.26 -27.20 -8.33
N LEU A 146 37.56 -27.66 -9.54
CA LEU A 146 38.52 -27.00 -10.42
C LEU A 146 37.78 -26.08 -11.37
N ILE A 147 38.22 -24.84 -11.46
CA ILE A 147 37.65 -23.86 -12.39
C ILE A 147 38.80 -23.28 -13.20
N SER A 148 38.55 -23.06 -14.50
CA SER A 148 39.58 -22.58 -15.41
C SER A 148 39.09 -21.34 -16.14
N VAL A 149 39.95 -20.33 -16.24
CA VAL A 149 39.57 -19.04 -16.80
C VAL A 149 40.42 -18.77 -18.02
N THR A 150 39.78 -18.61 -19.17
CA THR A 150 40.44 -18.26 -20.43
C THR A 150 39.90 -16.93 -20.92
N GLY A 151 40.78 -16.07 -21.40
CA GLY A 151 40.36 -14.78 -21.89
C GLY A 151 41.45 -14.13 -22.73
N GLY A 152 41.14 -12.93 -23.21
CA GLY A 152 42.10 -12.21 -24.04
C GLY A 152 43.19 -11.57 -23.21
N ALA A 153 44.40 -11.55 -23.78
CA ALA A 153 45.54 -10.86 -23.20
C ALA A 153 46.01 -9.79 -24.18
N LYS A 154 46.24 -8.57 -23.72
CA LYS A 154 46.83 -7.58 -24.65
C LYS A 154 45.82 -7.10 -25.67
N ASN A 155 44.56 -7.42 -25.48
CA ASN A 155 43.52 -6.86 -26.36
C ASN A 155 42.18 -6.83 -25.64
N PHE A 156 42.18 -6.89 -24.32
CA PHE A 156 41.02 -7.16 -23.49
C PHE A 156 40.42 -5.85 -23.00
N TYR A 157 39.20 -5.61 -23.43
CA TYR A 157 38.50 -4.40 -22.97
C TYR A 157 37.11 -4.81 -22.47
N ILE A 158 36.72 -4.31 -21.32
CA ILE A 158 35.40 -4.52 -20.72
C ILE A 158 35.05 -3.22 -20.00
N LYS A 159 33.76 -2.87 -20.02
CA LYS A 159 33.27 -1.74 -19.23
C LYS A 159 33.46 -1.99 -17.74
N THR A 160 33.46 -0.90 -16.97
CA THR A 160 33.74 -0.99 -15.54
C THR A 160 32.63 -1.71 -14.78
N HIS A 161 31.38 -1.58 -15.25
CA HIS A 161 30.24 -2.17 -14.56
C HIS A 161 30.28 -3.70 -14.66
N LEU A 162 30.46 -4.22 -15.87
CA LEU A 162 30.53 -5.66 -16.09
C LEU A 162 31.75 -6.28 -15.41
N LYS A 163 32.87 -5.56 -15.43
CA LYS A 163 34.09 -6.03 -14.77
C LYS A 163 33.89 -6.13 -13.26
N ASP A 164 33.21 -5.14 -12.67
CA ASP A 164 32.97 -5.15 -11.24
C ASP A 164 32.03 -6.28 -10.84
N LYS A 165 30.96 -6.48 -11.62
CA LYS A 165 30.05 -7.59 -11.32
C LYS A 165 30.73 -8.94 -11.48
N PHE A 166 31.63 -9.07 -12.45
CA PHE A 166 32.32 -10.33 -12.67
C PHE A 166 33.27 -10.66 -11.53
N ARG A 167 34.06 -9.68 -11.06
CA ARG A 167 34.97 -9.98 -9.96
C ARG A 167 34.21 -10.24 -8.66
N ARG A 168 33.08 -9.55 -8.45
CA ARG A 168 32.29 -9.80 -7.26
C ARG A 168 31.65 -11.19 -7.29
N GLY A 169 31.26 -11.69 -8.47
CA GLY A 169 30.78 -13.05 -8.55
C GLY A 169 31.88 -14.09 -8.43
N LEU A 170 33.05 -13.79 -8.99
CA LEU A 170 34.13 -14.76 -9.02
C LEU A 170 34.73 -14.96 -7.63
N ILE A 171 34.68 -13.94 -6.77
CA ILE A 171 35.13 -14.12 -5.40
C ILE A 171 34.25 -15.13 -4.67
N LYS A 172 32.92 -14.98 -4.80
CA LYS A 172 32.01 -15.87 -4.08
C LYS A 172 32.08 -17.30 -4.61
N VAL A 173 32.28 -17.46 -5.92
CA VAL A 173 32.55 -18.79 -6.48
C VAL A 173 33.82 -19.37 -5.89
N ALA A 174 34.88 -18.57 -5.82
CA ALA A 174 36.18 -19.08 -5.40
C ALA A 174 36.33 -19.26 -3.90
N GLN A 175 35.40 -18.77 -3.08
CA GLN A 175 35.62 -18.86 -1.63
C GLN A 175 34.70 -19.85 -0.90
N THR A 176 33.46 -20.02 -1.34
CA THR A 176 32.52 -20.86 -0.60
C THR A 176 32.89 -22.33 -0.69
N THR A 177 33.47 -22.74 -1.81
CA THR A 177 34.03 -24.06 -1.95
C THR A 177 35.55 -23.99 -1.81
N GLY A 178 36.15 -25.13 -1.46
CA GLY A 178 37.60 -25.21 -1.40
C GLY A 178 38.18 -25.42 -2.77
N ALA A 179 38.12 -24.38 -3.61
CA ALA A 179 38.33 -24.54 -5.03
C ALA A 179 39.80 -24.45 -5.40
N TRP A 180 40.10 -24.86 -6.63
CA TRP A 180 41.32 -24.48 -7.33
C TRP A 180 40.91 -23.65 -8.52
N ILE A 181 41.67 -22.61 -8.80
CA ILE A 181 41.45 -21.78 -9.97
C ILE A 181 42.72 -21.82 -10.83
N LEU A 182 42.54 -21.99 -12.12
CA LEU A 182 43.65 -22.21 -13.04
C LEU A 182 43.55 -21.24 -14.19
N THR A 183 44.70 -20.68 -14.58
CA THR A 183 44.73 -19.73 -15.68
C THR A 183 46.12 -19.70 -16.28
N GLY A 184 46.26 -19.01 -17.40
CA GLY A 184 47.55 -18.82 -18.03
C GLY A 184 48.28 -17.62 -17.49
N GLY A 185 48.78 -17.72 -16.26
CA GLY A 185 49.25 -16.55 -15.54
C GLY A 185 50.42 -15.79 -16.12
N THR A 186 50.11 -14.64 -16.72
CA THR A 186 51.04 -13.61 -17.17
C THR A 186 50.34 -12.27 -16.95
N HIS A 187 51.10 -11.24 -16.60
CA HIS A 187 50.50 -9.98 -16.16
C HIS A 187 49.96 -9.23 -17.37
N ALA A 188 48.81 -9.70 -17.89
CA ALA A 188 48.19 -9.10 -19.08
C ALA A 188 46.71 -9.43 -19.10
N GLY A 189 45.88 -8.46 -18.74
CA GLY A 189 44.44 -8.55 -18.96
C GLY A 189 43.64 -9.36 -17.97
N VAL A 190 43.09 -10.49 -18.43
CA VAL A 190 42.15 -11.25 -17.63
C VAL A 190 42.86 -11.94 -16.47
N MET A 191 44.15 -12.28 -16.64
CA MET A 191 44.92 -12.84 -15.54
C MET A 191 45.15 -11.80 -14.46
N LYS A 192 45.36 -10.54 -14.87
CA LYS A 192 45.43 -9.45 -13.91
C LYS A 192 44.11 -9.27 -13.16
N HIS A 193 43.00 -9.35 -13.88
CA HIS A 193 41.70 -9.19 -13.23
C HIS A 193 41.35 -10.38 -12.33
N VAL A 194 41.93 -11.55 -12.56
CA VAL A 194 41.73 -12.65 -11.64
C VAL A 194 42.62 -12.49 -10.41
N GLY A 195 43.89 -12.15 -10.62
CA GLY A 195 44.82 -12.01 -9.50
C GLY A 195 44.49 -10.87 -8.57
N MET A 196 43.88 -9.80 -9.09
CA MET A 196 43.49 -8.69 -8.21
C MET A 196 42.30 -9.06 -7.34
N ALA A 197 41.36 -9.84 -7.87
CA ALA A 197 40.26 -10.33 -7.05
C ALA A 197 40.77 -11.32 -5.99
N VAL A 198 41.77 -12.12 -6.35
CA VAL A 198 42.33 -13.07 -5.39
C VAL A 198 43.09 -12.34 -4.28
N ARG A 199 43.81 -11.25 -4.62
CA ARG A 199 44.52 -10.51 -3.57
C ARG A 199 43.54 -9.73 -2.70
N ASP A 200 42.47 -9.21 -3.30
CA ASP A 200 41.42 -8.56 -2.54
C ASP A 200 40.75 -9.51 -1.57
N TYR A 201 40.55 -10.78 -1.96
CA TYR A 201 39.96 -11.71 -1.02
C TYR A 201 40.95 -12.17 0.04
N THR A 202 42.22 -12.37 -0.33
CA THR A 202 43.16 -12.89 0.66
C THR A 202 43.57 -11.82 1.67
N LEU A 203 43.44 -10.53 1.31
CA LEU A 203 43.45 -9.48 2.33
C LEU A 203 42.13 -9.47 3.09
N SER A 204 41.02 -9.66 2.38
CA SER A 204 39.70 -9.70 3.01
C SER A 204 39.55 -10.91 3.93
N SER A 205 40.19 -12.03 3.59
CA SER A 205 40.16 -13.19 4.48
C SER A 205 41.13 -13.03 5.65
N GLY A 206 42.25 -12.36 5.42
CA GLY A 206 43.31 -12.31 6.40
C GLY A 206 44.29 -13.46 6.34
N SER A 207 44.07 -14.43 5.43
CA SER A 207 44.96 -15.58 5.18
C SER A 207 45.24 -16.38 6.45
N MET A 208 44.17 -16.69 7.20
CA MET A 208 44.31 -17.43 8.44
C MET A 208 44.80 -18.85 8.19
N GLU A 209 44.11 -19.58 7.32
CA GLU A 209 44.46 -20.95 6.95
C GLU A 209 43.72 -21.26 5.66
N GLY A 210 44.07 -22.39 5.05
CA GLY A 210 43.47 -22.80 3.79
C GLY A 210 43.80 -21.86 2.65
N GLN A 211 45.08 -21.79 2.28
CA GLN A 211 45.52 -20.89 1.23
C GLN A 211 44.93 -21.29 -0.12
N ILE A 212 44.39 -20.30 -0.85
CA ILE A 212 43.83 -20.56 -2.16
C ILE A 212 44.96 -20.82 -3.15
N VAL A 213 44.78 -21.86 -3.95
CA VAL A 213 45.77 -22.26 -4.95
C VAL A 213 45.33 -21.68 -6.28
N VAL A 214 46.15 -20.79 -6.84
CA VAL A 214 45.89 -20.19 -8.14
C VAL A 214 47.06 -20.62 -9.02
N ILE A 215 46.90 -21.75 -9.68
CA ILE A 215 47.99 -22.37 -10.42
C ILE A 215 48.05 -21.77 -11.82
N GLY A 216 49.26 -21.50 -12.31
CA GLY A 216 49.45 -20.84 -13.58
C GLY A 216 50.28 -21.68 -14.53
N VAL A 217 49.97 -21.57 -15.83
CA VAL A 217 50.68 -22.28 -16.89
C VAL A 217 51.02 -21.26 -17.97
N ALA A 218 52.31 -21.04 -18.21
CA ALA A 218 52.76 -20.04 -19.17
C ALA A 218 53.89 -20.62 -19.99
N PRO A 219 54.08 -20.15 -21.23
CA PRO A 219 55.22 -20.63 -22.01
C PRO A 219 56.55 -20.12 -21.45
N TRP A 220 57.56 -21.00 -21.49
CA TRP A 220 58.90 -20.64 -21.02
C TRP A 220 59.55 -19.65 -21.96
N GLY A 221 59.36 -19.83 -23.26
CA GLY A 221 60.11 -19.04 -24.23
C GLY A 221 59.71 -17.58 -24.23
N VAL A 222 58.41 -17.31 -24.09
CA VAL A 222 57.91 -15.95 -24.30
C VAL A 222 57.89 -15.14 -23.03
N ILE A 223 58.09 -15.76 -21.86
CA ILE A 223 58.27 -14.99 -20.65
C ILE A 223 59.68 -14.42 -20.64
N HIS A 224 59.83 -13.20 -20.16
CA HIS A 224 61.09 -12.50 -20.38
C HIS A 224 61.78 -12.16 -19.07
N ASN A 225 63.07 -11.83 -19.23
CA ASN A 225 64.00 -11.47 -18.15
C ASN A 225 64.13 -12.62 -17.15
N ARG A 226 64.48 -13.78 -17.68
CA ARG A 226 64.74 -14.98 -16.90
C ARG A 226 66.20 -15.13 -16.53
N SER A 227 67.01 -14.09 -16.80
CA SER A 227 68.45 -14.13 -16.54
C SER A 227 68.75 -14.34 -15.07
N THR A 228 68.00 -13.68 -14.21
CA THR A 228 68.05 -13.88 -12.77
C THR A 228 67.33 -15.15 -12.31
N LEU A 229 66.84 -16.01 -13.21
CA LEU A 229 66.07 -17.18 -12.83
C LEU A 229 66.65 -18.50 -13.31
N ILE A 230 67.43 -18.49 -14.38
CA ILE A 230 68.02 -19.73 -14.91
C ILE A 230 69.25 -20.08 -14.08
N HIS A 231 69.25 -21.28 -13.49
CA HIS A 231 70.34 -21.71 -12.64
C HIS A 231 70.34 -23.23 -12.61
N PRO A 232 71.50 -23.89 -12.68
CA PRO A 232 71.53 -25.35 -12.77
C PRO A 232 71.54 -26.09 -11.44
N GLU A 233 71.43 -25.38 -10.31
CA GLU A 233 71.52 -26.00 -9.00
C GLU A 233 70.38 -25.59 -8.06
N GLY A 234 69.43 -24.80 -8.52
CA GLY A 234 68.35 -24.35 -7.67
C GLY A 234 68.63 -23.01 -7.03
N ARG A 235 67.59 -22.18 -6.89
CA ARG A 235 67.74 -20.84 -6.35
C ARG A 235 66.48 -20.53 -5.54
N PHE A 236 66.55 -20.80 -4.23
CA PHE A 236 65.36 -20.82 -3.41
C PHE A 236 64.87 -19.44 -2.96
N PRO A 237 65.74 -18.47 -2.53
CA PRO A 237 65.22 -17.10 -2.38
C PRO A 237 65.35 -16.29 -3.67
N ALA A 238 64.77 -16.80 -4.76
CA ALA A 238 64.95 -16.20 -6.07
C ALA A 238 64.19 -14.89 -6.17
N TYR A 239 64.91 -13.84 -6.53
CA TYR A 239 64.31 -12.52 -6.66
C TYR A 239 63.91 -12.28 -8.11
N TYR A 240 62.86 -11.48 -8.29
CA TYR A 240 62.33 -11.19 -9.60
C TYR A 240 61.62 -9.84 -9.52
N SER A 241 61.79 -9.04 -10.56
CA SER A 241 61.21 -7.71 -10.60
C SER A 241 60.31 -7.57 -11.82
N LEU A 242 59.22 -6.83 -11.65
CA LEU A 242 58.33 -6.53 -12.77
C LEU A 242 58.96 -5.44 -13.62
N ASP A 243 59.10 -5.71 -14.91
CA ASP A 243 59.76 -4.80 -15.83
C ASP A 243 58.76 -3.83 -16.47
N GLU A 244 57.78 -4.37 -17.20
CA GLU A 244 56.66 -3.66 -17.82
C GLU A 244 57.09 -2.62 -18.85
N GLN A 245 58.33 -2.69 -19.33
CA GLN A 245 58.79 -1.82 -20.41
C GLN A 245 59.14 -2.61 -21.66
N GLY A 246 60.02 -3.60 -21.57
CA GLY A 246 60.40 -4.40 -22.71
C GLY A 246 59.41 -5.52 -22.97
N GLN A 247 58.24 -5.17 -23.49
CA GLN A 247 57.15 -6.11 -23.67
C GLN A 247 56.63 -6.16 -25.11
N GLY A 248 57.51 -5.96 -26.09
CA GLY A 248 57.04 -5.93 -27.47
C GLY A 248 56.65 -7.28 -28.01
N ARG A 249 57.58 -8.23 -28.03
CA ARG A 249 57.30 -9.58 -28.49
C ARG A 249 57.37 -10.58 -27.34
N LEU A 250 57.52 -10.11 -26.11
CA LEU A 250 57.59 -10.95 -24.94
C LEU A 250 56.62 -10.39 -23.91
N SER A 251 56.35 -11.18 -22.87
CA SER A 251 55.33 -10.80 -21.90
C SER A 251 55.90 -10.89 -20.49
N CYS A 252 55.34 -10.09 -19.60
CA CYS A 252 55.76 -10.06 -18.21
C CYS A 252 54.97 -11.08 -17.40
N LEU A 253 55.61 -11.60 -16.36
CA LEU A 253 55.00 -12.60 -15.49
C LEU A 253 54.15 -11.91 -14.43
N ASP A 254 53.15 -12.64 -13.93
CA ASP A 254 52.13 -12.04 -13.07
C ASP A 254 52.66 -11.99 -11.63
N ILE A 255 51.84 -11.52 -10.68
CA ILE A 255 52.27 -11.26 -9.32
C ILE A 255 51.51 -12.11 -8.32
N ASN A 256 50.20 -12.25 -8.50
CA ASN A 256 49.31 -12.76 -7.47
C ASN A 256 49.00 -14.25 -7.62
N HIS A 257 49.95 -15.04 -8.12
CA HIS A 257 49.77 -16.48 -8.20
C HIS A 257 50.55 -17.16 -7.09
N THR A 258 50.50 -18.49 -7.05
CA THR A 258 51.25 -19.21 -6.04
C THR A 258 52.07 -20.37 -6.63
N HIS A 259 51.61 -20.95 -7.73
CA HIS A 259 52.34 -22.03 -8.39
C HIS A 259 52.57 -21.64 -9.85
N PHE A 260 53.59 -22.25 -10.46
CA PHE A 260 53.96 -21.91 -11.83
C PHE A 260 54.49 -23.15 -12.54
N LEU A 261 53.90 -23.51 -13.67
CA LEU A 261 54.42 -24.59 -14.52
C LEU A 261 54.73 -23.97 -15.88
N LEU A 262 56.01 -23.75 -16.14
CA LEU A 262 56.41 -23.10 -17.37
C LEU A 262 56.75 -24.16 -18.41
N VAL A 263 56.31 -23.94 -19.64
CA VAL A 263 56.37 -24.96 -20.68
C VAL A 263 57.22 -24.48 -21.84
N ASP A 264 57.97 -25.40 -22.44
CA ASP A 264 59.00 -25.05 -23.42
C ASP A 264 58.96 -26.05 -24.56
N ASP A 265 58.84 -25.52 -25.80
CA ASP A 265 58.74 -26.35 -27.03
C ASP A 265 60.07 -26.40 -27.80
N GLY A 266 61.15 -25.83 -27.24
CA GLY A 266 62.47 -25.83 -27.92
C GLY A 266 62.68 -24.56 -28.75
N THR A 267 61.61 -23.76 -28.89
CA THR A 267 61.62 -22.47 -29.55
C THR A 267 61.52 -21.36 -28.53
N GLN A 268 61.94 -20.16 -28.93
CA GLN A 268 62.01 -19.02 -28.03
C GLN A 268 61.08 -17.89 -28.40
N GLY A 269 60.29 -18.01 -29.47
CA GLY A 269 59.44 -16.90 -29.84
C GLY A 269 57.95 -17.20 -29.96
N HIS A 270 57.60 -18.45 -30.26
CA HIS A 270 56.23 -18.78 -30.62
C HIS A 270 55.31 -18.79 -29.39
N TYR A 271 54.08 -18.34 -29.60
CA TYR A 271 53.04 -18.36 -28.59
C TYR A 271 52.21 -19.63 -28.71
N GLY A 272 51.41 -19.91 -27.69
CA GLY A 272 50.39 -20.92 -27.79
C GLY A 272 50.84 -22.35 -27.60
N VAL A 273 52.00 -22.57 -27.00
CA VAL A 273 52.50 -23.93 -26.78
C VAL A 273 51.73 -24.62 -25.65
N GLU A 274 51.25 -23.83 -24.69
CA GLU A 274 50.84 -24.35 -23.38
C GLU A 274 49.60 -25.24 -23.45
N ILE A 275 48.76 -25.04 -24.47
CA ILE A 275 47.41 -25.58 -24.65
C ILE A 275 47.25 -27.08 -24.38
N GLU A 276 48.17 -27.88 -24.94
CA GLU A 276 48.02 -29.33 -24.88
C GLU A 276 48.24 -29.84 -23.47
N LEU A 277 49.30 -29.37 -22.81
CA LEU A 277 49.52 -29.74 -21.42
C LEU A 277 48.51 -29.09 -20.49
N ARG A 278 47.91 -27.96 -20.89
CA ARG A 278 46.83 -27.38 -20.09
C ARG A 278 45.61 -28.27 -20.07
N ALA A 279 45.19 -28.77 -21.24
CA ALA A 279 44.05 -29.69 -21.31
C ALA A 279 44.37 -31.03 -20.64
N ARG A 280 45.59 -31.53 -20.84
CA ARG A 280 45.96 -32.81 -20.24
C ARG A 280 46.06 -32.69 -18.72
N LEU A 281 46.48 -31.53 -18.23
CA LEU A 281 46.51 -31.27 -16.79
C LEU A 281 45.11 -31.16 -16.22
N GLU A 282 44.16 -30.60 -16.99
CA GLU A 282 42.77 -30.57 -16.55
C GLU A 282 42.22 -31.99 -16.38
N LYS A 283 42.47 -32.86 -17.37
CA LYS A 283 42.01 -34.24 -17.26
C LYS A 283 42.73 -34.98 -16.14
N LEU A 284 44.02 -34.68 -15.93
CA LEU A 284 44.78 -35.33 -14.86
C LEU A 284 44.28 -34.93 -13.48
N ILE A 285 43.95 -33.66 -13.28
CA ILE A 285 43.37 -33.20 -12.02
C ILE A 285 41.99 -33.80 -11.81
N SER A 286 41.24 -34.02 -12.90
CA SER A 286 39.85 -34.46 -12.80
C SER A 286 39.68 -35.84 -12.16
N LYS A 287 40.65 -36.74 -12.33
CA LYS A 287 40.52 -38.08 -11.75
C LYS A 287 41.34 -38.28 -10.48
N LEU A 288 41.72 -37.20 -9.80
CA LEU A 288 42.54 -37.36 -8.59
C LEU A 288 41.74 -37.96 -7.43
N SER A 289 40.46 -37.64 -7.32
CA SER A 289 39.64 -38.16 -6.21
C SER A 289 39.02 -39.51 -6.60
N LEU A 290 39.88 -40.53 -6.62
CA LEU A 290 39.46 -41.89 -6.90
C LEU A 290 40.23 -42.82 -5.97
N GLY A 291 39.50 -43.64 -5.21
CA GLY A 291 40.07 -44.58 -4.21
C GLY A 291 40.15 -43.96 -2.81
N ASN A 292 39.93 -42.65 -2.72
CA ASN A 292 39.91 -41.88 -1.44
C ASN A 292 38.66 -42.23 -0.61
N ARG A 293 37.49 -42.38 -1.23
CA ARG A 293 36.28 -42.64 -0.41
C ARG A 293 35.52 -43.87 -0.91
N GLU A 294 34.27 -44.00 -0.46
CA GLU A 294 33.35 -45.12 -0.75
C GLU A 294 32.98 -45.26 -2.24
N SER A 295 32.69 -44.16 -2.94
CA SER A 295 32.21 -44.26 -4.34
C SER A 295 33.16 -43.58 -5.33
N GLY A 296 33.12 -44.04 -6.59
CA GLY A 296 33.97 -43.50 -7.62
C GLY A 296 33.36 -42.35 -8.41
N VAL A 297 33.21 -41.19 -7.77
CA VAL A 297 32.70 -40.00 -8.43
C VAL A 297 33.85 -39.02 -8.61
N THR A 298 34.02 -38.55 -9.84
CA THR A 298 35.12 -37.65 -10.18
C THR A 298 34.76 -36.20 -9.87
N ILE A 299 35.77 -35.41 -9.52
CA ILE A 299 35.51 -34.01 -9.16
C ILE A 299 35.16 -33.20 -10.40
N PRO A 300 34.24 -32.25 -10.33
CA PRO A 300 33.83 -31.52 -11.52
C PRO A 300 34.83 -30.45 -11.93
N VAL A 301 34.87 -30.19 -13.24
CA VAL A 301 35.68 -29.12 -13.82
C VAL A 301 34.80 -28.25 -14.69
N VAL A 302 35.20 -26.98 -14.84
CA VAL A 302 34.44 -25.95 -15.56
C VAL A 302 35.43 -24.97 -16.19
N CYS A 303 35.27 -24.69 -17.48
CA CYS A 303 36.00 -23.62 -18.14
C CYS A 303 35.10 -22.41 -18.26
N VAL A 304 35.58 -21.26 -17.79
CA VAL A 304 34.85 -20.00 -17.89
C VAL A 304 35.62 -19.11 -18.87
N VAL A 305 35.02 -18.83 -20.01
CA VAL A 305 35.63 -17.99 -21.04
C VAL A 305 34.93 -16.63 -21.06
N LEU A 306 35.72 -15.56 -21.08
CA LEU A 306 35.17 -14.22 -21.05
C LEU A 306 35.13 -13.57 -22.44
N ASP A 307 36.28 -13.35 -23.07
CA ASP A 307 36.46 -13.11 -24.50
C ASP A 307 37.94 -13.15 -24.85
N GLY A 308 38.26 -13.73 -26.00
CA GLY A 308 39.63 -13.74 -26.47
C GLY A 308 39.70 -14.11 -27.94
N GLY A 309 40.86 -13.88 -28.55
CA GLY A 309 40.98 -14.03 -29.97
C GLY A 309 41.24 -15.46 -30.43
N PRO A 310 42.26 -15.65 -31.27
CA PRO A 310 42.52 -16.96 -31.88
C PRO A 310 42.96 -18.03 -30.88
N GLY A 311 43.59 -17.64 -29.77
CA GLY A 311 44.04 -18.63 -28.81
C GLY A 311 42.91 -19.18 -27.96
N THR A 312 41.94 -18.32 -27.62
CA THR A 312 40.87 -18.70 -26.71
C THR A 312 39.94 -19.72 -27.36
N LEU A 313 39.66 -19.57 -28.64
CA LEU A 313 38.89 -20.56 -29.37
C LEU A 313 39.62 -21.89 -29.44
N ASN A 314 40.95 -21.84 -29.55
CA ASN A 314 41.75 -23.05 -29.56
C ASN A 314 41.69 -23.78 -28.23
N THR A 315 41.81 -23.05 -27.12
CA THR A 315 41.79 -23.74 -25.82
C THR A 315 40.38 -24.19 -25.45
N ILE A 316 39.35 -23.49 -25.93
CA ILE A 316 37.97 -23.97 -25.77
C ILE A 316 37.78 -25.30 -26.49
N TYR A 317 38.20 -25.37 -27.76
CA TYR A 317 38.06 -26.60 -28.51
C TYR A 317 38.90 -27.72 -27.92
N ASN A 318 40.09 -27.40 -27.41
CA ASN A 318 40.96 -28.44 -26.90
C ASN A 318 40.48 -28.94 -25.53
N SER A 319 39.78 -28.10 -24.79
CA SER A 319 39.12 -28.58 -23.58
C SER A 319 37.89 -29.41 -23.91
N MET A 320 37.07 -28.95 -24.86
CA MET A 320 35.85 -29.69 -25.20
C MET A 320 36.11 -30.97 -25.96
N LEU A 321 37.32 -31.20 -26.46
CA LEU A 321 37.68 -32.54 -26.94
C LEU A 321 37.59 -33.54 -25.79
N ASN A 322 38.04 -33.14 -24.61
CA ASN A 322 37.78 -33.93 -23.42
C ASN A 322 36.32 -33.77 -23.03
N HIS A 323 35.66 -34.90 -22.74
CA HIS A 323 34.21 -34.88 -22.57
C HIS A 323 33.79 -34.16 -21.30
N THR A 324 34.53 -34.35 -20.22
CA THR A 324 34.14 -33.79 -18.93
C THR A 324 34.14 -32.26 -18.82
N PRO A 325 35.09 -31.48 -19.36
CA PRO A 325 35.00 -30.02 -19.21
C PRO A 325 33.81 -29.41 -19.91
N CYS A 326 33.27 -28.37 -19.31
CA CYS A 326 32.04 -27.72 -19.77
C CYS A 326 32.31 -26.23 -19.89
N VAL A 327 32.24 -25.72 -21.11
CA VAL A 327 32.63 -24.34 -21.38
C VAL A 327 31.43 -23.42 -21.16
N VAL A 328 31.63 -22.37 -20.38
CA VAL A 328 30.58 -21.44 -19.97
C VAL A 328 30.98 -20.06 -20.46
N LEU A 329 30.13 -19.42 -21.27
CA LEU A 329 30.50 -18.21 -22.00
C LEU A 329 29.78 -16.98 -21.48
N GLU A 330 30.52 -15.88 -21.39
CA GLU A 330 29.94 -14.58 -21.06
C GLU A 330 29.12 -14.08 -22.23
N GLY A 331 28.04 -13.35 -21.94
CA GLY A 331 27.21 -12.81 -22.99
C GLY A 331 27.60 -11.40 -23.42
N SER A 332 28.86 -11.02 -23.23
CA SER A 332 29.33 -9.70 -23.63
C SER A 332 30.82 -9.72 -23.83
N GLY A 333 31.25 -9.42 -25.06
CA GLY A 333 32.65 -9.50 -25.43
C GLY A 333 32.79 -9.38 -26.92
N ARG A 334 33.85 -9.98 -27.46
CA ARG A 334 33.93 -10.03 -28.93
C ARG A 334 33.81 -11.44 -29.48
N LEU A 335 34.65 -12.39 -29.07
CA LEU A 335 34.44 -13.77 -29.51
C LEU A 335 33.29 -14.41 -28.76
N ALA A 336 33.02 -13.95 -27.53
CA ALA A 336 31.88 -14.46 -26.82
C ALA A 336 30.56 -14.02 -27.43
N ASP A 337 30.52 -12.83 -28.05
CA ASP A 337 29.34 -12.41 -28.76
C ASP A 337 29.17 -13.15 -30.08
N VAL A 338 30.27 -13.61 -30.67
CA VAL A 338 30.20 -14.45 -31.87
C VAL A 338 29.46 -15.75 -31.58
N ILE A 339 29.88 -16.46 -30.53
CA ILE A 339 29.21 -17.71 -30.20
C ILE A 339 27.83 -17.45 -29.60
N ALA A 340 27.64 -16.32 -28.90
CA ALA A 340 26.32 -15.94 -28.43
C ALA A 340 25.35 -15.61 -29.56
N HIS A 341 25.85 -15.26 -30.74
CA HIS A 341 24.98 -15.09 -31.90
C HIS A 341 24.87 -16.34 -32.76
N VAL A 342 25.89 -17.21 -32.77
CA VAL A 342 25.82 -18.43 -33.54
C VAL A 342 24.95 -19.48 -32.85
N ALA A 343 24.93 -19.49 -31.52
CA ALA A 343 24.23 -20.54 -30.75
C ALA A 343 22.70 -20.48 -30.84
N SER A 344 22.06 -19.66 -31.67
CA SER A 344 20.62 -19.71 -31.86
C SER A 344 20.23 -20.59 -33.04
N VAL A 345 20.92 -20.43 -34.18
CA VAL A 345 20.59 -21.12 -35.42
C VAL A 345 21.01 -22.58 -35.34
N PRO A 346 20.39 -23.48 -36.11
CA PRO A 346 20.87 -24.86 -36.17
C PRO A 346 22.18 -24.98 -36.93
N VAL A 347 22.76 -26.17 -36.84
CA VAL A 347 24.11 -26.43 -37.35
C VAL A 347 24.13 -26.33 -38.88
N SER A 348 23.04 -26.69 -39.53
CA SER A 348 22.98 -26.61 -40.99
C SER A 348 23.01 -25.18 -41.49
N LYS A 349 22.45 -24.24 -40.70
CA LYS A 349 22.27 -22.87 -41.17
C LYS A 349 23.58 -22.12 -41.32
N VAL A 350 24.56 -22.42 -40.45
CA VAL A 350 25.79 -21.62 -40.42
C VAL A 350 26.64 -21.91 -41.65
N THR A 351 27.17 -20.85 -42.25
CA THR A 351 28.02 -20.93 -43.43
C THR A 351 29.24 -20.05 -43.24
N MET A 352 30.13 -20.12 -44.22
CA MET A 352 31.36 -19.31 -44.19
C MET A 352 31.10 -17.84 -44.45
N ALA A 353 29.96 -17.50 -45.07
CA ALA A 353 29.62 -16.09 -45.24
C ALA A 353 29.13 -15.47 -43.95
N LEU A 354 28.37 -16.23 -43.15
CA LEU A 354 27.82 -15.72 -41.90
C LEU A 354 28.91 -15.43 -40.88
N ILE A 355 29.89 -16.33 -40.77
CA ILE A 355 30.97 -16.14 -39.82
C ILE A 355 31.90 -15.02 -40.28
N ASN A 356 32.07 -14.86 -41.59
CA ASN A 356 32.84 -13.73 -42.10
C ASN A 356 32.15 -12.40 -41.81
N ARG A 357 30.82 -12.39 -41.93
CA ARG A 357 30.03 -11.21 -41.59
C ARG A 357 30.15 -10.87 -40.10
N LEU A 358 30.09 -11.90 -39.24
CA LEU A 358 30.20 -11.67 -37.80
C LEU A 358 31.62 -11.28 -37.39
N LEU A 359 32.65 -11.80 -38.06
CA LEU A 359 34.01 -11.39 -37.75
C LEU A 359 34.24 -9.94 -38.15
N LYS A 360 33.68 -9.53 -39.28
CA LYS A 360 33.82 -8.09 -39.63
C LYS A 360 33.08 -7.27 -38.57
N ARG A 361 31.90 -7.74 -38.16
CA ARG A 361 31.06 -6.99 -37.20
C ARG A 361 31.65 -6.89 -35.80
N PHE A 362 32.23 -7.97 -35.25
CA PHE A 362 32.71 -7.97 -33.84
C PHE A 362 34.18 -7.58 -33.70
N PHE A 363 35.08 -8.11 -34.51
CA PHE A 363 36.48 -7.64 -34.42
C PHE A 363 36.59 -6.41 -35.33
N MET A 364 36.09 -5.25 -34.89
CA MET A 364 36.09 -4.06 -35.77
C MET A 364 37.53 -3.74 -36.15
N GLN A 365 38.42 -3.68 -35.18
CA GLN A 365 39.85 -3.39 -35.48
C GLN A 365 40.59 -4.72 -35.50
N GLU A 366 41.63 -4.81 -36.33
CA GLU A 366 42.53 -5.98 -36.53
C GLU A 366 41.85 -7.08 -37.37
N TYR A 367 40.69 -6.79 -37.97
CA TYR A 367 40.02 -7.79 -38.84
C TYR A 367 40.91 -7.99 -40.06
N LYS A 368 41.46 -6.89 -40.56
CA LYS A 368 42.28 -6.94 -41.81
C LYS A 368 43.46 -7.93 -41.76
N ASN A 369 44.16 -8.02 -40.64
CA ASN A 369 45.36 -8.83 -40.48
C ASN A 369 45.13 -10.33 -40.63
N PHE A 370 43.89 -10.73 -40.89
CA PHE A 370 43.48 -12.17 -40.95
C PHE A 370 43.61 -12.80 -42.34
N THR A 371 44.22 -14.00 -42.41
CA THR A 371 44.28 -14.72 -43.68
C THR A 371 42.97 -15.47 -43.94
N GLU A 372 42.66 -15.65 -45.22
CA GLU A 372 41.48 -16.43 -45.60
C GLU A 372 41.59 -17.88 -45.16
N LEU A 373 42.81 -18.45 -45.20
CA LEU A 373 43.02 -19.82 -44.74
C LEU A 373 42.78 -19.95 -43.24
N GLN A 374 43.19 -18.93 -42.48
CA GLN A 374 42.91 -18.89 -41.05
C GLN A 374 41.42 -18.76 -40.78
N ILE A 375 40.71 -18.02 -41.63
CA ILE A 375 39.25 -17.96 -41.55
C ILE A 375 38.63 -19.33 -41.84
N ILE A 376 39.22 -20.07 -42.80
CA ILE A 376 38.76 -21.42 -43.10
C ILE A 376 38.97 -22.36 -41.92
N GLU A 377 40.05 -22.15 -41.15
CA GLU A 377 40.27 -22.96 -39.95
C GLU A 377 39.25 -22.64 -38.87
N TRP A 378 39.01 -21.36 -38.60
CA TRP A 378 38.00 -21.04 -37.55
C TRP A 378 36.65 -21.59 -37.99
N THR A 379 36.26 -21.36 -39.24
CA THR A 379 34.94 -21.80 -39.67
C THR A 379 34.78 -23.32 -39.73
N LYS A 380 35.76 -24.09 -39.27
CA LYS A 380 35.57 -25.51 -39.00
C LYS A 380 35.56 -25.75 -37.50
N LYS A 381 36.42 -25.03 -36.78
CA LYS A 381 36.43 -25.05 -35.32
C LYS A 381 35.06 -24.70 -34.74
N ILE A 382 34.38 -23.71 -35.33
CA ILE A 382 33.13 -23.25 -34.74
C ILE A 382 32.00 -24.28 -34.92
N GLN A 383 31.96 -24.98 -36.05
CA GLN A 383 30.95 -26.04 -36.15
C GLN A 383 31.29 -27.24 -35.28
N ASP A 384 32.58 -27.53 -35.08
CA ASP A 384 32.91 -28.61 -34.14
C ASP A 384 32.62 -28.22 -32.70
N ILE A 385 32.62 -26.93 -32.38
CA ILE A 385 32.14 -26.50 -31.08
C ILE A 385 30.62 -26.56 -30.99
N LEU A 386 29.91 -26.25 -32.07
CA LEU A 386 28.45 -26.28 -32.05
C LEU A 386 27.89 -27.68 -32.24
N ARG A 387 28.73 -28.67 -32.52
CA ARG A 387 28.23 -30.02 -32.76
C ARG A 387 27.69 -30.65 -31.49
N MET A 388 28.40 -30.50 -30.36
CA MET A 388 27.91 -31.02 -29.08
C MET A 388 27.23 -29.93 -28.27
N PRO A 389 25.89 -29.87 -28.25
CA PRO A 389 25.19 -28.75 -27.63
C PRO A 389 25.08 -28.85 -26.12
N HIS A 390 25.44 -29.97 -25.53
CA HIS A 390 25.28 -30.18 -24.10
C HIS A 390 26.57 -29.90 -23.33
N LEU A 391 27.49 -29.15 -23.94
CA LEU A 391 28.70 -28.67 -23.27
C LEU A 391 28.87 -27.17 -23.47
N LEU A 392 27.87 -26.47 -24.00
CA LEU A 392 28.01 -25.09 -24.40
C LEU A 392 26.86 -24.29 -23.81
N THR A 393 27.19 -23.26 -23.04
CA THR A 393 26.16 -22.50 -22.32
C THR A 393 26.53 -21.04 -22.31
N VAL A 394 25.59 -20.19 -22.71
CA VAL A 394 25.77 -18.75 -22.69
C VAL A 394 24.97 -18.19 -21.52
N PHE A 395 25.61 -17.37 -20.69
CA PHE A 395 24.91 -16.70 -19.61
C PHE A 395 25.07 -15.19 -19.73
N ARG A 396 24.28 -14.49 -18.93
CA ARG A 396 24.27 -13.03 -18.94
C ARG A 396 24.03 -12.54 -17.52
N ILE A 397 24.99 -11.83 -16.96
CA ILE A 397 24.92 -11.43 -15.55
C ILE A 397 23.96 -10.26 -15.41
N ASP A 398 22.93 -10.44 -14.58
CA ASP A 398 21.99 -9.38 -14.27
C ASP A 398 21.46 -9.62 -12.87
N GLU A 399 21.57 -8.61 -12.01
CA GLU A 399 21.14 -8.76 -10.62
C GLU A 399 19.64 -8.61 -10.45
N ASP A 400 18.95 -8.08 -11.45
CA ASP A 400 17.50 -7.90 -11.33
C ASP A 400 16.76 -9.22 -11.45
N LYS A 401 17.18 -10.07 -12.39
CA LYS A 401 16.54 -11.37 -12.59
C LYS A 401 17.15 -12.47 -11.73
N ASN A 402 17.98 -12.11 -10.74
CA ASN A 402 18.62 -13.03 -9.79
C ASN A 402 19.44 -14.09 -10.51
N TYR A 403 20.49 -13.63 -11.18
CA TYR A 403 21.29 -14.48 -12.06
C TYR A 403 22.74 -14.06 -11.92
N ASP A 404 23.63 -15.02 -11.65
CA ASP A 404 25.03 -14.71 -11.36
C ASP A 404 25.89 -15.81 -11.97
N VAL A 405 27.16 -15.89 -11.56
CA VAL A 405 28.10 -16.82 -12.17
C VAL A 405 27.87 -18.23 -11.63
N ASP A 406 27.52 -18.35 -10.35
CA ASP A 406 27.26 -19.63 -9.72
C ASP A 406 26.08 -20.35 -10.35
N VAL A 407 25.06 -19.61 -10.77
CA VAL A 407 23.92 -20.17 -11.48
C VAL A 407 24.35 -20.80 -12.79
N ALA A 408 25.22 -20.10 -13.53
CA ALA A 408 25.69 -20.59 -14.81
C ALA A 408 26.57 -21.83 -14.65
N ILE A 409 27.45 -21.82 -13.64
CA ILE A 409 28.30 -22.99 -13.39
C ILE A 409 27.46 -24.19 -13.01
N LEU A 410 26.43 -23.97 -12.20
CA LEU A 410 25.61 -25.07 -11.73
C LEU A 410 24.73 -25.64 -12.85
N GLN A 411 24.19 -24.77 -13.70
CA GLN A 411 23.40 -25.24 -14.85
C GLN A 411 24.26 -25.98 -15.85
N ALA A 412 25.44 -25.44 -16.18
CA ALA A 412 26.29 -26.10 -17.15
C ALA A 412 26.91 -27.38 -16.60
N LEU A 413 26.97 -27.50 -15.28
CA LEU A 413 27.43 -28.74 -14.68
C LEU A 413 26.32 -29.78 -14.62
N LEU A 414 25.05 -29.35 -14.47
CA LEU A 414 23.96 -30.31 -14.48
C LEU A 414 23.55 -30.76 -15.87
N LYS A 415 23.72 -29.91 -16.89
CA LYS A 415 23.34 -30.31 -18.24
C LYS A 415 24.28 -31.37 -18.82
N ALA A 416 25.51 -31.44 -18.34
CA ALA A 416 26.45 -32.40 -18.89
C ALA A 416 26.13 -33.82 -18.41
N SER A 417 25.91 -33.98 -17.11
CA SER A 417 25.88 -35.31 -16.52
C SER A 417 24.61 -36.09 -16.88
N ARG A 418 23.51 -35.38 -17.17
CA ARG A 418 22.25 -36.08 -17.41
C ARG A 418 22.27 -36.86 -18.72
N SER A 419 23.03 -36.39 -19.71
CA SER A 419 23.23 -37.11 -20.96
C SER A 419 24.64 -37.71 -20.94
N ASP A 420 24.75 -38.95 -20.45
CA ASP A 420 26.06 -39.56 -20.27
C ASP A 420 25.91 -41.07 -20.36
N GLU A 421 27.06 -41.76 -20.30
CA GLU A 421 27.06 -43.22 -20.40
C GLU A 421 26.42 -43.88 -19.20
N HIS A 422 26.58 -43.29 -18.02
CA HIS A 422 26.04 -43.87 -16.80
C HIS A 422 24.52 -43.72 -16.75
N ALA A 423 23.86 -44.71 -16.16
CA ALA A 423 22.40 -44.66 -16.03
C ALA A 423 21.97 -43.67 -14.95
N GLY A 424 22.70 -43.63 -13.84
CA GLY A 424 22.30 -42.77 -12.74
C GLY A 424 23.25 -42.94 -11.57
N ARG A 425 22.80 -42.42 -10.42
CA ARG A 425 23.40 -42.47 -9.08
C ARG A 425 24.63 -41.58 -8.94
N HIS A 426 25.07 -40.91 -10.00
CA HIS A 426 26.18 -39.96 -9.94
C HIS A 426 25.81 -38.57 -10.42
N CYS A 427 24.62 -38.39 -10.99
CA CYS A 427 24.22 -37.10 -11.52
C CYS A 427 23.99 -36.08 -10.40
N TRP A 428 23.59 -36.54 -9.22
CA TRP A 428 23.13 -35.64 -8.18
C TRP A 428 24.04 -35.57 -6.96
N GLU A 429 24.92 -36.56 -6.76
CA GLU A 429 25.58 -36.76 -5.47
C GLU A 429 26.53 -35.63 -5.13
N ARG A 430 27.34 -35.19 -6.07
CA ARG A 430 28.27 -34.10 -5.82
C ARG A 430 27.73 -32.73 -6.23
N GLN A 431 26.62 -32.67 -6.96
CA GLN A 431 26.02 -31.39 -7.28
C GLN A 431 25.06 -30.91 -6.20
N LEU A 432 24.55 -31.81 -5.36
CA LEU A 432 23.63 -31.38 -4.32
C LEU A 432 24.35 -30.63 -3.21
N GLU A 433 25.50 -31.13 -2.76
CA GLU A 433 26.28 -30.45 -1.73
C GLU A 433 26.81 -29.12 -2.22
N LEU A 434 27.11 -29.02 -3.51
CA LEU A 434 27.58 -27.78 -4.09
C LEU A 434 26.45 -26.78 -4.28
N ALA A 435 25.23 -27.26 -4.52
CA ALA A 435 24.08 -26.38 -4.57
C ALA A 435 23.59 -25.98 -3.17
N VAL A 436 24.00 -26.72 -2.14
CA VAL A 436 23.67 -26.36 -0.76
C VAL A 436 24.71 -25.39 -0.20
N ALA A 437 25.98 -25.52 -0.60
CA ALA A 437 27.02 -24.61 -0.14
C ALA A 437 26.77 -23.19 -0.65
N TRP A 438 26.40 -23.06 -1.91
CA TRP A 438 25.83 -21.81 -2.40
C TRP A 438 24.36 -21.76 -2.01
N ASN A 439 23.76 -20.57 -2.09
CA ASN A 439 22.39 -20.44 -1.64
C ASN A 439 21.39 -20.60 -2.78
N ARG A 440 21.71 -21.41 -3.77
CA ARG A 440 20.90 -21.50 -4.99
C ARG A 440 19.84 -22.59 -4.81
N VAL A 441 18.78 -22.29 -4.04
CA VAL A 441 17.66 -23.27 -3.86
C VAL A 441 16.77 -23.41 -5.09
N ASP A 442 16.45 -22.29 -5.74
CA ASP A 442 15.44 -22.28 -6.83
C ASP A 442 15.81 -23.25 -7.94
N ILE A 443 17.05 -23.21 -8.41
CA ILE A 443 17.46 -24.14 -9.49
C ILE A 443 17.43 -25.54 -8.94
N ALA A 444 17.84 -25.68 -7.69
CA ALA A 444 18.04 -27.03 -7.14
C ALA A 444 16.75 -27.80 -7.18
N GLU A 445 15.67 -27.17 -6.75
CA GLU A 445 14.41 -27.93 -6.65
C GLU A 445 13.97 -28.47 -8.00
N SER A 446 13.90 -27.66 -9.04
CA SER A 446 13.38 -28.27 -10.29
C SER A 446 14.40 -29.23 -10.87
N GLU A 447 15.65 -28.77 -10.96
CA GLU A 447 16.56 -29.65 -11.70
C GLU A 447 16.88 -30.94 -10.96
N ILE A 448 16.82 -30.97 -9.63
CA ILE A 448 17.29 -32.25 -9.02
C ILE A 448 16.11 -32.96 -8.40
N PHE A 449 15.05 -32.22 -8.11
CA PHE A 449 14.01 -32.88 -7.31
C PHE A 449 12.84 -33.09 -8.24
N THR A 450 13.18 -33.73 -9.35
CA THR A 450 12.16 -33.96 -10.36
C THR A 450 11.07 -34.86 -9.77
N GLU A 451 9.84 -34.64 -10.23
CA GLU A 451 8.69 -35.39 -9.73
C GLU A 451 8.72 -36.87 -10.13
N GLU A 452 9.56 -37.25 -11.08
CA GLU A 452 9.72 -38.66 -11.44
C GLU A 452 10.85 -39.34 -10.67
N SER A 453 11.30 -38.75 -9.57
CA SER A 453 12.39 -39.31 -8.78
C SER A 453 11.87 -39.91 -7.49
N GLN A 454 12.72 -40.73 -6.86
CA GLN A 454 12.40 -41.37 -5.58
C GLN A 454 13.60 -41.21 -4.65
N TRP A 455 13.31 -40.98 -3.37
CA TRP A 455 14.34 -40.61 -2.41
C TRP A 455 14.23 -41.44 -1.14
N THR A 456 15.32 -41.44 -0.38
CA THR A 456 15.42 -42.12 0.90
C THR A 456 16.26 -41.24 1.80
N SER A 457 15.88 -41.15 3.09
CA SER A 457 16.46 -40.18 4.00
C SER A 457 17.95 -40.43 4.27
N SER A 458 18.37 -41.70 4.24
CA SER A 458 19.77 -42.04 4.46
C SER A 458 20.67 -41.54 3.33
N ASP A 459 20.11 -41.26 2.16
CA ASP A 459 20.86 -40.63 1.09
C ASP A 459 21.03 -39.14 1.35
N LEU A 460 19.99 -38.49 1.86
CA LEU A 460 19.96 -37.04 1.99
C LEU A 460 20.43 -36.53 3.33
N HIS A 461 20.88 -37.42 4.23
CA HIS A 461 21.47 -37.00 5.50
C HIS A 461 22.65 -36.01 5.41
N PRO A 462 23.69 -36.21 4.56
CA PRO A 462 24.81 -35.26 4.63
C PRO A 462 24.49 -33.88 4.11
N ALA A 463 23.67 -33.79 3.06
CA ALA A 463 23.22 -32.48 2.59
C ALA A 463 22.32 -31.80 3.61
N MET A 464 21.56 -32.58 4.37
CA MET A 464 20.75 -32.04 5.45
C MET A 464 21.62 -31.42 6.54
N PHE A 465 22.68 -32.14 6.94
CA PHE A 465 23.61 -31.61 7.92
C PHE A 465 24.30 -30.34 7.41
N SER A 466 24.71 -30.34 6.15
CA SER A 466 25.41 -29.19 5.58
C SER A 466 24.48 -27.99 5.43
N ALA A 467 23.20 -28.21 5.14
CA ALA A 467 22.26 -27.10 5.07
C ALA A 467 21.86 -26.61 6.43
N LEU A 468 21.89 -27.50 7.43
CA LEU A 468 21.41 -27.12 8.76
C LEU A 468 22.48 -26.38 9.54
N VAL A 469 23.75 -26.69 9.34
CA VAL A 469 24.82 -26.00 10.06
C VAL A 469 24.98 -24.57 9.53
N GLY A 470 25.05 -24.42 8.21
CA GLY A 470 25.41 -23.14 7.62
C GLY A 470 24.31 -22.11 7.49
N ASP A 471 23.19 -22.31 8.19
CA ASP A 471 22.06 -21.37 8.29
C ASP A 471 21.46 -21.08 6.91
N LYS A 472 20.88 -22.12 6.33
CA LYS A 472 20.07 -22.00 5.12
C LYS A 472 18.73 -22.63 5.41
N PRO A 473 17.73 -21.84 5.82
CA PRO A 473 16.45 -22.44 6.22
C PRO A 473 15.63 -22.96 5.06
N GLU A 474 15.83 -22.44 3.85
CA GLU A 474 15.00 -22.86 2.72
C GLU A 474 15.36 -24.26 2.27
N PHE A 475 16.64 -24.63 2.31
CA PHE A 475 17.01 -26.01 2.01
C PHE A 475 16.55 -26.96 3.09
N VAL A 476 16.48 -26.49 4.35
CA VAL A 476 15.90 -27.30 5.41
C VAL A 476 14.43 -27.56 5.13
N ARG A 477 13.70 -26.52 4.74
CA ARG A 477 12.28 -26.64 4.40
C ARG A 477 12.06 -27.56 3.22
N LEU A 478 12.96 -27.54 2.24
CA LEU A 478 12.77 -28.35 1.05
C LEU A 478 13.17 -29.81 1.25
N LEU A 479 14.31 -30.05 1.90
CA LEU A 479 14.74 -31.41 2.18
C LEU A 479 13.84 -32.09 3.19
N LEU A 480 13.18 -31.30 4.06
CA LEU A 480 12.28 -31.86 5.04
C LEU A 480 11.06 -32.50 4.39
N GLU A 481 10.53 -31.86 3.35
CA GLU A 481 9.35 -32.40 2.69
C GLU A 481 9.67 -33.23 1.45
N ASN A 482 10.92 -33.30 1.02
CA ASN A 482 11.25 -34.26 -0.02
C ASN A 482 11.64 -35.62 0.52
N GLY A 483 11.61 -35.84 1.82
CA GLY A 483 11.81 -37.19 2.32
C GLY A 483 12.86 -37.42 3.38
N VAL A 484 13.28 -36.38 4.08
CA VAL A 484 14.16 -36.54 5.25
C VAL A 484 13.29 -36.63 6.48
N CYS A 485 13.38 -37.76 7.18
CA CYS A 485 12.64 -37.96 8.42
C CYS A 485 13.54 -37.63 9.60
N VAL A 486 13.01 -36.81 10.53
CA VAL A 486 13.79 -36.37 11.68
C VAL A 486 14.06 -37.55 12.61
N ARG A 487 13.12 -38.48 12.70
CA ARG A 487 13.30 -39.70 13.48
C ARG A 487 14.44 -40.55 12.93
N GLU A 488 14.68 -40.52 11.63
CA GLU A 488 15.81 -41.22 11.05
C GLU A 488 17.09 -40.40 11.14
N PHE A 489 16.98 -39.08 11.11
CA PHE A 489 18.15 -38.21 11.07
C PHE A 489 18.85 -38.14 12.41
N LEU A 490 18.10 -37.92 13.48
CA LEU A 490 18.68 -37.88 14.82
C LEU A 490 18.60 -39.23 15.53
N GLU A 491 18.56 -40.32 14.78
CA GLU A 491 18.46 -41.64 15.37
C GLU A 491 19.76 -42.05 16.05
N ARG A 492 20.88 -41.95 15.32
CA ARG A 492 22.16 -42.24 15.92
C ARG A 492 22.51 -41.18 16.96
N GLU A 493 23.33 -41.58 17.93
CA GLU A 493 23.91 -40.62 18.85
C GLU A 493 25.16 -40.04 18.21
N GLU A 494 25.62 -38.91 18.75
CA GLU A 494 26.88 -38.20 18.51
C GLU A 494 26.89 -37.45 17.18
N THR A 495 25.89 -37.69 16.33
CA THR A 495 25.74 -36.85 15.11
C THR A 495 25.33 -35.46 15.62
N LEU A 496 24.44 -35.47 16.62
CA LEU A 496 23.90 -34.27 17.31
C LEU A 496 25.00 -33.56 18.12
N CYS A 497 25.89 -34.35 18.74
CA CYS A 497 26.98 -33.74 19.58
C CYS A 497 27.81 -32.84 18.66
N GLU A 498 28.09 -33.30 17.44
CA GLU A 498 28.79 -32.51 16.45
C GLU A 498 27.94 -31.33 15.99
N LEU A 499 26.61 -31.48 16.04
CA LEU A 499 25.71 -30.38 15.73
C LEU A 499 25.78 -29.28 16.78
N TYR A 500 25.93 -29.66 18.05
CA TYR A 500 26.22 -28.64 19.05
C TYR A 500 27.63 -28.09 18.91
N SER A 501 28.54 -28.87 18.34
CA SER A 501 29.92 -28.40 18.19
C SER A 501 30.02 -27.30 17.13
N HIS A 502 29.15 -27.36 16.12
CA HIS A 502 29.19 -26.42 14.96
C HIS A 502 28.39 -25.13 15.18
N LEU A 503 27.96 -24.86 16.42
CA LEU A 503 27.12 -23.66 16.73
C LEU A 503 27.88 -22.36 16.44
N PRO A 504 27.21 -21.31 15.92
CA PRO A 504 27.85 -20.00 15.62
C PRO A 504 28.18 -19.18 16.88
N SER A 505 29.06 -18.17 16.76
CA SER A 505 29.45 -17.41 17.94
C SER A 505 28.24 -16.74 18.58
N CYS A 506 27.95 -17.13 19.83
CA CYS A 506 26.83 -16.57 20.57
C CYS A 506 27.18 -16.52 22.05
N PHE A 507 26.31 -15.88 22.81
CA PHE A 507 26.51 -15.77 24.26
C PHE A 507 26.37 -17.12 24.93
N PHE A 508 25.51 -17.99 24.40
CA PHE A 508 25.42 -19.36 24.88
C PHE A 508 26.72 -20.11 24.62
N LEU A 509 27.35 -19.86 23.47
CA LEU A 509 28.63 -20.48 23.18
C LEU A 509 29.73 -19.95 24.08
N ARG A 510 29.67 -18.66 24.45
CA ARG A 510 30.65 -18.13 25.38
C ARG A 510 30.49 -18.73 26.78
N LYS A 511 29.24 -18.96 27.20
CA LYS A 511 29.01 -19.61 28.49
C LYS A 511 29.49 -21.05 28.49
N LEU A 512 29.20 -21.79 27.42
CA LEU A 512 29.67 -23.18 27.33
C LEU A 512 31.18 -23.24 27.23
N ALA A 513 31.81 -22.27 26.56
CA ALA A 513 33.26 -22.22 26.48
C ALA A 513 33.88 -21.89 27.83
N LYS A 514 33.21 -21.06 28.63
CA LYS A 514 33.68 -20.83 29.99
C LYS A 514 33.53 -22.10 30.83
N ARG A 515 32.48 -22.88 30.58
CA ARG A 515 32.27 -24.11 31.34
C ARG A 515 33.31 -25.18 31.00
N VAL A 516 33.73 -25.26 29.74
CA VAL A 516 34.63 -26.33 29.31
C VAL A 516 36.06 -26.16 29.87
N GLN A 517 36.38 -24.99 30.43
CA GLN A 517 37.71 -24.75 30.99
C GLN A 517 37.97 -25.63 32.21
N GLY A 518 36.96 -25.85 33.02
CA GLY A 518 37.13 -26.64 34.24
C GLY A 518 36.61 -28.06 34.16
N LEU A 528 37.36 -21.96 15.43
CA LEU A 528 36.62 -22.52 16.57
C LEU A 528 35.56 -23.63 16.25
N PRO A 529 34.71 -23.51 15.22
CA PRO A 529 33.78 -24.61 14.94
C PRO A 529 34.50 -25.85 14.41
N GLY A 530 34.10 -27.01 14.93
CA GLY A 530 34.61 -28.28 14.50
C GLY A 530 35.76 -28.83 15.32
N SER A 531 36.40 -28.00 16.14
CA SER A 531 37.58 -28.45 16.89
C SER A 531 37.19 -29.33 18.07
N ARG A 532 36.19 -28.92 18.84
CA ARG A 532 35.91 -29.51 20.14
C ARG A 532 35.15 -30.83 20.00
N LYS A 533 35.03 -31.52 21.14
CA LYS A 533 34.20 -32.72 21.27
C LYS A 533 33.31 -32.54 22.50
N VAL A 534 32.16 -31.89 22.30
CA VAL A 534 31.30 -31.50 23.41
C VAL A 534 30.44 -32.67 23.86
N CYS A 535 30.58 -33.05 25.12
CA CYS A 535 29.68 -34.02 25.74
C CYS A 535 28.34 -33.37 26.06
N LEU A 536 27.28 -34.19 26.07
CA LEU A 536 25.92 -33.64 26.14
C LEU A 536 25.59 -33.11 27.52
N SER A 537 26.13 -33.72 28.58
CA SER A 537 25.82 -33.28 29.94
C SER A 537 26.38 -31.89 30.22
N HIS A 538 27.49 -31.53 29.55
CA HIS A 538 28.05 -30.19 29.67
C HIS A 538 27.10 -29.14 29.12
N VAL A 539 26.33 -29.49 28.08
CA VAL A 539 25.24 -28.65 27.59
C VAL A 539 24.15 -28.60 28.65
N SER A 540 23.68 -29.78 29.06
CA SER A 540 22.59 -30.00 30.00
C SER A 540 22.71 -29.25 31.32
N GLU A 541 23.95 -28.98 31.75
CA GLU A 541 24.15 -28.18 32.96
C GLU A 541 23.74 -26.73 32.73
N GLU A 542 24.24 -26.12 31.64
CA GLU A 542 23.91 -24.73 31.35
C GLU A 542 22.45 -24.57 30.96
N VAL A 543 21.87 -25.61 30.33
CA VAL A 543 20.45 -25.58 30.01
C VAL A 543 19.61 -25.54 31.29
N ARG A 544 20.03 -26.28 32.32
CA ARG A 544 19.39 -26.19 33.63
C ARG A 544 19.57 -24.81 34.25
N HIS A 545 20.76 -24.23 34.09
CA HIS A 545 20.99 -22.89 34.65
C HIS A 545 20.12 -21.84 33.98
N LEU A 546 19.83 -22.01 32.69
CA LEU A 546 18.91 -21.08 32.03
C LEU A 546 17.44 -21.40 32.29
N LEU A 547 17.12 -22.67 32.51
CA LEU A 547 15.72 -23.07 32.60
C LEU A 547 15.20 -22.95 34.03
N GLY A 548 16.04 -23.17 35.02
CA GLY A 548 15.64 -23.06 36.41
C GLY A 548 16.33 -24.12 37.24
N SER A 549 16.57 -23.80 38.50
CA SER A 549 17.18 -24.75 39.41
C SER A 549 16.22 -25.83 39.89
N PHE A 550 14.92 -25.67 39.63
CA PHE A 550 13.93 -26.64 40.10
C PHE A 550 14.02 -27.95 39.33
N THR A 551 14.14 -27.86 38.01
CA THR A 551 13.87 -28.99 37.13
C THR A 551 14.99 -30.03 37.15
N GLN A 552 14.65 -31.22 36.66
CA GLN A 552 15.61 -32.30 36.50
C GLN A 552 16.47 -32.06 35.26
N PRO A 553 17.67 -32.67 35.18
CA PRO A 553 18.48 -32.55 33.97
C PRO A 553 17.82 -33.20 32.75
N LEU A 554 18.24 -32.74 31.58
CA LEU A 554 17.64 -33.15 30.32
C LEU A 554 18.36 -34.33 29.67
N TYR A 555 19.68 -34.36 29.73
CA TYR A 555 20.48 -35.37 29.02
C TYR A 555 21.35 -36.11 30.02
N ILE A 556 21.06 -37.39 30.23
CA ILE A 556 21.97 -38.26 30.95
C ILE A 556 22.98 -38.82 29.96
N ALA A 557 24.27 -38.72 30.31
CA ALA A 557 25.33 -39.09 29.38
C ALA A 557 25.40 -40.60 29.20
N SER A 558 25.51 -41.04 27.95
CA SER A 558 25.50 -42.43 27.49
C SER A 558 24.22 -43.18 27.85
N ARG A 559 23.16 -42.43 28.12
CA ARG A 559 21.84 -43.04 28.37
C ARG A 559 20.90 -42.36 27.38
N TYR A 560 21.12 -42.60 26.09
CA TYR A 560 20.32 -41.96 25.01
C TYR A 560 19.48 -43.02 24.32
N LYS A 561 18.18 -42.75 24.13
CA LYS A 561 17.24 -43.69 23.47
C LYS A 561 17.30 -45.04 24.18
N PRO A 562 17.25 -45.10 25.53
CA PRO A 562 17.35 -46.36 26.26
C PRO A 562 15.99 -47.06 26.25
N ALA A 588 15.58 -38.97 36.26
CA ALA A 588 16.17 -40.13 35.62
C ALA A 588 15.22 -40.74 34.60
N ASP A 589 14.19 -39.98 34.23
CA ASP A 589 13.29 -40.41 33.17
C ASP A 589 13.98 -40.36 31.82
N THR A 590 14.33 -39.16 31.36
CA THR A 590 15.10 -38.86 30.14
C THR A 590 14.57 -39.55 28.89
N VAL A 591 13.37 -39.18 28.45
CA VAL A 591 12.81 -39.78 27.25
C VAL A 591 13.56 -39.28 26.01
N TRP A 592 13.58 -40.10 24.97
CA TRP A 592 14.31 -39.68 23.75
C TRP A 592 13.32 -39.19 22.71
N ASP A 593 13.18 -37.87 22.57
CA ASP A 593 12.32 -37.24 21.59
C ASP A 593 13.18 -36.45 20.61
N PRO A 594 13.15 -36.78 19.32
CA PRO A 594 13.94 -36.04 18.35
C PRO A 594 13.34 -34.72 17.94
N GLY A 595 12.06 -34.49 18.26
CA GLY A 595 11.44 -33.23 17.91
C GLY A 595 11.96 -32.07 18.74
N ARG A 596 12.30 -32.34 20.00
CA ARG A 596 12.69 -31.30 20.94
C ARG A 596 14.18 -31.01 20.93
N ASP A 597 14.94 -31.63 20.04
CA ASP A 597 16.37 -31.39 19.96
C ASP A 597 16.69 -30.27 18.98
N LEU A 598 16.12 -30.32 17.78
CA LEU A 598 16.31 -29.26 16.81
C LEU A 598 15.70 -27.96 17.29
N PHE A 599 14.58 -28.03 18.02
CA PHE A 599 13.95 -26.82 18.50
C PHE A 599 14.80 -26.15 19.58
N LEU A 600 15.38 -26.94 20.49
CA LEU A 600 16.24 -26.36 21.51
C LEU A 600 17.53 -25.82 20.90
N TRP A 601 18.10 -26.57 19.95
CA TRP A 601 19.32 -26.14 19.28
C TRP A 601 19.11 -24.86 18.48
N ALA A 602 17.92 -24.68 17.92
CA ALA A 602 17.65 -23.47 17.17
C ALA A 602 17.23 -22.31 18.06
N VAL A 603 16.67 -22.59 19.24
CA VAL A 603 16.31 -21.50 20.15
C VAL A 603 17.55 -20.91 20.81
N VAL A 604 18.50 -21.76 21.23
CA VAL A 604 19.61 -21.26 22.04
C VAL A 604 20.65 -20.48 21.26
N GLN A 605 20.46 -20.31 19.95
CA GLN A 605 21.37 -19.49 19.16
C GLN A 605 20.67 -18.33 18.47
N ASN A 606 19.43 -18.13 18.87
CA ASN A 606 18.57 -17.03 18.41
C ASN A 606 18.38 -17.01 16.91
N ASN A 607 17.78 -18.04 16.33
CA ASN A 607 17.50 -18.14 14.87
C ASN A 607 16.01 -17.89 14.64
N ARG A 608 15.60 -16.76 14.10
CA ARG A 608 14.14 -16.57 13.97
C ARG A 608 13.54 -17.57 13.02
N GLU A 609 14.20 -17.92 11.93
CA GLU A 609 13.53 -18.71 10.87
C GLU A 609 13.89 -20.19 10.89
N LEU A 610 14.65 -20.64 11.85
CA LEU A 610 15.03 -22.06 11.83
C LEU A 610 14.39 -22.73 13.03
N ALA A 611 13.96 -21.96 14.02
CA ALA A 611 13.18 -22.52 15.11
C ALA A 611 11.70 -22.64 14.73
N GLU A 612 11.24 -21.80 13.82
CA GLU A 612 9.87 -21.94 13.32
C GLU A 612 9.72 -23.20 12.48
N ILE A 613 10.77 -23.62 11.78
CA ILE A 613 10.77 -24.92 11.13
C ILE A 613 10.81 -26.03 12.17
N GLY A 614 11.63 -25.84 13.21
CA GLY A 614 11.76 -26.86 14.23
C GLY A 614 10.54 -27.06 15.11
N TRP A 615 9.66 -26.07 15.19
CA TRP A 615 8.55 -26.16 16.13
C TRP A 615 7.47 -27.15 15.68
N GLU A 616 7.22 -27.29 14.39
CA GLU A 616 6.16 -28.19 13.95
C GLU A 616 6.54 -29.66 14.05
N GLN A 617 7.81 -29.96 14.28
CA GLN A 617 8.24 -31.35 14.47
C GLN A 617 8.11 -31.80 15.90
N CYS A 618 7.71 -30.92 16.81
CA CYS A 618 7.62 -31.25 18.23
C CYS A 618 6.38 -32.08 18.53
N ARG A 619 6.41 -32.74 19.69
CA ARG A 619 5.30 -33.58 20.11
C ARG A 619 4.26 -32.80 20.91
N ASP A 620 4.68 -32.12 21.97
CA ASP A 620 3.81 -31.24 22.74
C ASP A 620 4.26 -29.80 22.55
N CYS A 621 3.33 -28.94 22.18
CA CYS A 621 3.71 -27.60 21.75
C CYS A 621 3.14 -26.49 22.62
N ILE A 622 2.58 -26.82 23.78
CA ILE A 622 2.25 -25.80 24.76
C ILE A 622 3.32 -25.72 25.84
N ALA A 623 4.08 -26.80 26.04
CA ALA A 623 5.21 -26.74 26.94
C ALA A 623 6.47 -26.24 26.25
N ALA A 624 6.63 -26.57 24.97
CA ALA A 624 7.83 -26.21 24.24
C ALA A 624 7.94 -24.71 24.03
N ALA A 625 6.82 -24.06 23.67
CA ALA A 625 6.83 -22.63 23.42
C ALA A 625 7.09 -21.84 24.70
N LEU A 626 6.53 -22.28 25.81
CA LEU A 626 6.74 -21.58 27.06
C LEU A 626 8.14 -21.80 27.60
N ALA A 627 8.70 -23.00 27.40
CA ALA A 627 10.08 -23.23 27.79
C ALA A 627 11.04 -22.40 26.95
N ALA A 628 10.76 -22.27 25.65
CA ALA A 628 11.58 -21.41 24.80
C ALA A 628 11.47 -19.95 25.21
N SER A 629 10.27 -19.50 25.60
CA SER A 629 10.09 -18.13 26.04
C SER A 629 10.87 -17.84 27.32
N LYS A 630 10.88 -18.79 28.26
CA LYS A 630 11.62 -18.58 29.50
C LYS A 630 13.13 -18.58 29.26
N ILE A 631 13.61 -19.49 28.40
CA ILE A 631 15.04 -19.53 28.07
C ILE A 631 15.48 -18.23 27.38
N LEU A 632 14.66 -17.73 26.45
CA LEU A 632 15.01 -16.50 25.77
C LEU A 632 15.00 -15.30 26.69
N ARG A 633 14.05 -15.21 27.62
CA ARG A 633 14.01 -14.05 28.50
C ARG A 633 15.16 -14.07 29.51
N LYS A 634 15.53 -15.24 30.02
CA LYS A 634 16.67 -15.31 30.93
C LYS A 634 17.98 -15.02 30.21
N LEU A 635 18.15 -15.57 29.00
CA LEU A 635 19.35 -15.33 28.22
C LEU A 635 19.44 -13.90 27.72
N ALA A 636 18.31 -13.24 27.53
CA ALA A 636 18.31 -11.82 27.21
C ALA A 636 18.62 -10.96 28.42
N GLN A 637 18.25 -11.43 29.62
CA GLN A 637 18.57 -10.67 30.82
C GLN A 637 20.06 -10.71 31.13
N GLU A 638 20.65 -11.90 31.15
CA GLU A 638 22.02 -12.00 31.69
C GLU A 638 23.12 -11.72 30.66
N SER A 639 22.78 -11.13 29.52
CA SER A 639 23.80 -10.80 28.52
C SER A 639 24.71 -9.69 29.00
N GLY A 640 24.15 -8.52 29.30
CA GLY A 640 24.91 -7.40 29.81
C GLY A 640 25.66 -6.57 28.79
N GLU A 641 26.58 -7.19 28.05
CA GLU A 641 27.49 -6.43 27.19
C GLU A 641 26.78 -5.92 25.94
N ASP A 642 26.22 -6.82 25.14
CA ASP A 642 25.67 -6.47 23.84
C ASP A 642 24.16 -6.35 23.95
N ASP A 643 23.62 -5.18 23.60
CA ASP A 643 22.20 -4.90 23.72
C ASP A 643 21.56 -4.51 22.40
N SER A 644 22.26 -4.70 21.29
CA SER A 644 21.59 -4.62 19.99
C SER A 644 20.87 -5.92 19.68
N GLU A 645 21.51 -7.05 19.99
CA GLU A 645 20.90 -8.36 19.80
C GLU A 645 19.94 -8.68 20.94
N GLU A 646 20.45 -8.72 22.17
CA GLU A 646 19.77 -9.34 23.29
C GLU A 646 18.49 -8.62 23.68
N ALA A 647 18.36 -7.34 23.38
CA ALA A 647 17.09 -6.68 23.65
C ALA A 647 16.08 -7.03 22.56
N THR A 648 16.36 -6.57 21.33
CA THR A 648 15.36 -6.56 20.28
C THR A 648 15.01 -7.97 19.82
N GLU A 649 16.03 -8.74 19.41
CA GLU A 649 15.79 -10.04 18.79
C GLU A 649 15.22 -11.02 19.80
N MET A 650 15.82 -11.08 20.99
CA MET A 650 15.41 -12.08 21.96
C MET A 650 14.06 -11.75 22.60
N LEU A 651 13.80 -10.48 22.92
CA LEU A 651 12.50 -10.19 23.51
C LEU A 651 11.38 -10.28 22.49
N GLU A 652 11.64 -9.96 21.22
CA GLU A 652 10.61 -10.10 20.21
C GLU A 652 10.33 -11.57 19.92
N LEU A 653 11.36 -12.41 19.93
CA LEU A 653 11.15 -13.83 19.69
C LEU A 653 10.45 -14.50 20.88
N ALA A 654 10.73 -14.04 22.10
CA ALA A 654 10.05 -14.56 23.28
C ALA A 654 8.57 -14.20 23.27
N ASN A 655 8.26 -12.94 22.90
CA ASN A 655 6.85 -12.55 22.78
C ASN A 655 6.16 -13.30 21.65
N HIS A 656 6.89 -13.63 20.59
CA HIS A 656 6.33 -14.43 19.49
C HIS A 656 5.93 -15.82 19.96
N TYR A 657 6.80 -16.49 20.72
CA TYR A 657 6.44 -17.83 21.16
C TYR A 657 5.38 -17.82 22.26
N GLU A 658 5.33 -16.76 23.07
CA GLU A 658 4.21 -16.61 24.00
C GLU A 658 2.89 -16.49 23.26
N LYS A 659 2.87 -15.70 22.18
CA LYS A 659 1.65 -15.55 21.39
C LYS A 659 1.25 -16.86 20.70
N GLN A 660 2.23 -17.65 20.25
CA GLN A 660 1.92 -18.94 19.65
C GLN A 660 1.29 -19.91 20.66
N ALA A 661 1.84 -19.94 21.89
CA ALA A 661 1.27 -20.82 22.92
C ALA A 661 -0.14 -20.39 23.29
N ILE A 662 -0.39 -19.08 23.37
CA ILE A 662 -1.73 -18.58 23.68
C ILE A 662 -2.71 -18.95 22.58
N GLY A 663 -2.26 -18.87 21.32
CA GLY A 663 -3.14 -19.24 20.21
C GLY A 663 -3.52 -20.70 20.20
N VAL A 664 -2.55 -21.59 20.45
CA VAL A 664 -2.83 -23.02 20.49
C VAL A 664 -3.76 -23.36 21.65
N PHE A 665 -3.51 -22.78 22.82
CA PHE A 665 -4.37 -23.11 23.96
C PHE A 665 -5.76 -22.52 23.84
N SER A 666 -5.90 -21.33 23.24
CA SER A 666 -7.23 -20.77 23.04
C SER A 666 -7.99 -21.47 21.92
N GLU A 667 -7.28 -22.16 21.03
CA GLU A 667 -7.96 -23.05 20.10
C GLU A 667 -8.42 -24.31 20.80
N CYS A 668 -7.59 -24.85 21.69
CA CYS A 668 -7.96 -26.08 22.41
C CYS A 668 -9.10 -25.84 23.39
N HIS A 669 -9.17 -24.66 23.99
CA HIS A 669 -10.13 -24.42 25.06
C HIS A 669 -11.56 -24.27 24.54
N SER A 670 -11.72 -23.79 23.31
CA SER A 670 -13.07 -23.60 22.76
C SER A 670 -13.74 -24.93 22.43
N TRP A 671 -12.98 -25.88 21.90
CA TRP A 671 -13.49 -27.20 21.45
C TRP A 671 -14.00 -28.11 22.57
N ASP A 672 -13.25 -28.25 23.66
CA ASP A 672 -13.63 -29.17 24.74
C ASP A 672 -13.94 -28.46 26.05
N ALA A 673 -13.09 -27.53 26.49
CA ALA A 673 -13.15 -26.70 27.69
C ALA A 673 -12.99 -27.50 28.99
N GLN A 674 -12.90 -28.84 28.94
CA GLN A 674 -12.72 -29.64 30.12
C GLN A 674 -11.49 -30.53 30.03
N ARG A 675 -10.93 -30.70 28.83
CA ARG A 675 -9.65 -31.38 28.63
C ARG A 675 -8.48 -30.42 28.69
N ALA A 676 -8.69 -29.16 28.30
CA ALA A 676 -7.71 -28.10 28.46
C ALA A 676 -7.18 -27.98 29.88
N GLN A 677 -8.05 -28.13 30.87
CA GLN A 677 -7.60 -28.08 32.25
C GLN A 677 -6.81 -29.31 32.62
N LYS A 678 -7.06 -30.44 31.96
CA LYS A 678 -6.20 -31.61 32.12
C LYS A 678 -4.86 -31.37 31.46
N LEU A 679 -4.85 -30.60 30.37
CA LEU A 679 -3.64 -30.38 29.61
C LEU A 679 -2.68 -29.43 30.33
N LEU A 680 -3.23 -28.46 31.06
CA LEU A 680 -2.38 -27.51 31.76
C LEU A 680 -1.69 -28.06 33.01
N ILE A 681 -2.06 -29.24 33.49
CA ILE A 681 -1.64 -29.68 34.82
C ILE A 681 -0.80 -30.95 34.78
N ARG A 682 -0.55 -31.52 33.62
CA ARG A 682 0.17 -32.78 33.57
C ARG A 682 1.67 -32.56 33.67
N ILE A 683 2.41 -33.66 33.74
CA ILE A 683 3.86 -33.63 33.74
C ILE A 683 4.35 -33.98 32.34
N SER A 684 5.11 -33.09 31.74
CA SER A 684 5.73 -33.51 30.49
C SER A 684 7.14 -34.01 30.79
N PRO A 685 7.47 -35.25 30.40
CA PRO A 685 8.83 -35.75 30.68
C PRO A 685 9.87 -35.16 29.76
N SER A 686 9.48 -34.56 28.65
CA SER A 686 10.41 -34.06 27.65
C SER A 686 11.00 -32.71 27.99
N TRP A 687 10.62 -32.10 29.10
CA TRP A 687 11.17 -30.80 29.44
C TRP A 687 11.59 -30.79 30.90
N GLY A 688 12.21 -31.89 31.34
CA GLY A 688 12.74 -31.94 32.67
C GLY A 688 11.70 -32.16 33.75
N ARG A 689 10.66 -32.95 33.46
CA ARG A 689 9.65 -33.40 34.42
C ARG A 689 8.89 -32.24 35.05
N SER A 690 8.76 -31.13 34.33
CA SER A 690 8.08 -29.96 34.87
C SER A 690 6.74 -29.76 34.17
N THR A 691 5.82 -29.13 34.89
CA THR A 691 4.48 -28.90 34.38
C THR A 691 4.44 -27.64 33.54
N CYS A 692 3.37 -27.51 32.76
CA CYS A 692 3.23 -26.37 31.86
C CYS A 692 2.89 -25.10 32.61
N LEU A 693 2.16 -25.20 33.72
CA LEU A 693 1.71 -24.01 34.43
C LEU A 693 2.87 -23.33 35.16
N TRP A 694 3.84 -24.11 35.63
CA TRP A 694 5.01 -23.53 36.29
C TRP A 694 5.89 -22.81 35.29
N LEU A 695 6.05 -23.38 34.09
CA LEU A 695 6.74 -22.69 33.01
C LEU A 695 6.00 -21.43 32.59
N ALA A 696 4.68 -21.44 32.68
CA ALA A 696 3.90 -20.27 32.28
C ALA A 696 4.08 -19.13 33.26
N LEU A 697 3.96 -19.40 34.56
CA LEU A 697 3.98 -18.30 35.51
C LEU A 697 5.36 -17.99 36.06
N GLU A 698 6.37 -18.83 35.82
CA GLU A 698 7.70 -18.52 36.30
C GLU A 698 8.36 -17.43 35.46
N ALA A 699 8.02 -17.36 34.18
CA ALA A 699 8.63 -16.40 33.27
C ALA A 699 7.82 -15.12 33.12
N HIS A 700 6.77 -14.94 33.94
CA HIS A 700 5.93 -13.74 33.97
C HIS A 700 5.27 -13.45 32.62
N ASP A 701 4.61 -14.46 32.06
CA ASP A 701 3.86 -14.30 30.80
C ASP A 701 2.50 -13.66 31.05
N LYS A 702 2.41 -12.34 30.85
CA LYS A 702 1.20 -11.54 31.17
C LYS A 702 -0.06 -11.90 30.35
N SER A 703 0.08 -12.16 29.05
CA SER A 703 -1.09 -12.40 28.21
C SER A 703 -1.57 -13.84 28.28
N PHE A 704 -0.72 -14.77 28.72
CA PHE A 704 -1.16 -16.14 28.94
C PHE A 704 -1.95 -16.29 30.22
N ILE A 705 -1.79 -15.38 31.17
CA ILE A 705 -2.52 -15.47 32.44
C ILE A 705 -3.72 -14.54 32.43
N ALA A 706 -3.74 -13.55 31.54
CA ALA A 706 -4.97 -12.80 31.31
C ALA A 706 -6.05 -13.62 30.62
N HIS A 707 -5.73 -14.81 30.10
CA HIS A 707 -6.69 -15.65 29.42
C HIS A 707 -7.68 -16.25 30.43
N SER A 708 -8.86 -16.61 29.93
CA SER A 708 -9.98 -16.97 30.81
C SER A 708 -9.82 -18.36 31.41
N GLY A 709 -9.26 -19.31 30.65
CA GLY A 709 -9.24 -20.69 31.10
C GLY A 709 -8.32 -20.92 32.29
N VAL A 710 -7.19 -20.21 32.31
CA VAL A 710 -6.26 -20.31 33.42
C VAL A 710 -6.87 -19.71 34.68
N GLN A 711 -7.63 -18.63 34.52
CA GLN A 711 -8.30 -18.02 35.66
C GLN A 711 -9.43 -18.90 36.19
N ALA A 712 -10.14 -19.60 35.29
CA ALA A 712 -11.16 -20.53 35.74
C ALA A 712 -10.54 -21.71 36.48
N LEU A 713 -9.38 -22.18 36.02
CA LEU A 713 -8.70 -23.28 36.70
C LEU A 713 -8.18 -22.83 38.07
N LEU A 714 -7.67 -21.61 38.17
CA LEU A 714 -7.18 -21.11 39.46
C LEU A 714 -8.32 -20.86 40.44
N THR A 715 -9.47 -20.36 39.95
CA THR A 715 -10.61 -20.18 40.83
C THR A 715 -11.16 -21.52 41.30
N GLN A 716 -11.15 -22.52 40.42
CA GLN A 716 -11.55 -23.87 40.80
C GLN A 716 -10.62 -24.47 41.87
N ILE A 717 -9.33 -24.15 41.81
CA ILE A 717 -8.42 -24.60 42.87
C ILE A 717 -8.70 -23.83 44.16
N TRP A 718 -8.82 -22.51 44.05
CA TRP A 718 -8.98 -21.62 45.21
C TRP A 718 -10.22 -21.93 46.02
N CYS A 719 -11.34 -22.19 45.34
CA CYS A 719 -12.57 -22.44 46.06
C CYS A 719 -12.58 -23.82 46.72
N GLY A 720 -11.73 -24.73 46.27
CA GLY A 720 -11.55 -26.00 46.96
C GLY A 720 -12.73 -26.93 46.76
N GLU A 721 -13.13 -27.60 47.85
CA GLU A 721 -14.28 -28.55 47.83
C GLU A 721 -15.58 -27.80 47.52
N LEU A 722 -15.74 -26.60 48.11
CA LEU A 722 -16.97 -25.78 47.93
C LEU A 722 -17.13 -25.37 46.46
N SER A 723 -18.36 -25.43 45.94
CA SER A 723 -18.67 -25.05 44.54
C SER A 723 -18.60 -23.52 44.38
N VAL A 724 -18.24 -23.04 43.20
CA VAL A 724 -18.16 -21.58 42.93
C VAL A 724 -19.55 -20.93 42.93
N ASP A 725 -19.54 -19.63 42.64
CA ASP A 725 -20.73 -18.78 42.64
C ASP A 725 -21.31 -18.59 44.04
N ASN A 726 -20.69 -19.14 45.08
CA ASN A 726 -20.99 -18.66 46.43
C ASN A 726 -20.48 -17.23 46.56
N PRO A 727 -21.31 -16.29 47.01
CA PRO A 727 -20.83 -14.93 47.22
C PRO A 727 -19.88 -14.84 48.40
N HIS A 728 -19.20 -13.68 48.49
CA HIS A 728 -18.11 -13.53 49.45
C HIS A 728 -18.61 -13.52 50.89
N TRP A 729 -19.73 -12.84 51.16
CA TRP A 729 -20.19 -12.71 52.54
C TRP A 729 -20.70 -14.03 53.09
N LYS A 730 -21.24 -14.90 52.22
CA LYS A 730 -21.82 -16.16 52.66
C LYS A 730 -20.77 -17.08 53.25
N VAL A 731 -19.55 -17.06 52.70
CA VAL A 731 -18.46 -17.88 53.20
C VAL A 731 -18.08 -17.45 54.62
N LEU A 732 -17.98 -16.14 54.85
CA LEU A 732 -17.61 -15.67 56.19
C LEU A 732 -18.75 -15.88 57.18
N LEU A 733 -20.00 -15.71 56.74
CA LEU A 733 -21.13 -15.92 57.62
C LEU A 733 -21.28 -17.39 58.00
N CYS A 734 -20.98 -18.30 57.09
CA CYS A 734 -20.97 -19.71 57.45
C CYS A 734 -19.73 -20.09 58.24
N MET A 735 -18.64 -19.34 58.09
CA MET A 735 -17.49 -19.56 58.96
C MET A 735 -17.80 -19.14 60.39
N ILE A 736 -18.68 -18.15 60.57
CA ILE A 736 -19.09 -17.74 61.90
C ILE A 736 -20.00 -18.79 62.53
N PHE A 737 -21.12 -19.09 61.87
CA PHE A 737 -22.11 -20.06 62.35
C PHE A 737 -21.95 -21.35 61.57
N PHE A 738 -21.52 -22.42 62.25
CA PHE A 738 -21.29 -23.69 61.57
C PHE A 738 -22.54 -24.39 61.01
N PRO A 739 -23.68 -24.51 61.71
CA PRO A 739 -24.81 -25.24 61.09
C PRO A 739 -25.48 -24.51 59.92
N LEU A 740 -25.20 -23.22 59.73
CA LEU A 740 -25.72 -22.49 58.57
C LEU A 740 -25.26 -23.10 57.26
N ILE A 741 -24.03 -23.62 57.22
CA ILE A 741 -23.57 -24.37 56.04
C ILE A 741 -24.38 -25.64 55.87
N TYR A 742 -24.71 -26.31 56.98
CA TYR A 742 -25.50 -27.54 56.93
C TYR A 742 -26.96 -27.30 56.57
N THR A 743 -27.43 -26.06 56.63
CA THR A 743 -28.81 -25.74 56.31
C THR A 743 -29.05 -25.53 54.81
N GLY A 744 -28.09 -25.88 53.96
CA GLY A 744 -28.26 -25.69 52.54
C GLY A 744 -27.96 -24.31 52.03
N PHE A 745 -27.28 -23.49 52.83
CA PHE A 745 -27.03 -22.11 52.44
C PHE A 745 -25.91 -22.01 51.41
N LEU A 746 -24.96 -22.93 51.45
CA LEU A 746 -23.81 -22.93 50.54
C LEU A 746 -23.98 -24.05 49.52
N THR A 747 -23.91 -23.71 48.26
CA THR A 747 -23.82 -24.73 47.23
C THR A 747 -22.44 -25.37 47.28
N PHE A 748 -22.39 -26.69 47.13
CA PHE A 748 -21.12 -27.40 47.16
C PHE A 748 -20.84 -28.01 45.78
N ARG A 749 -19.63 -28.52 45.63
CA ARG A 749 -19.22 -29.16 44.39
C ARG A 749 -19.98 -30.47 44.17
N ARG A 750 -19.90 -31.37 45.16
CA ARG A 750 -20.49 -32.71 45.15
C ARG A 750 -21.95 -32.75 44.75
N ASP A 751 -22.78 -32.00 45.48
CA ASP A 751 -24.22 -32.00 45.24
C ASP A 751 -24.57 -31.49 43.85
N GLU A 752 -23.95 -30.38 43.44
CA GLU A 752 -24.21 -29.80 42.12
C GLU A 752 -23.73 -30.73 41.01
N ASP A 753 -22.57 -31.34 41.20
CA ASP A 753 -22.00 -32.24 40.19
C ASP A 753 -22.85 -33.50 40.03
N ILE A 754 -23.24 -34.12 41.14
CA ILE A 754 -24.01 -35.37 41.06
C ILE A 754 -25.46 -35.07 40.68
N GLN A 755 -25.92 -33.82 40.90
CA GLN A 755 -27.25 -33.44 40.48
C GLN A 755 -27.31 -33.17 38.99
N ARG A 756 -26.33 -32.45 38.44
CA ARG A 756 -26.32 -32.15 37.01
C ARG A 756 -25.91 -33.37 36.19
N GLN A 757 -24.79 -34.00 36.55
CA GLN A 757 -24.12 -35.03 35.76
C GLN A 757 -24.96 -36.27 35.53
N ALA A 758 -25.43 -36.88 36.62
CA ALA A 758 -26.35 -38.02 36.57
C ALA A 758 -27.61 -37.70 35.76
N GLU A 759 -28.26 -36.56 36.07
CA GLU A 759 -29.58 -36.27 35.51
C GLU A 759 -29.51 -35.91 34.03
N ARG A 760 -28.57 -35.03 33.66
CA ARG A 760 -28.42 -34.57 32.27
C ARG A 760 -28.10 -35.72 31.32
N THR A 761 -27.15 -36.58 31.71
CA THR A 761 -26.80 -37.75 30.91
C THR A 761 -27.99 -38.71 30.78
N GLN A 762 -28.71 -38.95 31.87
CA GLN A 762 -29.79 -39.93 31.85
C GLN A 762 -31.01 -39.41 31.09
N GLN A 763 -31.43 -38.17 31.36
CA GLN A 763 -32.66 -37.64 30.78
C GLN A 763 -32.51 -37.40 29.28
N LYS A 764 -31.32 -37.02 28.83
CA LYS A 764 -31.06 -36.93 27.40
C LYS A 764 -30.99 -38.31 26.77
N LEU A 765 -30.57 -39.32 27.53
CA LEU A 765 -30.53 -40.69 27.02
C LEU A 765 -31.94 -41.25 26.86
N LEU A 792 -17.44 -40.79 42.69
CA LEU A 792 -18.84 -40.77 42.29
C LEU A 792 -19.72 -41.31 43.40
N LYS A 793 -19.58 -40.73 44.59
CA LYS A 793 -20.34 -41.12 45.77
C LYS A 793 -21.07 -39.91 46.34
N PRO A 794 -22.21 -40.12 47.01
CA PRO A 794 -22.89 -38.99 47.65
C PRO A 794 -22.21 -38.61 48.95
N LEU A 795 -22.04 -37.30 49.17
CA LEU A 795 -21.47 -36.80 50.42
C LEU A 795 -22.38 -37.14 51.59
N ASN A 796 -21.79 -37.74 52.63
CA ASN A 796 -22.55 -38.36 53.70
C ASN A 796 -22.24 -37.65 55.01
N CYS A 797 -22.89 -38.14 56.06
CA CYS A 797 -23.24 -37.49 57.35
C CYS A 797 -22.12 -36.62 57.92
N SER A 798 -20.93 -37.17 58.20
CA SER A 798 -19.91 -36.39 58.88
C SER A 798 -18.72 -36.01 58.00
N SER A 799 -18.77 -36.25 56.70
CA SER A 799 -17.62 -35.94 55.85
C SER A 799 -17.57 -34.45 55.51
N ARG A 800 -18.73 -33.77 55.52
CA ARG A 800 -18.84 -32.40 55.03
C ARG A 800 -18.07 -31.42 55.90
N LEU A 801 -17.90 -31.74 57.18
CA LEU A 801 -17.16 -30.87 58.08
C LEU A 801 -15.67 -30.80 57.70
N MET A 802 -15.05 -31.96 57.50
CA MET A 802 -13.65 -31.98 57.07
C MET A 802 -13.52 -31.46 55.64
N SER A 803 -14.55 -31.69 54.80
CA SER A 803 -14.52 -31.17 53.43
C SER A 803 -14.59 -29.64 53.40
N PHE A 804 -15.33 -29.04 54.35
CA PHE A 804 -15.38 -27.59 54.44
C PHE A 804 -14.13 -27.02 55.08
N LEU A 805 -13.56 -27.73 56.05
CA LEU A 805 -12.36 -27.22 56.70
C LEU A 805 -11.09 -27.45 55.88
N LYS A 806 -11.16 -28.28 54.83
CA LYS A 806 -9.98 -28.47 53.99
C LYS A 806 -9.85 -27.40 52.90
N SER A 807 -10.81 -26.48 52.79
CA SER A 807 -10.78 -25.52 51.69
C SER A 807 -9.72 -24.44 51.96
N PRO A 808 -9.03 -23.97 50.92
CA PRO A 808 -8.04 -22.91 51.14
C PRO A 808 -8.64 -21.54 51.36
N GLN A 809 -9.78 -21.25 50.73
CA GLN A 809 -10.39 -19.93 50.83
C GLN A 809 -10.81 -19.62 52.26
N VAL A 810 -11.39 -20.60 52.94
CA VAL A 810 -11.78 -20.45 54.34
C VAL A 810 -10.55 -20.38 55.23
N LYS A 811 -9.51 -21.13 54.86
CA LYS A 811 -8.29 -21.18 55.66
C LYS A 811 -7.53 -19.86 55.62
N PHE A 812 -7.65 -19.11 54.52
CA PHE A 812 -7.06 -17.77 54.43
C PHE A 812 -7.65 -16.82 55.47
N TYR A 813 -8.98 -16.80 55.61
CA TYR A 813 -9.61 -15.93 56.59
C TYR A 813 -9.30 -16.38 58.01
N TRP A 814 -9.33 -17.70 58.25
CA TRP A 814 -9.04 -18.17 59.60
C TRP A 814 -7.55 -18.08 59.96
N ASN A 815 -6.68 -17.79 59.01
CA ASN A 815 -5.30 -17.46 59.36
C ASN A 815 -5.10 -15.96 59.56
N ILE A 816 -5.78 -15.13 58.75
CA ILE A 816 -5.56 -13.69 58.86
C ILE A 816 -6.20 -13.14 60.13
N ALA A 817 -7.28 -13.78 60.62
CA ALA A 817 -7.89 -13.33 61.86
C ALA A 817 -7.00 -13.65 63.06
N SER A 818 -6.38 -14.83 63.06
CA SER A 818 -5.45 -15.18 64.11
C SER A 818 -4.21 -14.29 64.07
N TYR A 819 -3.82 -13.83 62.88
CA TYR A 819 -2.67 -12.93 62.80
C TYR A 819 -2.99 -11.56 63.39
N PHE A 820 -4.19 -11.03 63.10
CA PHE A 820 -4.61 -9.79 63.78
C PHE A 820 -4.71 -9.98 65.30
N GLY A 821 -5.18 -11.14 65.75
CA GLY A 821 -5.20 -11.42 67.18
C GLY A 821 -3.81 -11.43 67.79
N PHE A 822 -2.83 -11.93 67.04
CA PHE A 822 -1.44 -11.91 67.49
C PHE A 822 -0.91 -10.49 67.60
N LEU A 823 -1.23 -9.64 66.62
CA LEU A 823 -0.76 -8.25 66.68
C LEU A 823 -1.36 -7.50 67.85
N TRP A 824 -2.64 -7.72 68.14
CA TRP A 824 -3.26 -7.03 69.27
C TRP A 824 -2.73 -7.55 70.60
N LEU A 825 -2.46 -8.86 70.71
CA LEU A 825 -1.85 -9.41 71.91
C LEU A 825 -0.44 -8.86 72.13
N PHE A 826 0.37 -8.76 71.08
CA PHE A 826 1.71 -8.22 71.25
C PHE A 826 1.66 -6.73 71.57
N ALA A 827 0.67 -6.02 71.03
CA ALA A 827 0.54 -4.60 71.31
C ALA A 827 0.15 -4.35 72.77
N VAL A 828 -0.73 -5.18 73.32
CA VAL A 828 -1.09 -4.96 74.73
C VAL A 828 0.05 -5.40 75.65
N VAL A 829 0.78 -6.46 75.28
CA VAL A 829 1.85 -6.96 76.14
C VAL A 829 3.05 -6.01 76.15
N LEU A 830 3.40 -5.44 74.99
CA LEU A 830 4.60 -4.61 74.91
C LEU A 830 4.45 -3.30 75.66
N MET A 831 3.25 -2.73 75.69
CA MET A 831 3.03 -1.44 76.32
C MET A 831 2.49 -1.54 77.75
N ILE A 832 1.36 -2.23 77.96
CA ILE A 832 0.66 -2.10 79.24
C ILE A 832 1.39 -2.83 80.35
N ASP A 833 1.73 -4.10 80.14
CA ASP A 833 2.40 -4.86 81.19
C ASP A 833 3.66 -5.54 80.64
N PHE A 834 4.81 -4.97 80.96
CA PHE A 834 6.10 -5.60 80.70
C PHE A 834 6.85 -5.60 82.02
N GLN A 835 6.56 -6.60 82.84
CA GLN A 835 7.04 -6.63 84.21
C GLN A 835 8.48 -7.13 84.28
N THR A 836 9.11 -6.91 85.44
CA THR A 836 10.42 -7.44 85.77
C THR A 836 10.48 -8.96 85.65
N SER A 837 9.42 -9.63 86.07
CA SER A 837 9.27 -11.06 85.85
C SER A 837 8.26 -11.31 84.73
N PRO A 838 8.40 -12.39 83.96
CA PRO A 838 7.43 -12.66 82.89
C PRO A 838 6.05 -13.02 83.40
N SER A 839 5.08 -12.13 83.18
CA SER A 839 3.71 -12.39 83.61
C SER A 839 3.08 -13.46 82.73
N TRP A 840 1.95 -14.00 83.23
CA TRP A 840 1.22 -15.12 82.58
C TRP A 840 0.77 -14.69 81.17
N ARG A 841 0.39 -13.41 81.02
CA ARG A 841 -0.05 -12.89 79.71
C ARG A 841 1.11 -13.02 78.73
N GLU A 842 2.35 -12.81 79.19
CA GLU A 842 3.50 -12.89 78.30
C GLU A 842 3.92 -14.31 77.95
N LEU A 843 3.35 -15.34 78.58
CA LEU A 843 3.72 -16.72 78.27
C LEU A 843 3.09 -17.18 76.96
N LEU A 844 1.87 -16.70 76.68
CA LEU A 844 1.13 -17.04 75.47
C LEU A 844 1.90 -16.62 74.23
N LEU A 845 2.62 -15.51 74.32
CA LEU A 845 3.51 -15.03 73.29
C LEU A 845 4.57 -16.07 72.93
N TYR A 846 5.14 -16.70 73.95
CA TYR A 846 6.24 -17.64 73.73
C TYR A 846 5.71 -18.95 73.15
N VAL A 847 4.54 -19.39 73.65
CA VAL A 847 3.89 -20.58 73.12
C VAL A 847 3.48 -20.38 71.66
N TRP A 848 2.97 -19.17 71.35
CA TRP A 848 2.63 -18.81 69.98
C TRP A 848 3.83 -18.90 69.07
N LEU A 849 4.94 -18.31 69.50
CA LEU A 849 6.13 -18.33 68.63
C LEU A 849 6.56 -19.77 68.42
N THR A 850 6.59 -20.56 69.49
CA THR A 850 7.01 -21.96 69.34
C THR A 850 6.19 -22.67 68.26
N SER A 851 4.87 -22.46 68.26
CA SER A 851 4.02 -23.03 67.22
C SER A 851 4.35 -22.46 65.83
N LEU A 852 4.69 -21.17 65.77
CA LEU A 852 5.00 -20.55 64.49
C LEU A 852 6.33 -21.05 63.93
N VAL A 853 7.32 -21.28 64.79
CA VAL A 853 8.61 -21.82 64.34
C VAL A 853 8.46 -23.25 63.85
N CYS A 854 7.64 -24.05 64.56
CA CYS A 854 7.36 -25.41 64.09
C CYS A 854 6.65 -25.39 62.73
N GLU A 855 5.74 -24.42 62.53
CA GLU A 855 5.10 -24.24 61.22
C GLU A 855 6.12 -23.92 60.12
N GLU A 856 7.08 -23.04 60.43
CA GLU A 856 8.09 -22.70 59.42
C GLU A 856 9.02 -23.88 59.12
N ILE A 857 9.31 -24.71 60.11
CA ILE A 857 10.13 -25.90 59.87
C ILE A 857 9.39 -26.90 58.99
N ARG A 858 8.08 -27.06 59.21
CA ARG A 858 7.29 -27.94 58.35
C ARG A 858 7.19 -27.38 56.92
N GLN A 859 7.11 -26.06 56.75
CA GLN A 859 7.11 -25.52 55.38
C GLN A 859 8.46 -25.89 54.77
N LEU A 860 9.56 -25.70 55.52
CA LEU A 860 10.85 -26.06 54.93
C LEU A 860 10.87 -27.52 54.49
N TYR A 861 10.27 -28.41 55.28
CA TYR A 861 10.33 -29.84 54.96
C TYR A 861 9.51 -30.20 53.73
N HIS A 862 8.25 -29.79 53.67
CA HIS A 862 7.31 -30.39 52.72
C HIS A 862 6.60 -29.35 51.88
N ASP A 863 7.38 -28.41 51.34
CA ASP A 863 6.89 -27.58 50.24
C ASP A 863 7.23 -28.19 48.89
N PHE A 864 8.42 -28.76 48.77
CA PHE A 864 8.85 -29.51 47.60
C PHE A 864 9.38 -30.86 48.06
N ASP A 865 9.68 -31.74 47.09
CA ASP A 865 10.05 -33.12 47.37
C ASP A 865 11.41 -33.42 46.70
N GLY A 866 12.34 -32.50 46.88
CA GLY A 866 13.63 -32.61 46.20
C GLY A 866 14.53 -33.71 46.74
N SER A 867 14.36 -34.05 48.01
CA SER A 867 15.06 -35.10 48.79
C SER A 867 16.52 -34.75 49.07
N GLY A 868 16.98 -33.54 48.78
CA GLY A 868 18.33 -33.11 49.13
C GLY A 868 18.31 -31.91 50.03
N PHE A 869 19.16 -31.89 51.06
CA PHE A 869 19.17 -30.79 52.02
C PHE A 869 19.65 -29.49 51.40
N ARG A 870 20.60 -29.56 50.47
CA ARG A 870 20.92 -28.38 49.68
C ARG A 870 19.78 -28.04 48.73
N ARG A 871 19.16 -29.07 48.16
CA ARG A 871 18.07 -28.89 47.21
C ARG A 871 16.84 -28.26 47.86
N LYS A 872 16.58 -28.57 49.13
CA LYS A 872 15.44 -27.95 49.81
C LYS A 872 15.75 -26.54 50.30
N ALA A 873 16.87 -26.38 51.01
CA ALA A 873 17.18 -25.11 51.64
C ALA A 873 17.55 -24.05 50.62
N LYS A 874 18.17 -24.45 49.51
CA LYS A 874 18.58 -23.50 48.48
C LYS A 874 17.38 -22.85 47.80
N MET A 875 16.29 -23.60 47.60
CA MET A 875 15.09 -22.98 47.08
C MET A 875 14.28 -22.32 48.19
N TYR A 876 14.42 -22.78 49.43
CA TYR A 876 13.66 -22.19 50.53
C TYR A 876 14.13 -20.78 50.84
N ILE A 877 15.45 -20.55 50.84
CA ILE A 877 15.98 -19.22 51.11
C ILE A 877 15.83 -18.28 49.92
N LYS A 878 15.55 -18.82 48.72
CA LYS A 878 15.33 -17.98 47.54
C LYS A 878 13.99 -17.24 47.56
N ASP A 879 13.19 -17.38 48.62
CA ASP A 879 11.92 -16.71 48.79
C ASP A 879 12.18 -15.29 49.29
N LEU A 880 11.13 -14.54 49.59
CA LEU A 880 11.27 -13.25 50.26
C LEU A 880 10.41 -13.15 51.52
N TRP A 881 9.21 -13.73 51.48
CA TRP A 881 8.36 -13.75 52.67
C TRP A 881 9.00 -14.60 53.76
N ASN A 882 9.66 -15.69 53.36
CA ASN A 882 10.40 -16.50 54.31
C ASN A 882 11.60 -15.74 54.88
N ILE A 883 12.24 -14.87 54.09
CA ILE A 883 13.31 -14.02 54.62
C ILE A 883 12.77 -13.10 55.71
N LEU A 884 11.61 -12.49 55.46
CA LEU A 884 11.01 -11.57 56.46
C LEU A 884 10.70 -12.36 57.74
N ASP A 885 10.17 -13.57 57.59
CA ASP A 885 9.83 -14.46 58.74
C ASP A 885 11.11 -14.86 59.48
N VAL A 886 12.17 -15.18 58.73
CA VAL A 886 13.48 -15.61 59.32
C VAL A 886 14.06 -14.48 60.17
N LEU A 887 13.98 -13.24 59.67
CA LEU A 887 14.51 -12.08 60.39
C LEU A 887 13.66 -11.75 61.62
N SER A 888 12.34 -11.91 61.51
CA SER A 888 11.46 -11.67 62.65
C SER A 888 11.72 -12.65 63.78
N ILE A 889 11.88 -13.94 63.44
CA ILE A 889 12.11 -14.95 64.47
C ILE A 889 13.49 -14.78 65.11
N VAL A 890 14.50 -14.39 64.32
CA VAL A 890 15.84 -14.18 64.86
C VAL A 890 15.87 -13.00 65.83
N LEU A 891 15.17 -11.90 65.48
CA LEU A 891 15.09 -10.78 66.41
C LEU A 891 14.32 -11.13 67.67
N PHE A 892 13.28 -11.97 67.56
CA PHE A 892 12.55 -12.39 68.76
C PHE A 892 13.41 -13.26 69.66
N ILE A 893 14.23 -14.14 69.07
CA ILE A 893 15.09 -15.01 69.85
C ILE A 893 16.19 -14.22 70.55
N ALA A 894 16.76 -13.22 69.86
CA ALA A 894 17.74 -12.36 70.51
C ALA A 894 17.12 -11.56 71.66
N GLY A 895 15.89 -11.09 71.47
CA GLY A 895 15.18 -10.45 72.56
C GLY A 895 14.92 -11.38 73.73
N LEU A 896 14.57 -12.63 73.45
CA LEU A 896 14.31 -13.59 74.52
C LEU A 896 15.58 -13.98 75.27
N ILE A 897 16.72 -13.98 74.58
CA ILE A 897 17.99 -14.16 75.27
C ILE A 897 18.25 -12.99 76.21
N CYS A 898 18.07 -11.76 75.72
CA CYS A 898 18.40 -10.60 76.55
C CYS A 898 17.38 -10.35 77.66
N ARG A 899 16.15 -10.83 77.52
CA ARG A 899 15.04 -10.35 78.35
C ARG A 899 15.07 -10.89 79.78
N LEU A 900 15.80 -11.97 80.05
CA LEU A 900 15.87 -12.49 81.42
C LEU A 900 17.29 -12.39 81.95
N GLN A 901 17.91 -11.22 81.72
CA GLN A 901 19.32 -11.04 82.07
C GLN A 901 19.52 -10.96 83.58
N ALA A 902 18.56 -10.36 84.29
CA ALA A 902 18.51 -10.01 85.72
C ALA A 902 19.47 -8.87 86.04
N SER A 903 20.10 -8.24 85.05
CA SER A 903 20.87 -7.02 85.21
C SER A 903 20.17 -5.91 84.46
N ASP A 904 20.04 -4.74 85.10
CA ASP A 904 19.18 -3.68 84.59
C ASP A 904 19.69 -3.07 83.29
N THR A 905 20.97 -3.27 82.96
CA THR A 905 21.55 -2.64 81.78
C THR A 905 20.97 -3.23 80.48
N VAL A 906 20.66 -4.52 80.47
CA VAL A 906 20.24 -5.20 79.25
C VAL A 906 18.71 -5.30 79.15
N PHE A 907 18.00 -5.02 80.26
CA PHE A 907 16.54 -5.10 80.30
C PHE A 907 15.90 -4.09 79.36
N TYR A 908 16.55 -2.94 79.18
CA TYR A 908 16.05 -1.91 78.27
C TYR A 908 16.33 -2.27 76.82
N ILE A 909 17.52 -2.82 76.56
CA ILE A 909 17.94 -3.15 75.19
C ILE A 909 17.08 -4.27 74.63
N GLY A 910 16.71 -5.24 75.47
CA GLY A 910 15.79 -6.29 75.03
C GLY A 910 14.44 -5.77 74.63
N LYS A 911 13.93 -4.77 75.36
CA LYS A 911 12.64 -4.17 75.00
C LYS A 911 12.73 -3.45 73.66
N VAL A 912 13.86 -2.79 73.40
CA VAL A 912 14.08 -2.15 72.10
C VAL A 912 14.11 -3.20 70.98
N ILE A 913 14.75 -4.34 71.24
CA ILE A 913 14.80 -5.43 70.25
C ILE A 913 13.40 -5.97 69.95
N LEU A 914 12.56 -6.10 70.97
CA LEU A 914 11.19 -6.54 70.75
C LEU A 914 10.38 -5.51 69.95
N CYS A 915 10.66 -4.22 70.13
CA CYS A 915 9.96 -3.21 69.33
C CYS A 915 10.35 -3.30 67.85
N ILE A 916 11.63 -3.57 67.58
CA ILE A 916 12.06 -3.74 66.18
C ILE A 916 11.45 -5.01 65.59
N ASP A 917 11.34 -6.07 66.39
CA ASP A 917 10.68 -7.29 65.94
C ASP A 917 9.20 -7.07 65.66
N PHE A 918 8.56 -6.18 66.42
CA PHE A 918 7.17 -5.83 66.13
C PHE A 918 7.05 -5.10 64.81
N ILE A 919 8.01 -4.24 64.48
CA ILE A 919 7.99 -3.56 63.19
C ILE A 919 8.15 -4.57 62.05
N ILE A 920 9.00 -5.58 62.24
CA ILE A 920 9.18 -6.62 61.23
C ILE A 920 7.91 -7.46 61.05
N PHE A 921 7.21 -7.76 62.15
CA PHE A 921 5.94 -8.49 62.03
C PHE A 921 4.88 -7.65 61.31
N CYS A 922 4.82 -6.35 61.57
CA CYS A 922 3.76 -5.53 60.99
C CYS A 922 4.05 -5.26 59.51
N LEU A 923 5.33 -5.38 59.10
CA LEU A 923 5.62 -5.34 57.67
C LEU A 923 5.38 -6.70 57.01
N ARG A 924 5.53 -7.79 57.77
CA ARG A 924 5.18 -9.12 57.26
C ARG A 924 3.68 -9.22 56.97
N LEU A 925 2.87 -8.41 57.66
CA LEU A 925 1.46 -8.26 57.25
C LEU A 925 1.37 -7.72 55.81
N MET A 926 2.05 -6.61 55.51
CA MET A 926 1.82 -5.90 54.25
C MET A 926 2.41 -6.64 53.07
N ALA A 927 3.44 -7.46 53.36
CA ALA A 927 4.03 -8.30 52.32
C ALA A 927 3.01 -9.24 51.68
N ILE A 928 2.01 -9.69 52.45
CA ILE A 928 1.01 -10.62 51.90
C ILE A 928 0.17 -9.95 50.83
N PHE A 929 -0.34 -8.75 51.11
CA PHE A 929 -1.31 -8.12 50.23
C PHE A 929 -0.69 -7.22 49.18
N SER A 930 0.59 -6.87 49.30
CA SER A 930 1.11 -5.99 48.25
C SER A 930 2.23 -6.59 47.43
N ILE A 931 3.31 -7.01 48.07
CA ILE A 931 4.55 -7.40 47.40
C ILE A 931 4.36 -8.77 46.72
N SER A 932 5.25 -9.11 45.80
CA SER A 932 5.23 -10.40 45.13
C SER A 932 6.36 -11.28 45.67
N ARG A 933 6.27 -12.57 45.34
CA ARG A 933 7.11 -13.57 45.98
C ARG A 933 8.56 -13.53 45.46
N THR A 934 8.73 -13.31 44.16
CA THR A 934 9.98 -13.58 43.47
C THR A 934 11.11 -12.65 43.94
N LEU A 935 12.26 -13.25 44.27
CA LEU A 935 13.39 -12.49 44.79
C LEU A 935 14.07 -11.68 43.69
N GLY A 936 14.20 -12.25 42.50
CA GLY A 936 14.95 -11.67 41.41
C GLY A 936 14.53 -10.32 40.84
N PRO A 937 13.25 -10.16 40.42
CA PRO A 937 12.85 -8.89 39.78
C PRO A 937 12.90 -7.65 40.67
N LYS A 938 12.94 -7.80 42.00
CA LYS A 938 13.01 -6.63 42.89
C LYS A 938 14.32 -5.87 42.72
N ILE A 939 15.43 -6.61 42.69
CA ILE A 939 16.77 -6.02 42.67
C ILE A 939 17.00 -5.16 41.43
N ILE A 940 16.36 -5.53 40.31
CA ILE A 940 16.56 -4.92 39.00
C ILE A 940 16.18 -3.43 39.01
N ILE A 941 15.17 -3.07 39.79
CA ILE A 941 14.75 -1.68 39.90
C ILE A 941 15.18 -1.05 41.22
N VAL A 942 15.29 -1.83 42.31
CA VAL A 942 15.71 -1.29 43.60
C VAL A 942 17.15 -0.76 43.52
N ARG A 943 18.04 -1.50 42.85
CA ARG A 943 19.43 -1.11 42.76
C ARG A 943 19.61 0.19 41.98
N ARG A 944 18.99 0.27 40.79
CA ARG A 944 19.10 1.46 39.95
C ARG A 944 18.51 2.69 40.62
N MET A 945 17.30 2.57 41.17
CA MET A 945 16.66 3.75 41.72
C MET A 945 17.33 4.20 43.01
N MET A 946 17.81 3.25 43.84
CA MET A 946 18.55 3.63 45.04
C MET A 946 19.89 4.27 44.69
N LEU A 947 20.55 3.79 43.63
CA LEU A 947 21.83 4.35 43.21
C LEU A 947 21.67 5.78 42.68
N ASP A 948 20.65 5.99 41.84
CA ASP A 948 20.36 7.32 41.31
C ASP A 948 19.97 8.29 42.41
N LEU A 949 19.16 7.81 43.37
CA LEU A 949 18.78 8.60 44.53
C LEU A 949 19.98 9.01 45.36
N PHE A 950 20.88 8.05 45.59
CA PHE A 950 22.08 8.34 46.41
C PHE A 950 22.97 9.36 45.71
N PHE A 951 23.11 9.26 44.38
CA PHE A 951 23.95 10.21 43.62
C PHE A 951 23.37 11.63 43.71
N PHE A 952 22.06 11.77 43.52
CA PHE A 952 21.44 13.13 43.62
C PHE A 952 21.57 13.65 45.04
N MET A 953 21.36 12.78 46.03
CA MET A 953 21.44 13.21 47.43
C MET A 953 22.83 13.68 47.80
N PHE A 954 23.83 13.02 47.23
CA PHE A 954 25.25 13.41 47.45
C PHE A 954 25.46 14.79 46.83
N LEU A 955 24.89 15.01 45.64
CA LEU A 955 25.01 16.29 44.94
C LEU A 955 24.38 17.42 45.73
N LEU A 956 23.28 17.15 46.43
CA LEU A 956 22.66 18.19 47.25
C LEU A 956 23.46 18.44 48.54
N SER A 957 24.01 17.38 49.12
CA SER A 957 24.72 17.50 50.39
C SER A 957 25.97 18.37 50.25
N ILE A 958 26.63 18.28 49.09
CA ILE A 958 27.79 19.13 48.80
C ILE A 958 27.43 20.61 48.85
N TRP A 959 26.29 20.94 48.24
CA TRP A 959 25.84 22.33 48.14
C TRP A 959 25.46 22.89 49.50
N VAL A 960 24.76 22.10 50.31
CA VAL A 960 24.33 22.61 51.62
C VAL A 960 25.53 22.75 52.57
N VAL A 961 26.53 21.86 52.45
CA VAL A 961 27.75 22.03 53.25
C VAL A 961 28.50 23.30 52.84
N ALA A 962 28.52 23.60 51.54
CA ALA A 962 29.18 24.80 51.05
C ALA A 962 28.55 26.07 51.61
N TYR A 963 27.21 26.13 51.53
CA TYR A 963 26.45 27.30 52.03
C TYR A 963 26.63 27.46 53.54
N GLY A 964 26.62 26.34 54.28
CA GLY A 964 26.77 26.39 55.72
C GLY A 964 28.13 26.87 56.17
N VAL A 965 29.19 26.32 55.57
CA VAL A 965 30.56 26.68 55.95
C VAL A 965 30.83 28.15 55.61
N ALA A 966 30.34 28.64 54.47
CA ALA A 966 30.56 30.04 54.12
C ALA A 966 29.79 30.98 55.06
N LYS A 967 28.50 30.67 55.28
CA LYS A 967 27.63 31.52 56.09
C LYS A 967 28.11 31.62 57.53
N GLN A 968 28.58 30.51 58.09
CA GLN A 968 29.18 30.64 59.41
C GLN A 968 30.58 31.22 59.33
N GLY A 969 31.24 31.17 58.17
CA GLY A 969 32.59 31.71 58.04
C GLY A 969 32.69 33.22 58.15
N ILE A 970 31.80 33.91 57.43
CA ILE A 970 31.81 35.40 57.29
C ILE A 970 31.47 36.19 58.55
N LEU A 971 30.48 35.78 59.35
CA LEU A 971 30.01 36.66 60.46
C LEU A 971 30.29 36.12 61.88
N ILE A 972 31.23 35.21 62.10
CA ILE A 972 31.39 34.73 63.51
C ILE A 972 32.89 34.70 63.84
N GLU A 973 33.30 35.03 65.07
CA GLU A 973 34.73 34.93 65.49
C GLU A 973 35.06 33.44 65.64
N ASN A 974 36.34 33.09 65.55
CA ASN A 974 36.70 31.65 65.57
C ASN A 974 36.03 31.01 66.79
N GLU A 975 35.37 29.88 66.57
CA GLU A 975 34.65 29.15 67.65
C GLU A 975 35.53 28.01 68.13
N GLU A 976 35.78 27.94 69.44
CA GLU A 976 36.65 26.90 70.02
C GLU A 976 35.81 25.65 70.34
N ARG A 977 34.49 25.70 70.11
CA ARG A 977 33.72 24.51 70.48
C ARG A 977 33.25 23.79 69.23
N LEU A 978 33.59 22.51 69.13
CA LEU A 978 33.39 21.77 67.88
C LEU A 978 31.94 21.40 67.65
N ASN A 979 31.17 21.19 68.73
CA ASN A 979 29.78 20.77 68.57
C ASN A 979 28.91 21.88 67.95
N TRP A 980 29.18 23.14 68.31
CA TRP A 980 28.43 24.23 67.72
C TRP A 980 28.81 24.45 66.26
N ILE A 981 30.05 24.10 65.88
CA ILE A 981 30.47 24.15 64.49
C ILE A 981 29.58 23.29 63.60
N ILE A 982 29.46 21.99 63.93
CA ILE A 982 28.61 21.11 63.14
C ILE A 982 27.14 21.46 63.31
N ARG A 983 26.74 21.87 64.53
CA ARG A 983 25.34 22.14 64.82
C ARG A 983 24.83 23.39 64.10
N GLY A 984 25.72 24.35 63.83
CA GLY A 984 25.35 25.51 63.06
C GLY A 984 25.91 25.57 61.66
N ALA A 985 26.59 24.51 61.20
CA ALA A 985 27.08 24.50 59.82
C ALA A 985 26.45 23.43 58.94
N VAL A 986 25.96 22.33 59.50
CA VAL A 986 25.41 21.27 58.65
C VAL A 986 23.94 21.10 59.00
N TYR A 987 23.60 21.39 60.25
CA TYR A 987 22.23 21.12 60.71
C TYR A 987 21.26 22.20 60.26
N GLU A 988 21.59 23.46 60.53
CA GLU A 988 20.67 24.56 60.24
C GLU A 988 20.46 24.83 58.75
N PRO A 989 21.47 24.81 57.87
CA PRO A 989 21.14 24.92 56.43
C PRO A 989 20.37 23.74 55.88
N TYR A 990 20.54 22.58 56.50
CA TYR A 990 19.77 21.37 56.10
C TYR A 990 18.29 21.49 56.47
N ILE A 991 17.99 22.08 57.62
CA ILE A 991 16.62 22.27 58.08
C ILE A 991 16.01 23.51 57.42
N THR A 992 16.86 24.41 56.91
CA THR A 992 16.37 25.67 56.33
C THR A 992 15.62 25.44 55.02
N ILE A 993 16.13 24.55 54.16
CA ILE A 993 15.62 24.45 52.79
C ILE A 993 14.22 23.86 52.73
N PHE A 994 13.77 23.18 53.77
CA PHE A 994 12.39 22.73 53.83
C PHE A 994 11.43 23.77 54.40
N GLY A 995 11.94 24.85 54.97
CA GLY A 995 11.07 25.85 55.56
C GLY A 995 10.45 26.77 54.52
N ASN A 996 9.35 27.39 54.92
CA ASN A 996 8.66 28.36 54.08
C ASN A 996 9.50 29.63 53.96
N PHE A 997 9.43 30.27 52.77
CA PHE A 997 10.26 31.44 52.49
C PHE A 997 10.02 32.66 53.38
N PRO A 998 8.79 33.03 53.79
CA PRO A 998 8.70 34.09 54.81
C PRO A 998 9.21 33.64 56.17
N THR A 999 8.97 32.38 56.54
CA THR A 999 9.48 31.87 57.82
C THR A 999 10.99 31.73 57.80
N ASN A 1000 11.57 31.44 56.62
CA ASN A 1000 13.00 31.21 56.51
C ASN A 1000 13.82 32.45 56.83
N ILE A 1001 13.25 33.64 56.63
CA ILE A 1001 13.95 34.85 57.03
C ILE A 1001 13.86 34.98 58.55
N ASP A 1002 14.90 34.50 59.23
CA ASP A 1002 15.07 34.67 60.67
C ASP A 1002 16.47 35.24 60.87
N ASN A 1003 16.60 36.56 60.78
CA ASN A 1003 17.91 37.19 60.79
C ASN A 1003 17.85 38.51 61.53
N THR A 1004 18.56 38.58 62.65
CA THR A 1004 18.86 39.82 63.35
C THR A 1004 20.10 39.57 64.20
N LEU A 1005 20.62 40.64 64.78
CA LEU A 1005 21.93 40.58 65.41
C LEU A 1005 21.88 39.79 66.72
N PHE A 1006 20.98 40.15 67.63
CA PHE A 1006 21.11 39.76 69.03
C PHE A 1006 19.74 39.41 69.61
N ASP A 1007 19.38 38.12 69.59
CA ASP A 1007 18.23 37.68 70.38
C ASP A 1007 18.64 36.67 71.45
N ILE A 1008 19.24 35.56 71.02
CA ILE A 1008 19.53 34.44 71.92
C ILE A 1008 21.00 34.12 72.01
N SER A 1009 21.84 34.73 71.20
CA SER A 1009 23.28 34.48 71.23
C SER A 1009 23.92 35.24 72.39
N SER A 1010 24.84 34.58 73.09
CA SER A 1010 25.58 35.18 74.20
C SER A 1010 27.07 34.97 73.97
N CYS A 1011 27.84 36.07 73.95
CA CYS A 1011 29.26 35.94 73.60
C CYS A 1011 30.20 36.81 74.43
N SER A 1012 29.65 37.46 75.47
CA SER A 1012 30.41 38.47 76.27
C SER A 1012 31.62 37.85 76.98
N VAL A 1013 31.45 36.69 77.60
CA VAL A 1013 32.60 36.01 78.27
C VAL A 1013 32.74 34.66 77.55
N ASN A 1014 33.62 34.59 76.56
CA ASN A 1014 33.78 33.34 75.77
C ASN A 1014 32.39 32.98 75.23
N ALA A 1015 31.95 31.75 75.52
CA ALA A 1015 30.65 31.23 75.13
C ALA A 1015 29.82 30.90 76.35
N SER A 1016 28.53 31.19 76.26
CA SER A 1016 27.58 30.70 77.25
C SER A 1016 27.36 29.21 77.05
N ASP A 1017 27.54 28.44 78.12
CA ASP A 1017 27.30 27.00 78.04
C ASP A 1017 25.83 26.61 77.86
N PRO A 1018 24.80 27.21 78.55
CA PRO A 1018 23.44 26.68 78.29
C PRO A 1018 22.81 27.00 76.93
N LEU A 1019 23.28 26.25 75.92
CA LEU A 1019 22.67 26.14 74.58
C LEU A 1019 22.58 27.48 73.87
N LYS A 1020 23.66 28.25 73.91
CA LYS A 1020 23.72 29.55 73.26
C LYS A 1020 24.86 29.59 72.26
N PRO A 1021 24.60 29.82 70.98
CA PRO A 1021 25.70 30.06 70.02
C PRO A 1021 26.37 31.40 70.28
N LYS A 1022 27.60 31.51 69.80
CA LYS A 1022 28.34 32.76 69.88
C LYS A 1022 27.69 33.82 68.99
N CYS A 1023 27.76 35.07 69.44
CA CYS A 1023 27.17 36.17 68.72
C CYS A 1023 27.94 36.46 67.42
N PRO A 1024 27.28 37.01 66.41
CA PRO A 1024 28.02 37.61 65.29
C PRO A 1024 28.79 38.82 65.78
N MET A 1025 29.89 39.12 65.08
CA MET A 1025 30.73 40.25 65.47
C MET A 1025 29.99 41.56 65.25
N LEU A 1026 30.16 42.48 66.19
CA LEU A 1026 29.54 43.79 66.12
C LEU A 1026 30.61 44.87 66.00
N ASN A 1027 30.36 45.83 65.12
CA ASN A 1027 31.24 46.99 65.01
C ASN A 1027 30.69 48.10 65.91
N ALA A 1028 29.44 48.49 65.67
CA ALA A 1028 28.73 49.38 66.57
C ALA A 1028 27.90 48.58 67.57
N ASP A 1029 27.31 49.30 68.52
CA ASP A 1029 26.36 48.68 69.44
C ASP A 1029 25.10 48.29 68.71
N ASN A 1030 24.72 47.01 68.86
CA ASN A 1030 23.53 46.40 68.27
C ASN A 1030 23.49 46.54 66.75
N THR A 1031 24.56 46.11 66.10
CA THR A 1031 24.61 46.09 64.65
C THR A 1031 25.56 44.99 64.21
N PRO A 1032 25.26 44.33 63.09
CA PRO A 1032 26.26 43.47 62.46
C PRO A 1032 27.13 44.26 61.49
N VAL A 1033 28.45 44.07 61.57
CA VAL A 1033 29.40 44.64 60.61
C VAL A 1033 29.07 44.24 59.17
N PHE A 1034 28.54 43.04 58.99
CA PHE A 1034 28.08 42.53 57.71
C PHE A 1034 26.63 42.94 57.50
N PRO A 1035 26.27 43.51 56.34
CA PRO A 1035 24.89 43.97 56.13
C PRO A 1035 23.91 42.81 56.07
N GLU A 1036 22.70 43.06 56.57
CA GLU A 1036 21.68 42.02 56.60
C GLU A 1036 21.14 41.72 55.21
N TRP A 1037 21.18 42.70 54.30
CA TRP A 1037 20.61 42.48 52.98
C TRP A 1037 21.50 41.60 52.12
N LEU A 1038 22.82 41.59 52.38
CA LEU A 1038 23.66 40.58 51.74
C LEU A 1038 23.32 39.18 52.20
N THR A 1039 22.99 39.03 53.49
CA THR A 1039 22.62 37.70 54.02
C THR A 1039 21.33 37.25 53.31
N ILE A 1040 20.37 38.16 53.15
CA ILE A 1040 19.07 37.86 52.47
C ILE A 1040 19.32 37.54 51.00
N MET A 1041 20.20 38.32 50.34
CA MET A 1041 20.50 38.12 48.89
C MET A 1041 21.14 36.74 48.69
N MET A 1042 22.04 36.36 49.60
CA MET A 1042 22.74 35.08 49.55
C MET A 1042 21.79 33.93 49.89
N LEU A 1043 20.89 34.16 50.85
CA LEU A 1043 19.85 33.19 51.16
C LEU A 1043 18.89 33.02 49.99
N CYS A 1044 18.61 34.08 49.23
CA CYS A 1044 17.74 33.96 48.07
C CYS A 1044 18.38 33.10 46.99
N VAL A 1045 19.67 33.32 46.73
CA VAL A 1045 20.38 32.52 45.71
C VAL A 1045 20.44 31.05 46.11
N TYR A 1046 20.87 30.80 47.35
CA TYR A 1046 20.94 29.43 47.88
C TYR A 1046 19.57 28.76 47.92
N LEU A 1047 18.54 29.50 48.38
CA LEU A 1047 17.19 28.97 48.46
C LEU A 1047 16.64 28.63 47.09
N LEU A 1048 16.89 29.48 46.08
CA LEU A 1048 16.41 29.20 44.73
C LEU A 1048 17.06 27.94 44.17
N PHE A 1049 18.40 27.88 44.21
CA PHE A 1049 19.11 26.77 43.57
C PHE A 1049 18.86 25.45 44.29
N ALA A 1050 18.80 25.47 45.63
CA ALA A 1050 18.54 24.23 46.35
C ALA A 1050 17.06 23.84 46.31
N ASN A 1051 16.16 24.83 46.42
CA ASN A 1051 14.74 24.55 46.57
C ASN A 1051 14.13 24.04 45.28
N ILE A 1052 14.56 24.58 44.13
CA ILE A 1052 13.90 24.29 42.88
C ILE A 1052 14.63 23.21 42.10
N LEU A 1053 15.86 23.49 41.68
CA LEU A 1053 16.44 22.82 40.52
C LEU A 1053 16.81 21.36 40.82
N LEU A 1054 17.26 21.08 42.04
CA LEU A 1054 17.64 19.70 42.36
C LEU A 1054 16.43 18.86 42.74
N LEU A 1055 15.57 19.40 43.62
CA LEU A 1055 14.43 18.64 44.13
C LEU A 1055 13.42 18.34 43.04
N ASN A 1056 13.32 19.22 42.05
CA ASN A 1056 12.47 18.95 40.89
C ASN A 1056 13.01 17.76 40.09
N LEU A 1057 14.34 17.60 40.03
CA LEU A 1057 14.92 16.42 39.39
C LEU A 1057 14.65 15.15 40.19
N LEU A 1058 14.72 15.24 41.52
CA LEU A 1058 14.37 14.10 42.36
C LEU A 1058 12.92 13.68 42.18
N ILE A 1059 12.02 14.66 42.25
CA ILE A 1059 10.59 14.41 42.05
C ILE A 1059 10.31 13.93 40.63
N ALA A 1060 11.11 14.37 39.65
CA ALA A 1060 10.97 13.88 38.29
C ALA A 1060 11.27 12.40 38.19
N ILE A 1061 12.40 11.97 38.76
CA ILE A 1061 12.75 10.53 38.68
C ILE A 1061 11.74 9.66 39.46
N PHE A 1062 11.55 9.95 40.75
CA PHE A 1062 10.65 9.09 41.58
C PHE A 1062 9.26 9.10 40.97
N ASN A 1063 8.75 10.26 40.59
CA ASN A 1063 7.40 10.29 39.97
C ASN A 1063 7.44 9.50 38.67
N TYR A 1064 8.51 9.59 37.88
CA TYR A 1064 8.49 8.79 36.63
C TYR A 1064 8.39 7.32 36.99
N THR A 1065 9.14 6.82 37.99
CA THR A 1065 8.95 5.36 38.24
C THR A 1065 7.54 5.14 38.75
N PHE A 1066 7.08 6.00 39.67
CA PHE A 1066 5.76 5.73 40.20
C PHE A 1066 4.70 5.67 39.10
N GLN A 1067 4.78 6.57 38.11
CA GLN A 1067 3.80 6.57 37.03
C GLN A 1067 3.98 5.35 36.13
N GLU A 1068 5.21 4.93 35.90
CA GLU A 1068 5.44 3.72 35.12
C GLU A 1068 4.96 2.47 35.87
N VAL A 1069 5.13 2.46 37.20
CA VAL A 1069 4.71 1.30 37.99
C VAL A 1069 3.18 1.22 38.06
N GLN A 1070 2.53 2.35 38.32
CA GLN A 1070 1.07 2.37 38.44
C GLN A 1070 0.39 2.17 37.10
N ASP A 1071 0.99 2.66 36.01
CA ASP A 1071 0.42 2.54 34.68
C ASP A 1071 0.93 1.30 33.94
N ASN A 1072 1.60 0.37 34.65
CA ASN A 1072 2.22 -0.78 33.98
C ASN A 1072 1.19 -1.77 33.47
N THR A 1073 0.29 -2.22 34.34
CA THR A 1073 -0.58 -3.34 33.98
C THR A 1073 -1.82 -3.36 34.86
N ASP A 1074 -2.80 -4.15 34.42
CA ASP A 1074 -3.97 -4.50 35.21
C ASP A 1074 -3.94 -5.94 35.71
N THR A 1075 -2.93 -6.71 35.36
CA THR A 1075 -2.85 -8.13 35.68
C THR A 1075 -2.01 -8.42 36.93
N ILE A 1076 -1.69 -7.40 37.72
CA ILE A 1076 -0.83 -7.61 38.88
C ILE A 1076 -1.56 -8.39 39.96
N TRP A 1077 -2.82 -8.00 40.20
CA TRP A 1077 -3.68 -8.64 41.23
C TRP A 1077 -3.93 -10.12 40.86
N LYS A 1078 -4.17 -10.39 39.57
CA LYS A 1078 -4.42 -11.78 39.10
C LYS A 1078 -3.17 -12.62 39.37
N PHE A 1079 -1.99 -12.05 39.11
CA PHE A 1079 -0.70 -12.75 39.35
C PHE A 1079 -0.53 -13.02 40.85
N GLN A 1080 -0.95 -12.06 41.68
CA GLN A 1080 -0.85 -12.17 43.15
C GLN A 1080 -1.70 -13.35 43.65
N ARG A 1081 -2.90 -13.53 43.09
CA ARG A 1081 -3.76 -14.62 43.51
C ARG A 1081 -2.99 -15.94 43.56
N TYR A 1082 -2.21 -16.22 42.51
CA TYR A 1082 -1.45 -17.45 42.40
C TYR A 1082 -0.36 -17.53 43.46
N GLU A 1083 0.22 -16.39 43.84
CA GLU A 1083 1.15 -16.36 44.96
C GLU A 1083 0.49 -16.75 46.26
N LEU A 1084 -0.78 -16.35 46.45
CA LEU A 1084 -1.49 -16.75 47.67
C LEU A 1084 -1.80 -18.25 47.67
N ILE A 1085 -2.16 -18.78 46.49
CA ILE A 1085 -2.78 -20.11 46.38
C ILE A 1085 -1.88 -21.22 46.93
N LYS A 1086 -0.56 -21.15 46.66
CA LYS A 1086 0.33 -22.25 47.04
C LYS A 1086 0.47 -22.39 48.55
N GLU A 1087 0.86 -21.30 49.23
CA GLU A 1087 1.11 -21.38 50.66
C GLU A 1087 -0.17 -21.63 51.44
N TYR A 1088 -1.28 -21.00 51.04
CA TYR A 1088 -2.52 -21.26 51.76
C TYR A 1088 -3.19 -22.54 51.29
N HIS A 1089 -2.68 -23.15 50.21
CA HIS A 1089 -3.12 -24.49 49.84
C HIS A 1089 -2.49 -25.55 50.72
N SER A 1090 -1.16 -25.49 50.90
CA SER A 1090 -0.46 -26.61 51.53
C SER A 1090 -0.68 -26.66 53.04
N ARG A 1091 -0.88 -25.50 53.67
CA ARG A 1091 -0.92 -25.38 55.12
C ARG A 1091 -2.12 -26.11 55.73
N PRO A 1092 -1.93 -26.76 56.89
CA PRO A 1092 -3.03 -27.46 57.56
C PRO A 1092 -4.12 -26.50 58.05
N ALA A 1093 -5.31 -27.06 58.29
CA ALA A 1093 -6.52 -26.25 58.47
C ALA A 1093 -6.52 -25.42 59.75
N LEU A 1094 -5.97 -25.94 60.80
CA LEU A 1094 -6.22 -25.38 62.12
C LEU A 1094 -5.29 -24.20 62.37
N PRO A 1095 -5.77 -23.14 63.03
CA PRO A 1095 -5.02 -21.86 63.10
C PRO A 1095 -3.75 -21.96 63.93
N PRO A 1096 -2.85 -20.97 63.84
CA PRO A 1096 -1.53 -21.05 64.54
C PRO A 1096 -1.56 -21.10 66.06
N PRO A 1097 -2.65 -20.73 66.77
CA PRO A 1097 -2.70 -21.18 68.17
C PRO A 1097 -2.66 -22.68 68.34
N PHE A 1098 -3.42 -23.41 67.54
CA PHE A 1098 -3.51 -24.84 67.68
C PHE A 1098 -2.76 -25.59 66.59
N ILE A 1099 -1.78 -24.95 65.94
CA ILE A 1099 -1.03 -25.59 64.88
C ILE A 1099 -0.14 -26.71 65.38
N LEU A 1100 0.29 -26.67 66.66
CA LEU A 1100 1.08 -27.75 67.23
C LEU A 1100 0.25 -29.02 67.38
N LEU A 1101 -1.06 -28.88 67.54
CA LEU A 1101 -1.97 -30.03 67.54
C LEU A 1101 -1.93 -30.73 66.19
N SER A 1102 -1.86 -29.96 65.10
CA SER A 1102 -1.68 -30.56 63.78
C SER A 1102 -0.27 -31.09 63.61
N HIS A 1103 0.72 -30.43 64.20
CA HIS A 1103 2.11 -30.89 64.09
C HIS A 1103 2.32 -32.23 64.77
N LEU A 1104 1.61 -32.48 65.88
CA LEU A 1104 1.73 -33.76 66.58
C LEU A 1104 1.27 -34.92 65.70
N ILE A 1105 0.10 -34.76 65.08
CA ILE A 1105 -0.47 -35.78 64.20
C ILE A 1105 0.40 -35.95 62.95
N LEU A 1106 0.74 -34.84 62.28
CA LEU A 1106 1.52 -34.93 61.06
C LEU A 1106 2.97 -35.35 61.30
N PHE A 1107 3.51 -35.16 62.51
CA PHE A 1107 4.85 -35.63 62.82
C PHE A 1107 4.82 -37.11 63.19
N ILE A 1108 3.77 -37.54 63.90
CA ILE A 1108 3.63 -38.95 64.24
C ILE A 1108 3.37 -39.78 63.00
N ARG A 1109 2.56 -39.25 62.07
CA ARG A 1109 2.28 -39.97 60.82
C ARG A 1109 3.51 -40.04 59.93
N GLY A 1110 4.40 -39.05 60.03
CA GLY A 1110 5.51 -38.95 59.10
C GLY A 1110 6.53 -40.07 59.22
N VAL A 1111 6.75 -40.57 60.44
CA VAL A 1111 7.80 -41.55 60.67
C VAL A 1111 7.28 -42.98 60.74
N PHE A 1112 5.96 -43.18 60.77
CA PHE A 1112 5.42 -44.53 60.90
C PHE A 1112 5.10 -45.16 59.55
N LEU A 1113 4.19 -44.54 58.81
CA LEU A 1113 3.82 -44.98 57.46
C LEU A 1113 3.63 -43.73 56.61
N ARG A 1114 4.12 -43.78 55.37
CA ARG A 1114 4.17 -42.60 54.50
C ARG A 1114 2.79 -42.03 54.22
N ASP A 1115 2.60 -40.76 54.58
CA ASP A 1115 1.32 -40.08 54.49
C ASP A 1115 1.39 -38.97 53.46
N LEU A 1116 0.21 -38.64 52.92
CA LEU A 1116 0.04 -37.78 51.75
C LEU A 1116 0.92 -38.24 50.59
N PRO A 1117 0.61 -39.39 49.95
CA PRO A 1117 1.48 -39.91 48.89
C PRO A 1117 1.53 -39.01 47.67
N GLN A 1118 0.43 -38.35 47.34
CA GLN A 1118 0.45 -37.22 46.42
C GLN A 1118 0.58 -35.96 47.24
N ARG A 1119 1.78 -35.36 47.25
CA ARG A 1119 2.01 -34.14 48.00
C ARG A 1119 1.18 -32.99 47.47
N HIS A 1120 1.10 -32.87 46.15
CA HIS A 1120 0.21 -31.92 45.49
C HIS A 1120 -0.59 -32.68 44.46
N LYS A 1121 -1.91 -32.72 44.64
CA LYS A 1121 -2.78 -33.53 43.80
C LYS A 1121 -3.76 -32.69 43.00
N ASN A 1122 -3.78 -31.38 43.19
CA ASN A 1122 -4.60 -30.50 42.37
C ASN A 1122 -3.76 -29.62 41.46
N PHE A 1123 -2.43 -29.75 41.50
CA PHE A 1123 -1.54 -29.02 40.61
C PHE A 1123 -0.84 -29.95 39.63
N ARG A 1124 -0.16 -30.96 40.14
CA ARG A 1124 0.74 -31.79 39.37
C ARG A 1124 0.22 -33.22 39.35
N GLN A 1125 0.12 -33.78 38.15
CA GLN A 1125 -0.52 -35.08 38.00
C GLN A 1125 0.31 -35.90 37.02
N GLU A 1126 0.30 -37.22 37.23
CA GLU A 1126 1.02 -38.17 36.38
C GLU A 1126 -0.03 -38.98 35.64
N LEU A 1127 -0.24 -38.65 34.37
CA LEU A 1127 -1.28 -39.29 33.58
C LEU A 1127 -0.96 -40.75 33.30
N GLU A 1128 -2.01 -41.56 33.20
CA GLU A 1128 -1.86 -42.94 32.77
C GLU A 1128 -1.37 -42.99 31.34
N GLN A 1129 -0.57 -44.01 31.04
CA GLN A 1129 0.14 -44.08 29.76
C GLN A 1129 -0.81 -44.29 28.60
N THR A 1130 -1.90 -45.03 28.81
CA THR A 1130 -2.89 -45.22 27.75
C THR A 1130 -3.65 -43.93 27.45
N GLU A 1131 -3.74 -43.03 28.43
CA GLU A 1131 -4.44 -41.76 28.21
C GLU A 1131 -3.55 -40.74 27.54
N GLU A 1132 -2.26 -40.70 27.94
CA GLU A 1132 -1.25 -39.76 27.46
C GLU A 1132 -1.15 -39.62 25.94
N GLU A 1133 -1.15 -40.75 25.23
CA GLU A 1133 -1.01 -40.72 23.78
C GLU A 1133 -2.22 -40.10 23.11
N GLU A 1134 -3.41 -40.49 23.57
CA GLU A 1134 -4.65 -39.92 23.07
C GLU A 1134 -4.77 -38.45 23.42
N LEU A 1135 -4.16 -38.04 24.54
CA LEU A 1135 -4.17 -36.64 24.92
C LEU A 1135 -3.26 -35.82 24.00
N LEU A 1136 -2.04 -36.32 23.74
CA LEU A 1136 -1.10 -35.59 22.89
C LEU A 1136 -1.56 -35.53 21.44
N SER A 1137 -2.21 -36.60 20.95
CA SER A 1137 -2.67 -36.61 19.56
C SER A 1137 -3.74 -35.56 19.32
N TRP A 1138 -4.60 -35.34 20.31
CA TRP A 1138 -5.65 -34.32 20.22
C TRP A 1138 -5.06 -32.92 20.09
N GLU A 1139 -4.02 -32.62 20.87
CA GLU A 1139 -3.48 -31.27 20.79
C GLU A 1139 -2.56 -31.08 19.60
N ALA A 1140 -1.99 -32.16 19.05
CA ALA A 1140 -1.28 -32.02 17.79
C ALA A 1140 -2.24 -31.73 16.64
N TYR A 1141 -3.40 -32.37 16.65
CA TYR A 1141 -4.45 -32.07 15.70
C TYR A 1141 -4.90 -30.61 15.81
N MET A 1142 -5.09 -30.13 17.04
CA MET A 1142 -5.51 -28.75 17.22
C MET A 1142 -4.42 -27.76 16.83
N LYS A 1143 -3.15 -28.16 16.96
CA LYS A 1143 -2.05 -27.29 16.51
C LYS A 1143 -2.07 -27.10 15.00
N ASP A 1144 -2.24 -28.20 14.27
CA ASP A 1144 -2.27 -28.08 12.80
C ASP A 1144 -3.51 -27.30 12.34
N ASN A 1145 -4.63 -27.52 13.02
CA ASN A 1145 -5.86 -26.79 12.74
C ASN A 1145 -5.69 -25.30 13.04
N TYR A 1146 -4.84 -24.97 14.02
CA TYR A 1146 -4.53 -23.57 14.31
C TYR A 1146 -3.63 -22.96 13.24
N LEU A 1147 -2.64 -23.74 12.77
CA LEU A 1147 -1.67 -23.20 11.81
C LEU A 1147 -2.32 -22.85 10.48
N ALA A 1148 -3.29 -23.67 10.04
CA ALA A 1148 -3.95 -23.41 8.75
C ALA A 1148 -4.74 -22.10 8.78
N SER A 1149 -5.39 -21.80 9.90
CA SER A 1149 -6.17 -20.57 10.01
C SER A 1149 -5.27 -19.34 9.99
N THR A 1150 -4.12 -19.41 10.66
CA THR A 1150 -3.21 -18.27 10.68
C THR A 1150 -2.58 -18.06 9.31
N ARG A 1151 -2.24 -19.14 8.60
CA ARG A 1151 -1.63 -18.96 7.28
C ARG A 1151 -2.63 -18.40 6.29
N GLN A 1152 -3.92 -18.79 6.37
CA GLN A 1152 -4.88 -18.18 5.45
C GLN A 1152 -5.20 -16.73 5.84
N ASP A 1153 -5.21 -16.43 7.15
CA ASP A 1153 -5.43 -15.05 7.59
C ASP A 1153 -4.30 -14.13 7.15
N GLU A 1154 -3.05 -14.59 7.22
CA GLU A 1154 -1.96 -13.75 6.72
C GLU A 1154 -1.93 -13.75 5.20
N SER A 1155 -2.48 -14.79 4.57
CA SER A 1155 -2.65 -14.76 3.11
C SER A 1155 -3.68 -13.73 2.66
N GLN A 1156 -4.62 -13.36 3.52
CA GLN A 1156 -5.59 -12.32 3.18
C GLN A 1156 -5.10 -10.90 3.46
N SER A 1157 -3.79 -10.69 3.51
CA SER A 1157 -3.27 -9.36 3.83
C SER A 1157 -2.85 -8.59 2.57
N VAL A 1158 -2.44 -7.35 2.78
CA VAL A 1158 -2.04 -6.49 1.68
C VAL A 1158 -0.59 -6.73 1.29
N GLU A 1159 0.30 -6.77 2.30
CA GLU A 1159 1.73 -6.86 2.07
C GLU A 1159 2.13 -8.20 1.47
N HIS A 1160 1.32 -9.23 1.66
CA HIS A 1160 1.55 -10.50 0.97
C HIS A 1160 1.06 -10.44 -0.46
N ARG A 1161 -0.06 -9.75 -0.68
CA ARG A 1161 -0.72 -9.81 -1.96
C ARG A 1161 0.01 -8.98 -3.02
N ILE A 1162 0.61 -7.87 -2.62
CA ILE A 1162 1.48 -7.12 -3.52
C ILE A 1162 2.68 -7.96 -3.94
N HIS A 1163 3.26 -8.69 -2.99
CA HIS A 1163 4.40 -9.55 -3.27
C HIS A 1163 4.03 -10.70 -4.19
N ASP A 1164 2.78 -11.16 -4.14
CA ASP A 1164 2.34 -12.18 -5.09
C ASP A 1164 2.16 -11.62 -6.49
N THR A 1165 1.50 -10.45 -6.60
CA THR A 1165 1.23 -9.88 -7.91
C THR A 1165 2.50 -9.45 -8.64
N ALA A 1166 3.56 -9.10 -7.91
CA ALA A 1166 4.81 -8.72 -8.55
C ALA A 1166 5.43 -9.87 -9.33
N GLU A 1167 5.51 -11.04 -8.69
CA GLU A 1167 6.06 -12.22 -9.35
C GLU A 1167 5.17 -12.68 -10.50
N LYS A 1168 3.85 -12.56 -10.33
CA LYS A 1168 2.95 -12.98 -11.40
C LYS A 1168 3.09 -12.08 -12.63
N VAL A 1169 3.21 -10.77 -12.43
CA VAL A 1169 3.40 -9.84 -13.54
C VAL A 1169 4.75 -10.06 -14.22
N GLY A 1170 5.79 -10.37 -13.42
CA GLY A 1170 7.10 -10.66 -14.00
C GLY A 1170 7.09 -11.90 -14.88
N ALA A 1171 6.41 -12.96 -14.44
CA ALA A 1171 6.28 -14.17 -15.25
C ALA A 1171 5.49 -13.89 -16.53
N MET A 1172 4.42 -13.11 -16.43
CA MET A 1172 3.63 -12.77 -17.61
C MET A 1172 4.42 -11.94 -18.60
N SER A 1173 5.27 -11.02 -18.11
CA SER A 1173 6.04 -10.17 -19.01
C SER A 1173 7.10 -10.98 -19.76
N GLU A 1174 7.81 -11.85 -19.03
CA GLU A 1174 8.84 -12.68 -19.67
C GLU A 1174 8.22 -13.65 -20.68
N LEU A 1175 7.08 -14.24 -20.32
CA LEU A 1175 6.40 -15.17 -21.21
C LEU A 1175 5.86 -14.45 -22.45
N LEU A 1176 5.32 -13.25 -22.26
CA LEU A 1176 4.82 -12.45 -23.37
C LEU A 1176 5.94 -12.10 -24.36
N GLU A 1177 7.11 -11.71 -23.84
CA GLU A 1177 8.23 -11.36 -24.71
C GLU A 1177 8.76 -12.59 -25.45
N ARG A 1178 8.90 -13.71 -24.75
CA ARG A 1178 9.41 -14.94 -25.38
C ARG A 1178 8.44 -15.48 -26.42
N GLU A 1179 7.13 -15.43 -26.14
CA GLU A 1179 6.14 -15.92 -27.09
C GLU A 1179 6.01 -14.98 -28.29
N GLN A 1180 6.08 -13.67 -28.07
CA GLN A 1180 6.03 -12.72 -29.18
C GLN A 1180 7.26 -12.89 -30.07
N GLU A 1181 8.41 -13.24 -29.48
CA GLU A 1181 9.59 -13.54 -30.28
C GLU A 1181 9.37 -14.76 -31.17
N MET A 1182 8.69 -15.79 -30.65
CA MET A 1182 8.52 -17.03 -31.41
C MET A 1182 7.52 -16.85 -32.55
N VAL A 1183 6.38 -16.23 -32.29
CA VAL A 1183 5.37 -16.04 -33.31
C VAL A 1183 5.75 -14.89 -34.24
N ASP A 1245 19.33 -36.20 -44.45
CA ASP A 1245 18.58 -35.08 -43.89
C ASP A 1245 19.24 -34.55 -42.62
N GLU A 1246 19.61 -35.48 -41.73
CA GLU A 1246 20.25 -35.14 -40.47
C GLU A 1246 21.60 -35.85 -40.39
N GLU A 1247 22.61 -35.10 -39.92
CA GLU A 1247 24.00 -35.55 -39.78
C GLU A 1247 24.56 -36.11 -41.09
N ALA A 1248 24.38 -35.32 -42.15
CA ALA A 1248 24.82 -35.77 -43.48
C ALA A 1248 26.34 -35.90 -43.66
N PRO A 1249 27.21 -35.01 -43.16
CA PRO A 1249 28.65 -35.29 -43.28
C PRO A 1249 29.12 -36.34 -42.29
N HIS A 1250 30.21 -36.99 -42.67
CA HIS A 1250 30.95 -37.83 -41.73
C HIS A 1250 31.71 -36.97 -40.74
N MET A 1251 31.76 -37.40 -39.48
CA MET A 1251 32.28 -36.56 -38.41
C MET A 1251 33.41 -37.19 -37.60
N PHE A 1252 33.71 -38.46 -37.82
CA PHE A 1252 34.86 -39.07 -37.16
C PHE A 1252 36.09 -39.03 -38.04
N ALA A 1253 35.92 -38.72 -39.33
CA ALA A 1253 37.02 -38.66 -40.27
C ALA A 1253 37.55 -37.26 -40.45
N ARG A 1254 37.00 -36.26 -39.77
CA ARG A 1254 37.51 -34.90 -39.81
C ARG A 1254 37.98 -34.41 -38.44
N GLN A 1255 38.43 -35.32 -37.59
CA GLN A 1255 39.19 -34.92 -36.41
C GLN A 1255 40.50 -34.29 -36.86
N LEU A 1256 40.85 -33.16 -36.23
CA LEU A 1256 41.95 -32.33 -36.71
C LEU A 1256 43.30 -33.02 -36.58
N GLN A 1257 43.48 -33.87 -35.58
CA GLN A 1257 44.71 -34.61 -35.41
C GLN A 1257 44.49 -36.05 -35.85
N TYR A 1258 45.40 -36.54 -36.70
CA TYR A 1258 45.32 -37.91 -37.16
C TYR A 1258 45.73 -38.86 -36.03
N PRO A 1259 45.08 -40.02 -35.93
CA PRO A 1259 45.38 -40.92 -34.81
C PRO A 1259 46.70 -41.65 -34.97
N ASP A 1260 47.44 -41.72 -33.86
CA ASP A 1260 48.73 -42.39 -33.74
C ASP A 1260 49.75 -41.87 -34.74
N SER A 1261 49.87 -40.54 -34.78
CA SER A 1261 50.76 -39.85 -35.75
C SER A 1261 51.05 -38.43 -35.26
N THR A 1262 51.92 -37.70 -35.96
CA THR A 1262 52.20 -36.30 -35.57
C THR A 1262 51.59 -35.32 -36.60
N VAL A 1263 51.24 -35.82 -37.78
CA VAL A 1263 50.70 -35.07 -38.94
C VAL A 1263 49.30 -34.57 -38.61
N ARG A 1264 48.89 -33.42 -39.17
CA ARG A 1264 47.55 -32.84 -38.91
C ARG A 1264 46.76 -32.77 -40.22
N ARG A 1265 45.50 -33.21 -40.21
CA ARG A 1265 44.65 -33.19 -41.41
C ARG A 1265 44.33 -31.73 -41.74
N PHE A 1266 43.95 -31.45 -42.98
CA PHE A 1266 43.59 -30.07 -43.42
C PHE A 1266 42.25 -29.67 -42.84
N PRO A 1267 41.94 -28.39 -42.66
CA PRO A 1267 40.66 -28.02 -42.12
C PRO A 1267 39.63 -27.97 -43.23
N VAL A 1268 38.52 -28.67 -43.08
CA VAL A 1268 37.46 -28.83 -44.08
C VAL A 1268 36.12 -28.48 -43.46
N PRO A 1269 35.48 -27.38 -43.89
CA PRO A 1269 34.18 -27.02 -43.33
C PRO A 1269 33.08 -27.99 -43.74
N GLU A 1270 31.92 -27.86 -43.09
CA GLU A 1270 30.81 -28.77 -43.34
C GLU A 1270 30.16 -28.52 -44.69
N GLU A 1271 30.24 -27.30 -45.22
CA GLU A 1271 29.64 -27.01 -46.51
C GLU A 1271 30.39 -27.70 -47.65
N LYS A 1272 31.71 -27.75 -47.56
CA LYS A 1272 32.55 -28.25 -48.65
C LYS A 1272 32.94 -29.71 -48.46
N VAL A 1273 32.13 -30.50 -47.75
CA VAL A 1273 32.47 -31.89 -47.47
C VAL A 1273 32.37 -32.75 -48.72
N SER A 1274 31.31 -32.55 -49.50
CA SER A 1274 31.01 -33.44 -50.62
C SER A 1274 31.91 -33.11 -51.82
N TRP A 1275 31.89 -34.01 -52.80
CA TRP A 1275 32.73 -33.87 -53.99
C TRP A 1275 32.14 -32.93 -55.03
N GLU A 1276 30.88 -32.53 -54.88
CA GLU A 1276 30.23 -31.71 -55.89
C GLU A 1276 30.79 -30.30 -55.90
N VAL A 1277 30.86 -29.65 -54.73
CA VAL A 1277 31.36 -28.29 -54.65
C VAL A 1277 32.89 -28.32 -54.70
N ASN A 1278 33.50 -27.17 -54.94
CA ASN A 1278 34.95 -27.07 -55.08
C ASN A 1278 35.51 -26.12 -54.04
N PHE A 1279 36.54 -26.56 -53.34
CA PHE A 1279 37.28 -25.70 -52.41
C PHE A 1279 38.48 -25.13 -53.14
N SER A 1280 38.54 -23.80 -53.25
CA SER A 1280 39.60 -23.17 -54.03
C SER A 1280 41.01 -23.31 -53.46
N PRO A 1281 41.29 -23.14 -52.16
CA PRO A 1281 42.67 -23.40 -51.70
C PRO A 1281 42.94 -24.83 -51.24
N TYR A 1282 42.07 -25.79 -51.58
CA TYR A 1282 42.17 -27.17 -51.12
C TYR A 1282 43.49 -27.81 -51.53
N GLN A 1283 44.29 -28.13 -50.53
CA GLN A 1283 45.60 -28.74 -50.76
C GLN A 1283 45.98 -29.54 -49.53
N PRO A 1284 45.46 -30.76 -49.38
CA PRO A 1284 45.78 -31.55 -48.21
C PRO A 1284 47.16 -32.17 -48.35
N PRO A 1285 47.94 -32.20 -47.26
CA PRO A 1285 49.24 -32.88 -47.31
C PRO A 1285 49.06 -34.37 -47.51
N VAL A 1286 50.10 -34.99 -48.07
CA VAL A 1286 50.08 -36.41 -48.37
C VAL A 1286 51.12 -37.08 -47.50
N TYR A 1287 50.65 -37.92 -46.58
CA TYR A 1287 51.55 -38.61 -45.63
C TYR A 1287 51.10 -40.05 -45.34
N ASN A 1288 51.37 -40.97 -46.27
CA ASN A 1288 51.02 -42.41 -46.10
C ASN A 1288 51.84 -42.97 -44.94
N GLN A 1289 51.22 -43.79 -44.09
CA GLN A 1289 51.97 -44.38 -42.93
C GLN A 1289 53.06 -45.29 -43.46
N GLN A 1290 54.25 -45.24 -42.83
CA GLN A 1290 55.43 -46.06 -43.18
C GLN A 1290 55.61 -46.12 -44.69
N ALA A 1299 50.41 -43.97 -56.80
CA ALA A 1299 49.07 -44.05 -57.35
C ALA A 1299 48.03 -43.65 -56.31
N LEU A 1300 48.10 -42.40 -55.86
CA LEU A 1300 47.19 -41.88 -54.85
C LEU A 1300 45.92 -41.29 -55.46
N ASP A 1301 45.79 -41.30 -56.79
CA ASP A 1301 44.60 -40.82 -57.48
C ASP A 1301 43.75 -41.95 -58.03
N LYS A 1302 43.95 -43.18 -57.52
CA LYS A 1302 43.22 -44.34 -58.04
C LYS A 1302 41.73 -44.26 -57.72
N HIS A 1303 41.39 -43.84 -56.51
CA HIS A 1303 39.99 -43.87 -56.07
C HIS A 1303 39.66 -42.58 -55.33
N ARG A 1304 38.37 -42.42 -55.04
CA ARG A 1304 37.84 -41.29 -54.29
C ARG A 1304 37.04 -41.82 -53.11
N ASN A 1305 37.10 -41.10 -51.99
CA ASN A 1305 36.32 -41.50 -50.82
C ASN A 1305 34.83 -41.31 -51.08
N PRO A 1306 34.00 -42.31 -50.74
CA PRO A 1306 32.56 -42.18 -50.99
C PRO A 1306 31.88 -41.19 -50.08
N GLY A 1307 32.40 -40.98 -48.88
CA GLY A 1307 31.83 -40.02 -47.95
C GLY A 1307 32.03 -38.58 -48.39
N GLY A 1308 33.28 -38.20 -48.60
CA GLY A 1308 33.57 -36.84 -49.03
C GLY A 1308 35.04 -36.53 -48.81
N ARG A 1309 35.34 -35.23 -48.84
CA ARG A 1309 36.70 -34.78 -48.58
C ARG A 1309 37.06 -35.01 -47.13
N THR A 1310 38.35 -35.31 -46.89
CA THR A 1310 38.83 -35.65 -45.56
C THR A 1310 40.07 -34.89 -45.14
N GLY A 1311 40.81 -34.28 -46.06
CA GLY A 1311 41.98 -33.52 -45.70
C GLY A 1311 43.21 -34.32 -45.37
N ILE A 1312 43.23 -35.62 -45.68
CA ILE A 1312 44.41 -36.45 -45.48
C ILE A 1312 44.56 -37.32 -46.73
N ARG A 1313 45.75 -37.33 -47.30
CA ARG A 1313 46.03 -38.04 -48.55
C ARG A 1313 47.07 -39.12 -48.30
N GLY A 1314 46.84 -40.30 -48.87
CA GLY A 1314 47.75 -41.42 -48.78
C GLY A 1314 47.05 -42.67 -48.34
N LYS A 1315 47.85 -43.66 -47.94
CA LYS A 1315 47.37 -44.93 -47.44
C LYS A 1315 47.66 -44.96 -45.95
N GLY A 1316 46.65 -44.64 -45.14
CA GLY A 1316 46.86 -44.53 -43.71
C GLY A 1316 46.53 -45.81 -42.95
N ALA A 1317 47.59 -46.54 -42.61
CA ALA A 1317 47.57 -47.77 -41.81
C ALA A 1317 46.64 -48.82 -42.42
N LEU A 1318 46.96 -49.17 -43.66
CA LEU A 1318 46.16 -50.13 -44.42
C LEU A 1318 47.04 -50.77 -45.47
N ASN A 1319 46.77 -52.04 -45.78
CA ASN A 1319 47.54 -52.74 -46.79
C ASN A 1319 47.17 -52.32 -48.21
N THR A 1320 46.02 -51.66 -48.40
CA THR A 1320 45.56 -51.30 -49.73
C THR A 1320 44.91 -49.94 -49.70
N LEU A 1321 44.77 -49.35 -50.88
CA LEU A 1321 44.00 -48.14 -51.08
C LEU A 1321 42.58 -48.49 -51.49
N GLY A 1322 41.66 -47.57 -51.25
CA GLY A 1322 40.27 -47.83 -51.47
C GLY A 1322 39.61 -48.41 -50.23
N PRO A 1323 38.66 -49.32 -50.41
CA PRO A 1323 37.95 -49.86 -49.24
C PRO A 1323 38.74 -50.96 -48.54
N ASN A 1324 38.75 -50.89 -47.21
CA ASN A 1324 39.19 -51.99 -46.36
C ASN A 1324 37.97 -52.57 -45.68
N HIS A 1325 37.76 -53.87 -45.82
CA HIS A 1325 36.51 -54.50 -45.43
C HIS A 1325 36.71 -55.31 -44.15
N ILE A 1326 35.70 -55.29 -43.29
CA ILE A 1326 35.68 -56.11 -42.08
C ILE A 1326 34.27 -56.65 -41.89
N LEU A 1327 34.15 -57.97 -41.76
CA LEU A 1327 32.87 -58.60 -41.50
C LEU A 1327 32.66 -58.70 -40.00
N HIS A 1328 31.42 -58.52 -39.56
CA HIS A 1328 31.07 -58.56 -38.14
C HIS A 1328 29.91 -59.53 -37.92
N PRO A 1329 30.19 -60.83 -37.84
CA PRO A 1329 29.13 -61.78 -37.52
C PRO A 1329 28.82 -61.78 -36.03
N ILE A 1330 27.54 -61.94 -35.70
CA ILE A 1330 27.07 -61.94 -34.32
C ILE A 1330 26.35 -63.26 -34.08
N PHE A 1331 26.95 -64.11 -33.24
CA PHE A 1331 26.35 -65.38 -32.87
C PHE A 1331 25.48 -65.14 -31.64
N THR A 1332 24.16 -65.09 -31.84
CA THR A 1332 23.22 -64.78 -30.79
C THR A 1332 22.33 -65.98 -30.47
N ARG A 1333 21.71 -65.93 -29.30
CA ARG A 1333 20.79 -66.96 -28.84
C ARG A 1333 19.91 -66.35 -27.75
N TRP A 1334 19.05 -67.18 -27.18
CA TRP A 1334 18.27 -66.75 -26.03
C TRP A 1334 19.08 -66.90 -24.75
N ARG A 1335 18.71 -66.12 -23.74
CA ARG A 1335 19.42 -66.15 -22.46
C ARG A 1335 18.89 -67.27 -21.57
N ASP A 1336 17.60 -67.22 -21.24
CA ASP A 1336 16.96 -68.23 -20.42
C ASP A 1336 16.09 -69.13 -21.29
N ALA A 1337 15.56 -70.19 -20.68
CA ALA A 1337 14.74 -71.13 -21.42
C ALA A 1337 13.35 -70.58 -21.72
N GLU A 1338 12.85 -69.69 -20.87
CA GLU A 1338 11.51 -69.13 -21.02
C GLU A 1338 11.45 -67.98 -22.01
N HIS A 1339 12.56 -67.64 -22.65
CA HIS A 1339 12.68 -66.58 -23.67
C HIS A 1339 12.25 -65.22 -23.12
N LYS A 1340 12.91 -64.82 -22.03
CA LYS A 1340 12.65 -63.51 -21.42
C LYS A 1340 13.61 -62.44 -21.91
N VAL A 1341 14.84 -62.82 -22.24
CA VAL A 1341 15.84 -61.89 -22.76
C VAL A 1341 16.70 -62.63 -23.78
N LEU A 1342 17.49 -61.86 -24.53
CA LEU A 1342 18.39 -62.39 -25.55
C LEU A 1342 19.83 -62.18 -25.12
N GLU A 1343 20.75 -62.79 -25.87
CA GLU A 1343 22.16 -62.73 -25.55
C GLU A 1343 22.96 -62.95 -26.82
N PHE A 1344 24.19 -62.43 -26.82
CA PHE A 1344 25.10 -62.56 -27.94
C PHE A 1344 26.49 -62.88 -27.41
N LEU A 1345 27.20 -63.77 -28.11
CA LEU A 1345 28.52 -64.22 -27.70
C LEU A 1345 29.55 -63.14 -28.06
N ALA A 1346 29.53 -62.06 -27.28
CA ALA A 1346 30.39 -60.91 -27.53
C ALA A 1346 31.75 -61.10 -26.87
N VAL A 1347 32.73 -60.35 -27.36
CA VAL A 1347 34.07 -60.37 -26.79
C VAL A 1347 34.20 -59.18 -25.85
N TRP A 1348 35.18 -59.27 -24.95
CA TRP A 1348 35.49 -58.17 -24.03
C TRP A 1348 36.99 -58.10 -23.91
N GLU A 1349 37.60 -57.11 -24.55
CA GLU A 1349 39.05 -57.07 -24.70
C GLU A 1349 39.73 -56.75 -23.39
N ASP A 1350 40.90 -57.37 -23.17
CA ASP A 1350 41.67 -57.11 -21.97
C ASP A 1350 42.33 -55.74 -21.97
N ALA A 1351 42.51 -55.13 -23.15
CA ALA A 1351 43.10 -53.81 -23.26
C ALA A 1351 42.06 -52.70 -23.15
N GLU A 1352 40.85 -52.94 -23.64
CA GLU A 1352 39.82 -51.90 -23.68
C GLU A 1352 38.78 -52.04 -22.58
N LYS A 1353 38.61 -53.26 -22.03
CA LYS A 1353 37.63 -53.57 -20.98
C LYS A 1353 36.20 -53.24 -21.39
N ARG A 1354 35.89 -53.39 -22.68
CA ARG A 1354 34.58 -53.05 -23.22
C ARG A 1354 34.02 -54.24 -23.98
N TRP A 1355 32.70 -54.43 -23.87
CA TRP A 1355 32.01 -55.54 -24.51
C TRP A 1355 31.88 -55.23 -25.99
N ALA A 1356 32.85 -55.72 -26.77
CA ALA A 1356 32.90 -55.48 -28.21
C ALA A 1356 32.34 -56.68 -28.97
N LEU A 1357 32.13 -56.49 -30.27
CA LEU A 1357 31.68 -57.57 -31.11
C LEU A 1357 32.83 -58.50 -31.46
N LEU A 1358 32.47 -59.68 -31.96
CA LEU A 1358 33.44 -60.66 -32.44
C LEU A 1358 33.32 -60.69 -33.96
N GLY A 1359 34.04 -59.77 -34.61
CA GLY A 1359 34.08 -59.69 -36.05
C GLY A 1359 35.43 -59.20 -36.51
N GLY A 1360 36.03 -59.91 -37.46
CA GLY A 1360 37.40 -59.65 -37.84
C GLY A 1360 37.53 -59.02 -39.22
N PRO A 1361 38.77 -58.89 -39.68
CA PRO A 1361 39.01 -58.28 -41.01
C PRO A 1361 38.70 -59.28 -42.12
N ALA A 1362 37.66 -58.96 -42.91
CA ALA A 1362 37.29 -59.78 -44.06
C ALA A 1362 38.08 -59.30 -45.27
N GLN A 1363 38.95 -60.15 -45.78
CA GLN A 1363 39.78 -59.80 -46.92
C GLN A 1363 38.93 -59.71 -48.18
N PRO A 1364 39.40 -59.00 -49.20
CA PRO A 1364 38.75 -59.08 -50.52
C PRO A 1364 38.87 -60.50 -51.07
N ASP A 1365 37.71 -61.06 -51.44
CA ASP A 1365 37.55 -62.48 -51.82
C ASP A 1365 38.05 -63.41 -50.72
N GLU A 1366 37.53 -63.22 -49.50
CA GLU A 1366 37.84 -64.10 -48.39
C GLU A 1366 36.69 -65.07 -48.15
N PRO A 1367 36.97 -66.38 -48.06
CA PRO A 1367 35.90 -67.34 -47.74
C PRO A 1367 35.44 -67.16 -46.31
N LEU A 1368 34.11 -67.21 -46.10
CA LEU A 1368 33.54 -66.94 -44.79
C LEU A 1368 33.84 -68.03 -43.78
N ALA A 1369 34.03 -69.27 -44.25
CA ALA A 1369 34.28 -70.39 -43.34
C ALA A 1369 35.67 -70.30 -42.71
N GLN A 1370 36.69 -70.10 -43.54
CA GLN A 1370 38.05 -70.00 -43.00
C GLN A 1370 38.27 -68.70 -42.24
N VAL A 1371 37.60 -67.62 -42.64
CA VAL A 1371 37.71 -66.36 -41.92
C VAL A 1371 37.01 -66.46 -40.56
N LEU A 1372 35.88 -67.16 -40.51
CA LEU A 1372 35.22 -67.39 -39.22
C LEU A 1372 36.03 -68.35 -38.36
N GLU A 1373 36.75 -69.28 -38.98
CA GLU A 1373 37.64 -70.16 -38.23
C GLU A 1373 38.82 -69.41 -37.65
N ARG A 1374 39.32 -68.40 -38.37
CA ARG A 1374 40.41 -67.58 -37.85
C ARG A 1374 39.91 -66.63 -36.76
N ILE A 1375 38.74 -66.01 -36.96
CA ILE A 1375 38.22 -65.05 -36.00
C ILE A 1375 37.65 -65.72 -34.75
N LEU A 1376 37.26 -67.00 -34.85
CA LEU A 1376 36.70 -67.70 -33.70
C LEU A 1376 37.65 -68.71 -33.08
N GLY A 1377 38.74 -69.05 -33.76
CA GLY A 1377 39.65 -70.07 -33.27
C GLY A 1377 39.02 -71.45 -33.31
N LYS A 1378 38.70 -71.93 -34.51
CA LYS A 1378 37.87 -73.11 -34.67
C LYS A 1378 38.73 -74.36 -34.59
N LYS A 1379 38.77 -74.98 -33.42
CA LYS A 1379 39.18 -76.37 -33.29
C LYS A 1379 38.02 -77.34 -33.54
N LEU A 1380 36.82 -76.81 -33.76
CA LEU A 1380 35.65 -77.61 -34.10
C LEU A 1380 34.75 -76.76 -34.98
N ASN A 1381 34.76 -77.02 -36.28
CA ASN A 1381 33.95 -76.28 -37.24
C ASN A 1381 32.79 -77.09 -37.77
N GLU A 1382 32.53 -78.27 -37.20
CA GLU A 1382 31.40 -79.08 -37.63
C GLU A 1382 30.07 -78.50 -37.13
N LYS A 1383 30.09 -77.79 -36.00
CA LYS A 1383 28.90 -77.10 -35.54
C LYS A 1383 28.56 -75.92 -36.46
N THR A 1384 29.57 -75.17 -36.87
CA THR A 1384 29.38 -74.10 -37.85
C THR A 1384 29.19 -74.61 -39.27
N LYS A 1385 29.49 -75.89 -39.53
CA LYS A 1385 29.13 -76.49 -40.81
C LYS A 1385 27.63 -76.76 -40.88
N THR A 1386 27.04 -77.23 -39.79
CA THR A 1386 25.59 -77.40 -39.73
C THR A 1386 24.86 -76.08 -39.55
N LEU A 1387 25.50 -75.08 -38.92
CA LEU A 1387 24.92 -73.76 -38.75
C LEU A 1387 25.39 -72.77 -39.82
N LEU A 1388 25.88 -73.27 -40.96
CA LEU A 1388 26.39 -72.39 -42.00
C LEU A 1388 25.26 -71.64 -42.71
N LYS A 1389 24.07 -72.21 -42.74
CA LYS A 1389 22.92 -71.61 -43.42
C LYS A 1389 22.09 -70.71 -42.50
N ALA A 1390 22.70 -70.13 -41.47
CA ALA A 1390 21.99 -69.34 -40.47
C ALA A 1390 21.70 -67.93 -41.00
N GLY A 1391 21.24 -67.06 -40.12
CA GLY A 1391 20.87 -65.72 -40.53
C GLY A 1391 22.06 -64.80 -40.73
N GLU A 1392 21.83 -63.75 -41.53
CA GLU A 1392 22.85 -62.76 -41.84
C GLU A 1392 22.13 -61.48 -42.30
N GLU A 1393 22.91 -60.58 -42.91
CA GLU A 1393 22.44 -59.35 -43.58
C GLU A 1393 21.70 -58.43 -42.61
N VAL A 1394 22.46 -57.94 -41.64
CA VAL A 1394 21.95 -56.92 -40.72
C VAL A 1394 22.19 -55.52 -41.26
N TYR A 1395 23.42 -55.23 -41.67
CA TYR A 1395 23.76 -53.94 -42.27
C TYR A 1395 24.97 -54.13 -43.17
N LYS A 1396 25.15 -53.16 -44.08
CA LYS A 1396 26.25 -53.20 -45.03
C LYS A 1396 26.50 -51.80 -45.55
N GLY A 1397 27.78 -51.42 -45.63
CA GLY A 1397 28.13 -50.14 -46.23
C GLY A 1397 29.28 -49.41 -45.56
N TYR A 1398 29.28 -48.08 -45.68
CA TYR A 1398 30.39 -47.26 -45.22
C TYR A 1398 30.34 -47.07 -43.70
N VAL A 1399 31.52 -47.00 -43.10
CA VAL A 1399 31.67 -46.81 -41.66
C VAL A 1399 32.55 -45.60 -41.42
N ASP A 1400 32.04 -44.61 -40.70
CA ASP A 1400 32.84 -43.46 -40.32
C ASP A 1400 33.86 -43.88 -39.28
N ASP A 1401 35.09 -43.42 -39.47
CA ASP A 1401 36.20 -43.85 -38.62
C ASP A 1401 37.27 -42.77 -38.67
N SER A 1402 38.12 -42.78 -37.63
CA SER A 1402 39.23 -41.83 -37.58
C SER A 1402 40.26 -42.09 -38.66
N ARG A 1403 40.38 -43.36 -39.06
CA ARG A 1403 41.38 -43.85 -40.06
C ARG A 1403 41.04 -43.42 -41.50
N ASN A 1404 39.80 -43.01 -41.77
CA ASN A 1404 39.40 -42.66 -43.16
C ASN A 1404 40.24 -41.52 -43.73
N THR A 1405 40.61 -41.63 -45.01
CA THR A 1405 41.41 -40.62 -45.72
C THR A 1405 40.65 -40.21 -46.96
N ASP A 1406 41.33 -39.49 -47.86
CA ASP A 1406 40.79 -39.24 -49.18
C ASP A 1406 40.88 -40.49 -50.05
N ASN A 1407 41.82 -41.38 -49.75
CA ASN A 1407 42.13 -42.53 -50.59
C ASN A 1407 41.62 -43.83 -49.98
N ALA A 1408 41.97 -44.09 -48.72
CA ALA A 1408 41.55 -45.31 -48.04
C ALA A 1408 40.35 -45.03 -47.15
N TRP A 1409 39.48 -46.03 -47.02
CA TRP A 1409 38.38 -45.95 -46.08
C TRP A 1409 38.04 -47.36 -45.60
N VAL A 1410 37.06 -47.45 -44.71
CA VAL A 1410 36.65 -48.70 -44.08
C VAL A 1410 35.17 -48.91 -44.35
N GLU A 1411 34.82 -50.06 -44.92
CA GLU A 1411 33.44 -50.47 -45.09
C GLU A 1411 33.23 -51.79 -44.35
N THR A 1412 31.98 -52.06 -43.96
CA THR A 1412 31.71 -53.23 -43.15
C THR A 1412 30.36 -53.82 -43.53
N SER A 1413 30.20 -55.12 -43.24
CA SER A 1413 28.96 -55.85 -43.44
C SER A 1413 28.58 -56.52 -42.13
N ILE A 1414 27.45 -56.12 -41.56
CA ILE A 1414 26.99 -56.67 -40.29
C ILE A 1414 26.07 -57.85 -40.56
N ILE A 1415 26.33 -58.97 -39.88
CA ILE A 1415 25.54 -60.18 -40.01
C ILE A 1415 25.19 -60.68 -38.61
N THR A 1416 24.00 -61.24 -38.48
CA THR A 1416 23.49 -61.68 -37.18
C THR A 1416 22.85 -63.06 -37.33
N LEU A 1417 23.42 -64.05 -36.65
CA LEU A 1417 22.91 -65.42 -36.66
C LEU A 1417 22.37 -65.73 -35.27
N HIS A 1418 21.05 -65.62 -35.11
CA HIS A 1418 20.38 -65.92 -33.84
C HIS A 1418 19.81 -67.32 -33.91
N CYS A 1419 20.27 -68.20 -33.01
CA CYS A 1419 19.91 -69.61 -33.05
C CYS A 1419 18.57 -69.83 -32.37
N ASP A 1420 18.24 -71.10 -32.13
CA ASP A 1420 16.96 -71.48 -31.52
C ASP A 1420 17.06 -71.35 -30.00
N LYS A 1421 16.07 -71.93 -29.30
CA LYS A 1421 16.06 -71.87 -27.84
C LYS A 1421 17.16 -72.73 -27.23
N ASN A 1422 17.46 -73.87 -27.86
CA ASN A 1422 18.47 -74.78 -27.32
C ASN A 1422 19.87 -74.46 -27.81
N THR A 1423 20.01 -74.04 -29.09
CA THR A 1423 21.25 -73.76 -29.81
C THR A 1423 22.22 -74.93 -29.71
N PRO A 1424 21.98 -76.02 -30.45
CA PRO A 1424 22.83 -77.22 -30.31
C PRO A 1424 24.24 -77.04 -30.85
N LEU A 1425 24.46 -76.05 -31.71
CA LEU A 1425 25.80 -75.76 -32.22
C LEU A 1425 26.57 -74.81 -31.31
N MET A 1426 26.00 -74.42 -30.17
CA MET A 1426 26.65 -73.50 -29.24
C MET A 1426 27.36 -74.20 -28.10
N ALA A 1427 27.06 -75.48 -27.85
CA ALA A 1427 27.68 -76.19 -26.73
C ALA A 1427 29.16 -76.46 -27.00
N ASP A 1428 29.49 -76.92 -28.22
CA ASP A 1428 30.88 -77.18 -28.57
C ASP A 1428 31.68 -75.87 -28.67
N LEU A 1429 31.06 -74.81 -29.18
CA LEU A 1429 31.74 -73.53 -29.26
C LEU A 1429 31.94 -72.89 -27.89
N ASN A 1430 31.02 -73.13 -26.96
CA ASN A 1430 31.20 -72.65 -25.60
C ASN A 1430 32.19 -73.49 -24.82
N HIS A 1431 32.29 -74.79 -25.14
CA HIS A 1431 33.35 -75.61 -24.57
C HIS A 1431 34.71 -75.21 -25.12
N MET A 1432 34.76 -74.73 -26.36
CA MET A 1432 35.99 -74.20 -26.95
C MET A 1432 36.16 -72.71 -26.70
N VAL A 1433 35.32 -72.11 -25.86
CA VAL A 1433 35.39 -70.68 -25.59
C VAL A 1433 36.35 -70.46 -24.43
N GLU A 1434 37.55 -69.98 -24.75
CA GLU A 1434 38.56 -69.65 -23.75
C GLU A 1434 39.30 -68.41 -24.22
N SER A 1435 40.45 -68.14 -23.61
CA SER A 1435 41.32 -67.03 -24.02
C SER A 1435 42.18 -67.48 -25.19
N SER A 1436 41.54 -67.58 -26.35
CA SER A 1436 42.18 -68.11 -27.56
C SER A 1436 42.83 -67.01 -28.39
N LEU A 1437 42.10 -65.94 -28.68
CA LEU A 1437 42.62 -64.84 -29.49
C LEU A 1437 43.56 -63.92 -28.72
N SER A 1438 43.68 -64.12 -27.41
CA SER A 1438 44.60 -63.47 -26.45
C SER A 1438 44.31 -61.99 -26.21
N SER A 1439 43.33 -61.41 -26.90
CA SER A 1439 42.91 -60.03 -26.65
C SER A 1439 41.68 -59.94 -25.75
N HIS A 1440 40.67 -60.76 -26.00
CA HIS A 1440 39.48 -60.80 -25.17
C HIS A 1440 39.70 -61.81 -24.03
N GLN A 1441 39.93 -61.31 -22.82
CA GLN A 1441 40.19 -62.25 -21.73
C GLN A 1441 38.89 -62.85 -21.21
N PRO A 1442 37.75 -62.10 -21.02
CA PRO A 1442 36.46 -62.81 -20.97
C PRO A 1442 35.76 -62.84 -22.31
N LEU A 1443 35.00 -63.90 -22.57
CA LEU A 1443 34.24 -64.02 -23.82
C LEU A 1443 33.09 -64.98 -23.57
N GLN A 1444 31.88 -64.44 -23.42
CA GLN A 1444 30.72 -65.26 -23.12
C GLN A 1444 29.49 -64.61 -23.76
N TRP A 1445 28.35 -65.28 -23.62
CA TRP A 1445 27.09 -64.81 -24.19
C TRP A 1445 26.39 -63.88 -23.19
N ARG A 1446 26.93 -62.66 -23.11
CA ARG A 1446 26.34 -61.64 -22.27
C ARG A 1446 25.01 -61.17 -22.85
N GLU A 1447 24.16 -60.63 -21.97
CA GLU A 1447 22.77 -60.35 -22.31
C GLU A 1447 22.68 -59.18 -23.29
N VAL A 1448 21.92 -59.38 -24.36
CA VAL A 1448 21.74 -58.36 -25.38
C VAL A 1448 20.64 -57.39 -24.95
N SER A 1449 20.55 -56.25 -25.62
CA SER A 1449 19.56 -55.23 -25.32
C SER A 1449 19.34 -54.39 -26.57
N SER A 1450 18.72 -53.23 -26.39
CA SER A 1450 18.55 -52.23 -27.45
C SER A 1450 19.49 -51.06 -27.26
N ASP A 1451 20.73 -51.34 -26.85
CA ASP A 1451 21.64 -50.31 -26.39
C ASP A 1451 22.16 -49.46 -27.54
N ALA A 1452 21.78 -48.18 -27.53
CA ALA A 1452 22.39 -47.18 -28.40
C ALA A 1452 23.53 -46.45 -27.72
N CYS A 1453 23.93 -46.92 -26.54
CA CYS A 1453 25.07 -46.39 -25.79
C CYS A 1453 26.22 -47.37 -25.82
N ARG A 1454 26.44 -47.98 -26.98
CA ARG A 1454 27.43 -49.02 -27.23
C ARG A 1454 28.45 -48.48 -28.21
N CYS A 1455 29.26 -49.41 -28.76
CA CYS A 1455 30.15 -49.08 -29.87
C CYS A 1455 29.34 -48.53 -31.04
N SER A 1456 29.95 -47.60 -31.78
CA SER A 1456 29.23 -46.71 -32.68
C SER A 1456 28.58 -47.45 -33.84
N TYR A 1457 29.34 -48.31 -34.51
CA TYR A 1457 28.76 -49.15 -35.56
C TYR A 1457 27.85 -50.21 -34.97
N GLN A 1458 28.13 -50.67 -33.75
CA GLN A 1458 27.38 -51.76 -33.15
C GLN A 1458 26.06 -51.33 -32.51
N ARG A 1459 25.92 -50.04 -32.19
CA ARG A 1459 24.72 -49.57 -31.52
C ARG A 1459 23.52 -49.62 -32.46
N GLU A 1460 23.70 -49.19 -33.71
CA GLU A 1460 22.65 -49.28 -34.70
C GLU A 1460 22.35 -50.72 -35.07
N ALA A 1461 23.34 -51.61 -34.97
CA ALA A 1461 23.10 -53.03 -35.22
C ALA A 1461 22.23 -53.65 -34.13
N LEU A 1462 22.52 -53.32 -32.86
CA LEU A 1462 21.70 -53.82 -31.76
C LEU A 1462 20.30 -53.20 -31.80
N ARG A 1463 20.20 -51.92 -32.20
CA ARG A 1463 18.91 -51.29 -32.35
C ARG A 1463 18.11 -51.90 -33.50
N GLN A 1464 18.79 -52.29 -34.58
CA GLN A 1464 18.11 -52.97 -35.68
C GLN A 1464 17.65 -54.37 -35.28
N ILE A 1465 18.44 -55.06 -34.46
CA ILE A 1465 18.04 -56.36 -33.94
C ILE A 1465 16.81 -56.24 -33.04
N ALA A 1466 16.79 -55.21 -32.20
CA ALA A 1466 15.63 -54.98 -31.34
C ALA A 1466 14.41 -54.53 -32.13
N HIS A 1467 14.63 -53.74 -33.19
CA HIS A 1467 13.54 -53.32 -34.07
C HIS A 1467 12.95 -54.51 -34.83
N HIS A 1468 13.79 -55.48 -35.19
CA HIS A 1468 13.31 -56.73 -35.74
C HIS A 1468 12.47 -57.49 -34.71
N HIS A 1469 13.08 -57.79 -33.56
CA HIS A 1469 12.45 -58.61 -32.51
C HIS A 1469 11.18 -58.02 -31.89
N ASN A 1470 11.29 -56.88 -31.22
CA ASN A 1470 10.26 -56.43 -30.27
C ASN A 1470 9.11 -55.68 -30.92
N THR A 1471 9.19 -55.34 -32.20
CA THR A 1471 8.17 -54.49 -32.82
C THR A 1471 6.85 -55.23 -33.01
N TYR A 1472 6.90 -56.56 -33.05
CA TYR A 1472 5.72 -57.36 -33.39
C TYR A 1472 4.64 -57.27 -32.31
N PHE A 1473 5.04 -57.15 -31.06
CA PHE A 1473 4.07 -57.05 -29.96
C PHE A 1473 3.65 -55.60 -29.73
N CYS B 38 25.89 54.45 -36.87
CA CYS B 38 26.01 54.98 -38.22
C CYS B 38 27.31 54.52 -38.89
N SER B 39 28.03 53.62 -38.23
CA SER B 39 29.20 53.03 -38.86
C SER B 39 28.82 51.89 -39.79
N LEU B 40 27.73 51.18 -39.48
CA LEU B 40 27.19 50.17 -40.38
C LEU B 40 26.71 50.79 -41.69
N ALA B 41 26.27 52.06 -41.65
CA ALA B 41 25.72 52.73 -42.83
C ALA B 41 26.77 52.91 -43.94
N SER B 42 28.06 52.91 -43.59
CA SER B 42 29.09 52.94 -44.62
C SER B 42 29.08 51.66 -45.44
N TRP B 43 28.89 50.51 -44.79
CA TRP B 43 28.86 49.22 -45.48
C TRP B 43 27.50 48.95 -46.13
N ILE B 44 26.41 49.32 -45.46
CA ILE B 44 25.08 48.87 -45.87
C ILE B 44 24.53 49.62 -47.07
N LYS B 45 25.20 50.70 -47.50
CA LYS B 45 24.89 51.34 -48.77
C LYS B 45 26.01 51.14 -49.78
N GLU B 46 27.00 50.33 -49.46
CA GLU B 46 28.11 50.07 -50.36
C GLU B 46 28.24 48.61 -50.74
N ASN B 47 27.46 47.73 -50.13
CA ASN B 47 27.50 46.33 -50.52
C ASN B 47 26.16 45.80 -51.05
N ILE B 48 25.09 46.06 -50.31
CA ILE B 48 23.84 45.34 -50.54
C ILE B 48 22.93 46.13 -51.50
N LYS B 49 22.46 45.46 -52.55
CA LYS B 49 21.62 46.08 -53.57
C LYS B 49 20.13 45.85 -53.30
N LYS B 50 19.28 46.31 -54.24
CA LYS B 50 17.84 46.11 -54.19
C LYS B 50 17.35 45.92 -55.62
N LYS B 51 16.05 45.64 -55.78
CA LYS B 51 15.46 45.35 -57.07
C LYS B 51 14.25 46.23 -57.34
N GLU B 52 13.98 46.47 -58.62
CA GLU B 52 12.96 47.41 -59.06
C GLU B 52 12.44 46.99 -60.42
N CYS B 53 11.57 47.83 -60.96
CA CYS B 53 11.01 47.73 -62.31
C CYS B 53 10.30 46.41 -62.53
N VAL B 95 13.83 42.52 -64.92
CA VAL B 95 13.93 43.46 -63.82
C VAL B 95 15.39 43.76 -63.52
N ARG B 96 15.67 45.02 -63.16
CA ARG B 96 17.02 45.49 -62.95
C ARG B 96 17.25 45.72 -61.46
N GLU B 97 18.52 45.82 -61.09
CA GLU B 97 18.90 45.96 -59.70
C GLU B 97 19.60 47.31 -59.49
N THR B 98 19.49 47.81 -58.26
CA THR B 98 20.06 49.08 -57.87
C THR B 98 20.49 49.01 -56.41
N PRO B 99 21.29 49.96 -55.88
CA PRO B 99 21.60 49.95 -54.45
C PRO B 99 20.39 50.23 -53.57
N THR B 100 20.37 49.58 -52.40
CA THR B 100 19.20 49.56 -51.54
C THR B 100 19.09 50.82 -50.69
N ASP B 101 17.94 50.94 -50.05
CA ASP B 101 17.67 52.00 -49.08
C ASP B 101 16.78 51.41 -48.00
N ALA B 102 16.22 52.30 -47.15
CA ALA B 102 15.19 51.97 -46.16
C ALA B 102 15.66 50.93 -45.14
N PHE B 103 16.72 51.26 -44.41
CA PHE B 103 17.29 50.38 -43.41
C PHE B 103 17.51 51.16 -42.12
N GLY B 104 17.47 50.46 -40.98
CA GLY B 104 17.67 51.15 -39.72
C GLY B 104 17.29 50.37 -38.48
N ASP B 105 16.56 51.02 -37.58
CA ASP B 105 16.05 50.41 -36.36
C ASP B 105 14.60 50.86 -36.17
N ILE B 106 13.67 49.91 -36.17
CA ILE B 106 12.26 50.19 -35.93
C ILE B 106 11.96 50.05 -34.45
N SER B 107 11.11 50.93 -33.94
CA SER B 107 10.60 50.85 -32.59
C SER B 107 9.09 50.88 -32.63
N PHE B 108 8.46 50.06 -31.78
CA PHE B 108 7.02 49.90 -31.80
C PHE B 108 6.35 50.87 -30.83
N GLY B 109 5.06 50.63 -30.63
CA GLY B 109 4.18 51.57 -29.90
C GLY B 109 4.68 51.89 -28.51
N GLY B 110 5.07 50.90 -27.72
CA GLY B 110 5.58 51.23 -26.38
C GLY B 110 6.81 52.10 -26.55
N LEU B 111 6.91 53.20 -25.81
CA LEU B 111 8.07 54.12 -25.98
C LEU B 111 9.37 53.41 -25.59
N GLY B 112 9.32 52.59 -24.56
CA GLY B 112 10.54 51.93 -24.09
C GLY B 112 10.64 50.50 -24.56
N GLN B 113 9.80 50.03 -25.49
CA GLN B 113 10.02 48.60 -25.78
C GLN B 113 11.12 48.51 -26.81
N LYS B 114 12.13 47.67 -26.53
CA LYS B 114 13.45 47.70 -27.18
C LYS B 114 13.35 47.56 -28.70
N THR B 115 14.08 48.43 -29.40
CA THR B 115 13.95 48.53 -30.85
C THR B 115 14.64 47.36 -31.53
N GLY B 116 14.29 47.16 -32.80
CA GLY B 116 14.92 46.12 -33.57
C GLY B 116 15.96 46.65 -34.53
N LYS B 117 16.14 45.96 -35.66
CA LYS B 117 17.10 46.35 -36.70
C LYS B 117 16.60 45.76 -38.01
N TYR B 118 16.26 46.61 -38.96
CA TYR B 118 15.69 46.16 -40.22
C TYR B 118 16.58 46.54 -41.40
N VAL B 119 16.78 45.60 -42.31
CA VAL B 119 17.50 45.81 -43.57
C VAL B 119 16.75 45.06 -44.65
N ARG B 120 16.43 45.73 -45.76
CA ARG B 120 15.86 45.04 -46.91
C ARG B 120 16.99 44.51 -47.78
N VAL B 121 16.85 43.26 -48.21
CA VAL B 121 17.77 42.60 -49.14
C VAL B 121 16.92 41.90 -50.19
N SER B 122 17.08 42.30 -51.45
CA SER B 122 16.08 41.96 -52.45
C SER B 122 16.41 40.63 -53.15
N SER B 123 16.22 39.55 -52.41
CA SER B 123 16.01 38.17 -52.87
C SER B 123 17.19 37.55 -53.62
N ASP B 124 18.28 38.26 -53.83
CA ASP B 124 19.41 37.71 -54.57
C ASP B 124 20.65 38.49 -54.13
N THR B 125 21.49 37.85 -53.33
CA THR B 125 22.67 38.51 -52.80
C THR B 125 23.77 37.49 -52.64
N SER B 126 24.99 38.00 -52.50
CA SER B 126 26.14 37.14 -52.28
C SER B 126 26.10 36.56 -50.87
N CYS B 127 26.66 35.36 -50.73
CA CYS B 127 26.76 34.76 -49.41
C CYS B 127 27.80 35.47 -48.55
N GLU B 128 28.84 36.03 -49.17
CA GLU B 128 29.88 36.71 -48.40
C GLU B 128 29.38 38.04 -47.85
N ASN B 129 28.59 38.78 -48.64
CA ASN B 129 28.06 40.06 -48.17
C ASN B 129 27.02 39.84 -47.07
N LEU B 130 26.19 38.82 -47.22
CA LEU B 130 25.22 38.47 -46.19
C LEU B 130 25.90 37.95 -44.94
N TYR B 131 27.01 37.24 -45.12
CA TYR B 131 27.81 36.77 -43.99
C TYR B 131 28.44 37.92 -43.23
N GLN B 132 28.97 38.92 -43.95
CA GLN B 132 29.54 40.09 -43.29
C GLN B 132 28.47 40.93 -42.61
N LEU B 133 27.26 40.99 -43.18
CA LEU B 133 26.14 41.62 -42.50
C LEU B 133 25.74 40.85 -41.25
N MET B 134 25.89 39.53 -41.28
CA MET B 134 25.31 38.69 -40.25
C MET B 134 26.11 38.73 -38.95
N THR B 135 27.43 38.73 -39.04
CA THR B 135 28.26 38.58 -37.85
C THR B 135 29.17 39.76 -37.55
N GLU B 136 29.31 40.72 -38.46
CA GLU B 136 30.21 41.84 -38.24
C GLU B 136 29.48 43.16 -38.05
N GLN B 137 28.62 43.53 -38.98
CA GLN B 137 27.97 44.83 -38.94
C GLN B 137 26.74 44.87 -38.04
N TRP B 138 26.29 43.73 -37.54
CA TRP B 138 25.23 43.69 -36.53
C TRP B 138 25.73 43.30 -35.16
N LYS B 139 27.03 43.01 -35.03
CA LYS B 139 27.70 42.60 -33.79
C LYS B 139 26.96 41.46 -33.09
N LEU B 140 26.90 40.32 -33.78
CA LEU B 140 26.09 39.19 -33.34
C LEU B 140 26.99 37.98 -33.17
N ARG B 141 26.96 37.39 -31.98
CA ARG B 141 27.90 36.33 -31.64
C ARG B 141 27.53 35.02 -32.33
N SER B 142 28.41 34.04 -32.17
CA SER B 142 28.25 32.73 -32.77
C SER B 142 27.10 31.96 -32.13
N PRO B 143 26.39 31.13 -32.92
CA PRO B 143 25.25 30.39 -32.37
C PRO B 143 25.62 29.02 -31.82
N ASN B 144 24.70 28.42 -31.08
CA ASN B 144 24.87 27.08 -30.55
C ASN B 144 23.84 26.08 -31.07
N LEU B 145 22.64 26.53 -31.40
CA LEU B 145 21.57 25.66 -31.88
C LEU B 145 20.55 26.51 -32.63
N LEU B 146 20.42 26.30 -33.93
CA LEU B 146 19.43 27.00 -34.74
C LEU B 146 18.18 26.15 -34.86
N ILE B 147 17.04 26.76 -34.57
CA ILE B 147 15.75 26.09 -34.71
C ILE B 147 14.85 26.98 -35.57
N SER B 148 14.07 26.36 -36.46
CA SER B 148 13.23 27.08 -37.40
C SER B 148 11.79 26.60 -37.28
N VAL B 149 10.85 27.55 -37.28
CA VAL B 149 9.45 27.24 -37.05
C VAL B 149 8.65 27.66 -38.27
N THR B 150 7.98 26.70 -38.90
CA THR B 150 7.11 26.94 -40.03
C THR B 150 5.68 26.53 -39.67
N GLY B 151 4.71 27.34 -40.05
CA GLY B 151 3.33 27.02 -39.75
C GLY B 151 2.38 27.86 -40.58
N GLY B 152 1.09 27.63 -40.36
CA GLY B 152 0.08 28.35 -41.09
C GLY B 152 -0.11 29.76 -40.57
N ALA B 153 -0.38 30.68 -41.49
CA ALA B 153 -0.72 32.05 -41.17
C ALA B 153 -2.11 32.35 -41.71
N LYS B 154 -2.99 32.94 -40.91
CA LYS B 154 -4.29 33.35 -41.48
C LYS B 154 -5.19 32.15 -41.73
N ASN B 155 -4.83 30.99 -41.21
CA ASN B 155 -5.74 29.84 -41.31
C ASN B 155 -5.44 28.85 -40.18
N PHE B 156 -4.79 29.30 -39.13
CA PHE B 156 -4.17 28.46 -38.11
C PHE B 156 -5.11 28.32 -36.93
N TYR B 157 -5.54 27.08 -36.71
CA TYR B 157 -6.40 26.80 -35.54
C TYR B 157 -5.83 25.62 -34.79
N ILE B 158 -5.74 25.75 -33.47
CA ILE B 158 -5.29 24.69 -32.57
C ILE B 158 -6.11 24.85 -31.29
N LYS B 159 -6.45 23.72 -30.66
CA LYS B 159 -7.09 23.74 -29.35
C LYS B 159 -6.18 24.38 -28.30
N THR B 160 -6.80 24.84 -27.21
CA THR B 160 -6.06 25.56 -26.18
C THR B 160 -5.08 24.67 -25.43
N HIS B 161 -5.42 23.39 -25.29
CA HIS B 161 -4.58 22.46 -24.53
C HIS B 161 -3.27 22.18 -25.26
N LEU B 162 -3.35 21.85 -26.55
CA LEU B 162 -2.17 21.57 -27.35
C LEU B 162 -1.31 22.81 -27.52
N LYS B 163 -1.96 23.97 -27.67
CA LYS B 163 -1.23 25.24 -27.80
C LYS B 163 -0.45 25.55 -26.53
N ASP B 164 -1.06 25.30 -25.37
CA ASP B 164 -0.41 25.57 -24.10
C ASP B 164 0.78 24.63 -23.88
N LYS B 165 0.61 23.34 -24.20
CA LYS B 165 1.71 22.40 -24.06
C LYS B 165 2.85 22.73 -25.03
N PHE B 166 2.51 23.20 -26.23
CA PHE B 166 3.55 23.53 -27.20
C PHE B 166 4.36 24.75 -26.77
N ARG B 167 3.71 25.81 -26.28
CA ARG B 167 4.50 26.97 -25.85
C ARG B 167 5.31 26.66 -24.59
N ARG B 168 4.78 25.82 -23.70
CA ARG B 168 5.56 25.44 -22.52
C ARG B 168 6.78 24.59 -22.89
N GLY B 169 6.67 23.75 -23.90
CA GLY B 169 7.85 23.02 -24.36
C GLY B 169 8.83 23.89 -25.12
N LEU B 170 8.32 24.83 -25.91
CA LEU B 170 9.17 25.65 -26.76
C LEU B 170 9.99 26.63 -25.94
N ILE B 171 9.47 27.07 -24.79
CA ILE B 171 10.26 27.92 -23.90
C ILE B 171 11.49 27.17 -23.38
N LYS B 172 11.29 25.93 -22.92
CA LYS B 172 12.40 25.16 -22.36
C LYS B 172 13.42 24.80 -23.42
N VAL B 173 12.97 24.51 -24.64
CA VAL B 173 13.91 24.32 -25.75
C VAL B 173 14.70 25.59 -26.00
N ALA B 174 14.02 26.73 -26.02
CA ALA B 174 14.68 27.97 -26.40
C ALA B 174 15.53 28.59 -25.29
N GLN B 175 15.47 28.10 -24.06
CA GLN B 175 16.21 28.79 -23.00
C GLN B 175 17.41 28.02 -22.46
N THR B 176 17.35 26.68 -22.41
CA THR B 176 18.44 25.92 -21.79
C THR B 176 19.70 25.96 -22.63
N THR B 177 19.56 26.04 -23.94
CA THR B 177 20.68 26.28 -24.82
C THR B 177 20.68 27.73 -25.27
N GLY B 178 21.86 28.20 -25.68
CA GLY B 178 21.96 29.55 -26.23
C GLY B 178 21.53 29.58 -27.68
N ALA B 179 20.22 29.42 -27.90
CA ALA B 179 19.71 29.10 -29.22
C ALA B 179 19.48 30.36 -30.05
N TRP B 180 19.28 30.14 -31.34
CA TRP B 180 18.64 31.09 -32.23
C TRP B 180 17.34 30.46 -32.70
N ILE B 181 16.29 31.26 -32.79
CA ILE B 181 15.02 30.81 -33.32
C ILE B 181 14.68 31.68 -34.52
N LEU B 182 14.23 31.04 -35.59
CA LEU B 182 14.02 31.71 -36.87
C LEU B 182 12.62 31.41 -37.36
N THR B 183 11.95 32.43 -37.89
CA THR B 183 10.60 32.25 -38.41
C THR B 183 10.32 33.35 -39.42
N GLY B 184 9.19 33.21 -40.10
CA GLY B 184 8.74 34.22 -41.05
C GLY B 184 7.92 35.30 -40.38
N GLY B 185 8.57 36.16 -39.61
CA GLY B 185 7.87 37.05 -38.70
C GLY B 185 6.94 38.07 -39.31
N THR B 186 5.64 37.79 -39.19
CA THR B 186 4.52 38.68 -39.50
C THR B 186 3.43 38.36 -38.48
N HIS B 187 2.68 39.36 -38.05
CA HIS B 187 1.75 39.17 -36.94
C HIS B 187 0.51 38.40 -37.41
N ALA B 188 0.70 37.08 -37.59
CA ALA B 188 -0.39 36.23 -38.07
C ALA B 188 -0.11 34.79 -37.65
N GLY B 189 -0.80 34.32 -36.62
CA GLY B 189 -0.83 32.91 -36.29
C GLY B 189 0.33 32.35 -35.51
N VAL B 190 1.11 31.48 -36.16
CA VAL B 190 2.16 30.74 -35.45
C VAL B 190 3.31 31.68 -35.07
N MET B 191 3.54 32.74 -35.84
CA MET B 191 4.54 33.73 -35.47
C MET B 191 4.12 34.50 -34.24
N LYS B 192 2.81 34.77 -34.12
CA LYS B 192 2.27 35.37 -32.91
C LYS B 192 2.45 34.45 -31.71
N HIS B 193 2.19 33.15 -31.90
CA HIS B 193 2.34 32.21 -30.80
C HIS B 193 3.80 31.97 -30.42
N VAL B 194 4.74 32.21 -31.33
CA VAL B 194 6.15 32.15 -30.96
C VAL B 194 6.56 33.42 -30.22
N GLY B 195 6.17 34.58 -30.74
CA GLY B 195 6.56 35.84 -30.12
C GLY B 195 5.97 36.06 -28.75
N MET B 196 4.78 35.52 -28.49
CA MET B 196 4.20 35.67 -27.16
C MET B 196 4.91 34.79 -26.14
N ALA B 197 5.36 33.60 -26.54
CA ALA B 197 6.17 32.78 -25.64
C ALA B 197 7.53 33.42 -25.39
N VAL B 198 8.09 34.08 -26.41
CA VAL B 198 9.38 34.76 -26.23
C VAL B 198 9.23 35.97 -25.31
N ARG B 199 8.13 36.71 -25.41
CA ARG B 199 7.95 37.86 -24.51
C ARG B 199 7.65 37.39 -23.10
N ASP B 200 6.90 36.29 -22.95
CA ASP B 200 6.66 35.70 -21.65
C ASP B 200 7.96 35.24 -20.98
N TYR B 201 8.89 34.69 -21.77
CA TYR B 201 10.15 34.30 -21.16
C TYR B 201 11.06 35.49 -20.87
N THR B 202 11.06 36.51 -21.73
CA THR B 202 11.99 37.61 -21.50
C THR B 202 11.50 38.53 -20.38
N LEU B 203 10.19 38.52 -20.09
CA LEU B 203 9.73 39.07 -18.82
C LEU B 203 10.06 38.11 -17.68
N SER B 204 9.89 36.81 -17.91
CA SER B 204 10.21 35.80 -16.90
C SER B 204 11.70 35.74 -16.60
N SER B 205 12.55 36.03 -17.59
CA SER B 205 13.98 36.10 -17.35
C SER B 205 14.38 37.41 -16.68
N GLY B 206 13.69 38.49 -17.02
CA GLY B 206 14.10 39.81 -16.61
C GLY B 206 15.10 40.49 -17.52
N SER B 207 15.54 39.80 -18.59
CA SER B 207 16.46 40.32 -19.61
C SER B 207 17.75 40.86 -19.02
N MET B 208 18.36 40.07 -18.13
CA MET B 208 19.60 40.51 -17.47
C MET B 208 20.75 40.60 -18.46
N GLU B 209 20.99 39.54 -19.21
CA GLU B 209 22.04 39.49 -20.23
C GLU B 209 21.73 38.30 -21.13
N GLY B 210 22.46 38.21 -22.24
CA GLY B 210 22.24 37.17 -23.23
C GLY B 210 20.88 37.25 -23.88
N GLN B 211 20.65 38.32 -24.65
CA GLN B 211 19.37 38.53 -25.32
C GLN B 211 19.11 37.45 -26.36
N ILE B 212 17.89 36.89 -26.33
CA ILE B 212 17.52 35.88 -27.30
C ILE B 212 17.31 36.53 -28.65
N VAL B 213 17.86 35.91 -29.69
CA VAL B 213 17.77 36.41 -31.06
C VAL B 213 16.64 35.66 -31.74
N VAL B 214 15.61 36.39 -32.15
CA VAL B 214 14.47 35.81 -32.85
C VAL B 214 14.45 36.51 -34.20
N ILE B 215 15.16 35.93 -35.17
CA ILE B 215 15.37 36.58 -36.45
C ILE B 215 14.21 36.26 -37.38
N GLY B 216 13.74 37.26 -38.12
CA GLY B 216 12.59 37.12 -38.98
C GLY B 216 12.89 37.41 -40.43
N VAL B 217 12.21 36.71 -41.32
CA VAL B 217 12.35 36.89 -42.77
C VAL B 217 10.95 37.01 -43.36
N ALA B 218 10.66 38.15 -43.96
CA ALA B 218 9.33 38.42 -44.50
C ALA B 218 9.47 39.08 -45.86
N PRO B 219 8.50 38.92 -46.75
CA PRO B 219 8.57 39.62 -48.04
C PRO B 219 8.39 41.13 -47.88
N TRP B 220 9.16 41.88 -48.65
CA TRP B 220 9.06 43.34 -48.64
C TRP B 220 7.74 43.82 -49.25
N GLY B 221 7.31 43.16 -50.32
CA GLY B 221 6.17 43.67 -51.07
C GLY B 221 4.87 43.56 -50.31
N VAL B 222 4.69 42.46 -49.57
CA VAL B 222 3.38 42.17 -48.99
C VAL B 222 3.23 42.73 -47.59
N ILE B 223 4.33 43.21 -46.97
CA ILE B 223 4.20 43.91 -45.72
C ILE B 223 3.71 45.32 -46.02
N HIS B 224 2.84 45.85 -45.17
CA HIS B 224 2.13 47.07 -45.55
C HIS B 224 2.43 48.21 -44.59
N ASN B 225 2.06 49.40 -45.08
CA ASN B 225 2.25 50.69 -44.40
C ASN B 225 3.73 50.95 -44.11
N ARG B 226 4.52 50.88 -45.18
CA ARG B 226 5.95 51.17 -45.14
C ARG B 226 6.25 52.62 -45.45
N SER B 227 5.22 53.46 -45.56
CA SER B 227 5.38 54.87 -45.92
C SER B 227 6.24 55.61 -44.90
N THR B 228 6.03 55.32 -43.62
CA THR B 228 6.88 55.83 -42.55
C THR B 228 8.21 55.08 -42.43
N LEU B 229 8.56 54.17 -43.34
CA LEU B 229 9.77 53.37 -43.22
C LEU B 229 10.72 53.51 -44.39
N ILE B 230 10.24 53.88 -45.58
CA ILE B 230 11.10 54.01 -46.75
C ILE B 230 11.79 55.36 -46.69
N HIS B 231 13.14 55.34 -46.72
CA HIS B 231 13.92 56.57 -46.62
C HIS B 231 15.28 56.30 -47.23
N PRO B 232 15.84 57.23 -48.01
CA PRO B 232 17.11 56.96 -48.71
C PRO B 232 18.36 57.28 -47.92
N GLU B 233 18.25 57.70 -46.67
CA GLU B 233 19.40 58.11 -45.88
C GLU B 233 19.46 57.45 -44.51
N GLY B 234 18.54 56.56 -44.18
CA GLY B 234 18.53 55.93 -42.88
C GLY B 234 17.62 56.65 -41.89
N ARG B 235 16.95 55.89 -41.04
CA ARG B 235 16.00 56.46 -40.08
C ARG B 235 16.10 55.63 -38.80
N PHE B 236 16.92 56.10 -37.87
CA PHE B 236 17.32 55.27 -36.73
C PHE B 236 16.29 55.23 -35.60
N PRO B 237 15.63 56.34 -35.18
CA PRO B 237 14.48 56.16 -34.28
C PRO B 237 13.16 56.00 -35.05
N ALA B 238 13.13 54.99 -35.93
CA ALA B 238 11.99 54.82 -36.82
C ALA B 238 10.77 54.32 -36.07
N TYR B 239 9.67 55.06 -36.19
CA TYR B 239 8.44 54.70 -35.53
C TYR B 239 7.56 53.89 -36.46
N TYR B 240 6.77 53.01 -35.87
CA TYR B 240 5.89 52.12 -36.62
C TYR B 240 4.74 51.73 -35.71
N SER B 241 3.54 51.68 -36.29
CA SER B 241 2.34 51.37 -35.54
C SER B 241 1.66 50.16 -36.14
N LEU B 242 1.08 49.34 -35.27
CA LEU B 242 0.28 48.20 -35.71
C LEU B 242 -1.07 48.68 -36.20
N ASP B 243 -1.42 48.32 -37.43
CA ASP B 243 -2.66 48.79 -38.05
C ASP B 243 -3.81 47.82 -37.79
N GLU B 244 -3.66 46.57 -38.24
CA GLU B 244 -4.59 45.46 -38.01
C GLU B 244 -5.98 45.69 -38.59
N GLN B 245 -6.13 46.65 -39.50
CA GLN B 245 -7.40 46.87 -40.19
C GLN B 245 -7.28 46.62 -41.69
N GLY B 246 -6.35 47.29 -42.36
CA GLY B 246 -6.14 47.11 -43.79
C GLY B 246 -5.27 45.91 -44.08
N GLN B 247 -5.83 44.70 -43.92
CA GLN B 247 -5.08 43.46 -44.05
C GLN B 247 -5.70 42.49 -45.03
N GLY B 248 -6.33 43.00 -46.11
CA GLY B 248 -6.99 42.11 -47.04
C GLY B 248 -6.03 41.32 -47.90
N ARG B 249 -5.19 42.01 -48.67
CA ARG B 249 -4.21 41.35 -49.51
C ARG B 249 -2.79 41.61 -49.03
N LEU B 250 -2.65 42.26 -47.87
CA LEU B 250 -1.36 42.57 -47.28
C LEU B 250 -1.39 42.12 -45.83
N SER B 251 -0.22 42.08 -45.19
CA SER B 251 -0.12 41.55 -43.86
C SER B 251 0.61 42.53 -42.96
N CYS B 252 0.30 42.46 -41.67
CA CYS B 252 0.92 43.33 -40.68
C CYS B 252 2.19 42.70 -40.14
N LEU B 253 3.13 43.54 -39.75
CA LEU B 253 4.41 43.09 -39.22
C LEU B 253 4.28 42.79 -37.73
N ASP B 254 5.15 41.91 -37.24
CA ASP B 254 5.01 41.37 -35.88
C ASP B 254 5.62 42.36 -34.89
N ILE B 255 5.64 42.01 -33.60
CA ILE B 255 6.03 42.92 -32.53
C ILE B 255 7.25 42.41 -31.77
N ASN B 256 7.28 41.11 -31.48
CA ASN B 256 8.20 40.54 -30.50
C ASN B 256 9.44 39.93 -31.13
N HIS B 257 9.92 40.48 -32.24
CA HIS B 257 11.17 40.04 -32.84
C HIS B 257 12.28 41.02 -32.51
N THR B 258 13.48 40.73 -33.03
CA THR B 258 14.60 41.65 -32.80
C THR B 258 15.36 41.99 -34.07
N HIS B 259 15.37 41.09 -35.05
CA HIS B 259 16.03 41.35 -36.32
C HIS B 259 15.02 41.14 -37.44
N PHE B 260 15.28 41.74 -38.60
CA PHE B 260 14.36 41.68 -39.73
C PHE B 260 15.15 41.71 -41.03
N LEU B 261 14.95 40.72 -41.88
CA LEU B 261 15.51 40.70 -43.22
C LEU B 261 14.35 40.64 -44.20
N LEU B 262 14.03 41.78 -44.82
CA LEU B 262 12.89 41.85 -45.72
C LEU B 262 13.36 41.62 -47.16
N VAL B 263 12.60 40.82 -47.90
CA VAL B 263 13.05 40.34 -49.21
C VAL B 263 12.09 40.83 -50.28
N ASP B 264 12.64 41.14 -51.45
CA ASP B 264 11.88 41.82 -52.50
C ASP B 264 12.25 41.21 -53.85
N ASP B 265 11.21 40.78 -54.58
CA ASP B 265 11.39 40.12 -55.92
C ASP B 265 11.09 41.07 -57.08
N GLY B 266 10.85 42.36 -56.81
CA GLY B 266 10.53 43.35 -57.86
C GLY B 266 9.03 43.49 -58.09
N THR B 267 8.25 42.61 -57.46
CA THR B 267 6.80 42.62 -57.47
C THR B 267 6.26 43.08 -56.13
N GLN B 268 5.02 43.54 -56.11
CA GLN B 268 4.44 44.12 -54.92
C GLN B 268 3.24 43.35 -54.39
N GLY B 269 2.86 42.25 -55.02
CA GLY B 269 1.70 41.52 -54.53
C GLY B 269 1.90 40.06 -54.18
N HIS B 270 2.87 39.41 -54.81
CA HIS B 270 3.00 37.96 -54.72
C HIS B 270 3.56 37.52 -53.37
N TYR B 271 3.06 36.39 -52.87
CA TYR B 271 3.53 35.77 -51.64
C TYR B 271 4.60 34.74 -51.96
N GLY B 272 5.31 34.31 -50.92
CA GLY B 272 6.15 33.14 -51.04
C GLY B 272 7.51 33.36 -51.66
N VAL B 273 8.00 34.61 -51.71
CA VAL B 273 9.31 34.89 -52.29
C VAL B 273 10.43 34.43 -51.35
N GLU B 274 10.17 34.47 -50.05
CA GLU B 274 11.23 34.43 -49.03
C GLU B 274 11.98 33.11 -48.99
N ILE B 275 11.32 32.02 -49.41
CA ILE B 275 11.71 30.61 -49.26
C ILE B 275 13.17 30.29 -49.62
N GLU B 276 13.63 30.80 -50.77
CA GLU B 276 14.95 30.42 -51.27
C GLU B 276 16.05 31.01 -50.40
N LEU B 277 15.94 32.30 -50.08
CA LEU B 277 16.90 32.91 -49.17
C LEU B 277 16.74 32.41 -47.75
N ARG B 278 15.56 31.92 -47.36
CA ARG B 278 15.41 31.31 -46.06
C ARG B 278 16.20 30.02 -45.94
N ALA B 279 16.10 29.15 -46.96
CA ALA B 279 16.87 27.91 -46.95
C ALA B 279 18.38 28.18 -47.09
N ARG B 280 18.74 29.15 -47.93
CA ARG B 280 20.16 29.46 -48.13
C ARG B 280 20.74 30.10 -46.87
N LEU B 281 19.93 30.87 -46.14
CA LEU B 281 20.37 31.43 -44.86
C LEU B 281 20.52 30.35 -43.80
N GLU B 282 19.66 29.32 -43.83
CA GLU B 282 19.84 28.18 -42.92
C GLU B 282 21.16 27.48 -43.17
N LYS B 283 21.49 27.21 -44.44
CA LYS B 283 22.77 26.57 -44.75
C LYS B 283 23.94 27.49 -44.42
N LEU B 284 23.79 28.81 -44.62
CA LEU B 284 24.85 29.75 -44.31
C LEU B 284 25.13 29.83 -42.82
N ILE B 285 24.09 29.81 -41.99
CA ILE B 285 24.25 29.81 -40.54
C ILE B 285 24.87 28.49 -40.09
N SER B 286 24.56 27.39 -40.78
CA SER B 286 24.99 26.06 -40.35
C SER B 286 26.51 25.88 -40.33
N LYS B 287 27.24 26.54 -41.23
CA LYS B 287 28.69 26.38 -41.27
C LYS B 287 29.46 27.54 -40.63
N LEU B 288 28.82 28.31 -39.75
CA LEU B 288 29.50 29.44 -39.14
C LEU B 288 30.57 29.00 -38.14
N SER B 289 30.33 27.91 -37.41
CA SER B 289 31.29 27.45 -36.41
C SER B 289 32.31 26.50 -37.05
N LEU B 290 33.21 27.09 -37.84
CA LEU B 290 34.30 26.36 -38.46
C LEU B 290 35.55 27.23 -38.40
N GLY B 291 36.62 26.66 -37.83
CA GLY B 291 37.92 27.35 -37.63
C GLY B 291 38.01 28.02 -36.25
N ASN B 292 36.88 28.08 -35.54
CA ASN B 292 36.78 28.63 -34.16
C ASN B 292 37.47 27.70 -33.13
N ARG B 293 37.32 26.39 -33.27
CA ARG B 293 37.90 25.50 -32.23
C ARG B 293 38.77 24.40 -32.86
N GLU B 294 39.08 23.38 -32.07
CA GLU B 294 39.95 22.22 -32.43
C GLU B 294 39.38 21.36 -33.56
N SER B 295 38.09 21.06 -33.56
CA SER B 295 37.52 20.12 -34.58
C SER B 295 36.48 20.77 -35.46
N GLY B 296 36.31 20.23 -36.67
CA GLY B 296 35.35 20.76 -37.62
C GLY B 296 33.98 20.13 -37.55
N VAL B 297 33.24 20.42 -36.48
CA VAL B 297 31.87 19.94 -36.33
C VAL B 297 30.93 21.12 -36.50
N THR B 298 29.94 20.95 -37.39
CA THR B 298 29.00 22.01 -37.71
C THR B 298 27.85 22.04 -36.72
N ILE B 299 27.31 23.23 -36.48
CA ILE B 299 26.23 23.38 -35.49
C ILE B 299 24.94 22.78 -36.04
N PRO B 300 24.13 22.13 -35.23
CA PRO B 300 22.92 21.48 -35.74
C PRO B 300 21.79 22.46 -36.02
N VAL B 301 20.96 22.10 -37.00
CA VAL B 301 19.75 22.84 -37.33
C VAL B 301 18.57 21.88 -37.35
N VAL B 302 17.38 22.43 -37.10
CA VAL B 302 16.14 21.67 -36.96
C VAL B 302 14.98 22.55 -37.43
N CYS B 303 14.14 22.01 -38.33
CA CYS B 303 12.89 22.66 -38.70
C CYS B 303 11.75 22.01 -37.94
N VAL B 304 10.95 22.82 -37.25
CA VAL B 304 9.77 22.35 -36.53
C VAL B 304 8.55 22.89 -37.25
N VAL B 305 7.76 21.99 -37.85
CA VAL B 305 6.54 22.35 -38.58
C VAL B 305 5.33 21.95 -37.75
N LEU B 306 4.37 22.86 -37.62
CA LEU B 306 3.19 22.62 -36.81
C LEU B 306 1.98 22.22 -37.67
N ASP B 307 1.49 23.11 -38.54
CA ASP B 307 0.63 22.83 -39.68
C ASP B 307 0.51 24.07 -40.56
N GLY B 308 0.50 23.86 -41.87
CA GLY B 308 0.31 24.97 -42.79
C GLY B 308 -0.04 24.47 -44.17
N GLY B 309 -0.52 25.37 -45.02
CA GLY B 309 -1.02 24.97 -46.31
C GLY B 309 0.03 24.79 -47.39
N PRO B 310 -0.18 25.41 -48.55
CA PRO B 310 0.73 25.20 -49.70
C PRO B 310 2.12 25.76 -49.50
N GLY B 311 2.29 26.78 -48.66
CA GLY B 311 3.61 27.35 -48.46
C GLY B 311 4.49 26.50 -47.56
N THR B 312 3.86 25.87 -46.55
CA THR B 312 4.62 25.13 -45.55
C THR B 312 5.23 23.87 -46.15
N LEU B 313 4.49 23.21 -47.04
CA LEU B 313 5.04 22.06 -47.75
C LEU B 313 6.20 22.47 -48.65
N ASN B 314 6.11 23.67 -49.23
CA ASN B 314 7.19 24.18 -50.07
C ASN B 314 8.45 24.45 -49.24
N THR B 315 8.30 25.07 -48.06
CA THR B 315 9.51 25.36 -47.29
C THR B 315 10.07 24.11 -46.64
N ILE B 316 9.23 23.12 -46.34
CA ILE B 316 9.72 21.82 -45.87
C ILE B 316 10.56 21.15 -46.94
N TYR B 317 10.05 21.11 -48.17
CA TYR B 317 10.80 20.49 -49.27
C TYR B 317 12.08 21.26 -49.57
N ASN B 318 12.02 22.59 -49.48
CA ASN B 318 13.20 23.39 -49.84
C ASN B 318 14.25 23.31 -48.73
N SER B 319 13.84 23.07 -47.50
CA SER B 319 14.83 22.80 -46.45
C SER B 319 15.40 21.39 -46.60
N MET B 320 14.57 20.39 -46.87
CA MET B 320 15.04 19.02 -46.99
C MET B 320 15.84 18.76 -48.25
N LEU B 321 15.82 19.68 -49.23
CA LEU B 321 16.80 19.60 -50.31
C LEU B 321 18.22 19.72 -49.76
N ASN B 322 18.41 20.61 -48.80
CA ASN B 322 19.65 20.63 -48.05
C ASN B 322 19.68 19.45 -47.09
N HIS B 323 20.80 18.73 -47.08
CA HIS B 323 20.86 17.45 -46.38
C HIS B 323 20.79 17.62 -44.87
N THR B 324 21.47 18.65 -44.35
CA THR B 324 21.56 18.83 -42.90
C THR B 324 20.25 19.14 -42.16
N PRO B 325 19.31 19.98 -42.65
CA PRO B 325 18.09 20.21 -41.87
C PRO B 325 17.22 18.97 -41.74
N CYS B 326 16.55 18.88 -40.60
CA CYS B 326 15.76 17.71 -40.23
C CYS B 326 14.38 18.18 -39.82
N VAL B 327 13.37 17.79 -40.56
CA VAL B 327 12.02 18.31 -40.36
C VAL B 327 11.30 17.44 -39.34
N VAL B 328 10.73 18.09 -38.32
CA VAL B 328 10.07 17.43 -37.19
C VAL B 328 8.62 17.89 -37.17
N LEU B 329 7.68 16.94 -37.24
CA LEU B 329 6.28 17.25 -37.47
C LEU B 329 5.41 16.99 -36.26
N GLU B 330 4.49 17.90 -36.00
CA GLU B 330 3.48 17.72 -34.97
C GLU B 330 2.49 16.65 -35.40
N GLY B 331 1.96 15.89 -34.44
CA GLY B 331 0.99 14.87 -34.75
C GLY B 331 -0.44 15.33 -34.66
N SER B 332 -0.68 16.63 -34.84
CA SER B 332 -2.05 17.16 -34.77
C SER B 332 -2.12 18.47 -35.55
N GLY B 333 -2.93 18.50 -36.59
CA GLY B 333 -3.03 19.66 -37.46
C GLY B 333 -3.81 19.29 -38.69
N ARG B 334 -3.53 19.97 -39.80
CA ARG B 334 -4.16 19.56 -41.04
C ARG B 334 -3.15 18.99 -42.05
N LEU B 335 -2.10 19.75 -42.43
CA LEU B 335 -1.09 19.14 -43.30
C LEU B 335 -0.18 18.22 -42.50
N ALA B 336 -0.03 18.47 -41.21
CA ALA B 336 0.76 17.57 -40.39
C ALA B 336 0.07 16.23 -40.20
N ASP B 337 -1.27 16.20 -40.19
CA ASP B 337 -1.99 14.93 -40.14
C ASP B 337 -1.94 14.19 -41.47
N VAL B 338 -1.79 14.92 -42.57
CA VAL B 338 -1.60 14.29 -43.88
C VAL B 338 -0.30 13.49 -43.90
N ILE B 339 0.81 14.09 -43.49
CA ILE B 339 2.06 13.36 -43.51
C ILE B 339 2.10 12.34 -42.37
N ALA B 340 1.42 12.61 -41.25
CA ALA B 340 1.29 11.62 -40.19
C ALA B 340 0.47 10.41 -40.60
N HIS B 341 -0.37 10.52 -41.62
CA HIS B 341 -1.06 9.36 -42.16
C HIS B 341 -0.35 8.74 -43.36
N VAL B 342 0.42 9.52 -44.11
CA VAL B 342 1.16 8.97 -45.24
C VAL B 342 2.40 8.21 -44.78
N ALA B 343 3.02 8.64 -43.68
CA ALA B 343 4.30 8.07 -43.22
C ALA B 343 4.21 6.63 -42.68
N SER B 344 3.08 5.92 -42.78
CA SER B 344 3.04 4.51 -42.39
C SER B 344 3.28 3.59 -43.58
N VAL B 345 2.62 3.87 -44.71
CA VAL B 345 2.66 3.02 -45.90
C VAL B 345 4.01 3.16 -46.61
N PRO B 346 4.44 2.16 -47.37
CA PRO B 346 5.64 2.34 -48.19
C PRO B 346 5.40 3.28 -49.37
N VAL B 347 6.51 3.63 -50.02
CA VAL B 347 6.51 4.64 -51.08
C VAL B 347 5.72 4.17 -52.29
N SER B 348 5.75 2.86 -52.56
CA SER B 348 5.01 2.32 -53.71
C SER B 348 3.51 2.43 -53.52
N LYS B 349 3.03 2.37 -52.27
CA LYS B 349 1.60 2.29 -52.00
C LYS B 349 0.87 3.59 -52.32
N VAL B 350 1.54 4.73 -52.11
CA VAL B 350 0.86 6.02 -52.21
C VAL B 350 0.55 6.33 -53.68
N THR B 351 -0.67 6.81 -53.93
CA THR B 351 -1.13 7.17 -55.27
C THR B 351 -1.82 8.53 -55.21
N MET B 352 -2.21 9.01 -56.39
CA MET B 352 -2.89 10.30 -56.49
C MET B 352 -4.33 10.23 -55.99
N ALA B 353 -4.92 9.03 -55.92
CA ALA B 353 -6.25 8.92 -55.34
C ALA B 353 -6.21 9.02 -53.82
N LEU B 354 -5.18 8.45 -53.20
CA LEU B 354 -5.06 8.46 -51.74
C LEU B 354 -4.84 9.87 -51.21
N ILE B 355 -3.99 10.64 -51.87
CA ILE B 355 -3.72 12.00 -51.42
C ILE B 355 -4.91 12.90 -51.69
N ASN B 356 -5.66 12.64 -52.76
CA ASN B 356 -6.89 13.39 -53.01
C ASN B 356 -7.94 13.09 -51.94
N ARG B 357 -8.02 11.82 -51.52
CA ARG B 357 -8.92 11.42 -50.44
C ARG B 357 -8.53 12.10 -49.13
N LEU B 358 -7.23 12.15 -48.83
CA LEU B 358 -6.78 12.79 -47.60
C LEU B 358 -6.93 14.31 -47.63
N LEU B 359 -6.76 14.93 -48.80
CA LEU B 359 -6.98 16.38 -48.89
C LEU B 359 -8.45 16.72 -48.71
N LYS B 360 -9.34 15.89 -49.24
CA LYS B 360 -10.78 16.16 -48.99
C LYS B 360 -11.02 15.97 -47.49
N ARG B 361 -10.43 14.95 -46.89
CA ARG B 361 -10.66 14.64 -45.46
C ARG B 361 -10.10 15.68 -44.49
N PHE B 362 -8.88 16.20 -44.73
CA PHE B 362 -8.24 17.12 -43.75
C PHE B 362 -8.51 18.60 -44.03
N PHE B 363 -8.39 19.06 -45.27
CA PHE B 363 -8.78 20.47 -45.54
C PHE B 363 -10.28 20.48 -45.81
N MET B 364 -11.11 20.38 -44.77
CA MET B 364 -12.57 20.29 -44.99
C MET B 364 -13.02 21.55 -45.73
N GLN B 365 -12.63 22.72 -45.24
CA GLN B 365 -13.02 23.97 -45.92
C GLN B 365 -11.83 24.41 -46.79
N GLU B 366 -12.13 25.07 -47.91
CA GLU B 366 -11.17 25.61 -48.91
C GLU B 366 -10.59 24.51 -49.80
N TYR B 367 -11.12 23.29 -49.72
CA TYR B 367 -10.65 22.20 -50.60
C TYR B 367 -11.02 22.57 -52.03
N LYS B 368 -12.22 23.11 -52.19
CA LYS B 368 -12.74 23.43 -53.56
C LYS B 368 -11.83 24.35 -54.39
N ASN B 369 -11.22 25.37 -53.78
CA ASN B 369 -10.43 26.39 -54.44
C ASN B 369 -9.17 25.84 -55.10
N PHE B 370 -8.94 24.53 -55.02
CA PHE B 370 -7.69 23.88 -55.51
C PHE B 370 -7.76 23.41 -56.97
N THR B 371 -6.73 23.73 -57.76
CA THR B 371 -6.66 23.22 -59.13
C THR B 371 -6.12 21.80 -59.16
N GLU B 372 -6.55 21.04 -60.17
CA GLU B 372 -6.04 19.67 -60.34
C GLU B 372 -4.55 19.67 -60.64
N LEU B 373 -4.06 20.67 -61.38
CA LEU B 373 -2.62 20.77 -61.66
C LEU B 373 -1.83 21.05 -60.39
N GLN B 374 -2.38 21.86 -59.49
CA GLN B 374 -1.77 22.10 -58.19
C GLN B 374 -1.76 20.84 -57.34
N ILE B 375 -2.81 20.02 -57.46
CA ILE B 375 -2.84 18.72 -56.80
C ILE B 375 -1.76 17.80 -57.38
N ILE B 376 -1.54 17.88 -58.70
CA ILE B 376 -0.47 17.11 -59.34
C ILE B 376 0.90 17.54 -58.84
N GLU B 377 1.08 18.83 -58.55
CA GLU B 377 2.34 19.29 -57.98
C GLU B 377 2.54 18.77 -56.56
N TRP B 378 1.53 18.89 -55.71
CA TRP B 378 1.73 18.37 -54.33
C TRP B 378 1.99 16.87 -54.40
N THR B 379 1.22 16.12 -55.18
CA THR B 379 1.41 14.68 -55.22
C THR B 379 2.72 14.24 -55.83
N LYS B 380 3.63 15.15 -56.16
CA LYS B 380 5.02 14.82 -56.46
C LYS B 380 5.92 15.27 -55.32
N LYS B 381 5.61 16.45 -54.76
CA LYS B 381 6.29 16.95 -53.57
C LYS B 381 6.24 15.94 -52.43
N ILE B 382 5.09 15.30 -52.22
CA ILE B 382 4.94 14.43 -51.06
C ILE B 382 5.76 13.15 -51.21
N GLN B 383 5.87 12.59 -52.42
CA GLN B 383 6.76 11.43 -52.55
C GLN B 383 8.23 11.83 -52.48
N ASP B 384 8.59 13.03 -52.94
CA ASP B 384 9.98 13.45 -52.76
C ASP B 384 10.29 13.75 -51.29
N ILE B 385 9.29 14.09 -50.48
CA ILE B 385 9.50 14.17 -49.05
C ILE B 385 9.59 12.79 -48.41
N LEU B 386 8.81 11.83 -48.89
CA LEU B 386 8.83 10.48 -48.33
C LEU B 386 9.99 9.64 -48.85
N ARG B 387 10.75 10.14 -49.82
CA ARG B 387 11.83 9.36 -50.40
C ARG B 387 12.98 9.18 -49.42
N MET B 388 13.36 10.23 -48.69
CA MET B 388 14.40 10.13 -47.68
C MET B 388 13.80 9.97 -46.28
N PRO B 389 13.76 8.75 -45.73
CA PRO B 389 13.04 8.52 -44.48
C PRO B 389 13.81 8.91 -43.24
N HIS B 390 15.09 9.24 -43.36
CA HIS B 390 15.93 9.55 -42.21
C HIS B 390 16.03 11.05 -41.95
N LEU B 391 15.10 11.83 -42.51
CA LEU B 391 14.97 13.25 -42.22
C LEU B 391 13.55 13.61 -41.81
N LEU B 392 12.69 12.64 -41.58
CA LEU B 392 11.27 12.89 -41.37
C LEU B 392 10.84 12.18 -40.10
N THR B 393 10.26 12.92 -39.17
CA THR B 393 9.92 12.36 -37.87
C THR B 393 8.63 12.98 -37.39
N VAL B 394 7.68 12.13 -37.00
CA VAL B 394 6.41 12.56 -36.44
C VAL B 394 6.44 12.32 -34.94
N PHE B 395 6.09 13.34 -34.16
CA PHE B 395 6.00 13.18 -32.72
C PHE B 395 4.60 13.56 -32.24
N ARG B 396 4.33 13.23 -30.98
CA ARG B 396 3.03 13.48 -30.38
C ARG B 396 3.25 13.83 -28.92
N ILE B 397 2.87 15.05 -28.53
CA ILE B 397 3.16 15.53 -27.18
C ILE B 397 2.18 14.90 -26.20
N ASP B 398 2.72 14.21 -25.20
CA ASP B 398 1.91 13.64 -24.14
C ASP B 398 2.76 13.57 -22.87
N GLU B 399 2.25 14.15 -21.79
CA GLU B 399 3.02 14.22 -20.55
C GLU B 399 2.96 12.92 -19.76
N ASP B 400 2.02 12.03 -20.09
CA ASP B 400 1.90 10.77 -19.37
C ASP B 400 3.02 9.80 -19.73
N LYS B 401 3.36 9.71 -21.01
CA LYS B 401 4.40 8.82 -21.50
C LYS B 401 5.79 9.47 -21.47
N ASN B 402 5.92 10.64 -20.83
CA ASN B 402 7.17 11.39 -20.68
C ASN B 402 7.80 11.71 -22.04
N TYR B 403 7.09 12.53 -22.81
CA TYR B 403 7.46 12.81 -24.19
C TYR B 403 7.15 14.28 -24.45
N ASP B 404 8.13 15.01 -24.98
CA ASP B 404 7.99 16.46 -25.16
C ASP B 404 8.71 16.85 -26.45
N VAL B 405 8.96 18.15 -26.63
CA VAL B 405 9.53 18.64 -27.88
C VAL B 405 11.02 18.35 -27.96
N ASP B 406 11.71 18.46 -26.81
CA ASP B 406 13.14 18.19 -26.73
C ASP B 406 13.48 16.75 -27.10
N VAL B 407 12.62 15.81 -26.73
CA VAL B 407 12.80 14.41 -27.12
C VAL B 407 12.76 14.24 -28.63
N ALA B 408 11.81 14.92 -29.27
CA ALA B 408 11.65 14.83 -30.72
C ALA B 408 12.83 15.47 -31.44
N ILE B 409 13.29 16.63 -30.95
CA ILE B 409 14.44 17.29 -31.56
C ILE B 409 15.69 16.44 -31.42
N LEU B 410 15.85 15.79 -30.27
CA LEU B 410 17.05 14.99 -30.03
C LEU B 410 17.03 13.69 -30.85
N GLN B 411 15.87 13.06 -30.97
CA GLN B 411 15.76 11.86 -31.81
C GLN B 411 15.96 12.18 -33.28
N ALA B 412 15.34 13.25 -33.78
CA ALA B 412 15.48 13.59 -35.19
C ALA B 412 16.87 14.12 -35.49
N LEU B 413 17.59 14.60 -34.49
CA LEU B 413 18.96 15.00 -34.70
C LEU B 413 19.91 13.80 -34.66
N LEU B 414 19.59 12.78 -33.87
CA LEU B 414 20.44 11.59 -33.85
C LEU B 414 20.19 10.65 -35.03
N LYS B 415 18.98 10.62 -35.58
CA LYS B 415 18.71 9.73 -36.71
C LYS B 415 19.39 10.20 -37.98
N ALA B 416 19.68 11.49 -38.10
CA ALA B 416 20.29 12.00 -39.32
C ALA B 416 21.76 11.61 -39.41
N SER B 417 22.50 11.82 -38.31
CA SER B 417 23.96 11.75 -38.36
C SER B 417 24.47 10.33 -38.51
N ARG B 418 23.71 9.34 -38.02
CA ARG B 418 24.20 7.95 -38.02
C ARG B 418 24.31 7.39 -39.44
N SER B 419 23.44 7.84 -40.35
CA SER B 419 23.51 7.47 -41.76
C SER B 419 24.06 8.66 -42.53
N ASP B 420 25.38 8.72 -42.69
CA ASP B 420 26.02 9.87 -43.32
C ASP B 420 27.33 9.43 -43.96
N GLU B 421 27.98 10.39 -44.63
CA GLU B 421 29.21 10.09 -45.35
C GLU B 421 30.36 9.78 -44.38
N HIS B 422 30.37 10.44 -43.23
CA HIS B 422 31.45 10.25 -42.26
C HIS B 422 31.32 8.89 -41.58
N ALA B 423 32.47 8.31 -41.25
CA ALA B 423 32.48 7.01 -40.55
C ALA B 423 32.08 7.16 -39.09
N GLY B 424 32.55 8.22 -38.44
CA GLY B 424 32.29 8.38 -37.02
C GLY B 424 32.99 9.62 -36.49
N ARG B 425 33.05 9.70 -35.16
CA ARG B 425 33.72 10.70 -34.31
C ARG B 425 32.99 12.04 -34.30
N HIS B 426 31.91 12.21 -35.06
CA HIS B 426 31.12 13.42 -35.03
C HIS B 426 29.66 13.17 -34.71
N CYS B 427 29.23 11.91 -34.63
CA CYS B 427 27.83 11.60 -34.38
C CYS B 427 27.42 11.95 -32.94
N TRP B 428 28.37 11.90 -32.01
CA TRP B 428 28.05 12.00 -30.60
C TRP B 428 28.55 13.26 -29.92
N GLU B 429 29.53 13.96 -30.51
CA GLU B 429 30.31 14.97 -29.79
C GLU B 429 29.46 16.17 -29.40
N ARG B 430 28.63 16.68 -30.31
CA ARG B 430 27.79 17.81 -29.99
C ARG B 430 26.38 17.43 -29.55
N GLN B 431 25.99 16.17 -29.69
CA GLN B 431 24.70 15.75 -29.18
C GLN B 431 24.76 15.32 -27.73
N LEU B 432 25.94 14.96 -27.23
CA LEU B 432 26.03 14.54 -25.83
C LEU B 432 25.87 15.72 -24.88
N GLU B 433 26.54 16.85 -25.17
CA GLU B 433 26.40 18.03 -24.33
C GLU B 433 24.99 18.61 -24.39
N LEU B 434 24.33 18.45 -25.52
CA LEU B 434 22.96 18.92 -25.66
C LEU B 434 21.98 18.00 -24.96
N ALA B 435 22.29 16.70 -24.88
CA ALA B 435 21.48 15.78 -24.10
C ALA B 435 21.75 15.88 -22.60
N VAL B 436 22.88 16.46 -22.23
CA VAL B 436 23.19 16.70 -20.82
C VAL B 436 22.60 18.03 -20.34
N ALA B 437 22.54 19.04 -21.22
CA ALA B 437 21.94 20.33 -20.86
C ALA B 437 20.45 20.18 -20.59
N TRP B 438 19.75 19.42 -21.42
CA TRP B 438 18.42 18.96 -21.08
C TRP B 438 18.54 17.75 -20.18
N ASN B 439 17.45 17.39 -19.51
CA ASN B 439 17.52 16.29 -18.55
C ASN B 439 17.13 14.95 -19.17
N ARG B 440 17.40 14.77 -20.45
CA ARG B 440 16.93 13.58 -21.17
C ARG B 440 17.97 12.48 -21.08
N VAL B 441 18.05 11.81 -19.92
CA VAL B 441 19.00 10.66 -19.74
C VAL B 441 18.55 9.40 -20.47
N ASP B 442 17.26 9.09 -20.42
CA ASP B 442 16.74 7.79 -20.91
C ASP B 442 17.10 7.57 -22.37
N ILE B 443 16.86 8.55 -23.22
CA ILE B 443 17.18 8.41 -24.66
C ILE B 443 18.69 8.31 -24.78
N ALA B 444 19.39 9.09 -23.97
CA ALA B 444 20.84 9.22 -24.16
C ALA B 444 21.49 7.88 -24.02
N GLU B 445 21.13 7.13 -22.99
CA GLU B 445 21.84 5.87 -22.74
C GLU B 445 21.71 4.91 -23.91
N SER B 446 20.50 4.63 -24.39
CA SER B 446 20.46 3.62 -25.48
C SER B 446 21.06 4.19 -26.75
N GLU B 447 20.63 5.39 -27.11
CA GLU B 447 21.08 5.82 -28.45
C GLU B 447 22.56 6.14 -28.50
N ILE B 448 23.20 6.52 -27.40
CA ILE B 448 24.62 6.93 -27.61
C ILE B 448 25.52 5.93 -26.95
N PHE B 449 24.99 5.18 -26.00
CA PHE B 449 25.94 4.37 -25.21
C PHE B 449 25.69 2.95 -25.62
N THR B 450 25.75 2.77 -26.92
CA THR B 450 25.50 1.44 -27.46
C THR B 450 26.55 0.47 -26.93
N GLU B 451 26.14 -0.79 -26.73
CA GLU B 451 27.03 -1.82 -26.20
C GLU B 451 28.17 -2.18 -27.15
N GLU B 452 28.08 -1.80 -28.43
CA GLU B 452 29.16 -2.03 -29.37
C GLU B 452 30.12 -0.86 -29.46
N SER B 453 30.10 0.04 -28.49
CA SER B 453 30.97 1.21 -28.50
C SER B 453 32.10 1.07 -27.49
N GLN B 454 33.11 1.91 -27.64
CA GLN B 454 34.27 1.94 -26.74
C GLN B 454 34.57 3.38 -26.36
N TRP B 455 34.94 3.60 -25.10
CA TRP B 455 35.06 4.94 -24.56
C TRP B 455 36.38 5.12 -23.82
N THR B 456 36.73 6.39 -23.63
CA THR B 456 37.93 6.79 -22.89
C THR B 456 37.56 8.04 -22.10
N SER B 457 38.06 8.14 -20.86
CA SER B 457 37.62 9.17 -19.92
C SER B 457 37.98 10.58 -20.39
N SER B 458 39.09 10.73 -21.10
CA SER B 458 39.50 12.04 -21.61
C SER B 458 38.55 12.57 -22.67
N ASP B 459 37.77 11.70 -23.30
CA ASP B 459 36.72 12.15 -24.20
C ASP B 459 35.51 12.66 -23.44
N LEU B 460 35.16 12.00 -22.34
CA LEU B 460 33.93 12.27 -21.62
C LEU B 460 34.10 13.26 -20.47
N HIS B 461 35.29 13.82 -20.29
CA HIS B 461 35.50 14.87 -19.29
C HIS B 461 34.59 16.10 -19.41
N PRO B 462 34.39 16.74 -20.58
CA PRO B 462 33.58 17.98 -20.56
C PRO B 462 32.11 17.75 -20.28
N ALA B 463 31.55 16.66 -20.80
CA ALA B 463 30.18 16.31 -20.47
C ALA B 463 30.03 15.95 -19.00
N MET B 464 31.08 15.37 -18.40
CA MET B 464 31.06 15.09 -16.97
C MET B 464 31.03 16.37 -16.16
N PHE B 465 31.86 17.36 -16.53
CA PHE B 465 31.84 18.65 -15.87
C PHE B 465 30.48 19.34 -16.02
N SER B 466 29.91 19.29 -17.22
CA SER B 466 28.63 19.94 -17.46
C SER B 466 27.48 19.26 -16.73
N ALA B 467 27.54 17.94 -16.56
CA ALA B 467 26.51 17.25 -15.80
C ALA B 467 26.71 17.44 -14.30
N LEU B 468 27.94 17.64 -13.88
CA LEU B 468 28.22 17.72 -12.45
C LEU B 468 27.92 19.11 -11.90
N VAL B 469 28.12 20.15 -12.69
CA VAL B 469 27.83 21.50 -12.22
C VAL B 469 26.32 21.73 -12.11
N GLY B 470 25.58 21.38 -13.15
CA GLY B 470 24.18 21.75 -13.24
C GLY B 470 23.20 20.87 -12.50
N ASP B 471 23.69 20.04 -11.58
CA ASP B 471 22.89 19.20 -10.67
C ASP B 471 22.00 18.23 -11.45
N LYS B 472 22.66 17.31 -12.14
CA LYS B 472 21.99 16.18 -12.77
C LYS B 472 22.67 14.92 -12.27
N PRO B 473 22.15 14.28 -11.23
CA PRO B 473 22.85 13.12 -10.64
C PRO B 473 22.79 11.88 -11.51
N GLU B 474 21.77 11.75 -12.35
CA GLU B 474 21.62 10.53 -13.15
C GLU B 474 22.67 10.45 -14.24
N PHE B 475 23.01 11.58 -14.85
CA PHE B 475 24.11 11.57 -15.82
C PHE B 475 25.45 11.34 -15.16
N VAL B 476 25.61 11.78 -13.90
CA VAL B 476 26.81 11.46 -13.15
C VAL B 476 26.91 9.97 -12.92
N ARG B 477 25.79 9.34 -12.53
CA ARG B 477 25.73 7.91 -12.30
C ARG B 477 26.01 7.12 -13.58
N LEU B 478 25.55 7.62 -14.72
CA LEU B 478 25.72 6.90 -15.97
C LEU B 478 27.12 7.08 -16.56
N LEU B 479 27.64 8.30 -16.57
CA LEU B 479 28.98 8.54 -17.08
C LEU B 479 30.03 7.94 -16.18
N LEU B 480 29.72 7.77 -14.89
CA LEU B 480 30.68 7.17 -13.97
C LEU B 480 30.94 5.71 -14.31
N GLU B 481 29.90 4.98 -14.68
CA GLU B 481 30.05 3.56 -14.99
C GLU B 481 30.24 3.29 -16.48
N ASN B 482 30.10 4.29 -17.35
CA ASN B 482 30.48 4.05 -18.74
C ASN B 482 31.94 4.35 -19.02
N GLY B 483 32.74 4.73 -18.03
CA GLY B 483 34.16 4.84 -18.26
C GLY B 483 34.86 6.14 -17.89
N VAL B 484 34.26 6.95 -17.04
CA VAL B 484 34.93 8.13 -16.49
C VAL B 484 35.58 7.72 -15.18
N CYS B 485 36.91 7.84 -15.11
CA CYS B 485 37.65 7.55 -13.90
C CYS B 485 37.90 8.84 -13.13
N VAL B 486 37.59 8.81 -11.83
CA VAL B 486 37.73 10.00 -11.00
C VAL B 486 39.20 10.37 -10.83
N ARG B 487 40.07 9.35 -10.78
CA ARG B 487 41.51 9.57 -10.73
C ARG B 487 42.03 10.28 -11.97
N GLU B 488 41.40 10.05 -13.12
CA GLU B 488 41.77 10.78 -14.32
C GLU B 488 41.08 12.13 -14.40
N PHE B 489 39.89 12.26 -13.82
CA PHE B 489 39.11 13.49 -13.95
C PHE B 489 39.67 14.60 -13.08
N LEU B 490 39.96 14.31 -11.82
CA LEU B 490 40.54 15.30 -10.93
C LEU B 490 42.06 15.23 -10.89
N GLU B 491 42.68 14.74 -11.95
CA GLU B 491 44.14 14.61 -11.98
C GLU B 491 44.81 15.96 -12.10
N ARG B 492 44.40 16.77 -13.07
CA ARG B 492 44.95 18.11 -13.20
C ARG B 492 44.48 18.98 -12.05
N GLU B 493 45.28 19.98 -11.73
CA GLU B 493 44.85 21.00 -10.80
C GLU B 493 44.05 22.06 -11.55
N GLU B 494 43.30 22.86 -10.81
CA GLU B 494 42.56 24.07 -11.20
C GLU B 494 41.29 23.77 -11.98
N THR B 495 41.10 22.51 -12.39
CA THR B 495 39.81 22.11 -12.98
C THR B 495 38.80 22.16 -11.83
N LEU B 496 39.25 21.67 -10.66
CA LEU B 496 38.50 21.63 -9.38
C LEU B 496 38.25 23.05 -8.85
N CYS B 497 39.24 23.95 -9.00
CA CYS B 497 39.09 25.33 -8.49
C CYS B 497 37.87 25.97 -9.18
N GLU B 498 37.73 25.71 -10.48
CA GLU B 498 36.56 26.17 -11.23
C GLU B 498 35.30 25.44 -10.78
N LEU B 499 35.45 24.21 -10.30
CA LEU B 499 34.33 23.46 -9.76
C LEU B 499 33.84 24.08 -8.45
N TYR B 500 34.76 24.59 -7.62
CA TYR B 500 34.31 25.39 -6.48
C TYR B 500 33.75 26.73 -6.91
N SER B 501 34.20 27.24 -8.05
CA SER B 501 33.72 28.54 -8.52
C SER B 501 32.26 28.48 -8.96
N HIS B 502 31.84 27.33 -9.48
CA HIS B 502 30.48 27.14 -10.05
C HIS B 502 29.42 26.70 -9.02
N LEU B 503 29.75 26.78 -7.72
CA LEU B 503 28.83 26.33 -6.65
C LEU B 503 27.54 27.17 -6.64
N PRO B 504 26.35 26.56 -6.36
CA PRO B 504 25.07 27.29 -6.30
C PRO B 504 24.92 28.17 -5.05
N SER B 505 23.97 29.12 -5.06
CA SER B 505 23.83 30.02 -3.92
C SER B 505 23.52 29.25 -2.64
N CYS B 506 24.44 29.33 -1.68
CA CYS B 506 24.28 28.65 -0.40
C CYS B 506 24.91 29.49 0.70
N PHE B 507 24.68 29.06 1.94
CA PHE B 507 25.24 29.76 3.09
C PHE B 507 26.76 29.62 3.14
N PHE B 508 27.27 28.48 2.66
CA PHE B 508 28.72 28.32 2.51
C PHE B 508 29.27 29.29 1.48
N LEU B 509 28.52 29.52 0.40
CA LEU B 509 28.94 30.49 -0.60
C LEU B 509 28.90 31.91 -0.05
N ARG B 510 27.92 32.21 0.81
CA ARG B 510 27.87 33.54 1.43
C ARG B 510 29.05 33.75 2.38
N LYS B 511 29.45 32.70 3.11
CA LYS B 511 30.61 32.81 3.99
C LYS B 511 31.90 32.99 3.20
N LEU B 512 32.06 32.22 2.12
CA LEU B 512 33.26 32.37 1.29
C LEU B 512 33.29 33.73 0.59
N ALA B 513 32.11 34.25 0.21
CA ALA B 513 32.04 35.57 -0.40
C ALA B 513 32.37 36.67 0.61
N LYS B 514 32.00 36.46 1.87
CA LYS B 514 32.42 37.40 2.90
C LYS B 514 33.92 37.32 3.13
N ARG B 515 34.50 36.12 2.99
CA ARG B 515 35.94 35.97 3.18
C ARG B 515 36.74 36.62 2.05
N VAL B 516 36.23 36.56 0.82
CA VAL B 516 37.00 37.06 -0.33
C VAL B 516 37.12 38.59 -0.35
N GLN B 517 36.32 39.29 0.48
CA GLN B 517 36.38 40.75 0.52
C GLN B 517 37.72 41.25 1.06
N GLY B 518 38.29 40.55 2.03
CA GLY B 518 39.54 40.98 2.63
C GLY B 518 40.76 40.20 2.17
N LEU B 528 26.78 35.64 -10.94
CA LEU B 528 27.79 35.24 -9.96
C LEU B 528 28.62 33.96 -10.28
N PRO B 529 28.04 32.84 -10.75
CA PRO B 529 28.89 31.69 -11.09
C PRO B 529 29.75 31.94 -12.31
N GLY B 530 31.02 31.55 -12.21
CA GLY B 530 31.96 31.64 -13.31
C GLY B 530 32.83 32.88 -13.31
N SER B 531 32.47 33.90 -12.53
CA SER B 531 33.22 35.16 -12.57
C SER B 531 34.53 35.05 -11.80
N ARG B 532 34.52 34.46 -10.62
CA ARG B 532 35.64 34.54 -9.69
C ARG B 532 36.74 33.56 -10.07
N LYS B 533 37.88 33.70 -9.37
CA LYS B 533 38.99 32.76 -9.45
C LYS B 533 39.40 32.39 -8.01
N VAL B 534 38.72 31.38 -7.47
CA VAL B 534 38.86 31.04 -6.06
C VAL B 534 40.11 30.18 -5.85
N CYS B 535 41.03 30.67 -5.02
CA CYS B 535 42.16 29.88 -4.58
C CYS B 535 41.73 28.87 -3.53
N LEU B 536 42.45 27.74 -3.46
CA LEU B 536 41.99 26.62 -2.65
C LEU B 536 42.15 26.87 -1.15
N SER B 537 43.18 27.61 -0.76
CA SER B 537 43.41 27.88 0.66
C SER B 537 42.30 28.75 1.26
N HIS B 538 41.68 29.60 0.44
CA HIS B 538 40.56 30.41 0.88
C HIS B 538 39.36 29.53 1.23
N VAL B 539 39.20 28.41 0.53
CA VAL B 539 38.22 27.39 0.91
C VAL B 539 38.65 26.75 2.22
N SER B 540 39.88 26.23 2.24
CA SER B 540 40.50 25.51 3.35
C SER B 540 40.44 26.21 4.69
N GLU B 541 40.41 27.55 4.68
CA GLU B 541 40.25 28.29 5.93
C GLU B 541 38.85 28.10 6.51
N GLU B 542 37.82 28.30 5.68
CA GLU B 542 36.44 28.15 6.15
C GLU B 542 36.11 26.69 6.46
N VAL B 543 36.74 25.76 5.74
CA VAL B 543 36.57 24.34 6.03
C VAL B 543 37.11 24.02 7.43
N ARG B 544 38.24 24.62 7.79
CA ARG B 544 38.75 24.48 9.16
C ARG B 544 37.82 25.11 10.18
N HIS B 545 37.23 26.27 9.84
CA HIS B 545 36.31 26.90 10.77
C HIS B 545 35.05 26.07 10.99
N LEU B 546 34.61 25.33 9.98
CA LEU B 546 33.48 24.42 10.18
C LEU B 546 33.88 23.11 10.82
N LEU B 547 35.11 22.65 10.59
CA LEU B 547 35.49 21.32 11.04
C LEU B 547 36.03 21.34 12.46
N GLY B 548 36.69 22.41 12.86
CA GLY B 548 37.22 22.54 14.20
C GLY B 548 38.55 23.27 14.17
N SER B 549 38.85 23.97 15.25
CA SER B 549 40.12 24.69 15.36
C SER B 549 41.28 23.76 15.68
N PHE B 550 41.02 22.51 16.03
CA PHE B 550 42.08 21.58 16.39
C PHE B 550 42.89 21.14 15.17
N THR B 551 42.21 20.83 14.08
CA THR B 551 42.82 20.08 12.99
C THR B 551 43.75 20.94 12.14
N GLN B 552 44.59 20.24 11.36
CA GLN B 552 45.48 20.88 10.41
C GLN B 552 44.70 21.29 9.15
N PRO B 553 45.22 22.25 8.38
CA PRO B 553 44.56 22.61 7.11
C PRO B 553 44.57 21.47 6.10
N LEU B 554 43.63 21.54 5.16
CA LEU B 554 43.42 20.48 4.19
C LEU B 554 44.18 20.71 2.89
N TYR B 555 44.23 21.95 2.41
CA TYR B 555 44.81 22.26 1.10
C TYR B 555 45.94 23.27 1.27
N ILE B 556 47.16 22.84 1.01
CA ILE B 556 48.28 23.77 0.89
C ILE B 556 48.32 24.26 -0.55
N ALA B 557 48.41 25.58 -0.72
CA ALA B 557 48.32 26.17 -2.05
C ALA B 557 49.58 25.91 -2.85
N SER B 558 49.39 25.51 -4.11
CA SER B 558 50.42 25.09 -5.07
C SER B 558 51.25 23.90 -4.60
N ARG B 559 50.70 23.15 -3.64
CA ARG B 559 51.35 21.90 -3.19
C ARG B 559 50.28 20.81 -3.35
N TYR B 560 49.91 20.54 -4.60
CA TYR B 560 48.84 19.55 -4.91
C TYR B 560 49.47 18.34 -5.60
N LYS B 561 49.13 17.13 -5.13
CA LYS B 561 49.65 15.87 -5.72
C LYS B 561 51.18 15.92 -5.72
N PRO B 562 51.85 16.32 -4.61
CA PRO B 562 53.31 16.44 -4.59
C PRO B 562 53.91 15.05 -4.37
N ALA B 588 51.30 19.55 7.41
CA ALA B 588 52.04 19.67 6.18
C ALA B 588 52.10 18.34 5.45
N ASP B 589 51.26 17.39 5.87
CA ASP B 589 51.16 16.12 5.16
C ASP B 589 50.50 16.31 3.80
N THR B 590 49.22 16.71 3.79
CA THR B 590 48.40 17.05 2.62
C THR B 590 48.44 16.01 1.50
N VAL B 591 47.90 14.82 1.76
CA VAL B 591 47.87 13.77 0.73
C VAL B 591 46.88 14.14 -0.36
N TRP B 592 47.13 13.65 -1.56
CA TRP B 592 46.20 13.99 -2.67
C TRP B 592 45.28 12.81 -2.93
N ASP B 593 44.04 12.87 -2.45
CA ASP B 593 43.03 11.87 -2.65
C ASP B 593 41.89 12.47 -3.44
N PRO B 594 41.59 11.94 -4.63
CA PRO B 594 40.49 12.48 -5.44
C PRO B 594 39.12 12.01 -4.98
N GLY B 595 39.06 10.99 -4.13
CA GLY B 595 37.77 10.53 -3.64
C GLY B 595 37.13 11.50 -2.68
N ARG B 596 37.95 12.20 -1.89
CA ARG B 596 37.45 13.06 -0.82
C ARG B 596 37.21 14.49 -1.29
N ASP B 597 37.34 14.75 -2.58
CA ASP B 597 37.11 16.09 -3.09
C ASP B 597 35.68 16.27 -3.55
N LEU B 598 35.16 15.32 -4.33
CA LEU B 598 33.77 15.36 -4.76
C LEU B 598 32.82 15.20 -3.58
N PHE B 599 33.21 14.40 -2.59
CA PHE B 599 32.36 14.21 -1.43
C PHE B 599 32.27 15.48 -0.60
N LEU B 600 33.38 16.17 -0.41
CA LEU B 600 33.35 17.43 0.35
C LEU B 600 32.59 18.50 -0.43
N TRP B 601 32.82 18.58 -1.74
CA TRP B 601 32.15 19.55 -2.59
C TRP B 601 30.64 19.32 -2.62
N ALA B 602 30.22 18.06 -2.55
CA ALA B 602 28.79 17.77 -2.54
C ALA B 602 28.17 17.89 -1.17
N VAL B 603 28.95 17.74 -0.10
CA VAL B 603 28.40 17.91 1.24
C VAL B 603 28.19 19.40 1.55
N VAL B 604 29.14 20.25 1.18
CA VAL B 604 29.08 21.64 1.63
C VAL B 604 28.02 22.48 0.90
N GLN B 605 27.27 21.88 -0.02
CA GLN B 605 26.19 22.61 -0.68
C GLN B 605 24.83 21.94 -0.49
N ASN B 606 24.84 20.97 0.40
CA ASN B 606 23.64 20.22 0.83
C ASN B 606 22.93 19.53 -0.34
N ASN B 607 23.59 18.59 -1.01
CA ASN B 607 23.00 17.83 -2.14
C ASN B 607 22.66 16.41 -1.66
N ARG B 608 21.41 16.05 -1.47
CA ARG B 608 21.18 14.70 -0.93
C ARG B 608 21.63 13.64 -1.90
N GLU B 609 21.44 13.82 -3.20
CA GLU B 609 21.66 12.69 -4.14
C GLU B 609 22.98 12.76 -4.88
N LEU B 610 23.82 13.71 -4.58
CA LEU B 610 25.08 13.79 -5.33
C LEU B 610 26.22 13.50 -4.38
N ALA B 611 25.99 13.57 -3.08
CA ALA B 611 26.98 13.12 -2.12
C ALA B 611 26.91 11.61 -1.91
N GLU B 612 25.73 11.02 -2.12
CA GLU B 612 25.62 9.56 -2.07
C GLU B 612 26.36 8.91 -3.23
N ILE B 613 26.42 9.57 -4.38
CA ILE B 613 27.28 9.10 -5.47
C ILE B 613 28.74 9.30 -5.10
N GLY B 614 29.05 10.43 -4.48
CA GLY B 614 30.43 10.73 -4.12
C GLY B 614 31.00 9.86 -3.01
N TRP B 615 30.15 9.25 -2.19
CA TRP B 615 30.66 8.53 -1.03
C TRP B 615 31.32 7.20 -1.39
N GLU B 616 30.85 6.51 -2.42
CA GLU B 616 31.45 5.22 -2.74
C GLU B 616 32.80 5.34 -3.43
N GLN B 617 33.19 6.54 -3.85
CA GLN B 617 34.50 6.74 -4.45
C GLN B 617 35.57 7.03 -3.41
N CYS B 618 35.21 7.12 -2.14
CA CYS B 618 36.14 7.47 -1.08
C CYS B 618 37.01 6.28 -0.70
N ARG B 619 38.12 6.58 -0.03
CA ARG B 619 39.06 5.54 0.38
C ARG B 619 38.73 5.00 1.77
N ASP B 620 38.61 5.88 2.77
CA ASP B 620 38.17 5.49 4.09
C ASP B 620 36.81 6.11 4.38
N CYS B 621 35.86 5.27 4.79
CA CYS B 621 34.47 5.72 4.85
C CYS B 621 33.88 5.69 6.25
N ILE B 622 34.71 5.51 7.28
CA ILE B 622 34.24 5.72 8.65
C ILE B 622 34.68 7.09 9.15
N ALA B 623 35.73 7.66 8.58
CA ALA B 623 36.10 9.03 8.90
C ALA B 623 35.35 10.05 8.05
N ALA B 624 35.05 9.71 6.80
CA ALA B 624 34.40 10.63 5.88
C ALA B 624 32.97 10.92 6.30
N ALA B 625 32.23 9.89 6.72
CA ALA B 625 30.83 10.08 7.11
C ALA B 625 30.72 10.89 8.39
N LEU B 626 31.62 10.66 9.34
CA LEU B 626 31.57 11.42 10.58
C LEU B 626 32.03 12.86 10.39
N ALA B 627 33.00 13.09 9.50
CA ALA B 627 33.39 14.46 9.19
C ALA B 627 32.28 15.21 8.49
N ALA B 628 31.56 14.52 7.58
CA ALA B 628 30.42 15.14 6.92
C ALA B 628 29.31 15.45 7.92
N SER B 629 29.09 14.56 8.88
CA SER B 629 28.06 14.79 9.90
C SER B 629 28.39 15.99 10.77
N LYS B 630 29.67 16.16 11.13
CA LYS B 630 30.05 17.30 11.96
C LYS B 630 29.95 18.61 11.18
N ILE B 631 30.36 18.60 9.90
CA ILE B 631 30.26 19.79 9.06
C ILE B 631 28.81 20.20 8.88
N LEU B 632 27.93 19.22 8.64
CA LEU B 632 26.51 19.54 8.45
C LEU B 632 25.87 20.05 9.72
N ARG B 633 26.22 19.51 10.89
CA ARG B 633 25.58 19.99 12.12
C ARG B 633 26.07 21.38 12.50
N LYS B 634 27.35 21.68 12.28
CA LYS B 634 27.83 23.04 12.56
C LYS B 634 27.25 24.05 11.58
N LEU B 635 27.19 23.69 10.29
CA LEU B 635 26.63 24.58 9.28
C LEU B 635 25.13 24.75 9.45
N ALA B 636 24.44 23.76 10.01
CA ALA B 636 23.03 23.91 10.34
C ALA B 636 22.84 24.77 11.57
N GLN B 637 23.79 24.74 12.50
CA GLN B 637 23.67 25.59 13.69
C GLN B 637 23.86 27.06 13.35
N GLU B 638 24.93 27.41 12.64
CA GLU B 638 25.28 28.82 12.51
C GLU B 638 24.56 29.54 11.37
N SER B 639 23.50 28.95 10.80
CA SER B 639 22.77 29.61 9.72
C SER B 639 22.00 30.82 10.24
N GLY B 640 21.09 30.61 11.18
CA GLY B 640 20.33 31.69 11.78
C GLY B 640 19.13 32.19 11.00
N GLU B 641 19.35 32.67 9.79
CA GLU B 641 18.29 33.35 9.04
C GLU B 641 17.26 32.37 8.50
N ASP B 642 17.69 31.42 7.68
CA ASP B 642 16.77 30.53 6.98
C ASP B 642 16.72 29.19 7.70
N ASP B 643 15.51 28.79 8.11
CA ASP B 643 15.31 27.57 8.88
C ASP B 643 14.35 26.60 8.20
N SER B 644 14.02 26.83 6.94
CA SER B 644 13.34 25.79 6.16
C SER B 644 14.35 24.79 5.64
N GLU B 645 15.50 25.27 5.18
CA GLU B 645 16.58 24.41 4.71
C GLU B 645 17.39 23.84 5.87
N GLU B 646 17.98 24.73 6.67
CA GLU B 646 19.05 24.38 7.60
C GLU B 646 18.59 23.46 8.72
N ALA B 647 17.30 23.48 9.06
CA ALA B 647 16.83 22.51 10.04
C ALA B 647 16.63 21.14 9.40
N THR B 648 15.66 21.07 8.47
CA THR B 648 15.17 19.78 7.98
C THR B 648 16.21 19.06 7.16
N GLU B 649 16.71 19.72 6.10
CA GLU B 649 17.58 19.05 5.14
C GLU B 649 18.92 18.69 5.77
N MET B 650 19.51 19.63 6.50
CA MET B 650 20.85 19.40 7.03
C MET B 650 20.84 18.44 8.21
N LEU B 651 19.86 18.54 9.11
CA LEU B 651 19.86 17.59 10.23
C LEU B 651 19.47 16.19 9.78
N GLU B 652 18.60 16.06 8.77
CA GLU B 652 18.26 14.74 8.28
C GLU B 652 19.43 14.12 7.53
N LEU B 653 20.19 14.92 6.79
CA LEU B 653 21.35 14.38 6.08
C LEU B 653 22.47 14.02 7.05
N ALA B 654 22.62 14.78 8.14
CA ALA B 654 23.62 14.45 9.14
C ALA B 654 23.28 13.16 9.87
N ASN B 655 22.00 12.96 10.20
CA ASN B 655 21.59 11.70 10.80
C ASN B 655 21.74 10.53 9.84
N HIS B 656 21.55 10.79 8.54
CA HIS B 656 21.76 9.76 7.53
C HIS B 656 23.21 9.30 7.47
N TYR B 657 24.15 10.23 7.48
CA TYR B 657 25.54 9.81 7.43
C TYR B 657 26.03 9.22 8.74
N GLU B 658 25.46 9.64 9.88
CA GLU B 658 25.73 8.96 11.13
C GLU B 658 25.29 7.50 11.08
N LYS B 659 24.08 7.25 10.53
CA LYS B 659 23.59 5.88 10.41
C LYS B 659 24.43 5.04 9.45
N GLN B 660 24.94 5.66 8.37
CA GLN B 660 25.81 4.93 7.46
C GLN B 660 27.12 4.52 8.12
N ALA B 661 27.72 5.43 8.90
CA ALA B 661 28.96 5.10 9.60
C ALA B 661 28.75 4.01 10.63
N ILE B 662 27.62 4.04 11.35
CA ILE B 662 27.32 3.00 12.33
C ILE B 662 27.12 1.65 11.64
N GLY B 663 26.49 1.64 10.47
CA GLY B 663 26.29 0.40 9.74
C GLY B 663 27.59 -0.22 9.26
N VAL B 664 28.49 0.60 8.73
CA VAL B 664 29.78 0.09 8.26
C VAL B 664 30.62 -0.43 9.43
N PHE B 665 30.63 0.29 10.54
CA PHE B 665 31.44 -0.16 11.67
C PHE B 665 30.85 -1.38 12.35
N SER B 666 29.52 -1.50 12.42
CA SER B 666 28.94 -2.69 13.01
C SER B 666 29.03 -3.90 12.08
N GLU B 667 29.24 -3.67 10.78
CA GLU B 667 29.60 -4.78 9.91
C GLU B 667 31.05 -5.20 10.13
N CYS B 668 31.94 -4.23 10.32
CA CYS B 668 33.35 -4.55 10.53
C CYS B 668 33.59 -5.22 11.88
N HIS B 669 32.81 -4.87 12.90
CA HIS B 669 33.08 -5.35 14.25
C HIS B 669 32.70 -6.81 14.42
N SER B 670 31.71 -7.30 13.68
CA SER B 670 31.28 -8.68 13.83
C SER B 670 32.31 -9.66 13.27
N TRP B 671 32.91 -9.31 12.13
CA TRP B 671 33.88 -10.17 11.41
C TRP B 671 35.20 -10.43 12.14
N ASP B 672 35.84 -9.39 12.68
CA ASP B 672 37.14 -9.54 13.34
C ASP B 672 37.10 -9.26 14.83
N ALA B 673 36.48 -8.15 15.25
CA ALA B 673 36.30 -7.65 16.61
C ALA B 673 37.61 -7.21 17.28
N GLN B 674 38.76 -7.38 16.64
CA GLN B 674 40.02 -6.95 17.21
C GLN B 674 40.78 -6.01 16.28
N ARG B 675 40.39 -5.94 15.01
CA ARG B 675 40.91 -4.95 14.06
C ARG B 675 40.09 -3.67 14.08
N ALA B 676 38.79 -3.77 14.37
CA ALA B 676 37.92 -2.62 14.57
C ALA B 676 38.47 -1.62 15.58
N GLN B 677 39.06 -2.13 16.66
CA GLN B 677 39.64 -1.22 17.64
C GLN B 677 40.91 -0.59 17.11
N LYS B 678 41.61 -1.26 16.20
CA LYS B 678 42.73 -0.62 15.53
C LYS B 678 42.23 0.44 14.55
N LEU B 679 41.05 0.22 13.98
CA LEU B 679 40.50 1.12 12.98
C LEU B 679 40.00 2.41 13.60
N LEU B 680 39.46 2.33 14.82
CA LEU B 680 38.94 3.53 15.47
C LEU B 680 40.00 4.49 15.98
N ILE B 681 41.27 4.10 16.04
CA ILE B 681 42.28 4.86 16.78
C ILE B 681 43.38 5.40 15.90
N ARG B 682 43.37 5.13 14.60
CA ARG B 682 44.47 5.54 13.75
C ARG B 682 44.32 7.00 13.35
N ILE B 683 45.34 7.51 12.66
CA ILE B 683 45.33 8.85 12.11
C ILE B 683 44.99 8.75 10.64
N SER B 684 43.93 9.41 10.22
CA SER B 684 43.74 9.50 8.77
C SER B 684 44.34 10.80 8.26
N PRO B 685 45.26 10.75 7.30
CA PRO B 685 45.84 12.00 6.79
C PRO B 685 44.90 12.77 5.88
N SER B 686 43.85 12.13 5.37
CA SER B 686 42.96 12.74 4.40
C SER B 686 41.92 13.65 5.01
N TRP B 687 41.88 13.78 6.33
CA TRP B 687 40.89 14.65 6.95
C TRP B 687 41.55 15.53 7.98
N GLY B 688 42.73 16.05 7.65
CA GLY B 688 43.40 16.98 8.53
C GLY B 688 44.08 16.35 9.71
N ARG B 689 44.63 15.14 9.54
CA ARG B 689 45.47 14.46 10.53
C ARG B 689 44.72 14.19 11.84
N SER B 690 43.41 14.02 11.76
CA SER B 690 42.60 13.79 12.95
C SER B 690 42.10 12.36 12.98
N THR B 691 41.87 11.86 14.19
CA THR B 691 41.42 10.50 14.38
C THR B 691 39.91 10.40 14.24
N CYS B 692 39.44 9.17 14.07
CA CYS B 692 38.02 8.93 13.87
C CYS B 692 37.21 9.11 15.14
N LEU B 693 37.81 8.80 16.29
CA LEU B 693 37.08 8.84 17.55
C LEU B 693 36.81 10.28 17.98
N TRP B 694 37.74 11.21 17.68
CA TRP B 694 37.52 12.60 18.01
C TRP B 694 36.42 13.21 17.15
N LEU B 695 36.38 12.85 15.87
CA LEU B 695 35.27 13.25 15.00
C LEU B 695 33.96 12.65 15.47
N ALA B 696 34.01 11.45 16.05
CA ALA B 696 32.78 10.82 16.51
C ALA B 696 32.22 11.52 17.73
N LEU B 697 33.05 11.79 18.72
CA LEU B 697 32.51 12.35 19.96
C LEU B 697 32.49 13.86 20.01
N GLU B 698 33.14 14.55 19.07
CA GLU B 698 33.09 16.01 19.08
C GLU B 698 31.74 16.53 18.59
N ALA B 699 31.09 15.79 17.71
CA ALA B 699 29.82 16.21 17.12
C ALA B 699 28.60 15.65 17.86
N HIS B 700 28.82 14.99 19.01
CA HIS B 700 27.76 14.44 19.86
C HIS B 700 26.88 13.43 19.13
N ASP B 701 27.51 12.44 18.49
CA ASP B 701 26.80 11.36 17.82
C ASP B 701 26.34 10.30 18.81
N LYS B 702 25.07 10.39 19.23
CA LYS B 702 24.49 9.53 20.30
C LYS B 702 24.44 8.03 19.96
N SER B 703 24.07 7.66 18.74
CA SER B 703 23.90 6.26 18.39
C SER B 703 25.20 5.57 18.04
N PHE B 704 26.24 6.34 17.68
CA PHE B 704 27.54 5.75 17.44
C PHE B 704 28.27 5.43 18.74
N ILE B 705 27.90 6.08 19.85
CA ILE B 705 28.54 5.83 21.13
C ILE B 705 27.71 4.88 21.98
N ALA B 706 26.41 4.73 21.67
CA ALA B 706 25.64 3.66 22.28
C ALA B 706 26.05 2.27 21.78
N HIS B 707 26.87 2.18 20.74
CA HIS B 707 27.31 0.91 20.19
C HIS B 707 28.29 0.23 21.14
N SER B 708 28.37 -1.10 21.04
CA SER B 708 29.09 -1.89 22.04
C SER B 708 30.59 -1.80 21.88
N GLY B 709 31.10 -1.72 20.65
CA GLY B 709 32.53 -1.79 20.43
C GLY B 709 33.28 -0.58 20.95
N VAL B 710 32.67 0.60 20.83
CA VAL B 710 33.29 1.82 21.34
C VAL B 710 33.31 1.79 22.87
N GLN B 711 32.27 1.24 23.49
CA GLN B 711 32.25 1.11 24.94
C GLN B 711 33.27 0.10 25.43
N ALA B 712 33.48 -0.99 24.68
CA ALA B 712 34.50 -1.95 25.04
C ALA B 712 35.89 -1.34 24.92
N LEU B 713 36.11 -0.52 23.90
CA LEU B 713 37.40 0.15 23.74
C LEU B 713 37.64 1.17 24.84
N LEU B 714 36.59 1.90 25.25
CA LEU B 714 36.75 2.88 26.32
C LEU B 714 36.96 2.20 27.67
N THR B 715 36.29 1.08 27.92
CA THR B 715 36.52 0.35 29.17
C THR B 715 37.93 -0.24 29.21
N GLN B 716 38.42 -0.71 28.06
CA GLN B 716 39.78 -1.19 27.96
C GLN B 716 40.80 -0.09 28.22
N ILE B 717 40.51 1.15 27.81
CA ILE B 717 41.40 2.26 28.15
C ILE B 717 41.31 2.59 29.63
N TRP B 718 40.08 2.68 30.15
CA TRP B 718 39.82 3.09 31.53
C TRP B 718 40.46 2.16 32.54
N CYS B 719 40.37 0.86 32.30
CA CYS B 719 40.91 -0.09 33.27
C CYS B 719 42.44 -0.13 33.23
N GLY B 720 43.05 0.35 32.16
CA GLY B 720 44.50 0.50 32.12
C GLY B 720 45.23 -0.82 32.01
N GLU B 721 46.31 -0.94 32.78
CA GLU B 721 47.14 -2.17 32.82
C GLU B 721 46.32 -3.34 33.39
N LEU B 722 45.53 -3.07 34.43
CA LEU B 722 44.72 -4.12 35.09
C LEU B 722 43.67 -4.68 34.12
N SER B 723 43.48 -6.01 34.14
CA SER B 723 42.50 -6.70 33.28
C SER B 723 41.08 -6.42 33.77
N VAL B 724 40.10 -6.41 32.86
CA VAL B 724 38.68 -6.15 33.22
C VAL B 724 38.10 -7.31 34.03
N ASP B 725 36.81 -7.18 34.33
CA ASP B 725 36.05 -8.12 35.14
C ASP B 725 36.50 -8.13 36.60
N ASN B 726 37.47 -7.32 36.99
CA ASN B 726 37.66 -7.05 38.40
C ASN B 726 36.46 -6.28 38.92
N PRO B 727 35.83 -6.72 40.01
CA PRO B 727 34.71 -5.95 40.56
C PRO B 727 35.17 -4.66 41.21
N HIS B 728 34.21 -3.79 41.50
CA HIS B 728 34.50 -2.43 41.93
C HIS B 728 35.15 -2.40 43.31
N TRP B 729 34.66 -3.22 44.26
CA TRP B 729 35.17 -3.15 45.62
C TRP B 729 36.61 -3.67 45.72
N LYS B 730 36.97 -4.61 44.84
CA LYS B 730 38.29 -5.23 44.89
C LYS B 730 39.40 -4.23 44.59
N VAL B 731 39.12 -3.30 43.67
CA VAL B 731 40.09 -2.26 43.32
C VAL B 731 40.36 -1.35 44.51
N LEU B 732 39.31 -0.94 45.22
CA LEU B 732 39.50 -0.07 46.38
C LEU B 732 40.13 -0.81 47.55
N LEU B 733 39.76 -2.09 47.74
CA LEU B 733 40.36 -2.87 48.82
C LEU B 733 41.83 -3.15 48.57
N CYS B 734 42.23 -3.34 47.31
CA CYS B 734 43.64 -3.47 47.01
C CYS B 734 44.35 -2.13 47.02
N MET B 735 43.63 -1.03 46.80
CA MET B 735 44.22 0.29 46.98
C MET B 735 44.50 0.57 48.45
N ILE B 736 43.70 -0.01 49.35
CA ILE B 736 43.94 0.15 50.78
C ILE B 736 45.17 -0.67 51.19
N PHE B 737 45.12 -1.98 50.97
CA PHE B 737 46.20 -2.90 51.34
C PHE B 737 46.99 -3.28 50.09
N PHE B 738 48.25 -2.83 50.02
CA PHE B 738 49.07 -3.08 48.85
C PHE B 738 49.42 -4.55 48.58
N PRO B 739 49.85 -5.39 49.55
CA PRO B 739 50.20 -6.78 49.17
C PRO B 739 49.02 -7.65 48.77
N LEU B 740 47.78 -7.22 49.04
CA LEU B 740 46.60 -7.97 48.60
C LEU B 740 46.54 -8.10 47.09
N ILE B 741 47.00 -7.08 46.36
CA ILE B 741 47.13 -7.19 44.90
C ILE B 741 48.17 -8.24 44.54
N TYR B 742 49.27 -8.28 45.30
CA TYR B 742 50.35 -9.24 45.05
C TYR B 742 49.96 -10.67 45.42
N THR B 743 48.88 -10.86 46.17
CA THR B 743 48.44 -12.18 46.57
C THR B 743 47.56 -12.88 45.52
N GLY B 744 47.49 -12.34 44.30
CA GLY B 744 46.67 -12.96 43.27
C GLY B 744 45.21 -12.60 43.33
N PHE B 745 44.86 -11.54 44.06
CA PHE B 745 43.45 -11.20 44.22
C PHE B 745 42.90 -10.50 42.99
N LEU B 746 43.75 -9.77 42.27
CA LEU B 746 43.33 -9.02 41.08
C LEU B 746 43.86 -9.72 39.84
N THR B 747 42.98 -10.03 38.91
CA THR B 747 43.41 -10.48 37.60
C THR B 747 44.02 -9.31 36.84
N PHE B 748 45.12 -9.55 36.14
CA PHE B 748 45.78 -8.50 35.38
C PHE B 748 45.69 -8.83 33.90
N ARG B 749 46.08 -7.85 33.08
CA ARG B 749 46.09 -8.01 31.63
C ARG B 749 47.14 -9.02 31.21
N ARG B 750 48.40 -8.78 31.59
CA ARG B 750 49.58 -9.55 31.26
C ARG B 750 49.42 -11.06 31.47
N ASP B 751 49.08 -11.44 32.71
CA ASP B 751 48.97 -12.86 33.08
C ASP B 751 47.88 -13.55 32.28
N GLU B 752 46.70 -12.92 32.17
CA GLU B 752 45.58 -13.51 31.43
C GLU B 752 45.90 -13.61 29.94
N ASP B 753 46.54 -12.58 29.39
CA ASP B 753 46.88 -12.56 27.97
C ASP B 753 47.93 -13.63 27.63
N ILE B 754 48.99 -13.73 28.44
CA ILE B 754 50.04 -14.69 28.14
C ILE B 754 49.60 -16.11 28.51
N GLN B 755 48.59 -16.22 29.40
CA GLN B 755 48.05 -17.53 29.73
C GLN B 755 47.12 -18.05 28.64
N ARG B 756 46.25 -17.19 28.11
CA ARG B 756 45.33 -17.62 27.06
C ARG B 756 46.04 -17.74 25.72
N GLN B 757 46.75 -16.69 25.30
CA GLN B 757 47.33 -16.53 23.97
C GLN B 757 48.32 -17.62 23.59
N ALA B 758 49.35 -17.79 24.40
CA ALA B 758 50.33 -18.86 24.23
C ALA B 758 49.68 -20.24 24.21
N GLU B 759 48.80 -20.52 25.18
CA GLU B 759 48.28 -21.88 25.35
C GLU B 759 47.28 -22.25 24.26
N ARG B 760 46.33 -21.35 23.96
CA ARG B 760 45.30 -21.61 22.96
C ARG B 760 45.88 -21.84 21.57
N THR B 761 46.83 -20.99 21.17
CA THR B 761 47.50 -21.16 19.88
C THR B 761 48.30 -22.47 19.82
N GLN B 762 49.00 -22.80 20.90
CA GLN B 762 49.85 -23.99 20.89
C GLN B 762 49.04 -25.28 20.95
N GLN B 763 48.05 -25.34 21.86
CA GLN B 763 47.31 -26.58 22.07
C GLN B 763 46.41 -26.92 20.89
N LYS B 764 45.88 -25.90 20.23
CA LYS B 764 45.15 -26.12 18.99
C LYS B 764 46.10 -26.53 17.85
N LEU B 765 47.33 -26.07 17.89
CA LEU B 765 48.32 -26.46 16.89
C LEU B 765 48.74 -27.91 17.08
N LEU B 792 55.66 -9.06 24.66
CA LEU B 792 55.46 -10.48 24.88
C LEU B 792 56.44 -11.01 25.93
N LYS B 793 56.46 -10.38 27.09
CA LYS B 793 57.34 -10.74 28.19
C LYS B 793 56.53 -11.00 29.45
N PRO B 794 57.01 -11.87 30.34
CA PRO B 794 56.30 -12.07 31.61
C PRO B 794 56.55 -10.93 32.58
N LEU B 795 55.49 -10.46 33.23
CA LEU B 795 55.62 -9.42 34.25
C LEU B 795 56.47 -9.92 35.42
N ASN B 796 57.47 -9.14 35.79
CA ASN B 796 58.51 -9.58 36.71
C ASN B 796 58.47 -8.73 37.96
N CYS B 797 59.39 -9.05 38.87
CA CYS B 797 59.40 -8.82 40.33
C CYS B 797 58.89 -7.43 40.73
N SER B 798 59.51 -6.35 40.28
CA SER B 798 59.14 -5.02 40.77
C SER B 798 58.40 -4.16 39.75
N SER B 799 58.03 -4.70 38.59
CA SER B 799 57.36 -3.87 37.59
C SER B 799 55.88 -3.67 37.91
N ARG B 800 55.29 -4.61 38.65
CA ARG B 800 53.84 -4.63 38.88
C ARG B 800 53.37 -3.45 39.70
N LEU B 801 54.24 -2.91 40.56
CA LEU B 801 53.89 -1.75 41.37
C LEU B 801 53.65 -0.51 40.52
N MET B 802 54.60 -0.21 39.62
CA MET B 802 54.43 0.93 38.71
C MET B 802 53.31 0.66 37.72
N SER B 803 53.13 -0.61 37.32
CA SER B 803 52.04 -0.96 36.42
C SER B 803 50.67 -0.77 37.06
N PHE B 804 50.56 -1.01 38.37
CA PHE B 804 49.31 -0.77 39.07
C PHE B 804 49.11 0.71 39.36
N LEU B 805 50.17 1.44 39.63
CA LEU B 805 50.03 2.86 39.91
C LEU B 805 49.87 3.70 38.66
N LYS B 806 50.12 3.15 37.48
CA LYS B 806 49.91 3.89 36.25
C LYS B 806 48.48 3.84 35.75
N SER B 807 47.60 3.09 36.41
CA SER B 807 46.24 2.93 35.91
C SER B 807 45.41 4.18 36.18
N PRO B 808 44.52 4.56 35.26
CA PRO B 808 43.68 5.74 35.49
C PRO B 808 42.56 5.51 36.48
N GLN B 809 42.00 4.28 36.53
CA GLN B 809 40.87 4.00 37.40
C GLN B 809 41.26 4.16 38.87
N VAL B 810 42.44 3.67 39.23
CA VAL B 810 42.93 3.82 40.60
C VAL B 810 43.29 5.28 40.89
N LYS B 811 43.79 5.97 39.88
CA LYS B 811 44.21 7.35 40.03
C LYS B 811 43.02 8.28 40.28
N PHE B 812 41.86 7.94 39.73
CA PHE B 812 40.63 8.69 39.98
C PHE B 812 40.25 8.67 41.46
N TYR B 813 40.28 7.50 42.10
CA TYR B 813 39.96 7.41 43.52
C TYR B 813 41.01 8.09 44.37
N TRP B 814 42.29 7.91 44.03
CA TRP B 814 43.34 8.56 44.81
C TRP B 814 43.43 10.06 44.59
N ASN B 815 42.74 10.60 43.58
CA ASN B 815 42.61 12.04 43.48
C ASN B 815 41.38 12.56 44.20
N ILE B 816 40.26 11.82 44.15
CA ILE B 816 39.04 12.32 44.75
C ILE B 816 39.14 12.26 46.28
N ALA B 817 39.91 11.32 46.83
CA ALA B 817 40.08 11.26 48.28
C ALA B 817 40.91 12.43 48.78
N SER B 818 41.97 12.78 48.04
CA SER B 818 42.76 13.95 48.39
C SER B 818 41.96 15.23 48.26
N TYR B 819 41.01 15.27 47.33
CA TYR B 819 40.18 16.47 47.20
C TYR B 819 39.23 16.63 48.38
N PHE B 820 38.61 15.52 48.83
CA PHE B 820 37.83 15.59 50.07
C PHE B 820 38.68 15.97 51.28
N GLY B 821 39.92 15.48 51.34
CA GLY B 821 40.82 15.90 52.40
C GLY B 821 41.11 17.39 52.37
N PHE B 822 41.23 17.95 51.16
CA PHE B 822 41.42 19.38 51.01
C PHE B 822 40.22 20.17 51.48
N LEU B 823 39.01 19.70 51.17
CA LEU B 823 37.80 20.40 51.61
C LEU B 823 37.68 20.38 53.12
N TRP B 824 38.00 19.25 53.76
CA TRP B 824 37.89 19.19 55.21
C TRP B 824 38.96 20.05 55.89
N LEU B 825 40.17 20.10 55.31
CA LEU B 825 41.23 20.96 55.83
C LEU B 825 40.84 22.44 55.72
N PHE B 826 40.28 22.84 54.58
CA PHE B 826 39.88 24.24 54.43
C PHE B 826 38.70 24.58 55.33
N ALA B 827 37.82 23.61 55.57
CA ALA B 827 36.68 23.84 56.46
C ALA B 827 37.13 24.02 57.90
N VAL B 828 38.12 23.25 58.35
CA VAL B 828 38.57 23.44 59.73
C VAL B 828 39.38 24.72 59.86
N VAL B 829 40.16 25.08 58.84
CA VAL B 829 41.00 26.27 58.92
C VAL B 829 40.17 27.54 58.87
N LEU B 830 39.14 27.58 58.01
CA LEU B 830 38.37 28.80 57.83
C LEU B 830 37.55 29.17 59.06
N MET B 831 37.04 28.17 59.78
CA MET B 831 36.19 28.43 60.94
C MET B 831 36.92 28.38 62.27
N ILE B 832 37.62 27.28 62.59
CA ILE B 832 38.08 27.09 63.97
C ILE B 832 39.25 28.02 64.29
N ASP B 833 40.28 28.04 63.46
CA ASP B 833 41.45 28.88 63.73
C ASP B 833 41.82 29.72 62.52
N PHE B 834 41.46 31.00 62.57
CA PHE B 834 41.90 31.98 61.60
C PHE B 834 42.52 33.13 62.39
N GLN B 835 43.79 32.95 62.76
CA GLN B 835 44.43 33.87 63.69
C GLN B 835 44.92 35.12 62.98
N THR B 836 45.26 36.13 63.78
CA THR B 836 45.89 37.36 63.32
C THR B 836 47.18 37.09 62.56
N SER B 837 47.97 36.14 63.04
CA SER B 837 49.13 35.67 62.31
C SER B 837 48.84 34.31 61.68
N PRO B 838 49.45 33.98 60.54
CA PRO B 838 49.19 32.67 59.91
C PRO B 838 49.74 31.51 60.71
N SER B 839 48.85 30.70 61.28
CA SER B 839 49.26 29.54 62.05
C SER B 839 49.81 28.46 61.13
N TRP B 840 50.50 27.50 61.74
CA TRP B 840 51.19 26.39 61.02
C TRP B 840 50.17 25.58 60.22
N ARG B 841 48.96 25.40 60.79
CA ARG B 841 47.90 24.65 60.09
C ARG B 841 47.57 25.36 58.78
N GLU B 842 47.60 26.70 58.77
CA GLU B 842 47.26 27.45 57.57
C GLU B 842 48.38 27.46 56.51
N LEU B 843 49.58 26.95 56.83
CA LEU B 843 50.67 26.94 55.85
C LEU B 843 50.47 25.83 54.82
N LEU B 844 49.91 24.71 55.26
CA LEU B 844 49.66 23.55 54.41
C LEU B 844 48.72 23.91 53.28
N LEU B 845 47.78 24.80 53.54
CA LEU B 845 46.88 25.36 52.54
C LEU B 845 47.65 26.02 51.40
N TYR B 846 48.68 26.79 51.76
CA TYR B 846 49.42 27.55 50.76
C TYR B 846 50.32 26.63 49.94
N VAL B 847 50.93 25.64 50.61
CA VAL B 847 51.75 24.64 49.93
C VAL B 847 50.89 23.80 48.97
N TRP B 848 49.68 23.46 49.42
CA TRP B 848 48.72 22.73 48.58
C TRP B 848 48.39 23.52 47.33
N LEU B 849 48.06 24.79 47.51
CA LEU B 849 47.69 25.59 46.32
C LEU B 849 48.90 25.65 45.37
N THR B 850 50.08 25.90 45.91
CA THR B 850 51.25 25.99 45.04
C THR B 850 51.39 24.73 44.17
N SER B 851 51.21 23.55 44.77
CA SER B 851 51.22 22.31 44.00
C SER B 851 50.08 22.26 42.98
N LEU B 852 48.90 22.77 43.34
CA LEU B 852 47.77 22.75 42.43
C LEU B 852 47.97 23.69 41.24
N VAL B 853 48.58 24.86 41.46
CA VAL B 853 48.85 25.79 40.38
C VAL B 853 49.91 25.22 39.44
N CYS B 854 50.93 24.56 39.99
CA CYS B 854 51.92 23.90 39.14
C CYS B 854 51.29 22.78 38.31
N GLU B 855 50.33 22.05 38.90
CA GLU B 855 49.56 21.05 38.15
C GLU B 855 48.78 21.67 37.00
N GLU B 856 48.14 22.83 37.24
CA GLU B 856 47.38 23.48 36.16
C GLU B 856 48.29 24.01 35.06
N ILE B 857 49.50 24.47 35.42
CA ILE B 857 50.45 24.93 34.41
C ILE B 857 50.93 23.76 33.55
N ARG B 858 51.17 22.59 34.16
CA ARG B 858 51.55 21.41 33.39
C ARG B 858 50.40 20.94 32.49
N GLN B 859 49.15 21.05 32.95
CA GLN B 859 48.04 20.67 32.03
C GLN B 859 48.09 21.65 30.86
N LEU B 860 48.28 22.96 31.12
CA LEU B 860 48.34 23.88 30.00
C LEU B 860 49.43 23.49 29.02
N TYR B 861 50.58 23.03 29.52
CA TYR B 861 51.71 22.72 28.65
C TYR B 861 51.45 21.49 27.79
N HIS B 862 51.06 20.37 28.41
CA HIS B 862 51.16 19.07 27.73
C HIS B 862 49.83 18.33 27.76
N ASP B 863 48.76 19.03 27.40
CA ASP B 863 47.52 18.36 27.04
C ASP B 863 47.45 18.10 25.54
N PHE B 864 47.90 19.06 24.74
CA PHE B 864 48.03 18.91 23.30
C PHE B 864 49.45 19.31 22.90
N ASP B 865 49.79 19.09 21.63
CA ASP B 865 51.15 19.29 21.13
C ASP B 865 51.12 20.25 19.94
N GLY B 866 50.39 21.35 20.11
CA GLY B 866 50.18 22.29 19.01
C GLY B 866 51.41 23.10 18.65
N SER B 867 52.30 23.32 19.61
CA SER B 867 53.59 24.03 19.54
C SER B 867 53.41 25.55 19.35
N GLY B 868 52.20 26.09 19.44
CA GLY B 868 52.00 27.52 19.39
C GLY B 868 51.34 28.03 20.65
N PHE B 869 51.80 29.18 21.17
CA PHE B 869 51.26 29.71 22.41
C PHE B 869 49.82 30.18 22.27
N ARG B 870 49.46 30.73 21.10
CA ARG B 870 48.05 30.98 20.84
C ARG B 870 47.31 29.66 20.64
N ARG B 871 47.96 28.70 19.98
CA ARG B 871 47.37 27.40 19.69
C ARG B 871 47.09 26.60 20.96
N LYS B 872 47.95 26.74 21.98
CA LYS B 872 47.71 26.03 23.23
C LYS B 872 46.67 26.74 24.10
N ALA B 873 46.86 28.04 24.33
CA ALA B 873 46.02 28.78 25.26
C ALA B 873 44.61 28.96 24.73
N LYS B 874 44.47 29.09 23.40
CA LYS B 874 43.15 29.29 22.79
C LYS B 874 42.26 28.07 22.98
N MET B 875 42.83 26.86 22.92
CA MET B 875 42.03 25.68 23.21
C MET B 875 41.94 25.43 24.71
N TYR B 876 42.93 25.90 25.48
CA TYR B 876 42.90 25.69 26.93
C TYR B 876 41.78 26.48 27.59
N ILE B 877 41.59 27.74 27.18
CA ILE B 877 40.54 28.56 27.76
C ILE B 877 39.16 28.19 27.23
N LYS B 878 39.08 27.41 26.14
CA LYS B 878 37.79 26.97 25.60
C LYS B 878 37.13 25.86 26.44
N ASP B 879 37.74 25.48 27.56
CA ASP B 879 37.22 24.48 28.48
C ASP B 879 36.19 25.14 29.38
N LEU B 880 35.65 24.41 30.35
CA LEU B 880 34.81 25.00 31.38
C LEU B 880 35.30 24.66 32.78
N TRP B 881 35.78 23.43 32.99
CA TRP B 881 36.35 23.04 34.27
C TRP B 881 37.59 23.85 34.57
N ASN B 882 38.38 24.13 33.53
CA ASN B 882 39.54 24.99 33.68
C ASN B 882 39.15 26.42 34.01
N ILE B 883 38.02 26.90 33.49
CA ILE B 883 37.51 28.23 33.86
C ILE B 883 37.17 28.27 35.35
N LEU B 884 36.52 27.22 35.85
CA LEU B 884 36.16 27.18 37.29
C LEU B 884 37.45 27.19 38.12
N ASP B 885 38.45 26.42 37.70
CA ASP B 885 39.75 26.35 38.40
C ASP B 885 40.47 27.71 38.34
N VAL B 886 40.40 28.37 37.18
CA VAL B 886 41.07 29.70 36.99
C VAL B 886 40.45 30.73 37.93
N LEU B 887 39.13 30.70 38.08
CA LEU B 887 38.43 31.65 38.95
C LEU B 887 38.69 31.36 40.42
N SER B 888 38.77 30.07 40.78
CA SER B 888 39.07 29.68 42.15
C SER B 888 40.47 30.13 42.57
N ILE B 889 41.46 29.94 41.69
CA ILE B 889 42.83 30.31 42.02
C ILE B 889 42.98 31.83 42.08
N VAL B 890 42.28 32.56 41.21
CA VAL B 890 42.35 34.02 41.22
C VAL B 890 41.74 34.59 42.51
N LEU B 891 40.60 34.03 42.95
CA LEU B 891 40.02 34.47 44.22
C LEU B 891 40.92 34.14 45.40
N PHE B 892 41.60 32.98 45.36
CA PHE B 892 42.51 32.64 46.46
C PHE B 892 43.72 33.58 46.49
N ILE B 893 44.22 33.97 45.32
CA ILE B 893 45.37 34.88 45.26
C ILE B 893 44.99 36.27 45.76
N ALA B 894 43.79 36.74 45.39
CA ALA B 894 43.32 38.03 45.90
C ALA B 894 43.13 38.00 47.42
N GLY B 895 42.62 36.88 47.94
CA GLY B 895 42.55 36.71 49.38
C GLY B 895 43.91 36.70 50.05
N LEU B 896 44.89 36.06 49.42
CA LEU B 896 46.23 36.01 50.00
C LEU B 896 46.94 37.35 49.96
N ILE B 897 46.62 38.17 48.96
CA ILE B 897 47.10 39.56 48.96
C ILE B 897 46.50 40.33 50.12
N CYS B 898 45.18 40.21 50.31
CA CYS B 898 44.53 41.01 51.34
C CYS B 898 44.81 40.50 52.76
N ARG B 899 45.16 39.22 52.91
CA ARG B 899 45.11 38.57 54.22
C ARG B 899 46.24 38.98 55.16
N LEU B 900 47.33 39.55 54.65
CA LEU B 900 48.42 39.99 55.52
C LEU B 900 48.58 41.51 55.45
N GLN B 901 47.45 42.21 55.52
CA GLN B 901 47.44 43.65 55.35
C GLN B 901 48.07 44.37 56.54
N ALA B 902 47.85 43.83 57.74
CA ALA B 902 48.20 44.34 59.08
C ALA B 902 47.34 45.54 59.47
N SER B 903 46.34 45.90 58.66
CA SER B 903 45.33 46.90 59.01
C SER B 903 43.99 46.19 59.12
N ASP B 904 43.24 46.50 60.19
CA ASP B 904 42.06 45.73 60.56
C ASP B 904 40.93 45.86 59.55
N THR B 905 40.95 46.90 58.70
CA THR B 905 39.86 47.13 57.77
C THR B 905 39.78 46.06 56.68
N VAL B 906 40.93 45.53 56.25
CA VAL B 906 40.98 44.60 55.12
C VAL B 906 41.01 43.14 55.59
N PHE B 907 41.26 42.92 56.89
CA PHE B 907 41.34 41.58 57.45
C PHE B 907 40.01 40.84 57.36
N TYR B 908 38.91 41.60 57.44
CA TYR B 908 37.58 41.01 57.32
C TYR B 908 37.23 40.70 55.86
N ILE B 909 37.61 41.62 54.96
CA ILE B 909 37.28 41.48 53.53
C ILE B 909 38.01 40.28 52.93
N GLY B 910 39.25 40.05 53.36
CA GLY B 910 39.98 38.88 52.91
C GLY B 910 39.32 37.58 53.32
N LYS B 911 38.77 37.53 54.53
CA LYS B 911 38.07 36.35 54.99
C LYS B 911 36.81 36.09 54.16
N VAL B 912 36.11 37.17 53.79
CA VAL B 912 34.95 37.05 52.91
C VAL B 912 35.37 36.49 51.53
N ILE B 913 36.51 36.96 51.01
CA ILE B 913 37.02 36.49 49.73
C ILE B 913 37.36 35.00 49.79
N LEU B 914 37.94 34.55 50.90
CA LEU B 914 38.21 33.12 51.06
C LEU B 914 36.94 32.29 51.16
N CYS B 915 35.87 32.84 51.74
CA CYS B 915 34.60 32.12 51.77
C CYS B 915 34.02 31.95 50.37
N ILE B 916 34.13 32.98 49.55
CA ILE B 916 33.64 32.88 48.16
C ILE B 916 34.50 31.89 47.37
N ASP B 917 35.81 31.86 47.63
CA ASP B 917 36.69 30.88 47.00
C ASP B 917 36.35 29.46 47.44
N PHE B 918 35.90 29.29 48.68
CA PHE B 918 35.45 27.97 49.12
C PHE B 918 34.19 27.53 48.38
N ILE B 919 33.28 28.47 48.12
CA ILE B 919 32.09 28.13 47.34
C ILE B 919 32.48 27.71 45.92
N ILE B 920 33.47 28.38 45.32
CA ILE B 920 33.92 28.01 43.98
C ILE B 920 34.58 26.62 43.99
N PHE B 921 35.34 26.30 45.02
CA PHE B 921 35.93 24.95 45.10
C PHE B 921 34.84 23.89 45.28
N CYS B 922 33.81 24.16 46.07
CA CYS B 922 32.81 23.13 46.34
C CYS B 922 31.89 22.95 45.13
N LEU B 923 31.82 23.95 44.25
CA LEU B 923 31.14 23.75 42.97
C LEU B 923 32.04 23.06 41.95
N ARG B 924 33.36 23.26 42.06
CA ARG B 924 34.30 22.52 41.22
C ARG B 924 34.25 21.02 41.52
N LEU B 925 33.85 20.65 42.74
CA LEU B 925 33.51 19.24 43.00
C LEU B 925 32.37 18.76 42.09
N MET B 926 31.26 19.49 42.04
CA MET B 926 30.04 18.98 41.40
C MET B 926 30.17 18.99 39.89
N ALA B 927 31.03 19.89 39.38
CA ALA B 927 31.31 19.93 37.95
C ALA B 927 31.84 18.59 37.42
N ILE B 928 32.59 17.85 38.24
CA ILE B 928 33.16 16.58 37.80
C ILE B 928 32.07 15.56 37.53
N PHE B 929 31.13 15.40 38.45
CA PHE B 929 30.15 14.32 38.37
C PHE B 929 28.88 14.70 37.65
N SER B 930 28.64 15.98 37.39
CA SER B 930 27.37 16.27 36.71
C SER B 930 27.54 16.91 35.33
N ILE B 931 28.22 18.05 35.28
CA ILE B 931 28.26 18.89 34.08
C ILE B 931 29.16 18.24 33.03
N SER B 932 29.04 18.68 31.78
CA SER B 932 29.90 18.21 30.70
C SER B 932 30.92 19.27 30.33
N ARG B 933 31.93 18.84 29.56
CA ARG B 933 33.11 19.66 29.33
C ARG B 933 32.86 20.81 28.37
N THR B 934 32.05 20.57 27.33
CA THR B 934 31.98 21.45 26.16
C THR B 934 31.39 22.81 26.50
N LEU B 935 32.07 23.87 26.08
CA LEU B 935 31.64 25.24 26.39
C LEU B 935 30.42 25.64 25.57
N GLY B 936 30.39 25.24 24.30
CA GLY B 936 29.38 25.67 23.35
C GLY B 936 27.92 25.33 23.63
N PRO B 937 27.57 24.05 23.83
CA PRO B 937 26.15 23.70 24.00
C PRO B 937 25.45 24.26 25.24
N LYS B 938 26.20 24.73 26.24
CA LYS B 938 25.58 25.29 27.43
C LYS B 938 24.82 26.59 27.12
N ILE B 939 25.46 27.48 26.35
CA ILE B 939 24.94 28.82 26.06
C ILE B 939 23.61 28.75 25.32
N ILE B 940 23.42 27.71 24.49
CA ILE B 940 22.27 27.57 23.59
C ILE B 940 20.97 27.50 24.38
N ILE B 941 20.99 26.89 25.56
CA ILE B 941 19.81 26.79 26.39
C ILE B 941 19.85 27.75 27.59
N VAL B 942 21.05 28.07 28.10
CA VAL B 942 21.16 29.00 29.22
C VAL B 942 20.66 30.39 28.83
N ARG B 943 21.02 30.86 27.62
CA ARG B 943 20.63 32.19 27.19
C ARG B 943 19.12 32.32 27.00
N ARG B 944 18.50 31.35 26.31
CA ARG B 944 17.06 31.40 26.08
C ARG B 944 16.27 31.30 27.37
N MET B 945 16.62 30.35 28.24
CA MET B 945 15.82 30.16 29.43
C MET B 945 16.01 31.31 30.42
N MET B 946 17.23 31.85 30.52
CA MET B 946 17.46 33.01 31.38
C MET B 946 16.73 34.24 30.84
N LEU B 947 16.68 34.40 29.52
CA LEU B 947 15.99 35.55 28.92
C LEU B 947 14.49 35.47 29.14
N ASP B 948 13.91 34.29 28.93
CA ASP B 948 12.47 34.08 29.16
C ASP B 948 12.11 34.26 30.64
N LEU B 949 12.97 33.76 31.53
CA LEU B 949 12.81 33.94 32.97
C LEU B 949 12.83 35.41 33.35
N PHE B 950 13.79 36.14 32.80
CA PHE B 950 13.91 37.59 33.12
C PHE B 950 12.69 38.35 32.63
N PHE B 951 12.18 38.01 31.45
CA PHE B 951 10.99 38.71 30.90
C PHE B 951 9.77 38.45 31.79
N PHE B 952 9.54 37.21 32.21
CA PHE B 952 8.38 36.91 33.08
C PHE B 952 8.57 37.62 34.42
N MET B 953 9.79 37.61 34.96
CA MET B 953 10.05 38.22 36.25
C MET B 953 9.81 39.72 36.22
N PHE B 954 10.15 40.34 35.09
CA PHE B 954 9.90 41.78 34.89
C PHE B 954 8.39 42.02 34.86
N LEU B 955 7.66 41.13 34.21
CA LEU B 955 6.20 41.23 34.11
C LEU B 955 5.54 41.13 35.49
N LEU B 956 6.10 40.30 36.38
CA LEU B 956 5.55 40.19 37.73
C LEU B 956 5.92 41.41 38.59
N SER B 957 7.14 41.93 38.40
CA SER B 957 7.62 43.04 39.22
C SER B 957 6.79 44.30 38.99
N ILE B 958 6.34 44.50 37.75
CA ILE B 958 5.46 45.63 37.42
C ILE B 958 4.16 45.57 38.22
N TRP B 959 3.57 44.37 38.30
CA TRP B 959 2.29 44.18 38.97
C TRP B 959 2.41 44.40 40.47
N VAL B 960 3.48 43.88 41.08
CA VAL B 960 3.63 44.03 42.52
C VAL B 960 3.94 45.48 42.91
N VAL B 961 4.69 46.20 42.05
CA VAL B 961 4.91 47.63 42.31
C VAL B 961 3.61 48.41 42.21
N ALA B 962 2.74 48.05 41.26
CA ALA B 962 1.44 48.71 41.11
C ALA B 962 0.57 48.54 42.34
N TYR B 963 0.47 47.30 42.82
CA TYR B 963 -0.35 46.97 44.02
C TYR B 963 0.21 47.67 45.26
N GLY B 964 1.55 47.72 45.40
CA GLY B 964 2.16 48.36 46.56
C GLY B 964 1.96 49.86 46.59
N VAL B 965 2.16 50.53 45.46
CA VAL B 965 2.02 51.98 45.40
C VAL B 965 0.57 52.39 45.63
N ALA B 966 -0.39 51.63 45.09
CA ALA B 966 -1.80 51.98 45.31
C ALA B 966 -2.21 51.75 46.77
N LYS B 967 -1.85 50.58 47.32
CA LYS B 967 -2.23 50.21 48.68
C LYS B 967 -1.65 51.17 49.71
N GLN B 968 -0.41 51.59 49.53
CA GLN B 968 0.08 52.60 50.43
C GLN B 968 -0.46 53.99 50.06
N GLY B 969 -0.95 54.19 48.84
CA GLY B 969 -1.47 55.48 48.44
C GLY B 969 -2.76 55.88 49.13
N ILE B 970 -3.71 54.95 49.16
CA ILE B 970 -5.10 55.17 49.67
C ILE B 970 -5.24 55.44 51.19
N LEU B 971 -4.51 54.72 52.04
CA LEU B 971 -4.78 54.84 53.51
C LEU B 971 -3.66 55.46 54.34
N ILE B 972 -2.74 56.25 53.77
CA ILE B 972 -1.66 56.79 54.66
C ILE B 972 -1.47 58.29 54.35
N GLU B 973 -1.21 59.14 55.34
CA GLU B 973 -0.91 60.57 55.09
C GLU B 973 0.48 60.67 54.47
N ASN B 974 0.76 61.75 53.74
CA ASN B 974 2.05 61.83 53.02
C ASN B 974 3.18 61.52 54.01
N GLU B 975 4.07 60.62 53.62
CA GLU B 975 5.20 60.19 54.47
C GLU B 975 6.45 60.96 54.04
N GLU B 976 7.11 61.62 54.99
CA GLU B 976 8.32 62.43 54.70
C GLU B 976 9.56 61.54 54.77
N ARG B 977 9.41 60.25 55.10
CA ARG B 977 10.63 59.45 55.21
C ARG B 977 10.69 58.46 54.05
N LEU B 978 11.78 58.50 53.31
CA LEU B 978 11.87 57.78 52.04
C LEU B 978 12.09 56.28 52.26
N ASN B 979 12.76 55.90 53.35
CA ASN B 979 13.04 54.49 53.59
C ASN B 979 11.79 53.69 53.87
N TRP B 980 10.83 54.27 54.59
CA TRP B 980 9.57 53.59 54.85
C TRP B 980 8.71 53.48 53.60
N ILE B 981 8.87 54.42 52.66
CA ILE B 981 8.18 54.34 51.38
C ILE B 981 8.54 53.07 50.63
N ILE B 982 9.85 52.84 50.40
CA ILE B 982 10.26 51.63 49.71
C ILE B 982 10.02 50.38 50.57
N ARG B 983 10.20 50.51 51.89
CA ARG B 983 10.09 49.36 52.79
C ARG B 983 8.65 48.88 52.92
N GLY B 984 7.67 49.78 52.75
CA GLY B 984 6.29 49.39 52.75
C GLY B 984 5.60 49.44 51.41
N ALA B 985 6.33 49.72 50.32
CA ALA B 985 5.72 49.70 49.00
C ALA B 985 6.26 48.63 48.07
N VAL B 986 7.50 48.17 48.26
CA VAL B 986 8.03 47.18 47.33
C VAL B 986 8.35 45.91 48.11
N TYR B 987 8.66 46.07 49.39
CA TYR B 987 9.10 44.92 50.18
C TYR B 987 7.93 44.06 50.64
N GLU B 988 6.93 44.69 51.27
CA GLU B 988 5.82 43.94 51.84
C GLU B 988 4.89 43.28 50.81
N PRO B 989 4.51 43.91 49.68
CA PRO B 989 3.76 43.14 48.68
C PRO B 989 4.54 42.03 48.02
N TYR B 990 5.87 42.18 47.98
CA TYR B 990 6.75 41.12 47.44
C TYR B 990 6.80 39.90 48.37
N ILE B 991 6.81 40.13 49.69
CA ILE B 991 6.83 39.05 50.66
C ILE B 991 5.43 38.48 50.88
N THR B 992 4.40 39.26 50.52
CA THR B 992 3.02 38.84 50.76
C THR B 992 2.62 37.67 49.87
N ILE B 993 3.01 37.68 48.59
CA ILE B 993 2.47 36.72 47.62
C ILE B 993 2.95 35.30 47.86
N PHE B 994 4.03 35.12 48.62
CA PHE B 994 4.47 33.79 49.01
C PHE B 994 3.78 33.28 50.27
N GLY B 995 3.09 34.15 51.00
CA GLY B 995 2.48 33.72 52.24
C GLY B 995 1.17 32.97 52.01
N ASN B 996 0.79 32.20 53.03
CA ASN B 996 -0.46 31.45 53.00
C ASN B 996 -1.64 32.41 53.11
N PHE B 997 -2.74 32.07 52.44
CA PHE B 997 -3.92 32.94 52.38
C PHE B 997 -4.59 33.24 53.72
N PRO B 998 -4.75 32.31 54.68
CA PRO B 998 -5.22 32.78 56.00
C PRO B 998 -4.19 33.62 56.73
N THR B 999 -2.90 33.30 56.61
CA THR B 999 -1.87 34.11 57.25
C THR B 999 -1.74 35.48 56.58
N ASN B 1000 -2.01 35.55 55.27
CA ASN B 1000 -1.85 36.80 54.53
C ASN B 1000 -2.81 37.89 55.00
N ILE B 1001 -3.95 37.51 55.57
CA ILE B 1001 -4.85 38.51 56.12
C ILE B 1001 -4.27 38.96 57.45
N ASP B 1002 -3.53 40.08 57.42
CA ASP B 1002 -3.02 40.75 58.60
C ASP B 1002 -3.42 42.22 58.46
N ASN B 1003 -4.63 42.54 58.89
CA ASN B 1003 -5.18 43.87 58.66
C ASN B 1003 -6.02 44.31 59.84
N THR B 1004 -5.56 45.36 60.53
CA THR B 1004 -6.34 46.09 61.51
C THR B 1004 -5.72 47.47 61.61
N LEU B 1005 -6.41 48.36 62.35
CA LEU B 1005 -6.05 49.76 62.34
C LEU B 1005 -4.75 50.02 63.10
N PHE B 1006 -4.67 49.57 64.35
CA PHE B 1006 -3.66 50.09 65.27
C PHE B 1006 -3.11 48.97 66.13
N ASP B 1007 -1.98 48.39 65.71
CA ASP B 1007 -1.22 47.53 66.62
C ASP B 1007 0.16 48.09 66.92
N ILE B 1008 0.97 48.29 65.87
CA ILE B 1008 2.37 48.65 66.03
C ILE B 1008 2.71 49.99 65.41
N SER B 1009 1.79 50.59 64.66
CA SER B 1009 2.04 51.89 64.04
C SER B 1009 1.91 53.01 65.05
N SER B 1010 2.81 53.98 64.99
CA SER B 1010 2.79 55.15 65.87
C SER B 1010 2.88 56.41 65.03
N CYS B 1011 1.90 57.31 65.18
CA CYS B 1011 1.87 58.48 64.29
C CYS B 1011 1.48 59.78 64.97
N SER B 1012 1.36 59.76 66.31
CA SER B 1012 0.85 60.90 67.10
C SER B 1012 1.72 62.16 66.95
N VAL B 1013 3.04 61.99 67.05
CA VAL B 1013 3.96 63.16 66.86
C VAL B 1013 4.83 62.79 65.66
N ASN B 1014 4.44 63.26 64.47
CA ASN B 1014 5.20 62.91 63.23
C ASN B 1014 5.27 61.38 63.17
N ALA B 1015 6.48 60.85 63.07
CA ALA B 1015 6.76 59.42 63.02
C ALA B 1015 7.60 59.01 64.21
N SER B 1016 7.29 57.84 64.76
CA SER B 1016 8.18 57.22 65.73
C SER B 1016 9.42 56.67 65.03
N ASP B 1017 10.59 57.06 65.51
CA ASP B 1017 11.84 56.56 64.94
C ASP B 1017 12.10 55.06 65.18
N PRO B 1018 11.86 54.45 66.40
CA PRO B 1018 12.22 53.01 66.48
C PRO B 1018 11.29 52.03 65.74
N LEU B 1019 11.50 51.99 64.42
CA LEU B 1019 10.99 50.95 63.52
C LEU B 1019 9.47 50.87 63.54
N LYS B 1020 8.81 52.02 63.47
CA LYS B 1020 7.36 52.09 63.45
C LYS B 1020 6.87 52.81 62.21
N PRO B 1021 6.08 52.17 61.36
CA PRO B 1021 5.44 52.90 60.25
C PRO B 1021 4.36 53.85 60.76
N LYS B 1022 4.06 54.84 59.95
CA LYS B 1022 2.98 55.78 60.24
C LYS B 1022 1.64 55.07 60.21
N CYS B 1023 0.72 55.52 61.08
CA CYS B 1023 -0.59 54.93 61.17
C CYS B 1023 -1.43 55.25 59.94
N PRO B 1024 -2.39 54.40 59.59
CA PRO B 1024 -3.43 54.80 58.65
C PRO B 1024 -4.28 55.91 59.25
N MET B 1025 -4.86 56.73 58.38
CA MET B 1025 -5.67 57.84 58.85
C MET B 1025 -6.95 57.32 59.51
N LEU B 1026 -7.34 57.97 60.60
CA LEU B 1026 -8.54 57.61 61.32
C LEU B 1026 -9.55 58.75 61.27
N ASN B 1027 -10.81 58.40 61.06
CA ASN B 1027 -11.89 59.37 61.11
C ASN B 1027 -12.46 59.38 62.52
N ALA B 1028 -12.92 58.22 62.97
CA ALA B 1028 -13.32 58.02 64.35
C ALA B 1028 -12.15 57.46 65.16
N ASP B 1029 -12.35 57.38 66.48
CA ASP B 1029 -11.39 56.71 67.34
C ASP B 1029 -11.38 55.21 67.06
N ASN B 1030 -10.17 54.69 66.78
CA ASN B 1030 -9.91 53.27 66.52
C ASN B 1030 -10.73 52.74 65.34
N THR B 1031 -10.63 53.44 64.21
CA THR B 1031 -11.30 52.99 62.98
C THR B 1031 -10.50 53.50 61.80
N PRO B 1032 -10.43 52.73 60.72
CA PRO B 1032 -9.96 53.29 59.45
C PRO B 1032 -11.09 53.90 58.65
N VAL B 1033 -10.88 55.11 58.12
CA VAL B 1033 -11.82 55.76 57.21
C VAL B 1033 -12.11 54.89 56.00
N PHE B 1034 -11.14 54.12 55.54
CA PHE B 1034 -11.27 53.17 54.46
C PHE B 1034 -11.75 51.83 55.01
N PRO B 1035 -12.79 51.21 54.44
CA PRO B 1035 -13.29 49.96 55.00
C PRO B 1035 -12.30 48.82 54.84
N GLU B 1036 -12.30 47.92 55.82
CA GLU B 1036 -11.36 46.80 55.79
C GLU B 1036 -11.74 45.77 54.74
N TRP B 1037 -13.02 45.69 54.39
CA TRP B 1037 -13.44 44.67 53.43
C TRP B 1037 -13.05 45.04 52.01
N LEU B 1038 -12.91 46.33 51.72
CA LEU B 1038 -12.31 46.71 50.43
C LEU B 1038 -10.85 46.29 50.36
N THR B 1039 -10.13 46.42 51.49
CA THR B 1039 -8.70 46.00 51.50
C THR B 1039 -8.63 44.49 51.22
N ILE B 1040 -9.52 43.71 51.85
CA ILE B 1040 -9.57 42.23 51.67
C ILE B 1040 -9.97 41.90 50.23
N MET B 1041 -10.95 42.63 49.67
CA MET B 1041 -11.43 42.37 48.28
C MET B 1041 -10.30 42.66 47.29
N MET B 1042 -9.54 43.73 47.53
CA MET B 1042 -8.41 44.11 46.68
C MET B 1042 -7.25 43.15 46.85
N LEU B 1043 -7.02 42.69 48.08
CA LEU B 1043 -6.03 41.66 48.32
C LEU B 1043 -6.41 40.35 47.66
N CYS B 1044 -7.70 40.02 47.59
CA CYS B 1044 -8.12 38.80 46.92
C CYS B 1044 -7.85 38.86 45.42
N VAL B 1045 -8.15 40.01 44.81
CA VAL B 1045 -7.91 40.17 43.36
C VAL B 1045 -6.42 40.09 43.06
N TYR B 1046 -5.62 40.87 43.80
CA TYR B 1046 -4.17 40.87 43.64
C TYR B 1046 -3.57 39.49 43.91
N LEU B 1047 -4.01 38.84 44.98
CA LEU B 1047 -3.52 37.52 45.35
C LEU B 1047 -3.85 36.48 44.30
N LEU B 1048 -5.06 36.53 43.74
CA LEU B 1048 -5.43 35.57 42.70
C LEU B 1048 -4.56 35.75 41.45
N PHE B 1049 -4.48 36.99 40.94
CA PHE B 1049 -3.79 37.23 39.69
C PHE B 1049 -2.28 37.00 39.81
N ALA B 1050 -1.69 37.41 40.95
CA ALA B 1050 -0.26 37.19 41.12
C ALA B 1050 0.06 35.74 41.49
N ASN B 1051 -0.77 35.13 42.34
CA ASN B 1051 -0.46 33.81 42.90
C ASN B 1051 -0.61 32.72 41.85
N ILE B 1052 -1.61 32.82 40.98
CA ILE B 1052 -1.93 31.73 40.08
C ILE B 1052 -1.32 31.94 38.70
N LEU B 1053 -1.75 32.99 38.00
CA LEU B 1053 -1.68 33.01 36.55
C LEU B 1053 -0.25 33.18 36.04
N LEU B 1054 0.56 33.96 36.74
CA LEU B 1054 1.93 34.17 36.29
C LEU B 1054 2.85 33.02 36.72
N LEU B 1055 2.77 32.64 37.99
CA LEU B 1055 3.67 31.63 38.53
C LEU B 1055 3.44 30.27 37.89
N ASN B 1056 2.19 29.99 37.48
CA ASN B 1056 1.91 28.77 36.74
C ASN B 1056 2.60 28.79 35.39
N LEU B 1057 2.72 29.95 34.75
CA LEU B 1057 3.48 30.05 33.50
C LEU B 1057 4.97 29.85 33.74
N LEU B 1058 5.50 30.39 34.85
CA LEU B 1058 6.90 30.16 35.19
C LEU B 1058 7.18 28.67 35.43
N ILE B 1059 6.34 28.02 36.24
CA ILE B 1059 6.46 26.60 36.53
C ILE B 1059 6.24 25.78 35.26
N ALA B 1060 5.40 26.27 34.34
CA ALA B 1060 5.20 25.58 33.07
C ALA B 1060 6.49 25.56 32.24
N ILE B 1061 7.13 26.72 32.09
CA ILE B 1061 8.38 26.74 31.29
C ILE B 1061 9.50 25.92 31.95
N PHE B 1062 9.83 26.23 33.21
CA PHE B 1062 10.97 25.54 33.88
C PHE B 1062 10.68 24.04 33.92
N ASN B 1063 9.47 23.66 34.29
CA ASN B 1063 9.15 22.21 34.31
C ASN B 1063 9.26 21.65 32.90
N TYR B 1064 8.82 22.39 31.87
CA TYR B 1064 8.96 21.81 30.52
C TYR B 1064 10.44 21.56 30.23
N THR B 1065 11.34 22.50 30.56
CA THR B 1065 12.74 22.15 30.22
C THR B 1065 13.17 20.98 31.10
N PHE B 1066 12.83 21.03 32.38
CA PHE B 1066 13.30 19.94 33.23
C PHE B 1066 12.84 18.58 32.71
N GLN B 1067 11.59 18.48 32.23
CA GLN B 1067 11.09 17.20 31.73
C GLN B 1067 11.76 16.84 30.41
N GLU B 1068 12.04 17.84 29.56
CA GLU B 1068 12.76 17.56 28.33
C GLU B 1068 14.20 17.13 28.61
N VAL B 1069 14.84 17.75 29.62
CA VAL B 1069 16.22 17.41 29.94
C VAL B 1069 16.31 16.02 30.56
N GLN B 1070 15.42 15.70 31.50
CA GLN B 1070 15.45 14.41 32.17
C GLN B 1070 15.01 13.29 31.24
N ASP B 1071 14.08 13.57 30.33
CA ASP B 1071 13.57 12.56 29.41
C ASP B 1071 14.35 12.55 28.08
N ASN B 1072 15.50 13.24 28.01
CA ASN B 1072 16.21 13.38 26.74
C ASN B 1072 16.85 12.07 26.30
N THR B 1073 17.65 11.45 27.17
CA THR B 1073 18.48 10.33 26.74
C THR B 1073 18.90 9.49 27.95
N ASP B 1074 19.38 8.29 27.63
CA ASP B 1074 20.05 7.41 28.58
C ASP B 1074 21.57 7.35 28.38
N THR B 1075 22.09 8.02 27.36
CA THR B 1075 23.51 7.94 27.01
C THR B 1075 24.33 9.09 27.59
N ILE B 1076 23.80 9.84 28.54
CA ILE B 1076 24.52 10.99 29.08
C ILE B 1076 25.70 10.55 29.92
N TRP B 1077 25.45 9.54 30.76
CA TRP B 1077 26.50 8.97 31.66
C TRP B 1077 27.63 8.36 30.84
N LYS B 1078 27.28 7.65 29.76
CA LYS B 1078 28.31 7.00 28.89
C LYS B 1078 29.19 8.10 28.27
N PHE B 1079 28.56 9.19 27.84
CA PHE B 1079 29.29 10.34 27.24
C PHE B 1079 30.23 10.94 28.30
N GLN B 1080 29.75 11.03 29.54
CA GLN B 1080 30.53 11.61 30.67
C GLN B 1080 31.80 10.77 30.91
N ARG B 1081 31.69 9.44 30.84
CA ARG B 1081 32.85 8.59 31.06
C ARG B 1081 34.05 9.08 30.25
N TYR B 1082 33.81 9.39 28.97
CA TYR B 1082 34.86 9.83 28.06
C TYR B 1082 35.44 11.18 28.48
N GLU B 1083 34.61 12.05 29.05
CA GLU B 1083 35.09 13.31 29.62
C GLU B 1083 36.02 13.06 30.79
N LEU B 1084 35.75 12.03 31.60
CA LEU B 1084 36.65 11.72 32.71
C LEU B 1084 38.00 11.16 32.20
N ILE B 1085 37.93 10.33 31.15
CA ILE B 1085 39.05 9.47 30.72
C ILE B 1085 40.29 10.29 30.37
N LYS B 1086 40.12 11.43 29.68
CA LYS B 1086 41.27 12.18 29.18
C LYS B 1086 42.09 12.80 30.31
N GLU B 1087 41.44 13.58 31.17
CA GLU B 1087 42.16 14.29 32.22
C GLU B 1087 42.73 13.34 33.25
N TYR B 1088 41.97 12.30 33.61
CA TYR B 1088 42.53 11.35 34.57
C TYR B 1088 43.45 10.33 33.90
N HIS B 1089 43.51 10.33 32.57
CA HIS B 1089 44.52 9.54 31.87
C HIS B 1089 45.87 10.24 31.90
N SER B 1090 45.91 11.53 31.56
CA SER B 1090 47.20 12.19 31.34
C SER B 1090 47.93 12.49 32.64
N ARG B 1091 47.18 12.73 33.72
CA ARG B 1091 47.74 13.22 34.98
C ARG B 1091 48.67 12.18 35.64
N PRO B 1092 49.78 12.64 36.25
CA PRO B 1092 50.70 11.72 36.93
C PRO B 1092 50.07 11.06 38.15
N ALA B 1093 50.66 9.94 38.58
CA ALA B 1093 50.02 9.03 39.53
C ALA B 1093 49.85 9.61 40.92
N LEU B 1094 50.81 10.38 41.36
CA LEU B 1094 50.92 10.69 42.78
C LEU B 1094 49.98 11.87 43.12
N PRO B 1095 49.34 11.83 44.29
CA PRO B 1095 48.24 12.78 44.60
C PRO B 1095 48.72 14.22 44.75
N PRO B 1096 47.80 15.21 44.74
CA PRO B 1096 48.20 16.64 44.78
C PRO B 1096 48.95 17.12 46.02
N PRO B 1097 48.93 16.43 47.17
CA PRO B 1097 49.97 16.77 48.16
C PRO B 1097 51.38 16.60 47.64
N PHE B 1098 51.66 15.48 46.98
CA PHE B 1098 53.01 15.19 46.52
C PHE B 1098 53.17 15.38 45.02
N ILE B 1099 52.31 16.18 44.39
CA ILE B 1099 52.40 16.39 42.95
C ILE B 1099 53.63 17.19 42.55
N LEU B 1100 54.17 18.01 43.46
CA LEU B 1100 55.41 18.74 43.16
C LEU B 1100 56.60 17.80 43.07
N LEU B 1101 56.54 16.67 43.78
CA LEU B 1101 57.56 15.63 43.65
C LEU B 1101 57.56 15.07 42.22
N SER B 1102 56.38 14.91 41.63
CA SER B 1102 56.32 14.52 40.22
C SER B 1102 56.71 15.66 39.30
N HIS B 1103 56.40 16.91 39.69
CA HIS B 1103 56.77 18.06 38.88
C HIS B 1103 58.27 18.24 38.78
N LEU B 1104 59.00 17.92 39.86
CA LEU B 1104 60.46 18.04 39.85
C LEU B 1104 61.08 17.10 38.83
N ILE B 1105 60.65 15.83 38.83
CA ILE B 1105 61.16 14.83 37.89
C ILE B 1105 60.74 15.18 36.47
N LEU B 1106 59.45 15.45 36.25
CA LEU B 1106 58.96 15.76 34.91
C LEU B 1106 59.46 17.09 34.37
N PHE B 1107 59.84 18.04 35.24
CA PHE B 1107 60.42 19.29 34.79
C PHE B 1107 61.90 19.13 34.48
N ILE B 1108 62.60 18.32 35.28
CA ILE B 1108 64.01 18.05 35.02
C ILE B 1108 64.18 17.23 33.75
N ARG B 1109 63.29 16.26 33.52
CA ARG B 1109 63.35 15.46 32.32
C ARG B 1109 63.01 16.27 31.07
N GLY B 1110 62.19 17.32 31.23
CA GLY B 1110 61.67 18.03 30.07
C GLY B 1110 62.73 18.82 29.30
N VAL B 1111 63.73 19.34 30.01
CA VAL B 1111 64.72 20.21 29.39
C VAL B 1111 66.01 19.49 29.05
N PHE B 1112 66.20 18.25 29.50
CA PHE B 1112 67.46 17.56 29.24
C PHE B 1112 67.39 16.69 27.99
N LEU B 1113 66.51 15.70 27.99
CA LEU B 1113 66.27 14.83 26.84
C LEU B 1113 64.77 14.58 26.75
N ARG B 1114 64.24 14.60 25.51
CA ARG B 1114 62.80 14.57 25.28
C ARG B 1114 62.16 13.30 25.82
N ASP B 1115 61.19 13.49 26.72
CA ASP B 1115 60.54 12.39 27.43
C ASP B 1115 59.09 12.31 27.01
N LEU B 1116 58.53 11.10 27.17
CA LEU B 1116 57.24 10.70 26.64
C LEU B 1116 57.12 11.03 25.14
N PRO B 1117 57.84 10.32 24.27
CA PRO B 1117 57.83 10.66 22.83
C PRO B 1117 56.47 10.46 22.19
N GLN B 1118 55.72 9.45 22.62
CA GLN B 1118 54.30 9.36 22.32
C GLN B 1118 53.56 10.00 23.49
N ARG B 1119 53.04 11.21 23.28
CA ARG B 1119 52.30 11.91 24.33
C ARG B 1119 51.02 11.16 24.69
N HIS B 1120 50.32 10.66 23.69
CA HIS B 1120 49.17 9.79 23.89
C HIS B 1120 49.36 8.55 23.03
N LYS B 1121 49.48 7.40 23.67
CA LYS B 1121 49.80 6.17 22.98
C LYS B 1121 48.68 5.13 23.04
N ASN B 1122 47.60 5.42 23.76
CA ASN B 1122 46.44 4.55 23.77
C ASN B 1122 45.25 5.17 23.07
N PHE B 1123 45.39 6.39 22.54
CA PHE B 1123 44.33 7.05 21.78
C PHE B 1123 44.72 7.18 20.32
N ARG B 1124 45.86 7.80 20.05
CA ARG B 1124 46.25 8.22 18.71
C ARG B 1124 47.51 7.46 18.30
N GLN B 1125 47.46 6.86 17.11
CA GLN B 1125 48.53 6.00 16.68
C GLN B 1125 48.83 6.28 15.22
N GLU B 1126 50.09 6.10 14.84
CA GLU B 1126 50.55 6.30 13.48
C GLU B 1126 50.93 4.94 12.93
N LEU B 1127 50.05 4.37 12.10
CA LEU B 1127 50.25 3.02 11.58
C LEU B 1127 51.43 2.96 10.62
N GLU B 1128 52.09 1.81 10.60
CA GLU B 1128 53.13 1.55 9.62
C GLU B 1128 52.52 1.50 8.22
N GLN B 1129 53.29 1.97 7.24
CA GLN B 1129 52.77 2.17 5.89
C GLN B 1129 52.42 0.85 5.22
N THR B 1130 53.17 -0.22 5.50
CA THR B 1130 52.85 -1.52 4.93
C THR B 1130 51.56 -2.09 5.51
N GLU B 1131 51.20 -1.69 6.72
CA GLU B 1131 49.98 -2.18 7.35
C GLU B 1131 48.76 -1.39 6.89
N GLU B 1132 48.93 -0.07 6.74
CA GLU B 1132 47.87 0.88 6.36
C GLU B 1132 47.06 0.48 5.12
N GLU B 1133 47.74 0.03 4.06
CA GLU B 1133 47.05 -0.31 2.83
C GLU B 1133 46.18 -1.56 3.01
N GLU B 1134 46.73 -2.57 3.67
CA GLU B 1134 45.98 -3.79 3.99
C GLU B 1134 44.84 -3.50 4.94
N LEU B 1135 44.99 -2.49 5.80
CA LEU B 1135 43.91 -2.11 6.69
C LEU B 1135 42.78 -1.43 5.94
N LEU B 1136 43.11 -0.50 5.04
CA LEU B 1136 42.07 0.22 4.29
C LEU B 1136 41.36 -0.69 3.30
N SER B 1137 42.08 -1.64 2.70
CA SER B 1137 41.45 -2.54 1.74
C SER B 1137 40.39 -3.42 2.39
N TRP B 1138 40.65 -3.84 3.63
CA TRP B 1138 39.70 -4.65 4.39
C TRP B 1138 38.40 -3.90 4.63
N GLU B 1139 38.49 -2.63 5.00
CA GLU B 1139 37.26 -1.91 5.30
C GLU B 1139 36.55 -1.43 4.05
N ALA B 1140 37.26 -1.28 2.92
CA ALA B 1140 36.57 -1.03 1.66
C ALA B 1140 35.77 -2.25 1.22
N TYR B 1141 36.35 -3.45 1.41
CA TYR B 1141 35.62 -4.69 1.15
C TYR B 1141 34.39 -4.80 2.03
N MET B 1142 34.52 -4.45 3.31
CA MET B 1142 33.37 -4.54 4.21
C MET B 1142 32.32 -3.47 3.88
N LYS B 1143 32.73 -2.33 3.33
CA LYS B 1143 31.77 -1.32 2.91
C LYS B 1143 30.91 -1.80 1.75
N ASP B 1144 31.54 -2.43 0.74
CA ASP B 1144 30.77 -2.93 -0.39
C ASP B 1144 29.86 -4.08 0.03
N ASN B 1145 30.36 -4.93 0.93
CA ASN B 1145 29.56 -6.02 1.48
C ASN B 1145 28.39 -5.50 2.30
N TYR B 1146 28.55 -4.32 2.91
CA TYR B 1146 27.43 -3.69 3.61
C TYR B 1146 26.42 -3.10 2.65
N LEU B 1147 26.89 -2.49 1.55
CA LEU B 1147 25.98 -1.83 0.62
C LEU B 1147 25.06 -2.82 -0.07
N ALA B 1148 25.59 -4.00 -0.42
CA ALA B 1148 24.76 -5.00 -1.11
C ALA B 1148 23.59 -5.49 -0.23
N SER B 1149 23.84 -5.66 1.07
CA SER B 1149 22.79 -6.11 1.98
C SER B 1149 21.69 -5.07 2.14
N THR B 1150 22.08 -3.79 2.21
CA THR B 1150 21.08 -2.74 2.35
C THR B 1150 20.26 -2.58 1.07
N ARG B 1151 20.90 -2.71 -0.10
CA ARG B 1151 20.15 -2.56 -1.34
C ARG B 1151 19.18 -3.72 -1.54
N GLN B 1152 19.56 -4.94 -1.13
CA GLN B 1152 18.59 -6.04 -1.26
C GLN B 1152 17.49 -5.95 -0.21
N ASP B 1153 17.81 -5.45 0.99
CA ASP B 1153 16.78 -5.25 2.01
C ASP B 1153 15.77 -4.19 1.62
N GLU B 1154 16.22 -3.10 0.99
CA GLU B 1154 15.25 -2.12 0.51
C GLU B 1154 14.55 -2.60 -0.75
N SER B 1155 15.17 -3.52 -1.50
CA SER B 1155 14.49 -4.15 -2.60
C SER B 1155 13.37 -5.07 -2.15
N GLN B 1156 13.42 -5.59 -0.92
CA GLN B 1156 12.34 -6.41 -0.40
C GLN B 1156 11.20 -5.60 0.23
N SER B 1157 11.04 -4.34 -0.13
CA SER B 1157 10.01 -3.51 0.49
C SER B 1157 8.77 -3.41 -0.38
N VAL B 1158 7.76 -2.73 0.15
CA VAL B 1158 6.48 -2.58 -0.55
C VAL B 1158 6.53 -1.42 -1.53
N GLU B 1159 7.04 -0.28 -1.06
CA GLU B 1159 7.02 0.96 -1.85
C GLU B 1159 7.94 0.88 -3.05
N HIS B 1160 8.95 0.02 -3.02
CA HIS B 1160 9.75 -0.23 -4.19
C HIS B 1160 9.04 -1.16 -5.16
N ARG B 1161 8.31 -2.14 -4.62
CA ARG B 1161 7.79 -3.21 -5.45
C ARG B 1161 6.57 -2.75 -6.25
N ILE B 1162 5.76 -1.84 -5.68
CA ILE B 1162 4.68 -1.21 -6.44
C ILE B 1162 5.25 -0.41 -7.61
N HIS B 1163 6.34 0.32 -7.35
CA HIS B 1163 6.99 1.12 -8.39
C HIS B 1163 7.59 0.26 -9.48
N ASP B 1164 8.00 -0.96 -9.15
CA ASP B 1164 8.48 -1.88 -10.18
C ASP B 1164 7.33 -2.42 -11.03
N THR B 1165 6.25 -2.85 -10.38
CA THR B 1165 5.13 -3.44 -11.11
C THR B 1165 4.44 -2.45 -12.02
N ALA B 1166 4.46 -1.16 -11.68
CA ALA B 1166 3.82 -0.15 -12.53
C ALA B 1166 4.50 -0.05 -13.89
N GLU B 1167 5.84 0.03 -13.89
CA GLU B 1167 6.59 0.10 -15.14
C GLU B 1167 6.47 -1.20 -15.93
N LYS B 1168 6.43 -2.33 -15.24
CA LYS B 1168 6.30 -3.60 -15.94
C LYS B 1168 4.95 -3.73 -16.63
N VAL B 1169 3.87 -3.31 -15.96
CA VAL B 1169 2.54 -3.35 -16.56
C VAL B 1169 2.44 -2.37 -17.72
N GLY B 1170 3.07 -1.20 -17.60
CA GLY B 1170 3.09 -0.25 -18.71
C GLY B 1170 3.77 -0.78 -19.95
N ALA B 1171 4.92 -1.44 -19.77
CA ALA B 1171 5.62 -2.07 -20.89
C ALA B 1171 4.79 -3.17 -21.52
N MET B 1172 4.14 -3.99 -20.69
CA MET B 1172 3.28 -5.06 -21.21
C MET B 1172 2.09 -4.51 -21.99
N SER B 1173 1.51 -3.40 -21.52
CA SER B 1173 0.34 -2.83 -22.21
C SER B 1173 0.73 -2.26 -23.56
N GLU B 1174 1.84 -1.51 -23.62
CA GLU B 1174 2.29 -0.94 -24.88
C GLU B 1174 2.69 -2.02 -25.88
N LEU B 1175 3.37 -3.06 -25.39
CA LEU B 1175 3.79 -4.16 -26.26
C LEU B 1175 2.58 -4.95 -26.75
N LEU B 1176 1.58 -5.17 -25.89
CA LEU B 1176 0.36 -5.86 -26.28
C LEU B 1176 -0.39 -5.10 -27.37
N GLU B 1177 -0.50 -3.77 -27.22
CA GLU B 1177 -1.19 -2.97 -28.23
C GLU B 1177 -0.44 -2.96 -29.55
N ARG B 1178 0.88 -2.80 -29.51
CA ARG B 1178 1.68 -2.75 -30.74
C ARG B 1178 1.69 -4.11 -31.45
N GLU B 1179 1.76 -5.21 -30.68
CA GLU B 1179 1.75 -6.54 -31.29
C GLU B 1179 0.38 -6.89 -31.84
N GLN B 1180 -0.69 -6.52 -31.12
CA GLN B 1180 -2.04 -6.77 -31.63
C GLN B 1180 -2.30 -5.97 -32.91
N GLU B 1181 -1.71 -4.78 -33.01
CA GLU B 1181 -1.79 -4.01 -34.25
C GLU B 1181 -1.12 -4.74 -35.41
N MET B 1182 0.03 -5.37 -35.16
CA MET B 1182 0.78 -6.01 -36.22
C MET B 1182 0.10 -7.28 -36.71
N VAL B 1183 -0.35 -8.14 -35.79
CA VAL B 1183 -0.98 -9.39 -36.17
C VAL B 1183 -2.43 -9.14 -36.60
N ASP B 1245 11.93 -3.97 -59.16
CA ASP B 1245 11.19 -4.26 -57.95
C ASP B 1245 11.31 -3.12 -56.93
N GLU B 1246 12.53 -2.64 -56.73
CA GLU B 1246 12.82 -1.56 -55.81
C GLU B 1246 13.49 -0.41 -56.56
N GLU B 1247 13.04 0.82 -56.25
CA GLU B 1247 13.53 2.06 -56.86
C GLU B 1247 13.42 2.02 -58.38
N ALA B 1248 12.23 1.65 -58.85
CA ALA B 1248 12.02 1.52 -60.29
C ALA B 1248 12.07 2.83 -61.08
N PRO B 1249 11.51 3.97 -60.64
CA PRO B 1249 11.71 5.19 -61.42
C PRO B 1249 13.11 5.78 -61.22
N HIS B 1250 13.52 6.55 -62.22
CA HIS B 1250 14.69 7.38 -62.10
C HIS B 1250 14.39 8.59 -61.21
N MET B 1251 15.35 8.99 -60.38
CA MET B 1251 15.09 9.97 -59.35
C MET B 1251 16.02 11.18 -59.38
N PHE B 1252 17.06 11.16 -60.21
CA PHE B 1252 17.91 12.33 -60.37
C PHE B 1252 17.48 13.18 -61.55
N ALA B 1253 16.62 12.63 -62.41
CA ALA B 1253 16.14 13.33 -63.59
C ALA B 1253 14.80 14.03 -63.35
N ARG B 1254 14.23 13.93 -62.16
CA ARG B 1254 13.00 14.63 -61.81
C ARG B 1254 13.19 15.61 -60.67
N GLN B 1255 14.39 16.16 -60.53
CA GLN B 1255 14.59 17.34 -59.68
C GLN B 1255 13.83 18.51 -60.29
N LEU B 1256 13.12 19.25 -59.44
CA LEU B 1256 12.17 20.25 -59.91
C LEU B 1256 12.85 21.42 -60.61
N GLN B 1257 14.07 21.77 -60.20
CA GLN B 1257 14.81 22.82 -60.87
C GLN B 1257 15.89 22.22 -61.75
N TYR B 1258 15.94 22.67 -63.00
CA TYR B 1258 16.95 22.18 -63.92
C TYR B 1258 18.30 22.78 -63.55
N PRO B 1259 19.38 22.01 -63.70
CA PRO B 1259 20.69 22.50 -63.27
C PRO B 1259 21.28 23.53 -64.22
N ASP B 1260 21.85 24.57 -63.62
CA ASP B 1260 22.52 25.69 -64.30
C ASP B 1260 21.59 26.38 -65.30
N SER B 1261 20.39 26.72 -64.82
CA SER B 1261 19.35 27.34 -65.67
C SER B 1261 18.31 28.03 -64.78
N THR B 1262 17.35 28.73 -65.38
CA THR B 1262 16.28 29.37 -64.58
C THR B 1262 14.94 28.63 -64.79
N VAL B 1263 14.84 27.82 -65.84
CA VAL B 1263 13.63 27.07 -66.26
C VAL B 1263 13.32 25.97 -65.25
N ARG B 1264 12.05 25.62 -65.06
CA ARG B 1264 11.65 24.57 -64.08
C ARG B 1264 10.99 23.41 -64.83
N ARG B 1265 11.38 22.18 -64.51
CA ARG B 1265 10.80 20.99 -65.16
C ARG B 1265 9.35 20.83 -64.70
N PHE B 1266 8.53 20.12 -65.45
CA PHE B 1266 7.10 19.90 -65.10
C PHE B 1266 7.01 18.92 -63.94
N PRO B 1267 5.94 18.92 -63.13
CA PRO B 1267 5.85 18.00 -62.03
C PRO B 1267 5.29 16.68 -62.53
N VAL B 1268 5.98 15.58 -62.27
CA VAL B 1268 5.66 14.24 -62.76
C VAL B 1268 5.61 13.27 -61.58
N PRO B 1269 4.45 12.73 -61.22
CA PRO B 1269 4.37 11.78 -60.10
C PRO B 1269 5.03 10.46 -60.44
N GLU B 1270 5.20 9.64 -59.40
CA GLU B 1270 5.90 8.36 -59.56
C GLU B 1270 5.06 7.33 -60.31
N GLU B 1271 3.73 7.46 -60.27
CA GLU B 1271 2.87 6.52 -60.98
C GLU B 1271 2.97 6.70 -62.49
N LYS B 1272 3.07 7.95 -62.95
CA LYS B 1272 3.02 8.25 -64.37
C LYS B 1272 4.41 8.41 -64.98
N VAL B 1273 5.42 7.76 -64.41
CA VAL B 1273 6.79 7.93 -64.89
C VAL B 1273 6.98 7.25 -66.25
N SER B 1274 6.45 6.04 -66.40
CA SER B 1274 6.71 5.22 -67.58
C SER B 1274 5.88 5.70 -68.77
N TRP B 1275 6.24 5.19 -69.95
CA TRP B 1275 5.58 5.59 -71.19
C TRP B 1275 4.26 4.85 -71.42
N GLU B 1276 3.97 3.81 -70.64
CA GLU B 1276 2.76 3.01 -70.88
C GLU B 1276 1.50 3.79 -70.51
N VAL B 1277 1.47 4.37 -69.31
CA VAL B 1277 0.30 5.11 -68.85
C VAL B 1277 0.32 6.49 -69.51
N ASN B 1278 -0.81 7.19 -69.45
CA ASN B 1278 -0.96 8.49 -70.08
C ASN B 1278 -1.33 9.53 -69.04
N PHE B 1279 -0.60 10.65 -69.05
CA PHE B 1279 -0.93 11.80 -68.22
C PHE B 1279 -1.77 12.77 -69.05
N SER B 1280 -3.00 13.02 -68.59
CA SER B 1280 -3.92 13.84 -69.38
C SER B 1280 -3.52 15.32 -69.51
N PRO B 1281 -3.08 16.06 -68.48
CA PRO B 1281 -2.63 17.42 -68.75
C PRO B 1281 -1.14 17.57 -69.07
N TYR B 1282 -0.45 16.48 -69.42
CA TYR B 1282 0.99 16.49 -69.66
C TYR B 1282 1.38 17.44 -70.77
N GLN B 1283 2.12 18.47 -70.40
CA GLN B 1283 2.56 19.48 -71.33
C GLN B 1283 3.85 20.11 -70.82
N PRO B 1284 5.00 19.45 -71.01
CA PRO B 1284 6.24 20.01 -70.50
C PRO B 1284 6.73 21.13 -71.41
N PRO B 1285 7.26 22.20 -70.83
CA PRO B 1285 7.85 23.27 -71.66
C PRO B 1285 9.09 22.76 -72.38
N VAL B 1286 9.39 23.42 -73.49
CA VAL B 1286 10.51 23.04 -74.34
C VAL B 1286 11.51 24.19 -74.31
N TYR B 1287 12.67 23.90 -73.72
CA TYR B 1287 13.74 24.94 -73.57
C TYR B 1287 15.14 24.35 -73.77
N ASN B 1288 15.54 24.13 -75.02
CA ASN B 1288 16.89 23.60 -75.35
C ASN B 1288 17.92 24.65 -74.94
N GLN B 1289 19.04 24.22 -74.35
CA GLN B 1289 20.09 25.18 -73.94
C GLN B 1289 20.67 25.85 -75.18
N GLN B 1290 20.92 27.17 -75.08
CA GLN B 1290 21.49 27.99 -76.18
C GLN B 1290 20.85 27.64 -77.53
N ALA B 1299 13.38 19.11 -84.56
CA ALA B 1299 13.18 17.66 -84.52
C ALA B 1299 13.30 17.13 -83.10
N LEU B 1300 12.40 17.59 -82.23
CA LEU B 1300 12.39 17.17 -80.84
C LEU B 1300 11.58 15.90 -80.60
N ASP B 1301 10.99 15.33 -81.64
CA ASP B 1301 10.23 14.09 -81.55
C ASP B 1301 10.99 12.91 -82.15
N LYS B 1302 12.30 13.04 -82.33
CA LYS B 1302 13.09 11.98 -82.97
C LYS B 1302 13.17 10.73 -82.09
N HIS B 1303 13.34 10.89 -80.78
CA HIS B 1303 13.55 9.76 -79.90
C HIS B 1303 12.75 9.93 -78.62
N ARG B 1304 12.73 8.88 -77.82
CA ARG B 1304 12.06 8.85 -76.52
C ARG B 1304 13.06 8.42 -75.47
N ASN B 1305 12.94 8.98 -74.27
CA ASN B 1305 13.84 8.59 -73.19
C ASN B 1305 13.54 7.16 -72.74
N PRO B 1306 14.57 6.32 -72.56
CA PRO B 1306 14.32 4.94 -72.15
C PRO B 1306 13.86 4.80 -70.72
N GLY B 1307 14.23 5.73 -69.85
CA GLY B 1307 13.81 5.70 -68.46
C GLY B 1307 12.33 5.98 -68.30
N GLY B 1308 11.89 7.13 -68.78
CA GLY B 1308 10.50 7.51 -68.69
C GLY B 1308 10.32 8.99 -68.94
N ARG B 1309 9.16 9.49 -68.54
CA ARG B 1309 8.88 10.91 -68.66
C ARG B 1309 9.76 11.71 -67.70
N THR B 1310 10.14 12.92 -68.13
CA THR B 1310 11.05 13.75 -67.36
C THR B 1310 10.58 15.19 -67.19
N GLY B 1311 9.62 15.65 -67.97
CA GLY B 1311 9.11 17.00 -67.79
C GLY B 1311 9.98 18.10 -68.34
N ILE B 1312 11.00 17.78 -69.14
CA ILE B 1312 11.83 18.77 -69.79
C ILE B 1312 12.04 18.34 -71.23
N ARG B 1313 11.79 19.24 -72.17
CA ARG B 1313 11.86 18.95 -73.59
C ARG B 1313 12.94 19.79 -74.24
N GLY B 1314 13.72 19.17 -75.12
CA GLY B 1314 14.75 19.85 -75.87
C GLY B 1314 16.07 19.12 -75.76
N LYS B 1315 17.13 19.81 -76.17
CA LYS B 1315 18.50 19.30 -76.10
C LYS B 1315 19.21 20.07 -75.00
N GLY B 1316 19.28 19.48 -73.81
CA GLY B 1316 19.84 20.18 -72.68
C GLY B 1316 21.32 19.91 -72.45
N ALA B 1317 22.14 20.86 -72.89
CA ALA B 1317 23.60 20.90 -72.75
C ALA B 1317 24.24 19.64 -73.33
N LEU B 1318 24.00 19.45 -74.62
CA LEU B 1318 24.50 18.28 -75.33
C LEU B 1318 24.58 18.62 -76.82
N ASN B 1319 25.57 18.03 -77.49
CA ASN B 1319 25.73 18.28 -78.92
C ASN B 1319 24.71 17.53 -79.76
N THR B 1320 24.04 16.52 -79.20
CA THR B 1320 23.11 15.71 -79.96
C THR B 1320 21.90 15.36 -79.10
N LEU B 1321 20.83 14.94 -79.78
CA LEU B 1321 19.66 14.39 -79.14
C LEU B 1321 19.78 12.87 -79.08
N GLY B 1322 19.06 12.27 -78.14
CA GLY B 1322 19.19 10.85 -77.90
C GLY B 1322 20.26 10.57 -76.86
N PRO B 1323 20.99 9.47 -77.03
CA PRO B 1323 22.00 9.11 -76.02
C PRO B 1323 23.30 9.88 -76.21
N ASN B 1324 23.85 10.35 -75.09
CA ASN B 1324 25.21 10.84 -75.03
C ASN B 1324 26.04 9.85 -74.24
N HIS B 1325 27.12 9.37 -74.82
CA HIS B 1325 27.86 8.24 -74.28
C HIS B 1325 29.16 8.70 -73.65
N ILE B 1326 29.54 8.08 -72.54
CA ILE B 1326 30.82 8.32 -71.89
C ILE B 1326 31.37 6.98 -71.42
N LEU B 1327 32.61 6.68 -71.82
CA LEU B 1327 33.27 5.47 -71.36
C LEU B 1327 34.05 5.77 -70.10
N HIS B 1328 34.08 4.81 -69.18
CA HIS B 1328 34.77 4.96 -67.90
C HIS B 1328 35.72 3.79 -67.68
N PRO B 1329 36.91 3.84 -68.27
CA PRO B 1329 37.92 2.80 -67.99
C PRO B 1329 38.59 3.03 -66.65
N ILE B 1330 38.87 1.93 -65.95
CA ILE B 1330 39.49 1.96 -64.64
C ILE B 1330 40.78 1.14 -64.71
N PHE B 1331 41.92 1.82 -64.62
CA PHE B 1331 43.22 1.16 -64.61
C PHE B 1331 43.56 0.82 -63.17
N THR B 1332 43.42 -0.46 -62.81
CA THR B 1332 43.62 -0.91 -61.45
C THR B 1332 44.82 -1.84 -61.35
N ARG B 1333 45.31 -1.99 -60.12
CA ARG B 1333 46.43 -2.88 -59.82
C ARG B 1333 46.38 -3.22 -58.34
N TRP B 1334 47.39 -3.97 -57.88
CA TRP B 1334 47.52 -4.22 -56.46
C TRP B 1334 48.24 -3.05 -55.78
N ARG B 1335 48.00 -2.91 -54.47
CA ARG B 1335 48.63 -1.83 -53.72
C ARG B 1335 50.02 -2.22 -53.26
N ASP B 1336 50.12 -3.28 -52.47
CA ASP B 1336 51.40 -3.78 -51.96
C ASP B 1336 51.79 -5.04 -52.72
N ALA B 1337 53.00 -5.52 -52.47
CA ALA B 1337 53.50 -6.70 -53.15
C ALA B 1337 52.87 -7.98 -52.63
N GLU B 1338 52.45 -7.99 -51.36
CA GLU B 1338 51.89 -9.17 -50.74
C GLU B 1338 50.40 -9.37 -51.03
N HIS B 1339 49.81 -8.49 -51.85
CA HIS B 1339 48.41 -8.53 -52.29
C HIS B 1339 47.44 -8.50 -51.10
N LYS B 1340 47.59 -7.45 -50.29
CA LYS B 1340 46.71 -7.24 -49.14
C LYS B 1340 45.55 -6.32 -49.47
N VAL B 1341 45.72 -5.37 -50.38
CA VAL B 1341 44.67 -4.46 -50.80
C VAL B 1341 44.87 -4.14 -52.28
N LEU B 1342 43.85 -3.54 -52.87
CA LEU B 1342 43.86 -3.15 -54.28
C LEU B 1342 43.87 -1.63 -54.40
N GLU B 1343 44.09 -1.16 -55.62
CA GLU B 1343 44.18 0.27 -55.87
C GLU B 1343 43.80 0.54 -57.32
N PHE B 1344 43.34 1.76 -57.57
CA PHE B 1344 42.95 2.20 -58.90
C PHE B 1344 43.48 3.60 -59.14
N LEU B 1345 43.98 3.85 -60.36
CA LEU B 1345 44.56 5.14 -60.72
C LEU B 1345 43.44 6.16 -60.97
N ALA B 1346 42.85 6.61 -59.86
CA ALA B 1346 41.71 7.52 -59.91
C ALA B 1346 42.20 8.97 -59.97
N VAL B 1347 41.32 9.84 -60.43
CA VAL B 1347 41.59 11.26 -60.50
C VAL B 1347 40.97 11.92 -59.27
N TRP B 1348 41.45 13.11 -58.95
CA TRP B 1348 40.90 13.90 -57.86
C TRP B 1348 40.91 15.36 -58.30
N GLU B 1349 39.74 15.88 -58.65
CA GLU B 1349 39.64 17.17 -59.32
C GLU B 1349 39.97 18.31 -58.37
N ASP B 1350 40.61 19.35 -58.90
CA ASP B 1350 40.95 20.51 -58.10
C ASP B 1350 39.72 21.36 -57.78
N ALA B 1351 38.65 21.24 -58.56
CA ALA B 1351 37.43 21.99 -58.31
C ALA B 1351 36.48 21.27 -57.36
N GLU B 1352 36.47 19.94 -57.41
CA GLU B 1352 35.53 19.16 -56.60
C GLU B 1352 36.14 18.55 -55.35
N LYS B 1353 37.47 18.37 -55.34
CA LYS B 1353 38.23 17.75 -54.24
C LYS B 1353 37.73 16.36 -53.88
N ARG B 1354 37.27 15.61 -54.88
CA ARG B 1354 36.71 14.28 -54.68
C ARG B 1354 37.43 13.28 -55.59
N TRP B 1355 37.64 12.08 -55.07
CA TRP B 1355 38.32 11.01 -55.79
C TRP B 1355 37.37 10.44 -56.84
N ALA B 1356 37.45 10.99 -58.05
CA ALA B 1356 36.59 10.59 -59.15
C ALA B 1356 37.30 9.60 -60.07
N LEU B 1357 36.54 9.01 -60.98
CA LEU B 1357 37.10 8.10 -61.96
C LEU B 1357 37.79 8.87 -63.07
N LEU B 1358 38.60 8.15 -63.83
CA LEU B 1358 39.26 8.71 -65.02
C LEU B 1358 38.58 8.08 -66.23
N GLY B 1359 37.47 8.69 -66.65
CA GLY B 1359 36.75 8.24 -67.81
C GLY B 1359 36.12 9.43 -68.52
N GLY B 1360 36.32 9.53 -69.83
CA GLY B 1360 35.91 10.70 -70.56
C GLY B 1360 34.73 10.48 -71.47
N PRO B 1361 34.39 11.48 -72.28
CA PRO B 1361 33.26 11.36 -73.21
C PRO B 1361 33.63 10.51 -74.42
N ALA B 1362 32.99 9.35 -74.52
CA ALA B 1362 33.18 8.47 -75.67
C ALA B 1362 32.21 8.87 -76.76
N GLN B 1363 32.74 9.35 -77.89
CA GLN B 1363 31.91 9.78 -79.00
C GLN B 1363 31.25 8.59 -79.67
N PRO B 1364 30.15 8.81 -80.39
CA PRO B 1364 29.62 7.74 -81.26
C PRO B 1364 30.62 7.41 -82.35
N ASP B 1365 30.95 6.11 -82.43
CA ASP B 1365 32.02 5.57 -83.28
C ASP B 1365 33.36 6.24 -82.97
N GLU B 1366 33.76 6.21 -81.68
CA GLU B 1366 35.05 6.71 -81.26
C GLU B 1366 36.01 5.56 -81.03
N PRO B 1367 37.22 5.61 -81.61
CA PRO B 1367 38.20 4.55 -81.34
C PRO B 1367 38.71 4.65 -79.90
N LEU B 1368 38.84 3.49 -79.26
CA LEU B 1368 39.19 3.46 -77.84
C LEU B 1368 40.63 3.88 -77.59
N ALA B 1369 41.52 3.67 -78.57
CA ALA B 1369 42.92 4.00 -78.38
C ALA B 1369 43.14 5.51 -78.36
N GLN B 1370 42.59 6.23 -79.35
CA GLN B 1370 42.75 7.68 -79.39
C GLN B 1370 41.96 8.37 -78.30
N VAL B 1371 40.80 7.81 -77.93
CA VAL B 1371 40.01 8.39 -76.84
C VAL B 1371 40.72 8.19 -75.51
N LEU B 1372 41.36 7.03 -75.32
CA LEU B 1372 42.16 6.82 -74.11
C LEU B 1372 43.41 7.68 -74.11
N GLU B 1373 43.95 7.98 -75.29
CA GLU B 1373 45.09 8.89 -75.39
C GLU B 1373 44.69 10.32 -75.04
N ARG B 1374 43.46 10.71 -75.40
CA ARG B 1374 42.98 12.04 -75.05
C ARG B 1374 42.64 12.12 -73.56
N ILE B 1375 41.98 11.09 -73.02
CA ILE B 1375 41.57 11.11 -71.63
C ILE B 1375 42.73 10.89 -70.67
N LEU B 1376 43.81 10.27 -71.13
CA LEU B 1376 44.96 10.00 -70.27
C LEU B 1376 46.14 10.92 -70.54
N GLY B 1377 46.15 11.62 -71.67
CA GLY B 1377 47.28 12.45 -72.05
C GLY B 1377 48.49 11.60 -72.41
N LYS B 1378 48.36 10.81 -73.48
CA LYS B 1378 49.34 9.78 -73.79
C LYS B 1378 50.50 10.37 -74.58
N LYS B 1379 51.59 10.69 -73.88
CA LYS B 1379 52.87 10.86 -74.53
C LYS B 1379 53.61 9.54 -74.69
N LEU B 1380 53.03 8.44 -74.19
CA LEU B 1380 53.59 7.10 -74.36
C LEU B 1380 52.42 6.13 -74.37
N ASN B 1381 52.05 5.65 -75.56
CA ASN B 1381 50.95 4.71 -75.72
C ASN B 1381 51.42 3.30 -76.05
N GLU B 1382 52.74 3.05 -75.97
CA GLU B 1382 53.25 1.71 -76.23
C GLU B 1382 52.96 0.77 -75.07
N LYS B 1383 52.84 1.30 -73.85
CA LYS B 1383 52.42 0.48 -72.71
C LYS B 1383 50.96 0.07 -72.85
N THR B 1384 50.10 1.00 -73.27
CA THR B 1384 48.70 0.68 -73.53
C THR B 1384 48.52 -0.08 -74.84
N LYS B 1385 49.54 -0.12 -75.70
CA LYS B 1385 49.47 -0.99 -76.87
C LYS B 1385 49.67 -2.44 -76.47
N THR B 1386 50.59 -2.70 -75.55
CA THR B 1386 50.76 -4.05 -75.01
C THR B 1386 49.67 -4.42 -74.03
N LEU B 1387 49.07 -3.44 -73.34
CA LEU B 1387 47.97 -3.68 -72.42
C LEU B 1387 46.61 -3.43 -73.07
N LEU B 1388 46.53 -3.45 -74.40
CA LEU B 1388 45.27 -3.18 -75.08
C LEU B 1388 44.26 -4.32 -74.91
N LYS B 1389 44.75 -5.54 -74.71
CA LYS B 1389 43.91 -6.73 -74.57
C LYS B 1389 43.52 -7.01 -73.12
N ALA B 1390 43.49 -5.99 -72.27
CA ALA B 1390 43.23 -6.17 -70.85
C ALA B 1390 41.74 -6.36 -70.58
N GLY B 1391 41.36 -6.32 -69.31
CA GLY B 1391 39.98 -6.56 -68.93
C GLY B 1391 39.08 -5.36 -69.18
N GLU B 1392 37.78 -5.66 -69.31
CA GLU B 1392 36.76 -4.65 -69.53
C GLU B 1392 35.41 -5.22 -69.10
N GLU B 1393 34.33 -4.56 -69.52
CA GLU B 1393 32.94 -4.99 -69.37
C GLU B 1393 32.54 -5.18 -67.90
N VAL B 1394 32.57 -4.06 -67.19
CA VAL B 1394 32.08 -4.03 -65.81
C VAL B 1394 30.58 -3.74 -65.77
N TYR B 1395 30.14 -2.69 -66.45
CA TYR B 1395 28.73 -2.35 -66.53
C TYR B 1395 28.49 -1.58 -67.82
N LYS B 1396 27.21 -1.54 -68.22
CA LYS B 1396 26.82 -0.85 -69.46
C LYS B 1396 25.34 -0.54 -69.38
N GLY B 1397 24.96 0.67 -69.79
CA GLY B 1397 23.57 1.03 -69.87
C GLY B 1397 23.22 2.45 -69.47
N TYR B 1398 21.99 2.65 -69.00
CA TYR B 1398 21.48 3.98 -68.70
C TYR B 1398 22.00 4.47 -67.37
N VAL B 1399 22.22 5.79 -67.29
CA VAL B 1399 22.72 6.45 -66.09
C VAL B 1399 21.75 7.56 -65.72
N ASP B 1400 21.20 7.51 -64.52
CA ASP B 1400 20.36 8.59 -64.03
C ASP B 1400 21.21 9.82 -63.75
N ASP B 1401 20.73 10.98 -64.18
CA ASP B 1401 21.51 12.19 -64.09
C ASP B 1401 20.53 13.37 -64.09
N SER B 1402 21.01 14.50 -63.58
CA SER B 1402 20.20 15.72 -63.56
C SER B 1402 19.94 16.25 -64.96
N ARG B 1403 20.89 15.99 -65.87
CA ARG B 1403 20.87 16.49 -67.28
C ARG B 1403 19.84 15.77 -68.16
N ASN B 1404 19.32 14.61 -67.72
CA ASN B 1404 18.38 13.82 -68.56
C ASN B 1404 17.11 14.62 -68.87
N THR B 1405 16.62 14.50 -70.12
CA THR B 1405 15.42 15.17 -70.58
C THR B 1405 14.47 14.12 -71.13
N ASP B 1406 13.43 14.59 -71.82
CA ASP B 1406 12.60 13.68 -72.61
C ASP B 1406 13.32 13.24 -73.87
N ASN B 1407 14.25 14.06 -74.37
CA ASN B 1407 14.89 13.84 -75.66
C ASN B 1407 16.32 13.34 -75.51
N ALA B 1408 17.13 14.05 -74.72
CA ALA B 1408 18.52 13.67 -74.51
C ALA B 1408 18.67 12.91 -73.20
N TRP B 1409 19.61 11.98 -73.17
CA TRP B 1409 19.97 11.28 -71.95
C TRP B 1409 21.44 10.88 -72.01
N VAL B 1410 21.92 10.28 -70.93
CA VAL B 1410 23.32 9.88 -70.80
C VAL B 1410 23.37 8.38 -70.52
N GLU B 1411 24.13 7.66 -71.35
CA GLU B 1411 24.42 6.25 -71.12
C GLU B 1411 25.92 6.06 -70.99
N THR B 1412 26.33 5.01 -70.31
CA THR B 1412 27.74 4.81 -70.03
C THR B 1412 28.09 3.33 -70.07
N SER B 1413 29.36 3.06 -70.31
CA SER B 1413 29.91 1.70 -70.30
C SER B 1413 31.11 1.68 -69.36
N ILE B 1414 31.02 0.90 -68.29
CA ILE B 1414 32.07 0.81 -67.30
C ILE B 1414 33.00 -0.34 -67.66
N ILE B 1415 34.30 -0.07 -67.68
CA ILE B 1415 35.32 -1.07 -67.98
C ILE B 1415 36.40 -1.00 -66.92
N THR B 1416 36.96 -2.16 -66.58
CA THR B 1416 37.94 -2.27 -65.50
C THR B 1416 39.08 -3.15 -65.96
N LEU B 1417 40.29 -2.59 -66.03
CA LEU B 1417 41.50 -3.31 -66.42
C LEU B 1417 42.40 -3.39 -65.20
N HIS B 1418 42.37 -4.53 -64.51
CA HIS B 1418 43.21 -4.77 -63.34
C HIS B 1418 44.43 -5.58 -63.77
N CYS B 1419 45.62 -5.01 -63.58
CA CYS B 1419 46.86 -5.60 -64.06
C CYS B 1419 47.36 -6.66 -63.07
N ASP B 1420 48.59 -7.11 -63.28
CA ASP B 1420 49.20 -8.14 -62.45
C ASP B 1420 49.78 -7.52 -61.18
N LYS B 1421 50.61 -8.29 -60.47
CA LYS B 1421 51.22 -7.80 -59.24
C LYS B 1421 52.27 -6.73 -59.53
N ASN B 1422 53.00 -6.86 -60.64
CA ASN B 1422 54.06 -5.92 -60.97
C ASN B 1422 53.56 -4.74 -61.77
N THR B 1423 52.62 -4.98 -62.70
CA THR B 1423 52.04 -4.02 -63.65
C THR B 1423 53.13 -3.31 -64.44
N PRO B 1424 53.76 -3.98 -65.41
CA PRO B 1424 54.89 -3.36 -66.12
C PRO B 1424 54.50 -2.21 -67.04
N LEU B 1425 53.23 -2.12 -67.43
CA LEU B 1425 52.74 -1.00 -68.23
C LEU B 1425 52.32 0.18 -67.39
N MET B 1426 52.49 0.12 -66.06
CA MET B 1426 52.10 1.20 -65.17
C MET B 1426 53.25 2.12 -64.80
N ALA B 1427 54.50 1.69 -65.01
CA ALA B 1427 55.64 2.52 -64.64
C ALA B 1427 55.77 3.74 -65.54
N ASP B 1428 55.62 3.54 -66.85
CA ASP B 1428 55.70 4.67 -67.79
C ASP B 1428 54.50 5.61 -67.63
N LEU B 1429 53.32 5.05 -67.36
CA LEU B 1429 52.14 5.88 -67.16
C LEU B 1429 52.21 6.65 -65.84
N ASN B 1430 52.84 6.07 -64.82
CA ASN B 1430 53.03 6.79 -63.56
C ASN B 1430 54.15 7.82 -63.67
N HIS B 1431 55.15 7.57 -64.51
CA HIS B 1431 56.15 8.59 -64.80
C HIS B 1431 55.55 9.73 -65.61
N MET B 1432 54.56 9.45 -66.44
CA MET B 1432 53.84 10.46 -67.18
C MET B 1432 52.61 10.98 -66.42
N VAL B 1433 52.46 10.60 -65.15
CA VAL B 1433 51.31 11.01 -64.35
C VAL B 1433 51.66 12.34 -63.69
N GLU B 1434 51.09 13.43 -64.20
CA GLU B 1434 51.26 14.76 -63.63
C GLU B 1434 49.94 15.51 -63.78
N SER B 1435 49.99 16.83 -63.61
CA SER B 1435 48.82 17.68 -63.81
C SER B 1435 48.69 18.00 -65.30
N SER B 1436 48.24 17.00 -66.05
CA SER B 1436 48.17 17.09 -67.50
C SER B 1436 46.82 17.60 -67.99
N LEU B 1437 45.72 17.02 -67.48
CA LEU B 1437 44.38 17.42 -67.89
C LEU B 1437 43.92 18.72 -67.23
N SER B 1438 44.70 19.25 -66.28
CA SER B 1438 44.56 20.53 -65.58
C SER B 1438 43.35 20.61 -64.65
N SER B 1439 42.51 19.57 -64.58
CA SER B 1439 41.41 19.53 -63.64
C SER B 1439 41.72 18.72 -62.40
N HIS B 1440 42.33 17.55 -62.55
CA HIS B 1440 42.75 16.73 -61.43
C HIS B 1440 44.16 17.14 -61.01
N GLN B 1441 44.29 17.84 -59.89
CA GLN B 1441 45.61 18.29 -59.50
C GLN B 1441 46.39 17.16 -58.81
N PRO B 1442 45.80 16.32 -57.91
CA PRO B 1442 46.44 15.01 -57.65
C PRO B 1442 45.84 13.90 -58.51
N LEU B 1443 46.67 12.91 -58.87
CA LEU B 1443 46.19 11.77 -59.65
C LEU B 1443 47.15 10.61 -59.41
N GLN B 1444 46.74 9.66 -58.59
CA GLN B 1444 47.59 8.53 -58.24
C GLN B 1444 46.72 7.30 -58.02
N TRP B 1445 47.38 6.17 -57.74
CA TRP B 1445 46.68 4.91 -57.53
C TRP B 1445 46.31 4.78 -56.05
N ARG B 1446 45.27 5.51 -55.69
CA ARG B 1446 44.74 5.44 -54.33
C ARG B 1446 44.06 4.10 -54.09
N GLU B 1447 43.96 3.72 -52.82
CA GLU B 1447 43.55 2.37 -52.45
C GLU B 1447 42.07 2.17 -52.72
N VAL B 1448 41.74 1.06 -53.40
CA VAL B 1448 40.37 0.73 -53.74
C VAL B 1448 39.70 0.05 -52.55
N SER B 1449 38.38 -0.06 -52.60
CA SER B 1449 37.60 -0.69 -51.53
C SER B 1449 36.28 -1.16 -52.13
N SER B 1450 35.32 -1.47 -51.25
CA SER B 1450 33.95 -1.81 -51.63
C SER B 1450 33.01 -0.66 -51.35
N ASP B 1451 33.45 0.57 -51.61
CA ASP B 1451 32.75 1.77 -51.14
C ASP B 1451 31.47 2.00 -51.93
N ALA B 1452 30.33 1.89 -51.26
CA ALA B 1452 29.05 2.33 -51.77
C ALA B 1452 28.72 3.75 -51.35
N CYS B 1453 29.68 4.44 -50.73
CA CYS B 1453 29.56 5.83 -50.32
C CYS B 1453 30.43 6.72 -51.21
N ARG B 1454 30.43 6.41 -52.50
CA ARG B 1454 31.26 7.04 -53.52
C ARG B 1454 30.34 7.75 -54.51
N CYS B 1455 30.92 8.15 -55.64
CA CYS B 1455 30.12 8.64 -56.77
C CYS B 1455 29.08 7.59 -57.19
N SER B 1456 27.93 8.08 -57.65
CA SER B 1456 26.71 7.28 -57.73
C SER B 1456 26.85 6.15 -58.74
N TYR B 1457 27.31 6.47 -59.95
CA TYR B 1457 27.56 5.42 -60.93
C TYR B 1457 28.78 4.59 -60.55
N GLN B 1458 29.75 5.18 -59.85
CA GLN B 1458 30.99 4.49 -59.52
C GLN B 1458 30.88 3.58 -58.32
N ARG B 1459 29.88 3.78 -57.45
CA ARG B 1459 29.77 2.98 -56.23
C ARG B 1459 29.37 1.55 -56.57
N GLU B 1460 28.42 1.38 -57.48
CA GLU B 1460 28.04 0.05 -57.93
C GLU B 1460 29.15 -0.62 -58.72
N ALA B 1461 29.99 0.17 -59.40
CA ALA B 1461 31.14 -0.38 -60.10
C ALA B 1461 32.19 -0.93 -59.13
N LEU B 1462 32.48 -0.18 -58.07
CA LEU B 1462 33.42 -0.66 -57.06
C LEU B 1462 32.84 -1.85 -56.29
N ARG B 1463 31.53 -1.83 -56.05
CA ARG B 1463 30.87 -2.97 -55.40
C ARG B 1463 30.90 -4.21 -56.29
N GLN B 1464 30.76 -4.02 -57.61
CA GLN B 1464 30.84 -5.14 -58.54
C GLN B 1464 32.26 -5.69 -58.61
N ILE B 1465 33.27 -4.80 -58.54
CA ILE B 1465 34.66 -5.23 -58.51
C ILE B 1465 34.95 -6.03 -57.24
N ALA B 1466 34.42 -5.58 -56.09
CA ALA B 1466 34.60 -6.32 -54.85
C ALA B 1466 33.83 -7.63 -54.85
N HIS B 1467 32.65 -7.65 -55.48
CA HIS B 1467 31.87 -8.88 -55.59
C HIS B 1467 32.57 -9.89 -56.48
N HIS B 1468 33.28 -9.41 -57.52
CA HIS B 1468 34.13 -10.28 -58.31
C HIS B 1468 35.28 -10.83 -57.46
N HIS B 1469 36.07 -9.94 -56.87
CA HIS B 1469 37.27 -10.31 -56.12
C HIS B 1469 37.02 -11.17 -54.88
N ASN B 1470 36.32 -10.62 -53.88
CA ASN B 1470 36.35 -11.18 -52.53
C ASN B 1470 35.38 -12.33 -52.29
N THR B 1471 34.49 -12.62 -53.24
CA THR B 1471 33.44 -13.62 -52.99
C THR B 1471 34.01 -15.04 -52.95
N TYR B 1472 35.17 -15.24 -53.56
CA TYR B 1472 35.72 -16.59 -53.72
C TYR B 1472 36.13 -17.20 -52.38
N PHE B 1473 36.60 -16.38 -51.45
CA PHE B 1473 37.00 -16.89 -50.14
C PHE B 1473 35.81 -16.94 -49.18
N CYS C 38 -65.34 20.85 -17.23
CA CYS C 38 -66.44 20.59 -18.15
C CYS C 38 -66.34 21.46 -19.40
N SER C 39 -65.23 22.20 -19.52
CA SER C 39 -65.00 22.96 -20.73
C SER C 39 -64.41 22.09 -21.83
N LEU C 40 -63.64 21.07 -21.46
CA LEU C 40 -63.15 20.09 -22.42
C LEU C 40 -64.30 19.30 -23.04
N ALA C 41 -65.41 19.13 -22.30
CA ALA C 41 -66.55 18.34 -22.78
C ALA C 41 -67.21 18.95 -24.02
N SER C 42 -67.05 20.26 -24.22
CA SER C 42 -67.55 20.87 -25.46
C SER C 42 -66.79 20.35 -26.67
N TRP C 43 -65.47 20.19 -26.54
CA TRP C 43 -64.65 19.71 -27.65
C TRP C 43 -64.70 18.19 -27.78
N ILE C 44 -64.72 17.47 -26.65
CA ILE C 44 -64.50 16.02 -26.66
C ILE C 44 -65.73 15.24 -27.11
N LYS C 45 -66.87 15.89 -27.26
CA LYS C 45 -68.04 15.29 -27.92
C LYS C 45 -68.32 15.93 -29.26
N GLU C 46 -67.45 16.82 -29.73
CA GLU C 46 -67.64 17.49 -31.00
C GLU C 46 -66.51 17.22 -31.97
N ASN C 47 -65.44 16.55 -31.55
CA ASN C 47 -64.37 16.21 -32.48
C ASN C 47 -64.15 14.71 -32.61
N ILE C 48 -64.04 14.00 -31.49
CA ILE C 48 -63.51 12.64 -31.49
C ILE C 48 -64.64 11.63 -31.59
N LYS C 49 -64.52 10.71 -32.56
CA LYS C 49 -65.54 9.70 -32.82
C LYS C 49 -65.22 8.37 -32.12
N LYS C 50 -66.04 7.35 -32.37
CA LYS C 50 -65.85 6.00 -31.86
C LYS C 50 -66.33 5.03 -32.92
N LYS C 51 -66.16 3.73 -32.66
CA LYS C 51 -66.49 2.68 -33.62
C LYS C 51 -67.39 1.62 -33.00
N GLU C 52 -68.19 0.98 -33.85
CA GLU C 52 -69.23 0.05 -33.40
C GLU C 52 -69.47 -0.96 -34.51
N CYS C 53 -70.47 -1.82 -34.26
CA CYS C 53 -71.00 -2.81 -35.19
C CYS C 53 -69.93 -3.77 -35.65
N VAL C 95 -67.57 -2.02 -40.62
CA VAL C 95 -67.90 -1.38 -39.36
C VAL C 95 -68.03 0.13 -39.55
N ARG C 96 -68.99 0.72 -38.83
CA ARG C 96 -69.31 2.13 -38.98
C ARG C 96 -68.84 2.89 -37.74
N GLU C 97 -68.75 4.21 -37.90
CA GLU C 97 -68.24 5.07 -36.84
C GLU C 97 -69.34 6.01 -36.37
N THR C 98 -69.22 6.42 -35.11
CA THR C 98 -70.19 7.31 -34.46
C THR C 98 -69.45 8.20 -33.46
N PRO C 99 -70.05 9.27 -32.94
CA PRO C 99 -69.39 10.06 -31.89
C PRO C 99 -69.23 9.29 -30.58
N THR C 100 -68.13 9.56 -29.89
CA THR C 100 -67.70 8.77 -28.75
C THR C 100 -68.43 9.18 -27.47
N ASP C 101 -68.24 8.36 -26.44
CA ASP C 101 -68.75 8.63 -25.11
C ASP C 101 -67.73 8.09 -24.11
N ALA C 102 -68.13 8.02 -22.84
CA ALA C 102 -67.38 7.35 -21.75
C ALA C 102 -65.98 7.94 -21.55
N PHE C 103 -65.95 9.22 -21.22
CA PHE C 103 -64.71 9.96 -20.99
C PHE C 103 -64.81 10.74 -19.69
N GLY C 104 -63.67 10.96 -19.04
CA GLY C 104 -63.71 11.70 -17.79
C GLY C 104 -62.45 11.65 -16.96
N ASP C 105 -62.61 11.39 -15.66
CA ASP C 105 -61.51 11.23 -14.72
C ASP C 105 -61.81 10.03 -13.82
N ILE C 106 -60.97 9.01 -13.87
CA ILE C 106 -61.11 7.85 -13.00
C ILE C 106 -60.30 8.05 -11.72
N SER C 107 -60.86 7.59 -10.61
CA SER C 107 -60.16 7.58 -9.34
C SER C 107 -60.20 6.17 -8.77
N PHE C 108 -59.09 5.74 -8.20
CA PHE C 108 -58.94 4.38 -7.73
C PHE C 108 -59.38 4.26 -6.26
N GLY C 109 -59.06 3.09 -5.69
CA GLY C 109 -59.55 2.70 -4.36
C GLY C 109 -59.21 3.70 -3.27
N GLY C 110 -57.96 4.16 -3.19
CA GLY C 110 -57.66 5.15 -2.16
C GLY C 110 -58.51 6.38 -2.39
N LEU C 111 -59.14 6.92 -1.36
CA LEU C 111 -60.04 8.09 -1.56
C LEU C 111 -59.24 9.30 -2.04
N GLY C 112 -58.03 9.46 -1.52
CA GLY C 112 -57.24 10.63 -1.90
C GLY C 112 -56.18 10.31 -2.92
N GLN C 113 -56.17 9.13 -3.57
CA GLN C 113 -55.04 8.98 -4.47
C GLN C 113 -55.44 9.64 -5.80
N LYS C 114 -54.56 10.51 -6.31
CA LYS C 114 -54.89 11.51 -7.34
C LYS C 114 -55.46 10.88 -8.60
N THR C 115 -56.55 11.45 -9.09
CA THR C 115 -57.31 10.85 -10.18
C THR C 115 -56.58 11.05 -11.52
N GLY C 116 -56.98 10.26 -12.50
CA GLY C 116 -56.41 10.40 -13.81
C GLY C 116 -57.32 11.11 -14.78
N LYS C 117 -57.24 10.78 -16.06
CA LYS C 117 -58.05 11.38 -17.12
C LYS C 117 -58.12 10.35 -18.24
N TYR C 118 -59.32 9.86 -18.55
CA TYR C 118 -59.50 8.82 -19.55
C TYR C 118 -60.38 9.31 -20.68
N VAL C 119 -59.96 9.01 -21.91
CA VAL C 119 -60.71 9.29 -23.13
C VAL C 119 -60.55 8.08 -24.05
N ARG C 120 -61.65 7.54 -24.55
CA ARG C 120 -61.57 6.49 -25.57
C ARG C 120 -61.49 7.14 -26.95
N VAL C 121 -60.57 6.64 -27.78
CA VAL C 121 -60.41 7.06 -29.17
C VAL C 121 -60.28 5.80 -29.99
N SER C 122 -61.20 5.58 -30.92
CA SER C 122 -61.37 4.24 -31.51
C SER C 122 -60.51 4.07 -32.76
N SER C 123 -59.19 3.98 -32.54
CA SER C 123 -58.18 3.38 -33.42
C SER C 123 -57.97 4.09 -34.75
N ASP C 124 -58.70 5.16 -35.04
CA ASP C 124 -58.56 5.85 -36.32
C ASP C 124 -59.05 7.27 -36.11
N THR C 125 -58.12 8.22 -36.04
CA THR C 125 -58.47 9.60 -35.78
C THR C 125 -57.48 10.50 -36.51
N SER C 126 -57.88 11.76 -36.65
CA SER C 126 -57.01 12.74 -37.28
C SER C 126 -55.86 13.09 -36.36
N CYS C 127 -54.72 13.45 -36.96
CA CYS C 127 -53.59 13.88 -36.18
C CYS C 127 -53.82 15.26 -35.57
N GLU C 128 -54.61 16.10 -36.24
CA GLU C 128 -54.87 17.45 -35.73
C GLU C 128 -55.79 17.40 -34.52
N ASN C 129 -56.81 16.54 -34.55
CA ASN C 129 -57.72 16.43 -33.42
C ASN C 129 -57.03 15.81 -32.20
N LEU C 130 -56.18 14.81 -32.45
CA LEU C 130 -55.42 14.21 -31.36
C LEU C 130 -54.37 15.19 -30.82
N TYR C 131 -53.83 16.03 -31.70
CA TYR C 131 -52.89 17.06 -31.28
C TYR C 131 -53.56 18.11 -30.41
N GLN C 132 -54.78 18.52 -30.79
CA GLN C 132 -55.53 19.49 -29.98
C GLN C 132 -55.96 18.87 -28.65
N LEU C 133 -56.27 17.58 -28.63
CA LEU C 133 -56.52 16.90 -27.36
C LEU C 133 -55.26 16.82 -26.51
N MET C 134 -54.10 16.70 -27.16
CA MET C 134 -52.87 16.38 -26.44
C MET C 134 -52.32 17.57 -25.67
N THR C 135 -52.36 18.76 -26.25
CA THR C 135 -51.69 19.91 -25.66
C THR C 135 -52.61 21.05 -25.26
N GLU C 136 -53.87 21.05 -25.67
CA GLU C 136 -54.77 22.14 -25.35
C GLU C 136 -55.85 21.77 -24.35
N GLN C 137 -56.61 20.71 -24.62
CA GLN C 137 -57.75 20.36 -23.79
C GLN C 137 -57.37 19.54 -22.57
N TRP C 138 -56.12 19.11 -22.46
CA TRP C 138 -55.63 18.46 -21.25
C TRP C 138 -54.65 19.33 -20.47
N LYS C 139 -54.34 20.52 -21.00
CA LYS C 139 -53.40 21.49 -20.41
C LYS C 139 -52.07 20.85 -20.04
N LEU C 140 -51.38 20.36 -21.05
CA LEU C 140 -50.17 19.57 -20.87
C LEU C 140 -49.02 20.24 -21.58
N ARG C 141 -47.95 20.53 -20.85
CA ARG C 141 -46.85 21.31 -21.37
C ARG C 141 -45.99 20.50 -22.34
N SER C 142 -45.05 21.20 -22.98
CA SER C 142 -44.17 20.61 -23.96
C SER C 142 -43.19 19.63 -23.32
N PRO C 143 -42.80 18.58 -24.04
CA PRO C 143 -41.89 17.57 -23.46
C PRO C 143 -40.43 17.87 -23.73
N ASN C 144 -39.56 17.16 -23.03
CA ASN C 144 -38.12 17.27 -23.23
C ASN C 144 -37.46 15.97 -23.67
N LEU C 145 -38.02 14.83 -23.29
CA LEU C 145 -37.46 13.52 -23.64
C LEU C 145 -38.56 12.48 -23.51
N LEU C 146 -38.96 11.87 -24.61
CA LEU C 146 -39.95 10.81 -24.61
C LEU C 146 -39.25 9.46 -24.57
N ILE C 147 -39.66 8.60 -23.64
CA ILE C 147 -39.13 7.25 -23.53
C ILE C 147 -40.32 6.28 -23.52
N SER C 148 -40.16 5.15 -24.21
CA SER C 148 -41.23 4.18 -24.36
C SER C 148 -40.76 2.81 -23.91
N VAL C 149 -41.60 2.11 -23.14
CA VAL C 149 -41.21 0.85 -22.53
C VAL C 149 -42.15 -0.24 -23.05
N THR C 150 -41.58 -1.24 -23.72
CA THR C 150 -42.31 -2.40 -24.21
C THR C 150 -41.77 -3.65 -23.54
N GLY C 151 -42.66 -4.54 -23.13
CA GLY C 151 -42.25 -5.77 -22.48
C GLY C 151 -43.36 -6.78 -22.45
N GLY C 152 -43.05 -7.94 -21.86
CA GLY C 152 -44.03 -9.00 -21.77
C GLY C 152 -45.05 -8.75 -20.67
N ALA C 153 -46.28 -9.15 -20.94
CA ALA C 153 -47.36 -9.12 -19.96
C ALA C 153 -47.87 -10.53 -19.74
N LYS C 154 -48.03 -10.96 -18.50
CA LYS C 154 -48.66 -12.29 -18.28
C LYS C 154 -47.70 -13.41 -18.64
N ASN C 155 -46.44 -13.10 -18.85
CA ASN C 155 -45.45 -14.17 -19.07
C ASN C 155 -44.07 -13.69 -18.68
N PHE C 156 -43.97 -12.65 -17.88
CA PHE C 156 -42.76 -11.88 -17.64
C PHE C 156 -42.09 -12.37 -16.37
N TYR C 157 -40.89 -12.90 -16.55
CA TYR C 157 -40.12 -13.34 -15.37
C TYR C 157 -38.71 -12.75 -15.48
N ILE C 158 -38.22 -12.20 -14.37
CA ILE C 158 -36.88 -11.66 -14.25
C ILE C 158 -36.43 -11.95 -12.82
N LYS C 159 -35.14 -12.25 -12.65
CA LYS C 159 -34.56 -12.38 -11.32
C LYS C 159 -34.64 -11.08 -10.54
N THR C 160 -34.55 -11.19 -9.22
CA THR C 160 -34.73 -10.03 -8.35
C THR C 160 -33.59 -9.02 -8.49
N HIS C 161 -32.37 -9.51 -8.78
CA HIS C 161 -31.20 -8.64 -8.88
C HIS C 161 -31.30 -7.73 -10.10
N LEU C 162 -31.59 -8.31 -11.27
CA LEU C 162 -31.72 -7.55 -12.50
C LEU C 162 -32.91 -6.60 -12.45
N LYS C 163 -34.00 -7.03 -11.83
CA LYS C 163 -35.18 -6.18 -11.67
C LYS C 163 -34.87 -4.97 -10.80
N ASP C 164 -34.12 -5.19 -9.72
CA ASP C 164 -33.78 -4.09 -8.82
C ASP C 164 -32.85 -3.09 -9.50
N LYS C 165 -31.85 -3.59 -10.23
CA LYS C 165 -30.95 -2.68 -10.95
C LYS C 165 -31.68 -1.91 -12.04
N PHE C 166 -32.66 -2.54 -12.69
CA PHE C 166 -33.40 -1.87 -13.75
C PHE C 166 -34.28 -0.76 -13.20
N ARG C 167 -35.01 -1.01 -12.09
CA ARG C 167 -35.83 0.08 -11.56
C ARG C 167 -34.99 1.20 -10.98
N ARG C 168 -33.84 0.87 -10.39
CA ARG C 168 -32.96 1.92 -9.88
C ARG C 168 -32.37 2.77 -11.01
N GLY C 169 -32.08 2.18 -12.17
CA GLY C 169 -31.65 2.98 -13.30
C GLY C 169 -32.77 3.78 -13.93
N LEU C 170 -33.97 3.20 -13.98
CA LEU C 170 -35.09 3.84 -14.67
C LEU C 170 -35.58 5.05 -13.89
N ILE C 171 -35.45 5.04 -12.56
CA ILE C 171 -35.80 6.23 -11.78
C ILE C 171 -34.90 7.40 -12.15
N LYS C 172 -33.59 7.17 -12.22
CA LYS C 172 -32.65 8.25 -12.51
C LYS C 172 -32.81 8.76 -13.93
N VAL C 173 -33.11 7.88 -14.88
CA VAL C 173 -33.45 8.32 -16.23
C VAL C 173 -34.70 9.19 -16.20
N ALA C 174 -35.72 8.76 -15.47
CA ALA C 174 -36.99 9.46 -15.52
C ALA C 174 -37.04 10.73 -14.67
N GLN C 175 -36.04 11.01 -13.84
CA GLN C 175 -36.16 12.17 -12.96
C GLN C 175 -35.23 13.33 -13.31
N THR C 176 -34.02 13.07 -13.82
CA THR C 176 -33.06 14.14 -14.05
C THR C 176 -33.49 15.03 -15.21
N THR C 177 -34.16 14.46 -16.19
CA THR C 177 -34.77 15.23 -17.25
C THR C 177 -36.28 15.34 -17.00
N GLY C 178 -36.89 16.36 -17.60
CA GLY C 178 -38.33 16.51 -17.52
C GLY C 178 -39.02 15.61 -18.53
N ALA C 179 -38.98 14.31 -18.28
CA ALA C 179 -39.29 13.32 -19.29
C ALA C 179 -40.80 13.04 -19.35
N TRP C 180 -41.18 12.38 -20.43
CA TRP C 180 -42.44 11.65 -20.50
C TRP C 180 -42.09 10.18 -20.66
N ILE C 181 -42.84 9.33 -19.98
CA ILE C 181 -42.69 7.88 -20.12
C ILE C 181 -44.01 7.31 -20.61
N LEU C 182 -43.93 6.41 -21.58
CA LEU C 182 -45.11 5.91 -22.26
C LEU C 182 -45.06 4.39 -22.26
N THR C 183 -46.21 3.76 -22.00
CA THR C 183 -46.30 2.31 -21.98
C THR C 183 -47.73 1.90 -22.24
N GLY C 184 -47.92 0.59 -22.42
CA GLY C 184 -49.24 0.04 -22.59
C GLY C 184 -49.90 -0.30 -21.27
N GLY C 185 -50.32 0.72 -20.52
CA GLY C 185 -50.68 0.54 -19.13
C GLY C 185 -51.88 -0.36 -18.84
N THR C 186 -51.56 -1.56 -18.36
CA THR C 186 -52.50 -2.55 -17.80
C THR C 186 -51.74 -3.25 -16.69
N HIS C 187 -52.44 -3.62 -15.62
CA HIS C 187 -51.77 -4.13 -14.43
C HIS C 187 -51.29 -5.57 -14.67
N ALA C 188 -50.20 -5.69 -15.44
CA ALA C 188 -49.66 -7.01 -15.77
C ALA C 188 -48.19 -6.86 -16.15
N GLY C 189 -47.30 -7.23 -15.24
CA GLY C 189 -45.89 -7.40 -15.56
C GLY C 189 -45.03 -6.14 -15.59
N VAL C 190 -44.56 -5.80 -16.79
CA VAL C 190 -43.60 -4.72 -16.94
C VAL C 190 -44.24 -3.36 -16.67
N MET C 191 -45.54 -3.24 -16.94
CA MET C 191 -46.25 -2.00 -16.61
C MET C 191 -46.37 -1.84 -15.10
N LYS C 192 -46.57 -2.95 -14.38
CA LYS C 192 -46.54 -2.92 -12.93
C LYS C 192 -45.17 -2.52 -12.42
N HIS C 193 -44.10 -3.05 -13.01
CA HIS C 193 -42.76 -2.69 -12.56
C HIS C 193 -42.38 -1.27 -12.92
N VAL C 194 -43.02 -0.67 -13.92
CA VAL C 194 -42.78 0.74 -14.19
C VAL C 194 -43.58 1.61 -13.21
N GLY C 195 -44.85 1.28 -12.99
CA GLY C 195 -45.68 2.07 -12.11
C GLY C 195 -45.25 2.04 -10.66
N MET C 196 -44.65 0.92 -10.21
CA MET C 196 -44.17 0.87 -8.84
C MET C 196 -42.92 1.73 -8.64
N ALA C 197 -42.05 1.80 -9.65
CA ALA C 197 -40.92 2.70 -9.58
C ALA C 197 -41.37 4.16 -9.63
N VAL C 198 -42.42 4.45 -10.40
CA VAL C 198 -42.94 5.81 -10.46
C VAL C 198 -43.59 6.20 -9.14
N ARG C 199 -44.30 5.27 -8.48
CA ARG C 199 -44.90 5.63 -7.19
C ARG C 199 -43.85 5.76 -6.10
N ASP C 200 -42.80 4.92 -6.17
CA ASP C 200 -41.68 5.05 -5.25
C ASP C 200 -40.97 6.39 -5.41
N TYR C 201 -40.84 6.88 -6.64
CA TYR C 201 -40.22 8.18 -6.78
C TYR C 201 -41.15 9.32 -6.39
N THR C 202 -42.45 9.22 -6.69
CA THR C 202 -43.32 10.34 -6.39
C THR C 202 -43.62 10.44 -4.89
N LEU C 203 -43.48 9.33 -4.15
CA LEU C 203 -43.38 9.44 -2.70
C LEU C 203 -42.01 9.97 -2.29
N SER C 204 -40.96 9.50 -2.97
CA SER C 204 -39.60 9.96 -2.69
C SER C 204 -39.42 11.44 -3.03
N SER C 205 -40.12 11.93 -4.06
CA SER C 205 -40.07 13.36 -4.38
C SER C 205 -40.94 14.17 -3.44
N GLY C 206 -42.05 13.61 -2.99
CA GLY C 206 -43.04 14.36 -2.25
C GLY C 206 -44.05 15.09 -3.10
N SER C 207 -43.93 15.01 -4.44
CA SER C 207 -44.87 15.59 -5.41
C SER C 207 -45.08 17.08 -5.21
N MET C 208 -43.98 17.82 -5.03
CA MET C 208 -44.05 19.26 -4.78
C MET C 208 -44.60 20.00 -6.00
N GLU C 209 -44.00 19.78 -7.16
CA GLU C 209 -44.42 20.38 -8.43
C GLU C 209 -43.78 19.58 -9.55
N GLY C 210 -44.21 19.86 -10.77
CA GLY C 210 -43.73 19.13 -11.94
C GLY C 210 -44.10 17.67 -11.92
N GLN C 211 -45.40 17.38 -12.01
CA GLN C 211 -45.89 16.01 -11.97
C GLN C 211 -45.41 15.21 -13.17
N ILE C 212 -44.90 14.01 -12.92
CA ILE C 212 -44.44 13.16 -14.00
C ILE C 212 -45.65 12.60 -14.77
N VAL C 213 -45.56 12.65 -16.09
CA VAL C 213 -46.63 12.19 -16.96
C VAL C 213 -46.28 10.78 -17.40
N VAL C 214 -47.11 9.81 -17.02
CA VAL C 214 -46.92 8.42 -17.41
C VAL C 214 -48.16 8.06 -18.23
N ILE C 215 -48.09 8.28 -19.52
CA ILE C 215 -49.25 8.15 -20.40
C ILE C 215 -49.39 6.70 -20.83
N GLY C 216 -50.63 6.19 -20.84
CA GLY C 216 -50.88 4.80 -21.15
C GLY C 216 -51.81 4.65 -22.34
N VAL C 217 -51.59 3.57 -23.10
CA VAL C 217 -52.41 3.24 -24.27
C VAL C 217 -52.79 1.77 -24.16
N ALA C 218 -54.08 1.50 -24.06
CA ALA C 218 -54.56 0.13 -23.87
C ALA C 218 -55.76 -0.09 -24.77
N PRO C 219 -56.04 -1.33 -25.17
CA PRO C 219 -57.25 -1.57 -25.97
C PRO C 219 -58.51 -1.43 -25.13
N TRP C 220 -59.55 -0.85 -25.75
CA TRP C 220 -60.84 -0.68 -25.08
C TRP C 220 -61.53 -2.01 -24.87
N GLY C 221 -61.44 -2.90 -25.86
CA GLY C 221 -62.23 -4.12 -25.82
C GLY C 221 -61.78 -5.08 -24.74
N VAL C 222 -60.47 -5.20 -24.54
CA VAL C 222 -59.95 -6.24 -23.67
C VAL C 222 -59.81 -5.79 -22.23
N ILE C 223 -59.94 -4.50 -21.95
CA ILE C 223 -60.00 -4.05 -20.57
C ILE C 223 -61.38 -4.37 -20.03
N HIS C 224 -61.46 -4.78 -18.77
CA HIS C 224 -62.71 -5.36 -18.30
C HIS C 224 -63.31 -4.55 -17.14
N ASN C 225 -64.58 -4.84 -16.89
CA ASN C 225 -65.42 -4.23 -15.87
C ASN C 225 -65.51 -2.72 -16.09
N ARG C 226 -65.94 -2.35 -17.30
CA ARG C 226 -66.18 -0.97 -17.70
C ARG C 226 -67.62 -0.54 -17.46
N SER C 227 -68.41 -1.39 -16.79
CA SER C 227 -69.82 -1.12 -16.56
C SER C 227 -70.03 0.15 -15.74
N THR C 228 -69.19 0.36 -14.74
CA THR C 228 -69.15 1.60 -13.97
C THR C 228 -68.43 2.74 -14.70
N LEU C 229 -68.03 2.58 -15.97
CA LEU C 229 -67.27 3.59 -16.67
C LEU C 229 -67.93 4.10 -17.93
N ILE C 230 -68.80 3.31 -18.57
CA ILE C 230 -69.46 3.73 -19.80
C ILE C 230 -70.63 4.62 -19.46
N HIS C 231 -70.63 5.85 -20.00
CA HIS C 231 -71.67 6.82 -19.71
C HIS C 231 -71.72 7.82 -20.85
N PRO C 232 -72.90 8.22 -21.31
CA PRO C 232 -72.99 9.11 -22.49
C PRO C 232 -72.91 10.59 -22.19
N GLU C 233 -72.71 11.00 -20.94
CA GLU C 233 -72.72 12.40 -20.56
C GLU C 233 -71.50 12.82 -19.74
N GLY C 234 -70.56 11.92 -19.49
CA GLY C 234 -69.41 12.24 -18.68
C GLY C 234 -69.59 11.87 -17.23
N ARG C 235 -68.52 11.42 -16.58
CA ARG C 235 -68.59 10.96 -15.19
C ARG C 235 -67.26 11.35 -14.54
N PHE C 236 -67.25 12.52 -13.89
CA PHE C 236 -65.99 13.13 -13.46
C PHE C 236 -65.44 12.56 -12.16
N PRO C 237 -66.24 12.28 -11.09
CA PRO C 237 -65.67 11.50 -9.97
C PRO C 237 -65.87 10.00 -10.17
N ALA C 238 -65.38 9.49 -11.30
CA ALA C 238 -65.64 8.10 -11.67
C ALA C 238 -64.85 7.14 -10.80
N TYR C 239 -65.55 6.22 -10.16
CA TYR C 239 -64.93 5.25 -9.29
C TYR C 239 -64.63 3.97 -10.06
N TYR C 240 -63.58 3.29 -9.63
CA TYR C 240 -63.13 2.07 -10.29
C TYR C 240 -62.37 1.25 -9.27
N SER C 241 -62.59 -0.05 -9.30
CA SER C 241 -61.96 -0.97 -8.35
C SER C 241 -61.15 -2.02 -9.10
N LEU C 242 -60.03 -2.40 -8.50
CA LEU C 242 -59.22 -3.48 -9.04
C LEU C 242 -59.88 -4.81 -8.72
N ASP C 243 -60.11 -5.62 -9.74
CA ASP C 243 -60.81 -6.89 -9.58
C ASP C 243 -59.83 -8.04 -9.33
N GLU C 244 -58.92 -8.28 -10.28
CA GLU C 244 -57.82 -9.25 -10.21
C GLU C 244 -58.30 -10.69 -10.04
N GLN C 245 -59.57 -10.97 -10.32
CA GLN C 245 -60.08 -12.35 -10.31
C GLN C 245 -60.54 -12.78 -11.69
N GLY C 246 -61.45 -12.03 -12.32
CA GLY C 246 -61.94 -12.38 -13.64
C GLY C 246 -61.01 -11.89 -14.73
N GLN C 247 -59.86 -12.56 -14.89
CA GLN C 247 -58.81 -12.12 -15.80
C GLN C 247 -58.40 -13.20 -16.80
N GLY C 248 -59.35 -14.06 -17.21
CA GLY C 248 -58.99 -15.16 -18.10
C GLY C 248 -58.67 -14.70 -19.51
N ARG C 249 -59.64 -14.07 -20.17
CA ARG C 249 -59.44 -13.56 -21.53
C ARG C 249 -59.45 -12.05 -21.56
N LEU C 250 -59.50 -11.40 -20.39
CA LEU C 250 -59.51 -9.95 -20.28
C LEU C 250 -58.44 -9.56 -19.26
N SER C 251 -58.12 -8.28 -19.21
CA SER C 251 -57.03 -7.81 -18.37
C SER C 251 -57.50 -6.66 -17.51
N CYS C 252 -56.85 -6.52 -16.35
CA CYS C 252 -57.17 -5.45 -15.41
C CYS C 252 -56.36 -4.20 -15.74
N LEU C 253 -56.93 -3.05 -15.41
CA LEU C 253 -56.29 -1.77 -15.66
C LEU C 253 -55.34 -1.44 -14.52
N ASP C 254 -54.33 -0.62 -14.83
CA ASP C 254 -53.24 -0.38 -13.89
C ASP C 254 -53.66 0.70 -12.90
N ILE C 255 -52.76 1.11 -12.00
CA ILE C 255 -53.08 1.99 -10.88
C ILE C 255 -52.27 3.28 -10.94
N ASN C 256 -50.99 3.18 -11.27
CA ASN C 256 -50.04 4.27 -11.06
C ASN C 256 -49.79 5.10 -12.32
N HIS C 257 -50.79 5.25 -13.17
CA HIS C 257 -50.67 6.12 -14.33
C HIS C 257 -51.40 7.44 -14.09
N THR C 258 -51.38 8.31 -15.09
CA THR C 258 -52.08 9.58 -14.94
C THR C 258 -52.96 9.89 -16.13
N HIS C 259 -52.62 9.42 -17.33
CA HIS C 259 -53.43 9.64 -18.51
C HIS C 259 -53.75 8.28 -19.14
N PHE C 260 -54.83 8.24 -19.92
CA PHE C 260 -55.28 6.99 -20.52
C PHE C 260 -55.91 7.27 -21.87
N LEU C 261 -55.41 6.62 -22.92
CA LEU C 261 -56.02 6.67 -24.25
C LEU C 261 -56.41 5.25 -24.63
N LEU C 262 -57.69 4.95 -24.54
CA LEU C 262 -58.17 3.60 -24.80
C LEU C 262 -58.63 3.50 -26.25
N VAL C 263 -58.26 2.41 -26.91
CA VAL C 263 -58.44 2.27 -28.35
C VAL C 263 -59.35 1.11 -28.66
N ASP C 264 -60.17 1.27 -29.69
CA ASP C 264 -61.25 0.33 -29.98
C ASP C 264 -61.34 0.09 -31.48
N ASP C 265 -61.28 -1.19 -31.88
CA ASP C 265 -61.31 -1.60 -33.31
C ASP C 265 -62.69 -2.11 -33.74
N GLY C 266 -63.71 -2.01 -32.88
CA GLY C 266 -65.07 -2.49 -33.20
C GLY C 266 -65.29 -3.92 -32.76
N THR C 267 -64.22 -4.58 -32.31
CA THR C 267 -64.23 -5.92 -31.76
C THR C 267 -64.02 -5.87 -30.25
N GLN C 268 -64.44 -6.94 -29.57
CA GLN C 268 -64.40 -6.97 -28.12
C GLN C 268 -63.46 -8.01 -27.55
N GLY C 269 -62.77 -8.78 -28.39
CA GLY C 269 -61.90 -9.80 -27.84
C GLY C 269 -60.44 -9.77 -28.25
N HIS C 270 -60.15 -9.19 -29.43
CA HIS C 270 -58.82 -9.30 -30.00
C HIS C 270 -57.81 -8.40 -29.29
N TYR C 271 -56.58 -8.89 -29.17
CA TYR C 271 -55.48 -8.14 -28.61
C TYR C 271 -54.70 -7.45 -29.72
N GLY C 272 -53.84 -6.51 -29.33
CA GLY C 272 -52.86 -5.98 -30.25
C GLY C 272 -53.34 -4.89 -31.18
N VAL C 273 -54.46 -4.24 -30.89
CA VAL C 273 -54.99 -3.19 -31.75
C VAL C 273 -54.16 -1.91 -31.61
N GLU C 274 -53.59 -1.70 -30.42
CA GLU C 274 -53.10 -0.38 -30.00
C GLU C 274 -51.89 0.10 -30.82
N ILE C 275 -51.12 -0.84 -31.37
CA ILE C 275 -49.80 -0.67 -32.00
C ILE C 275 -49.69 0.48 -32.99
N GLU C 276 -50.66 0.61 -33.89
CA GLU C 276 -50.55 1.59 -34.98
C GLU C 276 -50.69 3.01 -34.44
N LEU C 277 -51.69 3.24 -33.59
CA LEU C 277 -51.81 4.54 -32.96
C LEU C 277 -50.72 4.80 -31.94
N ARG C 278 -50.11 3.75 -31.38
CA ARG C 278 -48.97 3.95 -30.50
C ARG C 278 -47.76 4.51 -31.26
N ALA C 279 -47.46 3.91 -32.42
CA ALA C 279 -46.36 4.41 -33.24
C ALA C 279 -46.67 5.79 -33.82
N ARG C 280 -47.91 6.01 -34.24
CA ARG C 280 -48.27 7.30 -34.81
C ARG C 280 -48.27 8.38 -33.74
N LEU C 281 -48.61 8.03 -32.50
CA LEU C 281 -48.52 8.97 -31.38
C LEU C 281 -47.08 9.28 -31.04
N GLU C 282 -46.18 8.30 -31.16
CA GLU C 282 -44.76 8.57 -30.96
C GLU C 282 -44.24 9.58 -31.97
N LYS C 283 -44.59 9.40 -33.25
CA LYS C 283 -44.17 10.36 -34.27
C LYS C 283 -44.84 11.73 -34.06
N LEU C 284 -46.09 11.74 -33.62
CA LEU C 284 -46.79 12.99 -33.37
C LEU C 284 -46.18 13.78 -32.22
N ILE C 285 -45.79 13.10 -31.15
CA ILE C 285 -45.11 13.75 -30.02
C ILE C 285 -43.74 14.25 -30.45
N SER C 286 -43.08 13.52 -31.36
CA SER C 286 -41.70 13.84 -31.74
C SER C 286 -41.53 15.21 -32.39
N LYS C 287 -42.54 15.70 -33.12
CA LYS C 287 -42.42 16.99 -33.79
C LYS C 287 -43.14 18.12 -33.07
N LEU C 288 -43.43 17.97 -31.77
CA LEU C 288 -44.16 19.01 -31.05
C LEU C 288 -43.31 20.25 -30.84
N SER C 289 -42.01 20.09 -30.61
CA SER C 289 -41.14 21.25 -30.36
C SER C 289 -40.59 21.80 -31.68
N LEU C 290 -41.48 22.46 -32.41
CA LEU C 290 -41.12 23.12 -33.66
C LEU C 290 -41.85 24.45 -33.72
N GLY C 291 -41.09 25.54 -33.91
CA GLY C 291 -41.62 26.93 -33.94
C GLY C 291 -41.58 27.60 -32.58
N ASN C 292 -41.30 26.82 -31.52
CA ASN C 292 -41.16 27.30 -30.13
C ASN C 292 -39.87 28.12 -29.94
N ARG C 293 -38.76 27.70 -30.55
CA ARG C 293 -37.50 28.44 -30.30
C ARG C 293 -36.82 28.84 -31.62
N GLU C 294 -35.54 29.21 -31.52
CA GLU C 294 -34.68 29.69 -32.64
C GLU C 294 -34.43 28.62 -33.71
N SER C 295 -34.16 27.37 -33.34
CA SER C 295 -33.79 26.35 -34.36
C SER C 295 -34.78 25.18 -34.40
N GLY C 296 -34.84 24.52 -35.56
CA GLY C 296 -35.75 23.41 -35.74
C GLY C 296 -35.16 22.05 -35.42
N VAL C 297 -34.93 21.78 -34.14
CA VAL C 297 -34.43 20.50 -33.68
C VAL C 297 -35.56 19.77 -32.96
N THR C 298 -35.81 18.52 -33.39
CA THR C 298 -36.90 17.74 -32.83
C THR C 298 -36.46 17.02 -31.56
N ILE C 299 -37.42 16.81 -30.66
CA ILE C 299 -37.10 16.18 -29.37
C ILE C 299 -36.82 14.70 -29.58
N PRO C 300 -35.86 14.10 -28.87
CA PRO C 300 -35.51 12.71 -29.09
C PRO C 300 -36.50 11.74 -28.48
N VAL C 301 -36.64 10.57 -29.11
CA VAL C 301 -37.45 9.48 -28.60
C VAL C 301 -36.60 8.21 -28.57
N VAL C 302 -36.98 7.29 -27.67
CA VAL C 302 -36.24 6.06 -27.39
C VAL C 302 -37.23 4.99 -26.97
N CYS C 303 -37.16 3.81 -27.61
CA CYS C 303 -37.90 2.64 -27.15
C CYS C 303 -36.97 1.74 -26.37
N VAL C 304 -37.38 1.37 -25.15
CA VAL C 304 -36.62 0.46 -24.31
C VAL C 304 -37.43 -0.82 -24.19
N VAL C 305 -36.91 -1.91 -24.76
CA VAL C 305 -37.56 -3.22 -24.74
C VAL C 305 -36.82 -4.12 -23.77
N LEU C 306 -37.57 -4.81 -22.90
CA LEU C 306 -36.98 -5.67 -21.88
C LEU C 306 -37.03 -7.14 -22.29
N ASP C 307 -38.21 -7.74 -22.43
CA ASP C 307 -38.48 -8.97 -23.16
C ASP C 307 -39.99 -9.17 -23.31
N GLY C 308 -40.41 -9.66 -24.47
CA GLY C 308 -41.81 -9.97 -24.68
C GLY C 308 -41.99 -10.84 -25.89
N GLY C 309 -43.18 -11.42 -26.02
CA GLY C 309 -43.41 -12.41 -27.06
C GLY C 309 -43.76 -11.82 -28.42
N PRO C 310 -44.84 -12.33 -29.03
CA PRO C 310 -45.17 -11.91 -30.40
C PRO C 310 -45.58 -10.45 -30.54
N GLY C 311 -46.11 -9.83 -29.49
CA GLY C 311 -46.53 -8.45 -29.60
C GLY C 311 -45.36 -7.48 -29.55
N THR C 312 -44.34 -7.81 -28.75
CA THR C 312 -43.23 -6.91 -28.54
C THR C 312 -42.37 -6.78 -29.80
N LEU C 313 -42.18 -7.87 -30.52
CA LEU C 313 -41.50 -7.81 -31.80
C LEU C 313 -42.28 -6.98 -32.81
N ASN C 314 -43.60 -7.04 -32.74
CA ASN C 314 -44.45 -6.25 -33.63
C ASN C 314 -44.31 -4.76 -33.33
N THR C 315 -44.33 -4.38 -32.05
CA THR C 315 -44.24 -2.95 -31.75
C THR C 315 -42.82 -2.42 -31.96
N ILE C 316 -41.79 -3.28 -31.80
CA ILE C 316 -40.43 -2.90 -32.17
C ILE C 316 -40.33 -2.61 -33.66
N TYR C 317 -40.86 -3.51 -34.49
CA TYR C 317 -40.81 -3.29 -35.93
C TYR C 317 -41.64 -2.09 -36.35
N ASN C 318 -42.78 -1.87 -35.69
CA ASN C 318 -43.64 -0.76 -36.09
C ASN C 318 -43.08 0.57 -35.63
N SER C 319 -42.29 0.57 -34.56
CA SER C 319 -41.57 1.79 -34.20
C SER C 319 -40.40 2.03 -35.14
N MET C 320 -39.63 0.98 -35.46
CA MET C 320 -38.46 1.14 -36.32
C MET C 320 -38.81 1.40 -37.77
N LEU C 321 -40.07 1.21 -38.18
CA LEU C 321 -40.50 1.72 -39.48
C LEU C 321 -40.36 3.23 -39.52
N ASN C 322 -40.71 3.91 -38.43
CA ASN C 322 -40.40 5.31 -38.29
C ASN C 322 -38.90 5.46 -38.02
N HIS C 323 -38.26 6.37 -38.74
CA HIS C 323 -36.80 6.44 -38.73
C HIS C 323 -36.26 6.93 -37.39
N THR C 324 -36.93 7.92 -36.79
CA THR C 324 -36.43 8.52 -35.56
C THR C 324 -36.37 7.62 -34.33
N PRO C 325 -37.34 6.74 -34.01
CA PRO C 325 -37.19 5.92 -32.79
C PRO C 325 -36.03 4.94 -32.87
N CYS C 326 -35.40 4.71 -31.72
CA CYS C 326 -34.21 3.90 -31.61
C CYS C 326 -34.43 2.85 -30.54
N VAL C 327 -34.43 1.59 -30.93
CA VAL C 327 -34.79 0.51 -30.02
C VAL C 327 -33.55 0.04 -29.27
N VAL C 328 -33.67 -0.02 -27.94
CA VAL C 328 -32.56 -0.36 -27.04
C VAL C 328 -32.96 -1.61 -26.27
N LEU C 329 -32.14 -2.66 -26.36
CA LEU C 329 -32.53 -3.99 -25.89
C LEU C 329 -31.73 -4.41 -24.66
N GLU C 330 -32.42 -5.01 -23.71
CA GLU C 330 -31.78 -5.63 -22.55
C GLU C 330 -31.03 -6.88 -22.98
N GLY C 331 -29.92 -7.15 -22.30
CA GLY C 331 -29.14 -8.34 -22.62
C GLY C 331 -29.51 -9.56 -21.80
N SER C 332 -30.75 -9.61 -21.31
CA SER C 332 -31.19 -10.76 -20.50
C SER C 332 -32.70 -10.84 -20.55
N GLY C 333 -33.21 -11.96 -21.07
CA GLY C 333 -34.64 -12.14 -21.27
C GLY C 333 -34.88 -13.36 -22.14
N ARG C 334 -36.00 -13.35 -22.86
CA ARG C 334 -36.18 -14.43 -23.82
C ARG C 334 -36.16 -13.94 -25.26
N LEU C 335 -36.99 -12.99 -25.67
CA LEU C 335 -36.85 -12.46 -27.02
C LEU C 335 -35.68 -11.50 -27.12
N ALA C 336 -35.31 -10.87 -26.00
CA ALA C 336 -34.13 -10.03 -26.01
C ALA C 336 -32.85 -10.84 -26.16
N ASP C 337 -32.82 -12.06 -25.64
CA ASP C 337 -31.67 -12.93 -25.86
C ASP C 337 -31.62 -13.47 -27.29
N VAL C 338 -32.77 -13.59 -27.95
CA VAL C 338 -32.82 -13.97 -29.35
C VAL C 338 -32.11 -12.93 -30.22
N ILE C 339 -32.47 -11.65 -30.05
CA ILE C 339 -31.82 -10.62 -30.85
C ILE C 339 -30.39 -10.38 -30.37
N ALA C 340 -30.12 -10.58 -29.08
CA ALA C 340 -28.76 -10.50 -28.56
C ALA C 340 -27.85 -11.61 -29.10
N HIS C 341 -28.43 -12.72 -29.56
CA HIS C 341 -27.65 -13.75 -30.24
C HIS C 341 -27.64 -13.62 -31.76
N VAL C 342 -28.68 -13.02 -32.34
CA VAL C 342 -28.72 -12.82 -33.79
C VAL C 342 -27.82 -11.65 -34.20
N ALA C 343 -27.70 -10.62 -33.35
CA ALA C 343 -26.98 -9.39 -33.72
C ALA C 343 -25.47 -9.55 -33.84
N SER C 344 -24.87 -10.74 -33.80
CA SER C 344 -23.44 -10.90 -34.06
C SER C 344 -23.17 -11.25 -35.51
N VAL C 345 -23.93 -12.19 -36.07
CA VAL C 345 -23.72 -12.71 -37.41
C VAL C 345 -24.17 -11.69 -38.45
N PRO C 346 -23.64 -11.73 -39.67
CA PRO C 346 -24.17 -10.88 -40.74
C PRO C 346 -25.54 -11.33 -41.21
N VAL C 347 -26.15 -10.46 -42.03
CA VAL C 347 -27.54 -10.64 -42.46
C VAL C 347 -27.68 -11.88 -43.36
N SER C 348 -26.63 -12.18 -44.13
CA SER C 348 -26.68 -13.35 -45.02
C SER C 348 -26.69 -14.66 -44.24
N LYS C 349 -26.06 -14.67 -43.06
CA LYS C 349 -25.86 -15.91 -42.32
C LYS C 349 -27.16 -16.47 -41.75
N VAL C 350 -28.09 -15.58 -41.35
CA VAL C 350 -29.27 -16.03 -40.63
C VAL C 350 -30.22 -16.76 -41.59
N THR C 351 -30.76 -17.88 -41.11
CA THR C 351 -31.69 -18.70 -41.87
C THR C 351 -32.87 -19.07 -41.00
N MET C 352 -33.84 -19.75 -41.61
CA MET C 352 -35.03 -20.20 -40.89
C MET C 352 -34.74 -21.36 -39.95
N ALA C 353 -33.64 -22.09 -40.16
CA ALA C 353 -33.27 -23.14 -39.22
C ALA C 353 -32.66 -22.57 -37.95
N LEU C 354 -31.89 -21.50 -38.08
CA LEU C 354 -31.23 -20.90 -36.92
C LEU C 354 -32.22 -20.26 -35.97
N ILE C 355 -33.23 -19.56 -36.53
CA ILE C 355 -34.22 -18.91 -35.68
C ILE C 355 -35.15 -19.96 -35.06
N ASN C 356 -35.41 -21.06 -35.77
CA ASN C 356 -36.18 -22.15 -35.18
C ASN C 356 -35.42 -22.80 -34.02
N ARG C 357 -34.10 -22.96 -34.18
CA ARG C 357 -33.25 -23.48 -33.12
C ARG C 357 -33.26 -22.55 -31.90
N LEU C 358 -33.17 -21.24 -32.14
CA LEU C 358 -33.17 -20.29 -31.04
C LEU C 358 -34.54 -20.18 -30.37
N LEU C 359 -35.63 -20.31 -31.12
CA LEU C 359 -36.96 -20.29 -30.51
C LEU C 359 -37.17 -21.53 -29.65
N LYS C 360 -36.68 -22.67 -30.10
CA LYS C 360 -36.79 -23.86 -29.22
C LYS C 360 -35.95 -23.61 -27.96
N ARG C 361 -34.76 -23.04 -28.14
CA ARG C 361 -33.83 -22.81 -27.01
C ARG C 361 -34.31 -21.78 -25.99
N PHE C 362 -34.88 -20.65 -26.43
CA PHE C 362 -35.25 -19.55 -25.49
C PHE C 362 -36.70 -19.64 -24.99
N PHE C 363 -37.68 -19.89 -25.85
CA PHE C 363 -39.04 -20.08 -25.33
C PHE C 363 -39.18 -21.56 -24.97
N MET C 364 -38.62 -21.98 -23.83
CA MET C 364 -38.64 -23.43 -23.50
C MET C 364 -40.10 -23.87 -23.39
N GLN C 365 -40.91 -23.14 -22.64
CA GLN C 365 -42.34 -23.51 -22.53
C GLN C 365 -43.12 -22.63 -23.50
N GLU C 366 -44.22 -23.18 -24.04
CA GLU C 366 -45.17 -22.54 -25.00
C GLU C 366 -44.60 -22.51 -26.42
N TYR C 367 -43.47 -23.19 -26.66
CA TYR C 367 -42.91 -23.25 -28.03
C TYR C 367 -43.89 -24.01 -28.90
N LYS C 368 -44.43 -25.08 -28.34
CA LYS C 368 -45.34 -25.97 -29.12
C LYS C 368 -46.55 -25.25 -29.76
N ASN C 369 -47.17 -24.31 -29.07
CA ASN C 369 -48.38 -23.62 -29.49
C ASN C 369 -48.21 -22.78 -30.75
N PHE C 370 -47.00 -22.78 -31.32
CA PHE C 370 -46.65 -21.90 -32.49
C PHE C 370 -46.90 -22.54 -33.85
N THR C 371 -47.56 -21.82 -34.77
CA THR C 371 -47.73 -22.32 -36.13
C THR C 371 -46.47 -22.07 -36.96
N GLU C 372 -46.26 -22.95 -37.94
CA GLU C 372 -45.13 -22.79 -38.86
C GLU C 372 -45.26 -21.51 -39.68
N LEU C 373 -46.49 -21.13 -40.05
CA LEU C 373 -46.71 -19.89 -40.79
C LEU C 373 -46.37 -18.67 -39.94
N GLN C 374 -46.69 -18.73 -38.65
CA GLN C 374 -46.31 -17.68 -37.72
C GLN C 374 -44.80 -17.60 -37.56
N ILE C 375 -44.12 -18.75 -37.58
CA ILE C 375 -42.66 -18.77 -37.60
C ILE C 375 -42.11 -18.15 -38.88
N ILE C 376 -42.79 -18.38 -40.01
CA ILE C 376 -42.39 -17.75 -41.27
C ILE C 376 -42.55 -16.24 -41.21
N GLU C 377 -43.56 -15.75 -40.49
CA GLU C 377 -43.73 -14.31 -40.32
C GLU C 377 -42.61 -13.72 -39.46
N TRP C 378 -42.32 -14.34 -38.32
CA TRP C 378 -41.23 -13.77 -37.48
C TRP C 378 -39.92 -13.82 -38.27
N THR C 379 -39.62 -14.93 -38.93
CA THR C 379 -38.35 -15.03 -39.64
C THR C 379 -38.25 -14.10 -40.84
N LYS C 380 -39.21 -13.22 -41.08
CA LYS C 380 -39.05 -12.10 -41.99
C LYS C 380 -38.93 -10.79 -41.22
N LYS C 381 -39.72 -10.69 -40.15
CA LYS C 381 -39.62 -9.56 -39.22
C LYS C 381 -38.21 -9.38 -38.69
N ILE C 382 -37.54 -10.49 -38.35
CA ILE C 382 -36.23 -10.38 -37.70
C ILE C 382 -35.16 -9.90 -38.69
N GLN C 383 -35.23 -10.31 -39.96
CA GLN C 383 -34.25 -9.74 -40.90
C GLN C 383 -34.57 -8.29 -41.23
N ASP C 384 -35.85 -7.91 -41.24
CA ASP C 384 -36.15 -6.49 -41.45
C ASP C 384 -35.74 -5.64 -40.25
N ILE C 385 -35.68 -6.24 -39.06
CA ILE C 385 -35.09 -5.53 -37.92
C ILE C 385 -33.58 -5.48 -38.02
N LEU C 386 -32.93 -6.53 -38.51
CA LEU C 386 -31.48 -6.55 -38.64
C LEU C 386 -30.97 -5.81 -39.87
N ARG C 387 -31.86 -5.35 -40.74
CA ARG C 387 -31.43 -4.68 -41.97
C ARG C 387 -30.81 -3.32 -41.67
N MET C 388 -31.43 -2.54 -40.79
CA MET C 388 -30.88 -1.24 -40.41
C MET C 388 -30.09 -1.34 -39.09
N PRO C 389 -28.76 -1.41 -39.14
CA PRO C 389 -27.98 -1.69 -37.93
C PRO C 389 -27.76 -0.48 -37.05
N HIS C 390 -28.11 0.72 -37.50
CA HIS C 390 -27.86 1.94 -36.74
C HIS C 390 -29.08 2.39 -35.95
N LEU C 391 -30.02 1.48 -35.71
CA LEU C 391 -31.15 1.71 -34.82
C LEU C 391 -31.29 0.60 -33.78
N LEU C 392 -30.31 -0.28 -33.67
CA LEU C 392 -30.44 -1.48 -32.86
C LEU C 392 -29.22 -1.57 -31.95
N THR C 393 -29.46 -1.65 -30.64
CA THR C 393 -28.36 -1.61 -29.68
C THR C 393 -28.68 -2.54 -28.53
N VAL C 394 -27.74 -3.43 -28.20
CA VAL C 394 -27.87 -4.33 -27.08
C VAL C 394 -26.98 -3.82 -25.95
N PHE C 395 -27.53 -3.70 -24.75
CA PHE C 395 -26.72 -3.33 -23.60
C PHE C 395 -26.84 -4.38 -22.51
N ARG C 396 -25.99 -4.25 -21.51
CA ARG C 396 -25.92 -5.21 -20.41
C ARG C 396 -25.56 -4.45 -19.15
N ILE C 397 -26.46 -4.44 -18.17
CA ILE C 397 -26.27 -3.63 -16.97
C ILE C 397 -25.26 -4.30 -16.06
N ASP C 398 -24.19 -3.58 -15.73
CA ASP C 398 -23.20 -4.07 -14.79
C ASP C 398 -22.56 -2.85 -14.11
N GLU C 399 -22.58 -2.84 -12.78
CA GLU C 399 -22.07 -1.72 -12.04
C GLU C 399 -20.55 -1.72 -11.92
N ASP C 400 -19.91 -2.86 -12.21
CA ASP C 400 -18.46 -2.93 -12.09
C ASP C 400 -17.78 -2.20 -13.24
N LYS C 401 -18.28 -2.35 -14.45
CA LYS C 401 -17.71 -1.70 -15.62
C LYS C 401 -18.28 -0.30 -15.87
N ASN C 402 -19.02 0.24 -14.90
CA ASN C 402 -19.62 1.59 -14.95
C ASN C 402 -20.53 1.75 -16.17
N TYR C 403 -21.61 0.98 -16.17
CA TYR C 403 -22.50 0.89 -17.33
C TYR C 403 -23.92 0.77 -16.81
N ASP C 404 -24.82 1.62 -17.30
CA ASP C 404 -26.18 1.68 -16.78
C ASP C 404 -27.12 1.97 -17.95
N VAL C 405 -28.36 2.38 -17.65
CA VAL C 405 -29.38 2.55 -18.70
C VAL C 405 -29.14 3.86 -19.45
N ASP C 406 -28.72 4.90 -18.73
CA ASP C 406 -28.45 6.20 -19.33
C ASP C 406 -27.34 6.14 -20.38
N VAL C 407 -26.33 5.31 -20.14
CA VAL C 407 -25.26 5.09 -21.12
C VAL C 407 -25.80 4.51 -22.40
N ALA C 408 -26.71 3.53 -22.28
CA ALA C 408 -27.28 2.88 -23.44
C ALA C 408 -28.19 3.82 -24.22
N ILE C 409 -28.98 4.62 -23.51
CA ILE C 409 -29.87 5.59 -24.17
C ILE C 409 -29.03 6.63 -24.90
N LEU C 410 -27.94 7.07 -24.29
CA LEU C 410 -27.12 8.11 -24.90
C LEU C 410 -26.36 7.59 -26.10
N GLN C 411 -25.83 6.36 -26.03
CA GLN C 411 -25.15 5.76 -27.18
C GLN C 411 -26.11 5.50 -28.33
N ALA C 412 -27.29 4.94 -28.04
CA ALA C 412 -28.23 4.65 -29.10
C ALA C 412 -28.84 5.92 -29.68
N LEU C 413 -28.81 7.01 -28.92
CA LEU C 413 -29.27 8.28 -29.45
C LEU C 413 -28.19 8.96 -30.29
N LEU C 414 -26.92 8.75 -29.97
CA LEU C 414 -25.85 9.33 -30.78
C LEU C 414 -25.55 8.54 -32.05
N LYS C 415 -25.78 7.22 -32.04
CA LYS C 415 -25.51 6.43 -33.24
C LYS C 415 -26.51 6.70 -34.35
N ALA C 416 -27.71 7.16 -34.00
CA ALA C 416 -28.72 7.40 -35.02
C ALA C 416 -28.42 8.65 -35.83
N SER C 417 -28.10 9.74 -35.13
CA SER C 417 -28.07 11.06 -35.77
C SER C 417 -26.87 11.23 -36.68
N ARG C 418 -25.76 10.52 -36.41
CA ARG C 418 -24.54 10.74 -37.18
C ARG C 418 -24.69 10.25 -38.63
N SER C 419 -25.50 9.22 -38.85
CA SER C 419 -25.81 8.73 -40.19
C SER C 419 -27.24 9.18 -40.53
N ASP C 420 -27.35 10.35 -41.14
CA ASP C 420 -28.66 10.93 -41.41
C ASP C 420 -28.57 11.82 -42.64
N GLU C 421 -29.72 12.36 -43.04
CA GLU C 421 -29.80 13.22 -44.22
C GLU C 421 -29.08 14.54 -44.00
N HIS C 422 -29.13 15.08 -42.78
CA HIS C 422 -28.52 16.36 -42.49
C HIS C 422 -27.00 16.25 -42.44
N ALA C 423 -26.33 17.32 -42.87
CA ALA C 423 -24.88 17.34 -42.86
C ALA C 423 -24.33 17.49 -41.44
N GLY C 424 -24.97 18.34 -40.64
CA GLY C 424 -24.47 18.61 -39.31
C GLY C 424 -25.34 19.66 -38.62
N ARG C 425 -24.79 20.18 -37.52
CA ARG C 425 -25.29 21.27 -36.65
C ARG C 425 -26.48 20.84 -35.80
N HIS C 426 -26.98 19.62 -35.93
CA HIS C 426 -28.03 19.09 -35.08
C HIS C 426 -27.66 17.81 -34.36
N CYS C 427 -26.51 17.22 -34.67
CA CYS C 427 -26.11 15.97 -34.05
C CYS C 427 -25.77 16.15 -32.58
N TRP C 428 -25.30 17.34 -32.19
CA TRP C 428 -24.73 17.55 -30.86
C TRP C 428 -25.55 18.46 -29.97
N GLU C 429 -26.45 19.28 -30.54
CA GLU C 429 -27.01 20.43 -29.83
C GLU C 429 -27.90 19.99 -28.66
N ARG C 430 -28.76 19.00 -28.87
CA ARG C 430 -29.64 18.54 -27.81
C ARG C 430 -29.08 17.32 -27.07
N GLN C 431 -28.02 16.70 -27.57
CA GLN C 431 -27.42 15.60 -26.84
C GLN C 431 -26.37 16.08 -25.85
N LEU C 432 -25.82 17.28 -26.03
CA LEU C 432 -24.82 17.77 -25.10
C LEU C 432 -25.43 18.15 -23.76
N GLU C 433 -26.56 18.86 -23.79
CA GLU C 433 -27.23 19.24 -22.55
C GLU C 433 -27.76 18.02 -21.80
N LEU C 434 -28.14 16.99 -22.54
CA LEU C 434 -28.63 15.76 -21.93
C LEU C 434 -27.48 14.93 -21.37
N ALA C 435 -26.29 15.01 -21.98
CA ALA C 435 -25.11 14.38 -21.41
C ALA C 435 -24.52 15.16 -20.24
N VAL C 436 -24.87 16.44 -20.13
CA VAL C 436 -24.44 17.25 -18.98
C VAL C 436 -25.40 17.09 -17.80
N ALA C 437 -26.69 16.92 -18.08
CA ALA C 437 -27.67 16.71 -17.01
C ALA C 437 -27.41 15.40 -16.27
N TRP C 438 -27.12 14.35 -17.00
CA TRP C 438 -26.56 13.15 -16.41
C TRP C 438 -25.06 13.36 -16.23
N ASN C 439 -24.43 12.52 -15.41
CA ASN C 439 -23.02 12.72 -15.11
C ASN C 439 -22.12 11.92 -16.04
N ARG C 440 -22.54 11.69 -17.28
CA ARG C 440 -21.82 10.80 -18.18
C ARG C 440 -20.79 11.60 -18.97
N VAL C 441 -19.67 11.95 -18.33
CA VAL C 441 -18.57 12.68 -19.04
C VAL C 441 -17.78 11.80 -20.00
N ASP C 442 -17.47 10.57 -19.59
CA ASP C 442 -16.53 9.70 -20.35
C ASP C 442 -17.02 9.50 -21.78
N ILE C 443 -18.29 9.15 -21.96
CA ILE C 443 -18.81 8.93 -23.33
C ILE C 443 -18.78 10.26 -24.05
N ALA C 444 -19.10 11.33 -23.32
CA ALA C 444 -19.31 12.61 -23.99
C ALA C 444 -18.05 13.03 -24.70
N GLU C 445 -16.92 12.92 -24.02
CA GLU C 445 -15.68 13.45 -24.62
C GLU C 445 -15.37 12.75 -25.93
N SER C 446 -15.33 11.42 -25.99
CA SER C 446 -14.93 10.84 -27.28
C SER C 446 -16.02 11.05 -28.33
N GLU C 447 -17.25 10.73 -27.95
CA GLU C 447 -18.25 10.76 -29.03
C GLU C 447 -18.56 12.17 -29.51
N ILE C 448 -18.40 13.20 -28.68
CA ILE C 448 -18.86 14.51 -29.24
C ILE C 448 -17.67 15.40 -29.47
N PHE C 449 -16.57 15.11 -28.80
CA PHE C 449 -15.49 16.12 -28.86
C PHE C 449 -14.40 15.50 -29.70
N THR C 450 -14.84 15.06 -30.87
CA THR C 450 -13.91 14.42 -31.77
C THR C 450 -12.80 15.40 -32.17
N GLU C 451 -11.59 14.86 -32.37
CA GLU C 451 -10.44 15.69 -32.71
C GLU C 451 -10.55 16.35 -34.09
N GLU C 452 -11.47 15.89 -34.94
CA GLU C 452 -11.70 16.52 -36.23
C GLU C 452 -12.79 17.59 -36.18
N SER C 453 -13.14 18.06 -34.99
CA SER C 453 -14.19 19.07 -34.83
C SER C 453 -13.60 20.43 -34.50
N GLN C 454 -14.42 21.47 -34.65
CA GLN C 454 -14.03 22.85 -34.35
C GLN C 454 -15.14 23.51 -33.55
N TRP C 455 -14.76 24.31 -32.58
CA TRP C 455 -15.71 24.84 -31.60
C TRP C 455 -15.53 26.35 -31.42
N THR C 456 -16.57 26.96 -30.87
CA THR C 456 -16.60 28.39 -30.56
C THR C 456 -17.34 28.54 -29.25
N SER C 457 -16.86 29.45 -28.39
CA SER C 457 -17.35 29.54 -27.01
C SER C 457 -18.82 29.96 -26.93
N SER C 458 -19.27 30.77 -27.89
CA SER C 458 -20.67 31.20 -27.90
C SER C 458 -21.63 30.06 -28.18
N ASP C 459 -21.15 28.96 -28.77
CA ASP C 459 -21.96 27.77 -28.91
C ASP C 459 -22.05 27.01 -27.60
N LEU C 460 -20.96 26.94 -26.84
CA LEU C 460 -20.88 26.10 -25.66
C LEU C 460 -21.23 26.83 -24.37
N HIS C 461 -21.65 28.09 -24.44
CA HIS C 461 -22.13 28.81 -23.26
C HIS C 461 -23.27 28.15 -22.48
N PRO C 462 -24.38 27.66 -23.10
CA PRO C 462 -25.47 27.15 -22.25
C PRO C 462 -25.13 25.84 -21.55
N ALA C 463 -24.39 24.96 -22.22
CA ALA C 463 -23.94 23.74 -21.56
C ALA C 463 -22.94 24.05 -20.44
N MET C 464 -22.15 25.11 -20.61
CA MET C 464 -21.25 25.55 -19.55
C MET C 464 -22.02 26.02 -18.33
N PHE C 465 -23.07 26.83 -18.54
CA PHE C 465 -23.91 27.27 -17.44
C PHE C 465 -24.59 26.09 -16.75
N SER C 466 -25.09 25.14 -17.53
CA SER C 466 -25.79 23.99 -16.96
C SER C 466 -24.85 23.06 -16.21
N ALA C 467 -23.60 22.95 -16.66
CA ALA C 467 -22.63 22.14 -15.93
C ALA C 467 -22.12 22.85 -14.70
N LEU C 468 -22.09 24.18 -14.73
CA LEU C 468 -21.52 24.94 -13.64
C LEU C 468 -22.49 25.09 -12.48
N VAL C 469 -23.79 25.19 -12.77
CA VAL C 469 -24.77 25.33 -11.70
C VAL C 469 -24.93 24.01 -10.93
N GLY C 470 -25.09 22.91 -11.65
CA GLY C 470 -25.45 21.65 -11.03
C GLY C 470 -24.33 20.84 -10.41
N ASP C 471 -23.17 21.47 -10.19
CA ASP C 471 -22.01 20.90 -9.49
C ASP C 471 -21.49 19.63 -10.19
N LYS C 472 -20.99 19.84 -11.41
CA LYS C 472 -20.28 18.81 -12.15
C LYS C 472 -18.93 19.39 -12.54
N PRO C 473 -17.89 19.15 -11.74
CA PRO C 473 -16.60 19.80 -12.03
C PRO C 473 -15.88 19.23 -13.23
N GLU C 474 -16.15 17.97 -13.59
CA GLU C 474 -15.43 17.35 -14.69
C GLU C 474 -15.86 17.93 -16.04
N PHE C 475 -17.15 18.23 -16.20
CA PHE C 475 -17.59 18.91 -17.41
C PHE C 475 -17.08 20.34 -17.48
N VAL C 476 -16.90 20.99 -16.34
CA VAL C 476 -16.27 22.31 -16.31
C VAL C 476 -14.84 22.22 -16.80
N ARG C 477 -14.10 21.21 -16.30
CA ARG C 477 -12.71 20.98 -16.71
C ARG C 477 -12.60 20.66 -18.20
N LEU C 478 -13.57 19.94 -18.74
CA LEU C 478 -13.50 19.53 -20.14
C LEU C 478 -13.93 20.65 -21.08
N LEU C 479 -15.02 21.34 -20.77
CA LEU C 479 -15.48 22.44 -21.61
C LEU C 479 -14.53 23.62 -21.53
N LEU C 480 -13.79 23.75 -20.42
CA LEU C 480 -12.84 24.84 -20.29
C LEU C 480 -11.69 24.70 -21.29
N GLU C 481 -11.21 23.49 -21.51
CA GLU C 481 -10.09 23.28 -22.42
C GLU C 481 -10.53 22.88 -23.82
N ASN C 482 -11.82 22.63 -24.05
CA ASN C 482 -12.25 22.47 -25.45
C ASN C 482 -12.65 23.78 -26.12
N GLY C 483 -12.53 24.92 -25.45
CA GLY C 483 -12.74 26.17 -26.14
C GLY C 483 -13.71 27.16 -25.56
N VAL C 484 -14.05 27.05 -24.28
CA VAL C 484 -14.85 28.07 -23.60
C VAL C 484 -13.89 29.05 -22.94
N CYS C 485 -13.97 30.30 -23.36
CA CYS C 485 -13.15 31.36 -22.77
C CYS C 485 -13.94 32.07 -21.68
N VAL C 486 -13.32 32.24 -20.51
CA VAL C 486 -14.01 32.86 -19.38
C VAL C 486 -14.25 34.34 -19.65
N ARG C 487 -13.33 34.98 -20.38
CA ARG C 487 -13.50 36.37 -20.80
C ARG C 487 -14.70 36.54 -21.71
N GLU C 488 -15.02 35.53 -22.52
CA GLU C 488 -16.22 35.57 -23.34
C GLU C 488 -17.46 35.16 -22.56
N PHE C 489 -17.31 34.28 -21.57
CA PHE C 489 -18.45 33.73 -20.86
C PHE C 489 -19.05 34.74 -19.89
N LEU C 490 -18.21 35.39 -19.09
CA LEU C 490 -18.69 36.41 -18.17
C LEU C 490 -18.60 37.81 -18.74
N GLU C 491 -18.66 37.94 -20.07
CA GLU C 491 -18.55 39.25 -20.71
C GLU C 491 -19.82 40.06 -20.48
N ARG C 492 -20.97 39.49 -20.79
CA ARG C 492 -22.23 40.18 -20.54
C ARG C 492 -22.47 40.30 -19.04
N GLU C 493 -23.22 41.32 -18.67
CA GLU C 493 -23.70 41.43 -17.30
C GLU C 493 -24.98 40.61 -17.18
N GLU C 494 -25.36 40.32 -15.93
CA GLU C 494 -26.61 39.71 -15.46
C GLU C 494 -26.70 38.22 -15.74
N THR C 495 -25.77 37.69 -16.53
CA THR C 495 -25.68 36.21 -16.69
C THR C 495 -25.19 35.70 -15.32
N LEU C 496 -24.23 36.43 -14.76
CA LEU C 496 -23.60 36.17 -13.43
C LEU C 496 -24.62 36.37 -12.30
N CYS C 497 -25.49 37.38 -12.43
CA CYS C 497 -26.49 37.66 -11.36
C CYS C 497 -27.36 36.42 -11.19
N GLU C 498 -27.73 35.79 -12.31
CA GLU C 498 -28.48 34.54 -12.28
C GLU C 498 -27.62 33.40 -11.74
N LEU C 499 -26.31 33.50 -11.92
CA LEU C 499 -25.40 32.51 -11.35
C LEU C 499 -25.35 32.61 -9.83
N TYR C 500 -25.42 33.83 -9.29
CA TYR C 500 -25.61 33.95 -7.85
C TYR C 500 -27.00 33.53 -7.42
N SER C 501 -27.98 33.64 -8.32
CA SER C 501 -29.35 33.26 -7.96
C SER C 501 -29.49 31.75 -7.78
N HIS C 502 -28.70 30.98 -8.54
CA HIS C 502 -28.80 29.50 -8.56
C HIS C 502 -27.94 28.81 -7.49
N LEU C 503 -27.41 29.56 -6.52
CA LEU C 503 -26.51 29.00 -5.47
C LEU C 503 -27.25 27.96 -4.61
N PRO C 504 -26.59 26.86 -4.18
CA PRO C 504 -27.21 25.82 -3.33
C PRO C 504 -27.41 26.27 -1.88
N SER C 505 -28.26 25.56 -1.11
CA SER C 505 -28.55 25.98 0.26
C SER C 505 -27.27 26.00 1.09
N CYS C 506 -26.89 27.19 1.57
CA CYS C 506 -25.70 27.36 2.39
C CYS C 506 -25.95 28.47 3.39
N PHE C 507 -25.00 28.61 4.32
CA PHE C 507 -25.10 29.65 5.35
C PHE C 507 -24.96 31.03 4.74
N PHE C 508 -24.16 31.15 3.67
CA PHE C 508 -24.09 32.40 2.92
C PHE C 508 -25.42 32.73 2.27
N LEU C 509 -26.13 31.70 1.78
CA LEU C 509 -27.45 31.92 1.20
C LEU C 509 -28.46 32.32 2.27
N ARG C 510 -28.33 31.77 3.48
CA ARG C 510 -29.22 32.17 4.56
C ARG C 510 -28.97 33.62 4.98
N LYS C 511 -27.72 34.05 4.99
CA LYS C 511 -27.41 35.44 5.30
C LYS C 511 -27.93 36.39 4.23
N LEU C 512 -27.75 36.04 2.96
CA LEU C 512 -28.25 36.88 1.89
C LEU C 512 -29.79 36.91 1.87
N ALA C 513 -30.42 35.78 2.22
CA ALA C 513 -31.88 35.74 2.32
C ALA C 513 -32.38 36.58 3.48
N LYS C 514 -31.62 36.63 4.58
CA LYS C 514 -31.99 37.54 5.66
C LYS C 514 -31.82 38.99 5.22
N ARG C 515 -30.82 39.26 4.39
CA ARG C 515 -30.59 40.63 3.92
C ARG C 515 -31.69 41.10 2.96
N VAL C 516 -32.21 40.20 2.12
CA VAL C 516 -33.17 40.60 1.10
C VAL C 516 -34.53 40.96 1.68
N GLN C 517 -34.79 40.64 2.96
CA GLN C 517 -36.07 40.96 3.59
C GLN C 517 -36.27 42.48 3.72
N GLY C 518 -35.20 43.22 4.01
CA GLY C 518 -35.31 44.65 4.20
C GLY C 518 -34.84 45.48 3.02
N LEU C 528 -36.75 27.27 -4.27
CA LEU C 528 -35.96 28.47 -4.02
C LEU C 528 -34.96 28.91 -5.14
N PRO C 529 -34.17 28.01 -5.77
CA PRO C 529 -33.31 28.48 -6.87
C PRO C 529 -34.10 28.90 -8.10
N GLY C 530 -33.71 30.03 -8.68
CA GLY C 530 -34.29 30.54 -9.89
C GLY C 530 -35.39 31.55 -9.71
N SER C 531 -35.96 31.67 -8.50
CA SER C 531 -37.08 32.57 -8.28
C SER C 531 -36.64 34.03 -8.22
N ARG C 532 -35.57 34.31 -7.48
CA ARG C 532 -35.22 35.68 -7.12
C ARG C 532 -34.52 36.40 -8.27
N LYS C 533 -34.33 37.71 -8.08
CA LYS C 533 -33.53 38.55 -8.97
C LYS C 533 -32.55 39.35 -8.11
N VAL C 534 -31.39 38.74 -7.83
CA VAL C 534 -30.44 39.30 -6.87
C VAL C 534 -29.59 40.36 -7.55
N CYS C 535 -29.65 41.59 -7.02
CA CYS C 535 -28.74 42.64 -7.43
C CYS C 535 -27.36 42.42 -6.82
N LEU C 536 -26.34 42.92 -7.52
CA LEU C 536 -24.96 42.58 -7.16
C LEU C 536 -24.51 43.28 -5.88
N SER C 537 -24.98 44.50 -5.63
CA SER C 537 -24.57 45.24 -4.45
C SER C 537 -25.06 44.57 -3.17
N HIS C 538 -26.20 43.88 -3.25
CA HIS C 538 -26.71 43.13 -2.10
C HIS C 538 -25.77 42.00 -1.72
N VAL C 539 -25.08 41.40 -2.71
CA VAL C 539 -24.01 40.45 -2.45
C VAL C 539 -22.84 41.19 -1.81
N SER C 540 -22.38 42.24 -2.50
CA SER C 540 -21.23 43.07 -2.13
C SER C 540 -21.23 43.60 -0.70
N GLU C 541 -22.42 43.80 -0.13
CA GLU C 541 -22.52 44.21 1.26
C GLU C 541 -22.08 43.08 2.20
N GLU C 542 -22.63 41.88 2.00
CA GLU C 542 -22.28 40.75 2.86
C GLU C 542 -20.84 40.29 2.61
N VAL C 543 -20.35 40.46 1.39
CA VAL C 543 -18.95 40.16 1.10
C VAL C 543 -18.02 41.08 1.88
N ARG C 544 -18.40 42.36 2.01
CA ARG C 544 -17.64 43.27 2.88
C ARG C 544 -17.75 42.87 4.34
N HIS C 545 -18.93 42.42 4.78
CA HIS C 545 -19.07 41.99 6.16
C HIS C 545 -18.21 40.76 6.48
N LEU C 546 -18.02 39.88 5.50
CA LEU C 546 -17.12 38.74 5.72
C LEU C 546 -15.66 39.11 5.54
N LEU C 547 -15.36 40.07 4.68
CA LEU C 547 -13.98 40.36 4.34
C LEU C 547 -13.33 41.34 5.30
N GLY C 548 -14.11 42.27 5.83
CA GLY C 548 -13.62 43.25 6.79
C GLY C 548 -14.28 44.59 6.55
N SER C 549 -14.41 45.36 7.63
CA SER C 549 -14.99 46.69 7.53
C SER C 549 -14.03 47.72 6.94
N PHE C 550 -12.75 47.37 6.80
CA PHE C 550 -11.77 48.32 6.29
C PHE C 550 -11.94 48.57 4.80
N THR C 551 -12.16 47.51 4.02
CA THR C 551 -11.99 47.56 2.58
C THR C 551 -13.13 48.29 1.88
N GLN C 552 -12.88 48.67 0.64
CA GLN C 552 -13.88 49.27 -0.22
C GLN C 552 -14.82 48.20 -0.77
N PRO C 553 -16.03 48.57 -1.20
CA PRO C 553 -16.93 47.60 -1.84
C PRO C 553 -16.37 47.06 -3.15
N LEU C 554 -16.88 45.88 -3.52
CA LEU C 554 -16.37 45.17 -4.69
C LEU C 554 -17.18 45.46 -5.95
N TYR C 555 -18.50 45.56 -5.84
CA TYR C 555 -19.37 45.70 -7.01
C TYR C 555 -20.19 46.98 -6.88
N ILE C 556 -19.93 47.95 -7.74
CA ILE C 556 -20.81 49.10 -7.88
C ILE C 556 -21.92 48.72 -8.87
N ALA C 557 -23.16 48.97 -8.49
CA ALA C 557 -24.30 48.54 -9.29
C ALA C 557 -24.43 49.39 -10.54
N SER C 558 -24.65 48.71 -11.68
CA SER C 558 -24.73 49.25 -13.03
C SER C 558 -23.44 49.96 -13.47
N ARG C 559 -22.35 49.66 -12.79
CA ARG C 559 -21.02 50.20 -13.20
C ARG C 559 -20.13 48.96 -13.38
N TYR C 560 -20.46 48.14 -14.38
CA TYR C 560 -19.72 46.88 -14.64
C TYR C 560 -18.96 47.00 -15.95
N LYS C 561 -17.68 46.64 -15.96
CA LYS C 561 -16.82 46.71 -17.17
C LYS C 561 -16.87 48.13 -17.74
N PRO C 562 -16.72 49.19 -16.91
CA PRO C 562 -16.82 50.56 -17.41
C PRO C 562 -15.48 50.95 -18.05
N ALA C 588 -14.08 53.38 -5.48
CA ALA C 588 -14.75 53.66 -6.74
C ALA C 588 -13.91 53.23 -7.91
N ASP C 589 -12.88 52.43 -7.65
CA ASP C 589 -12.07 51.87 -8.72
C ASP C 589 -12.86 50.83 -9.51
N THR C 590 -13.21 49.72 -8.85
CA THR C 590 -14.05 48.63 -9.35
C THR C 590 -13.63 48.10 -10.72
N VAL C 591 -12.46 47.47 -10.81
CA VAL C 591 -12.00 46.92 -12.08
C VAL C 591 -12.83 45.68 -12.43
N TRP C 592 -12.95 45.41 -13.73
CA TRP C 592 -13.75 44.23 -14.13
C TRP C 592 -12.82 43.08 -14.49
N ASP C 593 -12.65 42.13 -13.58
CA ASP C 593 -11.85 40.95 -13.79
C ASP C 593 -12.74 39.72 -13.75
N PRO C 594 -12.82 38.95 -14.83
CA PRO C 594 -13.66 37.76 -14.84
C PRO C 594 -13.04 36.56 -14.13
N GLY C 595 -11.74 36.62 -13.84
CA GLY C 595 -11.10 35.52 -13.15
C GLY C 595 -11.52 35.43 -11.69
N ARG C 596 -11.78 36.57 -11.07
CA ARG C 596 -12.06 36.63 -9.64
C ARG C 596 -13.54 36.49 -9.32
N ASP C 597 -14.38 36.24 -10.31
CA ASP C 597 -15.80 36.07 -10.07
C ASP C 597 -16.17 34.62 -9.83
N LEU C 598 -15.68 33.72 -10.67
CA LEU C 598 -15.90 32.30 -10.47
C LEU C 598 -15.22 31.79 -9.21
N PHE C 599 -14.06 32.35 -8.88
CA PHE C 599 -13.36 31.93 -7.68
C PHE C 599 -14.10 32.36 -6.42
N LEU C 600 -14.64 33.58 -6.40
CA LEU C 600 -15.40 34.01 -5.25
C LEU C 600 -16.72 33.25 -5.13
N TRP C 601 -17.38 33.02 -6.27
CA TRP C 601 -18.64 32.27 -6.29
C TRP C 601 -18.43 30.82 -5.84
N ALA C 602 -17.28 30.24 -6.14
CA ALA C 602 -17.03 28.88 -5.72
C ALA C 602 -16.51 28.81 -4.29
N VAL C 603 -15.88 29.86 -3.78
CA VAL C 603 -15.42 29.84 -2.40
C VAL C 603 -16.59 30.01 -1.44
N VAL C 604 -17.52 30.92 -1.74
CA VAL C 604 -18.56 31.26 -0.76
C VAL C 604 -19.63 30.18 -0.60
N GLN C 605 -19.52 29.06 -1.32
CA GLN C 605 -20.46 27.97 -1.14
C GLN C 605 -19.79 26.67 -0.74
N ASN C 606 -18.51 26.81 -0.42
CA ASN C 606 -17.66 25.72 0.06
C ASN C 606 -17.57 24.55 -0.90
N ASN C 607 -17.04 24.74 -2.10
CA ASN C 607 -16.89 23.69 -3.13
C ASN C 607 -15.41 23.30 -3.19
N ARG C 608 -14.99 22.14 -2.71
CA ARG C 608 -13.54 21.87 -2.74
C ARG C 608 -13.04 21.78 -4.16
N GLU C 609 -13.79 21.19 -5.09
CA GLU C 609 -13.22 20.85 -6.42
C GLU C 609 -13.63 21.83 -7.50
N LEU C 610 -14.34 22.89 -7.19
CA LEU C 610 -14.76 23.80 -8.25
C LEU C 610 -14.07 25.13 -8.04
N ALA C 611 -13.54 25.38 -6.85
CA ALA C 611 -12.69 26.53 -6.63
C ALA C 611 -11.26 26.27 -7.07
N GLU C 612 -10.83 25.02 -7.05
CA GLU C 612 -9.50 24.68 -7.58
C GLU C 612 -9.46 24.85 -9.08
N ILE C 613 -10.57 24.62 -9.78
CA ILE C 613 -10.65 24.96 -11.20
C ILE C 613 -10.66 26.47 -11.37
N GLY C 614 -11.39 27.17 -10.51
CA GLY C 614 -11.49 28.61 -10.61
C GLY C 614 -10.22 29.38 -10.29
N TRP C 615 -9.29 28.77 -9.55
CA TRP C 615 -8.12 29.51 -9.10
C TRP C 615 -7.10 29.76 -10.21
N GLU C 616 -6.96 28.84 -11.17
CA GLU C 616 -5.96 29.06 -12.22
C GLU C 616 -6.39 30.09 -13.24
N GLN C 617 -7.65 30.52 -13.24
CA GLN C 617 -8.10 31.56 -14.15
C GLN C 617 -7.88 32.95 -13.58
N CYS C 618 -7.39 33.07 -12.35
CA CYS C 618 -7.22 34.36 -11.70
C CYS C 618 -5.98 35.08 -12.23
N ARG C 619 -5.94 36.39 -11.98
CA ARG C 619 -4.84 37.21 -12.45
C ARG C 619 -3.71 37.29 -11.41
N ASP C 620 -4.04 37.67 -10.18
CA ASP C 620 -3.08 37.66 -9.08
C ASP C 620 -3.50 36.61 -8.07
N CYS C 621 -2.57 35.73 -7.72
CA CYS C 621 -2.93 34.56 -6.94
C CYS C 621 -2.27 34.49 -5.58
N ILE C 622 -1.64 35.56 -5.12
CA ILE C 622 -1.20 35.65 -3.73
C ILE C 622 -2.18 36.46 -2.91
N ALA C 623 -2.96 37.33 -3.55
CA ALA C 623 -4.02 38.02 -2.84
C ALA C 623 -5.31 37.21 -2.82
N ALA C 624 -5.58 36.46 -3.88
CA ALA C 624 -6.82 35.69 -3.99
C ALA C 624 -6.89 34.57 -2.96
N ALA C 625 -5.78 33.86 -2.78
CA ALA C 625 -5.77 32.74 -1.84
C ALA C 625 -5.91 33.21 -0.40
N LEU C 626 -5.27 34.34 -0.07
CA LEU C 626 -5.37 34.84 1.29
C LEU C 626 -6.74 35.45 1.57
N ALA C 627 -7.36 36.08 0.56
CA ALA C 627 -8.72 36.58 0.73
C ALA C 627 -9.71 35.44 0.90
N ALA C 628 -9.51 34.35 0.16
CA ALA C 628 -10.36 33.17 0.32
C ALA C 628 -10.18 32.55 1.68
N SER C 629 -8.94 32.52 2.19
CA SER C 629 -8.68 31.96 3.52
C SER C 629 -9.35 32.78 4.61
N LYS C 630 -9.32 34.10 4.48
CA LYS C 630 -9.97 34.95 5.49
C LYS C 630 -11.49 34.81 5.45
N ILE C 631 -12.07 34.76 4.24
CA ILE C 631 -13.51 34.58 4.09
C ILE C 631 -13.96 33.24 4.67
N LEU C 632 -13.19 32.17 4.41
CA LEU C 632 -13.55 30.86 4.93
C LEU C 632 -13.44 30.80 6.45
N ARG C 633 -12.41 31.42 7.03
CA ARG C 633 -12.28 31.35 8.48
C ARG C 633 -13.34 32.17 9.19
N LYS C 634 -13.72 33.33 8.65
CA LYS C 634 -14.79 34.11 9.26
C LYS C 634 -16.14 33.41 9.12
N LEU C 635 -16.41 32.85 7.94
CA LEU C 635 -17.66 32.14 7.70
C LEU C 635 -17.74 30.84 8.49
N ALA C 636 -16.60 30.23 8.79
CA ALA C 636 -16.58 29.07 9.67
C ALA C 636 -16.78 29.47 11.12
N GLN C 637 -16.33 30.66 11.50
CA GLN C 637 -16.54 31.10 12.88
C GLN C 637 -18.01 31.42 13.16
N GLU C 638 -18.64 32.23 12.30
CA GLU C 638 -19.96 32.75 12.67
C GLU C 638 -21.12 31.82 12.31
N SER C 639 -20.85 30.55 11.99
CA SER C 639 -21.93 29.61 11.67
C SER C 639 -22.77 29.29 12.90
N GLY C 640 -22.14 28.74 13.94
CA GLY C 640 -22.83 28.44 15.18
C GLY C 640 -23.62 27.16 15.22
N GLU C 641 -24.62 27.03 14.34
CA GLU C 641 -25.56 25.91 14.44
C GLU C 641 -24.93 24.59 13.97
N ASP C 642 -24.45 24.54 12.73
CA ASP C 642 -23.99 23.31 12.12
C ASP C 642 -22.47 23.27 12.18
N ASP C 643 -21.93 22.22 12.81
CA ASP C 643 -20.49 22.09 13.00
C ASP C 643 -19.93 20.80 12.41
N SER C 644 -20.73 20.10 11.59
CA SER C 644 -20.15 19.03 10.78
C SER C 644 -19.50 19.61 9.53
N GLU C 645 -20.14 20.59 8.92
CA GLU C 645 -19.59 21.27 7.76
C GLU C 645 -18.56 22.31 8.16
N GLU C 646 -18.98 23.29 8.95
CA GLU C 646 -18.24 24.53 9.15
C GLU C 646 -16.92 24.33 9.86
N ALA C 647 -16.77 23.27 10.64
CA ALA C 647 -15.46 23.00 11.22
C ALA C 647 -14.54 22.35 10.19
N THR C 648 -14.90 21.13 9.77
CA THR C 648 -13.97 20.28 9.03
C THR C 648 -13.71 20.84 7.64
N GLU C 649 -14.78 21.05 6.86
CA GLU C 649 -14.62 21.41 5.45
C GLU C 649 -14.02 22.80 5.31
N MET C 650 -14.53 23.75 6.06
CA MET C 650 -14.09 25.13 5.90
C MET C 650 -12.68 25.35 6.45
N LEU C 651 -12.36 24.78 7.62
CA LEU C 651 -11.01 25.00 8.13
C LEU C 651 -9.97 24.24 7.32
N GLU C 652 -10.32 23.07 6.78
CA GLU C 652 -9.36 22.35 5.94
C GLU C 652 -9.14 23.06 4.62
N LEU C 653 -10.20 23.65 4.05
CA LEU C 653 -10.06 24.38 2.80
C LEU C 653 -9.29 25.69 3.01
N ALA C 654 -9.47 26.34 4.16
CA ALA C 654 -8.72 27.55 4.46
C ALA C 654 -7.24 27.26 4.64
N ASN C 655 -6.91 26.15 5.33
CA ASN C 655 -5.51 25.76 5.44
C ASN C 655 -4.92 25.36 4.11
N HIS C 656 -5.74 24.78 3.22
CA HIS C 656 -5.28 24.44 1.87
C HIS C 656 -4.90 25.68 1.07
N TYR C 657 -5.73 26.72 1.11
CA TYR C 657 -5.38 27.92 0.35
C TYR C 657 -4.25 28.71 0.99
N GLU C 658 -4.11 28.65 2.31
CA GLU C 658 -2.93 29.21 2.94
C GLU C 658 -1.65 28.53 2.46
N LYS C 659 -1.68 27.19 2.38
CA LYS C 659 -0.51 26.45 1.90
C LYS C 659 -0.21 26.74 0.42
N GLN C 660 -1.25 26.95 -0.39
CA GLN C 660 -1.02 27.32 -1.80
C GLN C 660 -0.36 28.68 -1.93
N ALA C 661 -0.81 29.66 -1.13
CA ALA C 661 -0.21 30.99 -1.18
C ALA C 661 1.25 30.95 -0.72
N ILE C 662 1.55 30.17 0.32
CA ILE C 662 2.92 30.04 0.81
C ILE C 662 3.80 29.39 -0.25
N GLY C 663 3.27 28.40 -0.97
CA GLY C 663 4.05 27.75 -2.02
C GLY C 663 4.38 28.67 -3.18
N VAL C 664 3.40 29.47 -3.62
CA VAL C 664 3.64 30.41 -4.72
C VAL C 664 4.63 31.48 -4.30
N PHE C 665 4.50 32.02 -3.09
CA PHE C 665 5.42 33.07 -2.67
C PHE C 665 6.83 32.54 -2.39
N SER C 666 6.95 31.32 -1.87
CA SER C 666 8.29 30.77 -1.68
C SER C 666 8.92 30.32 -2.97
N GLU C 667 8.13 30.11 -4.02
CA GLU C 667 8.72 29.95 -5.35
C GLU C 667 9.19 31.29 -5.91
N CYS C 668 8.41 32.35 -5.68
CA CYS C 668 8.79 33.67 -6.19
C CYS C 668 10.01 34.24 -5.46
N HIS C 669 10.17 33.92 -4.17
CA HIS C 669 11.21 34.56 -3.39
C HIS C 669 12.59 34.01 -3.70
N SER C 670 12.68 32.75 -4.14
CA SER C 670 13.99 32.16 -4.43
C SER C 670 14.59 32.74 -5.70
N TRP C 671 13.77 32.97 -6.72
CA TRP C 671 14.20 33.47 -8.06
C TRP C 671 14.75 34.90 -8.07
N ASP C 672 14.09 35.84 -7.43
CA ASP C 672 14.51 37.25 -7.46
C ASP C 672 14.95 37.77 -6.10
N ALA C 673 14.15 37.54 -5.06
CA ALA C 673 14.33 37.93 -3.66
C ALA C 673 14.24 39.44 -3.42
N GLN C 674 14.10 40.26 -4.45
CA GLN C 674 13.99 41.70 -4.30
C GLN C 674 12.72 42.24 -4.96
N ARG C 675 12.07 41.46 -5.82
CA ARG C 675 10.76 41.78 -6.38
C ARG C 675 9.63 41.26 -5.51
N ALA C 676 9.85 40.13 -4.82
CA ALA C 676 8.92 39.60 -3.83
C ALA C 676 8.50 40.64 -2.79
N GLN C 677 9.44 41.46 -2.34
CA GLN C 677 9.08 42.50 -1.38
C GLN C 677 8.28 43.60 -2.04
N LYS C 678 8.46 43.81 -3.34
CA LYS C 678 7.58 44.72 -4.05
C LYS C 678 6.19 44.11 -4.21
N LEU C 679 6.13 42.79 -4.31
CA LEU C 679 4.87 42.10 -4.55
C LEU C 679 4.01 42.07 -3.29
N LEU C 680 4.63 41.99 -2.12
CA LEU C 680 3.86 41.93 -0.88
C LEU C 680 3.24 43.26 -0.46
N ILE C 681 3.62 44.38 -1.07
CA ILE C 681 3.28 45.69 -0.53
C ILE C 681 2.40 46.51 -1.46
N ARG C 682 2.04 46.00 -2.63
CA ARG C 682 1.28 46.80 -3.58
C ARG C 682 -0.20 46.79 -3.23
N ILE C 683 -0.97 47.57 -3.97
CA ILE C 683 -2.41 47.60 -3.85
C ILE C 683 -3.00 46.78 -4.97
N SER C 684 -3.78 45.77 -4.62
CA SER C 684 -4.51 45.11 -5.70
C SER C 684 -5.90 45.72 -5.80
N PRO C 685 -6.31 46.22 -6.96
CA PRO C 685 -7.65 46.80 -7.07
C PRO C 685 -8.74 45.76 -7.14
N SER C 686 -8.41 44.50 -7.42
CA SER C 686 -9.40 43.46 -7.62
C SER C 686 -9.91 42.87 -6.33
N TRP C 687 -9.43 43.31 -5.17
CA TRP C 687 -9.92 42.76 -3.92
C TRP C 687 -10.23 43.88 -2.94
N GLY C 688 -10.85 44.94 -3.46
CA GLY C 688 -11.27 46.02 -2.61
C GLY C 688 -10.17 46.95 -2.16
N ARG C 689 -9.18 47.19 -3.02
CA ARG C 689 -8.12 48.18 -2.83
C ARG C 689 -7.28 47.89 -1.58
N SER C 690 -7.16 46.62 -1.21
CA SER C 690 -6.41 46.26 -0.02
C SER C 690 -5.12 45.54 -0.41
N THR C 691 -4.13 45.66 0.46
CA THR C 691 -2.82 45.08 0.22
C THR C 691 -2.80 43.61 0.64
N CYS C 692 -1.79 42.90 0.17
CA CYS C 692 -1.67 41.47 0.44
C CYS C 692 -1.24 41.21 1.88
N LEU C 693 -0.44 42.09 2.45
CA LEU C 693 0.10 41.87 3.79
C LEU C 693 -0.99 42.01 4.85
N TRP C 694 -1.94 42.93 4.63
CA TRP C 694 -3.03 43.09 5.59
C TRP C 694 -3.97 41.89 5.56
N LEU C 695 -4.24 41.35 4.36
CA LEU C 695 -4.99 40.10 4.26
C LEU C 695 -4.24 38.95 4.89
N ALA C 696 -2.90 38.98 4.85
CA ALA C 696 -2.13 37.88 5.42
C ALA C 696 -2.18 37.91 6.95
N LEU C 697 -1.99 39.07 7.55
CA LEU C 697 -1.90 39.09 9.01
C LEU C 697 -3.24 39.36 9.70
N GLU C 698 -4.28 39.76 8.97
CA GLU C 698 -5.56 39.96 9.62
C GLU C 698 -6.25 38.65 9.95
N ALA C 699 -6.00 37.60 9.16
CA ALA C 699 -6.64 36.31 9.36
C ALA C 699 -5.80 35.35 10.18
N HIS C 700 -4.69 35.82 10.76
CA HIS C 700 -3.81 35.04 11.65
C HIS C 700 -3.24 33.80 10.96
N ASP C 701 -2.65 34.00 9.78
CA ASP C 701 -2.00 32.92 9.04
C ASP C 701 -0.60 32.65 9.59
N LYS C 702 -0.49 31.63 10.45
CA LYS C 702 0.76 31.31 11.19
C LYS C 702 1.95 30.89 10.31
N SER C 703 1.71 30.06 9.28
CA SER C 703 2.80 29.54 8.47
C SER C 703 3.24 30.50 7.39
N PHE C 704 2.40 31.47 7.02
CA PHE C 704 2.81 32.50 6.08
C PHE C 704 3.69 33.54 6.73
N ILE C 705 3.62 33.70 8.05
CA ILE C 705 4.43 34.70 8.74
C ILE C 705 5.66 34.05 9.36
N ALA C 706 5.65 32.72 9.54
CA ALA C 706 6.89 32.02 9.89
C ALA C 706 7.89 31.98 8.74
N HIS C 707 7.49 32.36 7.52
CA HIS C 707 8.38 32.37 6.37
C HIS C 707 9.41 33.48 6.48
N SER C 708 10.54 33.29 5.80
CA SER C 708 11.71 34.15 6.01
C SER C 708 11.55 35.51 5.34
N GLY C 709 10.91 35.56 4.17
CA GLY C 709 10.88 36.80 3.41
C GLY C 709 10.04 37.88 4.06
N VAL C 710 8.94 37.48 4.70
CA VAL C 710 8.09 38.44 5.39
C VAL C 710 8.81 38.99 6.62
N GLN C 711 9.58 38.14 7.30
CA GLN C 711 10.37 38.60 8.44
C GLN C 711 11.49 39.52 8.02
N ALA C 712 12.11 39.27 6.87
CA ALA C 712 13.13 40.18 6.36
C ALA C 712 12.54 41.53 5.98
N LEU C 713 11.33 41.52 5.41
CA LEU C 713 10.66 42.76 5.06
C LEU C 713 10.26 43.54 6.31
N LEU C 714 9.79 42.85 7.35
CA LEU C 714 9.42 43.53 8.59
C LEU C 714 10.64 44.07 9.33
N THR C 715 11.75 43.34 9.31
CA THR C 715 12.97 43.85 9.94
C THR C 715 13.51 45.06 9.18
N GLN C 716 13.40 45.04 7.85
CA GLN C 716 13.79 46.18 7.03
C GLN C 716 12.92 47.40 7.32
N ILE C 717 11.64 47.21 7.62
CA ILE C 717 10.79 48.34 8.02
C ILE C 717 11.19 48.82 9.42
N TRP C 718 11.34 47.88 10.35
CA TRP C 718 11.61 48.19 11.77
C TRP C 718 12.89 48.96 11.95
N CYS C 719 13.95 48.57 11.23
CA CYS C 719 15.22 49.24 11.42
C CYS C 719 15.24 50.63 10.79
N GLY C 720 14.33 50.91 9.86
CA GLY C 720 14.17 52.26 9.35
C GLY C 720 15.29 52.66 8.42
N GLU C 721 15.75 53.91 8.58
CA GLU C 721 16.86 54.47 7.77
C GLU C 721 18.16 53.70 8.05
N LEU C 722 18.40 53.37 9.32
CA LEU C 722 19.65 52.67 9.74
C LEU C 722 19.70 51.27 9.11
N SER C 723 20.89 50.87 8.64
CA SER C 723 21.11 49.54 8.02
C SER C 723 21.09 48.45 9.09
N VAL C 724 20.66 47.23 8.73
CA VAL C 724 20.61 46.10 9.67
C VAL C 724 22.01 45.63 10.07
N ASP C 725 22.03 44.58 10.86
CA ASP C 725 23.23 43.99 11.44
C ASP C 725 23.91 44.91 12.45
N ASN C 726 23.37 46.08 12.75
CA ASN C 726 23.77 46.79 13.94
C ASN C 726 23.32 45.99 15.16
N PRO C 727 24.21 45.70 16.11
CA PRO C 727 23.79 44.99 17.32
C PRO C 727 22.93 45.88 18.21
N HIS C 728 22.29 45.22 19.20
CA HIS C 728 21.29 45.89 20.01
C HIS C 728 21.88 46.97 20.91
N TRP C 729 23.05 46.70 21.52
CA TRP C 729 23.62 47.66 22.46
C TRP C 729 24.12 48.91 21.77
N LYS C 730 24.56 48.78 20.52
CA LYS C 730 25.13 49.91 19.80
C LYS C 730 24.09 50.99 19.53
N VAL C 731 22.84 50.59 19.29
CA VAL C 731 21.76 51.55 19.07
C VAL C 731 21.50 52.37 20.32
N LEU C 732 21.46 51.72 21.48
CA LEU C 732 21.21 52.44 22.73
C LEU C 732 22.41 53.29 23.13
N LEU C 733 23.63 52.81 22.88
CA LEU C 733 24.82 53.58 23.21
C LEU C 733 24.96 54.80 22.32
N CYS C 734 24.55 54.70 21.06
CA CYS C 734 24.53 55.89 20.21
C CYS C 734 23.34 56.78 20.50
N MET C 735 22.25 56.23 21.07
CA MET C 735 21.17 57.07 21.55
C MET C 735 21.58 57.88 22.76
N ILE C 736 22.51 57.35 23.57
CA ILE C 736 23.03 58.10 24.71
C ILE C 736 23.95 59.22 24.24
N PHE C 737 25.01 58.87 23.50
CA PHE C 737 26.00 59.82 23.00
C PHE C 737 25.75 60.07 21.52
N PHE C 738 25.33 61.28 21.17
CA PHE C 738 25.01 61.60 19.78
C PHE C 738 26.19 61.57 18.80
N PRO C 739 27.39 62.15 19.08
CA PRO C 739 28.45 62.09 18.04
C PRO C 739 29.04 60.72 17.80
N LEU C 740 28.78 59.74 18.68
CA LEU C 740 29.24 58.38 18.47
C LEU C 740 28.67 57.78 17.19
N ILE C 741 27.42 58.12 16.84
CA ILE C 741 26.86 57.73 15.56
C ILE C 741 27.63 58.38 14.42
N TYR C 742 28.01 59.65 14.60
CA TYR C 742 28.75 60.38 13.56
C TYR C 742 30.18 59.90 13.42
N THR C 743 30.69 59.13 14.37
CA THR C 743 32.07 58.63 14.31
C THR C 743 32.20 57.34 13.49
N GLY C 744 31.17 56.95 12.75
CA GLY C 744 31.24 55.74 11.96
C GLY C 744 30.95 54.46 12.72
N PHE C 745 30.35 54.58 13.90
CA PHE C 745 30.13 53.40 14.72
C PHE C 745 28.93 52.59 14.22
N LEU C 746 27.96 53.25 13.62
CA LEU C 746 26.75 52.59 13.11
C LEU C 746 26.81 52.53 11.60
N THR C 747 26.64 51.32 11.05
CA THR C 747 26.45 51.21 9.62
C THR C 747 25.05 51.71 9.26
N PHE C 748 24.96 52.45 8.15
CA PHE C 748 23.67 52.98 7.72
C PHE C 748 23.28 52.32 6.40
N ARG C 749 22.03 52.59 5.99
CA ARG C 749 21.52 52.06 4.73
C ARG C 749 22.21 52.70 3.54
N ARG C 750 22.17 54.04 3.48
CA ARG C 750 22.72 54.88 2.43
C ARG C 750 24.15 54.55 2.03
N ASP C 751 25.06 54.59 3.01
CA ASP C 751 26.48 54.36 2.75
C ASP C 751 26.73 52.95 2.23
N GLU C 752 26.13 51.95 2.87
CA GLU C 752 26.31 50.56 2.43
C GLU C 752 25.72 50.32 1.05
N ASP C 753 24.55 50.91 0.78
CA ASP C 753 23.89 50.74 -0.51
C ASP C 753 24.68 51.40 -1.63
N ILE C 754 25.13 52.63 -1.43
CA ILE C 754 25.85 53.34 -2.48
C ILE C 754 27.27 52.81 -2.60
N GLN C 755 27.79 52.16 -1.54
CA GLN C 755 29.11 51.55 -1.61
C GLN C 755 29.06 50.22 -2.36
N ARG C 756 28.06 49.39 -2.09
CA ARG C 756 27.97 48.10 -2.79
C ARG C 756 27.46 48.27 -4.21
N GLN C 757 26.34 48.98 -4.39
CA GLN C 757 25.58 49.08 -5.63
C GLN C 757 26.38 49.67 -6.79
N ALA C 758 26.90 50.88 -6.58
CA ALA C 758 27.77 51.53 -7.55
C ALA C 758 28.98 50.67 -7.91
N GLU C 759 29.68 50.16 -6.90
CA GLU C 759 30.97 49.50 -7.13
C GLU C 759 30.80 48.13 -7.79
N ARG C 760 29.87 47.31 -7.29
CA ARG C 760 29.63 45.96 -7.82
C ARG C 760 29.20 45.98 -9.28
N THR C 761 28.26 46.88 -9.63
CA THR C 761 27.83 47.02 -11.01
C THR C 761 28.95 47.50 -11.91
N GLN C 762 29.76 48.47 -11.45
CA GLN C 762 30.80 49.04 -12.29
C GLN C 762 31.98 48.08 -12.47
N GLN C 763 32.45 47.48 -11.37
CA GLN C 763 33.65 46.65 -11.43
C GLN C 763 33.41 45.35 -12.20
N LYS C 764 32.20 44.81 -12.10
CA LYS C 764 31.83 43.67 -12.94
C LYS C 764 31.68 44.08 -14.40
N LEU C 765 31.28 45.33 -14.65
CA LEU C 765 31.16 45.82 -16.02
C LEU C 765 32.54 46.02 -16.64
N LEU C 792 19.24 58.31 -5.12
CA LEU C 792 20.62 57.95 -5.46
C LEU C 792 21.55 59.12 -5.22
N LYS C 793 21.53 59.65 -4.00
CA LYS C 793 22.34 60.78 -3.59
C LYS C 793 23.15 60.42 -2.35
N PRO C 794 24.33 61.01 -2.17
CA PRO C 794 25.10 60.76 -0.95
C PRO C 794 24.53 61.53 0.23
N LEU C 795 24.41 60.86 1.39
CA LEU C 795 23.96 61.50 2.61
C LEU C 795 24.93 62.60 3.03
N ASN C 796 24.40 63.79 3.28
CA ASN C 796 25.22 64.98 3.44
C ASN C 796 25.03 65.54 4.84
N CYS C 797 25.74 66.64 5.10
CA CYS C 797 26.20 67.18 6.39
C CYS C 797 25.15 67.10 7.50
N SER C 798 23.97 67.71 7.35
CA SER C 798 23.03 67.77 8.45
C SER C 798 21.79 66.88 8.27
N SER C 799 21.75 66.05 7.23
CA SER C 799 20.54 65.23 7.03
C SER C 799 20.51 64.01 7.94
N ARG C 800 21.69 63.56 8.37
CA ARG C 800 21.81 62.30 9.11
C ARG C 800 21.14 62.35 10.47
N LEU C 801 21.05 63.55 11.07
CA LEU C 801 20.40 63.70 12.36
C LEU C 801 18.91 63.41 12.27
N MET C 802 18.23 64.03 11.31
CA MET C 802 16.80 63.75 11.11
C MET C 802 16.58 62.33 10.60
N SER C 803 17.53 61.80 9.81
CA SER C 803 17.42 60.42 9.34
C SER C 803 17.55 59.43 10.47
N PHE C 804 18.37 59.73 11.49
CA PHE C 804 18.48 58.86 12.65
C PHE C 804 17.29 59.02 13.59
N LEU C 805 16.76 60.23 13.71
CA LEU C 805 15.64 60.45 14.61
C LEU C 805 14.31 60.03 13.99
N LYS C 806 14.26 59.76 12.68
CA LYS C 806 13.04 59.26 12.08
C LYS C 806 12.87 57.76 12.20
N SER C 807 13.83 57.05 12.77
CA SER C 807 13.75 55.59 12.81
C SER C 807 12.76 55.14 13.88
N PRO C 808 12.01 54.06 13.62
CA PRO C 808 11.06 53.58 14.64
C PRO C 808 11.72 52.84 15.79
N GLN C 809 12.83 52.14 15.53
CA GLN C 809 13.49 51.35 16.56
C GLN C 809 14.01 52.22 17.68
N VAL C 810 14.61 53.36 17.32
CA VAL C 810 15.12 54.30 18.31
C VAL C 810 13.95 54.99 19.02
N LYS C 811 12.86 55.23 18.29
CA LYS C 811 11.70 55.91 18.84
C LYS C 811 11.00 55.06 19.89
N PHE C 812 11.05 53.73 19.74
CA PHE C 812 10.50 52.82 20.75
C PHE C 812 11.19 52.99 22.10
N TYR C 813 12.53 53.02 22.11
CA TYR C 813 13.26 53.19 23.36
C TYR C 813 13.03 54.59 23.95
N TRP C 814 13.04 55.61 23.10
CA TRP C 814 12.82 56.96 23.61
C TRP C 814 11.38 57.23 24.03
N ASN C 815 10.45 56.35 23.69
CA ASN C 815 9.12 56.45 24.27
C ASN C 815 8.98 55.64 25.55
N ILE C 816 9.63 54.46 25.62
CA ILE C 816 9.45 53.63 26.81
C ILE C 816 10.21 54.23 28.00
N ALA C 817 11.30 54.97 27.75
CA ALA C 817 12.01 55.61 28.85
C ALA C 817 11.21 56.76 29.43
N SER C 818 10.55 57.54 28.57
CA SER C 818 9.67 58.61 29.05
C SER C 818 8.46 58.05 29.79
N TYR C 819 8.00 56.85 29.41
CA TYR C 819 6.89 56.26 30.13
C TYR C 819 7.29 55.81 31.53
N PHE C 820 8.49 55.21 31.67
CA PHE C 820 8.99 54.92 33.02
C PHE C 820 9.20 56.18 33.85
N GLY C 821 9.66 57.26 33.20
CA GLY C 821 9.78 58.53 33.91
C GLY C 821 8.44 59.06 34.39
N PHE C 822 7.38 58.85 33.59
CA PHE C 822 6.04 59.23 34.00
C PHE C 822 5.56 58.41 35.20
N LEU C 823 5.84 57.10 35.20
CA LEU C 823 5.41 56.27 36.32
C LEU C 823 6.12 56.66 37.61
N TRP C 824 7.42 56.99 37.52
CA TRP C 824 8.14 57.38 38.73
C TRP C 824 7.68 58.75 39.24
N LEU C 825 7.38 59.67 38.32
CA LEU C 825 6.84 60.98 38.70
C LEU C 825 5.48 60.84 39.38
N PHE C 826 4.60 60.00 38.84
CA PHE C 826 3.29 59.83 39.46
C PHE C 826 3.41 59.12 40.80
N ALA C 827 4.38 58.20 40.93
CA ALA C 827 4.59 57.50 42.19
C ALA C 827 5.09 58.43 43.28
N VAL C 828 5.97 59.37 42.93
CA VAL C 828 6.44 60.29 43.98
C VAL C 828 5.36 61.32 44.32
N VAL C 829 4.56 61.74 43.32
CA VAL C 829 3.54 62.76 43.56
C VAL C 829 2.39 62.19 44.38
N LEU C 830 1.97 60.96 44.10
CA LEU C 830 0.79 60.39 44.76
C LEU C 830 1.03 60.12 46.24
N MET C 831 2.25 59.74 46.61
CA MET C 831 2.56 59.39 47.99
C MET C 831 3.20 60.51 48.78
N ILE C 832 4.32 61.09 48.31
CA ILE C 832 5.12 61.95 49.18
C ILE C 832 4.45 63.30 49.38
N ASP C 833 4.05 63.97 48.31
CA ASP C 833 3.43 65.28 48.45
C ASP C 833 2.12 65.35 47.67
N PHE C 834 1.01 65.26 48.39
CA PHE C 834 -0.31 65.51 47.83
C PHE C 834 -0.96 66.55 48.73
N GLN C 835 -0.65 67.82 48.47
CA GLN C 835 -1.04 68.90 49.37
C GLN C 835 -2.48 69.32 49.13
N THR C 836 -3.01 70.08 50.08
CA THR C 836 -4.32 70.73 49.98
C THR C 836 -4.42 71.61 48.75
N SER C 837 -3.36 72.33 48.43
CA SER C 837 -3.27 73.08 47.19
C SER C 837 -2.36 72.35 46.21
N PRO C 838 -2.59 72.46 44.90
CA PRO C 838 -1.71 71.78 43.93
C PRO C 838 -0.31 72.36 43.88
N SER C 839 0.67 71.58 44.36
CA SER C 839 2.05 72.02 44.34
C SER C 839 2.60 72.02 42.91
N TRP C 840 3.73 72.71 42.74
CA TRP C 840 4.38 72.90 41.41
C TRP C 840 4.74 71.54 40.81
N ARG C 841 5.15 70.60 41.65
CA ARG C 841 5.51 69.24 41.18
C ARG C 841 4.27 68.62 40.53
N GLU C 842 3.08 68.86 41.09
CA GLU C 842 1.86 68.28 40.53
C GLU C 842 1.37 68.95 39.25
N LEU C 843 1.96 70.07 38.83
CA LEU C 843 1.53 70.73 37.60
C LEU C 843 2.04 70.01 36.36
N LEU C 844 3.25 69.45 36.47
CA LEU C 844 3.88 68.73 35.38
C LEU C 844 3.04 67.52 34.96
N LEU C 845 2.37 66.90 35.92
CA LEU C 845 1.42 65.83 35.69
C LEU C 845 0.31 66.27 34.74
N TYR C 846 -0.21 67.48 34.96
CA TYR C 846 -1.35 67.95 34.17
C TYR C 846 -0.91 68.33 32.77
N VAL C 847 0.28 68.96 32.66
CA VAL C 847 0.85 69.30 31.36
C VAL C 847 1.16 68.03 30.56
N TRP C 848 1.68 67.01 31.23
CA TRP C 848 1.94 65.70 30.61
C TRP C 848 0.67 65.11 30.05
N LEU C 849 -0.39 65.10 30.86
CA LEU C 849 -1.63 64.49 30.36
C LEU C 849 -2.12 65.28 29.16
N THR C 850 -2.10 66.61 29.24
CA THR C 850 -2.57 67.40 28.11
C THR C 850 -1.86 67.00 26.82
N SER C 851 -0.54 66.83 26.88
CA SER C 851 0.21 66.37 25.71
C SER C 851 -0.20 64.96 25.29
N LEU C 852 -0.49 64.09 26.26
CA LEU C 852 -0.89 62.72 25.93
C LEU C 852 -2.27 62.66 25.28
N VAL C 853 -3.20 63.50 25.73
CA VAL C 853 -4.53 63.55 25.13
C VAL C 853 -4.46 64.10 23.71
N CYS C 854 -3.63 65.12 23.49
CA CYS C 854 -3.42 65.63 22.13
C CYS C 854 -2.81 64.55 21.22
N GLU C 855 -1.89 63.74 21.77
CA GLU C 855 -1.35 62.61 21.03
C GLU C 855 -2.42 61.60 20.65
N GLU C 856 -3.33 61.29 21.57
CA GLU C 856 -4.40 60.34 21.26
C GLU C 856 -5.39 60.89 20.23
N ILE C 857 -5.63 62.21 20.26
CA ILE C 857 -6.51 62.82 19.25
C ILE C 857 -5.87 62.76 17.87
N ARG C 858 -4.54 62.98 17.79
CA ARG C 858 -3.85 62.86 16.51
C ARG C 858 -3.84 61.42 16.01
N GLN C 859 -3.72 60.43 16.92
CA GLN C 859 -3.81 59.03 16.44
C GLN C 859 -5.21 58.84 15.87
N LEU C 860 -6.25 59.33 16.57
CA LEU C 860 -7.59 59.17 16.02
C LEU C 860 -7.69 59.77 14.62
N TYR C 861 -7.05 60.93 14.40
CA TYR C 861 -7.18 61.61 13.11
C TYR C 861 -6.47 60.86 11.98
N HIS C 862 -5.20 60.53 12.17
CA HIS C 862 -4.37 60.15 11.03
C HIS C 862 -3.68 58.81 11.25
N ASP C 863 -4.46 57.81 11.67
CA ASP C 863 -4.03 56.43 11.57
C ASP C 863 -4.49 55.80 10.25
N PHE C 864 -5.71 56.12 9.83
CA PHE C 864 -6.23 55.71 8.54
C PHE C 864 -6.78 56.96 7.83
N ASP C 865 -7.16 56.79 6.57
CA ASP C 865 -7.57 57.91 5.72
C ASP C 865 -8.97 57.63 5.16
N GLY C 866 -9.87 57.21 6.04
CA GLY C 866 -11.20 56.81 5.62
C GLY C 866 -12.10 57.96 5.19
N SER C 867 -11.86 59.15 5.73
CA SER C 867 -12.53 60.44 5.47
C SER C 867 -13.95 60.48 6.03
N GLY C 868 -14.39 59.49 6.79
CA GLY C 868 -15.69 59.53 7.44
C GLY C 868 -15.56 59.45 8.95
N PHE C 869 -16.35 60.26 9.68
CA PHE C 869 -16.25 60.28 11.13
C PHE C 869 -16.73 58.98 11.77
N ARG C 870 -17.76 58.35 11.18
CA ARG C 870 -18.09 57.00 11.61
C ARG C 870 -17.01 56.02 11.17
N ARG C 871 -16.46 56.22 9.98
CA ARG C 871 -15.43 55.35 9.42
C ARG C 871 -14.14 55.39 10.23
N LYS C 872 -13.80 56.55 10.80
CA LYS C 872 -12.60 56.64 11.62
C LYS C 872 -12.83 56.10 13.03
N ALA C 873 -13.89 56.59 13.69
CA ALA C 873 -14.12 56.26 15.09
C ALA C 873 -14.51 54.81 15.28
N LYS C 874 -15.23 54.24 14.29
CA LYS C 874 -15.68 52.86 14.39
C LYS C 874 -14.51 51.88 14.37
N MET C 875 -13.48 52.18 13.59
CA MET C 875 -12.29 51.33 13.65
C MET C 875 -11.37 51.72 14.79
N TYR C 876 -11.45 52.98 15.25
CA TYR C 876 -10.59 53.41 16.36
C TYR C 876 -10.99 52.75 17.67
N ILE C 877 -12.29 52.66 17.93
CA ILE C 877 -12.76 52.02 19.16
C ILE C 877 -12.67 50.50 19.10
N LYS C 878 -12.49 49.93 17.92
CA LYS C 878 -12.33 48.48 17.78
C LYS C 878 -10.97 47.96 18.26
N ASP C 879 -10.11 48.83 18.78
CA ASP C 879 -8.80 48.50 19.30
C ASP C 879 -8.97 47.96 20.73
N LEU C 880 -7.88 47.68 21.42
CA LEU C 880 -7.93 47.36 22.84
C LEU C 880 -6.98 48.24 23.66
N TRP C 881 -5.81 48.53 23.12
CA TRP C 881 -4.87 49.42 23.79
C TRP C 881 -5.46 50.82 23.89
N ASN C 882 -6.18 51.24 22.86
CA ASN C 882 -6.88 52.51 22.89
C ASN C 882 -8.00 52.52 23.92
N ILE C 883 -8.66 51.37 24.13
CA ILE C 883 -9.66 51.27 25.19
C ILE C 883 -9.03 51.48 26.56
N LEU C 884 -7.87 50.86 26.78
CA LEU C 884 -7.17 51.01 28.09
C LEU C 884 -6.80 52.49 28.28
N ASP C 885 -6.31 53.14 27.21
CA ASP C 885 -5.92 54.58 27.26
C ASP C 885 -7.16 55.44 27.50
N VAL C 886 -8.28 55.11 26.87
CA VAL C 886 -9.54 55.89 27.00
C VAL C 886 -10.04 55.82 28.46
N LEU C 887 -9.94 54.65 29.07
CA LEU C 887 -10.39 54.47 30.47
C LEU C 887 -9.44 55.16 31.44
N SER C 888 -8.14 55.13 31.16
CA SER C 888 -7.17 55.81 32.01
C SER C 888 -7.38 57.32 32.00
N ILE C 889 -7.60 57.89 30.82
CA ILE C 889 -7.79 59.34 30.72
C ILE C 889 -9.10 59.78 31.36
N VAL C 890 -10.16 58.95 31.21
CA VAL C 890 -11.46 59.28 31.82
C VAL C 890 -11.37 59.25 33.34
N LEU C 891 -10.67 58.26 33.91
CA LEU C 891 -10.49 58.24 35.35
C LEU C 891 -9.64 59.42 35.84
N PHE C 892 -8.64 59.83 35.06
CA PHE C 892 -7.83 60.99 35.46
C PHE C 892 -8.65 62.28 35.41
N ILE C 893 -9.54 62.41 34.43
CA ILE C 893 -10.37 63.61 34.33
C ILE C 893 -11.39 63.66 35.46
N ALA C 894 -11.97 62.52 35.83
CA ALA C 894 -12.89 62.49 36.97
C ALA C 894 -12.16 62.83 38.27
N GLY C 895 -10.93 62.34 38.42
CA GLY C 895 -10.11 62.73 39.56
C GLY C 895 -9.80 64.22 39.58
N LEU C 896 -9.52 64.80 38.42
CA LEU C 896 -9.21 66.22 38.35
C LEU C 896 -10.42 67.09 38.62
N ILE C 897 -11.62 66.60 38.26
CA ILE C 897 -12.84 67.29 38.66
C ILE C 897 -13.00 67.27 40.18
N CYS C 898 -12.81 66.09 40.79
CA CYS C 898 -13.05 66.00 42.23
C CYS C 898 -11.94 66.65 43.06
N ARG C 899 -10.72 66.79 42.51
CA ARG C 899 -9.55 67.09 43.34
C ARG C 899 -9.49 68.53 43.83
N LEU C 900 -10.24 69.46 43.24
CA LEU C 900 -10.23 70.84 43.72
C LEU C 900 -11.60 71.22 44.24
N GLN C 901 -12.19 70.34 45.03
CA GLN C 901 -13.56 70.52 45.50
C GLN C 901 -13.65 71.64 46.54
N ALA C 902 -12.63 71.76 47.39
CA ALA C 902 -12.46 72.62 48.57
C ALA C 902 -13.36 72.17 49.72
N SER C 903 -14.04 71.03 49.60
CA SER C 903 -14.76 70.40 50.70
C SER C 903 -14.07 69.08 51.00
N ASP C 904 -13.86 68.81 52.30
CA ASP C 904 -13.00 67.71 52.73
C ASP C 904 -13.58 66.34 52.39
N THR C 905 -14.89 66.26 52.13
CA THR C 905 -15.54 64.97 51.89
C THR C 905 -15.07 64.34 50.57
N VAL C 906 -14.81 65.16 49.55
CA VAL C 906 -14.49 64.65 48.22
C VAL C 906 -12.99 64.58 47.97
N PHE C 907 -12.19 65.23 48.83
CA PHE C 907 -10.73 65.25 48.70
C PHE C 907 -10.14 63.86 48.83
N TYR C 908 -10.76 63.00 49.64
CA TYR C 908 -10.29 61.63 49.80
C TYR C 908 -10.69 60.76 48.61
N ILE C 909 -11.91 60.95 48.12
CA ILE C 909 -12.45 60.15 47.02
C ILE C 909 -11.65 60.40 45.74
N GLY C 910 -11.26 61.66 45.52
CA GLY C 910 -10.42 61.96 44.37
C GLY C 910 -9.07 61.27 44.40
N LYS C 911 -8.48 61.17 45.59
CA LYS C 911 -7.20 60.47 45.74
C LYS C 911 -7.37 58.98 45.44
N VAL C 912 -8.49 58.40 45.85
CA VAL C 912 -8.78 57.00 45.52
C VAL C 912 -8.93 56.81 44.01
N ILE C 913 -9.58 57.77 43.35
CA ILE C 913 -9.75 57.72 41.89
C ILE C 913 -8.39 57.79 41.18
N LEU C 914 -7.48 58.63 41.67
CA LEU C 914 -6.14 58.69 41.09
C LEU C 914 -5.36 57.40 41.32
N CYS C 915 -5.58 56.71 42.44
CA CYS C 915 -4.92 55.42 42.65
C CYS C 915 -5.41 54.37 41.66
N ILE C 916 -6.72 54.37 41.37
CA ILE C 916 -7.25 53.43 40.38
C ILE C 916 -6.73 53.78 38.98
N ASP C 917 -6.59 55.07 38.68
CA ASP C 917 -6.01 55.50 37.40
C ASP C 917 -4.54 55.08 37.29
N PHE C 918 -3.82 55.06 38.41
CA PHE C 918 -2.44 54.57 38.40
C PHE C 918 -2.40 53.08 38.09
N ILE C 919 -3.35 52.31 38.62
CA ILE C 919 -3.41 50.88 38.29
C ILE C 919 -3.68 50.68 36.81
N ILE C 920 -4.55 51.50 36.22
CA ILE C 920 -4.84 51.39 34.78
C ILE C 920 -3.60 51.76 33.94
N PHE C 921 -2.84 52.77 34.37
CA PHE C 921 -1.61 53.10 33.64
C PHE C 921 -0.58 51.98 33.74
N CYS C 922 -0.46 51.33 34.91
CA CYS C 922 0.57 50.33 35.09
C CYS C 922 0.19 49.04 34.37
N LEU C 923 -1.10 48.84 34.10
CA LEU C 923 -1.51 47.74 33.24
C LEU C 923 -1.36 48.10 31.75
N ARG C 924 -1.48 49.38 31.41
CA ARG C 924 -1.22 49.84 30.05
C ARG C 924 0.25 49.63 29.68
N LEU C 925 1.14 49.61 30.69
CA LEU C 925 2.51 49.14 30.43
C LEU C 925 2.52 47.70 29.91
N MET C 926 1.85 46.78 30.63
CA MET C 926 2.03 45.36 30.34
C MET C 926 1.31 44.95 29.07
N ALA C 927 0.28 45.72 28.69
CA ALA C 927 -0.41 45.50 27.42
C ALA C 927 0.53 45.58 26.23
N ILE C 928 1.57 46.42 26.30
CA ILE C 928 2.50 46.56 25.18
C ILE C 928 3.28 45.29 24.94
N PHE C 929 3.85 44.71 26.00
CA PHE C 929 4.78 43.59 25.85
C PHE C 929 4.10 42.24 25.91
N SER C 930 2.84 42.14 26.34
CA SER C 930 2.28 40.80 26.38
C SER C 930 1.09 40.60 25.47
N ILE C 931 0.04 41.40 25.64
CA ILE C 931 -1.25 41.17 24.99
C ILE C 931 -1.16 41.52 23.51
N SER C 932 -2.12 41.07 22.72
CA SER C 932 -2.19 41.40 21.30
C SER C 932 -3.31 42.40 21.05
N ARG C 933 -3.28 43.00 19.86
CA ARG C 933 -4.12 44.15 19.55
C ARG C 933 -5.58 43.78 19.35
N THR C 934 -5.84 42.65 18.70
CA THR C 934 -7.16 42.34 18.15
C THR C 934 -8.21 42.14 19.24
N LEU C 935 -9.35 42.81 19.07
CA LEU C 935 -10.42 42.76 20.07
C LEU C 935 -11.16 41.43 20.04
N GLY C 936 -11.39 40.89 18.84
CA GLY C 936 -12.19 39.70 18.64
C GLY C 936 -11.77 38.39 19.28
N PRO C 937 -10.53 37.92 19.03
CA PRO C 937 -10.13 36.61 19.57
C PRO C 937 -10.07 36.49 21.10
N LYS C 938 -10.03 37.60 21.83
CA LYS C 938 -9.98 37.53 23.30
C LYS C 938 -11.27 36.95 23.87
N ILE C 939 -12.42 37.44 23.37
CA ILE C 939 -13.75 37.10 23.90
C ILE C 939 -14.02 35.60 23.78
N ILE C 940 -13.48 34.97 22.73
CA ILE C 940 -13.76 33.57 22.38
C ILE C 940 -13.34 32.61 23.49
N ILE C 941 -12.26 32.94 24.20
CA ILE C 941 -11.78 32.11 25.30
C ILE C 941 -12.09 32.74 26.66
N VAL C 942 -12.14 34.07 26.76
CA VAL C 942 -12.46 34.72 28.04
C VAL C 942 -13.87 34.38 28.49
N ARG C 943 -14.83 34.37 27.55
CA ARG C 943 -16.23 34.09 27.91
C ARG C 943 -16.42 32.67 28.40
N ARG C 944 -15.88 31.69 27.66
CA ARG C 944 -16.01 30.28 28.04
C ARG C 944 -15.33 29.97 29.37
N MET C 945 -14.10 30.44 29.54
CA MET C 945 -13.38 30.08 30.74
C MET C 945 -13.94 30.80 31.97
N MET C 946 -14.39 32.06 31.81
CA MET C 946 -15.03 32.75 32.92
C MET C 946 -16.37 32.12 33.28
N LEU C 947 -17.11 31.64 32.28
CA LEU C 947 -18.41 31.01 32.54
C LEU C 947 -18.24 29.68 33.27
N ASP C 948 -17.27 28.86 32.83
CA ASP C 948 -16.99 27.58 33.47
C ASP C 948 -16.47 27.79 34.90
N LEU C 949 -15.62 28.80 35.09
CA LEU C 949 -15.13 29.17 36.41
C LEU C 949 -16.25 29.59 37.34
N PHE C 950 -17.15 30.41 36.82
CA PHE C 950 -18.29 30.88 37.65
C PHE C 950 -19.19 29.73 38.04
N PHE C 951 -19.44 28.79 37.12
CA PHE C 951 -20.30 27.62 37.43
C PHE C 951 -19.67 26.76 38.52
N PHE C 952 -18.37 26.47 38.42
CA PHE C 952 -17.71 25.65 39.47
C PHE C 952 -17.72 26.41 40.80
N MET C 953 -17.46 27.72 40.75
CA MET C 953 -17.42 28.51 41.98
C MET C 953 -18.77 28.54 42.68
N PHE C 954 -19.82 28.57 41.88
CA PHE C 954 -21.21 28.53 42.42
C PHE C 954 -21.43 27.17 43.08
N LEU C 955 -20.94 26.11 42.45
CA LEU C 955 -21.07 24.75 42.98
C LEU C 955 -20.34 24.59 44.31
N LEU C 956 -19.20 25.27 44.48
CA LEU C 956 -18.50 25.21 45.76
C LEU C 956 -19.18 26.06 46.83
N SER C 957 -19.72 27.22 46.43
CA SER C 957 -20.35 28.13 47.39
C SER C 957 -21.56 27.50 48.06
N ILE C 958 -22.31 26.70 47.29
CA ILE C 958 -23.47 25.97 47.84
C ILE C 958 -23.04 25.04 48.97
N TRP C 959 -21.95 24.32 48.76
CA TRP C 959 -21.45 23.33 49.72
C TRP C 959 -20.96 24.00 51.00
N VAL C 960 -20.23 25.11 50.86
CA VAL C 960 -19.70 25.75 52.06
C VAL C 960 -20.81 26.44 52.86
N VAL C 961 -21.86 26.95 52.18
CA VAL C 961 -23.01 27.50 52.90
C VAL C 961 -23.74 26.40 53.66
N ALA C 962 -23.84 25.21 53.05
CA ALA C 962 -24.51 24.08 53.72
C ALA C 962 -23.79 23.68 54.99
N TYR C 963 -22.46 23.53 54.89
CA TYR C 963 -21.62 23.12 56.06
C TYR C 963 -21.69 24.19 57.15
N GLY C 964 -21.66 25.48 56.78
CA GLY C 964 -21.70 26.55 57.75
C GLY C 964 -23.02 26.64 58.50
N VAL C 965 -24.14 26.55 57.77
CA VAL C 965 -25.46 26.67 58.40
C VAL C 965 -25.71 25.47 59.32
N ALA C 966 -25.28 24.27 58.92
CA ALA C 966 -25.48 23.10 59.79
C ALA C 966 -24.62 23.19 61.05
N LYS C 967 -23.32 23.50 60.87
CA LYS C 967 -22.37 23.56 61.97
C LYS C 967 -22.74 24.61 63.00
N GLN C 968 -23.20 25.77 62.55
CA GLN C 968 -23.70 26.71 63.53
C GLN C 968 -25.10 26.33 64.02
N GLY C 969 -25.83 25.49 63.30
CA GLY C 969 -27.16 25.10 63.72
C GLY C 969 -27.21 24.22 64.94
N ILE C 970 -26.35 23.19 64.94
CA ILE C 970 -26.32 22.12 65.99
C ILE C 970 -25.86 22.56 67.40
N LEU C 971 -24.83 23.40 67.52
CA LEU C 971 -24.26 23.67 68.87
C LEU C 971 -24.44 25.11 69.40
N ILE C 972 -25.41 25.89 68.90
CA ILE C 972 -25.48 27.29 69.44
C ILE C 972 -26.95 27.61 69.74
N GLU C 973 -27.25 28.35 70.81
CA GLU C 973 -28.65 28.79 71.11
C GLU C 973 -29.02 29.87 70.09
N ASN C 974 -30.32 30.07 69.86
CA ASN C 974 -30.72 31.03 68.79
C ASN C 974 -29.98 32.35 69.05
N GLU C 975 -29.36 32.89 67.99
CA GLU C 975 -28.59 34.16 68.07
C GLU C 975 -29.48 35.30 67.57
N GLU C 976 -29.64 36.34 68.37
CA GLU C 976 -30.50 37.49 68.00
C GLU C 976 -29.67 38.51 67.21
N ARG C 977 -28.38 38.26 67.00
CA ARG C 977 -27.61 39.28 66.27
C ARG C 977 -27.26 38.76 64.89
N LEU C 978 -27.64 39.53 63.86
CA LEU C 978 -27.57 39.05 62.48
C LEU C 978 -26.15 39.05 61.96
N ASN C 979 -25.31 39.99 62.42
CA ASN C 979 -23.95 40.09 61.91
C ASN C 979 -23.10 38.87 62.29
N TRP C 980 -23.29 38.35 63.51
CA TRP C 980 -22.55 37.15 63.91
C TRP C 980 -23.04 35.92 63.17
N ILE C 981 -24.30 35.90 62.75
CA ILE C 981 -24.83 34.81 61.92
C ILE C 981 -24.04 34.67 60.63
N ILE C 982 -23.94 35.75 59.84
CA ILE C 982 -23.17 35.67 58.60
C ILE C 982 -21.68 35.54 58.87
N ARG C 983 -21.18 36.18 59.94
CA ARG C 983 -19.75 36.18 60.23
C ARG C 983 -19.26 34.82 60.69
N GLY C 984 -20.13 34.02 61.31
CA GLY C 984 -19.79 32.67 61.68
C GLY C 984 -20.45 31.58 60.86
N ALA C 985 -21.19 31.93 59.81
CA ALA C 985 -21.78 30.91 58.95
C ALA C 985 -21.25 30.90 57.54
N VAL C 986 -20.76 32.02 57.01
CA VAL C 986 -20.31 32.03 55.62
C VAL C 986 -18.82 32.36 55.61
N TYR C 987 -18.38 33.12 56.61
CA TYR C 987 -16.99 33.60 56.59
C TYR C 987 -16.02 32.53 57.06
N GLU C 988 -16.29 31.93 58.22
CA GLU C 988 -15.36 30.97 58.81
C GLU C 988 -15.24 29.64 58.05
N PRO C 989 -16.31 29.01 57.54
CA PRO C 989 -16.09 27.83 56.68
C PRO C 989 -15.40 28.15 55.36
N TYR C 990 -15.56 29.38 54.88
CA TYR C 990 -14.87 29.82 53.65
C TYR C 990 -13.36 29.97 53.87
N ILE C 991 -12.96 30.47 55.05
CA ILE C 991 -11.55 30.64 55.38
C ILE C 991 -10.95 29.33 55.87
N THR C 992 -11.80 28.38 56.29
CA THR C 992 -11.32 27.12 56.85
C THR C 992 -10.67 26.24 55.78
N ILE C 993 -11.28 26.17 54.58
CA ILE C 993 -10.87 25.17 53.59
C ILE C 993 -9.49 25.44 53.00
N PHE C 994 -8.99 26.67 53.12
CA PHE C 994 -7.62 26.96 52.71
C PHE C 994 -6.60 26.68 53.80
N GLY C 995 -7.03 26.45 55.03
CA GLY C 995 -6.09 26.22 56.11
C GLY C 995 -5.52 24.82 56.11
N ASN C 996 -4.36 24.67 56.76
CA ASN C 996 -3.71 23.39 56.91
C ASN C 996 -4.51 22.50 57.86
N PHE C 997 -4.51 21.19 57.59
CA PHE C 997 -5.31 20.25 58.35
C PHE C 997 -4.97 20.12 59.84
N PRO C 998 -3.70 20.16 60.30
CA PRO C 998 -3.51 20.26 61.75
C PRO C 998 -3.94 21.61 62.32
N THR C 999 -3.71 22.70 61.58
CA THR C 999 -4.13 24.01 62.05
C THR C 999 -5.65 24.14 62.04
N ASN C 1000 -6.32 23.45 61.09
CA ASN C 1000 -7.76 23.56 60.95
C ASN C 1000 -8.51 23.04 62.16
N ILE C 1001 -7.92 22.10 62.91
CA ILE C 1001 -8.55 21.65 64.14
C ILE C 1001 -8.35 22.72 65.20
N ASP C 1002 -9.35 23.58 65.35
CA ASP C 1002 -9.41 24.58 66.41
C ASP C 1002 -10.78 24.42 67.07
N ASN C 1003 -10.87 23.51 68.03
CA ASN C 1003 -12.16 23.15 68.62
C ASN C 1003 -12.00 22.85 70.10
N THR C 1004 -12.63 23.71 70.92
CA THR C 1004 -12.83 23.45 72.34
C THR C 1004 -14.01 24.30 72.78
N LEU C 1005 -14.46 24.07 74.01
CA LEU C 1005 -15.72 24.65 74.45
C LEU C 1005 -15.60 26.16 74.69
N PHE C 1006 -14.62 26.58 75.49
CA PHE C 1006 -14.67 27.92 76.09
C PHE C 1006 -13.28 28.53 76.09
N ASP C 1007 -12.95 29.33 75.07
CA ASP C 1007 -11.77 30.18 75.16
C ASP C 1007 -12.13 31.66 75.11
N ILE C 1008 -12.79 32.07 74.03
CA ILE C 1008 -13.04 33.48 73.76
C ILE C 1008 -14.53 33.83 73.69
N SER C 1009 -15.40 32.82 73.69
CA SER C 1009 -16.83 33.07 73.62
C SER C 1009 -17.36 33.49 74.99
N SER C 1010 -18.25 34.48 75.00
CA SER C 1010 -18.89 34.96 76.23
C SER C 1010 -20.40 34.97 76.03
N CYS C 1011 -21.13 34.27 76.91
CA CYS C 1011 -22.57 34.14 76.68
C CYS C 1011 -23.42 34.25 77.95
N SER C 1012 -22.79 34.61 79.08
CA SER C 1012 -23.45 34.60 80.41
C SER C 1012 -24.63 35.58 80.48
N VAL C 1013 -24.44 36.80 79.99
CA VAL C 1013 -25.57 37.78 79.96
C VAL C 1013 -25.79 38.11 78.50
N ASN C 1014 -26.76 37.42 77.86
CA ASN C 1014 -27.01 37.64 76.42
C ASN C 1014 -25.68 37.41 75.69
N ALA C 1015 -25.25 38.41 74.91
CA ALA C 1015 -24.01 38.40 74.16
C ALA C 1015 -23.09 39.51 74.64
N SER C 1016 -21.80 39.20 74.71
CA SER C 1016 -20.80 40.25 74.90
C SER C 1016 -20.63 41.05 73.62
N ASP C 1017 -20.77 42.37 73.73
CA ASP C 1017 -20.58 43.23 72.57
C ASP C 1017 -19.14 43.29 72.03
N PRO C 1018 -18.05 43.40 72.86
CA PRO C 1018 -16.73 43.49 72.19
C PRO C 1018 -16.20 42.22 71.52
N LEU C 1019 -16.76 41.96 70.33
CA LEU C 1019 -16.25 40.98 69.35
C LEU C 1019 -16.17 39.56 69.92
N LYS C 1020 -17.23 39.15 70.61
CA LYS C 1020 -17.29 37.81 71.18
C LYS C 1020 -18.50 37.06 70.65
N PRO C 1021 -18.32 35.91 69.99
CA PRO C 1021 -19.47 35.08 69.64
C PRO C 1021 -20.08 34.43 70.87
N LYS C 1022 -21.34 34.04 70.74
CA LYS C 1022 -22.03 33.31 71.80
C LYS C 1022 -21.42 31.94 71.99
N CYS C 1023 -21.42 31.47 73.24
CA CYS C 1023 -20.84 30.18 73.58
C CYS C 1023 -21.70 29.04 73.03
N PRO C 1024 -21.09 27.89 72.76
CA PRO C 1024 -21.89 26.67 72.55
C PRO C 1024 -22.59 26.29 73.84
N MET C 1025 -23.72 25.60 73.71
CA MET C 1025 -24.49 25.22 74.88
C MET C 1025 -23.73 24.18 75.68
N LEU C 1026 -23.80 24.29 77.00
CA LEU C 1026 -23.15 23.38 77.91
C LEU C 1026 -24.18 22.63 78.73
N ASN C 1027 -23.97 21.33 78.89
CA ASN C 1027 -24.81 20.53 79.77
C ASN C 1027 -24.18 20.48 81.15
N ALA C 1028 -22.94 20.01 81.21
CA ALA C 1028 -22.12 20.08 82.41
C ALA C 1028 -21.25 21.34 82.38
N ASP C 1029 -20.58 21.59 83.50
CA ASP C 1029 -19.58 22.65 83.55
C ASP C 1029 -18.39 22.30 82.68
N ASN C 1030 -18.04 23.23 81.78
CA ASN C 1030 -16.91 23.13 80.85
C ASN C 1030 -16.98 21.88 79.98
N THR C 1031 -18.11 21.70 79.31
CA THR C 1031 -18.27 20.60 78.38
C THR C 1031 -19.27 21.01 77.32
N PRO C 1032 -19.08 20.57 76.08
CA PRO C 1032 -20.16 20.66 75.08
C PRO C 1032 -21.06 19.45 75.13
N VAL C 1033 -22.39 19.69 75.12
CA VAL C 1033 -23.38 18.61 75.01
C VAL C 1033 -23.16 17.77 73.76
N PHE C 1034 -22.70 18.38 72.69
CA PHE C 1034 -22.34 17.71 71.45
C PHE C 1034 -20.89 17.24 71.53
N PRO C 1035 -20.61 15.97 71.20
CA PRO C 1035 -19.23 15.47 71.32
C PRO C 1035 -18.30 16.13 70.32
N GLU C 1036 -17.04 16.32 70.74
CA GLU C 1036 -16.06 16.97 69.89
C GLU C 1036 -15.63 16.08 68.73
N TRP C 1037 -15.71 14.76 68.91
CA TRP C 1037 -15.24 13.88 67.84
C TRP C 1037 -16.23 13.81 66.68
N LEU C 1038 -17.51 14.07 66.94
CA LEU C 1038 -18.44 14.25 65.83
C LEU C 1038 -18.10 15.50 65.03
N THR C 1039 -17.70 16.56 65.72
CA THR C 1039 -17.32 17.81 65.00
C THR C 1039 -16.11 17.52 64.11
N ILE C 1040 -15.14 16.78 64.65
CA ILE C 1040 -13.89 16.41 63.88
C ILE C 1040 -14.27 15.50 62.71
N MET C 1041 -15.16 14.53 62.95
CA MET C 1041 -15.57 13.56 61.89
C MET C 1041 -16.27 14.31 60.76
N MET C 1042 -17.12 15.28 61.10
CA MET C 1042 -17.85 16.09 60.14
C MET C 1042 -16.92 17.05 59.42
N LEU C 1043 -15.95 17.60 60.15
CA LEU C 1043 -14.92 18.43 59.53
C LEU C 1043 -14.06 17.62 58.58
N CYS C 1044 -13.80 16.34 58.89
CA CYS C 1044 -13.02 15.51 57.98
C CYS C 1044 -13.76 15.26 56.67
N VAL C 1045 -15.07 14.97 56.77
CA VAL C 1045 -15.86 14.72 55.56
C VAL C 1045 -15.94 15.98 54.70
N TYR C 1046 -16.30 17.11 55.33
CA TYR C 1046 -16.37 18.39 54.64
C TYR C 1046 -15.02 18.80 54.04
N LEU C 1047 -13.94 18.64 54.82
CA LEU C 1047 -12.60 19.00 54.38
C LEU C 1047 -12.16 18.15 53.19
N LEU C 1048 -12.46 16.85 53.23
CA LEU C 1048 -12.08 15.98 52.11
C LEU C 1048 -12.81 16.38 50.83
N PHE C 1049 -14.15 16.49 50.91
CA PHE C 1049 -14.94 16.75 49.71
C PHE C 1049 -14.68 18.14 49.15
N ALA C 1050 -14.53 19.15 50.01
CA ALA C 1050 -14.26 20.49 49.51
C ALA C 1050 -12.79 20.65 49.08
N ASN C 1051 -11.85 20.08 49.83
CA ASN C 1051 -10.44 20.32 49.62
C ASN C 1051 -9.94 19.63 48.36
N ILE C 1052 -10.43 18.44 48.06
CA ILE C 1052 -9.87 17.64 46.99
C ILE C 1052 -10.69 17.76 45.72
N LEU C 1053 -11.95 17.30 45.75
CA LEU C 1053 -12.63 16.88 44.54
C LEU C 1053 -13.02 18.05 43.65
N LEU C 1054 -13.40 19.18 44.25
CA LEU C 1054 -13.79 20.33 43.43
C LEU C 1054 -12.58 21.11 42.94
N LEU C 1055 -11.64 21.41 43.85
CA LEU C 1055 -10.50 22.25 43.52
C LEU C 1055 -9.59 21.58 42.51
N ASN C 1056 -9.53 20.24 42.54
CA ASN C 1056 -8.78 19.50 41.52
C ASN C 1056 -9.41 19.69 40.15
N LEU C 1057 -10.75 19.77 40.08
CA LEU C 1057 -11.41 20.07 38.80
C LEU C 1057 -11.11 21.49 38.33
N LEU C 1058 -11.09 22.46 39.27
CA LEU C 1058 -10.72 23.83 38.91
C LEU C 1058 -9.30 23.89 38.37
N ILE C 1059 -8.36 23.30 39.09
CA ILE C 1059 -6.95 23.26 38.67
C ILE C 1059 -6.80 22.47 37.38
N ALA C 1060 -7.66 21.46 37.15
CA ALA C 1060 -7.63 20.72 35.89
C ALA C 1060 -7.99 21.62 34.71
N ILE C 1061 -9.08 22.37 34.83
CA ILE C 1061 -9.48 23.26 33.69
C ILE C 1061 -8.45 24.37 33.46
N PHE C 1062 -8.15 25.16 34.50
CA PHE C 1062 -7.23 26.32 34.31
C PHE C 1062 -5.88 25.80 33.82
N ASN C 1063 -5.37 24.74 34.43
CA ASN C 1063 -4.06 24.21 33.97
C ASN C 1063 -4.23 23.72 32.52
N TYR C 1064 -5.34 23.10 32.17
CA TYR C 1064 -5.45 22.65 30.75
C TYR C 1064 -5.36 23.88 29.85
N THR C 1065 -6.05 24.99 30.16
CA THR C 1065 -5.89 26.10 29.20
C THR C 1065 -4.45 26.59 29.25
N PHE C 1066 -3.92 26.73 30.47
CA PHE C 1066 -2.56 27.26 30.52
C PHE C 1066 -1.59 26.42 29.68
N GLN C 1067 -1.71 25.09 29.74
CA GLN C 1067 -0.80 24.23 28.98
C GLN C 1067 -1.08 24.32 27.49
N GLU C 1068 -2.36 24.47 27.10
CA GLU C 1068 -2.68 24.66 25.69
C GLU C 1068 -2.18 26.01 25.20
N VAL C 1069 -2.26 27.05 26.04
CA VAL C 1069 -1.82 28.39 25.62
C VAL C 1069 -0.29 28.43 25.50
N GLN C 1070 0.42 27.88 26.49
CA GLN C 1070 1.88 27.92 26.48
C GLN C 1070 2.45 26.99 25.41
N ASP C 1071 1.78 25.87 25.13
CA ASP C 1071 2.26 24.91 24.15
C ASP C 1071 1.66 25.17 22.76
N ASN C 1072 1.01 26.32 22.56
CA ASN C 1072 0.31 26.57 21.30
C ASN C 1072 1.26 26.78 20.13
N THR C 1073 2.22 27.71 20.28
CA THR C 1073 3.01 28.13 19.14
C THR C 1073 4.31 28.78 19.60
N ASP C 1074 5.24 28.91 18.65
CA ASP C 1074 6.44 29.70 18.79
C ASP C 1074 6.40 31.00 18.02
N THR C 1075 5.34 31.27 17.27
CA THR C 1075 5.25 32.43 16.40
C THR C 1075 4.49 33.61 17.04
N ILE C 1076 4.26 33.56 18.35
CA ILE C 1076 3.48 34.62 18.99
C ILE C 1076 4.27 35.92 19.04
N TRP C 1077 5.55 35.81 19.40
CA TRP C 1077 6.46 36.98 19.50
C TRP C 1077 6.63 37.63 18.13
N LYS C 1078 6.76 36.81 17.07
CA LYS C 1078 6.94 37.34 15.69
C LYS C 1078 5.69 38.13 15.31
N PHE C 1079 4.50 37.61 15.66
CA PHE C 1079 3.22 38.28 15.38
C PHE C 1079 3.16 39.61 16.13
N GLN C 1080 3.66 39.61 17.38
CA GLN C 1080 3.66 40.82 18.24
C GLN C 1080 4.50 41.92 17.61
N ARG C 1081 5.66 41.56 17.01
CA ARG C 1081 6.52 42.56 16.39
C ARG C 1081 5.71 43.48 15.47
N TYR C 1082 4.84 42.87 14.64
CA TYR C 1082 4.03 43.61 13.68
C TYR C 1082 3.02 44.52 14.37
N GLU C 1083 2.52 44.10 15.54
CA GLU C 1083 1.66 44.96 16.34
C GLU C 1083 2.42 46.18 16.84
N LEU C 1084 3.70 46.03 17.17
CA LEU C 1084 4.49 47.19 17.59
C LEU C 1084 4.75 48.15 16.43
N ILE C 1085 5.00 47.58 15.24
CA ILE C 1085 5.56 48.32 14.10
C ILE C 1085 4.67 49.49 13.68
N LYS C 1086 3.35 49.30 13.66
CA LYS C 1086 2.45 50.32 13.12
C LYS C 1086 2.41 51.57 13.99
N GLU C 1087 2.12 51.40 15.29
CA GLU C 1087 1.96 52.55 16.16
C GLU C 1087 3.28 53.26 16.38
N TYR C 1088 4.37 52.51 16.53
CA TYR C 1088 5.65 53.18 16.70
C TYR C 1088 6.26 53.63 15.36
N HIS C 1089 5.65 53.22 14.25
CA HIS C 1089 6.02 53.77 12.95
C HIS C 1089 5.42 55.16 12.75
N SER C 1090 4.11 55.30 13.02
CA SER C 1090 3.42 56.53 12.61
C SER C 1090 3.75 57.70 13.52
N ARG C 1091 4.04 57.43 14.80
CA ARG C 1091 4.18 58.46 15.82
C ARG C 1091 5.40 59.36 15.57
N PRO C 1092 5.27 60.67 15.82
CA PRO C 1092 6.40 61.60 15.64
C PRO C 1092 7.54 61.31 16.61
N ALA C 1093 8.74 61.81 16.26
CA ALA C 1093 9.98 61.39 16.90
C ALA C 1093 10.10 61.82 18.35
N LEU C 1094 9.62 62.99 18.66
CA LEU C 1094 9.98 63.63 19.92
C LEU C 1094 9.10 63.09 21.06
N PRO C 1095 9.67 62.89 22.25
CA PRO C 1095 8.97 62.15 23.33
C PRO C 1095 7.75 62.90 23.88
N PRO C 1096 6.88 62.22 24.63
CA PRO C 1096 5.61 62.85 25.11
C PRO C 1096 5.75 64.05 26.05
N PRO C 1097 6.90 64.32 26.71
CA PRO C 1097 7.05 65.67 27.26
C PRO C 1097 6.96 66.77 26.22
N PHE C 1098 7.64 66.60 25.10
CA PHE C 1098 7.69 67.63 24.08
C PHE C 1098 6.84 67.30 22.87
N ILE C 1099 5.84 66.43 23.02
CA ILE C 1099 5.00 66.06 21.90
C ILE C 1099 4.10 67.19 21.44
N LEU C 1100 3.78 68.14 22.31
CA LEU C 1100 3.00 69.31 21.90
C LEU C 1100 3.79 70.22 20.97
N LEU C 1101 5.12 70.20 21.10
CA LEU C 1101 5.97 70.92 20.15
C LEU C 1101 5.82 70.34 18.75
N SER C 1102 5.70 69.01 18.65
CA SER C 1102 5.41 68.41 17.35
C SER C 1102 3.97 68.66 16.93
N HIS C 1103 3.04 68.71 17.90
CA HIS C 1103 1.64 68.97 17.57
C HIS C 1103 1.44 70.37 17.00
N LEU C 1104 2.21 71.35 17.46
CA LEU C 1104 2.09 72.72 16.95
C LEU C 1104 2.46 72.76 15.46
N ILE C 1105 3.60 72.15 15.10
CA ILE C 1105 4.05 72.11 13.71
C ILE C 1105 3.09 71.30 12.85
N LEU C 1106 2.75 70.09 13.29
CA LEU C 1106 1.86 69.23 12.51
C LEU C 1106 0.43 69.75 12.44
N PHE C 1107 -0.01 70.56 13.41
CA PHE C 1107 -1.34 71.16 13.34
C PHE C 1107 -1.33 72.38 12.44
N ILE C 1108 -0.25 73.16 12.49
CA ILE C 1108 -0.12 74.34 11.62
C ILE C 1108 0.02 73.91 10.17
N ARG C 1109 0.77 72.84 9.92
CA ARG C 1109 0.93 72.34 8.55
C ARG C 1109 -0.36 71.75 8.01
N GLY C 1110 -1.21 71.21 8.89
CA GLY C 1110 -2.38 70.47 8.45
C GLY C 1110 -3.43 71.31 7.75
N VAL C 1111 -3.57 72.57 8.16
CA VAL C 1111 -4.63 73.42 7.64
C VAL C 1111 -4.15 74.39 6.56
N PHE C 1112 -2.84 74.49 6.32
CA PHE C 1112 -2.35 75.44 5.34
C PHE C 1112 -2.14 74.80 3.97
N LEU C 1113 -1.26 73.80 3.90
CA LEU C 1113 -1.01 73.05 2.68
C LEU C 1113 -0.83 71.58 3.06
N ARG C 1114 -1.42 70.68 2.27
CA ARG C 1114 -1.49 69.26 2.63
C ARG C 1114 -0.12 68.63 2.78
N ASP C 1115 0.13 68.08 3.97
CA ASP C 1115 1.43 67.53 4.34
C ASP C 1115 1.32 66.03 4.53
N LEU C 1116 2.47 65.37 4.35
CA LEU C 1116 2.58 63.91 4.24
C LEU C 1116 1.60 63.35 3.21
N PRO C 1117 1.83 63.60 1.91
CA PRO C 1117 0.86 63.14 0.89
C PRO C 1117 0.75 61.63 0.79
N GLN C 1118 1.85 60.92 1.01
CA GLN C 1118 1.81 59.49 1.28
C GLN C 1118 1.77 59.32 2.80
N ARG C 1119 0.59 58.97 3.33
CA ARG C 1119 0.45 58.78 4.77
C ARG C 1119 1.28 57.59 5.24
N HIS C 1120 1.27 56.50 4.48
CA HIS C 1120 2.13 55.36 4.72
C HIS C 1120 2.85 55.02 3.42
N LYS C 1121 4.16 55.15 3.42
CA LYS C 1121 4.94 55.00 2.21
C LYS C 1121 5.90 53.81 2.26
N ASN C 1122 5.97 53.11 3.37
CA ASN C 1122 6.75 51.89 3.47
C ASN C 1122 5.87 50.66 3.61
N PHE C 1123 4.55 50.82 3.64
CA PHE C 1123 3.62 49.70 3.69
C PHE C 1123 2.83 49.58 2.40
N ARG C 1124 2.15 50.64 2.00
CA ARG C 1124 1.17 50.61 0.93
C ARG C 1124 1.65 51.50 -0.21
N GLN C 1125 1.65 50.95 -1.41
CA GLN C 1125 2.22 51.64 -2.55
C GLN C 1125 1.29 51.45 -3.75
N GLU C 1126 1.27 52.45 -4.62
CA GLU C 1126 0.47 52.45 -5.83
C GLU C 1126 1.43 52.37 -7.00
N LEU C 1127 1.56 51.17 -7.58
CA LEU C 1127 2.53 50.95 -8.65
C LEU C 1127 2.14 51.70 -9.92
N GLU C 1128 3.15 52.09 -10.68
CA GLU C 1128 2.92 52.67 -12.00
C GLU C 1128 2.33 51.62 -12.92
N GLN C 1129 1.47 52.08 -13.83
CA GLN C 1129 0.67 51.17 -14.65
C GLN C 1129 1.53 50.38 -15.63
N THR C 1130 2.61 50.98 -16.13
CA THR C 1130 3.51 50.26 -17.03
C THR C 1130 4.28 49.16 -16.30
N GLU C 1131 4.48 49.33 -14.98
CA GLU C 1131 5.21 48.32 -14.21
C GLU C 1131 4.29 47.19 -13.79
N GLU C 1132 3.05 47.52 -13.40
CA GLU C 1132 2.04 46.58 -12.92
C GLU C 1132 1.84 45.33 -13.78
N GLU C 1133 1.74 45.52 -15.10
CA GLU C 1133 1.48 44.39 -16.00
C GLU C 1133 2.67 43.44 -16.04
N GLU C 1134 3.88 44.00 -16.14
CA GLU C 1134 5.10 43.21 -16.11
C GLU C 1134 5.28 42.52 -14.76
N LEU C 1135 4.78 43.14 -13.69
CA LEU C 1135 4.85 42.52 -12.38
C LEU C 1135 3.91 41.33 -12.27
N LEU C 1136 2.67 41.49 -12.74
CA LEU C 1136 1.69 40.41 -12.66
C LEU C 1136 2.04 39.24 -13.57
N SER C 1137 2.62 39.53 -14.74
CA SER C 1137 2.98 38.47 -15.68
C SER C 1137 4.06 37.56 -15.10
N TRP C 1138 5.00 38.15 -14.36
CA TRP C 1138 6.06 37.39 -13.72
C TRP C 1138 5.52 36.41 -12.70
N GLU C 1139 4.55 36.84 -11.90
CA GLU C 1139 4.05 35.93 -10.87
C GLU C 1139 3.05 34.94 -11.42
N ALA C 1140 2.41 35.24 -12.56
CA ALA C 1140 1.60 34.21 -13.22
C ALA C 1140 2.49 33.11 -13.78
N TYR C 1141 3.63 33.49 -14.36
CA TYR C 1141 4.62 32.52 -14.81
C TYR C 1141 5.12 31.66 -13.66
N MET C 1142 5.41 32.28 -12.52
CA MET C 1142 5.89 31.51 -11.38
C MET C 1142 4.80 30.62 -10.79
N LYS C 1143 3.53 31.01 -10.92
CA LYS C 1143 2.44 30.16 -10.47
C LYS C 1143 2.35 28.88 -11.29
N ASP C 1144 2.43 29.01 -12.62
CA ASP C 1144 2.36 27.81 -13.47
C ASP C 1144 3.58 26.92 -13.26
N ASN C 1145 4.75 27.55 -13.07
CA ASN C 1145 5.97 26.81 -12.77
C ASN C 1145 5.87 26.09 -11.43
N TYR C 1146 5.11 26.65 -10.48
CA TYR C 1146 4.87 25.98 -9.22
C TYR C 1146 3.90 24.81 -9.37
N LEU C 1147 2.87 24.98 -10.19
CA LEU C 1147 1.85 23.94 -10.33
C LEU C 1147 2.42 22.67 -10.96
N ALA C 1148 3.31 22.83 -11.94
CA ALA C 1148 3.89 21.66 -12.61
C ALA C 1148 4.72 20.80 -11.65
N SER C 1149 5.46 21.45 -10.75
CA SER C 1149 6.29 20.71 -9.79
C SER C 1149 5.43 19.94 -8.81
N THR C 1150 4.33 20.54 -8.34
CA THR C 1150 3.46 19.85 -7.40
C THR C 1150 2.73 18.69 -8.07
N ARG C 1151 2.31 18.85 -9.33
CA ARG C 1151 1.62 17.76 -9.99
C ARG C 1151 2.56 16.59 -10.27
N GLN C 1152 3.83 16.87 -10.60
CA GLN C 1152 4.75 15.73 -10.80
C GLN C 1152 5.14 15.09 -9.47
N ASP C 1153 5.25 15.89 -8.40
CA ASP C 1153 5.55 15.34 -7.08
C ASP C 1153 4.42 14.45 -6.56
N GLU C 1154 3.16 14.84 -6.79
CA GLU C 1154 2.07 13.95 -6.40
C GLU C 1154 1.93 12.79 -7.36
N SER C 1155 2.40 12.95 -8.61
CA SER C 1155 2.46 11.82 -9.52
C SER C 1155 3.48 10.78 -9.10
N GLN C 1156 4.50 11.16 -8.33
CA GLN C 1156 5.48 10.20 -7.83
C GLN C 1156 5.05 9.51 -6.53
N SER C 1157 3.76 9.46 -6.23
CA SER C 1157 3.31 8.88 -4.98
C SER C 1157 2.83 7.44 -5.17
N VAL C 1158 2.46 6.81 -4.06
CA VAL C 1158 2.01 5.41 -4.08
C VAL C 1158 0.53 5.33 -4.41
N GLU C 1159 -0.27 6.16 -3.74
CA GLU C 1159 -1.72 6.09 -3.84
C GLU C 1159 -2.22 6.51 -5.23
N HIS C 1160 -1.42 7.30 -5.94
CA HIS C 1160 -1.75 7.59 -7.33
C HIS C 1160 -1.35 6.44 -8.25
N ARG C 1161 -0.24 5.78 -7.94
CA ARG C 1161 0.32 4.82 -8.86
C ARG C 1161 -0.44 3.51 -8.86
N ILE C 1162 -0.99 3.12 -7.69
CA ILE C 1162 -1.90 1.97 -7.64
C ILE C 1162 -3.15 2.24 -8.47
N HIS C 1163 -3.68 3.46 -8.38
CA HIS C 1163 -4.86 3.84 -9.13
C HIS C 1163 -4.60 3.86 -10.63
N ASP C 1164 -3.37 4.15 -11.04
CA ASP C 1164 -3.02 4.07 -12.45
C ASP C 1164 -2.94 2.63 -12.93
N THR C 1165 -2.25 1.77 -12.16
CA THR C 1165 -2.05 0.39 -12.58
C THR C 1165 -3.35 -0.39 -12.63
N ALA C 1166 -4.34 -0.02 -11.81
CA ALA C 1166 -5.62 -0.73 -11.85
C ALA C 1166 -6.33 -0.55 -13.18
N GLU C 1167 -6.42 0.69 -13.67
CA GLU C 1167 -7.04 0.97 -14.94
C GLU C 1167 -6.26 0.36 -16.09
N LYS C 1168 -4.93 0.37 -15.99
CA LYS C 1168 -4.12 -0.22 -17.06
C LYS C 1168 -4.32 -1.73 -17.16
N VAL C 1169 -4.39 -2.42 -16.02
CA VAL C 1169 -4.62 -3.86 -16.01
C VAL C 1169 -6.02 -4.19 -16.50
N GLY C 1170 -7.01 -3.34 -16.16
CA GLY C 1170 -8.36 -3.55 -16.67
C GLY C 1170 -8.46 -3.44 -18.18
N ALA C 1171 -7.79 -2.43 -18.75
CA ALA C 1171 -7.76 -2.27 -20.20
C ALA C 1171 -7.05 -3.46 -20.87
N MET C 1172 -5.95 -3.92 -20.27
CA MET C 1172 -5.23 -5.07 -20.83
C MET C 1172 -6.08 -6.34 -20.78
N SER C 1173 -6.85 -6.53 -19.70
CA SER C 1173 -7.68 -7.73 -19.57
C SER C 1173 -8.80 -7.75 -20.60
N GLU C 1174 -9.49 -6.61 -20.74
CA GLU C 1174 -10.58 -6.53 -21.72
C GLU C 1174 -10.08 -6.70 -23.14
N LEU C 1175 -8.92 -6.07 -23.45
CA LEU C 1175 -8.35 -6.19 -24.79
C LEU C 1175 -7.87 -7.61 -25.06
N LEU C 1176 -7.27 -8.26 -24.06
CA LEU C 1176 -6.84 -9.66 -24.20
C LEU C 1176 -8.01 -10.58 -24.48
N GLU C 1177 -9.13 -10.40 -23.77
CA GLU C 1177 -10.30 -11.25 -23.97
C GLU C 1177 -10.92 -11.01 -25.35
N ARG C 1178 -11.05 -9.74 -25.75
CA ARG C 1178 -11.64 -9.42 -27.05
C ARG C 1178 -10.77 -9.90 -28.21
N GLU C 1179 -9.44 -9.76 -28.08
CA GLU C 1179 -8.53 -10.21 -29.13
C GLU C 1179 -8.47 -11.73 -29.20
N GLN C 1180 -8.47 -12.41 -28.05
CA GLN C 1180 -8.48 -13.87 -28.05
C GLN C 1180 -9.77 -14.40 -28.66
N GLU C 1181 -10.88 -13.68 -28.47
CA GLU C 1181 -12.13 -14.05 -29.12
C GLU C 1181 -12.02 -13.95 -30.64
N MET C 1182 -11.34 -12.91 -31.14
CA MET C 1182 -11.26 -12.71 -32.59
C MET C 1182 -10.35 -13.73 -33.26
N VAL C 1183 -9.17 -13.97 -32.69
CA VAL C 1183 -8.23 -14.91 -33.27
C VAL C 1183 -8.64 -16.34 -32.96
N ASP C 1245 -23.60 -9.94 -54.82
CA ASP C 1245 -22.78 -10.26 -53.66
C ASP C 1245 -23.33 -9.60 -52.40
N GLU C 1246 -23.66 -8.32 -52.50
CA GLU C 1246 -24.20 -7.55 -51.40
C GLU C 1246 -25.57 -6.99 -51.78
N GLU C 1247 -26.51 -7.08 -50.84
CA GLU C 1247 -27.89 -6.62 -51.00
C GLU C 1247 -28.57 -7.25 -52.21
N ALA C 1248 -28.45 -8.57 -52.31
CA ALA C 1248 -28.99 -9.29 -53.47
C ALA C 1248 -30.52 -9.29 -53.58
N PRO C 1249 -31.33 -9.45 -52.52
CA PRO C 1249 -32.78 -9.31 -52.71
C PRO C 1249 -33.21 -7.86 -52.85
N HIS C 1250 -34.35 -7.69 -53.51
CA HIS C 1250 -35.04 -6.41 -53.50
C HIS C 1250 -35.70 -6.19 -52.15
N MET C 1251 -35.67 -4.93 -51.66
CA MET C 1251 -36.09 -4.64 -50.30
C MET C 1251 -37.17 -3.59 -50.18
N PHE C 1252 -37.53 -2.92 -51.26
CA PHE C 1252 -38.64 -1.98 -51.23
C PHE C 1252 -39.94 -2.64 -51.67
N ALA C 1253 -39.84 -3.82 -52.28
CA ALA C 1253 -41.01 -4.55 -52.76
C ALA C 1253 -41.52 -5.58 -51.76
N ARG C 1254 -40.88 -5.71 -50.60
CA ARG C 1254 -41.34 -6.60 -49.55
C ARG C 1254 -41.70 -5.86 -48.27
N GLN C 1255 -42.12 -4.60 -48.38
CA GLN C 1255 -42.78 -3.93 -47.27
C GLN C 1255 -44.09 -4.63 -46.98
N LEU C 1256 -44.36 -4.87 -45.69
CA LEU C 1256 -45.47 -5.73 -45.28
C LEU C 1256 -46.82 -5.14 -45.63
N GLN C 1257 -46.95 -3.82 -45.62
CA GLN C 1257 -48.19 -3.17 -46.00
C GLN C 1257 -48.06 -2.58 -47.40
N TYR C 1258 -49.03 -2.89 -48.25
CA TYR C 1258 -49.04 -2.37 -49.61
C TYR C 1258 -49.39 -0.88 -49.57
N PRO C 1259 -48.78 -0.07 -50.44
CA PRO C 1259 -49.03 1.37 -50.38
C PRO C 1259 -50.38 1.77 -50.96
N ASP C 1260 -51.03 2.69 -50.24
CA ASP C 1260 -52.33 3.26 -50.58
C ASP C 1260 -53.40 2.19 -50.75
N SER C 1261 -53.48 1.31 -49.76
CA SER C 1261 -54.41 0.16 -49.78
C SER C 1261 -54.63 -0.37 -48.36
N THR C 1262 -55.52 -1.34 -48.19
CA THR C 1262 -55.73 -1.95 -46.85
C THR C 1262 -55.16 -3.38 -46.82
N VAL C 1263 -54.92 -3.97 -47.98
CA VAL C 1263 -54.44 -5.37 -48.18
C VAL C 1263 -53.00 -5.50 -47.68
N ARG C 1264 -52.60 -6.67 -47.20
CA ARG C 1264 -51.22 -6.89 -46.68
C ARG C 1264 -50.53 -7.96 -47.53
N ARG C 1265 -49.29 -7.70 -47.94
CA ARG C 1265 -48.52 -8.68 -48.76
C ARG C 1265 -48.19 -9.88 -47.88
N PHE C 1266 -47.88 -11.02 -48.49
CA PHE C 1266 -47.52 -12.25 -47.75
C PHE C 1266 -46.13 -12.11 -47.16
N PRO C 1267 -45.76 -12.82 -46.09
CA PRO C 1267 -44.43 -12.68 -45.54
C PRO C 1267 -43.48 -13.62 -46.29
N VAL C 1268 -42.39 -13.07 -46.81
CA VAL C 1268 -41.42 -13.78 -47.65
C VAL C 1268 -40.02 -13.58 -47.08
N PRO C 1269 -39.38 -14.63 -46.56
CA PRO C 1269 -38.02 -14.48 -46.03
C PRO C 1269 -36.99 -14.21 -47.11
N GLU C 1270 -35.79 -13.85 -46.67
CA GLU C 1270 -34.73 -13.49 -47.60
C GLU C 1270 -34.17 -14.70 -48.33
N GLU C 1271 -34.25 -15.89 -47.73
CA GLU C 1271 -33.74 -17.08 -48.38
C GLU C 1271 -34.59 -17.48 -49.58
N LYS C 1272 -35.91 -17.33 -49.47
CA LYS C 1272 -36.83 -17.81 -50.49
C LYS C 1272 -37.26 -16.71 -51.46
N VAL C 1273 -36.41 -15.69 -51.66
CA VAL C 1273 -36.78 -14.57 -52.52
C VAL C 1273 -36.81 -14.98 -53.98
N SER C 1274 -35.80 -15.73 -54.42
CA SER C 1274 -35.62 -16.04 -55.83
C SER C 1274 -36.58 -17.12 -56.28
N TRP C 1275 -36.67 -17.30 -57.60
CA TRP C 1275 -37.58 -18.26 -58.19
C TRP C 1275 -37.04 -19.69 -58.18
N GLU C 1276 -35.75 -19.87 -57.88
CA GLU C 1276 -35.16 -21.20 -57.94
C GLU C 1276 -35.68 -22.09 -56.82
N VAL C 1277 -35.64 -21.62 -55.58
CA VAL C 1277 -36.09 -22.42 -54.45
C VAL C 1277 -37.60 -22.38 -54.40
N ASN C 1278 -38.20 -23.28 -53.63
CA ASN C 1278 -39.65 -23.40 -53.54
C ASN C 1278 -40.10 -23.20 -52.10
N PHE C 1279 -41.10 -22.35 -51.91
CA PHE C 1279 -41.75 -22.16 -50.62
C PHE C 1279 -42.98 -23.05 -50.57
N SER C 1280 -42.99 -23.98 -49.62
CA SER C 1280 -44.09 -24.96 -49.55
C SER C 1280 -45.46 -24.37 -49.19
N PRO C 1281 -45.65 -23.48 -48.21
CA PRO C 1281 -46.98 -22.91 -48.02
C PRO C 1281 -47.27 -21.63 -48.79
N TYR C 1282 -46.46 -21.31 -49.81
CA TYR C 1282 -46.57 -20.06 -50.56
C TYR C 1282 -47.92 -19.91 -51.22
N GLN C 1283 -48.68 -18.92 -50.76
CA GLN C 1283 -50.01 -18.66 -51.28
C GLN C 1283 -50.32 -17.18 -51.08
N PRO C 1284 -49.83 -16.30 -51.95
CA PRO C 1284 -50.09 -14.88 -51.79
C PRO C 1284 -51.50 -14.55 -52.24
N PRO C 1285 -52.20 -13.67 -51.52
CA PRO C 1285 -53.52 -13.22 -51.98
C PRO C 1285 -53.40 -12.42 -53.26
N VAL C 1286 -54.50 -12.41 -54.02
CA VAL C 1286 -54.55 -11.74 -55.30
C VAL C 1286 -55.55 -10.60 -55.17
N TYR C 1287 -55.03 -9.37 -55.26
CA TYR C 1287 -55.89 -8.16 -55.11
C TYR C 1287 -55.47 -7.03 -56.06
N ASN C 1288 -55.84 -7.14 -57.33
CA ASN C 1288 -55.53 -6.10 -58.35
C ASN C 1288 -56.26 -4.82 -57.98
N GLN C 1289 -55.62 -3.66 -58.10
CA GLN C 1289 -56.28 -2.37 -57.76
C GLN C 1289 -57.46 -2.16 -58.71
N GLN C 1290 -58.58 -1.67 -58.19
CA GLN C 1290 -59.81 -1.37 -58.96
C GLN C 1290 -60.11 -2.48 -59.96
N ALA C 1299 -55.74 -13.28 -66.45
CA ALA C 1299 -54.44 -13.71 -66.96
C ALA C 1299 -53.31 -13.21 -66.06
N LEU C 1300 -53.32 -13.66 -64.81
CA LEU C 1300 -52.32 -13.26 -63.83
C LEU C 1300 -51.08 -14.15 -63.86
N ASP C 1301 -51.05 -15.16 -64.74
CA ASP C 1301 -49.89 -16.03 -64.89
C ASP C 1301 -49.13 -15.76 -66.18
N LYS C 1302 -49.31 -14.58 -66.77
CA LYS C 1302 -48.66 -14.26 -68.04
C LYS C 1302 -47.16 -14.11 -67.89
N HIS C 1303 -46.71 -13.47 -66.81
CA HIS C 1303 -45.29 -13.16 -66.65
C HIS C 1303 -44.86 -13.43 -65.21
N ARG C 1304 -43.55 -13.36 -64.99
CA ARG C 1304 -42.94 -13.54 -63.69
C ARG C 1304 -42.08 -12.32 -63.40
N ASN C 1305 -42.02 -11.93 -62.13
CA ASN C 1305 -41.18 -10.80 -61.74
C ASN C 1305 -39.70 -11.17 -61.88
N PRO C 1306 -38.89 -10.31 -62.48
CA PRO C 1306 -37.46 -10.63 -62.64
C PRO C 1306 -36.69 -10.60 -61.34
N GLY C 1307 -37.12 -9.79 -60.37
CA GLY C 1307 -36.45 -9.72 -59.09
C GLY C 1307 -36.62 -10.97 -58.26
N GLY C 1308 -37.88 -11.35 -58.01
CA GLY C 1308 -38.16 -12.53 -57.22
C GLY C 1308 -39.59 -12.52 -56.74
N ARG C 1309 -39.86 -13.36 -55.75
CA ARG C 1309 -41.17 -13.41 -55.14
C ARG C 1309 -41.44 -12.13 -54.35
N THR C 1310 -42.71 -11.72 -54.35
CA THR C 1310 -43.10 -10.47 -53.71
C THR C 1310 -44.30 -10.59 -52.79
N GLY C 1311 -45.07 -11.67 -52.85
CA GLY C 1311 -46.18 -11.83 -51.95
C GLY C 1311 -47.41 -11.03 -52.27
N ILE C 1312 -47.50 -10.42 -53.45
CA ILE C 1312 -48.69 -9.70 -53.88
C ILE C 1312 -48.96 -10.08 -55.33
N ARG C 1313 -50.19 -10.48 -55.62
CA ARG C 1313 -50.58 -10.95 -56.94
C ARG C 1313 -51.63 -10.02 -57.53
N GLY C 1314 -51.48 -9.72 -58.82
CA GLY C 1314 -52.42 -8.90 -59.54
C GLY C 1314 -51.73 -7.78 -60.26
N LYS C 1315 -52.53 -6.82 -60.72
CA LYS C 1315 -52.05 -5.63 -61.41
C LYS C 1315 -52.23 -4.46 -60.45
N GLY C 1316 -51.16 -4.08 -59.76
CA GLY C 1316 -51.26 -3.05 -58.74
C GLY C 1316 -50.92 -1.66 -59.25
N ALA C 1317 -51.97 -0.89 -59.52
CA ALA C 1317 -51.94 0.52 -59.95
C ALA C 1317 -51.09 0.69 -61.21
N LEU C 1318 -51.50 -0.02 -62.25
CA LEU C 1318 -50.79 0.00 -63.52
C LEU C 1318 -51.77 -0.37 -64.62
N ASN C 1319 -51.57 0.20 -65.81
CA ASN C 1319 -52.43 -0.10 -66.94
C ASN C 1319 -52.15 -1.46 -67.55
N THR C 1320 -51.01 -2.07 -67.26
CA THR C 1320 -50.63 -3.33 -67.87
C THR C 1320 -49.93 -4.22 -66.84
N LEU C 1321 -49.86 -5.50 -67.17
CA LEU C 1321 -49.06 -6.46 -66.42
C LEU C 1321 -47.69 -6.59 -67.06
N GLY C 1322 -46.73 -7.04 -66.27
CA GLY C 1322 -45.36 -7.08 -66.71
C GLY C 1322 -44.64 -5.79 -66.41
N PRO C 1323 -43.74 -5.37 -67.28
CA PRO C 1323 -42.96 -4.15 -67.01
C PRO C 1323 -43.73 -2.88 -67.33
N ASN C 1324 -43.63 -1.92 -66.43
CA ASN C 1324 -44.05 -0.55 -66.70
C ASN C 1324 -42.80 0.31 -66.78
N HIS C 1325 -42.65 1.03 -67.89
CA HIS C 1325 -41.39 1.70 -68.20
C HIS C 1325 -41.52 3.20 -67.99
N ILE C 1326 -40.45 3.81 -67.49
CA ILE C 1326 -40.37 5.26 -67.34
C ILE C 1326 -38.98 5.70 -67.75
N LEU C 1327 -38.89 6.65 -68.68
CA LEU C 1327 -37.61 7.21 -69.07
C LEU C 1327 -37.30 8.42 -68.21
N HIS C 1328 -36.01 8.59 -67.87
CA HIS C 1328 -35.57 9.69 -67.02
C HIS C 1328 -34.43 10.44 -67.70
N PRO C 1329 -34.74 11.34 -68.64
CA PRO C 1329 -33.70 12.18 -69.22
C PRO C 1329 -33.28 13.30 -68.29
N ILE C 1330 -31.99 13.60 -68.29
CA ILE C 1330 -31.42 14.64 -67.45
C ILE C 1330 -30.73 15.66 -68.35
N PHE C 1331 -31.29 16.86 -68.42
CA PHE C 1331 -30.70 17.95 -69.19
C PHE C 1331 -29.73 18.70 -68.28
N THR C 1332 -28.44 18.46 -68.48
CA THR C 1332 -27.41 19.04 -67.62
C THR C 1332 -26.54 20.02 -68.40
N ARG C 1333 -25.84 20.87 -67.66
CA ARG C 1333 -24.91 21.85 -68.22
C ARG C 1333 -23.94 22.25 -67.13
N TRP C 1334 -23.07 23.21 -67.44
CA TRP C 1334 -22.19 23.78 -66.44
C TRP C 1334 -22.92 24.87 -65.67
N ARG C 1335 -22.45 25.13 -64.44
CA ARG C 1335 -23.06 26.15 -63.61
C ARG C 1335 -22.51 27.54 -63.94
N ASP C 1336 -21.20 27.71 -63.78
CA ASP C 1336 -20.53 28.97 -64.07
C ASP C 1336 -19.76 28.85 -65.38
N ALA C 1337 -19.21 29.98 -65.84
CA ALA C 1337 -18.48 29.99 -67.09
C ALA C 1337 -17.10 29.37 -66.96
N GLU C 1338 -16.51 29.41 -65.77
CA GLU C 1338 -15.17 28.89 -65.53
C GLU C 1338 -15.13 27.39 -65.28
N HIS C 1339 -16.29 26.71 -65.36
CA HIS C 1339 -16.45 25.27 -65.19
C HIS C 1339 -15.93 24.81 -63.83
N LYS C 1340 -16.49 25.39 -62.77
CA LYS C 1340 -16.15 25.01 -61.42
C LYS C 1340 -17.11 23.98 -60.83
N VAL C 1341 -18.38 24.01 -61.25
CA VAL C 1341 -19.38 23.05 -60.81
C VAL C 1341 -20.34 22.78 -61.96
N LEU C 1342 -21.15 21.74 -61.80
CA LEU C 1342 -22.14 21.34 -62.79
C LEU C 1342 -23.54 21.58 -62.25
N GLU C 1343 -24.52 21.43 -63.14
CA GLU C 1343 -25.90 21.68 -62.78
C GLU C 1343 -26.80 20.88 -63.70
N PHE C 1344 -28.01 20.59 -63.21
CA PHE C 1344 -29.01 19.84 -63.98
C PHE C 1344 -30.36 20.50 -63.78
N LEU C 1345 -31.14 20.58 -64.85
CA LEU C 1345 -32.45 21.22 -64.83
C LEU C 1345 -33.48 20.28 -64.18
N ALA C 1346 -33.36 20.19 -62.86
CA ALA C 1346 -34.19 19.30 -62.07
C ALA C 1346 -35.51 19.97 -61.69
N VAL C 1347 -36.49 19.15 -61.36
CA VAL C 1347 -37.79 19.63 -60.92
C VAL C 1347 -37.81 19.59 -59.40
N TRP C 1348 -38.73 20.36 -58.82
CA TRP C 1348 -38.93 20.37 -57.37
C TRP C 1348 -40.43 20.48 -57.12
N GLU C 1349 -41.05 19.37 -56.74
CA GLU C 1349 -42.49 19.28 -56.71
C GLU C 1349 -43.08 20.10 -55.56
N ASP C 1350 -44.25 20.70 -55.81
CA ASP C 1350 -44.91 21.49 -54.79
C ASP C 1350 -45.52 20.62 -53.70
N ALA C 1351 -45.77 19.34 -53.98
CA ALA C 1351 -46.33 18.42 -53.00
C ALA C 1351 -45.25 17.75 -52.16
N GLU C 1352 -44.07 17.49 -52.74
CA GLU C 1352 -43.03 16.76 -52.05
C GLU C 1352 -41.90 17.66 -51.52
N LYS C 1353 -41.74 18.85 -52.10
CA LYS C 1353 -40.69 19.82 -51.75
C LYS C 1353 -39.29 19.23 -51.85
N ARG C 1354 -39.08 18.33 -52.81
CA ARG C 1354 -37.81 17.66 -53.00
C ARG C 1354 -37.34 17.83 -54.43
N TRP C 1355 -36.03 17.99 -54.60
CA TRP C 1355 -35.41 18.19 -55.91
C TRP C 1355 -35.38 16.85 -56.65
N ALA C 1356 -36.42 16.61 -57.44
CA ALA C 1356 -36.57 15.36 -58.18
C ALA C 1356 -36.11 15.53 -59.62
N LEU C 1357 -36.00 14.40 -60.31
CA LEU C 1357 -35.64 14.44 -61.73
C LEU C 1357 -36.83 14.82 -62.57
N LEU C 1358 -36.55 15.18 -63.82
CA LEU C 1358 -37.59 15.48 -64.81
C LEU C 1358 -37.58 14.32 -65.80
N GLY C 1359 -38.31 13.27 -65.47
CA GLY C 1359 -38.46 12.11 -66.33
C GLY C 1359 -39.82 11.50 -66.16
N GLY C 1360 -40.51 11.25 -67.26
CA GLY C 1360 -41.89 10.84 -67.21
C GLY C 1360 -42.10 9.39 -67.61
N PRO C 1361 -43.38 8.99 -67.71
CA PRO C 1361 -43.69 7.60 -68.09
C PRO C 1361 -43.48 7.37 -69.58
N ALA C 1362 -42.50 6.54 -69.92
CA ALA C 1362 -42.25 6.17 -71.30
C ALA C 1362 -43.10 4.96 -71.65
N GLN C 1363 -44.04 5.16 -72.58
CA GLN C 1363 -44.94 4.09 -72.98
C GLN C 1363 -44.18 3.03 -73.78
N PRO C 1364 -44.70 1.80 -73.86
CA PRO C 1364 -44.15 0.83 -74.81
C PRO C 1364 -44.35 1.33 -76.23
N ASP C 1365 -43.23 1.37 -76.98
CA ASP C 1365 -43.14 1.98 -78.32
C ASP C 1365 -43.61 3.44 -78.29
N GLU C 1366 -42.99 4.24 -77.40
CA GLU C 1366 -43.25 5.67 -77.34
C GLU C 1366 -42.12 6.43 -78.02
N PRO C 1367 -42.43 7.35 -78.93
CA PRO C 1367 -41.36 8.17 -79.54
C PRO C 1367 -40.79 9.15 -78.51
N LEU C 1368 -39.46 9.28 -78.52
CA LEU C 1368 -38.79 10.09 -77.51
C LEU C 1368 -39.06 11.58 -77.69
N ALA C 1369 -39.32 12.03 -78.92
CA ALA C 1369 -39.53 13.45 -79.17
C ALA C 1369 -40.86 13.92 -78.60
N GLN C 1370 -41.95 13.20 -78.90
CA GLN C 1370 -43.26 13.59 -78.38
C GLN C 1370 -43.37 13.34 -76.89
N VAL C 1371 -42.69 12.31 -76.37
CA VAL C 1371 -42.71 12.05 -74.94
C VAL C 1371 -41.93 13.13 -74.19
N LEU C 1372 -40.81 13.59 -74.77
CA LEU C 1372 -40.08 14.69 -74.18
C LEU C 1372 -40.84 16.01 -74.30
N GLU C 1373 -41.65 16.15 -75.35
CA GLU C 1373 -42.50 17.33 -75.48
C GLU C 1373 -43.62 17.32 -74.45
N ARG C 1374 -44.13 16.14 -74.11
CA ARG C 1374 -45.15 16.04 -73.06
C ARG C 1374 -44.54 16.26 -71.67
N ILE C 1375 -43.37 15.66 -71.42
CA ILE C 1375 -42.75 15.76 -70.10
C ILE C 1375 -42.11 17.12 -69.86
N LEU C 1376 -41.78 17.86 -70.92
CA LEU C 1376 -41.15 19.16 -70.77
C LEU C 1376 -42.09 20.32 -71.06
N GLY C 1377 -43.23 20.07 -71.69
CA GLY C 1377 -44.14 21.12 -72.08
C GLY C 1377 -43.57 21.96 -73.21
N LYS C 1378 -43.34 21.34 -74.36
CA LYS C 1378 -42.57 21.95 -75.43
C LYS C 1378 -43.45 22.85 -76.27
N LYS C 1379 -43.43 24.15 -76.00
CA LYS C 1379 -43.87 25.15 -76.95
C LYS C 1379 -42.77 25.54 -77.92
N LEU C 1380 -41.57 24.99 -77.75
CA LEU C 1380 -40.46 25.21 -78.67
C LEU C 1380 -39.60 23.95 -78.64
N ASN C 1381 -39.71 23.12 -79.68
CA ASN C 1381 -38.95 21.89 -79.78
C ASN C 1381 -37.86 21.97 -80.84
N GLU C 1382 -37.59 23.16 -81.38
CA GLU C 1382 -36.52 23.31 -82.35
C GLU C 1382 -35.15 23.27 -81.68
N LYS C 1383 -35.07 23.67 -80.42
CA LYS C 1383 -33.82 23.54 -79.68
C LYS C 1383 -33.51 22.07 -79.40
N THR C 1384 -34.53 21.29 -79.01
CA THR C 1384 -34.37 19.86 -78.83
C THR C 1384 -34.29 19.11 -80.15
N LYS C 1385 -34.65 19.75 -81.27
CA LYS C 1385 -34.41 19.13 -82.57
C LYS C 1385 -32.94 19.19 -82.94
N THR C 1386 -32.28 20.31 -82.64
CA THR C 1386 -30.84 20.42 -82.83
C THR C 1386 -30.06 19.68 -81.76
N LEU C 1387 -30.61 19.54 -80.55
CA LEU C 1387 -29.98 18.80 -79.47
C LEU C 1387 -30.49 17.36 -79.37
N LEU C 1388 -31.09 16.83 -80.44
CA LEU C 1388 -31.64 15.48 -80.41
C LEU C 1388 -30.54 14.42 -80.36
N LYS C 1389 -29.36 14.72 -80.90
CA LYS C 1389 -28.25 13.78 -80.96
C LYS C 1389 -27.33 13.87 -79.75
N ALA C 1390 -27.85 14.31 -78.60
CA ALA C 1390 -27.04 14.54 -77.41
C ALA C 1390 -26.75 13.22 -76.70
N GLY C 1391 -26.19 13.30 -75.49
CA GLY C 1391 -25.81 12.11 -74.76
C GLY C 1391 -26.98 11.41 -74.10
N GLU C 1392 -26.77 10.12 -73.83
CA GLU C 1392 -27.78 9.28 -73.19
C GLU C 1392 -27.06 8.08 -72.56
N GLU C 1393 -27.85 7.06 -72.21
CA GLU C 1393 -27.39 5.74 -71.74
C GLU C 1393 -26.55 5.86 -70.46
N VAL C 1394 -27.22 6.32 -69.40
CA VAL C 1394 -26.61 6.34 -68.07
C VAL C 1394 -26.84 5.03 -67.33
N TYR C 1395 -28.10 4.58 -67.29
CA TYR C 1395 -28.44 3.31 -66.66
C TYR C 1395 -29.71 2.77 -67.30
N LYS C 1396 -29.93 1.47 -67.13
CA LYS C 1396 -31.10 0.80 -67.70
C LYS C 1396 -31.35 -0.49 -66.93
N GLY C 1397 -32.60 -0.75 -66.60
CA GLY C 1397 -32.96 -2.02 -65.99
C GLY C 1397 -34.03 -1.94 -64.92
N TYR C 1398 -34.00 -2.88 -63.98
CA TYR C 1398 -35.04 -3.03 -62.97
C TYR C 1398 -34.87 -2.00 -61.86
N VAL C 1399 -36.01 -1.53 -61.33
CA VAL C 1399 -36.05 -0.54 -60.26
C VAL C 1399 -36.87 -1.12 -59.12
N ASP C 1400 -36.27 -1.22 -57.94
CA ASP C 1400 -37.01 -1.65 -56.75
C ASP C 1400 -37.96 -0.54 -56.33
N ASP C 1401 -39.19 -0.93 -56.01
CA ASP C 1401 -40.24 0.03 -55.73
C ASP C 1401 -41.28 -0.66 -54.85
N SER C 1402 -42.05 0.16 -54.13
CA SER C 1402 -43.12 -0.38 -53.30
C SER C 1402 -44.24 -0.99 -54.12
N ARG C 1403 -44.42 -0.48 -55.33
CA ARG C 1403 -45.51 -0.90 -56.27
C ARG C 1403 -45.27 -2.27 -56.90
N ASN C 1404 -44.04 -2.80 -56.84
CA ASN C 1404 -43.72 -4.10 -57.50
C ASN C 1404 -44.58 -5.24 -56.93
N THR C 1405 -45.04 -6.14 -57.80
CA THR C 1405 -45.85 -7.29 -57.43
C THR C 1405 -45.17 -8.55 -57.97
N ASP C 1406 -45.89 -9.66 -57.94
CA ASP C 1406 -45.44 -10.85 -58.64
C ASP C 1406 -45.63 -10.70 -60.15
N ASN C 1407 -46.59 -9.87 -60.56
CA ASN C 1407 -46.99 -9.76 -61.96
C ASN C 1407 -46.48 -8.47 -62.61
N ALA C 1408 -46.74 -7.33 -61.98
CA ALA C 1408 -46.31 -6.04 -62.48
C ALA C 1408 -45.03 -5.59 -61.79
N TRP C 1409 -44.20 -4.87 -62.54
CA TRP C 1409 -43.02 -4.24 -61.95
C TRP C 1409 -42.70 -2.98 -62.74
N VAL C 1410 -41.66 -2.28 -62.31
CA VAL C 1410 -41.25 -1.01 -62.90
C VAL C 1410 -39.80 -1.12 -63.34
N GLU C 1411 -39.53 -0.84 -64.60
CA GLU C 1411 -38.18 -0.74 -65.13
C GLU C 1411 -37.96 0.66 -65.68
N THR C 1412 -36.69 1.09 -65.72
CA THR C 1412 -36.40 2.45 -66.13
C THR C 1412 -35.10 2.50 -66.91
N SER C 1413 -34.97 3.54 -67.72
CA SER C 1413 -33.76 3.81 -68.50
C SER C 1413 -33.32 5.24 -68.21
N ILE C 1414 -32.13 5.38 -67.61
CA ILE C 1414 -31.60 6.68 -67.24
C ILE C 1414 -30.74 7.21 -68.39
N ILE C 1415 -30.99 8.46 -68.79
CA ILE C 1415 -30.24 9.11 -69.86
C ILE C 1415 -29.82 10.49 -69.37
N THR C 1416 -28.63 10.92 -69.80
CA THR C 1416 -28.05 12.17 -69.34
C THR C 1416 -27.46 12.92 -70.53
N LEU C 1417 -28.01 14.10 -70.82
CA LEU C 1417 -27.55 14.96 -71.90
C LEU C 1417 -26.91 16.20 -71.28
N HIS C 1418 -25.59 16.21 -71.20
CA HIS C 1418 -24.85 17.33 -70.66
C HIS C 1418 -24.33 18.18 -71.82
N CYS C 1419 -24.75 19.44 -71.88
CA CYS C 1419 -24.43 20.31 -73.00
C CYS C 1419 -23.05 20.92 -72.84
N ASP C 1420 -22.74 21.91 -73.67
CA ASP C 1420 -21.45 22.58 -73.67
C ASP C 1420 -21.42 23.66 -72.58
N LYS C 1421 -20.41 24.53 -72.65
CA LYS C 1421 -20.29 25.61 -71.67
C LYS C 1421 -21.37 26.66 -71.86
N ASN C 1422 -21.75 26.93 -73.11
CA ASN C 1422 -22.75 27.96 -73.39
C ASN C 1422 -24.17 27.44 -73.36
N THR C 1423 -24.38 26.20 -73.84
CA THR C 1423 -25.66 25.50 -74.01
C THR C 1423 -26.67 26.37 -74.77
N PRO C 1424 -26.51 26.50 -76.10
CA PRO C 1424 -27.39 27.40 -76.86
C PRO C 1424 -28.82 26.93 -76.96
N LEU C 1425 -29.09 25.63 -76.76
CA LEU C 1425 -30.45 25.11 -76.75
C LEU C 1425 -31.11 25.21 -75.39
N MET C 1426 -30.45 25.83 -74.40
CA MET C 1426 -31.00 25.96 -73.06
C MET C 1426 -31.65 27.31 -72.81
N ALA C 1427 -31.37 28.32 -73.65
CA ALA C 1427 -31.93 29.64 -73.43
C ALA C 1427 -33.43 29.67 -73.71
N ASP C 1428 -33.87 29.04 -74.81
CA ASP C 1428 -35.30 28.99 -75.13
C ASP C 1428 -36.05 28.10 -74.15
N LEU C 1429 -35.43 27.01 -73.70
CA LEU C 1429 -36.08 26.14 -72.72
C LEU C 1429 -36.15 26.78 -71.35
N ASN C 1430 -35.17 27.61 -71.00
CA ASN C 1430 -35.24 28.35 -69.74
C ASN C 1430 -36.20 29.53 -69.82
N HIS C 1431 -36.37 30.11 -71.01
CA HIS C 1431 -37.41 31.12 -71.20
C HIS C 1431 -38.80 30.49 -71.15
N MET C 1432 -38.92 29.23 -71.57
CA MET C 1432 -40.16 28.49 -71.46
C MET C 1432 -40.27 27.72 -70.15
N VAL C 1433 -39.35 27.95 -69.21
CA VAL C 1433 -39.35 27.23 -67.94
C VAL C 1433 -40.23 28.01 -66.96
N GLU C 1434 -41.42 27.50 -66.71
CA GLU C 1434 -42.34 28.09 -65.74
C GLU C 1434 -43.08 26.96 -65.04
N SER C 1435 -44.17 27.29 -64.36
CA SER C 1435 -45.03 26.29 -63.71
C SER C 1435 -45.99 25.72 -64.75
N SER C 1436 -45.44 24.87 -65.61
CA SER C 1436 -46.19 24.32 -66.74
C SER C 1436 -46.86 22.99 -66.40
N LEU C 1437 -46.11 22.05 -65.81
CA LEU C 1437 -46.66 20.75 -65.45
C LEU C 1437 -47.51 20.78 -64.19
N SER C 1438 -47.55 21.92 -63.49
CA SER C 1438 -48.37 22.25 -62.32
C SER C 1438 -48.00 21.47 -61.05
N SER C 1439 -47.05 20.54 -61.11
CA SER C 1439 -46.58 19.83 -59.93
C SER C 1439 -45.30 20.42 -59.38
N HIS C 1440 -44.33 20.72 -60.24
CA HIS C 1440 -43.08 21.35 -59.82
C HIS C 1440 -43.26 22.85 -59.85
N GLN C 1441 -43.37 23.47 -58.68
CA GLN C 1441 -43.59 24.92 -58.68
C GLN C 1441 -42.27 25.67 -58.90
N PRO C 1442 -41.10 25.29 -58.28
CA PRO C 1442 -39.83 25.73 -58.88
C PRO C 1442 -39.23 24.70 -59.82
N LEU C 1443 -38.53 25.16 -60.85
CA LEU C 1443 -37.87 24.26 -61.80
C LEU C 1443 -36.73 25.03 -62.46
N GLN C 1444 -35.49 24.75 -62.03
CA GLN C 1444 -34.34 25.46 -62.54
C GLN C 1444 -33.14 24.52 -62.54
N TRP C 1445 -32.02 25.03 -63.05
CA TRP C 1445 -30.79 24.24 -63.14
C TRP C 1445 -30.00 24.38 -61.85
N ARG C 1446 -30.49 23.67 -60.83
CA ARG C 1446 -29.80 23.64 -59.54
C ARG C 1446 -28.49 22.85 -59.66
N GLU C 1447 -27.58 23.14 -58.74
CA GLU C 1447 -26.21 22.64 -58.84
C GLU C 1447 -26.14 21.15 -58.58
N VAL C 1448 -25.47 20.42 -59.47
CA VAL C 1448 -25.33 18.98 -59.36
C VAL C 1448 -24.19 18.65 -58.42
N SER C 1449 -24.10 17.40 -58.00
CA SER C 1449 -23.06 16.94 -57.09
C SER C 1449 -22.91 15.43 -57.26
N SER C 1450 -22.23 14.80 -56.30
CA SER C 1450 -22.10 13.35 -56.23
C SER C 1450 -23.00 12.76 -55.15
N ASP C 1451 -24.20 13.31 -55.01
CA ASP C 1451 -25.06 13.03 -53.86
C ASP C 1451 -25.62 11.61 -53.91
N ALA C 1452 -25.21 10.78 -52.96
CA ALA C 1452 -25.84 9.49 -52.71
C ALA C 1452 -26.91 9.59 -51.64
N CYS C 1453 -27.23 10.80 -51.20
CA CYS C 1453 -28.29 11.07 -50.24
C CYS C 1453 -29.48 11.73 -50.93
N ARG C 1454 -29.80 11.24 -52.11
CA ARG C 1454 -30.83 11.76 -53.00
C ARG C 1454 -31.91 10.70 -53.15
N CYS C 1455 -32.79 10.90 -54.14
CA CYS C 1455 -33.74 9.87 -54.55
C CYS C 1455 -33.00 8.59 -54.93
N SER C 1456 -33.64 7.45 -54.65
CA SER C 1456 -32.96 6.16 -54.59
C SER C 1456 -32.43 5.74 -55.95
N TYR C 1457 -33.26 5.80 -56.99
CA TYR C 1457 -32.78 5.52 -58.34
C TYR C 1457 -31.86 6.62 -58.85
N GLN C 1458 -32.07 7.86 -58.39
CA GLN C 1458 -31.31 9.00 -58.90
C GLN C 1458 -29.94 9.15 -58.26
N ARG C 1459 -29.73 8.56 -57.07
CA ARG C 1459 -28.45 8.73 -56.37
C ARG C 1459 -27.34 8.01 -57.09
N GLU C 1460 -27.61 6.78 -57.54
CA GLU C 1460 -26.62 6.05 -58.33
C GLU C 1460 -26.39 6.68 -59.69
N ALA C 1461 -27.41 7.36 -60.24
CA ALA C 1461 -27.24 8.09 -61.50
C ALA C 1461 -26.31 9.28 -61.33
N LEU C 1462 -26.50 10.06 -60.25
CA LEU C 1462 -25.61 11.18 -59.99
C LEU C 1462 -24.20 10.70 -59.64
N ARG C 1463 -24.09 9.58 -58.93
CA ARG C 1463 -22.79 9.00 -58.63
C ARG C 1463 -22.10 8.49 -59.89
N GLN C 1464 -22.87 7.94 -60.84
CA GLN C 1464 -22.29 7.52 -62.11
C GLN C 1464 -21.84 8.70 -62.94
N ILE C 1465 -22.61 9.81 -62.90
CA ILE C 1465 -22.20 11.03 -63.59
C ILE C 1465 -20.91 11.59 -63.00
N ALA C 1466 -20.79 11.58 -61.68
CA ALA C 1466 -19.56 12.05 -61.03
C ALA C 1466 -18.40 11.10 -61.28
N HIS C 1467 -18.66 9.79 -61.36
CA HIS C 1467 -17.62 8.81 -61.67
C HIS C 1467 -17.14 8.98 -63.10
N HIS C 1468 -18.03 9.36 -64.01
CA HIS C 1468 -17.62 9.72 -65.36
C HIS C 1468 -16.75 10.97 -65.35
N HIS C 1469 -17.28 12.07 -64.79
CA HIS C 1469 -16.60 13.36 -64.78
C HIS C 1469 -15.27 13.42 -64.03
N ASN C 1470 -15.29 13.21 -62.72
CA ASN C 1470 -14.18 13.61 -61.85
C ASN C 1470 -13.06 12.59 -61.77
N THR C 1471 -13.22 11.39 -62.33
CA THR C 1471 -12.23 10.33 -62.14
C THR C 1471 -10.95 10.62 -62.93
N TYR C 1472 -11.04 11.44 -63.97
CA TYR C 1472 -9.92 11.66 -64.88
C TYR C 1472 -8.77 12.39 -64.20
N PHE C 1473 -9.06 13.29 -63.27
CA PHE C 1473 -8.01 14.02 -62.56
C PHE C 1473 -7.53 13.25 -61.34
N CYS D 38 -26.62 -62.47 19.84
CA CYS D 38 -26.82 -63.84 19.38
C CYS D 38 -28.16 -64.02 18.70
N SER D 39 -28.87 -62.92 18.48
CA SER D 39 -30.10 -62.98 17.71
C SER D 39 -29.83 -62.97 16.21
N LEU D 40 -28.75 -62.31 15.79
CA LEU D 40 -28.32 -62.37 14.40
C LEU D 40 -27.91 -63.78 14.00
N ALA D 41 -27.41 -64.58 14.97
CA ALA D 41 -26.93 -65.93 14.69
C ALA D 41 -28.04 -66.85 14.19
N SER D 42 -29.31 -66.55 14.50
CA SER D 42 -30.41 -67.32 13.94
C SER D 42 -30.50 -67.12 12.44
N TRP D 43 -30.30 -65.90 11.97
CA TRP D 43 -30.37 -65.60 10.53
C TRP D 43 -29.08 -65.96 9.80
N ILE D 44 -27.93 -65.72 10.45
CA ILE D 44 -26.65 -65.78 9.75
C ILE D 44 -26.15 -67.20 9.51
N LYS D 45 -26.81 -68.20 10.10
CA LYS D 45 -26.57 -69.60 9.77
C LYS D 45 -27.76 -70.21 9.03
N GLU D 46 -28.76 -69.41 8.70
CA GLU D 46 -29.93 -69.90 8.01
C GLU D 46 -30.15 -69.24 6.65
N ASN D 47 -29.35 -68.23 6.31
CA ASN D 47 -29.48 -67.63 4.99
C ASN D 47 -28.20 -67.73 4.16
N ILE D 48 -27.06 -67.37 4.74
CA ILE D 48 -25.85 -67.12 3.97
C ILE D 48 -25.00 -68.38 3.89
N LYS D 49 -24.62 -68.77 2.67
CA LYS D 49 -23.83 -69.98 2.42
C LYS D 49 -22.33 -69.67 2.31
N LYS D 50 -21.55 -70.70 1.99
CA LYS D 50 -20.10 -70.59 1.77
C LYS D 50 -19.72 -71.57 0.67
N LYS D 51 -18.45 -71.56 0.27
CA LYS D 51 -17.96 -72.37 -0.83
C LYS D 51 -16.74 -73.18 -0.42
N GLU D 52 -16.56 -74.32 -1.08
CA GLU D 52 -15.53 -75.30 -0.71
C GLU D 52 -15.14 -76.08 -1.94
N CYS D 53 -14.26 -77.07 -1.71
CA CYS D 53 -13.81 -78.05 -2.69
C CYS D 53 -13.16 -77.38 -3.89
N VAL D 95 -16.99 -76.60 -8.14
CA VAL D 95 -16.98 -76.35 -6.71
C VAL D 95 -18.41 -76.28 -6.18
N ARG D 96 -18.61 -76.80 -4.98
CA ARG D 96 -19.93 -76.91 -4.37
C ARG D 96 -20.04 -75.91 -3.22
N GLU D 97 -21.28 -75.65 -2.82
CA GLU D 97 -21.57 -74.67 -1.79
C GLU D 97 -22.19 -75.36 -0.58
N THR D 98 -21.98 -74.74 0.58
CA THR D 98 -22.48 -75.24 1.85
C THR D 98 -22.81 -74.06 2.76
N PRO D 99 -23.53 -74.26 3.88
CA PRO D 99 -23.74 -73.14 4.81
C PRO D 99 -22.46 -72.68 5.50
N THR D 100 -22.39 -71.38 5.75
CA THR D 100 -21.16 -70.74 6.20
C THR D 100 -20.94 -70.90 7.70
N ASP D 101 -19.74 -70.52 8.13
CA ASP D 101 -19.36 -70.48 9.53
C ASP D 101 -18.42 -69.30 9.72
N ALA D 102 -17.78 -69.24 10.90
CA ALA D 102 -16.69 -68.31 11.21
C ALA D 102 -17.12 -66.83 11.09
N PHE D 103 -18.12 -66.46 11.89
CA PHE D 103 -18.65 -65.11 11.92
C PHE D 103 -18.76 -64.62 13.35
N GLY D 104 -18.65 -63.31 13.54
CA GLY D 104 -18.74 -62.78 14.88
C GLY D 104 -18.31 -61.35 15.06
N ASP D 105 -17.50 -61.10 16.08
CA ASP D 105 -16.91 -59.79 16.36
C ASP D 105 -15.45 -59.97 16.71
N ILE D 106 -14.55 -59.39 15.92
CA ILE D 106 -13.12 -59.42 16.19
C ILE D 106 -12.71 -58.21 17.01
N SER D 107 -11.80 -58.42 17.94
CA SER D 107 -11.20 -57.34 18.71
C SER D 107 -9.69 -57.45 18.61
N PHE D 108 -9.05 -56.30 18.47
CA PHE D 108 -7.62 -56.24 18.23
C PHE D 108 -6.85 -56.16 19.55
N GLY D 109 -5.55 -55.87 19.40
CA GLY D 109 -4.59 -55.95 20.52
C GLY D 109 -4.98 -55.09 21.70
N GLY D 110 -5.35 -53.83 21.47
CA GLY D 110 -5.76 -53.01 22.63
C GLY D 110 -6.96 -53.66 23.27
N LEU D 111 -6.97 -53.80 24.60
CA LEU D 111 -8.10 -54.48 25.28
C LEU D 111 -9.39 -53.70 25.08
N GLY D 112 -9.30 -52.37 25.11
CA GLY D 112 -10.51 -51.55 24.98
C GLY D 112 -10.69 -50.99 23.60
N GLN D 113 -9.94 -51.42 22.57
CA GLN D 113 -10.22 -50.71 21.33
C GLN D 113 -11.41 -51.41 20.67
N LYS D 114 -12.42 -50.63 20.28
CA LYS D 114 -13.77 -51.11 19.98
C LYS D 114 -13.80 -52.18 18.90
N THR D 115 -14.53 -53.25 19.16
CA THR D 115 -14.50 -54.42 18.31
C THR D 115 -15.29 -54.17 17.02
N GLY D 116 -15.02 -55.03 16.03
CA GLY D 116 -15.75 -54.92 14.78
C GLY D 116 -16.83 -55.97 14.66
N LYS D 117 -17.12 -56.38 13.42
CA LYS D 117 -18.14 -57.39 13.11
C LYS D 117 -17.74 -58.02 11.79
N TYR D 118 -17.46 -59.33 11.80
CA TYR D 118 -16.98 -60.00 10.61
C TYR D 118 -17.93 -61.13 10.22
N VAL D 119 -18.23 -61.21 8.92
CA VAL D 119 -19.03 -62.28 8.33
C VAL D 119 -18.39 -62.65 7.01
N ARG D 120 -18.13 -63.94 6.79
CA ARG D 120 -17.66 -64.40 5.48
C ARG D 120 -18.86 -64.68 4.59
N VAL D 121 -18.81 -64.21 3.35
CA VAL D 121 -19.81 -64.46 2.32
C VAL D 121 -19.06 -64.85 1.06
N SER D 122 -19.29 -66.05 0.56
CA SER D 122 -18.38 -66.64 -0.42
C SER D 122 -18.80 -66.31 -1.85
N SER D 123 -18.60 -65.04 -2.22
CA SER D 123 -18.47 -64.52 -3.58
C SER D 123 -19.72 -64.65 -4.45
N ASP D 124 -20.81 -65.24 -3.96
CA ASP D 124 -22.00 -65.42 -4.77
C ASP D 124 -23.18 -65.53 -3.81
N THR D 125 -23.98 -64.49 -3.72
CA THR D 125 -25.10 -64.48 -2.79
C THR D 125 -26.23 -63.67 -3.39
N SER D 126 -27.42 -63.85 -2.82
CA SER D 126 -28.57 -63.09 -3.25
C SER D 126 -28.46 -61.64 -2.80
N CYS D 127 -29.05 -60.75 -3.58
CA CYS D 127 -29.08 -59.34 -3.19
C CYS D 127 -30.02 -59.11 -2.02
N GLU D 128 -31.08 -59.92 -1.91
CA GLU D 128 -32.03 -59.74 -0.82
C GLU D 128 -31.45 -60.19 0.51
N ASN D 129 -30.70 -61.29 0.51
CA ASN D 129 -30.08 -61.77 1.75
C ASN D 129 -28.98 -60.83 2.21
N LEU D 130 -28.20 -60.30 1.27
CA LEU D 130 -27.17 -59.33 1.60
C LEU D 130 -27.79 -58.01 2.05
N TYR D 131 -28.94 -57.65 1.48
CA TYR D 131 -29.66 -56.47 1.90
C TYR D 131 -30.20 -56.61 3.31
N GLN D 132 -30.73 -57.78 3.65
CA GLN D 132 -31.22 -58.02 5.01
C GLN D 132 -30.08 -58.08 6.01
N LEU D 133 -28.91 -58.58 5.60
CA LEU D 133 -27.73 -58.51 6.44
C LEU D 133 -27.27 -57.06 6.62
N MET D 134 -27.46 -56.24 5.61
CA MET D 134 -26.84 -54.91 5.58
C MET D 134 -27.55 -53.92 6.50
N THR D 135 -28.87 -53.95 6.55
CA THR D 135 -29.62 -52.92 7.25
C THR D 135 -30.46 -53.44 8.42
N GLU D 136 -30.64 -54.74 8.57
CA GLU D 136 -31.48 -55.27 9.64
C GLU D 136 -30.69 -55.99 10.72
N GLN D 137 -29.87 -56.97 10.33
CA GLN D 137 -29.18 -57.80 11.32
C GLN D 137 -27.89 -57.18 11.83
N TRP D 138 -27.45 -56.07 11.24
CA TRP D 138 -26.32 -55.31 11.78
C TRP D 138 -26.74 -53.99 12.40
N LYS D 139 -28.04 -53.66 12.36
CA LYS D 139 -28.63 -52.44 12.89
C LYS D 139 -27.89 -51.18 12.41
N LEU D 140 -27.92 -50.99 11.10
CA LEU D 140 -27.11 -49.95 10.46
C LEU D 140 -28.05 -49.01 9.70
N ARG D 141 -27.95 -47.72 10.01
CA ARG D 141 -28.90 -46.74 9.50
C ARG D 141 -28.63 -46.43 8.02
N SER D 142 -29.53 -45.65 7.44
CA SER D 142 -29.46 -45.28 6.04
C SER D 142 -28.29 -44.33 5.78
N PRO D 143 -27.68 -44.41 4.59
CA PRO D 143 -26.52 -43.55 4.29
C PRO D 143 -26.90 -42.24 3.63
N ASN D 144 -25.95 -41.32 3.57
CA ASN D 144 -26.14 -40.05 2.90
C ASN D 144 -25.19 -39.84 1.73
N LEU D 145 -23.99 -40.41 1.78
CA LEU D 145 -22.99 -40.25 0.72
C LEU D 145 -22.01 -41.40 0.82
N LEU D 146 -21.97 -42.26 -0.18
CA LEU D 146 -21.02 -43.36 -0.24
C LEU D 146 -19.81 -42.94 -1.05
N ILE D 147 -18.62 -43.14 -0.49
CA ILE D 147 -17.37 -42.87 -1.18
C ILE D 147 -16.51 -44.12 -1.12
N SER D 148 -15.81 -44.42 -2.22
CA SER D 148 -15.02 -45.64 -2.35
C SER D 148 -13.59 -45.29 -2.73
N VAL D 149 -12.62 -45.92 -2.08
CA VAL D 149 -11.22 -45.59 -2.26
C VAL D 149 -10.49 -46.82 -2.78
N THR D 150 -9.90 -46.69 -3.97
CA THR D 150 -9.10 -47.75 -4.58
C THR D 150 -7.68 -47.25 -4.76
N GLY D 151 -6.70 -48.09 -4.46
CA GLY D 151 -5.31 -47.69 -4.60
C GLY D 151 -4.40 -48.90 -4.57
N GLY D 152 -3.10 -48.61 -4.70
CA GLY D 152 -2.12 -49.68 -4.69
C GLY D 152 -1.84 -50.19 -3.29
N ALA D 153 -1.61 -51.50 -3.20
CA ALA D 153 -1.20 -52.15 -1.97
C ALA D 153 0.17 -52.80 -2.19
N LYS D 154 1.12 -52.59 -1.29
CA LYS D 154 2.39 -53.33 -1.44
C LYS D 154 3.23 -52.77 -2.58
N ASN D 155 2.86 -51.62 -3.11
CA ASN D 155 3.71 -50.98 -4.10
C ASN D 155 3.47 -49.48 -4.12
N PHE D 156 2.91 -48.94 -3.05
CA PHE D 156 2.33 -47.60 -3.00
C PHE D 156 3.35 -46.63 -2.43
N TYR D 157 3.74 -45.68 -3.26
CA TYR D 157 4.67 -44.64 -2.78
C TYR D 157 4.11 -43.28 -3.16
N ILE D 158 4.12 -42.36 -2.22
CA ILE D 158 3.70 -40.97 -2.40
C ILE D 158 4.61 -40.12 -1.53
N LYS D 159 4.95 -38.93 -2.01
CA LYS D 159 5.69 -37.96 -1.21
C LYS D 159 4.88 -37.53 0.02
N THR D 160 5.59 -37.02 1.03
CA THR D 160 4.95 -36.68 2.30
C THR D 160 4.00 -35.49 2.17
N HIS D 161 4.29 -34.56 1.26
CA HIS D 161 3.48 -33.37 1.09
C HIS D 161 2.11 -33.70 0.51
N LEU D 162 2.09 -34.48 -0.58
CA LEU D 162 0.85 -34.87 -1.22
C LEU D 162 0.02 -35.78 -0.32
N LYS D 163 0.69 -36.67 0.43
CA LYS D 163 0.01 -37.55 1.37
C LYS D 163 -0.67 -36.75 2.47
N ASP D 164 0.02 -35.73 2.98
CA ASP D 164 -0.55 -34.91 4.05
C ASP D 164 -1.75 -34.11 3.56
N LYS D 165 -1.64 -33.53 2.36
CA LYS D 165 -2.77 -32.78 1.80
C LYS D 165 -3.96 -33.68 1.51
N PHE D 166 -3.68 -34.93 1.09
CA PHE D 166 -4.78 -35.86 0.79
C PHE D 166 -5.51 -36.29 2.05
N ARG D 167 -4.79 -36.61 3.13
CA ARG D 167 -5.51 -37.00 4.35
C ARG D 167 -6.24 -35.83 4.98
N ARG D 168 -5.68 -34.61 4.87
CA ARG D 168 -6.38 -33.44 5.39
C ARG D 168 -7.65 -33.13 4.61
N GLY D 169 -7.64 -33.37 3.29
CA GLY D 169 -8.87 -33.22 2.52
C GLY D 169 -9.88 -34.33 2.78
N LEU D 170 -9.39 -35.56 2.95
CA LEU D 170 -10.27 -36.71 3.10
C LEU D 170 -10.99 -36.68 4.44
N ILE D 171 -10.38 -36.11 5.47
CA ILE D 171 -11.08 -35.95 6.75
C ILE D 171 -12.29 -35.04 6.60
N LYS D 172 -12.11 -33.89 5.92
CA LYS D 172 -13.20 -32.92 5.79
C LYS D 172 -14.31 -33.48 4.90
N VAL D 173 -13.95 -34.24 3.86
CA VAL D 173 -14.97 -34.93 3.07
C VAL D 173 -15.74 -35.92 3.94
N ALA D 174 -15.02 -36.69 4.76
CA ALA D 174 -15.65 -37.76 5.51
C ALA D 174 -16.40 -37.29 6.74
N GLN D 175 -16.27 -36.03 7.17
CA GLN D 175 -16.91 -35.63 8.42
C GLN D 175 -18.10 -34.69 8.27
N THR D 176 -18.09 -33.80 7.28
CA THR D 176 -19.15 -32.79 7.16
C THR D 176 -20.47 -33.43 6.76
N THR D 177 -20.41 -34.48 5.96
CA THR D 177 -21.59 -35.28 5.66
C THR D 177 -21.57 -36.55 6.48
N GLY D 178 -22.75 -37.14 6.66
CA GLY D 178 -22.85 -38.41 7.35
C GLY D 178 -22.51 -39.56 6.41
N ALA D 179 -21.25 -39.67 6.05
CA ALA D 179 -20.83 -40.49 4.92
C ALA D 179 -20.60 -41.93 5.33
N TRP D 180 -20.52 -42.79 4.32
CA TRP D 180 -19.90 -44.10 4.43
C TRP D 180 -18.66 -44.10 3.56
N ILE D 181 -17.60 -44.71 4.03
CA ILE D 181 -16.38 -44.86 3.26
C ILE D 181 -16.09 -46.35 3.13
N LEU D 182 -15.74 -46.77 1.92
CA LEU D 182 -15.60 -48.19 1.60
C LEU D 182 -14.25 -48.42 0.95
N THR D 183 -13.58 -49.49 1.34
CA THR D 183 -12.28 -49.83 0.77
C THR D 183 -12.03 -51.31 0.95
N GLY D 184 -10.96 -51.78 0.31
CA GLY D 184 -10.55 -53.16 0.46
C GLY D 184 -9.64 -53.37 1.65
N GLY D 185 -10.20 -53.32 2.85
CA GLY D 185 -9.41 -53.21 4.06
C GLY D 185 -8.48 -54.37 4.38
N THR D 186 -7.19 -54.14 4.15
CA THR D 186 -6.06 -54.98 4.55
C THR D 186 -4.92 -54.02 4.87
N HIS D 187 -4.10 -54.37 5.86
CA HIS D 187 -3.11 -53.43 6.37
C HIS D 187 -1.93 -53.33 5.39
N ALA D 188 -2.17 -52.61 4.28
CA ALA D 188 -1.15 -52.46 3.24
C ALA D 188 -1.46 -51.20 2.42
N GLY D 189 -0.71 -50.14 2.67
CA GLY D 189 -0.70 -48.98 1.80
C GLY D 189 -1.83 -47.98 1.97
N VAL D 190 -2.69 -47.89 0.95
CA VAL D 190 -3.72 -46.85 0.91
C VAL D 190 -4.80 -47.12 1.96
N MET D 191 -5.03 -48.39 2.29
CA MET D 191 -5.98 -48.71 3.35
C MET D 191 -5.44 -48.27 4.70
N LYS D 192 -4.12 -48.40 4.89
CA LYS D 192 -3.48 -47.88 6.09
C LYS D 192 -3.61 -46.37 6.15
N HIS D 193 -3.41 -45.68 5.03
CA HIS D 193 -3.52 -44.22 5.03
C HIS D 193 -4.95 -43.74 5.19
N VAL D 194 -5.94 -44.56 4.86
CA VAL D 194 -7.31 -44.20 5.16
C VAL D 194 -7.64 -44.43 6.63
N GLY D 195 -7.25 -45.60 7.16
CA GLY D 195 -7.55 -45.93 8.53
C GLY D 195 -6.85 -45.03 9.54
N MET D 196 -5.66 -44.52 9.21
CA MET D 196 -4.99 -43.62 10.13
C MET D 196 -5.65 -42.25 10.17
N ALA D 197 -6.17 -41.78 9.04
CA ALA D 197 -6.95 -40.55 9.04
C ALA D 197 -8.26 -40.72 9.80
N VAL D 198 -8.87 -41.90 9.69
CA VAL D 198 -10.12 -42.16 10.42
C VAL D 198 -9.86 -42.24 11.92
N ARG D 199 -8.74 -42.83 12.35
CA ARG D 199 -8.46 -42.88 13.77
C ARG D 199 -8.08 -41.52 14.31
N ASP D 200 -7.36 -40.72 13.50
CA ASP D 200 -7.06 -39.35 13.88
C ASP D 200 -8.32 -38.52 14.04
N TYR D 201 -9.32 -38.73 13.19
CA TYR D 201 -10.54 -37.97 13.37
C TYR D 201 -11.38 -38.49 14.54
N THR D 202 -11.42 -39.80 14.75
CA THR D 202 -12.29 -40.31 15.82
C THR D 202 -11.68 -40.05 17.19
N LEU D 203 -10.36 -39.88 17.28
CA LEU D 203 -9.79 -39.26 18.48
C LEU D 203 -10.08 -37.77 18.50
N SER D 204 -9.98 -37.11 17.34
CA SER D 204 -10.25 -35.68 17.25
C SER D 204 -11.72 -35.37 17.51
N SER D 205 -12.62 -36.28 17.15
CA SER D 205 -14.04 -36.10 17.47
C SER D 205 -14.34 -36.42 18.92
N GLY D 206 -13.63 -37.40 19.48
CA GLY D 206 -13.97 -37.92 20.78
C GLY D 206 -15.00 -39.02 20.79
N SER D 207 -15.55 -39.38 19.61
CA SER D 207 -16.50 -40.47 19.42
C SER D 207 -17.75 -40.33 20.30
N MET D 208 -18.32 -39.12 20.33
CA MET D 208 -19.48 -38.85 21.16
C MET D 208 -20.70 -39.64 20.69
N GLU D 209 -21.03 -39.52 19.41
CA GLU D 209 -22.15 -40.24 18.79
C GLU D 209 -21.95 -40.18 17.29
N GLY D 210 -22.76 -40.94 16.56
CA GLY D 210 -22.64 -41.02 15.12
C GLY D 210 -21.32 -41.62 14.65
N GLN D 211 -21.12 -42.90 14.96
CA GLN D 211 -19.88 -43.59 14.61
C GLN D 211 -19.73 -43.70 13.09
N ILE D 212 -18.53 -43.35 12.60
CA ILE D 212 -18.26 -43.45 11.17
C ILE D 212 -18.13 -44.92 10.79
N VAL D 213 -18.77 -45.29 9.69
CA VAL D 213 -18.76 -46.66 9.19
C VAL D 213 -17.72 -46.73 8.09
N VAL D 214 -16.68 -47.53 8.32
CA VAL D 214 -15.62 -47.74 7.34
C VAL D 214 -15.68 -49.23 7.00
N ILE D 215 -16.46 -49.57 6.00
CA ILE D 215 -16.75 -50.97 5.68
C ILE D 215 -15.66 -51.50 4.77
N GLY D 216 -15.21 -52.73 5.01
CA GLY D 216 -14.13 -53.33 4.28
C GLY D 216 -14.53 -54.61 3.60
N VAL D 217 -13.92 -54.87 2.43
CA VAL D 217 -14.16 -56.08 1.65
C VAL D 217 -12.81 -56.66 1.26
N ALA D 218 -12.51 -57.86 1.73
CA ALA D 218 -11.22 -58.49 1.49
C ALA D 218 -11.44 -59.95 1.13
N PRO D 219 -10.52 -60.55 0.38
CA PRO D 219 -10.66 -61.98 0.09
C PRO D 219 -10.42 -62.84 1.32
N TRP D 220 -11.22 -63.90 1.46
CA TRP D 220 -11.06 -64.83 2.58
C TRP D 220 -9.78 -65.63 2.46
N GLY D 221 -9.45 -66.05 1.24
CA GLY D 221 -8.34 -66.98 1.05
C GLY D 221 -7.00 -66.37 1.38
N VAL D 222 -6.80 -65.11 0.98
CA VAL D 222 -5.47 -64.51 1.05
C VAL D 222 -5.21 -63.81 2.37
N ILE D 223 -6.24 -63.61 3.20
CA ILE D 223 -6.00 -63.11 4.53
C ILE D 223 -5.48 -64.26 5.38
N HIS D 224 -4.53 -63.99 6.27
CA HIS D 224 -3.81 -65.07 6.90
C HIS D 224 -3.99 -65.08 8.41
N ASN D 225 -3.62 -66.22 8.99
CA ASN D 225 -3.71 -66.53 10.42
C ASN D 225 -5.16 -66.43 10.91
N ARG D 226 -6.02 -67.17 10.23
CA ARG D 226 -7.43 -67.29 10.58
C ARG D 226 -7.71 -68.46 11.51
N SER D 227 -6.65 -69.11 12.00
CA SER D 227 -6.79 -70.29 12.86
C SER D 227 -7.55 -69.96 14.14
N THR D 228 -7.26 -68.81 14.73
CA THR D 228 -8.02 -68.29 15.87
C THR D 228 -9.37 -67.68 15.47
N LEU D 229 -9.80 -67.77 14.22
CA LEU D 229 -11.03 -67.12 13.77
C LEU D 229 -12.06 -68.09 13.19
N ILE D 230 -11.65 -69.24 12.67
CA ILE D 230 -12.58 -70.20 12.09
C ILE D 230 -13.22 -71.01 13.21
N HIS D 231 -14.56 -70.96 13.27
CA HIS D 231 -15.29 -71.65 14.33
C HIS D 231 -16.71 -71.91 13.83
N PRO D 232 -17.28 -73.09 14.08
CA PRO D 232 -18.60 -73.42 13.51
C PRO D 232 -19.79 -72.98 14.36
N GLU D 233 -19.57 -72.28 15.48
CA GLU D 233 -20.65 -71.92 16.37
C GLU D 233 -20.64 -70.44 16.77
N GLY D 234 -19.72 -69.65 16.23
CA GLY D 234 -19.64 -68.25 16.59
C GLY D 234 -18.65 -67.99 17.69
N ARG D 235 -17.94 -66.86 17.62
CA ARG D 235 -16.92 -66.53 18.59
C ARG D 235 -16.94 -65.01 18.78
N PHE D 236 -17.69 -64.57 19.80
CA PHE D 236 -18.03 -63.16 19.92
C PHE D 236 -16.93 -62.30 20.54
N PRO D 237 -16.21 -62.72 21.61
CA PRO D 237 -15.00 -61.95 21.97
C PRO D 237 -13.75 -62.48 21.25
N ALA D 238 -13.81 -62.50 19.93
CA ALA D 238 -12.74 -63.11 19.14
C ALA D 238 -11.49 -62.25 19.15
N TYR D 239 -10.38 -62.85 19.56
CA TYR D 239 -9.12 -62.15 19.62
C TYR D 239 -8.34 -62.36 18.34
N TYR D 240 -7.53 -61.36 17.99
CA TYR D 240 -6.74 -61.38 16.76
C TYR D 240 -5.55 -60.49 16.97
N SER D 241 -4.41 -60.93 16.46
CA SER D 241 -3.16 -60.20 16.62
C SER D 241 -2.55 -59.89 15.26
N LEU D 242 -1.94 -58.72 15.15
CA LEU D 242 -1.23 -58.34 13.94
C LEU D 242 0.10 -59.08 13.90
N ASP D 243 0.35 -59.80 12.80
CA ASP D 243 1.56 -60.60 12.67
C ASP D 243 2.69 -59.82 12.02
N GLU D 244 2.47 -59.34 10.79
CA GLU D 244 3.36 -58.48 10.02
C GLU D 244 4.73 -59.12 9.73
N GLN D 245 4.84 -60.44 9.86
CA GLN D 245 6.06 -61.15 9.50
C GLN D 245 5.83 -62.13 8.36
N GLY D 246 4.87 -63.04 8.50
CA GLY D 246 4.58 -64.01 7.46
C GLY D 246 3.63 -63.43 6.42
N GLN D 247 4.17 -62.56 5.57
CA GLN D 247 3.35 -61.83 4.59
C GLN D 247 3.87 -61.98 3.16
N GLY D 248 4.44 -63.14 2.82
CA GLY D 248 5.01 -63.31 1.49
C GLY D 248 3.96 -63.42 0.40
N ARG D 249 3.09 -64.42 0.50
CA ARG D 249 2.03 -64.61 -0.47
C ARG D 249 0.66 -64.37 0.15
N LEU D 250 0.63 -63.91 1.39
CA LEU D 250 -0.61 -63.61 2.10
C LEU D 250 -0.49 -62.22 2.69
N SER D 251 -1.62 -61.68 3.16
CA SER D 251 -1.65 -60.30 3.61
C SER D 251 -2.28 -60.22 4.99
N CYS D 252 -1.87 -59.21 5.74
CA CYS D 252 -2.39 -58.99 7.08
C CYS D 252 -3.65 -58.13 7.04
N LEU D 253 -4.53 -58.35 8.00
CA LEU D 253 -5.77 -57.61 8.09
C LEU D 253 -5.55 -56.27 8.80
N ASP D 254 -6.41 -55.31 8.51
CA ASP D 254 -6.20 -53.93 8.96
C ASP D 254 -6.71 -53.79 10.39
N ILE D 255 -6.65 -52.58 10.95
CA ILE D 255 -6.93 -52.34 12.36
C ILE D 255 -8.10 -51.39 12.55
N ASN D 256 -8.16 -50.32 11.75
CA ASN D 256 -9.03 -49.19 12.00
C ASN D 256 -10.34 -49.24 11.23
N HIS D 257 -10.87 -50.43 10.97
CA HIS D 257 -12.18 -50.56 10.34
C HIS D 257 -13.23 -50.92 11.38
N THR D 258 -14.47 -51.08 10.92
CA THR D 258 -15.53 -51.46 11.85
C THR D 258 -16.37 -52.63 11.34
N HIS D 259 -16.48 -52.80 10.03
CA HIS D 259 -17.22 -53.91 9.46
C HIS D 259 -16.30 -54.66 8.51
N PHE D 260 -16.62 -55.93 8.25
CA PHE D 260 -15.78 -56.78 7.41
C PHE D 260 -16.65 -57.78 6.66
N LEU D 261 -16.55 -57.79 5.34
CA LEU D 261 -17.21 -58.79 4.50
C LEU D 261 -16.12 -59.54 3.75
N LEU D 262 -15.81 -60.75 4.19
CA LEU D 262 -14.73 -61.51 3.58
C LEU D 262 -15.31 -62.45 2.53
N VAL D 263 -14.64 -62.53 1.38
CA VAL D 263 -15.19 -63.20 0.22
C VAL D 263 -14.29 -64.37 -0.17
N ASP D 264 -14.91 -65.45 -0.64
CA ASP D 264 -14.21 -66.71 -0.85
C ASP D 264 -14.68 -67.35 -2.15
N ASP D 265 -13.72 -67.66 -3.04
CA ASP D 265 -14.01 -68.25 -4.38
C ASP D 265 -13.75 -69.76 -4.42
N GLY D 266 -13.46 -70.38 -3.28
CA GLY D 266 -13.18 -71.83 -3.22
C GLY D 266 -11.70 -72.14 -3.37
N THR D 267 -10.91 -71.12 -3.69
CA THR D 267 -9.45 -71.18 -3.80
C THR D 267 -8.82 -70.46 -2.62
N GLN D 268 -7.56 -70.79 -2.36
CA GLN D 268 -6.87 -70.28 -1.19
C GLN D 268 -5.67 -69.40 -1.53
N GLY D 269 -5.37 -69.18 -2.80
CA GLY D 269 -4.20 -68.38 -3.12
C GLY D 269 -4.43 -67.17 -4.00
N HIS D 270 -5.47 -67.20 -4.84
CA HIS D 270 -5.64 -66.19 -5.87
C HIS D 270 -6.11 -64.86 -5.29
N TYR D 271 -5.63 -63.76 -5.88
CA TYR D 271 -6.04 -62.41 -5.53
C TYR D 271 -7.16 -61.97 -6.45
N GLY D 272 -7.80 -60.86 -6.06
CA GLY D 272 -8.71 -60.17 -6.97
C GLY D 272 -10.10 -60.75 -7.10
N VAL D 273 -10.53 -61.57 -6.14
CA VAL D 273 -11.88 -62.17 -6.21
C VAL D 273 -12.93 -61.12 -5.87
N GLU D 274 -12.59 -60.15 -5.03
CA GLU D 274 -13.57 -59.33 -4.32
C GLU D 274 -14.37 -58.41 -5.25
N ILE D 275 -13.78 -58.05 -6.40
CA ILE D 275 -14.21 -57.02 -7.35
C ILE D 275 -15.70 -57.04 -7.72
N GLU D 276 -16.22 -58.23 -8.04
CA GLU D 276 -17.58 -58.33 -8.55
C GLU D 276 -18.60 -58.02 -7.47
N LEU D 277 -18.42 -58.60 -6.28
CA LEU D 277 -19.30 -58.28 -5.17
C LEU D 277 -19.06 -56.87 -4.64
N ARG D 278 -17.86 -56.31 -4.85
CA ARG D 278 -17.64 -54.91 -4.49
C ARG D 278 -18.47 -53.97 -5.35
N ALA D 279 -18.47 -54.19 -6.67
CA ALA D 279 -19.30 -53.36 -7.55
C ALA D 279 -20.79 -53.59 -7.34
N ARG D 280 -21.18 -54.85 -7.10
CA ARG D 280 -22.58 -55.15 -6.89
C ARG D 280 -23.07 -54.59 -5.55
N LEU D 281 -22.17 -54.54 -4.55
CA LEU D 281 -22.50 -53.92 -3.28
C LEU D 281 -22.62 -52.40 -3.42
N GLU D 282 -21.80 -51.79 -4.29
CA GLU D 282 -21.95 -50.36 -4.55
C GLU D 282 -23.32 -50.05 -5.15
N LYS D 283 -23.73 -50.85 -6.16
CA LYS D 283 -25.06 -50.64 -6.74
C LYS D 283 -26.17 -50.94 -5.74
N LEU D 284 -25.98 -51.94 -4.88
CA LEU D 284 -26.98 -52.28 -3.88
C LEU D 284 -27.16 -51.17 -2.84
N ILE D 285 -26.06 -50.58 -2.40
CA ILE D 285 -26.12 -49.45 -1.47
C ILE D 285 -26.76 -48.24 -2.13
N SER D 286 -26.53 -48.07 -3.45
CA SER D 286 -26.98 -46.87 -4.15
C SER D 286 -28.50 -46.70 -4.17
N LYS D 287 -29.27 -47.78 -4.18
CA LYS D 287 -30.73 -47.68 -4.23
C LYS D 287 -31.40 -47.90 -2.88
N LEU D 288 -30.68 -47.75 -1.77
CA LEU D 288 -31.27 -47.99 -0.46
C LEU D 288 -32.28 -46.90 -0.09
N SER D 289 -32.03 -45.66 -0.47
CA SER D 289 -32.94 -44.57 -0.12
C SER D 289 -34.03 -44.41 -1.18
N LEU D 290 -34.96 -45.37 -1.16
CA LEU D 290 -36.12 -45.34 -2.05
C LEU D 290 -37.33 -45.81 -1.25
N GLY D 291 -38.38 -44.97 -1.24
CA GLY D 291 -39.63 -45.23 -0.48
C GLY D 291 -39.61 -44.61 0.92
N ASN D 292 -38.43 -44.13 1.34
CA ASN D 292 -38.21 -43.43 2.64
C ASN D 292 -38.86 -42.03 2.64
N ARG D 293 -38.76 -41.29 1.54
CA ARG D 293 -39.31 -39.91 1.56
C ARG D 293 -40.25 -39.66 0.39
N GLU D 294 -40.54 -38.38 0.14
CA GLU D 294 -41.47 -37.89 -0.91
C GLU D 294 -41.02 -38.21 -2.34
N SER D 295 -39.74 -38.06 -2.66
CA SER D 295 -39.29 -38.24 -4.07
C SER D 295 -38.28 -39.38 -4.22
N GLY D 296 -38.22 -39.96 -5.42
CA GLY D 296 -37.32 -41.06 -5.70
C GLY D 296 -35.96 -40.63 -6.23
N VAL D 297 -35.14 -40.03 -5.39
CA VAL D 297 -33.77 -39.64 -5.74
C VAL D 297 -32.80 -40.57 -5.03
N THR D 298 -31.89 -41.16 -5.80
CA THR D 298 -30.94 -42.12 -5.26
C THR D 298 -29.72 -41.41 -4.68
N ILE D 299 -29.13 -42.02 -3.66
CA ILE D 299 -27.97 -41.40 -3.00
C ILE D 299 -26.75 -41.46 -3.90
N PRO D 300 -25.89 -40.45 -3.93
CA PRO D 300 -24.76 -40.45 -4.84
C PRO D 300 -23.62 -41.34 -4.36
N VAL D 301 -22.87 -41.88 -5.32
CA VAL D 301 -21.66 -42.65 -5.05
C VAL D 301 -20.52 -42.08 -5.88
N VAL D 302 -19.29 -42.28 -5.39
CA VAL D 302 -18.07 -41.73 -5.97
C VAL D 302 -16.93 -42.69 -5.70
N CYS D 303 -16.17 -43.05 -6.74
CA CYS D 303 -14.92 -43.79 -6.57
C CYS D 303 -13.76 -42.82 -6.67
N VAL D 304 -12.88 -42.85 -5.67
CA VAL D 304 -11.68 -42.03 -5.64
C VAL D 304 -10.49 -42.96 -5.79
N VAL D 305 -9.78 -42.87 -6.91
CA VAL D 305 -8.60 -43.69 -7.19
C VAL D 305 -7.36 -42.84 -7.06
N LEU D 306 -6.35 -43.35 -6.34
CA LEU D 306 -5.12 -42.62 -6.10
C LEU D 306 -4.00 -43.05 -7.04
N ASP D 307 -3.53 -44.30 -6.95
CA ASP D 307 -2.76 -45.03 -7.96
C ASP D 307 -2.66 -46.50 -7.59
N GLY D 308 -2.76 -47.37 -8.58
CA GLY D 308 -2.59 -48.80 -8.35
C GLY D 308 -2.37 -49.53 -9.64
N GLY D 309 -1.91 -50.77 -9.53
CA GLY D 309 -1.51 -51.52 -10.70
C GLY D 309 -2.64 -52.20 -11.44
N PRO D 310 -2.49 -53.50 -11.74
CA PRO D 310 -3.48 -54.20 -12.56
C PRO D 310 -4.84 -54.36 -11.91
N GLY D 311 -4.91 -54.38 -10.58
CA GLY D 311 -6.20 -54.56 -9.92
C GLY D 311 -7.03 -53.29 -9.93
N THR D 312 -6.36 -52.14 -9.81
CA THR D 312 -7.07 -50.87 -9.67
C THR D 312 -7.76 -50.49 -10.98
N LEU D 313 -7.12 -50.76 -12.11
CA LEU D 313 -7.75 -50.56 -13.41
C LEU D 313 -8.97 -51.48 -13.58
N ASN D 314 -8.87 -52.69 -13.04
CA ASN D 314 -9.99 -53.63 -13.11
C ASN D 314 -11.17 -53.13 -12.29
N THR D 315 -10.92 -52.64 -11.08
CA THR D 315 -12.06 -52.20 -10.26
C THR D 315 -12.62 -50.87 -10.75
N ILE D 316 -11.80 -50.03 -11.38
CA ILE D 316 -12.30 -48.82 -12.04
C ILE D 316 -13.24 -49.19 -13.19
N TYR D 317 -12.82 -50.12 -14.04
CA TYR D 317 -13.67 -50.54 -15.15
C TYR D 317 -14.93 -51.23 -14.66
N ASN D 318 -14.82 -52.01 -13.60
CA ASN D 318 -15.99 -52.75 -13.13
C ASN D 318 -16.97 -51.84 -12.40
N SER D 319 -16.47 -50.74 -11.83
CA SER D 319 -17.40 -49.75 -11.30
C SER D 319 -18.03 -48.93 -12.42
N MET D 320 -17.25 -48.52 -13.41
CA MET D 320 -17.78 -47.71 -14.51
C MET D 320 -18.68 -48.49 -15.46
N LEU D 321 -18.69 -49.83 -15.39
CA LEU D 321 -19.75 -50.57 -16.08
C LEU D 321 -21.12 -50.18 -15.52
N ASN D 322 -21.21 -50.02 -14.21
CA ASN D 322 -22.40 -49.42 -13.62
C ASN D 322 -22.40 -47.93 -13.91
N HIS D 323 -23.55 -47.43 -14.37
CA HIS D 323 -23.59 -46.05 -14.89
C HIS D 323 -23.42 -45.01 -13.80
N THR D 324 -24.02 -45.25 -12.63
CA THR D 324 -24.00 -44.26 -11.56
C THR D 324 -22.63 -43.94 -10.95
N PRO D 325 -21.70 -44.89 -10.68
CA PRO D 325 -20.41 -44.47 -10.09
C PRO D 325 -19.58 -43.61 -11.02
N CYS D 326 -18.84 -42.68 -10.41
CA CYS D 326 -18.07 -41.67 -11.12
C CYS D 326 -16.65 -41.71 -10.59
N VAL D 327 -15.71 -42.07 -11.45
CA VAL D 327 -14.33 -42.28 -11.02
C VAL D 327 -13.57 -40.96 -11.08
N VAL D 328 -12.91 -40.62 -9.97
CA VAL D 328 -12.20 -39.36 -9.80
C VAL D 328 -10.73 -39.68 -9.54
N LEU D 329 -9.84 -39.15 -10.38
CA LEU D 329 -8.44 -39.57 -10.40
C LEU D 329 -7.50 -38.50 -9.88
N GLU D 330 -6.53 -38.92 -9.09
CA GLU D 330 -5.45 -38.04 -8.63
C GLU D 330 -4.54 -37.71 -9.80
N GLY D 331 -3.98 -36.50 -9.80
CA GLY D 331 -3.07 -36.11 -10.86
C GLY D 331 -1.61 -36.38 -10.56
N SER D 332 -1.34 -37.36 -9.69
CA SER D 332 0.04 -37.71 -9.35
C SER D 332 0.10 -39.14 -8.84
N GLY D 333 0.85 -39.98 -9.54
CA GLY D 333 0.92 -41.40 -9.23
C GLY D 333 1.61 -42.13 -10.36
N ARG D 334 1.26 -43.40 -10.53
CA ARG D 334 1.79 -44.10 -11.69
C ARG D 334 0.69 -44.48 -12.68
N LEU D 335 -0.34 -45.22 -12.29
CA LEU D 335 -1.44 -45.46 -13.23
C LEU D 335 -2.32 -44.24 -13.35
N ALA D 336 -2.37 -43.41 -12.32
CA ALA D 336 -3.12 -42.18 -12.42
C ALA D 336 -2.48 -41.19 -13.38
N ASP D 337 -1.15 -41.19 -13.49
CA ASP D 337 -0.47 -40.37 -14.48
C ASP D 337 -0.64 -40.90 -15.89
N VAL D 338 -0.84 -42.21 -16.03
CA VAL D 338 -1.16 -42.81 -17.33
C VAL D 338 -2.46 -42.26 -17.88
N ILE D 339 -3.52 -42.31 -17.06
CA ILE D 339 -4.81 -41.81 -17.54
C ILE D 339 -4.80 -40.27 -17.59
N ALA D 340 -4.03 -39.62 -16.72
CA ALA D 340 -3.86 -38.18 -16.80
C ALA D 340 -3.12 -37.73 -18.05
N HIS D 341 -2.34 -38.61 -18.68
CA HIS D 341 -1.73 -38.30 -19.97
C HIS D 341 -2.56 -38.79 -21.15
N VAL D 342 -3.35 -39.85 -20.99
CA VAL D 342 -4.19 -40.34 -22.07
C VAL D 342 -5.42 -39.45 -22.27
N ALA D 343 -5.94 -38.86 -21.19
CA ALA D 343 -7.20 -38.10 -21.24
C ALA D 343 -7.12 -36.78 -22.00
N SER D 344 -6.04 -36.42 -22.69
CA SER D 344 -6.01 -35.22 -23.52
C SER D 344 -6.37 -35.53 -24.97
N VAL D 345 -5.78 -36.58 -25.53
CA VAL D 345 -5.94 -36.95 -26.94
C VAL D 345 -7.32 -37.54 -27.18
N PRO D 346 -7.85 -37.47 -28.40
CA PRO D 346 -9.10 -38.17 -28.72
C PRO D 346 -8.90 -39.68 -28.76
N VAL D 347 -10.05 -40.38 -28.83
CA VAL D 347 -10.09 -41.84 -28.73
C VAL D 347 -9.40 -42.48 -29.93
N SER D 348 -9.49 -41.85 -31.11
CA SER D 348 -8.86 -42.40 -32.30
C SER D 348 -7.34 -42.37 -32.20
N LYS D 349 -6.79 -41.39 -31.49
CA LYS D 349 -5.33 -41.18 -31.49
C LYS D 349 -4.59 -42.28 -30.74
N VAL D 350 -5.19 -42.83 -29.69
CA VAL D 350 -4.47 -43.77 -28.83
C VAL D 350 -4.25 -45.09 -29.55
N THR D 351 -3.05 -45.63 -29.43
CA THR D 351 -2.67 -46.89 -30.05
C THR D 351 -1.93 -47.75 -29.03
N MET D 352 -1.61 -48.97 -29.44
CA MET D 352 -0.89 -49.91 -28.58
C MET D 352 0.57 -49.53 -28.41
N ALA D 353 1.13 -48.72 -29.31
CA ALA D 353 2.49 -48.24 -29.12
C ALA D 353 2.56 -47.14 -28.07
N LEU D 354 1.56 -46.27 -28.04
CA LEU D 354 1.55 -45.16 -27.09
C LEU D 354 1.41 -45.65 -25.65
N ILE D 355 0.54 -46.63 -25.43
CA ILE D 355 0.35 -47.15 -24.08
C ILE D 355 1.56 -47.98 -23.64
N ASN D 356 2.22 -48.66 -24.59
CA ASN D 356 3.46 -49.36 -24.26
C ASN D 356 4.57 -48.38 -23.90
N ARG D 357 4.63 -47.24 -24.59
CA ARG D 357 5.58 -46.19 -24.26
C ARG D 357 5.32 -45.61 -22.88
N LEU D 358 4.05 -45.38 -22.55
CA LEU D 358 3.69 -44.83 -21.25
C LEU D 358 3.90 -45.84 -20.12
N LEU D 359 3.67 -47.14 -20.37
CA LEU D 359 3.94 -48.15 -19.35
C LEU D 359 5.43 -48.27 -19.08
N LYS D 360 6.25 -48.17 -20.13
CA LYS D 360 7.71 -48.18 -19.86
C LYS D 360 8.06 -46.93 -19.05
N ARG D 361 7.46 -45.80 -19.40
CA ARG D 361 7.78 -44.51 -18.75
C ARG D 361 7.33 -44.42 -17.29
N PHE D 362 6.12 -44.89 -16.95
CA PHE D 362 5.57 -44.73 -15.57
C PHE D 362 5.89 -45.90 -14.65
N PHE D 363 5.70 -47.14 -15.08
CA PHE D 363 6.12 -48.26 -14.21
C PHE D 363 7.59 -48.52 -14.48
N MET D 364 8.49 -47.69 -13.94
CA MET D 364 9.93 -47.86 -14.27
C MET D 364 10.38 -49.25 -13.81
N GLN D 365 10.05 -49.61 -12.58
CA GLN D 365 10.44 -50.95 -12.08
C GLN D 365 9.21 -51.85 -12.21
N GLU D 366 9.46 -53.15 -12.45
CA GLU D 366 8.45 -54.24 -12.61
C GLU D 366 7.78 -54.19 -13.98
N TYR D 367 8.27 -53.35 -14.90
CA TYR D 367 7.69 -53.31 -16.26
C TYR D 367 7.97 -54.65 -16.92
N LYS D 368 9.18 -55.15 -16.70
CA LYS D 368 9.61 -56.43 -17.37
C LYS D 368 8.67 -57.62 -17.13
N ASN D 369 8.16 -57.80 -15.92
CA ASN D 369 7.35 -58.93 -15.51
C ASN D 369 6.02 -59.05 -16.25
N PHE D 370 5.75 -58.14 -17.19
CA PHE D 370 4.45 -58.05 -17.91
C PHE D 370 4.40 -58.87 -19.21
N THR D 371 3.33 -59.66 -19.40
CA THR D 371 3.15 -60.37 -20.66
C THR D 371 2.56 -59.44 -21.73
N GLU D 372 2.88 -59.74 -22.98
CA GLU D 372 2.32 -58.99 -24.10
C GLU D 372 0.81 -59.16 -24.19
N LEU D 373 0.30 -60.36 -23.86
CA LEU D 373 -1.14 -60.60 -23.86
C LEU D 373 -1.83 -59.78 -22.77
N GLN D 374 -1.19 -59.63 -21.62
CA GLN D 374 -1.70 -58.77 -20.56
C GLN D 374 -1.69 -57.31 -20.98
N ILE D 375 -0.68 -56.91 -21.74
CA ILE D 375 -0.66 -55.56 -22.33
C ILE D 375 -1.81 -55.39 -23.33
N ILE D 376 -2.12 -56.43 -24.10
CA ILE D 376 -3.25 -56.39 -25.02
C ILE D 376 -4.57 -56.25 -24.27
N GLU D 377 -4.68 -56.85 -23.09
CA GLU D 377 -5.89 -56.68 -22.27
C GLU D 377 -6.01 -55.25 -21.74
N TRP D 378 -4.94 -54.70 -21.19
CA TRP D 378 -5.05 -53.32 -20.68
C TRP D 378 -5.38 -52.39 -21.85
N THR D 379 -4.68 -52.54 -22.97
CA THR D 379 -4.92 -51.63 -24.08
C THR D 379 -6.30 -51.78 -24.72
N LYS D 380 -7.19 -52.59 -24.17
CA LYS D 380 -8.60 -52.55 -24.52
C LYS D 380 -9.41 -51.95 -23.38
N LYS D 381 -9.02 -52.29 -22.14
CA LYS D 381 -9.60 -51.68 -20.95
C LYS D 381 -9.50 -50.16 -20.98
N ILE D 382 -8.37 -49.63 -21.43
CA ILE D 382 -8.16 -48.18 -21.36
C ILE D 382 -9.04 -47.43 -22.38
N GLN D 383 -9.25 -48.00 -23.57
CA GLN D 383 -10.19 -47.33 -24.47
C GLN D 383 -11.63 -47.49 -24.02
N ASP D 384 -11.99 -48.61 -23.37
CA ASP D 384 -13.34 -48.68 -22.83
C ASP D 384 -13.54 -47.75 -21.64
N ILE D 385 -12.46 -47.39 -20.94
CA ILE D 385 -12.57 -46.33 -19.93
C ILE D 385 -12.67 -44.96 -20.58
N LEU D 386 -11.96 -44.73 -21.68
CA LEU D 386 -11.99 -43.43 -22.35
C LEU D 386 -13.21 -43.25 -23.24
N ARG D 387 -14.02 -44.30 -23.42
CA ARG D 387 -15.17 -44.20 -24.31
C ARG D 387 -16.26 -43.29 -23.73
N MET D 388 -16.55 -43.40 -22.44
CA MET D 388 -17.51 -42.54 -21.79
C MET D 388 -16.82 -41.38 -21.06
N PRO D 389 -16.79 -40.18 -21.64
CA PRO D 389 -15.98 -39.10 -21.07
C PRO D 389 -16.65 -38.37 -19.92
N HIS D 390 -17.93 -38.64 -19.65
CA HIS D 390 -18.67 -37.93 -18.61
C HIS D 390 -18.71 -38.71 -17.30
N LEU D 391 -17.79 -39.66 -17.12
CA LEU D 391 -17.59 -40.35 -15.87
C LEU D 391 -16.13 -40.32 -15.42
N LEU D 392 -15.29 -39.54 -16.08
CA LEU D 392 -13.85 -39.59 -15.86
C LEU D 392 -13.35 -38.17 -15.63
N THR D 393 -12.69 -37.96 -14.50
CA THR D 393 -12.28 -36.61 -14.13
C THR D 393 -10.93 -36.68 -13.44
N VAL D 394 -9.99 -35.86 -13.90
CA VAL D 394 -8.67 -35.75 -13.31
C VAL D 394 -8.61 -34.45 -12.53
N PHE D 395 -8.17 -34.52 -11.27
CA PHE D 395 -7.97 -33.32 -10.48
C PHE D 395 -6.54 -33.25 -9.99
N ARG D 396 -6.18 -32.09 -9.44
CA ARG D 396 -4.84 -31.82 -8.96
C ARG D 396 -4.94 -30.92 -7.74
N ILE D 397 -4.50 -31.42 -6.59
CA ILE D 397 -4.68 -30.70 -5.34
C ILE D 397 -3.66 -29.57 -5.26
N ASP D 398 -4.15 -28.34 -5.12
CA ASP D 398 -3.28 -27.18 -4.92
C ASP D 398 -4.04 -26.16 -4.10
N GLU D 399 -3.44 -25.72 -3.00
CA GLU D 399 -4.11 -24.78 -2.10
C GLU D 399 -4.04 -23.34 -2.60
N ASP D 400 -3.16 -23.05 -3.56
CA ASP D 400 -3.04 -21.69 -4.06
C ASP D 400 -4.23 -21.32 -4.94
N LYS D 401 -4.64 -22.23 -5.82
CA LYS D 401 -5.76 -21.98 -6.72
C LYS D 401 -7.11 -22.34 -6.12
N ASN D 402 -7.15 -22.60 -4.81
CA ASN D 402 -8.37 -22.94 -4.05
C ASN D 402 -9.08 -24.17 -4.63
N TYR D 403 -8.40 -25.29 -4.54
CA TYR D 403 -8.84 -26.52 -5.18
C TYR D 403 -8.51 -27.68 -4.26
N ASP D 404 -9.49 -28.53 -3.96
CA ASP D 404 -9.31 -29.60 -2.98
C ASP D 404 -10.10 -30.82 -3.46
N VAL D 405 -10.33 -31.79 -2.56
CA VAL D 405 -10.96 -33.04 -2.95
C VAL D 405 -12.47 -32.86 -3.11
N ASP D 406 -13.07 -32.03 -2.25
CA ASP D 406 -14.50 -31.75 -2.29
C ASP D 406 -14.92 -31.10 -3.61
N VAL D 407 -14.06 -30.24 -4.15
CA VAL D 407 -14.32 -29.62 -5.46
C VAL D 407 -14.39 -30.68 -6.55
N ALA D 408 -13.45 -31.63 -6.51
CA ALA D 408 -13.42 -32.68 -7.53
C ALA D 408 -14.62 -33.61 -7.41
N ILE D 409 -15.00 -33.97 -6.18
CA ILE D 409 -16.16 -34.83 -5.99
C ILE D 409 -17.43 -34.14 -6.46
N LEU D 410 -17.54 -32.83 -6.20
CA LEU D 410 -18.74 -32.10 -6.58
C LEU D 410 -18.83 -31.90 -8.09
N GLN D 411 -17.69 -31.61 -8.74
CA GLN D 411 -17.69 -31.48 -10.20
C GLN D 411 -17.98 -32.80 -10.88
N ALA D 412 -17.36 -33.90 -10.42
CA ALA D 412 -17.58 -35.18 -11.05
C ALA D 412 -18.97 -35.71 -10.76
N LEU D 413 -19.60 -35.23 -9.69
CA LEU D 413 -20.97 -35.61 -9.41
C LEU D 413 -21.96 -34.78 -10.23
N LEU D 414 -21.62 -33.53 -10.54
CA LEU D 414 -22.51 -32.72 -11.38
C LEU D 414 -22.38 -33.02 -12.86
N LYS D 415 -21.20 -33.46 -13.33
CA LYS D 415 -21.05 -33.77 -14.75
C LYS D 415 -21.80 -35.03 -15.16
N ALA D 416 -22.06 -35.93 -14.22
CA ALA D 416 -22.74 -37.17 -14.56
C ALA D 416 -24.22 -36.94 -14.81
N SER D 417 -24.87 -36.22 -13.91
CA SER D 417 -26.33 -36.17 -13.89
C SER D 417 -26.90 -35.34 -15.04
N ARG D 418 -26.14 -34.35 -15.53
CA ARG D 418 -26.69 -33.46 -16.55
C ARG D 418 -26.91 -34.17 -17.87
N SER D 419 -26.10 -35.18 -18.18
CA SER D 419 -26.28 -36.02 -19.36
C SER D 419 -26.84 -37.36 -18.91
N ASP D 420 -28.16 -37.47 -18.88
CA ASP D 420 -28.80 -38.68 -18.34
C ASP D 420 -30.16 -38.85 -19.00
N GLU D 421 -30.82 -39.95 -18.66
CA GLU D 421 -32.12 -40.27 -19.25
C GLU D 421 -33.20 -39.30 -18.78
N HIS D 422 -33.11 -38.84 -17.54
CA HIS D 422 -34.12 -37.95 -16.99
C HIS D 422 -34.00 -36.56 -17.59
N ALA D 423 -35.14 -35.89 -17.75
CA ALA D 423 -35.15 -34.53 -18.29
C ALA D 423 -34.64 -33.52 -17.27
N GLY D 424 -35.03 -33.68 -16.01
CA GLY D 424 -34.66 -32.72 -14.99
C GLY D 424 -35.28 -33.09 -13.66
N ARG D 425 -35.24 -32.12 -12.74
CA ARG D 425 -35.81 -32.09 -11.38
C ARG D 425 -35.04 -32.97 -10.40
N HIS D 426 -34.01 -33.69 -10.84
CA HIS D 426 -33.16 -34.48 -9.96
C HIS D 426 -31.69 -34.11 -10.05
N CYS D 427 -31.31 -33.26 -10.99
CA CYS D 427 -29.91 -32.90 -11.16
C CYS D 427 -29.40 -32.05 -10.01
N TRP D 428 -30.27 -31.28 -9.37
CA TRP D 428 -29.86 -30.26 -8.42
C TRP D 428 -30.26 -30.54 -6.98
N GLU D 429 -31.25 -31.42 -6.76
CA GLU D 429 -31.94 -31.49 -5.47
C GLU D 429 -31.02 -31.99 -4.36
N ARG D 430 -30.25 -33.04 -4.61
CA ARG D 430 -29.34 -33.56 -3.60
C ARG D 430 -27.93 -33.01 -3.72
N GLN D 431 -27.59 -32.32 -4.81
CA GLN D 431 -26.28 -31.70 -4.89
C GLN D 431 -26.26 -30.31 -4.29
N LEU D 432 -27.41 -29.67 -4.14
CA LEU D 432 -27.42 -28.33 -3.56
C LEU D 432 -27.15 -28.36 -2.07
N GLU D 433 -27.79 -29.28 -1.35
CA GLU D 433 -27.55 -29.42 0.10
C GLU D 433 -26.14 -29.87 0.39
N LEU D 434 -25.55 -30.66 -0.50
CA LEU D 434 -24.18 -31.11 -0.33
C LEU D 434 -23.18 -30.01 -0.67
N ALA D 435 -23.54 -29.11 -1.59
CA ALA D 435 -22.71 -27.94 -1.85
C ALA D 435 -22.88 -26.85 -0.79
N VAL D 436 -23.96 -26.90 -0.01
CA VAL D 436 -24.16 -25.98 1.10
C VAL D 436 -23.48 -26.48 2.36
N ALA D 437 -23.46 -27.80 2.57
CA ALA D 437 -22.79 -28.38 3.74
C ALA D 437 -21.28 -28.13 3.69
N TRP D 438 -20.67 -28.28 2.54
CA TRP D 438 -19.34 -27.78 2.30
C TRP D 438 -19.44 -26.30 1.96
N ASN D 439 -18.32 -25.59 2.03
CA ASN D 439 -18.35 -24.15 1.82
C ASN D 439 -18.05 -23.78 0.37
N ARG D 440 -18.43 -24.63 -0.57
CA ARG D 440 -18.05 -24.42 -1.98
C ARG D 440 -19.11 -23.60 -2.69
N VAL D 441 -19.13 -22.30 -2.44
CA VAL D 441 -20.11 -21.38 -3.14
C VAL D 441 -19.76 -21.14 -4.60
N ASP D 442 -18.48 -20.94 -4.90
CA ASP D 442 -18.06 -20.49 -6.25
C ASP D 442 -18.52 -21.47 -7.32
N ILE D 443 -18.30 -22.76 -7.13
CA ILE D 443 -18.74 -23.75 -8.14
C ILE D 443 -20.24 -23.73 -8.19
N ALA D 444 -20.86 -23.59 -7.02
CA ALA D 444 -22.31 -23.77 -6.94
C ALA D 444 -23.01 -22.78 -7.83
N GLU D 445 -22.59 -21.53 -7.76
CA GLU D 445 -23.33 -20.51 -8.51
C GLU D 445 -23.31 -20.78 -10.01
N SER D 446 -22.15 -21.01 -10.61
CA SER D 446 -22.23 -21.19 -12.09
C SER D 446 -22.90 -22.51 -12.43
N GLU D 447 -22.45 -23.57 -11.77
CA GLU D 447 -22.96 -24.85 -12.27
C GLU D 447 -24.44 -25.06 -11.95
N ILE D 448 -24.99 -24.45 -10.90
CA ILE D 448 -26.40 -24.82 -10.63
C ILE D 448 -27.29 -23.64 -10.90
N PHE D 449 -26.73 -22.45 -10.90
CA PHE D 449 -27.64 -21.30 -10.95
C PHE D 449 -27.48 -20.70 -12.32
N THR D 450 -27.63 -21.58 -13.28
CA THR D 450 -27.46 -21.15 -14.66
C THR D 450 -28.51 -20.08 -14.99
N GLU D 451 -28.13 -19.13 -15.85
CA GLU D 451 -29.02 -18.03 -16.23
C GLU D 451 -30.23 -18.49 -17.03
N GLU D 452 -30.23 -19.71 -17.57
CA GLU D 452 -31.37 -20.26 -18.27
C GLU D 452 -32.30 -21.05 -17.37
N SER D 453 -32.18 -20.89 -16.06
CA SER D 453 -33.00 -21.63 -15.10
C SER D 453 -34.07 -20.71 -14.48
N GLN D 454 -35.06 -21.35 -13.85
CA GLN D 454 -36.14 -20.64 -13.17
C GLN D 454 -36.36 -21.27 -11.81
N TRP D 455 -36.64 -20.44 -10.82
CA TRP D 455 -36.67 -20.89 -9.43
C TRP D 455 -37.92 -20.40 -8.72
N THR D 456 -38.21 -21.06 -7.60
CA THR D 456 -39.34 -20.72 -6.74
C THR D 456 -38.88 -20.93 -5.31
N SER D 457 -39.29 -20.03 -4.40
CA SER D 457 -38.75 -20.00 -3.04
C SER D 457 -39.09 -21.25 -2.24
N SER D 458 -40.24 -21.85 -2.51
CA SER D 458 -40.63 -23.07 -1.79
C SER D 458 -39.74 -24.26 -2.14
N ASP D 459 -39.04 -24.20 -3.27
CA ASP D 459 -38.04 -25.21 -3.57
C ASP D 459 -36.76 -24.99 -2.78
N LEU D 460 -36.36 -23.73 -2.61
CA LEU D 460 -35.08 -23.40 -2.02
C LEU D 460 -35.12 -23.16 -0.52
N HIS D 461 -36.29 -23.34 0.11
CA HIS D 461 -36.39 -23.25 1.57
C HIS D 461 -35.44 -24.17 2.37
N PRO D 462 -35.30 -25.47 2.09
CA PRO D 462 -34.45 -26.28 2.99
C PRO D 462 -32.98 -25.97 2.89
N ALA D 463 -32.49 -25.67 1.68
CA ALA D 463 -31.10 -25.23 1.53
C ALA D 463 -30.87 -23.89 2.18
N MET D 464 -31.89 -23.02 2.20
CA MET D 464 -31.79 -21.75 2.90
C MET D 464 -31.66 -21.96 4.40
N PHE D 465 -32.47 -22.85 4.97
CA PHE D 465 -32.35 -23.18 6.39
C PHE D 465 -30.99 -23.78 6.72
N SER D 466 -30.50 -24.68 5.87
CA SER D 466 -29.22 -25.33 6.12
C SER D 466 -28.05 -24.36 5.98
N ALA D 467 -28.15 -23.39 5.08
CA ALA D 467 -27.10 -22.39 4.96
C ALA D 467 -27.18 -21.36 6.08
N LEU D 468 -28.37 -21.12 6.60
CA LEU D 468 -28.55 -20.08 7.60
C LEU D 468 -28.15 -20.56 8.99
N VAL D 469 -28.37 -21.84 9.29
CA VAL D 469 -28.00 -22.35 10.60
C VAL D 469 -26.48 -22.47 10.74
N GLY D 470 -25.84 -23.06 9.75
CA GLY D 470 -24.43 -23.41 9.87
C GLY D 470 -23.42 -22.30 9.61
N ASP D 471 -23.88 -21.04 9.61
CA ASP D 471 -23.05 -19.84 9.49
C ASP D 471 -22.25 -19.82 8.18
N LYS D 472 -22.99 -19.74 7.09
CA LYS D 472 -22.41 -19.52 5.76
C LYS D 472 -23.10 -18.31 5.17
N PRO D 473 -22.53 -17.11 5.31
CA PRO D 473 -23.23 -15.91 4.86
C PRO D 473 -23.27 -15.76 3.35
N GLU D 474 -22.32 -16.35 2.63
CA GLU D 474 -22.26 -16.18 1.18
C GLU D 474 -23.40 -16.93 0.49
N PHE D 475 -23.74 -18.11 0.99
CA PHE D 475 -24.90 -18.81 0.44
C PHE D 475 -26.21 -18.12 0.80
N VAL D 476 -26.26 -17.45 1.94
CA VAL D 476 -27.42 -16.63 2.27
C VAL D 476 -27.55 -15.49 1.28
N ARG D 477 -26.43 -14.82 0.97
CA ARG D 477 -26.41 -13.72 0.02
C ARG D 477 -26.81 -14.18 -1.38
N LEU D 478 -26.41 -15.39 -1.77
CA LEU D 478 -26.69 -15.87 -3.11
C LEU D 478 -28.11 -16.39 -3.25
N LEU D 479 -28.59 -17.18 -2.28
CA LEU D 479 -29.95 -17.68 -2.32
C LEU D 479 -30.96 -16.57 -2.13
N LEU D 480 -30.57 -15.49 -1.45
CA LEU D 480 -31.48 -14.36 -1.25
C LEU D 480 -31.81 -13.68 -2.57
N GLU D 481 -30.83 -13.52 -3.45
CA GLU D 481 -31.06 -12.85 -4.71
C GLU D 481 -31.35 -13.79 -5.86
N ASN D 482 -31.24 -15.11 -5.67
CA ASN D 482 -31.73 -16.01 -6.70
C ASN D 482 -33.20 -16.38 -6.55
N GLY D 483 -33.90 -15.84 -5.57
CA GLY D 483 -35.34 -16.04 -5.54
C GLY D 483 -35.96 -16.57 -4.26
N VAL D 484 -35.27 -16.46 -3.13
CA VAL D 484 -35.87 -16.79 -1.83
C VAL D 484 -36.43 -15.50 -1.25
N CYS D 485 -37.74 -15.48 -1.02
CA CYS D 485 -38.41 -14.34 -0.42
C CYS D 485 -38.55 -14.58 1.08
N VAL D 486 -38.16 -13.58 1.87
CA VAL D 486 -38.20 -13.71 3.32
C VAL D 486 -39.64 -13.76 3.82
N ARG D 487 -40.54 -13.05 3.13
CA ARG D 487 -41.97 -13.10 3.44
C ARG D 487 -42.54 -14.49 3.23
N GLU D 488 -42.00 -15.25 2.27
CA GLU D 488 -42.43 -16.62 2.08
C GLU D 488 -41.70 -17.58 3.01
N PHE D 489 -40.47 -17.25 3.39
CA PHE D 489 -39.66 -18.16 4.19
C PHE D 489 -40.11 -18.21 5.65
N LEU D 490 -40.33 -17.04 6.25
CA LEU D 490 -40.80 -16.99 7.62
C LEU D 490 -42.31 -16.86 7.71
N GLU D 491 -43.04 -17.34 6.69
CA GLU D 491 -44.49 -17.23 6.68
C GLU D 491 -45.12 -18.17 7.70
N ARG D 492 -44.76 -19.45 7.65
CA ARG D 492 -45.25 -20.39 8.63
C ARG D 492 -44.67 -20.08 10.00
N GLU D 493 -45.41 -20.46 11.03
CA GLU D 493 -44.89 -20.41 12.38
C GLU D 493 -44.11 -21.70 12.63
N GLU D 494 -43.27 -21.67 13.67
CA GLU D 494 -42.52 -22.78 14.29
C GLU D 494 -41.32 -23.22 13.47
N THR D 495 -41.21 -22.73 12.23
CA THR D 495 -39.97 -22.96 11.45
C THR D 495 -38.89 -22.14 12.17
N LEU D 496 -39.28 -20.92 12.57
CA LEU D 496 -38.44 -19.93 13.31
C LEU D 496 -38.10 -20.46 14.71
N CYS D 497 -39.06 -21.12 15.37
CA CYS D 497 -38.82 -21.63 16.74
C CYS D 497 -37.64 -22.60 16.70
N GLU D 498 -37.59 -23.43 15.66
CA GLU D 498 -36.47 -24.34 15.44
C GLU D 498 -35.22 -23.56 15.08
N LEU D 499 -35.38 -22.39 14.46
CA LEU D 499 -34.24 -21.53 14.16
C LEU D 499 -33.63 -20.95 15.44
N TYR D 500 -34.47 -20.61 16.42
CA TYR D 500 -33.91 -20.27 17.73
C TYR D 500 -33.35 -21.48 18.45
N SER D 501 -33.85 -22.67 18.13
CA SER D 501 -33.36 -23.88 18.79
C SER D 501 -31.94 -24.23 18.35
N HIS D 502 -31.60 -23.88 17.10
CA HIS D 502 -30.29 -24.25 16.49
C HIS D 502 -29.18 -23.21 16.75
N LEU D 503 -29.41 -22.26 17.66
CA LEU D 503 -28.42 -21.17 17.94
C LEU D 503 -27.11 -21.74 18.49
N PRO D 504 -25.94 -21.18 18.13
CA PRO D 504 -24.63 -21.65 18.62
C PRO D 504 -24.36 -21.26 20.08
N SER D 505 -23.38 -21.91 20.74
CA SER D 505 -23.13 -21.62 22.15
C SER D 505 -22.76 -20.16 22.36
N CYS D 506 -23.60 -19.43 23.10
CA CYS D 506 -23.37 -18.03 23.38
C CYS D 506 -23.89 -17.71 24.78
N PHE D 507 -23.59 -16.49 25.23
CA PHE D 507 -24.05 -16.04 26.54
C PHE D 507 -25.57 -15.88 26.57
N PHE D 508 -26.15 -15.49 25.44
CA PHE D 508 -27.61 -15.46 25.32
C PHE D 508 -28.20 -16.85 25.45
N LEU D 509 -27.52 -17.85 24.88
CA LEU D 509 -27.97 -19.23 25.01
C LEU D 509 -27.84 -19.72 26.44
N ARG D 510 -26.80 -19.29 27.15
CA ARG D 510 -26.66 -19.67 28.56
C ARG D 510 -27.76 -19.04 29.41
N LYS D 511 -28.14 -17.80 29.11
CA LYS D 511 -29.23 -17.16 29.84
C LYS D 511 -30.56 -17.85 29.57
N LEU D 512 -30.83 -18.17 28.30
CA LEU D 512 -32.08 -18.86 27.96
C LEU D 512 -32.11 -20.27 28.56
N ALA D 513 -30.95 -20.93 28.63
CA ALA D 513 -30.87 -22.26 29.24
C ALA D 513 -31.09 -22.17 30.74
N LYS D 514 -30.63 -21.09 31.38
CA LYS D 514 -30.95 -20.90 32.78
C LYS D 514 -32.43 -20.64 32.98
N ARG D 515 -33.05 -19.95 32.01
CA ARG D 515 -34.48 -19.65 32.12
C ARG D 515 -35.34 -20.90 31.96
N VAL D 516 -34.92 -21.83 31.08
CA VAL D 516 -35.75 -23.00 30.78
C VAL D 516 -35.81 -24.00 31.94
N GLN D 517 -34.94 -23.85 32.96
CA GLN D 517 -34.94 -24.75 34.11
C GLN D 517 -36.22 -24.63 34.92
N GLY D 518 -36.75 -23.42 35.05
CA GLY D 518 -37.94 -23.19 35.86
C GLY D 518 -39.21 -23.01 35.06
N LEU D 528 -26.36 -30.51 22.15
CA LEU D 528 -27.31 -29.48 22.56
C LEU D 528 -28.21 -28.86 21.42
N PRO D 529 -27.69 -28.52 20.23
CA PRO D 529 -28.61 -28.02 19.19
C PRO D 529 -29.55 -29.09 18.66
N GLY D 530 -30.82 -28.73 18.52
CA GLY D 530 -31.83 -29.59 17.96
C GLY D 530 -32.66 -30.37 18.96
N SER D 531 -32.21 -30.44 20.22
CA SER D 531 -32.91 -31.25 21.21
C SER D 531 -34.17 -30.56 21.71
N ARG D 532 -34.08 -29.26 22.02
CA ARG D 532 -35.13 -28.59 22.75
C ARG D 532 -36.31 -28.19 21.85
N LYS D 533 -37.38 -27.72 22.48
CA LYS D 533 -38.54 -27.15 21.80
C LYS D 533 -38.85 -25.80 22.46
N VAL D 534 -38.17 -24.75 21.99
CA VAL D 534 -38.23 -23.44 22.65
C VAL D 534 -39.49 -22.71 22.22
N CYS D 535 -40.33 -22.36 23.18
CA CYS D 535 -41.46 -21.47 22.94
C CYS D 535 -40.98 -20.02 22.81
N LEU D 536 -41.74 -19.23 22.05
CA LEU D 536 -41.26 -17.90 21.68
C LEU D 536 -41.30 -16.92 22.85
N SER D 537 -42.28 -17.06 23.75
CA SER D 537 -42.39 -16.14 24.87
C SER D 537 -41.22 -16.28 25.83
N HIS D 538 -40.64 -17.48 25.91
CA HIS D 538 -39.45 -17.68 26.73
C HIS D 538 -38.26 -16.89 26.20
N VAL D 539 -38.19 -16.71 24.89
CA VAL D 539 -37.23 -15.80 24.28
C VAL D 539 -37.59 -14.36 24.66
N SER D 540 -38.83 -13.98 24.37
CA SER D 540 -39.40 -12.64 24.57
C SER D 540 -39.22 -12.07 25.97
N GLU D 541 -39.14 -12.93 26.98
CA GLU D 541 -38.86 -12.47 28.33
C GLU D 541 -37.43 -11.95 28.46
N GLU D 542 -36.45 -12.74 28.00
CA GLU D 542 -35.06 -12.33 28.09
C GLU D 542 -34.76 -11.16 27.15
N VAL D 543 -35.47 -11.09 26.02
CA VAL D 543 -35.34 -9.96 25.11
C VAL D 543 -35.78 -8.68 25.79
N ARG D 544 -36.86 -8.75 26.58
CA ARG D 544 -37.28 -7.60 27.39
C ARG D 544 -36.26 -7.26 28.45
N HIS D 545 -35.66 -8.28 29.07
CA HIS D 545 -34.64 -8.01 30.09
C HIS D 545 -33.41 -7.34 29.50
N LEU D 546 -33.06 -7.65 28.25
CA LEU D 546 -31.95 -6.94 27.61
C LEU D 546 -32.36 -5.59 27.05
N LEU D 547 -33.61 -5.43 26.63
CA LEU D 547 -34.02 -4.22 25.94
C LEU D 547 -34.45 -3.14 26.90
N GLY D 548 -35.03 -3.50 28.02
CA GLY D 548 -35.47 -2.54 29.03
C GLY D 548 -36.77 -3.00 29.65
N SER D 549 -36.96 -2.61 30.92
CA SER D 549 -38.20 -2.94 31.62
C SER D 549 -39.38 -2.08 31.19
N PHE D 550 -39.13 -1.00 30.45
CA PHE D 550 -40.20 -0.10 30.04
C PHE D 550 -41.11 -0.73 28.99
N THR D 551 -40.52 -1.38 28.00
CA THR D 551 -41.22 -1.71 26.77
C THR D 551 -42.19 -2.89 26.94
N GLN D 552 -43.10 -3.00 25.97
CA GLN D 552 -44.03 -4.11 25.92
C GLN D 552 -43.33 -5.36 25.37
N PRO D 553 -43.86 -6.56 25.65
CA PRO D 553 -43.29 -7.78 25.06
C PRO D 553 -43.40 -7.81 23.54
N LEU D 554 -42.54 -8.61 22.93
CA LEU D 554 -42.43 -8.67 21.48
C LEU D 554 -43.27 -9.80 20.88
N TYR D 555 -43.32 -10.96 21.52
CA TYR D 555 -43.97 -12.14 20.96
C TYR D 555 -45.04 -12.62 21.92
N ILE D 556 -46.31 -12.51 21.52
CA ILE D 556 -47.39 -13.17 22.22
C ILE D 556 -47.52 -14.58 21.69
N ALA D 557 -47.56 -15.56 22.59
CA ALA D 557 -47.54 -16.96 22.19
C ALA D 557 -48.88 -17.36 21.56
N SER D 558 -48.78 -18.08 20.43
CA SER D 558 -49.90 -18.51 19.57
C SER D 558 -50.73 -17.35 19.03
N ARG D 559 -50.15 -16.16 19.02
CA ARG D 559 -50.79 -14.98 18.41
C ARG D 559 -49.79 -14.45 17.39
N TYR D 560 -49.50 -15.24 16.36
CA TYR D 560 -48.51 -14.86 15.34
C TYR D 560 -49.22 -14.59 14.00
N LYS D 561 -48.89 -13.47 13.36
CA LYS D 561 -49.51 -13.08 12.07
C LYS D 561 -51.02 -13.07 12.22
N PRO D 562 -51.60 -12.46 13.27
CA PRO D 562 -53.05 -12.47 13.48
C PRO D 562 -53.69 -11.39 12.61
N ALA D 588 -50.09 -5.36 23.41
CA ALA D 588 -50.91 -6.37 22.76
C ALA D 588 -51.08 -6.06 21.28
N ASP D 589 -50.24 -5.17 20.77
CA ASP D 589 -50.22 -4.88 19.33
C ASP D 589 -49.66 -6.07 18.56
N THR D 590 -48.37 -6.36 18.76
CA THR D 590 -47.63 -7.51 18.21
C THR D 590 -47.78 -7.68 16.70
N VAL D 591 -47.26 -6.75 15.92
CA VAL D 591 -47.35 -6.86 14.47
C VAL D 591 -46.42 -7.96 13.97
N TRP D 592 -46.78 -8.56 12.85
CA TRP D 592 -45.91 -9.65 12.32
C TRP D 592 -45.06 -9.11 11.19
N ASP D 593 -43.79 -8.83 11.46
CA ASP D 593 -42.83 -8.36 10.49
C ASP D 593 -41.72 -9.40 10.35
N PRO D 594 -41.54 -9.97 9.16
CA PRO D 594 -40.47 -10.96 8.98
C PRO D 594 -39.09 -10.36 8.82
N GLY D 595 -39.00 -9.06 8.58
CA GLY D 595 -37.70 -8.43 8.44
C GLY D 595 -36.96 -8.33 9.77
N ARG D 596 -37.69 -8.15 10.85
CA ARG D 596 -37.10 -7.91 12.16
C ARG D 596 -36.83 -9.19 12.94
N ASP D 597 -37.05 -10.34 12.33
CA ASP D 597 -36.80 -11.61 13.00
C ASP D 597 -35.40 -12.12 12.74
N LEU D 598 -34.97 -12.12 11.48
CA LEU D 598 -33.62 -12.51 11.13
C LEU D 598 -32.60 -11.54 11.69
N PHE D 599 -32.95 -10.26 11.75
CA PHE D 599 -32.02 -9.27 12.29
C PHE D 599 -31.82 -9.44 13.78
N LEU D 600 -32.90 -9.72 14.52
CA LEU D 600 -32.77 -9.96 15.95
C LEU D 600 -32.03 -11.27 16.23
N TRP D 601 -32.35 -12.31 15.45
CA TRP D 601 -31.70 -13.60 15.61
C TRP D 601 -30.21 -13.52 15.29
N ALA D 602 -29.83 -12.66 14.35
CA ALA D 602 -28.42 -12.53 14.03
C ALA D 602 -27.69 -11.57 14.97
N VAL D 603 -28.41 -10.63 15.59
CA VAL D 603 -27.75 -9.74 16.54
C VAL D 603 -27.46 -10.46 17.85
N VAL D 604 -28.41 -11.26 18.33
CA VAL D 604 -28.27 -11.82 19.69
C VAL D 604 -27.25 -12.94 19.78
N GLN D 605 -26.58 -13.29 18.68
CA GLN D 605 -25.52 -14.30 18.73
C GLN D 605 -24.17 -13.76 18.24
N ASN D 606 -24.16 -12.45 18.07
CA ASN D 606 -22.95 -11.68 17.69
C ASN D 606 -22.35 -12.14 16.36
N ASN D 607 -23.09 -12.04 15.26
CA ASN D 607 -22.61 -12.43 13.91
C ASN D 607 -22.30 -11.16 13.12
N ARG D 608 -21.04 -10.82 12.87
CA ARG D 608 -20.82 -9.55 12.17
C ARG D 608 -21.37 -9.58 10.77
N GLU D 609 -21.28 -10.70 10.06
CA GLU D 609 -21.59 -10.68 8.61
C GLU D 609 -22.96 -11.26 8.28
N LEU D 610 -23.75 -11.61 9.26
CA LEU D 610 -25.06 -12.21 8.94
C LEU D 610 -26.14 -11.26 9.40
N ALA D 611 -25.82 -10.32 10.28
CA ALA D 611 -26.74 -9.26 10.62
C ALA D 611 -26.71 -8.13 9.59
N GLU D 612 -25.58 -7.95 8.91
CA GLU D 612 -25.52 -6.97 7.83
C GLU D 612 -26.37 -7.41 6.64
N ILE D 613 -26.48 -8.72 6.40
CA ILE D 613 -27.42 -9.22 5.42
C ILE D 613 -28.85 -9.02 5.92
N GLY D 614 -29.08 -9.27 7.20
CA GLY D 614 -30.41 -9.14 7.76
C GLY D 614 -30.93 -7.72 7.85
N TRP D 615 -30.05 -6.72 7.85
CA TRP D 615 -30.51 -5.35 8.08
C TRP D 615 -31.23 -4.75 6.88
N GLU D 616 -30.86 -5.11 5.65
CA GLU D 616 -31.52 -4.51 4.51
C GLU D 616 -32.92 -5.07 4.26
N GLN D 617 -33.29 -6.16 4.93
CA GLN D 617 -34.64 -6.70 4.80
C GLN D 617 -35.62 -6.06 5.76
N CYS D 618 -35.16 -5.16 6.62
CA CYS D 618 -36.01 -4.55 7.64
C CYS D 618 -36.88 -3.46 7.03
N ARG D 619 -37.94 -3.11 7.77
CA ARG D 619 -38.88 -2.10 7.31
C ARG D 619 -38.48 -0.70 7.76
N ASP D 620 -38.26 -0.51 9.06
CA ASP D 620 -37.74 0.75 9.58
C ASP D 620 -36.34 0.53 10.14
N CYS D 621 -35.39 1.35 9.70
CA CYS D 621 -33.99 1.07 9.98
C CYS D 621 -33.31 2.14 10.81
N ILE D 622 -34.07 3.06 11.39
CA ILE D 622 -33.50 3.96 12.40
C ILE D 622 -33.85 3.48 13.80
N ALA D 623 -34.92 2.70 13.95
CA ALA D 623 -35.21 2.08 15.22
C ALA D 623 -34.48 0.76 15.40
N ALA D 624 -34.29 0.01 14.31
CA ALA D 624 -33.67 -1.30 14.39
C ALA D 624 -32.21 -1.21 14.78
N ALA D 625 -31.47 -0.26 14.19
CA ALA D 625 -30.06 -0.12 14.49
C ALA D 625 -29.83 0.32 15.93
N LEU D 626 -30.66 1.23 16.43
CA LEU D 626 -30.49 1.69 17.79
C LEU D 626 -30.91 0.62 18.81
N ALA D 627 -31.93 -0.17 18.48
CA ALA D 627 -32.30 -1.28 19.35
C ALA D 627 -31.21 -2.34 19.40
N ALA D 628 -30.59 -2.61 18.25
CA ALA D 628 -29.46 -3.55 18.21
C ALA D 628 -28.28 -3.02 19.01
N SER D 629 -28.02 -1.71 18.92
CA SER D 629 -26.93 -1.11 19.68
C SER D 629 -27.14 -1.22 21.18
N LYS D 630 -28.39 -1.01 21.63
CA LYS D 630 -28.67 -1.10 23.06
C LYS D 630 -28.57 -2.54 23.55
N ILE D 631 -29.09 -3.50 22.76
CA ILE D 631 -28.99 -4.91 23.13
C ILE D 631 -27.54 -5.36 23.21
N LEU D 632 -26.72 -4.93 22.25
CA LEU D 632 -25.30 -5.32 22.27
C LEU D 632 -24.55 -4.71 23.43
N ARG D 633 -24.83 -3.45 23.78
CA ARG D 633 -24.11 -2.84 24.89
C ARG D 633 -24.51 -3.44 26.24
N LYS D 634 -25.80 -3.76 26.42
CA LYS D 634 -26.21 -4.40 27.66
C LYS D 634 -25.66 -5.83 27.77
N LEU D 635 -25.70 -6.58 26.67
CA LEU D 635 -25.19 -7.94 26.66
C LEU D 635 -23.67 -7.97 26.78
N ALA D 636 -22.98 -6.93 26.33
CA ALA D 636 -21.55 -6.81 26.56
C ALA D 636 -21.23 -6.44 27.99
N GLN D 637 -22.12 -5.67 28.64
CA GLN D 637 -21.88 -5.32 30.04
C GLN D 637 -22.05 -6.51 30.96
N GLU D 638 -23.15 -7.25 30.84
CA GLU D 638 -23.45 -8.24 31.87
C GLU D 638 -22.79 -9.60 31.63
N SER D 639 -21.80 -9.69 30.74
CA SER D 639 -21.13 -10.96 30.50
C SER D 639 -20.28 -11.37 31.70
N GLY D 640 -19.31 -10.54 32.07
CA GLY D 640 -18.48 -10.80 33.24
C GLY D 640 -17.32 -11.75 33.03
N GLU D 641 -17.61 -13.00 32.64
CA GLU D 641 -16.58 -14.03 32.61
C GLU D 641 -15.62 -13.84 31.43
N ASP D 642 -16.14 -13.84 30.20
CA ASP D 642 -15.31 -13.83 29.01
C ASP D 642 -15.24 -12.42 28.45
N ASP D 643 -14.03 -11.89 28.32
CA ASP D 643 -13.82 -10.52 27.86
C ASP D 643 -12.95 -10.44 26.62
N SER D 644 -12.70 -11.57 25.96
CA SER D 644 -12.12 -11.51 24.62
C SER D 644 -13.19 -11.23 23.59
N GLU D 645 -14.36 -11.86 23.75
CA GLU D 645 -15.50 -11.63 22.87
C GLU D 645 -16.23 -10.35 23.23
N GLU D 646 -16.74 -10.31 24.47
CA GLU D 646 -17.76 -9.32 24.87
C GLU D 646 -17.25 -7.89 24.86
N ALA D 647 -15.94 -7.69 24.99
CA ALA D 647 -15.43 -6.32 24.85
C ALA D 647 -15.33 -5.95 23.38
N THR D 648 -14.43 -6.63 22.66
CA THR D 648 -14.02 -6.19 21.33
C THR D 648 -15.15 -6.33 20.32
N GLU D 649 -15.70 -7.54 20.18
CA GLU D 649 -16.65 -7.82 19.12
C GLU D 649 -17.96 -7.06 19.35
N MET D 650 -18.47 -7.09 20.58
CA MET D 650 -19.76 -6.50 20.84
C MET D 650 -19.71 -4.98 20.86
N LEU D 651 -18.66 -4.38 21.44
CA LEU D 651 -18.62 -2.92 21.43
C LEU D 651 -18.31 -2.37 20.05
N GLU D 652 -17.52 -3.09 19.25
CA GLU D 652 -17.27 -2.62 17.89
C GLU D 652 -18.51 -2.75 17.01
N LEU D 653 -19.28 -3.82 17.20
CA LEU D 653 -20.50 -3.98 16.43
C LEU D 653 -21.58 -2.97 16.86
N ALA D 654 -21.63 -2.62 18.15
CA ALA D 654 -22.56 -1.62 18.61
C ALA D 654 -22.22 -0.23 18.06
N ASN D 655 -20.93 0.10 18.04
CA ASN D 655 -20.52 1.37 17.43
C ASN D 655 -20.77 1.38 15.93
N HIS D 656 -20.67 0.22 15.28
CA HIS D 656 -20.98 0.11 13.85
C HIS D 656 -22.44 0.42 13.58
N TYR D 657 -23.35 -0.15 14.37
CA TYR D 657 -24.76 0.12 14.10
C TYR D 657 -25.18 1.52 14.53
N GLU D 658 -24.51 2.10 15.53
CA GLU D 658 -24.73 3.51 15.84
C GLU D 658 -24.34 4.40 14.66
N LYS D 659 -23.19 4.10 14.04
CA LYS D 659 -22.75 4.89 12.88
C LYS D 659 -23.68 4.71 11.69
N GLN D 660 -24.24 3.51 11.50
CA GLN D 660 -25.20 3.30 10.41
C GLN D 660 -26.47 4.11 10.62
N ALA D 661 -26.98 4.14 11.86
CA ALA D 661 -28.19 4.92 12.15
C ALA D 661 -27.95 6.42 11.96
N ILE D 662 -26.76 6.90 12.36
CA ILE D 662 -26.42 8.31 12.17
C ILE D 662 -26.33 8.65 10.69
N GLY D 663 -25.78 7.74 9.89
CA GLY D 663 -25.69 7.99 8.45
C GLY D 663 -27.03 8.06 7.77
N VAL D 664 -27.94 7.14 8.11
CA VAL D 664 -29.28 7.16 7.53
C VAL D 664 -30.05 8.41 7.94
N PHE D 665 -29.96 8.79 9.21
CA PHE D 665 -30.71 9.97 9.63
C PHE D 665 -30.11 11.27 9.09
N SER D 666 -28.79 11.35 8.95
CA SER D 666 -28.20 12.55 8.38
C SER D 666 -28.39 12.62 6.88
N GLU D 667 -28.69 11.48 6.23
CA GLU D 667 -29.15 11.54 4.85
C GLU D 667 -30.60 12.03 4.78
N CYS D 668 -31.44 11.58 5.71
CA CYS D 668 -32.84 11.99 5.70
C CYS D 668 -33.02 13.46 6.06
N HIS D 669 -32.14 13.99 6.92
CA HIS D 669 -32.35 15.33 7.44
C HIS D 669 -32.00 16.41 6.42
N SER D 670 -31.09 16.11 5.49
CA SER D 670 -30.69 17.12 4.50
C SER D 670 -31.79 17.34 3.47
N TRP D 671 -32.47 16.27 3.05
CA TRP D 671 -33.51 16.30 2.00
C TRP D 671 -34.79 17.06 2.37
N ASP D 672 -35.34 16.83 3.55
CA ASP D 672 -36.60 17.46 3.95
C ASP D 672 -36.44 18.42 5.12
N ALA D 673 -35.77 18.01 6.19
CA ALA D 673 -35.47 18.72 7.44
C ALA D 673 -36.70 18.99 8.29
N GLN D 674 -37.90 18.65 7.85
CA GLN D 674 -39.12 18.85 8.62
C GLN D 674 -39.90 17.55 8.80
N ARG D 675 -39.59 16.52 8.02
CA ARG D 675 -40.14 15.18 8.20
C ARG D 675 -39.29 14.34 9.12
N ALA D 676 -37.97 14.58 9.14
CA ALA D 676 -37.04 13.96 10.08
C ALA D 676 -37.49 14.11 11.54
N GLN D 677 -38.01 15.28 11.89
CA GLN D 677 -38.50 15.47 13.25
C GLN D 677 -39.78 14.70 13.49
N LYS D 678 -40.56 14.45 12.45
CA LYS D 678 -41.70 13.56 12.57
C LYS D 678 -41.23 12.11 12.72
N LEU D 679 -40.10 11.79 12.10
CA LEU D 679 -39.59 10.42 12.10
C LEU D 679 -39.01 10.06 13.46
N LEU D 680 -38.39 11.02 14.15
CA LEU D 680 -37.77 10.72 15.44
C LEU D 680 -38.76 10.53 16.58
N ILE D 681 -40.04 10.88 16.40
CA ILE D 681 -40.96 10.98 17.53
C ILE D 681 -42.11 9.99 17.46
N ARG D 682 -42.20 9.17 16.42
CA ARG D 682 -43.34 8.29 16.27
C ARG D 682 -43.17 7.04 17.12
N ILE D 683 -44.22 6.21 17.14
CA ILE D 683 -44.18 4.93 17.82
C ILE D 683 -43.97 3.86 16.77
N SER D 684 -42.91 3.07 16.93
CA SER D 684 -42.83 1.92 16.06
C SER D 684 -43.40 0.70 16.76
N PRO D 685 -44.40 0.03 16.17
CA PRO D 685 -44.96 -1.16 16.84
C PRO D 685 -44.06 -2.36 16.78
N SER D 686 -43.08 -2.38 15.88
CA SER D 686 -42.23 -3.55 15.66
C SER D 686 -41.12 -3.68 16.68
N TRP D 687 -40.98 -2.77 17.62
CA TRP D 687 -39.92 -2.88 18.61
C TRP D 687 -40.48 -2.64 20.00
N GLY D 688 -41.65 -3.20 20.26
CA GLY D 688 -42.22 -3.10 21.58
C GLY D 688 -42.84 -1.77 21.91
N ARG D 689 -43.45 -1.11 20.92
CA ARG D 689 -44.24 0.12 21.10
C ARG D 689 -43.41 1.26 21.66
N SER D 690 -42.11 1.28 21.40
CA SER D 690 -41.24 2.30 21.93
C SER D 690 -40.78 3.24 20.82
N THR D 691 -40.49 4.47 21.19
CA THR D 691 -40.08 5.48 20.24
C THR D 691 -38.59 5.39 19.96
N CYS D 692 -38.16 6.04 18.88
CA CYS D 692 -36.78 5.99 18.47
C CYS D 692 -35.88 6.82 19.37
N LEU D 693 -36.40 7.93 19.90
CA LEU D 693 -35.58 8.83 20.70
C LEU D 693 -35.23 8.22 22.06
N TRP D 694 -36.15 7.44 22.63
CA TRP D 694 -35.86 6.78 23.89
C TRP D 694 -34.81 5.70 23.73
N LEU D 695 -34.87 4.95 22.63
CA LEU D 695 -33.81 4.00 22.29
C LEU D 695 -32.50 4.70 22.04
N ALA D 696 -32.54 5.91 21.50
CA ALA D 696 -31.31 6.64 21.21
C ALA D 696 -30.62 7.11 22.50
N LEU D 697 -31.39 7.71 23.41
CA LEU D 697 -30.74 8.28 24.58
C LEU D 697 -30.66 7.34 25.78
N GLU D 698 -31.34 6.20 25.74
CA GLU D 698 -31.24 5.27 26.87
C GLU D 698 -29.92 4.52 26.85
N ALA D 699 -29.35 4.29 25.66
CA ALA D 699 -28.12 3.55 25.53
C ALA D 699 -26.88 4.43 25.47
N HIS D 700 -27.03 5.74 25.72
CA HIS D 700 -25.93 6.72 25.78
C HIS D 700 -25.15 6.78 24.46
N ASP D 701 -25.86 6.94 23.35
CA ASP D 701 -25.23 7.11 22.04
C ASP D 701 -24.74 8.53 21.84
N LYS D 702 -23.44 8.76 22.08
CA LYS D 702 -22.82 10.11 22.06
C LYS D 702 -22.85 10.82 20.70
N SER D 703 -22.58 10.10 19.61
CA SER D 703 -22.48 10.75 18.30
C SER D 703 -23.83 10.95 17.64
N PHE D 704 -24.86 10.22 18.07
CA PHE D 704 -26.20 10.46 17.58
C PHE D 704 -26.84 11.68 18.22
N ILE D 705 -26.37 12.10 19.38
CA ILE D 705 -26.94 13.26 20.06
C ILE D 705 -26.07 14.50 19.82
N ALA D 706 -24.81 14.31 19.42
CA ALA D 706 -24.04 15.44 18.93
C ALA D 706 -24.52 15.97 17.58
N HIS D 707 -25.42 15.25 16.90
CA HIS D 707 -25.95 15.67 15.62
C HIS D 707 -26.89 16.86 15.78
N SER D 708 -27.02 17.63 14.71
CA SER D 708 -27.68 18.93 14.79
C SER D 708 -29.20 18.80 14.87
N GLY D 709 -29.78 17.82 14.19
CA GLY D 709 -31.24 17.75 14.09
C GLY D 709 -31.90 17.40 15.40
N VAL D 710 -31.26 16.52 16.18
CA VAL D 710 -31.78 16.15 17.49
C VAL D 710 -31.71 17.33 18.44
N GLN D 711 -30.64 18.13 18.34
CA GLN D 711 -30.53 19.32 19.17
C GLN D 711 -31.54 20.39 18.79
N ALA D 712 -31.85 20.51 17.50
CA ALA D 712 -32.88 21.44 17.06
C ALA D 712 -34.25 21.00 17.56
N LEU D 713 -34.51 19.69 17.55
CA LEU D 713 -35.79 19.17 18.04
C LEU D 713 -35.91 19.37 19.56
N LEU D 714 -34.82 19.17 20.29
CA LEU D 714 -34.85 19.38 21.74
C LEU D 714 -35.00 20.85 22.11
N THR D 715 -34.36 21.74 21.36
CA THR D 715 -34.51 23.17 21.62
C THR D 715 -35.93 23.62 21.29
N GLN D 716 -36.52 23.06 20.23
CA GLN D 716 -37.91 23.34 19.90
C GLN D 716 -38.88 22.86 20.98
N ILE D 717 -38.56 21.74 21.64
CA ILE D 717 -39.38 21.31 22.77
C ILE D 717 -39.18 22.23 23.97
N TRP D 718 -37.92 22.53 24.28
CA TRP D 718 -37.54 23.31 25.46
C TRP D 718 -38.14 24.71 25.44
N CYS D 719 -38.12 25.36 24.29
CA CYS D 719 -38.63 26.72 24.23
C CYS D 719 -40.16 26.76 24.29
N GLY D 720 -40.82 25.65 24.00
CA GLY D 720 -42.26 25.57 24.21
C GLY D 720 -43.04 26.37 23.18
N GLU D 721 -44.07 27.07 23.66
CA GLU D 721 -44.94 27.91 22.80
C GLU D 721 -44.13 29.07 22.21
N LEU D 722 -43.25 29.68 23.03
CA LEU D 722 -42.43 30.83 22.60
C LEU D 722 -41.48 30.42 21.47
N SER D 723 -41.34 31.29 20.45
CA SER D 723 -40.44 31.03 19.29
C SER D 723 -38.98 31.19 19.72
N VAL D 724 -38.07 30.45 19.08
CA VAL D 724 -36.62 30.53 19.40
C VAL D 724 -36.02 31.87 18.99
N ASP D 725 -34.72 31.97 19.19
CA ASP D 725 -33.94 33.18 18.94
C ASP D 725 -34.29 34.32 19.90
N ASN D 726 -35.19 34.12 20.85
CA ASN D 726 -35.28 35.03 21.97
C ASN D 726 -34.01 34.89 22.81
N PRO D 727 -33.32 35.98 23.12
CA PRO D 727 -32.13 35.89 23.97
C PRO D 727 -32.52 35.56 25.41
N HIS D 728 -31.49 35.19 26.19
CA HIS D 728 -31.71 34.65 27.53
C HIS D 728 -32.26 35.71 28.49
N TRP D 729 -31.73 36.94 28.42
CA TRP D 729 -32.16 37.96 29.39
C TRP D 729 -33.59 38.41 29.15
N LYS D 730 -34.04 38.36 27.91
CA LYS D 730 -35.37 38.85 27.56
C LYS D 730 -36.46 37.99 28.21
N VAL D 731 -36.22 36.68 28.32
CA VAL D 731 -37.18 35.78 28.96
C VAL D 731 -37.33 36.11 30.43
N LEU D 732 -36.21 36.35 31.13
CA LEU D 732 -36.29 36.68 32.55
C LEU D 732 -36.87 38.08 32.77
N LEU D 733 -36.53 39.03 31.90
CA LEU D 733 -37.07 40.38 32.03
C LEU D 733 -38.57 40.41 31.77
N CYS D 734 -39.06 39.59 30.84
CA CYS D 734 -40.50 39.49 30.65
C CYS D 734 -41.17 38.64 31.74
N MET D 735 -40.42 37.75 32.38
CA MET D 735 -40.95 37.06 33.54
C MET D 735 -41.11 38.00 34.72
N ILE D 736 -40.28 39.04 34.80
CA ILE D 736 -40.41 40.04 35.85
C ILE D 736 -41.63 40.93 35.58
N PHE D 737 -41.65 41.60 34.43
CA PHE D 737 -42.73 42.51 34.05
C PHE D 737 -43.61 41.81 33.02
N PHE D 738 -44.86 41.52 33.41
CA PHE D 738 -45.77 40.80 32.52
C PHE D 738 -46.20 41.56 31.25
N PRO D 739 -46.58 42.86 31.26
CA PRO D 739 -47.01 43.47 29.98
C PRO D 739 -45.89 43.69 28.97
N LEU D 740 -44.62 43.58 29.39
CA LEU D 740 -43.50 43.69 28.45
C LEU D 740 -43.56 42.61 27.38
N ILE D 741 -44.03 41.41 27.72
CA ILE D 741 -44.26 40.38 26.71
C ILE D 741 -45.36 40.81 25.76
N TYR D 742 -46.41 41.45 26.29
CA TYR D 742 -47.53 41.91 25.47
C TYR D 742 -47.17 43.09 24.59
N THR D 743 -46.05 43.76 24.85
CA THR D 743 -45.63 44.91 24.06
C THR D 743 -44.86 44.53 22.80
N GLY D 744 -44.85 43.25 22.42
CA GLY D 744 -44.13 42.83 21.23
C GLY D 744 -42.65 42.60 21.44
N PHE D 745 -42.21 42.47 22.68
CA PHE D 745 -40.79 42.34 22.95
C PHE D 745 -40.30 40.92 22.66
N LEU D 746 -41.17 39.92 22.81
CA LEU D 746 -40.81 38.52 22.58
C LEU D 746 -41.45 38.04 21.29
N THR D 747 -40.64 37.50 20.40
CA THR D 747 -41.19 36.81 19.25
C THR D 747 -41.80 35.49 19.70
N PHE D 748 -42.96 35.14 19.15
CA PHE D 748 -43.62 33.91 19.51
C PHE D 748 -43.65 32.98 18.31
N ARG D 749 -44.07 31.74 18.56
CA ARG D 749 -44.18 30.74 17.50
C ARG D 749 -45.30 31.09 16.53
N ARG D 750 -46.51 31.27 17.06
CA ARG D 750 -47.74 31.56 16.33
C ARG D 750 -47.63 32.68 15.32
N ASP D 751 -47.22 33.86 15.79
CA ASP D 751 -47.12 35.05 14.93
C ASP D 751 -46.11 34.86 13.81
N GLU D 752 -44.93 34.32 14.14
CA GLU D 752 -43.90 34.11 13.14
C GLU D 752 -44.32 33.05 12.12
N ASP D 753 -44.95 31.97 12.61
CA ASP D 753 -45.40 30.90 11.73
C ASP D 753 -46.49 31.36 10.78
N ILE D 754 -47.50 32.06 11.30
CA ILE D 754 -48.61 32.49 10.45
C ILE D 754 -48.19 33.67 9.58
N GLN D 755 -47.13 34.39 9.97
CA GLN D 755 -46.61 35.48 9.15
C GLN D 755 -45.79 34.94 7.99
N ARG D 756 -44.91 33.96 8.25
CA ARG D 756 -44.10 33.41 7.18
C ARG D 756 -44.89 32.48 6.27
N GLN D 757 -45.60 31.52 6.86
CA GLN D 757 -46.27 30.41 6.17
C GLN D 757 -47.32 30.85 5.16
N ALA D 758 -48.30 31.62 5.64
CA ALA D 758 -49.33 32.20 4.78
C ALA D 758 -48.72 33.04 3.66
N GLU D 759 -47.79 33.95 4.01
CA GLU D 759 -47.31 34.93 3.04
C GLU D 759 -46.40 34.31 1.99
N ARG D 760 -45.45 33.48 2.40
CA ARG D 760 -44.49 32.84 1.50
C ARG D 760 -45.18 31.95 0.48
N THR D 761 -46.12 31.12 0.93
CA THR D 761 -46.89 30.27 0.03
C THR D 761 -47.73 31.09 -0.95
N GLN D 762 -48.38 32.16 -0.47
CA GLN D 762 -49.27 32.94 -1.32
C GLN D 762 -48.49 33.79 -2.32
N GLN D 763 -47.46 34.50 -1.86
CA GLN D 763 -46.74 35.43 -2.72
C GLN D 763 -45.94 34.71 -3.80
N LYS D 764 -45.41 33.54 -3.49
CA LYS D 764 -44.79 32.71 -4.51
C LYS D 764 -45.82 32.14 -5.48
N LEU D 765 -47.05 31.91 -5.01
CA LEU D 765 -48.11 31.42 -5.88
C LEU D 765 -48.56 32.51 -6.84
N LEU D 792 -54.25 26.38 12.93
CA LEU D 792 -54.09 27.45 11.97
C LEU D 792 -55.01 28.62 12.30
N LYS D 793 -54.92 29.10 13.54
CA LYS D 793 -55.74 30.20 14.02
C LYS D 793 -54.85 31.30 14.57
N PRO D 794 -55.30 32.56 14.52
CA PRO D 794 -54.51 33.64 15.13
C PRO D 794 -54.66 33.66 16.64
N LEU D 795 -53.53 33.82 17.34
CA LEU D 795 -53.56 33.93 18.80
C LEU D 795 -54.33 35.18 19.23
N ASN D 796 -55.27 34.99 20.14
CA ASN D 796 -56.27 36.00 20.46
C ASN D 796 -56.11 36.40 21.91
N CYS D 797 -56.98 37.35 22.31
CA CYS D 797 -56.86 38.32 23.43
C CYS D 797 -56.29 37.71 24.71
N SER D 798 -56.90 36.68 25.29
CA SER D 798 -56.44 36.20 26.59
C SER D 798 -55.75 34.84 26.54
N SER D 799 -55.47 34.29 25.36
CA SER D 799 -54.85 32.96 25.30
C SER D 799 -53.35 33.03 25.56
N ARG D 800 -52.74 34.19 25.27
CA ARG D 800 -51.28 34.32 25.29
C ARG D 800 -50.71 34.18 26.70
N LEU D 801 -51.50 34.52 27.72
CA LEU D 801 -51.05 34.39 29.10
C LEU D 801 -50.83 32.92 29.47
N MET D 802 -51.83 32.07 29.21
CA MET D 802 -51.67 30.65 29.47
C MET D 802 -50.64 30.01 28.55
N SER D 803 -50.53 30.54 27.31
CA SER D 803 -49.53 30.03 26.38
C SER D 803 -48.11 30.35 26.85
N PHE D 804 -47.92 31.50 27.49
CA PHE D 804 -46.62 31.85 28.04
C PHE D 804 -46.33 31.11 29.34
N LEU D 805 -47.35 30.88 30.15
CA LEU D 805 -47.13 30.18 31.40
C LEU D 805 -47.04 28.67 31.23
N LYS D 806 -47.40 28.13 30.07
CA LYS D 806 -47.25 26.70 29.84
C LYS D 806 -45.85 26.32 29.37
N SER D 807 -44.95 27.28 29.16
CA SER D 807 -43.64 26.97 28.61
C SER D 807 -42.75 26.33 29.69
N PRO D 808 -41.91 25.36 29.31
CA PRO D 808 -41.02 24.76 30.31
C PRO D 808 -39.84 25.62 30.68
N GLN D 809 -39.33 26.43 29.75
CA GLN D 809 -38.15 27.25 30.01
C GLN D 809 -38.43 28.27 31.09
N VAL D 810 -39.59 28.90 31.05
CA VAL D 810 -39.99 29.87 32.06
C VAL D 810 -40.27 29.17 33.38
N LYS D 811 -40.81 27.96 33.30
CA LYS D 811 -41.17 27.19 34.49
C LYS D 811 -39.93 26.75 35.26
N PHE D 812 -38.83 26.51 34.56
CA PHE D 812 -37.55 26.19 35.22
C PHE D 812 -37.08 27.32 36.13
N TYR D 813 -37.10 28.57 35.64
CA TYR D 813 -36.69 29.70 36.46
C TYR D 813 -37.66 29.93 37.61
N TRP D 814 -38.96 29.83 37.34
CA TRP D 814 -39.93 30.05 38.42
C TRP D 814 -39.97 28.91 39.42
N ASN D 815 -39.34 27.78 39.14
CA ASN D 815 -39.17 26.76 40.17
C ASN D 815 -37.87 26.94 40.94
N ILE D 816 -36.78 27.34 40.25
CA ILE D 816 -35.50 27.45 40.94
C ILE D 816 -35.49 28.66 41.88
N ALA D 817 -36.26 29.70 41.57
CA ALA D 817 -36.33 30.85 42.46
C ALA D 817 -37.09 30.51 43.73
N SER D 818 -38.17 29.75 43.61
CA SER D 818 -38.91 29.29 44.79
C SER D 818 -38.07 28.34 45.62
N TYR D 819 -37.18 27.57 44.98
CA TYR D 819 -36.32 26.67 45.76
C TYR D 819 -35.28 27.45 46.56
N PHE D 820 -34.69 28.49 45.96
CA PHE D 820 -33.81 29.37 46.75
C PHE D 820 -34.56 30.07 47.88
N GLY D 821 -35.81 30.47 47.64
CA GLY D 821 -36.62 31.04 48.71
C GLY D 821 -36.86 30.06 49.84
N PHE D 822 -37.04 28.79 49.50
CA PHE D 822 -37.20 27.75 50.52
C PHE D 822 -35.92 27.56 51.33
N LEU D 823 -34.76 27.59 50.68
CA LEU D 823 -33.51 27.44 51.41
C LEU D 823 -33.27 28.61 52.36
N TRP D 824 -33.59 29.84 51.93
CA TRP D 824 -33.39 30.98 52.82
C TRP D 824 -34.37 30.97 53.99
N LEU D 825 -35.62 30.54 53.73
CA LEU D 825 -36.60 30.42 54.80
C LEU D 825 -36.17 29.36 55.83
N PHE D 826 -35.67 28.21 55.37
CA PHE D 826 -35.24 27.19 56.31
C PHE D 826 -34.00 27.63 57.06
N ALA D 827 -33.12 28.41 56.40
CA ALA D 827 -31.92 28.90 57.06
C ALA D 827 -32.25 29.90 58.17
N VAL D 828 -33.25 30.77 57.94
CA VAL D 828 -33.59 31.72 58.99
C VAL D 828 -34.34 31.03 60.12
N VAL D 829 -35.17 30.02 59.79
CA VAL D 829 -35.97 29.34 60.81
C VAL D 829 -35.10 28.46 61.70
N LEU D 830 -34.12 27.76 61.10
CA LEU D 830 -33.33 26.80 61.87
C LEU D 830 -32.41 27.48 62.87
N MET D 831 -31.90 28.66 62.54
CA MET D 831 -30.95 29.35 63.40
C MET D 831 -31.59 30.42 64.29
N ILE D 832 -32.30 31.39 63.70
CA ILE D 832 -32.67 32.57 64.47
C ILE D 832 -33.78 32.28 65.47
N ASP D 833 -34.87 31.66 65.02
CA ASP D 833 -35.98 31.36 65.93
C ASP D 833 -36.40 29.90 65.82
N PHE D 834 -36.00 29.10 66.80
CA PHE D 834 -36.47 27.74 66.96
C PHE D 834 -36.99 27.64 68.40
N GLN D 835 -38.24 28.06 68.59
CA GLN D 835 -38.79 28.20 69.93
C GLN D 835 -39.27 26.86 70.47
N THR D 836 -39.52 26.84 71.78
CA THR D 836 -40.13 25.71 72.47
C THR D 836 -41.49 25.35 71.88
N SER D 837 -42.27 26.35 71.50
CA SER D 837 -43.50 26.13 70.76
C SER D 837 -43.29 26.52 69.30
N PRO D 838 -44.00 25.88 68.36
CA PRO D 838 -43.84 26.23 66.95
C PRO D 838 -44.36 27.61 66.61
N SER D 839 -43.46 28.53 66.30
CA SER D 839 -43.85 29.88 65.93
C SER D 839 -44.51 29.90 64.55
N TRP D 840 -45.19 31.01 64.25
CA TRP D 840 -45.98 31.19 63.00
C TRP D 840 -45.04 31.07 61.80
N ARG D 841 -43.81 31.57 61.93
CA ARG D 841 -42.81 31.50 60.83
C ARG D 841 -42.56 30.03 60.51
N GLU D 842 -42.53 29.16 61.54
CA GLU D 842 -42.26 27.74 61.30
C GLU D 842 -43.45 26.97 60.72
N LEU D 843 -44.63 27.57 60.63
CA LEU D 843 -45.79 26.86 60.06
C LEU D 843 -45.71 26.79 58.54
N LEU D 844 -45.16 27.84 57.93
CA LEU D 844 -45.01 27.91 56.48
C LEU D 844 -44.14 26.79 55.96
N LEU D 845 -43.15 26.39 56.74
CA LEU D 845 -42.31 25.24 56.45
C LEU D 845 -43.13 23.96 56.30
N TYR D 846 -44.11 23.77 57.18
CA TYR D 846 -44.89 22.54 57.18
C TYR D 846 -45.87 22.54 56.01
N VAL D 847 -46.46 23.70 55.74
CA VAL D 847 -47.37 23.85 54.59
C VAL D 847 -46.61 23.63 53.28
N TRP D 848 -45.38 24.16 53.20
CA TRP D 848 -44.51 23.96 52.05
C TRP D 848 -44.24 22.48 51.83
N LEU D 849 -43.86 21.79 52.88
CA LEU D 849 -43.55 20.36 52.71
C LEU D 849 -44.81 19.64 52.24
N THR D 850 -45.95 19.92 52.86
CA THR D 850 -47.17 19.24 52.45
C THR D 850 -47.42 19.38 50.95
N SER D 851 -47.23 20.60 50.42
CA SER D 851 -47.35 20.81 48.97
C SER D 851 -46.29 20.03 48.19
N LEU D 852 -45.07 19.93 48.74
CA LEU D 852 -44.00 19.22 48.04
C LEU D 852 -44.25 17.71 48.01
N VAL D 853 -44.80 17.16 49.10
CA VAL D 853 -45.11 15.73 49.13
C VAL D 853 -46.25 15.41 48.18
N CYS D 854 -47.26 16.28 48.10
CA CYS D 854 -48.33 16.09 47.12
C CYS D 854 -47.79 16.16 45.69
N GLU D 855 -46.82 17.05 45.44
CA GLU D 855 -46.15 17.09 44.13
C GLU D 855 -45.43 15.79 43.81
N GLU D 856 -44.73 15.21 44.80
CA GLU D 856 -44.03 13.96 44.56
C GLU D 856 -45.00 12.79 44.33
N ILE D 857 -46.16 12.81 44.99
CA ILE D 857 -47.15 11.76 44.77
C ILE D 857 -47.74 11.87 43.35
N ARG D 858 -47.97 13.10 42.88
CA ARG D 858 -48.44 13.29 41.51
C ARG D 858 -47.39 12.87 40.49
N GLN D 859 -46.10 13.11 40.77
CA GLN D 859 -45.07 12.62 39.82
C GLN D 859 -45.17 11.10 39.81
N LEU D 860 -45.29 10.46 41.00
CA LEU D 860 -45.40 9.00 40.99
C LEU D 860 -46.58 8.54 40.14
N TYR D 861 -47.70 9.26 40.19
CA TYR D 861 -48.90 8.82 39.47
C TYR D 861 -48.74 8.96 37.96
N HIS D 862 -48.35 10.14 37.48
CA HIS D 862 -48.54 10.46 36.06
C HIS D 862 -47.24 10.92 35.41
N ASP D 863 -46.17 10.16 35.65
CA ASP D 863 -44.98 10.28 34.81
C ASP D 863 -45.02 9.30 33.65
N PHE D 864 -45.50 8.08 33.89
CA PHE D 864 -45.74 7.08 32.87
C PHE D 864 -47.17 6.57 33.02
N ASP D 865 -47.60 5.74 32.07
CA ASP D 865 -48.98 5.27 32.00
C ASP D 865 -49.00 3.74 31.97
N GLY D 866 -48.22 3.14 32.87
CA GLY D 866 -48.06 1.69 32.86
C GLY D 866 -49.27 0.93 33.33
N SER D 867 -50.10 1.55 34.18
CA SER D 867 -51.36 1.07 34.78
C SER D 867 -51.14 -0.04 35.80
N GLY D 868 -49.91 -0.36 36.18
CA GLY D 868 -49.65 -1.33 37.22
C GLY D 868 -48.89 -0.71 38.38
N PHE D 869 -49.28 -1.05 39.62
CA PHE D 869 -48.64 -0.45 40.78
C PHE D 869 -47.19 -0.92 40.94
N ARG D 870 -46.90 -2.17 40.60
CA ARG D 870 -45.50 -2.57 40.50
C ARG D 870 -44.82 -1.90 39.32
N ARG D 871 -45.55 -1.77 38.21
CA ARG D 871 -45.03 -1.17 36.99
C ARG D 871 -44.70 0.31 37.17
N LYS D 872 -45.47 1.03 38.00
CA LYS D 872 -45.16 2.43 38.24
C LYS D 872 -44.05 2.61 39.27
N ALA D 873 -44.18 1.95 40.42
CA ALA D 873 -43.25 2.16 41.53
C ALA D 873 -41.86 1.59 41.21
N LYS D 874 -41.82 0.50 40.45
CA LYS D 874 -40.54 -0.14 40.12
C LYS D 874 -39.68 0.76 39.23
N MET D 875 -40.30 1.51 38.31
CA MET D 875 -39.52 2.47 37.55
C MET D 875 -39.33 3.77 38.31
N TYR D 876 -40.25 4.09 39.24
CA TYR D 876 -40.13 5.34 39.99
C TYR D 876 -38.94 5.29 40.95
N ILE D 877 -38.73 4.17 41.63
CA ILE D 877 -37.61 4.04 42.55
C ILE D 877 -36.28 3.84 41.83
N LYS D 878 -36.31 3.50 40.54
CA LYS D 878 -35.08 3.34 39.75
C LYS D 878 -34.41 4.66 39.41
N ASP D 879 -34.95 5.79 39.87
CA ASP D 879 -34.40 7.12 39.65
C ASP D 879 -33.28 7.36 40.66
N LEU D 880 -32.70 8.55 40.69
CA LEU D 880 -31.77 8.93 41.74
C LEU D 880 -32.17 10.24 42.42
N TRP D 881 -32.68 11.19 41.65
CA TRP D 881 -33.17 12.45 42.21
C TRP D 881 -34.36 12.19 43.11
N ASN D 882 -35.21 11.24 42.72
CA ASN D 882 -36.34 10.83 43.55
C ASN D 882 -35.86 10.16 44.83
N ILE D 883 -34.76 9.41 44.77
CA ILE D 883 -34.17 8.83 45.99
C ILE D 883 -33.74 9.92 46.96
N LEU D 884 -33.08 10.96 46.43
CA LEU D 884 -32.63 12.08 47.29
C LEU D 884 -33.85 12.75 47.93
N ASP D 885 -34.91 12.95 47.14
CA ASP D 885 -36.17 13.58 47.63
C ASP D 885 -36.82 12.68 48.68
N VAL D 886 -36.82 11.36 48.45
CA VAL D 886 -37.46 10.37 49.38
C VAL D 886 -36.74 10.41 50.73
N LEU D 887 -35.40 10.50 50.71
CA LEU D 887 -34.61 10.54 51.94
C LEU D 887 -34.78 11.87 52.67
N SER D 888 -34.88 12.97 51.92
CA SER D 888 -35.10 14.27 52.54
C SER D 888 -36.44 14.34 53.25
N ILE D 889 -37.50 13.84 52.60
CA ILE D 889 -38.83 13.89 53.20
C ILE D 889 -38.93 12.96 54.42
N VAL D 890 -38.27 11.80 54.37
CA VAL D 890 -38.27 10.87 55.49
C VAL D 890 -37.55 11.46 56.70
N LEU D 891 -36.42 12.13 56.47
CA LEU D 891 -35.73 12.80 57.59
C LEU D 891 -36.55 13.95 58.15
N PHE D 892 -37.28 14.68 57.30
CA PHE D 892 -38.12 15.76 57.80
C PHE D 892 -39.29 15.23 58.63
N ILE D 893 -39.86 14.09 58.21
CA ILE D 893 -40.97 13.50 58.96
C ILE D 893 -40.50 12.95 60.30
N ALA D 894 -39.32 12.35 60.35
CA ALA D 894 -38.77 11.89 61.62
C ALA D 894 -38.48 13.06 62.55
N GLY D 895 -37.98 14.17 61.99
CA GLY D 895 -37.81 15.37 62.79
C GLY D 895 -39.11 15.93 63.31
N LEU D 896 -40.16 15.90 62.49
CA LEU D 896 -41.46 16.42 62.92
C LEU D 896 -42.11 15.54 63.97
N ILE D 897 -41.84 14.24 63.94
CA ILE D 897 -42.27 13.36 65.03
C ILE D 897 -41.56 13.73 66.31
N CYS D 898 -40.23 13.90 66.25
CA CYS D 898 -39.49 14.17 67.48
C CYS D 898 -39.69 15.59 68.01
N ARG D 899 -40.06 16.54 67.16
CA ARG D 899 -39.95 17.95 67.50
C ARG D 899 -41.00 18.44 68.50
N LEU D 900 -42.09 17.72 68.69
CA LEU D 900 -43.12 18.13 69.67
C LEU D 900 -43.22 17.11 70.78
N GLN D 901 -42.06 16.68 71.29
CA GLN D 901 -42.02 15.61 72.28
C GLN D 901 -42.54 16.08 73.63
N ALA D 902 -42.25 17.34 73.98
CA ALA D 902 -42.48 18.05 75.25
C ALA D 902 -41.55 17.54 76.35
N SER D 903 -40.60 16.66 76.04
CA SER D 903 -39.54 16.26 76.95
C SER D 903 -38.22 16.77 76.38
N ASP D 904 -37.39 17.36 77.25
CA ASP D 904 -36.21 18.10 76.81
C ASP D 904 -35.14 17.20 76.18
N THR D 905 -35.19 15.90 76.43
CA THR D 905 -34.16 14.99 75.94
C THR D 905 -34.21 14.85 74.41
N VAL D 906 -35.40 14.89 73.82
CA VAL D 906 -35.56 14.63 72.39
C VAL D 906 -35.60 15.93 71.57
N PHE D 907 -35.77 17.07 72.25
CA PHE D 907 -35.87 18.38 71.59
C PHE D 907 -34.56 18.73 70.88
N TYR D 908 -33.44 18.27 71.42
CA TYR D 908 -32.14 18.52 70.80
C TYR D 908 -31.91 17.59 69.61
N ILE D 909 -32.31 16.32 69.75
CA ILE D 909 -32.09 15.32 68.72
C ILE D 909 -32.91 15.65 67.47
N GLY D 910 -34.12 16.16 67.66
CA GLY D 910 -34.92 16.60 66.53
C GLY D 910 -34.28 17.74 65.75
N LYS D 911 -33.65 18.67 66.45
CA LYS D 911 -32.96 19.77 65.78
C LYS D 911 -31.77 19.25 64.97
N VAL D 912 -31.07 18.25 65.50
CA VAL D 912 -29.98 17.62 64.75
C VAL D 912 -30.50 16.94 63.48
N ILE D 913 -31.65 16.28 63.60
CA ILE D 913 -32.28 15.62 62.44
C ILE D 913 -32.66 16.63 61.37
N LEU D 914 -33.19 17.79 61.78
CA LEU D 914 -33.50 18.84 60.81
C LEU D 914 -32.25 19.41 60.14
N CYS D 915 -31.12 19.47 60.86
CA CYS D 915 -29.88 19.92 60.24
C CYS D 915 -29.39 18.94 59.17
N ILE D 916 -29.53 17.64 59.44
CA ILE D 916 -29.15 16.64 58.43
C ILE D 916 -30.10 16.70 57.23
N ASP D 917 -31.38 16.96 57.47
CA ASP D 917 -32.34 17.14 56.38
C ASP D 917 -32.02 18.37 55.55
N PHE D 918 -31.49 19.42 56.19
CA PHE D 918 -31.05 20.60 55.44
C PHE D 918 -29.88 20.27 54.53
N ILE D 919 -28.95 19.44 55.01
CA ILE D 919 -27.83 19.02 54.18
C ILE D 919 -28.33 18.22 52.97
N ILE D 920 -29.33 17.36 53.17
CA ILE D 920 -29.90 16.59 52.05
C ILE D 920 -30.60 17.51 51.04
N PHE D 921 -31.30 18.52 51.52
CA PHE D 921 -31.93 19.49 50.58
C PHE D 921 -30.88 20.27 49.81
N CYS D 922 -29.78 20.67 50.44
CA CYS D 922 -28.80 21.50 49.76
C CYS D 922 -27.98 20.67 48.78
N LEU D 923 -27.93 19.35 48.98
CA LEU D 923 -27.35 18.48 47.96
C LEU D 923 -28.34 18.17 46.83
N ARG D 924 -29.64 18.17 47.14
CA ARG D 924 -30.67 18.03 46.12
C ARG D 924 -30.65 19.22 45.16
N LEU D 925 -30.17 20.38 45.63
CA LEU D 925 -29.87 21.48 44.70
C LEU D 925 -28.82 21.05 43.66
N MET D 926 -27.68 20.52 44.11
CA MET D 926 -26.54 20.32 43.22
C MET D 926 -26.76 19.15 42.28
N ALA D 927 -27.62 18.22 42.68
CA ALA D 927 -28.01 17.11 41.82
C ALA D 927 -28.63 17.58 40.51
N ILE D 928 -29.34 18.71 40.52
CA ILE D 928 -29.98 19.20 39.30
C ILE D 928 -28.94 19.63 38.27
N PHE D 929 -27.95 20.41 38.68
CA PHE D 929 -27.03 21.01 37.73
C PHE D 929 -25.79 20.17 37.46
N SER D 930 -25.51 19.14 38.26
CA SER D 930 -24.30 18.40 37.95
C SER D 930 -24.54 16.94 37.57
N ILE D 931 -25.18 16.18 38.46
CA ILE D 931 -25.27 14.73 38.32
C ILE D 931 -26.27 14.36 37.22
N SER D 932 -26.23 13.13 36.75
CA SER D 932 -27.17 12.64 35.76
C SER D 932 -28.17 11.70 36.41
N ARG D 933 -29.25 11.42 35.66
CA ARG D 933 -30.42 10.75 36.22
C ARG D 933 -30.19 9.26 36.46
N THR D 934 -29.47 8.61 35.56
CA THR D 934 -29.46 7.14 35.48
C THR D 934 -28.78 6.50 36.69
N LEU D 935 -29.46 5.52 37.28
CA LEU D 935 -28.95 4.86 38.49
C LEU D 935 -27.79 3.94 38.19
N GLY D 936 -27.85 3.23 37.06
CA GLY D 936 -26.89 2.20 36.72
C GLY D 936 -25.44 2.58 36.52
N PRO D 937 -25.13 3.55 35.65
CA PRO D 937 -23.70 3.87 35.38
C PRO D 937 -22.91 4.42 36.56
N LYS D 938 -23.56 4.91 37.61
CA LYS D 938 -22.83 5.44 38.76
C LYS D 938 -22.06 4.35 39.49
N ILE D 939 -22.72 3.20 39.73
CA ILE D 939 -22.18 2.10 40.53
C ILE D 939 -20.90 1.53 39.91
N ILE D 940 -20.81 1.57 38.57
CA ILE D 940 -19.74 0.94 37.80
C ILE D 940 -18.37 1.54 38.16
N ILE D 941 -18.34 2.83 38.45
CA ILE D 941 -17.10 3.51 38.82
C ILE D 941 -17.03 3.79 40.32
N VAL D 942 -18.17 4.02 40.99
CA VAL D 942 -18.17 4.28 42.42
C VAL D 942 -17.65 3.07 43.20
N ARG D 943 -18.08 1.86 42.81
CA ARG D 943 -17.67 0.65 43.51
C ARG D 943 -16.18 0.39 43.39
N ARG D 944 -15.64 0.47 42.16
CA ARG D 944 -14.22 0.22 41.93
C ARG D 944 -13.34 1.24 42.63
N MET D 945 -13.68 2.52 42.49
CA MET D 945 -12.79 3.53 43.06
C MET D 945 -12.88 3.56 44.58
N MET D 946 -14.07 3.31 45.15
CA MET D 946 -14.19 3.23 46.59
C MET D 946 -13.46 2.01 47.14
N LEU D 947 -13.50 0.89 46.41
CA LEU D 947 -12.81 -0.32 46.85
C LEU D 947 -11.30 -0.16 46.83
N ASP D 948 -10.77 0.43 45.75
CA ASP D 948 -9.34 0.70 45.64
C ASP D 948 -8.87 1.70 46.69
N LEU D 949 -9.69 2.73 46.94
CA LEU D 949 -9.41 3.70 47.99
C LEU D 949 -9.35 3.06 49.37
N PHE D 950 -10.32 2.19 49.64
CA PHE D 950 -10.37 1.52 50.96
C PHE D 950 -9.15 0.61 51.14
N PHE D 951 -8.74 -0.09 50.08
CA PHE D 951 -7.57 -1.00 50.18
C PHE D 951 -6.30 -0.20 50.46
N PHE D 952 -6.09 0.91 49.76
CA PHE D 952 -4.89 1.75 50.02
C PHE D 952 -4.95 2.32 51.43
N MET D 953 -6.13 2.77 51.84
CA MET D 953 -6.28 3.38 53.17
C MET D 953 -5.98 2.37 54.28
N PHE D 954 -6.38 1.13 54.04
CA PHE D 954 -6.10 0.03 54.99
C PHE D 954 -4.58 -0.18 55.06
N LEU D 955 -3.93 -0.14 53.91
CA LEU D 955 -2.48 -0.32 53.82
C LEU D 955 -1.73 0.78 54.57
N LEU D 956 -2.26 2.01 54.55
CA LEU D 956 -1.61 3.09 55.30
C LEU D 956 -1.88 2.98 56.80
N SER D 957 -3.09 2.54 57.17
CA SER D 957 -3.46 2.46 58.58
C SER D 957 -2.61 1.45 59.33
N ILE D 958 -2.25 0.36 58.66
CA ILE D 958 -1.35 -0.65 59.25
C ILE D 958 0.00 -0.03 59.62
N TRP D 959 0.55 0.78 58.72
CA TRP D 959 1.86 1.38 58.90
C TRP D 959 1.86 2.39 60.04
N VAL D 960 0.81 3.22 60.11
CA VAL D 960 0.78 4.23 61.16
C VAL D 960 0.54 3.59 62.53
N VAL D 961 -0.23 2.50 62.60
CA VAL D 961 -0.39 1.78 63.87
C VAL D 961 0.94 1.17 64.30
N ALA D 962 1.72 0.65 63.34
CA ALA D 962 3.02 0.07 63.67
C ALA D 962 3.97 1.10 64.27
N TYR D 963 4.06 2.26 63.62
CA TYR D 963 4.95 3.36 64.07
C TYR D 963 4.50 3.87 65.45
N GLY D 964 3.19 3.98 65.67
CA GLY D 964 2.68 4.47 66.94
C GLY D 964 2.94 3.54 68.10
N VAL D 965 2.67 2.24 67.89
CA VAL D 965 2.86 1.25 68.96
C VAL D 965 4.34 1.11 69.32
N ALA D 966 5.23 1.17 68.31
CA ALA D 966 6.67 1.06 68.62
C ALA D 966 7.17 2.32 69.35
N LYS D 967 6.80 3.50 68.85
CA LYS D 967 7.27 4.76 69.40
C LYS D 967 6.79 4.96 70.83
N GLN D 968 5.56 4.59 71.12
CA GLN D 968 5.17 4.64 72.52
C GLN D 968 5.73 3.45 73.30
N GLY D 969 6.14 2.37 72.64
CA GLY D 969 6.69 1.22 73.34
C GLY D 969 8.03 1.43 73.99
N ILE D 970 8.95 2.05 73.23
CA ILE D 970 10.38 2.24 73.62
C ILE D 970 10.63 3.23 74.78
N LEU D 971 9.93 4.37 74.83
CA LEU D 971 10.32 5.40 75.85
C LEU D 971 9.28 5.67 76.95
N ILE D 972 8.34 4.76 77.24
CA ILE D 972 7.36 5.12 78.30
C ILE D 972 7.21 3.93 79.25
N GLU D 973 7.04 4.14 80.56
CA GLU D 973 6.78 3.03 81.53
C GLU D 973 5.35 2.54 81.29
N ASN D 974 5.06 1.29 81.68
CA ASN D 974 3.72 0.74 81.37
C ASN D 974 2.67 1.73 81.85
N GLU D 975 1.70 2.03 80.97
CA GLU D 975 0.62 3.00 81.28
C GLU D 975 -0.63 2.21 81.68
N GLU D 976 -1.19 2.53 82.85
CA GLU D 976 -2.39 1.82 83.36
C GLU D 976 -3.65 2.49 82.82
N ARG D 977 -3.52 3.57 82.04
CA ARG D 977 -4.76 4.20 81.58
C ARG D 977 -4.93 3.95 80.09
N LEU D 978 -6.08 3.39 79.72
CA LEU D 978 -6.28 2.90 78.36
C LEU D 978 -6.53 4.03 77.37
N ASN D 979 -7.14 5.13 77.83
CA ASN D 979 -7.47 6.24 76.92
C ASN D 979 -6.21 6.93 76.40
N TRP D 980 -5.19 7.07 77.25
CA TRP D 980 -3.94 7.68 76.80
C TRP D 980 -3.18 6.76 75.84
N ILE D 981 -3.36 5.44 75.98
CA ILE D 981 -2.77 4.48 75.05
C ILE D 981 -3.23 4.75 73.61
N ILE D 982 -4.55 4.76 73.39
CA ILE D 982 -5.06 5.03 72.04
C ILE D 982 -4.80 6.48 71.64
N ARG D 983 -4.90 7.41 72.59
CA ARG D 983 -4.75 8.84 72.28
C ARG D 983 -3.33 9.20 71.89
N GLY D 984 -2.34 8.46 72.40
CA GLY D 984 -0.96 8.67 72.00
C GLY D 984 -0.38 7.59 71.13
N ALA D 985 -1.16 6.61 70.70
CA ALA D 985 -0.65 5.59 69.80
C ALA D 985 -1.30 5.58 68.42
N VAL D 986 -2.54 6.06 68.27
CA VAL D 986 -3.17 6.01 66.96
C VAL D 986 -3.47 7.43 66.51
N TYR D 987 -3.69 8.32 67.48
CA TYR D 987 -4.12 9.68 67.14
C TYR D 987 -2.95 10.54 66.70
N GLU D 988 -1.88 10.58 67.51
CA GLU D 988 -0.76 11.48 67.22
C GLU D 988 0.07 11.09 66.00
N PRO D 989 0.40 9.81 65.73
CA PRO D 989 1.05 9.52 64.43
C PRO D 989 0.17 9.75 63.23
N TYR D 990 -1.14 9.66 63.41
CA TYR D 990 -2.10 9.96 62.31
C TYR D 990 -2.13 11.45 61.98
N ILE D 991 -2.03 12.31 63.00
CA ILE D 991 -2.03 13.76 62.80
C ILE D 991 -0.64 14.24 62.42
N THR D 992 0.40 13.43 62.70
CA THR D 992 1.78 13.84 62.43
C THR D 992 2.07 13.91 60.93
N ILE D 993 1.59 12.94 60.16
CA ILE D 993 2.02 12.80 58.76
C ILE D 993 1.51 13.91 57.86
N PHE D 994 0.48 14.64 58.29
CA PHE D 994 0.02 15.81 57.54
C PHE D 994 0.78 17.08 57.92
N GLY D 995 1.54 17.06 59.00
CA GLY D 995 2.24 18.26 59.43
C GLY D 995 3.49 18.54 58.62
N ASN D 996 3.92 19.79 58.65
CA ASN D 996 5.14 20.21 57.98
C ASN D 996 6.36 19.64 58.70
N PHE D 997 7.39 19.32 57.92
CA PHE D 997 8.58 18.67 58.46
C PHE D 997 9.37 19.49 59.49
N PRO D 998 9.56 20.81 59.40
CA PRO D 998 10.13 21.51 60.56
C PRO D 998 9.19 21.55 61.75
N THR D 999 7.89 21.70 61.51
CA THR D 999 6.93 21.70 62.62
C THR D 999 6.80 20.32 63.24
N ASN D 1000 6.99 19.26 62.45
CA ASN D 1000 6.82 17.89 62.93
C ASN D 1000 7.84 17.52 63.99
N ILE D 1001 9.01 18.16 63.98
CA ILE D 1001 9.98 17.92 65.04
C ILE D 1001 9.52 18.66 66.28
N ASP D 1002 8.81 17.94 67.17
CA ASP D 1002 8.41 18.42 68.48
C ASP D 1002 8.85 17.36 69.49
N ASN D 1003 10.10 17.44 69.92
CA ASN D 1003 10.68 16.39 70.75
C ASN D 1003 11.62 16.99 71.78
N THR D 1004 11.25 16.84 73.05
CA THR D 1004 12.13 17.10 74.18
C THR D 1004 11.56 16.32 75.35
N LEU D 1005 12.33 16.28 76.44
CA LEU D 1005 12.01 15.38 77.55
C LEU D 1005 10.79 15.84 78.32
N PHE D 1006 10.77 17.08 78.78
CA PHE D 1006 9.87 17.48 79.85
C PHE D 1006 9.33 18.88 79.58
N ASP D 1007 8.15 18.97 78.96
CA ASP D 1007 7.43 20.24 78.93
C ASP D 1007 6.09 20.16 79.64
N ILE D 1008 5.22 19.24 79.19
CA ILE D 1008 3.84 19.18 79.66
C ILE D 1008 3.51 17.84 80.31
N SER D 1009 4.40 16.86 80.23
CA SER D 1009 4.15 15.56 80.84
C SER D 1009 4.39 15.61 82.34
N SER D 1010 3.52 14.97 83.11
CA SER D 1010 3.66 14.89 84.56
C SER D 1010 3.54 13.43 84.99
N CYS D 1011 4.57 12.94 85.70
CA CYS D 1011 4.58 11.50 86.02
C CYS D 1011 5.06 11.17 87.42
N SER D 1012 5.27 12.21 88.25
CA SER D 1012 5.87 12.05 89.60
C SER D 1012 5.05 11.16 90.53
N VAL D 1013 3.72 11.38 90.57
CA VAL D 1013 2.84 10.52 91.40
C VAL D 1013 1.87 9.85 90.41
N ASN D 1014 2.20 8.63 89.99
CA ASN D 1014 1.34 7.94 88.98
C ASN D 1014 1.22 8.87 87.77
N ALA D 1015 -0.02 9.18 87.39
CA ALA D 1015 -0.36 10.07 86.29
C ALA D 1015 -1.13 11.28 86.80
N SER D 1016 -0.82 12.44 86.24
CA SER D 1016 -1.66 13.61 86.43
C SER D 1016 -2.96 13.45 85.66
N ASP D 1017 -4.09 13.61 86.36
CA ASP D 1017 -5.38 13.55 85.70
C ASP D 1017 -5.68 14.70 84.73
N PRO D 1018 -5.38 16.02 85.03
CA PRO D 1018 -5.77 17.01 84.01
C PRO D 1018 -4.95 17.05 82.72
N LEU D 1019 -5.26 16.08 81.85
CA LEU D 1019 -4.84 16.04 80.44
C LEU D 1019 -3.33 16.06 80.28
N LYS D 1020 -2.63 15.24 81.07
CA LYS D 1020 -1.18 15.14 81.01
C LYS D 1020 -0.76 13.71 80.72
N PRO D 1021 -0.05 13.45 79.63
CA PRO D 1021 0.53 12.12 79.44
C PRO D 1021 1.67 11.86 80.40
N LYS D 1022 1.96 10.58 80.62
CA LYS D 1022 3.09 10.19 81.45
C LYS D 1022 4.41 10.57 80.80
N CYS D 1023 5.39 10.92 81.62
CA CYS D 1023 6.68 11.33 81.14
C CYS D 1023 7.45 10.15 80.53
N PRO D 1024 8.35 10.42 79.58
CA PRO D 1024 9.33 9.40 79.21
C PRO D 1024 10.27 9.12 80.38
N MET D 1025 10.81 7.90 80.41
CA MET D 1025 11.69 7.52 81.51
C MET D 1025 12.99 8.32 81.44
N LEU D 1026 13.48 8.72 82.60
CA LEU D 1026 14.71 9.47 82.70
C LEU D 1026 15.75 8.66 83.47
N ASN D 1027 16.98 8.69 82.97
CA ASN D 1027 18.09 8.07 83.67
C ASN D 1027 18.77 9.12 84.54
N ALA D 1028 19.22 10.20 83.91
CA ALA D 1028 19.70 11.38 84.61
C ALA D 1028 18.57 12.40 84.78
N ASP D 1029 18.87 13.44 85.56
CA ASP D 1029 17.95 14.56 85.66
C ASP D 1029 17.86 15.31 84.33
N ASN D 1030 16.62 15.49 83.85
CA ASN D 1030 16.29 16.20 82.61
C ASN D 1030 17.01 15.61 81.39
N THR D 1031 16.85 14.31 81.20
CA THR D 1031 17.41 13.64 80.04
C THR D 1031 16.56 12.42 79.73
N PRO D 1032 16.38 12.10 78.45
CA PRO D 1032 15.83 10.78 78.08
C PRO D 1032 16.94 9.74 77.97
N VAL D 1033 16.72 8.57 78.57
CA VAL D 1033 17.63 7.42 78.41
C VAL D 1033 17.81 7.04 76.95
N PHE D 1034 16.77 7.22 76.15
CA PHE D 1034 16.80 7.00 74.70
C PHE D 1034 17.26 8.28 74.01
N PRO D 1035 18.23 8.21 73.10
CA PRO D 1035 18.74 9.42 72.45
C PRO D 1035 17.69 10.06 71.55
N GLU D 1036 17.72 11.39 71.49
CA GLU D 1036 16.76 12.13 70.70
C GLU D 1036 17.02 11.97 69.20
N TRP D 1037 18.27 11.73 68.82
CA TRP D 1037 18.57 11.63 67.39
C TRP D 1037 18.10 10.32 66.80
N LEU D 1038 17.98 9.26 67.61
CA LEU D 1038 17.32 8.05 67.13
C LEU D 1038 15.84 8.32 66.87
N THR D 1039 15.21 9.11 67.73
CA THR D 1039 13.77 9.44 67.52
C THR D 1039 13.62 10.20 66.20
N ILE D 1040 14.53 11.16 65.95
CA ILE D 1040 14.51 11.97 64.70
C ILE D 1040 14.79 11.07 63.48
N MET D 1041 15.76 10.16 63.61
CA MET D 1041 16.13 9.23 62.50
C MET D 1041 14.94 8.33 62.16
N MET D 1042 14.24 7.85 63.18
CA MET D 1042 13.08 6.98 63.01
C MET D 1042 11.89 7.76 62.46
N LEU D 1043 11.73 9.01 62.92
CA LEU D 1043 10.73 9.89 62.36
C LEU D 1043 11.01 10.22 60.90
N CYS D 1044 12.28 10.34 60.53
CA CYS D 1044 12.61 10.60 59.12
C CYS D 1044 12.24 9.42 58.24
N VAL D 1045 12.54 8.20 58.69
CA VAL D 1045 12.20 7.00 57.91
C VAL D 1045 10.69 6.85 57.76
N TYR D 1046 9.97 6.95 58.88
CA TYR D 1046 8.51 6.88 58.89
C TYR D 1046 7.89 7.99 58.06
N LEU D 1047 8.38 9.23 58.21
CA LEU D 1047 7.86 10.36 57.48
C LEU D 1047 8.08 10.22 55.99
N LEU D 1048 9.25 9.72 55.57
CA LEU D 1048 9.51 9.53 54.15
C LEU D 1048 8.57 8.50 53.55
N PHE D 1049 8.50 7.31 54.18
CA PHE D 1049 7.72 6.22 53.61
C PHE D 1049 6.22 6.51 53.62
N ALA D 1050 5.73 7.12 54.69
CA ALA D 1050 4.30 7.44 54.75
C ALA D 1050 3.97 8.68 53.90
N ASN D 1051 4.83 9.70 53.91
CA ASN D 1051 4.52 10.97 53.30
C ASN D 1051 4.54 10.88 51.77
N ILE D 1052 5.48 10.12 51.23
CA ILE D 1052 5.71 10.12 49.79
C ILE D 1052 5.00 8.95 49.12
N LEU D 1053 5.42 7.72 49.44
CA LEU D 1053 5.26 6.60 48.52
C LEU D 1053 3.80 6.15 48.43
N LEU D 1054 3.06 6.21 49.54
CA LEU D 1054 1.67 5.76 49.51
C LEU D 1054 0.76 6.86 48.97
N LEU D 1055 0.90 8.08 49.49
CA LEU D 1055 0.01 9.17 49.13
C LEU D 1055 0.15 9.55 47.66
N ASN D 1056 1.35 9.38 47.10
CA ASN D 1056 1.55 9.59 45.67
C ASN D 1056 0.76 8.56 44.86
N LEU D 1057 0.64 7.33 45.36
CA LEU D 1057 -0.20 6.34 44.68
C LEU D 1057 -1.68 6.69 44.78
N LEU D 1058 -2.12 7.21 45.95
CA LEU D 1058 -3.50 7.67 46.10
C LEU D 1058 -3.81 8.81 45.14
N ILE D 1059 -2.94 9.82 45.10
CA ILE D 1059 -3.10 10.96 44.21
C ILE D 1059 -2.98 10.52 42.75
N ALA D 1060 -2.20 9.48 42.46
CA ALA D 1060 -2.12 8.93 41.11
C ALA D 1060 -3.45 8.35 40.66
N ILE D 1061 -4.07 7.52 41.50
CA ILE D 1061 -5.37 6.92 41.09
C ILE D 1061 -6.46 8.00 40.97
N PHE D 1062 -6.70 8.77 42.05
CA PHE D 1062 -7.82 9.76 42.02
C PHE D 1062 -7.57 10.75 40.89
N ASN D 1063 -6.35 11.24 40.74
CA ASN D 1063 -6.08 12.18 39.63
C ASN D 1063 -6.32 11.46 38.30
N TYR D 1064 -5.93 10.19 38.18
CA TYR D 1064 -6.17 9.53 36.88
C TYR D 1064 -7.69 9.52 36.61
N THR D 1065 -8.53 9.19 37.59
CA THR D 1065 -9.96 9.20 37.23
C THR D 1065 -10.37 10.64 36.92
N PHE D 1066 -9.93 11.58 37.76
CA PHE D 1066 -10.38 12.94 37.50
C PHE D 1066 -10.01 13.40 36.08
N GLN D 1067 -8.79 13.07 35.62
CA GLN D 1067 -8.38 13.49 34.28
C GLN D 1067 -9.15 12.74 33.21
N GLU D 1068 -9.46 11.46 33.44
CA GLU D 1068 -10.28 10.72 32.50
C GLU D 1068 -11.71 11.24 32.46
N VAL D 1069 -12.25 11.65 33.62
CA VAL D 1069 -13.61 12.15 33.67
C VAL D 1069 -13.71 13.52 33.01
N GLN D 1070 -12.77 14.41 33.31
CA GLN D 1070 -12.80 15.76 32.76
C GLN D 1070 -12.47 15.76 31.26
N ASP D 1071 -11.59 14.85 30.82
CA ASP D 1071 -11.19 14.78 29.42
C ASP D 1071 -12.05 13.80 28.62
N ASN D 1072 -13.18 13.34 29.20
CA ASN D 1072 -13.98 12.31 28.54
C ASN D 1072 -14.70 12.82 27.31
N THR D 1073 -15.45 13.92 27.45
CA THR D 1073 -16.34 14.33 26.38
C THR D 1073 -16.70 15.81 26.53
N ASP D 1074 -17.26 16.36 25.45
CA ASP D 1074 -17.89 17.67 25.43
C ASP D 1074 -19.41 17.60 25.38
N THR D 1075 -19.98 16.40 25.27
CA THR D 1075 -21.42 16.23 25.08
C THR D 1075 -22.17 15.96 26.39
N ILE D 1076 -21.54 16.19 27.55
CA ILE D 1076 -22.17 15.88 28.81
C ILE D 1076 -23.32 16.84 29.10
N TRP D 1077 -23.04 18.13 28.85
CA TRP D 1077 -24.04 19.21 29.07
C TRP D 1077 -25.25 19.02 28.16
N LYS D 1078 -25.01 18.64 26.90
CA LYS D 1078 -26.10 18.42 25.92
C LYS D 1078 -26.99 17.27 26.42
N PHE D 1079 -26.36 16.22 26.95
CA PHE D 1079 -27.09 15.04 27.49
C PHE D 1079 -27.93 15.49 28.70
N GLN D 1080 -27.36 16.37 29.52
CA GLN D 1080 -28.04 16.88 30.74
C GLN D 1080 -29.31 17.65 30.35
N ARG D 1081 -29.25 18.45 29.28
CA ARG D 1081 -30.44 19.19 28.85
C ARG D 1081 -31.66 18.30 28.80
N TYR D 1082 -31.51 17.12 28.20
CA TYR D 1082 -32.60 16.17 28.04
C TYR D 1082 -33.10 15.64 29.37
N GLU D 1083 -32.19 15.49 30.34
CA GLU D 1083 -32.59 15.13 31.70
C GLU D 1083 -33.46 16.21 32.33
N LEU D 1084 -33.16 17.48 32.04
CA LEU D 1084 -34.01 18.56 32.57
C LEU D 1084 -35.38 18.57 31.93
N ILE D 1085 -35.42 18.30 30.61
CA ILE D 1085 -36.60 18.56 29.77
C ILE D 1085 -37.83 17.80 30.25
N LYS D 1086 -37.67 16.53 30.67
CA LYS D 1086 -38.83 15.71 31.00
C LYS D 1086 -39.54 16.19 32.27
N GLU D 1087 -38.81 16.33 33.36
CA GLU D 1087 -39.43 16.69 34.63
C GLU D 1087 -39.96 18.11 34.60
N TYR D 1088 -39.21 19.04 33.99
CA TYR D 1088 -39.73 20.39 33.92
C TYR D 1088 -40.74 20.57 32.77
N HIS D 1089 -40.88 19.56 31.93
CA HIS D 1089 -41.97 19.55 30.95
C HIS D 1089 -43.29 19.18 31.60
N SER D 1090 -43.31 18.08 32.38
CA SER D 1090 -44.58 17.53 32.83
C SER D 1090 -45.21 18.35 33.95
N ARG D 1091 -44.39 19.01 34.76
CA ARG D 1091 -44.83 19.67 35.99
C ARG D 1091 -45.74 20.87 35.69
N PRO D 1092 -46.80 21.08 36.50
CA PRO D 1092 -47.70 22.22 36.31
C PRO D 1092 -47.00 23.55 36.54
N ALA D 1093 -47.62 24.62 36.00
CA ALA D 1093 -46.93 25.91 35.87
C ALA D 1093 -46.65 26.59 37.19
N LEU D 1094 -47.55 26.47 38.14
CA LEU D 1094 -47.55 27.34 39.29
C LEU D 1094 -46.54 26.83 40.33
N PRO D 1095 -45.83 27.72 41.01
CA PRO D 1095 -44.67 27.32 41.86
C PRO D 1095 -45.09 26.52 43.09
N PRO D 1096 -44.15 25.85 43.77
CA PRO D 1096 -44.49 24.96 44.91
C PRO D 1096 -45.12 25.62 46.13
N PRO D 1097 -45.06 26.95 46.34
CA PRO D 1097 -46.01 27.52 47.31
C PRO D 1097 -47.45 27.28 46.95
N PHE D 1098 -47.82 27.50 45.70
CA PHE D 1098 -49.21 27.37 45.27
C PHE D 1098 -49.46 26.12 44.48
N ILE D 1099 -48.63 25.09 44.62
CA ILE D 1099 -48.81 23.86 43.86
C ILE D 1099 -50.03 23.07 44.31
N LEU D 1100 -50.48 23.25 45.55
CA LEU D 1100 -51.70 22.60 46.00
C LEU D 1100 -52.93 23.17 45.32
N LEU D 1101 -52.86 24.44 44.90
CA LEU D 1101 -53.93 25.03 44.10
C LEU D 1101 -54.05 24.30 42.76
N SER D 1102 -52.92 23.92 42.17
CA SER D 1102 -52.97 23.10 40.96
C SER D 1102 -53.39 21.67 41.28
N HIS D 1103 -53.00 21.16 42.46
CA HIS D 1103 -53.38 19.80 42.84
C HIS D 1103 -54.89 19.66 43.03
N LEU D 1104 -55.55 20.72 43.52
CA LEU D 1104 -57.00 20.68 43.72
C LEU D 1104 -57.72 20.51 42.38
N ILE D 1105 -57.35 21.32 41.39
CA ILE D 1105 -57.94 21.26 40.06
C ILE D 1105 -57.62 19.93 39.38
N LEU D 1106 -56.33 19.55 39.36
CA LEU D 1106 -55.93 18.32 38.69
C LEU D 1106 -56.42 17.06 39.41
N PHE D 1107 -56.71 17.13 40.72
CA PHE D 1107 -57.27 16.00 41.42
C PHE D 1107 -58.78 15.91 41.21
N ILE D 1108 -59.44 17.07 41.15
CA ILE D 1108 -60.88 17.09 40.90
C ILE D 1108 -61.17 16.64 39.46
N ARG D 1109 -60.32 17.07 38.51
CA ARG D 1109 -60.50 16.67 37.12
C ARG D 1109 -60.22 15.18 36.92
N GLY D 1110 -59.35 14.60 37.76
CA GLY D 1110 -58.89 13.23 37.53
C GLY D 1110 -59.97 12.18 37.71
N VAL D 1111 -60.91 12.42 38.63
CA VAL D 1111 -61.90 11.41 38.98
C VAL D 1111 -63.25 11.65 38.31
N PHE D 1112 -63.44 12.80 37.66
CA PHE D 1112 -64.74 13.09 37.06
C PHE D 1112 -64.79 12.70 35.59
N LEU D 1113 -63.94 13.30 34.76
CA LEU D 1113 -63.82 12.99 33.35
C LEU D 1113 -62.35 13.01 32.99
N ARG D 1114 -61.91 12.04 32.18
CA ARG D 1114 -60.48 11.84 31.91
C ARG D 1114 -59.85 13.06 31.23
N ASP D 1115 -58.81 13.60 31.87
CA ASP D 1115 -58.15 14.82 31.45
C ASP D 1115 -56.73 14.52 31.01
N LEU D 1116 -56.22 15.39 30.15
CA LEU D 1116 -54.98 15.20 29.40
C LEU D 1116 -54.96 13.84 28.70
N PRO D 1117 -55.77 13.66 27.64
CA PRO D 1117 -55.84 12.34 26.98
C PRO D 1117 -54.53 11.93 26.31
N GLN D 1118 -53.79 12.90 25.76
CA GLN D 1118 -52.40 12.68 25.40
C GLN D 1118 -51.56 13.14 26.59
N ARG D 1119 -51.01 12.18 27.33
CA ARG D 1119 -50.17 12.50 28.49
C ARG D 1119 -48.91 13.23 28.06
N HIS D 1120 -48.29 12.76 26.98
CA HIS D 1120 -47.16 13.44 26.36
C HIS D 1120 -47.45 13.59 24.88
N LYS D 1121 -47.56 14.83 24.42
CA LYS D 1121 -47.98 15.11 23.06
C LYS D 1121 -46.90 15.78 22.24
N ASN D 1122 -45.77 16.11 22.82
CA ASN D 1122 -44.63 16.65 22.09
C ASN D 1122 -43.47 15.67 22.02
N PHE D 1123 -43.61 14.49 22.63
CA PHE D 1123 -42.59 13.45 22.56
C PHE D 1123 -43.07 12.26 21.75
N ARG D 1124 -44.20 11.68 22.14
CA ARG D 1124 -44.67 10.40 21.63
C ARG D 1124 -45.97 10.61 20.88
N GLN D 1125 -46.04 10.11 19.66
CA GLN D 1125 -47.18 10.36 18.80
C GLN D 1125 -47.56 9.07 18.09
N GLU D 1126 -48.84 8.93 17.80
CA GLU D 1126 -49.39 7.77 17.12
C GLU D 1126 -49.86 8.24 15.75
N LEU D 1127 -49.06 7.96 14.72
CA LEU D 1127 -49.35 8.44 13.37
C LEU D 1127 -50.59 7.77 12.80
N GLU D 1128 -51.29 8.52 11.96
CA GLU D 1128 -52.41 7.96 11.20
C GLU D 1128 -51.90 6.91 10.23
N GLN D 1129 -52.72 5.89 10.00
CA GLN D 1129 -52.29 4.70 9.27
C GLN D 1129 -52.03 5.02 7.79
N THR D 1130 -52.80 5.96 7.22
CA THR D 1130 -52.57 6.35 5.83
C THR D 1130 -51.26 7.12 5.68
N GLU D 1131 -50.80 7.79 6.74
CA GLU D 1131 -49.56 8.54 6.67
C GLU D 1131 -48.35 7.64 6.89
N GLU D 1132 -48.47 6.68 7.83
CA GLU D 1132 -47.42 5.74 8.22
C GLU D 1132 -46.71 5.04 7.07
N GLU D 1133 -47.48 4.54 6.09
CA GLU D 1133 -46.89 3.79 4.98
C GLU D 1133 -46.05 4.70 4.10
N GLU D 1134 -46.59 5.89 3.78
CA GLU D 1134 -45.87 6.88 3.00
C GLU D 1134 -44.64 7.39 3.74
N LEU D 1135 -44.70 7.41 5.08
CA LEU D 1135 -43.55 7.81 5.86
C LEU D 1135 -42.45 6.76 5.82
N LEU D 1136 -42.82 5.48 5.98
CA LEU D 1136 -41.81 4.42 5.97
C LEU D 1136 -41.19 4.21 4.59
N SER D 1137 -41.99 4.41 3.53
CA SER D 1137 -41.46 4.22 2.18
C SER D 1137 -40.39 5.25 1.85
N TRP D 1138 -40.58 6.48 2.35
CA TRP D 1138 -39.61 7.55 2.13
C TRP D 1138 -38.27 7.22 2.77
N GLU D 1139 -38.28 6.68 3.99
CA GLU D 1139 -37.01 6.41 4.64
C GLU D 1139 -36.37 5.12 4.15
N ALA D 1140 -37.16 4.19 3.60
CA ALA D 1140 -36.55 3.04 2.93
C ALA D 1140 -35.83 3.47 1.66
N TYR D 1141 -36.44 4.39 0.90
CA TYR D 1141 -35.78 4.97 -0.26
C TYR D 1141 -34.48 5.68 0.13
N MET D 1142 -34.51 6.45 1.23
CA MET D 1142 -33.31 7.15 1.65
C MET D 1142 -32.24 6.18 2.17
N LYS D 1143 -32.65 5.04 2.73
CA LYS D 1143 -31.69 4.03 3.16
C LYS D 1143 -30.94 3.44 1.98
N ASP D 1144 -31.66 3.08 0.91
CA ASP D 1144 -30.98 2.52 -0.27
C ASP D 1144 -30.09 3.55 -0.94
N ASN D 1145 -30.55 4.81 -0.96
CA ASN D 1145 -29.76 5.90 -1.51
C ASN D 1145 -28.51 6.15 -0.67
N TYR D 1146 -28.58 5.87 0.63
CA TYR D 1146 -27.40 5.96 1.49
C TYR D 1146 -26.44 4.82 1.24
N LEU D 1147 -26.96 3.60 1.03
CA LEU D 1147 -26.09 2.43 0.88
C LEU D 1147 -25.26 2.52 -0.39
N ALA D 1148 -25.85 3.03 -1.48
CA ALA D 1148 -25.11 3.13 -2.75
C ALA D 1148 -23.91 4.07 -2.63
N SER D 1149 -24.07 5.18 -1.91
CA SER D 1149 -22.97 6.14 -1.75
C SER D 1149 -21.83 5.54 -0.94
N THR D 1150 -22.16 4.80 0.11
CA THR D 1150 -21.11 4.19 0.94
C THR D 1150 -20.39 3.09 0.18
N ARG D 1151 -21.11 2.30 -0.62
CA ARG D 1151 -20.44 1.23 -1.36
C ARG D 1151 -19.53 1.80 -2.44
N GLN D 1152 -19.92 2.91 -3.09
CA GLN D 1152 -19.01 3.48 -4.08
C GLN D 1152 -17.83 4.19 -3.41
N ASP D 1153 -18.05 4.80 -2.24
CA ASP D 1153 -16.95 5.43 -1.51
C ASP D 1153 -15.93 4.41 -1.02
N GLU D 1154 -16.38 3.24 -0.57
CA GLU D 1154 -15.42 2.21 -0.19
C GLU D 1154 -14.82 1.54 -1.41
N SER D 1155 -15.54 1.58 -2.55
CA SER D 1155 -14.95 1.11 -3.80
C SER D 1155 -13.84 2.02 -4.30
N GLN D 1156 -13.82 3.29 -3.88
CA GLN D 1156 -12.73 4.19 -4.26
C GLN D 1156 -11.53 4.12 -3.32
N SER D 1157 -11.34 3.02 -2.60
CA SER D 1157 -10.25 2.93 -1.64
C SER D 1157 -9.07 2.16 -2.23
N VAL D 1158 -7.99 2.10 -1.43
CA VAL D 1158 -6.76 1.43 -1.85
C VAL D 1158 -6.84 -0.07 -1.60
N GLU D 1159 -7.28 -0.43 -0.38
CA GLU D 1159 -7.27 -1.83 0.06
C GLU D 1159 -8.26 -2.67 -0.71
N HIS D 1160 -9.30 -2.05 -1.27
CA HIS D 1160 -10.20 -2.77 -2.17
C HIS D 1160 -9.59 -2.92 -3.55
N ARG D 1161 -8.86 -1.90 -4.00
CA ARG D 1161 -8.43 -1.87 -5.39
C ARG D 1161 -7.26 -2.81 -5.63
N ILE D 1162 -6.38 -2.99 -4.64
CA ILE D 1162 -5.34 -4.02 -4.72
C ILE D 1162 -5.95 -5.40 -4.82
N HIS D 1163 -7.01 -5.65 -4.02
CA HIS D 1163 -7.69 -6.93 -4.02
C HIS D 1163 -8.40 -7.19 -5.33
N ASP D 1164 -8.83 -6.13 -6.03
CA ASP D 1164 -9.41 -6.32 -7.35
C ASP D 1164 -8.35 -6.67 -8.39
N THR D 1165 -7.23 -5.92 -8.38
CA THR D 1165 -6.19 -6.13 -9.39
C THR D 1165 -5.52 -7.49 -9.26
N ALA D 1166 -5.48 -8.06 -8.05
CA ALA D 1166 -4.87 -9.37 -7.88
C ALA D 1166 -5.64 -10.45 -8.63
N GLU D 1167 -6.97 -10.46 -8.46
CA GLU D 1167 -7.80 -11.44 -9.15
C GLU D 1167 -7.79 -11.22 -10.66
N LYS D 1168 -7.74 -9.95 -11.09
CA LYS D 1168 -7.71 -9.68 -12.52
C LYS D 1168 -6.40 -10.17 -13.16
N VAL D 1169 -5.27 -9.96 -12.48
CA VAL D 1169 -3.98 -10.43 -13.00
C VAL D 1169 -3.93 -11.95 -13.00
N GLY D 1170 -4.52 -12.59 -11.98
CA GLY D 1170 -4.57 -14.05 -11.97
C GLY D 1170 -5.36 -14.64 -13.13
N ALA D 1171 -6.51 -14.03 -13.43
CA ALA D 1171 -7.32 -14.47 -14.57
C ALA D 1171 -6.57 -14.27 -15.88
N MET D 1172 -5.89 -13.13 -16.01
CA MET D 1172 -5.11 -12.86 -17.23
C MET D 1172 -3.96 -13.85 -17.39
N SER D 1173 -3.31 -14.23 -16.30
CA SER D 1173 -2.18 -15.15 -16.38
C SER D 1173 -2.63 -16.54 -16.80
N GLU D 1174 -3.72 -17.03 -16.17
CA GLU D 1174 -4.24 -18.36 -16.51
C GLU D 1174 -4.74 -18.40 -17.95
N LEU D 1175 -5.43 -17.34 -18.38
CA LEU D 1175 -5.93 -17.28 -19.74
C LEU D 1175 -4.80 -17.19 -20.76
N LEU D 1176 -3.75 -16.42 -20.44
CA LEU D 1176 -2.58 -16.32 -21.31
C LEU D 1176 -1.89 -17.65 -21.48
N GLU D 1177 -1.72 -18.40 -20.38
CA GLU D 1177 -1.07 -19.71 -20.46
C GLU D 1177 -1.92 -20.71 -21.26
N ARG D 1178 -3.23 -20.74 -21.00
CA ARG D 1178 -4.11 -21.67 -21.70
C ARG D 1178 -4.21 -21.35 -23.19
N GLU D 1179 -4.27 -20.05 -23.54
CA GLU D 1179 -4.35 -19.66 -24.94
C GLU D 1179 -3.03 -19.89 -25.66
N GLN D 1180 -1.90 -19.62 -25.00
CA GLN D 1180 -0.61 -19.89 -25.61
C GLN D 1180 -0.40 -21.38 -25.83
N GLU D 1181 -0.97 -22.22 -24.94
CA GLU D 1181 -0.93 -23.65 -25.16
C GLU D 1181 -1.72 -24.06 -26.41
N MET D 1182 -2.86 -23.42 -26.64
CA MET D 1182 -3.71 -23.81 -27.77
C MET D 1182 -3.11 -23.37 -29.11
N VAL D 1183 -2.64 -22.13 -29.20
CA VAL D 1183 -2.06 -21.63 -30.44
C VAL D 1183 -0.65 -22.16 -30.63
N ASP D 1245 -16.36 -42.30 -40.10
CA ASP D 1245 -15.54 -41.21 -39.60
C ASP D 1245 -15.56 -41.17 -38.07
N GLU D 1246 -16.75 -41.28 -37.49
CA GLU D 1246 -16.93 -41.26 -36.05
C GLU D 1246 -17.61 -42.55 -35.60
N GLU D 1247 -17.10 -43.12 -34.50
CA GLU D 1247 -17.57 -44.37 -33.90
C GLU D 1247 -17.57 -45.52 -34.91
N ALA D 1248 -16.44 -45.67 -35.59
CA ALA D 1248 -16.34 -46.70 -36.63
C ALA D 1248 -16.39 -48.16 -36.13
N PRO D 1249 -15.76 -48.56 -35.02
CA PRO D 1249 -15.97 -49.93 -34.56
C PRO D 1249 -17.33 -50.12 -33.89
N HIS D 1250 -17.78 -51.37 -33.92
CA HIS D 1250 -18.92 -51.77 -33.11
C HIS D 1250 -18.50 -51.88 -31.65
N MET D 1251 -19.39 -51.47 -30.75
CA MET D 1251 -19.02 -51.34 -29.34
C MET D 1251 -19.91 -52.11 -28.37
N PHE D 1252 -21.01 -52.69 -28.84
CA PHE D 1252 -21.83 -53.54 -27.99
C PHE D 1252 -21.45 -55.00 -28.13
N ALA D 1253 -20.67 -55.33 -29.16
CA ALA D 1253 -20.24 -56.70 -29.41
C ALA D 1253 -18.88 -57.01 -28.83
N ARG D 1254 -18.23 -56.05 -28.18
CA ARG D 1254 -16.96 -56.28 -27.52
C ARG D 1254 -17.03 -56.03 -26.01
N GLN D 1255 -18.20 -56.24 -25.42
CA GLN D 1255 -18.29 -56.34 -23.97
C GLN D 1255 -17.54 -57.59 -23.51
N LEU D 1256 -16.74 -57.43 -22.46
CA LEU D 1256 -15.78 -58.46 -22.06
C LEU D 1256 -16.47 -59.73 -21.57
N GLN D 1257 -17.65 -59.61 -20.96
CA GLN D 1257 -18.39 -60.78 -20.51
C GLN D 1257 -19.55 -61.03 -21.47
N TYR D 1258 -19.67 -62.26 -21.92
CA TYR D 1258 -20.75 -62.64 -22.81
C TYR D 1258 -22.06 -62.69 -22.02
N PRO D 1259 -23.18 -62.28 -22.63
CA PRO D 1259 -24.44 -62.23 -21.88
C PRO D 1259 -25.06 -63.60 -21.66
N ASP D 1260 -25.54 -63.79 -20.43
CA ASP D 1260 -26.21 -65.01 -19.97
C ASP D 1260 -25.34 -66.25 -20.16
N SER D 1261 -24.10 -66.14 -19.68
CA SER D 1261 -23.09 -67.22 -19.82
C SER D 1261 -21.97 -67.02 -18.80
N THR D 1262 -21.03 -67.96 -18.71
CA THR D 1262 -19.88 -67.80 -17.80
C THR D 1262 -18.59 -67.51 -18.58
N VAL D 1263 -18.60 -67.79 -19.89
CA VAL D 1263 -17.44 -67.66 -20.81
C VAL D 1263 -17.11 -66.19 -21.03
N ARG D 1264 -15.84 -65.86 -21.27
CA ARG D 1264 -15.40 -64.46 -21.48
C ARG D 1264 -14.84 -64.30 -22.89
N ARG D 1265 -15.25 -63.25 -23.60
CA ARG D 1265 -14.76 -62.99 -24.97
C ARG D 1265 -13.29 -62.60 -24.89
N PHE D 1266 -12.55 -62.73 -25.98
CA PHE D 1266 -11.12 -62.37 -26.03
C PHE D 1266 -10.97 -60.85 -26.03
N PRO D 1267 -9.85 -60.27 -25.60
CA PRO D 1267 -9.72 -58.83 -25.60
C PRO D 1267 -9.23 -58.38 -26.97
N VAL D 1268 -9.95 -57.45 -27.60
CA VAL D 1268 -9.70 -56.97 -28.95
C VAL D 1268 -9.62 -55.45 -28.94
N PRO D 1269 -8.45 -54.87 -29.21
CA PRO D 1269 -8.33 -53.41 -29.22
C PRO D 1269 -9.06 -52.78 -30.41
N GLU D 1270 -9.18 -51.45 -30.35
CA GLU D 1270 -9.93 -50.73 -31.38
C GLU D 1270 -9.19 -50.68 -32.70
N GLU D 1271 -7.86 -50.76 -32.68
CA GLU D 1271 -7.09 -50.72 -33.91
C GLU D 1271 -7.28 -51.99 -34.74
N LYS D 1272 -7.37 -53.14 -34.08
CA LYS D 1272 -7.41 -54.44 -34.75
C LYS D 1272 -8.83 -54.96 -34.92
N VAL D 1273 -9.82 -54.08 -34.98
CA VAL D 1273 -11.21 -54.50 -35.07
C VAL D 1273 -11.52 -55.10 -36.43
N SER D 1274 -11.05 -54.46 -37.50
CA SER D 1274 -11.42 -54.82 -38.85
C SER D 1274 -10.67 -56.06 -39.32
N TRP D 1275 -11.12 -56.62 -40.43
CA TRP D 1275 -10.53 -57.84 -40.97
C TRP D 1275 -9.27 -57.59 -41.78
N GLU D 1276 -8.95 -56.33 -42.10
CA GLU D 1276 -7.80 -56.04 -42.94
C GLU D 1276 -6.49 -56.30 -42.21
N VAL D 1277 -6.34 -55.75 -41.00
CA VAL D 1277 -5.12 -55.92 -40.23
C VAL D 1277 -5.13 -57.29 -39.59
N ASN D 1278 -3.98 -57.74 -39.10
CA ASN D 1278 -3.83 -59.07 -38.53
C ASN D 1278 -3.36 -58.95 -37.08
N PHE D 1279 -4.04 -59.66 -36.19
CA PHE D 1279 -3.61 -59.78 -34.79
C PHE D 1279 -2.80 -61.06 -34.65
N SER D 1280 -1.53 -60.92 -34.26
CA SER D 1280 -0.64 -62.07 -34.20
C SER D 1280 -0.99 -63.11 -33.13
N PRO D 1281 -1.34 -62.78 -31.87
CA PRO D 1281 -1.76 -63.85 -30.96
C PRO D 1281 -3.26 -64.15 -30.94
N TYR D 1282 -4.01 -63.70 -31.96
CA TYR D 1282 -5.45 -63.84 -32.00
C TYR D 1282 -5.90 -65.29 -31.95
N GLN D 1283 -6.57 -65.64 -30.88
CA GLN D 1283 -7.04 -67.00 -30.68
C GLN D 1283 -8.26 -66.96 -29.77
N PRO D 1284 -9.44 -66.66 -30.30
CA PRO D 1284 -10.63 -66.59 -29.47
C PRO D 1284 -11.14 -67.98 -29.16
N PRO D 1285 -11.58 -68.23 -27.92
CA PRO D 1285 -12.19 -69.52 -27.61
C PRO D 1285 -13.49 -69.71 -28.37
N VAL D 1286 -13.85 -70.97 -28.56
CA VAL D 1286 -15.04 -71.35 -29.30
C VAL D 1286 -15.99 -72.02 -28.34
N TYR D 1287 -17.12 -71.36 -28.09
CA TYR D 1287 -18.14 -71.88 -27.13
C TYR D 1287 -19.57 -71.61 -27.59
N ASN D 1288 -20.06 -72.41 -28.55
CA ASN D 1288 -21.45 -72.28 -29.05
C ASN D 1288 -22.42 -72.61 -27.93
N GLN D 1289 -23.51 -71.85 -27.80
CA GLN D 1289 -24.49 -72.12 -26.71
C GLN D 1289 -25.13 -73.49 -26.95
N GLN D 1290 -25.32 -74.26 -25.87
CA GLN D 1290 -25.95 -75.61 -25.90
C GLN D 1290 -25.42 -76.43 -27.09
N ALA D 1299 -18.77 -76.53 -38.65
CA ALA D 1299 -18.62 -75.59 -39.75
C ALA D 1299 -18.65 -74.15 -39.23
N LEU D 1300 -17.68 -73.80 -38.40
CA LEU D 1300 -17.57 -72.48 -37.82
C LEU D 1300 -16.80 -71.50 -38.69
N ASP D 1301 -16.31 -71.94 -39.84
CA ASP D 1301 -15.59 -71.10 -40.79
C ASP D 1301 -16.43 -70.77 -42.02
N LYS D 1302 -17.75 -70.95 -41.94
CA LYS D 1302 -18.61 -70.73 -43.10
C LYS D 1302 -18.68 -69.25 -43.49
N HIS D 1303 -18.74 -68.36 -42.51
CA HIS D 1303 -18.94 -66.94 -42.79
C HIS D 1303 -18.04 -66.10 -41.90
N ARG D 1304 -18.01 -64.81 -42.19
CA ARG D 1304 -17.25 -63.82 -41.43
C ARG D 1304 -18.20 -62.70 -41.01
N ASN D 1305 -17.98 -62.15 -39.83
CA ASN D 1305 -18.79 -61.05 -39.36
C ASN D 1305 -18.52 -59.80 -40.19
N PRO D 1306 -19.57 -59.09 -40.64
CA PRO D 1306 -19.34 -57.90 -41.46
C PRO D 1306 -18.78 -56.73 -40.67
N GLY D 1307 -19.06 -56.65 -39.38
CA GLY D 1307 -18.53 -55.58 -38.55
C GLY D 1307 -17.05 -55.68 -38.34
N GLY D 1308 -16.60 -56.82 -37.79
CA GLY D 1308 -15.19 -57.02 -37.54
C GLY D 1308 -14.99 -58.18 -36.59
N ARG D 1309 -13.77 -58.23 -36.03
CA ARG D 1309 -13.45 -59.24 -35.04
C ARG D 1309 -14.24 -59.00 -33.76
N THR D 1310 -14.60 -60.09 -33.08
CA THR D 1310 -15.42 -60.01 -31.89
C THR D 1310 -14.89 -60.82 -30.71
N GLY D 1311 -13.97 -61.75 -30.93
CA GLY D 1311 -13.40 -62.49 -29.82
C GLY D 1311 -14.27 -63.60 -29.27
N ILE D 1312 -15.35 -63.97 -29.95
CA ILE D 1312 -16.19 -65.09 -29.55
C ILE D 1312 -16.52 -65.90 -30.79
N ARG D 1313 -16.30 -67.20 -30.73
CA ARG D 1313 -16.47 -68.10 -31.86
C ARG D 1313 -17.58 -69.11 -31.55
N GLY D 1314 -18.43 -69.36 -32.53
CA GLY D 1314 -19.49 -70.33 -32.42
C GLY D 1314 -20.83 -69.74 -32.80
N LYS D 1315 -21.89 -70.45 -32.46
CA LYS D 1315 -23.27 -70.04 -32.71
C LYS D 1315 -23.87 -69.68 -31.37
N GLY D 1316 -23.88 -68.38 -31.05
CA GLY D 1316 -24.34 -67.95 -29.74
C GLY D 1316 -25.80 -67.56 -29.70
N ALA D 1317 -26.62 -68.48 -29.20
CA ALA D 1317 -28.06 -68.35 -28.97
C ALA D 1317 -28.78 -67.96 -30.25
N LEU D 1318 -28.63 -68.83 -31.26
CA LEU D 1318 -29.22 -68.61 -32.56
C LEU D 1318 -29.40 -69.95 -33.25
N ASN D 1319 -30.45 -70.07 -34.06
CA ASN D 1319 -30.71 -71.31 -34.77
C ASN D 1319 -29.78 -71.50 -35.97
N THR D 1320 -29.11 -70.44 -36.41
CA THR D 1320 -28.25 -70.53 -37.60
C THR D 1320 -27.01 -69.69 -37.40
N LEU D 1321 -26.00 -69.97 -38.23
CA LEU D 1321 -24.81 -69.15 -38.32
C LEU D 1321 -24.98 -68.13 -39.44
N GLY D 1322 -24.21 -67.05 -39.35
CA GLY D 1322 -24.38 -65.95 -40.26
C GLY D 1322 -25.39 -64.94 -39.74
N PRO D 1323 -26.16 -64.33 -40.63
CA PRO D 1323 -27.11 -63.31 -40.19
C PRO D 1323 -28.40 -63.90 -39.63
N ASN D 1324 -28.84 -63.34 -38.51
CA ASN D 1324 -30.18 -63.57 -38.00
C ASN D 1324 -30.99 -62.29 -38.18
N HIS D 1325 -32.13 -62.40 -38.85
CA HIS D 1325 -32.86 -61.23 -39.31
C HIS D 1325 -34.10 -61.02 -38.45
N ILE D 1326 -34.42 -59.75 -38.20
CA ILE D 1326 -35.64 -59.36 -37.50
C ILE D 1326 -36.21 -58.13 -38.18
N LEU D 1327 -37.48 -58.20 -38.58
CA LEU D 1327 -38.16 -57.06 -39.17
C LEU D 1327 -38.84 -56.26 -38.07
N HIS D 1328 -38.83 -54.94 -38.22
CA HIS D 1328 -39.42 -54.03 -37.22
C HIS D 1328 -40.40 -53.08 -37.90
N PRO D 1329 -41.63 -53.53 -38.16
CA PRO D 1329 -42.64 -52.61 -38.71
C PRO D 1329 -43.21 -51.71 -37.63
N ILE D 1330 -43.48 -50.47 -38.00
CA ILE D 1330 -44.02 -49.46 -37.09
C ILE D 1330 -45.32 -48.95 -37.66
N PHE D 1331 -46.44 -49.28 -37.00
CA PHE D 1331 -47.76 -48.81 -37.40
C PHE D 1331 -48.00 -47.48 -36.71
N THR D 1332 -47.88 -46.39 -37.46
CA THR D 1332 -47.99 -45.04 -36.93
C THR D 1332 -49.23 -44.34 -37.49
N ARG D 1333 -49.63 -43.28 -36.79
CA ARG D 1333 -50.77 -42.45 -37.20
C ARG D 1333 -50.62 -41.10 -36.50
N TRP D 1334 -51.62 -40.25 -36.70
CA TRP D 1334 -51.66 -38.98 -35.97
C TRP D 1334 -52.29 -39.19 -34.60
N ARG D 1335 -51.96 -38.30 -33.67
CA ARG D 1335 -52.48 -38.40 -32.31
C ARG D 1335 -53.86 -37.74 -32.21
N ASP D 1336 -53.94 -36.45 -32.51
CA ASP D 1336 -55.19 -35.71 -32.48
C ASP D 1336 -55.68 -35.47 -33.91
N ALA D 1337 -56.89 -34.93 -34.01
CA ALA D 1337 -57.48 -34.68 -35.32
C ALA D 1337 -56.85 -33.47 -36.00
N GLU D 1338 -56.35 -32.51 -35.23
CA GLU D 1338 -55.78 -31.28 -35.78
C GLU D 1338 -54.33 -31.44 -36.22
N HIS D 1339 -53.77 -32.65 -36.12
CA HIS D 1339 -52.41 -33.00 -36.53
C HIS D 1339 -51.37 -32.13 -35.81
N LYS D 1340 -51.42 -32.18 -34.48
CA LYS D 1340 -50.45 -31.47 -33.65
C LYS D 1340 -49.28 -32.35 -33.24
N VAL D 1341 -49.49 -33.65 -33.08
CA VAL D 1341 -48.43 -34.59 -32.74
C VAL D 1341 -48.72 -35.92 -33.43
N LEU D 1342 -47.72 -36.80 -33.42
CA LEU D 1342 -47.82 -38.11 -34.02
C LEU D 1342 -47.78 -39.18 -32.94
N GLU D 1343 -48.07 -40.41 -33.35
CA GLU D 1343 -48.13 -41.53 -32.42
C GLU D 1343 -47.83 -42.82 -33.17
N PHE D 1344 -47.35 -43.81 -32.42
CA PHE D 1344 -47.05 -45.13 -32.96
C PHE D 1344 -47.55 -46.20 -32.02
N LEU D 1345 -48.11 -47.27 -32.56
CA LEU D 1345 -48.67 -48.36 -31.77
C LEU D 1345 -47.54 -49.24 -31.23
N ALA D 1346 -46.85 -48.70 -30.23
CA ALA D 1346 -45.70 -49.36 -29.64
C ALA D 1346 -46.13 -50.32 -28.54
N VAL D 1347 -45.25 -51.27 -28.24
CA VAL D 1347 -45.48 -52.22 -27.17
C VAL D 1347 -44.75 -51.73 -25.92
N TRP D 1348 -45.17 -52.24 -24.77
CA TRP D 1348 -44.51 -51.93 -23.51
C TRP D 1348 -44.50 -53.21 -22.68
N GLU D 1349 -43.33 -53.84 -22.59
CA GLU D 1349 -43.23 -55.18 -22.04
C GLU D 1349 -43.46 -55.19 -20.54
N ASP D 1350 -44.10 -56.25 -20.04
CA ASP D 1350 -44.34 -56.37 -18.61
C ASP D 1350 -43.07 -56.71 -17.85
N ALA D 1351 -42.06 -57.26 -18.52
CA ALA D 1351 -40.80 -57.60 -17.87
C ALA D 1351 -39.80 -56.44 -17.88
N GLU D 1352 -39.84 -55.61 -18.93
CA GLU D 1352 -38.87 -54.53 -19.08
C GLU D 1352 -39.43 -53.15 -18.70
N LYS D 1353 -40.76 -52.99 -18.74
CA LYS D 1353 -41.46 -51.73 -18.44
C LYS D 1353 -40.98 -50.58 -19.31
N ARG D 1354 -40.62 -50.87 -20.56
CA ARG D 1354 -40.10 -49.88 -21.49
C ARG D 1354 -40.91 -49.91 -22.78
N TRP D 1355 -41.13 -48.72 -23.35
CA TRP D 1355 -41.90 -48.57 -24.58
C TRP D 1355 -41.05 -49.04 -25.76
N ALA D 1356 -41.20 -50.30 -26.11
CA ALA D 1356 -40.42 -50.92 -27.18
C ALA D 1356 -41.24 -50.96 -28.47
N LEU D 1357 -40.55 -51.29 -29.56
CA LEU D 1357 -41.22 -51.43 -30.85
C LEU D 1357 -41.96 -52.77 -30.92
N LEU D 1358 -42.85 -52.87 -31.91
CA LEU D 1358 -43.56 -54.11 -32.18
C LEU D 1358 -42.99 -54.64 -33.49
N GLY D 1359 -41.90 -55.40 -33.38
CA GLY D 1359 -41.27 -56.02 -34.52
C GLY D 1359 -40.64 -57.34 -34.12
N GLY D 1360 -40.93 -58.40 -34.86
CA GLY D 1360 -40.54 -59.72 -34.46
C GLY D 1360 -39.44 -60.32 -35.30
N PRO D 1361 -39.12 -61.59 -35.07
CA PRO D 1361 -38.06 -62.25 -35.85
C PRO D 1361 -38.55 -62.62 -37.25
N ALA D 1362 -37.95 -61.98 -38.24
CA ALA D 1362 -38.26 -62.28 -39.64
C ALA D 1362 -37.35 -63.41 -40.10
N GLN D 1363 -37.95 -64.55 -40.43
CA GLN D 1363 -37.18 -65.71 -40.86
C GLN D 1363 -36.60 -65.47 -42.25
N PRO D 1364 -35.54 -66.19 -42.63
CA PRO D 1364 -35.13 -66.19 -44.04
C PRO D 1364 -36.22 -66.77 -44.92
N ASP D 1365 -36.60 -66.00 -45.94
CA ASP D 1365 -37.75 -66.27 -46.82
C ASP D 1365 -39.03 -66.42 -46.01
N GLU D 1366 -39.33 -65.40 -45.18
CA GLU D 1366 -40.58 -65.37 -44.43
C GLU D 1366 -41.56 -64.42 -45.09
N PRO D 1367 -42.80 -64.85 -45.34
CA PRO D 1367 -43.80 -63.94 -45.90
C PRO D 1367 -44.20 -62.88 -44.87
N LEU D 1368 -44.33 -61.63 -45.34
CA LEU D 1368 -44.58 -60.52 -44.42
C LEU D 1368 -45.99 -60.56 -43.83
N ALA D 1369 -46.95 -61.15 -44.56
CA ALA D 1369 -48.32 -61.18 -44.08
C ALA D 1369 -48.49 -62.13 -42.90
N GLN D 1370 -47.98 -63.36 -43.03
CA GLN D 1370 -48.09 -64.32 -41.94
C GLN D 1370 -47.19 -63.95 -40.77
N VAL D 1371 -46.03 -63.34 -41.04
CA VAL D 1371 -45.16 -62.91 -39.96
C VAL D 1371 -45.77 -61.74 -39.21
N LEU D 1372 -46.44 -60.82 -39.92
CA LEU D 1372 -47.15 -59.75 -39.25
C LEU D 1372 -48.37 -60.27 -38.50
N GLU D 1373 -48.99 -61.34 -38.99
CA GLU D 1373 -50.09 -61.97 -38.28
C GLU D 1373 -49.62 -62.64 -36.99
N ARG D 1374 -48.41 -63.20 -37.01
CA ARG D 1374 -47.85 -63.80 -35.81
C ARG D 1374 -47.41 -62.73 -34.81
N ILE D 1375 -46.75 -61.68 -35.30
CA ILE D 1375 -46.24 -60.64 -34.43
C ILE D 1375 -47.34 -59.73 -33.90
N LEU D 1376 -48.48 -59.64 -34.58
CA LEU D 1376 -49.57 -58.78 -34.15
C LEU D 1376 -50.74 -59.54 -33.54
N GLY D 1377 -50.80 -60.86 -33.73
CA GLY D 1377 -51.92 -61.64 -33.25
C GLY D 1377 -53.17 -61.34 -34.04
N LYS D 1378 -53.16 -61.64 -35.34
CA LYS D 1378 -54.19 -61.19 -36.26
C LYS D 1378 -55.37 -62.13 -36.23
N LYS D 1379 -56.40 -61.78 -35.46
CA LYS D 1379 -57.73 -62.34 -35.65
C LYS D 1379 -58.51 -61.59 -36.71
N LEU D 1380 -57.95 -60.52 -37.26
CA LEU D 1380 -58.56 -59.77 -38.36
C LEU D 1380 -57.43 -59.19 -39.20
N ASN D 1381 -57.17 -59.80 -40.35
CA ASN D 1381 -56.11 -59.35 -41.25
C ASN D 1381 -56.66 -58.69 -42.51
N GLU D 1382 -57.97 -58.42 -42.56
CA GLU D 1382 -58.55 -57.73 -43.70
C GLU D 1382 -58.20 -56.25 -43.70
N LYS D 1383 -57.99 -55.67 -42.52
CA LYS D 1383 -57.52 -54.29 -42.45
C LYS D 1383 -56.09 -54.17 -42.96
N THR D 1384 -55.23 -55.11 -42.58
CA THR D 1384 -53.87 -55.16 -43.09
C THR D 1384 -53.80 -55.67 -44.52
N LYS D 1385 -54.88 -56.28 -45.03
CA LYS D 1385 -54.93 -56.61 -46.46
C LYS D 1385 -55.14 -55.36 -47.29
N THR D 1386 -56.00 -54.45 -46.83
CA THR D 1386 -56.19 -53.17 -47.50
C THR D 1386 -55.04 -52.21 -47.24
N LEU D 1387 -54.36 -52.34 -46.09
CA LEU D 1387 -53.21 -51.52 -45.76
C LEU D 1387 -51.88 -52.21 -46.08
N LEU D 1388 -51.90 -53.22 -46.96
CA LEU D 1388 -50.69 -53.94 -47.28
C LEU D 1388 -49.72 -53.12 -48.12
N LYS D 1389 -50.23 -52.16 -48.89
CA LYS D 1389 -49.42 -51.32 -49.76
C LYS D 1389 -48.95 -50.05 -49.08
N ALA D 1390 -48.81 -50.05 -47.76
CA ALA D 1390 -48.47 -48.85 -47.00
C ALA D 1390 -46.97 -48.58 -47.08
N GLY D 1391 -46.49 -47.64 -46.26
CA GLY D 1391 -45.10 -47.24 -46.32
C GLY D 1391 -44.18 -48.22 -45.62
N GLU D 1392 -42.91 -48.18 -46.02
CA GLU D 1392 -41.87 -49.03 -45.47
C GLU D 1392 -40.51 -48.37 -45.73
N GLU D 1393 -39.45 -49.15 -45.56
CA GLU D 1393 -38.05 -48.80 -45.91
C GLU D 1393 -37.57 -47.57 -45.13
N VAL D 1394 -37.50 -47.75 -43.82
CA VAL D 1394 -36.91 -46.73 -42.95
C VAL D 1394 -35.41 -46.92 -42.81
N TYR D 1395 -34.99 -48.14 -42.47
CA TYR D 1395 -33.57 -48.47 -42.37
C TYR D 1395 -33.39 -49.95 -42.63
N LYS D 1396 -32.15 -50.33 -42.95
CA LYS D 1396 -31.82 -51.72 -43.24
C LYS D 1396 -30.32 -51.91 -43.06
N GLY D 1397 -29.94 -53.01 -42.42
CA GLY D 1397 -28.53 -53.35 -42.30
C GLY D 1397 -28.11 -53.96 -40.99
N TYR D 1398 -26.85 -53.78 -40.63
CA TYR D 1398 -26.26 -54.41 -39.46
C TYR D 1398 -26.67 -53.70 -38.18
N VAL D 1399 -26.84 -54.49 -37.11
CA VAL D 1399 -27.23 -53.97 -35.80
C VAL D 1399 -26.20 -54.45 -34.78
N ASP D 1400 -25.57 -53.51 -34.10
CA ASP D 1400 -24.65 -53.86 -33.02
C ASP D 1400 -25.44 -54.40 -31.84
N ASP D 1401 -24.95 -55.49 -31.26
CA ASP D 1401 -25.67 -56.19 -30.22
C ASP D 1401 -24.66 -56.97 -29.39
N SER D 1402 -25.06 -57.30 -28.17
CA SER D 1402 -24.21 -58.09 -27.28
C SER D 1402 -24.03 -59.51 -27.79
N ARG D 1403 -25.05 -60.01 -28.50
CA ARG D 1403 -25.11 -61.40 -29.02
C ARG D 1403 -24.17 -61.64 -30.21
N ASN D 1404 -23.67 -60.58 -30.86
CA ASN D 1404 -22.82 -60.74 -32.07
C ASN D 1404 -21.54 -61.54 -31.75
N THR D 1405 -21.14 -62.43 -32.67
CA THR D 1405 -19.95 -63.25 -32.54
C THR D 1405 -19.08 -63.03 -33.77
N ASP D 1406 -18.08 -63.89 -33.93
CA ASP D 1406 -17.34 -63.93 -35.19
C ASP D 1406 -18.16 -64.59 -36.29
N ASN D 1407 -19.09 -65.47 -35.91
CA ASN D 1407 -19.83 -66.29 -36.86
C ASN D 1407 -21.27 -65.81 -37.04
N ALA D 1408 -21.99 -65.64 -35.94
CA ALA D 1408 -23.37 -65.19 -35.99
C ALA D 1408 -23.46 -63.69 -35.71
N TRP D 1409 -24.43 -63.05 -36.34
CA TRP D 1409 -24.73 -61.65 -36.06
C TRP D 1409 -26.21 -61.40 -36.30
N VAL D 1410 -26.63 -60.17 -36.05
CA VAL D 1410 -28.03 -59.77 -36.16
C VAL D 1410 -28.13 -58.60 -37.12
N GLU D 1411 -28.97 -58.73 -38.14
CA GLU D 1411 -29.29 -57.65 -39.06
C GLU D 1411 -30.78 -57.39 -39.00
N THR D 1412 -31.18 -56.16 -39.35
CA THR D 1412 -32.58 -55.78 -39.22
C THR D 1412 -32.97 -54.85 -40.34
N SER D 1413 -34.27 -54.81 -40.61
CA SER D 1413 -34.87 -53.92 -41.61
C SER D 1413 -36.00 -53.15 -40.94
N ILE D 1414 -35.86 -51.83 -40.85
CA ILE D 1414 -36.84 -50.98 -40.21
C ILE D 1414 -37.83 -50.49 -41.26
N ILE D 1415 -39.13 -50.63 -40.96
CA ILE D 1415 -40.19 -50.19 -41.85
C ILE D 1415 -41.20 -49.38 -41.03
N THR D 1416 -41.77 -48.37 -41.65
CA THR D 1416 -42.68 -47.44 -40.99
C THR D 1416 -43.88 -47.19 -41.87
N LEU D 1417 -45.06 -47.57 -41.40
CA LEU D 1417 -46.32 -47.36 -42.10
C LEU D 1417 -47.15 -46.35 -41.31
N HIS D 1418 -47.11 -45.09 -41.75
CA HIS D 1418 -47.87 -44.02 -41.12
C HIS D 1418 -49.15 -43.79 -41.92
N CYS D 1419 -50.29 -43.97 -41.28
CA CYS D 1419 -51.58 -43.92 -41.95
C CYS D 1419 -52.05 -42.47 -42.10
N ASP D 1420 -53.31 -42.30 -42.48
CA ASP D 1420 -53.89 -40.98 -42.69
C ASP D 1420 -54.36 -40.40 -41.35
N LYS D 1421 -55.16 -39.34 -41.44
CA LYS D 1421 -55.67 -38.69 -40.22
C LYS D 1421 -56.71 -39.56 -39.52
N ASN D 1422 -57.51 -40.30 -40.28
CA ASN D 1422 -58.57 -41.14 -39.70
C ASN D 1422 -58.08 -42.53 -39.34
N THR D 1423 -57.20 -43.11 -40.19
CA THR D 1423 -56.67 -44.46 -40.11
C THR D 1423 -57.78 -45.50 -39.99
N PRO D 1424 -58.50 -45.79 -41.08
CA PRO D 1424 -59.66 -46.70 -40.98
C PRO D 1424 -59.29 -48.15 -40.72
N LEU D 1425 -58.04 -48.55 -40.99
CA LEU D 1425 -57.58 -49.89 -40.69
C LEU D 1425 -57.05 -50.03 -39.27
N MET D 1426 -57.13 -48.96 -38.46
CA MET D 1426 -56.64 -48.99 -37.09
C MET D 1426 -57.73 -49.27 -36.06
N ALA D 1427 -59.00 -49.12 -36.43
CA ALA D 1427 -60.09 -49.33 -35.48
C ALA D 1427 -60.24 -50.80 -35.12
N ASP D 1428 -60.19 -51.69 -36.12
CA ASP D 1428 -60.29 -53.12 -35.85
C ASP D 1428 -59.05 -53.64 -35.12
N LEU D 1429 -57.88 -53.11 -35.46
CA LEU D 1429 -56.66 -53.53 -34.78
C LEU D 1429 -56.60 -53.02 -33.35
N ASN D 1430 -57.18 -51.84 -33.08
CA ASN D 1430 -57.25 -51.34 -31.72
C ASN D 1430 -58.34 -52.04 -30.92
N HIS D 1431 -59.41 -52.50 -31.57
CA HIS D 1431 -60.39 -53.35 -30.91
C HIS D 1431 -59.81 -54.72 -30.60
N MET D 1432 -58.89 -55.21 -31.43
CA MET D 1432 -58.18 -56.44 -31.17
C MET D 1432 -56.90 -56.24 -30.37
N VAL D 1433 -56.66 -55.03 -29.86
CA VAL D 1433 -55.45 -54.71 -29.12
C VAL D 1433 -55.70 -55.04 -27.66
N GLU D 1434 -55.13 -56.16 -27.20
CA GLU D 1434 -55.21 -56.57 -25.81
C GLU D 1434 -53.88 -57.21 -25.43
N SER D 1435 -53.87 -57.92 -24.30
CA SER D 1435 -52.69 -58.67 -23.86
C SER D 1435 -52.65 -60.02 -24.58
N SER D 1436 -52.29 -59.96 -25.86
CA SER D 1436 -52.32 -61.13 -26.74
C SER D 1436 -50.98 -61.87 -26.75
N LEU D 1437 -49.88 -61.15 -26.95
CA LEU D 1437 -48.55 -61.76 -26.99
C LEU D 1437 -48.01 -62.10 -25.62
N SER D 1438 -48.70 -61.70 -24.54
CA SER D 1438 -48.46 -62.00 -23.13
C SER D 1438 -47.19 -61.37 -22.57
N SER D 1439 -46.39 -60.68 -23.37
CA SER D 1439 -45.21 -59.96 -22.89
C SER D 1439 -45.48 -58.49 -22.68
N HIS D 1440 -46.15 -57.83 -23.63
CA HIS D 1440 -46.50 -56.42 -23.51
C HIS D 1440 -47.86 -56.32 -22.82
N GLN D 1441 -47.88 -55.92 -21.56
CA GLN D 1441 -49.16 -55.86 -20.86
C GLN D 1441 -49.93 -54.59 -21.24
N PRO D 1442 -49.31 -53.37 -21.34
CA PRO D 1442 -49.98 -52.32 -22.13
C PRO D 1442 -49.49 -52.28 -23.57
N LEU D 1443 -50.36 -51.90 -24.49
CA LEU D 1443 -49.99 -51.77 -25.90
C LEU D 1443 -50.97 -50.81 -26.56
N GLN D 1444 -50.54 -49.58 -26.80
CA GLN D 1444 -51.40 -48.56 -27.37
C GLN D 1444 -50.56 -47.63 -28.23
N TRP D 1445 -51.24 -46.67 -28.87
CA TRP D 1445 -50.58 -45.71 -29.75
C TRP D 1445 -50.10 -44.51 -28.94
N ARG D 1446 -49.02 -44.73 -28.21
CA ARG D 1446 -48.39 -43.66 -27.43
C ARG D 1446 -47.75 -42.64 -28.35
N GLU D 1447 -47.58 -41.42 -27.84
CA GLU D 1447 -47.19 -40.29 -28.67
C GLU D 1447 -45.73 -40.41 -29.10
N VAL D 1448 -45.50 -40.23 -30.40
CA VAL D 1448 -44.16 -40.31 -30.97
C VAL D 1448 -43.44 -38.98 -30.78
N SER D 1449 -42.12 -38.99 -30.99
CA SER D 1449 -41.30 -37.80 -30.84
C SER D 1449 -40.04 -37.99 -31.68
N SER D 1450 -39.03 -37.15 -31.42
CA SER D 1450 -37.71 -37.27 -32.03
C SER D 1450 -36.70 -37.82 -31.03
N ASP D 1451 -37.12 -38.79 -30.23
CA ASP D 1451 -36.35 -39.23 -29.06
C ASP D 1451 -35.12 -40.03 -29.50
N ALA D 1452 -33.95 -39.47 -29.22
CA ALA D 1452 -32.68 -40.19 -29.32
C ALA D 1452 -32.28 -40.79 -27.97
N CYS D 1453 -33.16 -40.72 -26.98
CA CYS D 1453 -32.96 -41.32 -25.67
C CYS D 1453 -33.86 -42.54 -25.50
N ARG D 1454 -33.97 -43.33 -26.56
CA ARG D 1454 -34.84 -44.49 -26.67
C ARG D 1454 -33.97 -45.74 -26.82
N CYS D 1455 -34.60 -46.84 -27.21
CA CYS D 1455 -33.87 -48.04 -27.61
C CYS D 1455 -32.91 -47.72 -28.75
N SER D 1456 -31.78 -48.42 -28.76
CA SER D 1456 -30.59 -48.00 -29.52
C SER D 1456 -30.83 -48.05 -31.02
N TYR D 1457 -31.37 -49.16 -31.52
CA TYR D 1457 -31.73 -49.22 -32.93
C TYR D 1457 -32.95 -48.35 -33.23
N GLN D 1458 -33.84 -48.17 -32.26
CA GLN D 1458 -35.08 -47.44 -32.48
C GLN D 1458 -34.93 -45.93 -32.42
N ARG D 1459 -33.86 -45.44 -31.78
CA ARG D 1459 -33.69 -43.99 -31.62
C ARG D 1459 -33.36 -43.34 -32.96
N GLU D 1460 -32.48 -43.96 -33.74
CA GLU D 1460 -32.18 -43.45 -35.08
C GLU D 1460 -33.38 -43.59 -36.01
N ALA D 1461 -34.24 -44.59 -35.78
CA ALA D 1461 -35.45 -44.74 -36.57
C ALA D 1461 -36.44 -43.61 -36.29
N LEU D 1462 -36.63 -43.28 -35.01
CA LEU D 1462 -37.52 -42.17 -34.67
C LEU D 1462 -36.93 -40.83 -35.13
N ARG D 1463 -35.60 -40.69 -35.05
CA ARG D 1463 -34.94 -39.49 -35.55
C ARG D 1463 -35.07 -39.38 -37.06
N GLN D 1464 -35.02 -40.50 -37.78
CA GLN D 1464 -35.21 -40.48 -39.23
C GLN D 1464 -36.66 -40.15 -39.59
N ILE D 1465 -37.61 -40.63 -38.79
CA ILE D 1465 -39.02 -40.29 -39.00
C ILE D 1465 -39.25 -38.79 -38.78
N ALA D 1466 -38.62 -38.24 -37.74
CA ALA D 1466 -38.75 -36.79 -37.49
C ALA D 1466 -38.02 -35.97 -38.54
N HIS D 1467 -36.89 -36.48 -39.05
CA HIS D 1467 -36.17 -35.80 -40.12
C HIS D 1467 -36.97 -35.80 -41.42
N HIS D 1468 -37.71 -36.88 -41.65
CA HIS D 1468 -38.66 -36.90 -42.76
C HIS D 1468 -39.77 -35.87 -42.57
N HIS D 1469 -40.49 -35.97 -41.44
CA HIS D 1469 -41.63 -35.11 -41.15
C HIS D 1469 -41.34 -33.61 -41.03
N ASN D 1470 -40.54 -33.23 -40.03
CA ASN D 1470 -40.50 -31.84 -39.58
C ASN D 1470 -39.56 -30.94 -40.38
N THR D 1471 -38.75 -31.51 -41.27
CA THR D 1471 -37.73 -30.71 -41.96
C THR D 1471 -38.33 -29.75 -42.97
N TYR D 1472 -39.55 -30.05 -43.44
CA TYR D 1472 -40.16 -29.28 -44.53
C TYR D 1472 -40.48 -27.85 -44.11
N PHE D 1473 -40.86 -27.66 -42.85
CA PHE D 1473 -41.19 -26.32 -42.37
C PHE D 1473 -39.94 -25.59 -41.88
N1 APR E . 50.16 -14.02 -22.55
C2 APR E . 50.37 -12.74 -22.91
N3 APR E . 50.14 -12.27 -24.16
C4 APR E . 49.67 -13.10 -25.13
C5 APR E . 49.43 -14.51 -24.81
C6 APR E . 49.71 -14.94 -23.41
N6 APR E . 49.51 -16.23 -23.04
N7 APR E . 48.98 -15.09 -25.93
C8 APR E . 48.94 -14.13 -26.89
N9 APR E . 49.35 -12.94 -26.42
C1' APR E . 49.44 -11.68 -27.19
C2' APR E . 49.96 -11.97 -28.60
O2' APR E . 51.22 -11.31 -28.79
C3' APR E . 48.89 -11.47 -29.55
O3' APR E . 49.36 -10.46 -30.44
O4' APR E . 48.14 -11.10 -27.32
C4' APR E . 47.77 -10.91 -28.68
C5' APR E . 46.45 -11.62 -28.96
O5' APR E . 45.57 -11.42 -27.85
PA APR E . 44.14 -12.16 -27.80
O1A APR E . 43.16 -11.23 -27.11
O2A APR E . 43.83 -12.68 -29.19
O3A APR E . 44.41 -13.42 -26.84
PB APR E . 44.56 -14.90 -27.45
O1B APR E . 45.54 -14.85 -28.60
O2B APR E . 43.18 -15.46 -27.66
O5D APR E . 45.25 -15.71 -26.24
C5D APR E . 44.55 -15.93 -25.02
O4D APR E . 44.80 -16.76 -22.76
O1D APR E . 43.60 -18.73 -22.34
C1D APR E . 44.90 -18.13 -22.37
O2D APR E . 46.91 -19.42 -22.77
C2D APR E . 45.76 -18.85 -23.40
O3D APR E . 47.56 -17.63 -24.58
C3D APR E . 46.14 -17.79 -24.44
C4D APR E . 45.51 -16.49 -23.98
CA CA F . 6.52 -19.48 55.61
N1 APR G . 2.42 35.97 -43.74
C2 APR G . 1.11 36.27 -43.58
N3 APR G . 0.13 35.72 -44.32
C4 APR G . 0.41 34.81 -45.29
C5 APR G . 1.81 34.43 -45.52
C6 APR G . 2.84 35.08 -44.67
N6 APR G . 4.16 34.80 -44.82
N7 APR G . 1.81 33.53 -46.52
C8 APR G . 0.52 33.35 -46.90
N9 APR G . -0.32 34.11 -46.16
C1' APR G . -1.80 34.15 -46.30
C2' APR G . -2.17 34.09 -47.77
O2' APR G . -2.83 35.32 -48.15
C3' APR G . -3.05 32.87 -47.94
O3' APR G . -4.37 33.20 -48.43
O4' APR G . -2.37 33.01 -45.66
C4' APR G . -3.16 32.24 -46.57
C5' APR G . -2.67 30.79 -46.57
O5' APR G . -2.34 30.39 -45.25
PA APR G . -1.68 28.96 -44.96
O1A APR G . -2.18 28.46 -43.63
O2A APR G . -1.84 28.11 -46.19
O3A APR G . -0.12 29.32 -44.80
PB APR G . 0.93 28.98 -45.98
O1B APR G . 0.35 29.49 -47.28
O2B APR G . 1.32 27.52 -45.86
O5D APR G . 2.20 29.88 -45.59
C5D APR G . 2.96 29.60 -44.41
O4D APR G . 4.73 30.44 -43.00
O1D APR G . 6.66 29.13 -43.03
C1D APR G . 6.12 30.43 -43.30
O2D APR G . 7.10 31.92 -44.94
C2D APR G . 6.29 30.75 -44.78
O3D APR G . 4.68 32.22 -45.93
C3D APR G . 4.89 30.92 -45.33
C4D APR G . 3.94 30.74 -44.16
CA CA H . 42.77 21.31 35.00
N1 APR I . -52.03 -6.41 -21.62
C2 APR I . -52.22 -7.52 -20.87
N3 APR I . -52.06 -8.76 -21.32
C4 APR I . -51.70 -9.01 -22.61
C5 APR I . -51.47 -7.85 -23.49
C6 APR I . -51.66 -6.50 -22.92
N6 APR I . -51.48 -5.39 -23.67
N7 APR I . -51.14 -8.36 -24.70
C8 APR I . -51.13 -9.71 -24.59
N9 APR I . -51.47 -10.10 -23.34
C1' APR I . -51.57 -11.50 -22.86
C2' APR I . -52.21 -12.36 -23.95
O2' APR I . -53.46 -12.89 -23.48
C3' APR I . -51.19 -13.45 -24.26
O3' APR I . -51.69 -14.77 -24.02
O4' APR I . -50.26 -12.01 -22.59
C4' APR I . -49.98 -13.19 -23.36
C5' APR I . -48.71 -12.99 -24.17
O5' APR I . -47.75 -12.30 -23.37
PA APR I . -46.35 -11.84 -24.00
O1A APR I . -45.29 -11.93 -22.92
O2A APR I . -46.15 -12.58 -25.31
O3A APR I . -46.59 -10.28 -24.33
PB APR I . -46.83 -9.79 -25.84
O1B APR I . -47.89 -10.67 -26.47
O2B APR I . -45.48 -9.64 -26.51
O5D APR I . -47.46 -8.32 -25.64
C5D APR I . -46.67 -7.27 -25.08
O4D APR I . -46.78 -5.00 -24.24
O1D APR I . -45.62 -3.46 -25.56
C1D APR I . -46.90 -3.82 -25.04
O2D APR I . -48.97 -3.22 -26.12
C2D APR I . -47.86 -4.12 -26.17
O3D APR I . -49.70 -5.73 -25.87
C3D APR I . -48.28 -5.58 -26.02
C4D APR I . -47.57 -6.08 -24.77
CA CA J . -3.01 55.30 21.18
N1 APR K . -4.36 -56.55 -0.39
C2 APR K . -3.04 -56.65 -0.17
N3 APR K . -2.14 -56.88 -1.13
C4 APR K . -2.52 -57.03 -2.42
C5 APR K . -3.94 -56.94 -2.76
C6 APR K . -4.89 -56.66 -1.64
N6 APR K . -6.22 -56.55 -1.85
N7 APR K . -4.04 -57.11 -4.08
C8 APR K . -2.79 -57.32 -4.56
N9 APR K . -1.88 -57.27 -3.57
C1' APR K . -0.41 -57.45 -3.73
C2' APR K . -0.14 -58.55 -4.74
O2' APR K . 0.54 -59.64 -4.10
C3' APR K . 0.69 -57.92 -5.85
O3' APR K . 1.97 -58.53 -6.01
O4' APR K . 0.17 -56.24 -4.23
C4' APR K . 0.87 -56.46 -5.46
C5' APR K . 0.32 -55.52 -6.54
O5' APR K . 0.08 -54.24 -5.96
PA APR K . -0.62 -53.07 -6.83
O1A APR K . -0.04 -51.75 -6.40
O2A APR K . -0.57 -53.47 -8.29
O3A APR K . -2.15 -53.15 -6.34
PB APR K . -3.29 -53.79 -7.29
O1B APR K . -2.79 -55.13 -7.76
O2B APR K . -3.72 -52.75 -8.29
O5D APR K . -4.50 -54.04 -6.26
C5D APR K . -5.18 -52.93 -5.66
O4D APR K . -6.82 -52.34 -3.97
O1D APR K . -8.78 -51.45 -4.86
C1D APR K . -8.23 -52.51 -4.08
O2D APR K . -9.27 -54.70 -3.92
C2D APR K . -8.49 -53.85 -4.77
O3D APR K . -6.91 -55.72 -4.50
C3D APR K . -7.11 -54.44 -5.10
C4D APR K . -6.09 -53.44 -4.55
CA CA L . -39.59 14.32 41.83
#